data_8HP9
#
_entry.id   8HP9
#
_cell.length_a   1.00
_cell.length_b   1.00
_cell.length_c   1.00
_cell.angle_alpha   90.00
_cell.angle_beta   90.00
_cell.angle_gamma   90.00
#
_symmetry.space_group_name_H-M   'P 1'
#
loop_
_entity.id
_entity.type
_entity.pdbx_description
1 polymer "Spike protein S2'"
2 polymer 'fab L4.65'
3 polymer 'fab L4.65'
4 polymer 'fab L5.34'
5 polymer 'fab L5.34'
6 non-polymer 2-acetamido-2-deoxy-beta-D-glucopyranose
#
loop_
_entity_poly.entity_id
_entity_poly.type
_entity_poly.pdbx_seq_one_letter_code
_entity_poly.pdbx_strand_id
1 'polypeptide(L)'
;QCVNLITRTQSYTNSFTRGVYYPDKVFRSSVLHSTQDLFLPFFSNVTWFHAIHVSGTNGTKRFDNPVLPFNDGVYFASTE
KSNIIRGWIFGTTLDSKTQSLLIVNNATNVVIKVCEFQFCNDPFLDVYYHKNNKSWMESEFRVYSSANNCTFEYVSQPFL
MDLEGKQGNFKNLREFVFKNIDGYFKIYSKHTPINLGRDLPQGFSALEPLVDLPIGINITRFQTLLALHRSYLTPGDSSS
GWTAGAAAYYVGYLQPRTFLLKYNENGTITDAVDCALDPLSETKCTLKSFTVEKGIYQTSNFRVQPTESIVRFPNITNLC
PFDEVFNATRFASVYAWNRKRISNCVADYSVLYNFAPFFAFKCYGVSPTKLNDLCFTNVYADSFVIRGNEVSQIAPGQTG
NIADYNYKLPDDFTGCVIAWNSNKLDSKVGGNYNYLYRLFRKSNLKPFERDISTEIYQAGNKPCNGVAGFNCYFPLRSYG
FRPTYGVGHQPYRVVVLSFELLHAPATVCGPKKSTNLVKNKCVNFNFNGLTGTGVLTESNKKFLPFQQFGRDIADTTDAV
RDPQTLEILDITPCSFGGVSVITPGTNTSNQVAVLYQGVNCTEVPVAIHADQLTPTWRVYSTGSNVFQTRAGCLIGAEYV
NNSYECDIPIGAGICASYQTQTNSPRRARSVASQSIIAYTMSLGAENSVAYSNNSIAIPTNFTISVTTEILPVSMTKTSV
DCTMYICGDSTECSNLLLQYGSFCTQLKRALTGIAVEQDKNTQEVFAQVKQIYKTPPIKYFGGFNFSQILPDPSKPSKRS
PIEDLLFNKVTLADAGFIKQYGDCLGDIAARDLICAQKFNGLTVLPPLLTDEMIAQYTSALLAGTITSGWTFGAGPALQI
PFPMQMAYRFNGIGVTQNVLYENQKLIANQFNSAIGKIQDSLSSTPSALGKLQDVVNHNAQALNTLVKQLSSKFGAISSV
LNDILSRLDPPEAEVQIDRLITGRLQSLQTYVTQQLIRAAEIRASANLAATKMSECVLGQSKRVDFCGKGYHLMSFPQSA
PHGVVFLHVTYVPAQEKNFTTAPAICHDGKAHFPREGVFVSNGTHWFVTQRNFYEPQIITTDNTFVSGNCDVVIGIVNNT
VYDPLQPELDS
;
A,B,C
2 'polypeptide(L)'
;EIVLTQSPGTLSLSPGERATLSCRASQSFDSRYLGWYQQKSGQAPRLLIYGASSRATGIPDRFSGSGSGTDFTLTISRLE
PEDFAVYYCQQFGDSPFTFGQGTKLEIKRTVAAPSVFIFPPSDEQLKSGTASVVCLLNNFYPREAKVQWKVDNALQSGNS
QESVTEQDSKDSTYSLSSTLTLSKADYEKHKVYACEVTHQGLSSPVTKSFNRGEC
;
L,Q,J
3 'polypeptide(L)'
;QITLKESGPTLVKPTQTLTLTCTFSGFSLSTSGVGVAWIRQPPGKALEWLALIYWDNDKRSSPSLNNRLTITKDTSKNQV
VLTMTNMDPEDTATYYCAHFFSHYDSSNYYYGSWFDPWGQGTLVTVSSASTKGPSVFPLAPSSKSTSGGTAALGCLVKDY
FPEPVTVSWNSGALTSGVHTFPAVLQSSGLYSLSSVVTVPSSSLGTQTYICNVNHKPSNTKVDKRVEPKSC
;
H,P,I
4 'polypeptide(L)'
;VQLVESGGGLVQPGGSLRLSCAASEITVSSNYMNWVRQAPGKGLEWVSVVYPGGSTFYTDSVKGRFTISRDNSKNTLYLQ
MNSLRAEDTAVYYCARESGGFPLAEGAFDIWGQGTMVTVSSASTKGPSVFPLAPSSKSTSGGTAALGCLVKDYFPEPVTV
SWNSGALTSGVHTFPAVLQSSGLYSLSSVVTVPSSSLGTQTYICNVNHKPSNTKVDKRVEPKSC
;
M,E,K
5 'polypeptide(L)'
;DIQMTQSPSSLSASVGDRVSITCRASQSISTHLHWYQQKPGKAPKLLISAASTLQSGVPSRFSGSGSGTDFTLTITSLQP
EDFATYYCQQSYSTPRGLSFGGGTKVEIKRTVAAPSVFIFPPSDEQLKSGTASVVCLLNNFYPREAKVQWKVDNALQSGN
SQESVTEQDSKDSTYSLSSTLTLSKADYEKHKVYACEVTHQGLSSPVTKSFNRGEC
;
N,F,O
#
loop_
_chem_comp.id
_chem_comp.type
_chem_comp.name
_chem_comp.formula
NAG D-saccharide, beta linking 2-acetamido-2-deoxy-beta-D-glucopyranose 'C8 H15 N O6'
#
# COMPACT_ATOMS: atom_id res chain seq x y z
N GLN A 1 -23.67 -51.59 31.45
CA GLN A 1 -22.88 -50.46 31.92
C GLN A 1 -23.78 -49.27 32.27
N CYS A 2 -24.49 -48.75 31.29
CA CYS A 2 -25.32 -47.56 31.45
C CYS A 2 -26.71 -47.98 31.90
N VAL A 3 -27.01 -47.81 33.18
CA VAL A 3 -28.36 -47.95 33.71
C VAL A 3 -28.80 -46.59 34.21
N ASN A 4 -29.80 -46.01 33.55
CA ASN A 4 -30.06 -44.58 33.66
C ASN A 4 -30.63 -44.22 35.02
N LEU A 5 -30.45 -42.95 35.38
CA LEU A 5 -31.03 -42.36 36.59
C LEU A 5 -32.26 -41.56 36.17
N ILE A 6 -33.35 -42.27 35.90
CA ILE A 6 -34.56 -41.63 35.37
C ILE A 6 -35.29 -41.05 36.58
N THR A 7 -34.87 -39.84 36.96
CA THR A 7 -35.43 -39.12 38.09
C THR A 7 -34.93 -37.68 38.07
N ARG A 8 -35.86 -36.75 38.24
CA ARG A 8 -35.52 -35.33 38.36
C ARG A 8 -36.02 -34.74 39.67
N THR A 9 -37.28 -34.94 40.02
CA THR A 9 -37.87 -34.42 41.26
C THR A 9 -37.57 -32.92 41.40
N GLN A 10 -37.82 -32.19 40.33
CA GLN A 10 -37.54 -30.77 40.26
C GLN A 10 -38.45 -29.99 41.21
N SER A 11 -37.89 -28.94 41.81
CA SER A 11 -38.66 -28.04 42.66
C SER A 11 -38.04 -26.64 42.52
N TYR A 12 -38.60 -25.68 43.24
CA TYR A 12 -38.08 -24.32 43.20
C TYR A 12 -38.00 -23.73 44.60
N THR A 13 -36.98 -22.91 44.84
CA THR A 13 -36.74 -22.35 46.16
C THR A 13 -36.17 -20.93 46.03
N ASN A 14 -36.23 -20.20 47.14
CA ASN A 14 -35.79 -18.83 47.21
C ASN A 14 -34.30 -18.77 47.52
N SER A 15 -33.54 -18.11 46.65
CA SER A 15 -32.09 -18.11 46.78
C SER A 15 -31.59 -17.25 47.94
N PHE A 16 -32.41 -16.30 48.41
CA PHE A 16 -32.05 -15.42 49.52
C PHE A 16 -30.85 -14.59 49.12
N THR A 17 -29.71 -14.70 49.79
CA THR A 17 -28.51 -13.91 49.52
C THR A 17 -27.28 -14.81 49.45
N ARG A 18 -27.34 -15.86 48.65
CA ARG A 18 -26.30 -16.89 48.73
C ARG A 18 -25.11 -16.66 47.81
N GLY A 19 -25.32 -16.47 46.51
CA GLY A 19 -24.20 -16.57 45.59
C GLY A 19 -23.36 -15.32 45.42
N VAL A 20 -22.77 -14.83 46.51
CA VAL A 20 -21.91 -13.65 46.48
C VAL A 20 -20.46 -14.12 46.56
N TYR A 21 -19.67 -13.72 45.58
CA TYR A 21 -18.28 -14.13 45.50
C TYR A 21 -17.37 -12.92 45.33
N TYR A 22 -16.08 -13.14 45.57
CA TYR A 22 -15.10 -12.07 45.45
C TYR A 22 -14.80 -11.83 43.97
N PRO A 23 -15.09 -10.64 43.43
CA PRO A 23 -14.97 -10.46 41.99
C PRO A 23 -13.54 -10.25 41.49
N ASP A 24 -12.57 -10.07 42.38
CA ASP A 24 -11.19 -9.84 41.97
C ASP A 24 -10.28 -10.13 43.15
N LYS A 25 -8.97 -10.09 42.89
CA LYS A 25 -7.97 -10.38 43.90
C LYS A 25 -7.44 -9.12 44.57
N VAL A 26 -8.29 -8.11 44.71
CA VAL A 26 -7.90 -6.81 45.25
C VAL A 26 -8.41 -6.69 46.67
N PHE A 27 -7.55 -6.24 47.57
CA PHE A 27 -7.91 -6.14 48.97
C PHE A 27 -8.48 -4.76 49.28
N ARG A 28 -9.60 -4.73 50.01
CA ARG A 28 -10.25 -3.50 50.42
C ARG A 28 -10.53 -3.62 51.90
N SER A 29 -10.48 -2.51 52.61
CA SER A 29 -10.77 -2.52 54.03
C SER A 29 -11.82 -1.45 54.34
N SER A 30 -12.83 -1.84 55.10
CA SER A 30 -13.84 -0.93 55.67
C SER A 30 -14.42 0.02 54.63
N VAL A 31 -14.76 -0.53 53.47
CA VAL A 31 -15.22 0.30 52.36
C VAL A 31 -16.43 -0.35 51.72
N LEU A 32 -17.19 0.44 50.97
CA LEU A 32 -18.34 -0.03 50.21
C LEU A 32 -18.02 0.14 48.73
N HIS A 33 -17.83 -0.97 48.04
CA HIS A 33 -17.42 -0.96 46.65
C HIS A 33 -18.55 -1.43 45.76
N SER A 34 -18.80 -0.70 44.69
CA SER A 34 -19.90 -1.02 43.78
C SER A 34 -19.33 -1.74 42.57
N THR A 35 -19.60 -3.03 42.49
CA THR A 35 -19.09 -3.89 41.43
C THR A 35 -20.23 -4.27 40.50
N GLN A 36 -20.03 -4.08 39.21
CA GLN A 36 -20.99 -4.53 38.21
C GLN A 36 -20.41 -5.81 37.62
N ASP A 37 -21.09 -6.94 37.85
CA ASP A 37 -20.54 -8.24 37.48
C ASP A 37 -21.69 -9.23 37.35
N LEU A 38 -21.35 -10.45 36.97
CA LEU A 38 -22.34 -11.51 36.79
C LEU A 38 -22.61 -12.20 38.11
N PHE A 39 -23.80 -11.97 38.66
CA PHE A 39 -24.14 -12.44 39.99
C PHE A 39 -25.42 -13.24 39.94
N LEU A 40 -25.66 -13.98 41.02
CA LEU A 40 -26.94 -14.64 41.23
C LEU A 40 -27.80 -13.67 42.02
N PRO A 41 -28.88 -13.14 41.43
CA PRO A 41 -29.61 -12.04 42.07
C PRO A 41 -30.21 -12.46 43.40
N PHE A 42 -30.42 -11.45 44.24
CA PHE A 42 -31.01 -11.71 45.54
C PHE A 42 -32.43 -12.21 45.37
N PHE A 43 -32.83 -13.14 46.23
CA PHE A 43 -34.19 -13.67 46.25
C PHE A 43 -34.63 -14.15 44.88
N SER A 44 -33.73 -14.84 44.20
CA SER A 44 -34.04 -15.40 42.90
C SER A 44 -34.58 -16.82 43.05
N ASN A 45 -35.16 -17.32 41.98
CA ASN A 45 -35.88 -18.58 41.96
C ASN A 45 -34.95 -19.67 41.46
N VAL A 46 -34.36 -20.44 42.38
CA VAL A 46 -33.35 -21.44 42.04
C VAL A 46 -33.97 -22.82 42.00
N THR A 47 -33.54 -23.63 41.05
CA THR A 47 -34.08 -24.98 40.90
C THR A 47 -33.47 -25.91 41.93
N TRP A 48 -34.27 -26.86 42.40
CA TRP A 48 -33.82 -27.88 43.34
C TRP A 48 -34.02 -29.25 42.71
N PHE A 49 -32.93 -30.00 42.55
CA PHE A 49 -32.99 -31.32 41.94
C PHE A 49 -32.72 -32.40 42.98
N HIS A 50 -33.48 -33.49 42.88
CA HIS A 50 -33.24 -34.72 43.62
C HIS A 50 -32.94 -35.82 42.61
N ALA A 51 -31.90 -36.60 42.87
CA ALA A 51 -31.49 -37.69 41.98
C ALA A 51 -31.33 -38.96 42.80
N ILE A 52 -32.08 -40.01 42.43
CA ILE A 52 -32.03 -41.29 43.10
C ILE A 52 -31.84 -42.37 42.05
N HIS A 53 -31.43 -43.55 42.49
CA HIS A 53 -31.32 -44.66 41.56
C HIS A 53 -32.22 -45.82 42.01
N ASP A 64 -34.75 -39.66 31.42
CA ASP A 64 -34.20 -38.59 32.25
C ASP A 64 -33.56 -37.52 31.39
N ASN A 65 -33.08 -36.45 32.02
CA ASN A 65 -32.42 -35.35 31.32
C ASN A 65 -31.56 -34.56 32.28
N PRO A 66 -30.30 -34.94 32.46
CA PRO A 66 -29.33 -34.05 33.09
C PRO A 66 -28.85 -32.91 32.19
N VAL A 67 -29.51 -32.68 31.05
CA VAL A 67 -29.15 -31.57 30.17
C VAL A 67 -29.47 -30.27 30.91
N LEU A 68 -28.43 -29.56 31.33
CA LEU A 68 -28.58 -28.31 32.06
C LEU A 68 -27.79 -27.24 31.31
N PRO A 69 -28.44 -26.19 30.82
CA PRO A 69 -27.70 -25.12 30.16
C PRO A 69 -26.87 -24.32 31.15
N PHE A 70 -25.78 -23.72 30.65
CA PHE A 70 -24.87 -22.99 31.52
C PHE A 70 -25.37 -21.58 31.81
N ASN A 71 -25.58 -20.78 30.77
CA ASN A 71 -26.18 -19.45 30.88
C ASN A 71 -25.33 -18.53 31.77
N ASP A 72 -24.15 -18.21 31.24
CA ASP A 72 -23.27 -17.19 31.82
C ASP A 72 -22.71 -17.62 33.17
N GLY A 73 -22.79 -18.88 33.50
CA GLY A 73 -22.29 -19.33 34.78
C GLY A 73 -23.39 -19.82 35.69
N VAL A 74 -22.99 -20.59 36.68
CA VAL A 74 -23.93 -21.32 37.52
C VAL A 74 -23.49 -21.21 38.97
N TYR A 75 -24.45 -20.96 39.84
CA TYR A 75 -24.28 -21.17 41.26
C TYR A 75 -24.82 -22.54 41.58
N PHE A 76 -24.03 -23.34 42.27
CA PHE A 76 -24.33 -24.72 42.58
C PHE A 76 -24.22 -24.90 44.08
N ALA A 77 -25.14 -25.63 44.69
CA ALA A 77 -25.00 -25.87 46.12
C ALA A 77 -25.48 -27.27 46.46
N SER A 78 -24.98 -27.79 47.57
CA SER A 78 -25.34 -29.13 48.00
C SER A 78 -25.18 -29.22 49.51
N THR A 79 -25.81 -30.24 50.10
CA THR A 79 -25.63 -30.51 51.53
C THR A 79 -25.38 -31.99 51.78
N GLU A 80 -24.97 -32.74 50.76
CA GLU A 80 -24.83 -34.18 50.88
C GLU A 80 -23.62 -34.52 51.73
N LYS A 81 -23.86 -35.16 52.87
CA LYS A 81 -22.78 -35.45 53.80
C LYS A 81 -21.71 -36.32 53.17
N SER A 82 -22.10 -37.45 52.59
CA SER A 82 -21.17 -38.31 51.88
C SER A 82 -21.00 -37.83 50.45
N ASN A 83 -19.90 -38.26 49.83
CA ASN A 83 -19.55 -37.76 48.50
C ASN A 83 -20.33 -38.52 47.41
N ILE A 84 -21.65 -38.44 47.52
CA ILE A 84 -22.49 -38.89 46.41
C ILE A 84 -22.27 -37.98 45.21
N ILE A 85 -22.22 -36.67 45.42
CA ILE A 85 -21.78 -35.75 44.40
C ILE A 85 -20.26 -35.80 44.32
N ARG A 86 -19.73 -36.00 43.11
CA ARG A 86 -18.30 -36.10 42.92
C ARG A 86 -17.75 -34.97 42.07
N GLY A 87 -18.23 -34.81 40.86
CA GLY A 87 -17.62 -33.91 39.90
C GLY A 87 -18.64 -33.30 38.98
N TRP A 88 -18.19 -32.88 37.81
CA TRP A 88 -19.00 -32.12 36.89
C TRP A 88 -18.50 -32.32 35.47
N ILE A 89 -19.40 -32.16 34.52
CA ILE A 89 -19.11 -32.21 33.10
C ILE A 89 -19.57 -30.89 32.50
N PHE A 90 -18.72 -30.29 31.68
CA PHE A 90 -19.00 -29.00 31.05
C PHE A 90 -18.66 -29.11 29.57
N GLY A 91 -19.53 -28.57 28.72
CA GLY A 91 -19.19 -28.59 27.30
C GLY A 91 -20.19 -27.97 26.36
N THR A 92 -19.76 -27.67 25.14
CA THR A 92 -20.68 -27.20 24.11
C THR A 92 -21.50 -28.34 23.55
N THR A 93 -20.84 -29.29 22.89
CA THR A 93 -21.47 -30.52 22.41
C THR A 93 -20.66 -31.70 22.89
N LEU A 94 -21.32 -32.66 23.52
CA LEU A 94 -20.66 -33.63 24.38
C LEU A 94 -20.38 -34.94 23.64
N ASP A 95 -20.16 -34.88 22.33
CA ASP A 95 -20.17 -36.05 21.46
C ASP A 95 -18.78 -36.38 20.91
N SER A 96 -17.75 -36.24 21.75
CA SER A 96 -16.38 -36.63 21.39
C SER A 96 -15.84 -35.82 20.20
N LYS A 97 -16.43 -34.67 19.92
CA LYS A 97 -15.95 -33.81 18.85
C LYS A 97 -15.20 -32.59 19.35
N THR A 98 -15.82 -31.79 20.21
CA THR A 98 -15.16 -30.63 20.81
C THR A 98 -14.71 -30.95 22.22
N GLN A 99 -13.85 -30.09 22.76
CA GLN A 99 -13.33 -30.29 24.09
C GLN A 99 -14.43 -30.13 25.13
N SER A 100 -14.32 -30.92 26.21
CA SER A 100 -15.30 -30.89 27.29
C SER A 100 -14.57 -30.97 28.61
N LEU A 101 -14.78 -29.96 29.45
CA LEU A 101 -14.21 -29.97 30.79
C LEU A 101 -14.83 -31.10 31.58
N LEU A 102 -14.00 -31.76 32.39
CA LEU A 102 -14.46 -32.83 33.27
C LEU A 102 -13.70 -32.74 34.58
N ILE A 103 -14.42 -32.51 35.67
CA ILE A 103 -13.86 -32.46 37.01
C ILE A 103 -14.33 -33.70 37.76
N VAL A 104 -13.39 -34.37 38.42
CA VAL A 104 -13.73 -35.49 39.29
C VAL A 104 -12.98 -35.34 40.60
N ASN A 105 -13.71 -35.40 41.71
CA ASN A 105 -13.13 -35.57 43.02
C ASN A 105 -13.18 -37.05 43.39
N ASN A 106 -12.06 -37.58 43.86
CA ASN A 106 -11.97 -38.99 44.20
C ASN A 106 -11.24 -39.18 45.53
N ALA A 107 -11.63 -38.40 46.53
CA ALA A 107 -11.33 -38.60 47.95
C ALA A 107 -9.87 -38.39 48.32
N THR A 108 -8.98 -38.14 47.36
CA THR A 108 -7.61 -37.73 47.66
C THR A 108 -7.12 -36.57 46.84
N ASN A 109 -7.74 -36.25 45.71
CA ASN A 109 -7.32 -35.15 44.86
C ASN A 109 -8.48 -34.78 43.94
N VAL A 110 -8.38 -33.61 43.35
CA VAL A 110 -9.29 -33.20 42.29
C VAL A 110 -8.54 -33.36 40.98
N VAL A 111 -9.21 -33.89 39.97
CA VAL A 111 -8.60 -34.13 38.68
C VAL A 111 -9.47 -33.48 37.62
N ILE A 112 -8.86 -32.68 36.76
CA ILE A 112 -9.57 -31.93 35.74
C ILE A 112 -8.93 -32.22 34.40
N LYS A 113 -9.75 -32.62 33.43
CA LYS A 113 -9.30 -32.74 32.05
C LYS A 113 -10.19 -31.91 31.15
N VAL A 114 -9.80 -31.80 29.88
CA VAL A 114 -10.52 -30.95 28.94
C VAL A 114 -10.91 -31.66 27.65
N CYS A 115 -10.32 -32.80 27.30
CA CYS A 115 -10.50 -33.37 25.98
C CYS A 115 -11.86 -34.03 25.78
N GLU A 116 -12.17 -34.26 24.50
CA GLU A 116 -13.47 -34.79 24.11
C GLU A 116 -13.69 -36.18 24.67
N PHE A 117 -14.96 -36.51 24.92
CA PHE A 117 -15.33 -37.71 25.65
C PHE A 117 -16.55 -38.36 25.01
N GLN A 118 -16.74 -39.65 25.31
CA GLN A 118 -17.88 -40.37 24.74
C GLN A 118 -19.18 -39.98 25.43
N PHE A 119 -19.22 -40.02 26.76
CA PHE A 119 -20.32 -39.50 27.55
C PHE A 119 -21.65 -40.20 27.20
N CYS A 120 -21.71 -41.47 27.58
CA CYS A 120 -22.98 -42.18 27.64
C CYS A 120 -24.02 -41.31 28.32
N ASN A 121 -25.23 -41.30 27.76
CA ASN A 121 -26.22 -40.28 28.09
C ASN A 121 -26.65 -40.27 29.55
N ASP A 122 -26.09 -41.16 30.37
CA ASP A 122 -26.18 -41.06 31.82
C ASP A 122 -24.79 -41.27 32.40
N PRO A 123 -23.97 -40.22 32.43
CA PRO A 123 -22.62 -40.36 33.00
C PRO A 123 -22.67 -40.42 34.52
N PHE A 124 -21.96 -41.39 35.07
CA PHE A 124 -21.78 -41.49 36.52
C PHE A 124 -20.67 -42.49 36.77
N LEU A 125 -19.99 -42.35 37.90
CA LEU A 125 -18.92 -43.26 38.29
C LEU A 125 -19.45 -44.32 39.24
N ASP A 126 -18.66 -45.39 39.41
CA ASP A 126 -18.95 -46.41 40.41
C ASP A 126 -17.66 -46.90 41.04
N VAL A 127 -17.76 -47.29 42.31
CA VAL A 127 -16.58 -47.73 43.05
C VAL A 127 -16.52 -49.26 43.16
N TYR A 128 -17.64 -49.89 43.48
CA TYR A 128 -17.86 -51.32 43.28
C TYR A 128 -16.70 -52.15 43.86
N TYR A 129 -16.74 -52.24 45.20
CA TYR A 129 -15.73 -52.87 46.05
C TYR A 129 -15.03 -54.05 45.37
N HIS A 130 -13.71 -54.04 45.40
CA HIS A 130 -12.87 -54.95 44.65
C HIS A 130 -12.06 -55.87 45.54
N LYS A 131 -11.33 -56.75 44.87
CA LYS A 131 -10.17 -57.43 45.41
C LYS A 131 -9.02 -57.44 44.41
N ASN A 132 -9.19 -56.75 43.27
CA ASN A 132 -8.25 -56.77 42.15
C ASN A 132 -6.88 -56.25 42.55
N ASN A 133 -6.79 -54.96 42.91
CA ASN A 133 -5.53 -54.43 43.42
C ASN A 133 -5.54 -54.56 44.93
N LYS A 134 -6.42 -53.82 45.61
CA LYS A 134 -6.94 -54.30 46.89
C LYS A 134 -8.45 -54.12 46.96
N SER A 135 -8.93 -52.94 46.56
CA SER A 135 -10.35 -52.62 46.48
C SER A 135 -10.51 -51.16 46.03
N TRP A 136 -11.76 -50.80 45.72
CA TRP A 136 -12.17 -49.41 45.49
C TRP A 136 -11.33 -48.74 44.40
N MET A 137 -11.53 -49.16 43.16
CA MET A 137 -10.77 -48.59 42.05
C MET A 137 -11.53 -47.51 41.27
N GLU A 138 -12.80 -47.24 41.61
CA GLU A 138 -13.57 -46.11 41.05
C GLU A 138 -13.42 -46.01 39.53
N SER A 139 -14.00 -46.98 38.84
CA SER A 139 -13.87 -47.05 37.38
C SER A 139 -14.47 -45.84 36.68
N GLU A 140 -14.28 -45.78 35.36
CA GLU A 140 -14.86 -44.73 34.55
C GLU A 140 -15.45 -45.27 33.24
N PHE A 141 -15.14 -46.52 32.88
CA PHE A 141 -15.27 -47.02 31.51
C PHE A 141 -16.45 -46.41 30.76
N ARG A 142 -17.60 -46.35 31.43
CA ARG A 142 -18.86 -45.89 30.87
C ARG A 142 -19.26 -44.47 31.28
N VAL A 143 -18.37 -43.71 31.89
CA VAL A 143 -18.58 -42.26 32.00
C VAL A 143 -18.25 -41.59 30.68
N TYR A 144 -17.01 -41.78 30.21
CA TYR A 144 -16.57 -41.13 28.98
C TYR A 144 -15.80 -42.03 28.03
N SER A 145 -15.52 -43.28 28.40
CA SER A 145 -14.96 -44.28 27.49
C SER A 145 -13.67 -43.83 26.82
N SER A 146 -13.78 -42.97 25.80
CA SER A 146 -12.62 -42.52 25.04
C SER A 146 -12.05 -41.25 25.62
N ALA A 147 -10.71 -41.18 25.64
CA ALA A 147 -9.99 -40.02 26.18
C ALA A 147 -8.82 -39.73 25.24
N ASN A 148 -8.97 -38.71 24.40
CA ASN A 148 -7.98 -38.44 23.37
C ASN A 148 -7.91 -36.95 23.04
N ASN A 149 -6.71 -36.51 22.65
CA ASN A 149 -6.43 -35.12 22.29
C ASN A 149 -6.71 -34.17 23.45
N CYS A 150 -6.00 -34.39 24.56
CA CYS A 150 -6.23 -33.65 25.80
C CYS A 150 -5.19 -32.52 25.91
N THR A 151 -5.63 -31.30 25.60
CA THR A 151 -4.74 -30.15 25.58
C THR A 151 -4.49 -29.59 26.97
N PHE A 152 -5.34 -29.90 27.94
CA PHE A 152 -5.15 -29.46 29.31
C PHE A 152 -5.36 -30.63 30.27
N GLU A 153 -4.70 -30.55 31.41
CA GLU A 153 -4.93 -31.44 32.53
C GLU A 153 -4.55 -30.68 33.79
N TYR A 154 -5.06 -31.15 34.93
CA TYR A 154 -4.80 -30.50 36.20
C TYR A 154 -5.12 -31.46 37.32
N VAL A 155 -4.38 -31.35 38.43
CA VAL A 155 -4.64 -32.16 39.62
C VAL A 155 -4.31 -31.29 40.84
N SER A 156 -5.11 -31.42 41.90
CA SER A 156 -4.84 -30.65 43.11
C SER A 156 -5.51 -31.33 44.30
N GLN A 157 -5.65 -30.58 45.39
CA GLN A 157 -6.40 -31.05 46.55
C GLN A 157 -7.88 -31.21 46.18
N PRO A 158 -8.63 -32.01 46.93
CA PRO A 158 -10.06 -32.19 46.63
C PRO A 158 -10.84 -30.90 46.85
N PHE A 159 -11.85 -30.68 45.99
CA PHE A 159 -12.79 -29.59 46.21
C PHE A 159 -13.73 -29.89 47.36
N LEU A 160 -14.22 -31.12 47.43
CA LEU A 160 -15.23 -31.53 48.40
C LEU A 160 -14.51 -32.20 49.57
N MET A 161 -14.00 -31.38 50.48
CA MET A 161 -13.34 -31.92 51.66
C MET A 161 -14.29 -31.95 52.86
N ASP A 162 -13.77 -32.46 53.98
CA ASP A 162 -14.55 -32.66 55.20
C ASP A 162 -15.74 -33.58 54.97
N PHE A 170 -24.18 -31.14 62.04
CA PHE A 170 -24.06 -30.19 60.95
C PHE A 170 -24.71 -30.71 59.67
N LYS A 171 -24.88 -29.82 58.69
CA LYS A 171 -25.32 -30.20 57.37
C LYS A 171 -24.24 -30.03 56.30
N ASN A 172 -23.26 -29.17 56.56
CA ASN A 172 -22.07 -29.01 55.71
C ASN A 172 -22.46 -28.57 54.30
N LEU A 173 -22.99 -27.35 54.22
CA LEU A 173 -23.38 -26.78 52.94
C LEU A 173 -22.16 -26.44 52.08
N ARG A 174 -22.20 -26.87 50.83
CA ARG A 174 -21.12 -26.67 49.86
C ARG A 174 -21.62 -25.79 48.74
N GLU A 175 -21.01 -24.62 48.56
CA GLU A 175 -21.42 -23.67 47.54
C GLU A 175 -20.30 -23.49 46.54
N PHE A 176 -20.65 -23.47 45.26
CA PHE A 176 -19.69 -23.30 44.18
C PHE A 176 -20.26 -22.32 43.18
N VAL A 177 -19.39 -21.61 42.48
CA VAL A 177 -19.78 -20.75 41.38
C VAL A 177 -18.82 -21.05 40.25
N PHE A 178 -19.36 -21.43 39.11
CA PHE A 178 -18.57 -21.71 37.93
C PHE A 178 -18.90 -20.66 36.89
N LYS A 179 -17.89 -20.05 36.30
CA LYS A 179 -18.16 -19.24 35.12
C LYS A 179 -16.96 -19.31 34.20
N ASN A 180 -17.15 -18.84 32.97
CA ASN A 180 -16.16 -18.98 31.92
C ASN A 180 -16.11 -17.70 31.10
N ILE A 181 -14.95 -17.05 31.10
CA ILE A 181 -14.77 -15.80 30.38
C ILE A 181 -13.42 -15.83 29.66
N ASP A 182 -13.44 -15.52 28.36
CA ASP A 182 -12.23 -15.26 27.59
C ASP A 182 -11.25 -16.44 27.64
N GLY A 183 -11.78 -17.66 27.57
CA GLY A 183 -10.92 -18.82 27.62
C GLY A 183 -10.42 -19.18 28.99
N TYR A 184 -10.99 -18.62 30.05
CA TYR A 184 -10.62 -18.93 31.43
C TYR A 184 -11.86 -19.45 32.16
N PHE A 185 -11.70 -20.56 32.85
CA PHE A 185 -12.74 -21.14 33.69
C PHE A 185 -12.43 -20.82 35.14
N LYS A 186 -13.29 -20.02 35.77
CA LYS A 186 -13.12 -19.58 37.14
C LYS A 186 -14.09 -20.33 38.04
N ILE A 187 -13.58 -20.80 39.18
CA ILE A 187 -14.31 -21.61 40.13
C ILE A 187 -14.11 -21.01 41.51
N TYR A 188 -15.19 -20.46 42.07
CA TYR A 188 -15.22 -19.96 43.44
C TYR A 188 -15.99 -20.95 44.30
N SER A 189 -15.70 -20.96 45.60
CA SER A 189 -16.40 -21.92 46.43
C SER A 189 -16.33 -21.52 47.89
N LYS A 190 -17.18 -22.17 48.67
CA LYS A 190 -17.26 -21.95 50.10
C LYS A 190 -17.85 -23.18 50.75
N HIS A 191 -17.54 -23.38 52.02
CA HIS A 191 -18.05 -24.49 52.81
C HIS A 191 -18.60 -23.91 54.11
N THR A 192 -19.92 -23.76 54.17
CA THR A 192 -20.56 -23.26 55.37
C THR A 192 -21.21 -24.42 56.08
N PRO A 193 -20.67 -24.87 57.19
CA PRO A 193 -21.36 -25.89 57.99
C PRO A 193 -22.49 -25.25 58.78
N ILE A 194 -23.73 -25.59 58.41
CA ILE A 194 -24.91 -25.11 59.10
C ILE A 194 -25.40 -26.20 60.03
N ASN A 195 -26.27 -25.83 60.96
CA ASN A 195 -26.83 -26.75 61.94
C ASN A 195 -28.33 -26.92 61.81
N LEU A 196 -29.04 -25.86 61.41
CA LEU A 196 -30.50 -25.91 61.34
C LEU A 196 -30.97 -26.78 60.18
N GLY A 197 -30.20 -26.86 59.11
CA GLY A 197 -30.60 -27.64 57.94
C GLY A 197 -31.84 -27.11 57.25
N ARG A 198 -31.96 -25.79 57.12
CA ARG A 198 -33.11 -25.19 56.43
C ARG A 198 -32.77 -24.85 54.98
N ASP A 199 -32.34 -25.89 54.25
CA ASP A 199 -32.04 -25.79 52.81
C ASP A 199 -30.95 -24.74 52.62
N LEU A 200 -31.16 -23.72 51.78
CA LEU A 200 -30.21 -22.63 51.67
C LEU A 200 -30.42 -21.66 52.82
N PRO A 201 -29.47 -21.52 53.73
CA PRO A 201 -29.74 -20.79 54.97
C PRO A 201 -29.84 -19.29 54.75
N GLN A 202 -30.58 -18.66 55.65
CA GLN A 202 -30.61 -17.21 55.73
C GLN A 202 -29.30 -16.72 56.30
N GLY A 203 -28.87 -15.54 55.87
CA GLY A 203 -27.60 -15.02 56.31
C GLY A 203 -26.76 -14.51 55.15
N PHE A 204 -25.45 -14.69 55.25
CA PHE A 204 -24.56 -14.17 54.21
C PHE A 204 -23.21 -14.86 54.32
N SER A 205 -22.65 -15.20 53.17
CA SER A 205 -21.31 -15.79 53.12
C SER A 205 -20.74 -15.56 51.73
N ALA A 206 -19.53 -14.99 51.68
CA ALA A 206 -18.88 -14.70 50.42
C ALA A 206 -18.02 -15.88 49.98
N LEU A 207 -17.96 -16.09 48.67
CA LEU A 207 -17.32 -17.25 48.08
C LEU A 207 -15.97 -16.85 47.49
N GLU A 208 -14.93 -17.55 47.88
CA GLU A 208 -13.52 -17.26 47.61
C GLU A 208 -13.03 -18.01 46.38
N PRO A 209 -12.22 -17.36 45.55
CA PRO A 209 -11.86 -17.91 44.24
C PRO A 209 -10.82 -19.01 44.29
N LEU A 210 -11.22 -20.26 44.44
CA LEU A 210 -10.23 -21.30 44.66
C LEU A 210 -9.46 -21.70 43.41
N VAL A 211 -10.06 -21.68 42.21
CA VAL A 211 -9.33 -22.15 41.04
C VAL A 211 -9.60 -21.27 39.82
N ASP A 212 -8.58 -21.06 39.01
CA ASP A 212 -8.72 -20.59 37.64
C ASP A 212 -7.98 -21.54 36.71
N LEU A 213 -8.56 -21.76 35.53
CA LEU A 213 -8.04 -22.74 34.58
C LEU A 213 -8.06 -22.12 33.18
N PRO A 214 -6.92 -21.93 32.53
CA PRO A 214 -6.93 -21.41 31.14
C PRO A 214 -7.39 -22.47 30.13
N ILE A 215 -8.71 -22.58 29.97
CA ILE A 215 -9.31 -23.70 29.25
C ILE A 215 -9.45 -23.42 27.76
N GLY A 216 -9.81 -22.20 27.37
CA GLY A 216 -9.90 -21.84 25.97
C GLY A 216 -10.93 -22.58 25.14
N ILE A 217 -12.07 -22.95 25.75
CA ILE A 217 -13.14 -23.64 25.05
C ILE A 217 -14.47 -22.96 25.38
N ASN A 218 -15.49 -23.33 24.61
CA ASN A 218 -16.83 -22.80 24.78
C ASN A 218 -17.67 -23.77 25.61
N ILE A 219 -18.42 -23.24 26.57
CA ILE A 219 -19.25 -24.05 27.45
C ILE A 219 -20.69 -23.59 27.32
N THR A 220 -21.61 -24.54 27.14
CA THR A 220 -23.04 -24.24 27.07
C THR A 220 -23.90 -25.20 27.88
N ARG A 221 -23.44 -26.40 28.19
CA ARG A 221 -24.21 -27.38 28.93
C ARG A 221 -23.35 -27.96 30.03
N PHE A 222 -23.98 -28.44 31.10
CA PHE A 222 -23.22 -29.09 32.16
C PHE A 222 -24.08 -30.16 32.83
N GLN A 223 -23.45 -30.91 33.72
CA GLN A 223 -24.15 -31.92 34.52
C GLN A 223 -23.26 -32.42 35.64
N THR A 224 -23.86 -33.06 36.63
CA THR A 224 -23.13 -33.49 37.82
C THR A 224 -22.77 -34.98 37.72
N LEU A 225 -22.26 -35.54 38.82
CA LEU A 225 -21.80 -36.92 38.85
C LEU A 225 -22.17 -37.59 40.16
N LEU A 226 -22.36 -38.91 40.09
CA LEU A 226 -22.90 -39.68 41.20
C LEU A 226 -21.95 -40.81 41.59
N ALA A 227 -22.18 -41.39 42.77
CA ALA A 227 -21.26 -42.37 43.34
C ALA A 227 -21.67 -43.81 43.03
N LEU A 228 -22.84 -44.23 43.51
CA LEU A 228 -23.51 -45.48 43.12
C LEU A 228 -22.59 -46.70 43.25
N HIS A 229 -22.26 -47.03 44.49
CA HIS A 229 -21.50 -48.25 44.78
C HIS A 229 -22.32 -49.50 44.51
N ARG A 230 -21.67 -50.53 43.97
CA ARG A 230 -22.31 -51.82 43.77
C ARG A 230 -22.47 -52.54 45.10
N SER A 231 -23.65 -53.14 45.31
CA SER A 231 -24.03 -53.63 46.63
C SER A 231 -23.08 -54.74 47.11
N TYR A 232 -22.79 -55.70 46.24
CA TYR A 232 -21.86 -56.77 46.57
C TYR A 232 -21.02 -57.14 45.36
N SER A 239 -24.13 -58.48 40.33
CA SER A 239 -23.71 -57.96 39.03
C SER A 239 -23.62 -56.44 39.09
N SER A 240 -24.66 -55.76 38.62
CA SER A 240 -24.76 -54.30 38.75
C SER A 240 -25.65 -53.96 39.95
N GLY A 241 -25.09 -54.17 41.14
CA GLY A 241 -25.82 -53.97 42.37
C GLY A 241 -26.32 -52.54 42.53
N TRP A 242 -25.38 -51.61 42.66
CA TRP A 242 -25.65 -50.17 42.61
C TRP A 242 -26.71 -49.77 43.64
N THR A 243 -26.34 -49.94 44.90
CA THR A 243 -27.19 -49.57 46.02
C THR A 243 -27.74 -48.16 45.83
N ALA A 244 -29.06 -48.06 45.73
CA ALA A 244 -29.69 -46.79 45.43
C ALA A 244 -29.49 -45.78 46.55
N GLY A 245 -29.18 -44.54 46.17
CA GLY A 245 -29.03 -43.46 47.12
C GLY A 245 -29.60 -42.17 46.53
N ALA A 246 -29.64 -41.14 47.37
CA ALA A 246 -30.29 -39.89 47.02
C ALA A 246 -29.31 -38.73 47.10
N ALA A 247 -29.32 -37.88 46.09
CA ALA A 247 -28.46 -36.71 45.99
C ALA A 247 -29.30 -35.47 45.73
N ALA A 248 -29.17 -34.48 46.61
CA ALA A 248 -29.94 -33.24 46.51
C ALA A 248 -29.00 -32.10 46.16
N TYR A 249 -29.39 -31.27 45.20
CA TYR A 249 -28.54 -30.12 44.89
C TYR A 249 -29.34 -29.00 44.25
N TYR A 250 -28.91 -27.77 44.53
CA TYR A 250 -29.54 -26.58 44.01
C TYR A 250 -28.72 -26.02 42.87
N VAL A 251 -29.41 -25.53 41.85
CA VAL A 251 -28.77 -24.87 40.72
C VAL A 251 -29.47 -23.54 40.46
N GLY A 252 -28.70 -22.45 40.43
CA GLY A 252 -29.21 -21.17 40.02
C GLY A 252 -28.26 -20.54 39.02
N TYR A 253 -28.73 -19.55 38.29
CA TYR A 253 -27.95 -18.97 37.21
C TYR A 253 -27.58 -17.53 37.54
N LEU A 254 -26.61 -17.01 36.79
CA LEU A 254 -26.07 -15.68 37.01
C LEU A 254 -26.40 -14.78 35.83
N GLN A 255 -26.72 -13.53 36.11
CA GLN A 255 -26.80 -12.53 35.05
C GLN A 255 -26.14 -11.25 35.53
N PRO A 256 -25.80 -10.35 34.59
CA PRO A 256 -25.02 -9.16 34.95
C PRO A 256 -25.85 -8.13 35.70
N ARG A 257 -25.41 -7.83 36.91
CA ARG A 257 -26.10 -6.87 37.77
C ARG A 257 -25.06 -6.14 38.61
N THR A 258 -25.50 -5.06 39.25
CA THR A 258 -24.65 -4.22 40.06
C THR A 258 -24.90 -4.50 41.53
N PHE A 259 -23.82 -4.63 42.29
CA PHE A 259 -23.90 -4.94 43.71
C PHE A 259 -23.06 -3.96 44.49
N LEU A 260 -23.54 -3.55 45.64
CA LEU A 260 -22.76 -2.75 46.58
C LEU A 260 -22.27 -3.68 47.67
N LEU A 261 -20.97 -4.00 47.66
CA LEU A 261 -20.35 -4.92 48.59
C LEU A 261 -19.68 -4.16 49.71
N LYS A 262 -19.64 -4.78 50.88
CA LYS A 262 -19.16 -4.12 52.09
C LYS A 262 -17.97 -4.91 52.63
N TYR A 263 -16.77 -4.40 52.40
CA TYR A 263 -15.56 -5.01 52.94
C TYR A 263 -15.29 -4.46 54.33
N ASN A 264 -15.05 -5.36 55.29
CA ASN A 264 -14.80 -4.96 56.66
C ASN A 264 -13.31 -4.72 56.88
N GLU A 265 -12.91 -4.57 58.14
CA GLU A 265 -11.54 -4.21 58.47
C GLU A 265 -10.53 -5.24 58.02
N ASN A 266 -10.87 -6.52 58.06
CA ASN A 266 -9.98 -7.58 57.64
C ASN A 266 -10.04 -7.85 56.15
N GLY A 267 -10.84 -7.11 55.40
CA GLY A 267 -10.91 -7.29 53.97
C GLY A 267 -11.93 -8.27 53.48
N THR A 268 -12.83 -8.73 54.33
CA THR A 268 -13.83 -9.74 54.00
C THR A 268 -15.14 -9.07 53.61
N ILE A 269 -15.82 -9.62 52.60
CA ILE A 269 -17.17 -9.19 52.30
C ILE A 269 -18.07 -9.58 53.47
N THR A 270 -18.78 -8.60 54.03
CA THR A 270 -19.72 -8.88 55.09
C THR A 270 -21.17 -8.61 54.74
N ASP A 271 -21.43 -7.82 53.69
CA ASP A 271 -22.78 -7.48 53.31
C ASP A 271 -22.79 -7.11 51.84
N ALA A 272 -23.96 -7.25 51.23
CA ALA A 272 -24.13 -6.87 49.84
C ALA A 272 -25.50 -6.25 49.67
N VAL A 273 -25.62 -5.44 48.63
CA VAL A 273 -26.88 -4.83 48.23
C VAL A 273 -27.04 -5.07 46.74
N ASP A 274 -28.19 -5.59 46.34
CA ASP A 274 -28.52 -5.76 44.93
C ASP A 274 -29.26 -4.51 44.48
N CYS A 275 -28.63 -3.73 43.61
CA CYS A 275 -29.14 -2.41 43.28
C CYS A 275 -30.49 -2.41 42.59
N ALA A 276 -30.95 -3.57 42.11
CA ALA A 276 -32.20 -3.62 41.36
C ALA A 276 -33.26 -4.48 42.06
N LEU A 277 -33.04 -4.86 43.31
CA LEU A 277 -34.03 -5.67 44.00
C LEU A 277 -35.30 -4.86 44.30
N ASP A 278 -35.16 -3.66 44.85
CA ASP A 278 -36.32 -2.86 45.24
C ASP A 278 -35.91 -1.40 45.25
N PRO A 279 -36.85 -0.47 45.44
CA PRO A 279 -36.48 0.96 45.48
C PRO A 279 -35.52 1.32 46.59
N LEU A 280 -35.63 0.69 47.75
CA LEU A 280 -34.72 1.00 48.84
C LEU A 280 -33.29 0.58 48.52
N SER A 281 -33.12 -0.57 47.88
CA SER A 281 -31.78 -0.99 47.49
C SER A 281 -31.18 -0.03 46.49
N GLU A 282 -32.00 0.48 45.57
CA GLU A 282 -31.48 1.40 44.58
C GLU A 282 -31.12 2.73 45.21
N THR A 283 -31.88 3.16 46.23
CA THR A 283 -31.47 4.32 47.01
C THR A 283 -30.12 4.09 47.68
N LYS A 284 -29.93 2.91 48.28
CA LYS A 284 -28.67 2.61 48.95
C LYS A 284 -27.51 2.59 47.98
N CYS A 285 -27.73 2.07 46.78
CA CYS A 285 -26.69 2.08 45.77
C CYS A 285 -26.39 3.50 45.29
N THR A 286 -27.41 4.34 45.16
CA THR A 286 -27.18 5.73 44.76
C THR A 286 -26.37 6.49 45.80
N LEU A 287 -26.71 6.32 47.08
CA LEU A 287 -25.98 6.99 48.15
C LEU A 287 -24.69 6.27 48.52
N LYS A 288 -24.44 5.08 47.97
CA LYS A 288 -23.26 4.28 48.28
C LYS A 288 -23.14 3.99 49.77
N SER A 289 -24.26 3.67 50.41
CA SER A 289 -24.24 3.44 51.84
C SER A 289 -25.38 2.51 52.22
N PHE A 290 -25.18 1.76 53.29
CA PHE A 290 -26.17 0.81 53.78
C PHE A 290 -27.20 1.43 54.69
N THR A 291 -27.01 2.68 55.11
CA THR A 291 -27.97 3.40 55.93
C THR A 291 -28.43 4.63 55.19
N VAL A 292 -29.73 4.84 55.16
CA VAL A 292 -30.36 5.98 54.50
C VAL A 292 -31.05 6.81 55.55
N GLU A 293 -30.74 8.10 55.58
CA GLU A 293 -31.46 9.02 56.46
C GLU A 293 -32.81 9.36 55.85
N LYS A 294 -33.68 9.90 56.69
CA LYS A 294 -35.00 10.32 56.24
C LYS A 294 -34.89 11.38 55.16
N GLY A 295 -35.69 11.24 54.11
CA GLY A 295 -35.66 12.21 53.04
C GLY A 295 -36.27 11.66 51.76
N ILE A 296 -35.98 12.35 50.67
CA ILE A 296 -36.42 11.98 49.33
C ILE A 296 -35.23 12.10 48.40
N TYR A 297 -34.93 11.03 47.68
CA TYR A 297 -33.72 10.92 46.87
C TYR A 297 -34.10 10.56 45.46
N GLN A 298 -33.57 11.26 44.48
CA GLN A 298 -34.00 11.01 43.11
C GLN A 298 -33.05 9.96 42.56
N THR A 299 -33.55 8.75 42.42
CA THR A 299 -32.82 7.64 41.83
C THR A 299 -33.13 7.61 40.33
N SER A 300 -32.83 6.52 39.65
CA SER A 300 -32.81 6.52 38.19
C SER A 300 -34.14 6.94 37.59
N ASN A 301 -34.08 7.63 36.45
CA ASN A 301 -35.23 8.07 35.68
C ASN A 301 -36.02 6.86 35.19
N PHE A 302 -37.14 7.12 34.50
CA PHE A 302 -37.77 6.04 33.77
C PHE A 302 -38.15 6.58 32.40
N ARG A 303 -38.34 5.67 31.46
CA ARG A 303 -38.89 6.03 30.17
C ARG A 303 -40.12 5.17 29.93
N VAL A 304 -40.96 5.63 29.01
CA VAL A 304 -42.01 4.79 28.46
C VAL A 304 -41.53 4.34 27.09
N GLN A 305 -41.34 3.06 26.93
CA GLN A 305 -40.75 2.54 25.71
C GLN A 305 -41.80 2.43 24.60
N PRO A 306 -41.38 2.54 23.34
CA PRO A 306 -42.34 2.43 22.24
C PRO A 306 -42.86 1.01 22.07
N THR A 307 -44.16 0.90 21.86
CA THR A 307 -44.78 -0.41 21.76
C THR A 307 -44.46 -1.09 20.43
N GLU A 308 -44.51 -0.35 19.33
CA GLU A 308 -44.18 -0.92 18.03
C GLU A 308 -43.70 0.20 17.11
N SER A 309 -43.37 -0.19 15.89
CA SER A 309 -42.87 0.72 14.87
C SER A 309 -43.90 0.85 13.76
N ILE A 310 -44.02 2.05 13.20
CA ILE A 310 -45.01 2.35 12.18
C ILE A 310 -44.31 3.10 11.05
N VAL A 311 -44.69 2.78 9.82
CA VAL A 311 -44.13 3.43 8.64
C VAL A 311 -45.26 3.71 7.66
N ARG A 312 -45.32 4.94 7.15
CA ARG A 312 -46.36 5.29 6.21
C ARG A 312 -45.81 6.15 5.09
N PHE A 313 -46.29 5.90 3.88
CA PHE A 313 -45.83 6.54 2.66
C PHE A 313 -47.04 6.83 1.79
N PRO A 314 -46.92 7.72 0.81
CA PRO A 314 -48.07 8.05 -0.03
C PRO A 314 -48.53 6.86 -0.84
N ASN A 315 -49.72 7.00 -1.42
CA ASN A 315 -50.30 5.91 -2.21
C ASN A 315 -49.36 5.52 -3.34
N ILE A 316 -49.22 4.21 -3.54
CA ILE A 316 -48.37 3.67 -4.60
C ILE A 316 -49.24 3.47 -5.84
N THR A 317 -49.23 4.46 -6.73
CA THR A 317 -50.12 4.46 -7.88
C THR A 317 -49.39 4.48 -9.22
N ASN A 318 -48.49 5.44 -9.43
CA ASN A 318 -47.87 5.64 -10.75
C ASN A 318 -46.62 4.79 -10.85
N LEU A 319 -46.76 3.61 -11.44
CA LEU A 319 -45.65 2.71 -11.70
C LEU A 319 -45.41 2.64 -13.19
N CYS A 320 -44.15 2.68 -13.59
CA CYS A 320 -43.80 2.50 -14.98
C CYS A 320 -44.12 1.07 -15.37
N PRO A 321 -45.04 0.86 -16.32
CA PRO A 321 -45.48 -0.51 -16.62
C PRO A 321 -44.48 -1.24 -17.49
N PHE A 322 -44.18 -2.47 -17.09
CA PHE A 322 -43.39 -3.39 -17.90
C PHE A 322 -44.25 -4.21 -18.84
N ASP A 323 -45.57 -4.10 -18.75
CA ASP A 323 -46.45 -4.90 -19.58
C ASP A 323 -46.39 -4.49 -21.04
N GLU A 324 -45.69 -3.40 -21.36
CA GLU A 324 -45.36 -3.06 -22.73
C GLU A 324 -43.96 -3.52 -23.12
N VAL A 325 -43.12 -3.89 -22.16
CA VAL A 325 -41.78 -4.38 -22.47
C VAL A 325 -41.66 -5.88 -22.24
N PHE A 326 -42.62 -6.51 -21.56
CA PHE A 326 -42.67 -7.96 -21.45
C PHE A 326 -43.85 -8.54 -22.22
N ASN A 327 -45.06 -8.09 -21.93
CA ASN A 327 -46.26 -8.60 -22.61
C ASN A 327 -46.38 -7.97 -23.99
N ALA A 328 -45.33 -8.12 -24.79
CA ALA A 328 -45.32 -7.59 -26.13
C ALA A 328 -45.92 -8.60 -27.10
N THR A 329 -46.58 -8.08 -28.14
CA THR A 329 -47.15 -8.96 -29.16
C THR A 329 -46.06 -9.70 -29.92
N ARG A 330 -45.02 -9.01 -30.34
CA ARG A 330 -43.95 -9.62 -31.13
C ARG A 330 -42.68 -8.81 -30.94
N PHE A 331 -41.61 -9.47 -30.48
CA PHE A 331 -40.39 -8.79 -30.12
C PHE A 331 -39.65 -8.34 -31.38
N ALA A 332 -38.42 -7.87 -31.19
CA ALA A 332 -37.53 -7.51 -32.29
C ALA A 332 -36.35 -8.47 -32.32
N SER A 333 -35.83 -8.70 -33.53
CA SER A 333 -34.70 -9.60 -33.70
C SER A 333 -33.46 -9.02 -33.07
N VAL A 334 -32.49 -9.90 -32.78
CA VAL A 334 -31.39 -9.54 -31.90
C VAL A 334 -30.51 -8.47 -32.53
N TYR A 335 -30.35 -8.50 -33.86
CA TYR A 335 -29.57 -7.46 -34.51
C TYR A 335 -30.24 -6.09 -34.39
N ALA A 336 -31.57 -6.06 -34.44
CA ALA A 336 -32.30 -4.79 -34.38
C ALA A 336 -33.10 -4.74 -33.10
N TRP A 337 -32.46 -5.11 -31.98
CA TRP A 337 -33.11 -5.21 -30.69
C TRP A 337 -33.80 -3.90 -30.32
N ASN A 338 -34.85 -4.02 -29.50
CA ASN A 338 -35.64 -2.87 -29.11
C ASN A 338 -35.17 -2.33 -27.77
N ARG A 339 -35.09 -1.00 -27.66
CA ARG A 339 -34.67 -0.33 -26.44
C ARG A 339 -35.79 0.56 -25.94
N LYS A 340 -36.09 0.47 -24.64
CA LYS A 340 -37.10 1.30 -24.01
C LYS A 340 -36.49 2.02 -22.82
N ARG A 341 -36.79 3.31 -22.69
CA ARG A 341 -36.30 4.13 -21.61
C ARG A 341 -37.32 4.16 -20.49
N ILE A 342 -36.84 4.18 -19.25
CA ILE A 342 -37.69 4.21 -18.07
C ILE A 342 -37.18 5.29 -17.14
N SER A 343 -38.06 6.25 -16.81
CA SER A 343 -37.74 7.37 -15.94
C SER A 343 -39.01 7.86 -15.26
N ASN A 344 -38.86 8.38 -14.04
CA ASN A 344 -39.95 8.99 -13.29
C ASN A 344 -41.09 8.00 -13.08
N CYS A 345 -40.80 6.96 -12.31
CA CYS A 345 -41.79 5.94 -12.01
C CYS A 345 -41.45 5.29 -10.68
N VAL A 346 -42.23 4.27 -10.33
CA VAL A 346 -41.85 3.31 -9.31
C VAL A 346 -41.82 1.93 -9.97
N ALA A 347 -40.70 1.23 -9.80
CA ALA A 347 -40.43 -0.01 -10.51
C ALA A 347 -40.63 -1.17 -9.56
N ASP A 348 -41.82 -1.77 -9.59
CA ASP A 348 -42.08 -2.96 -8.79
C ASP A 348 -41.58 -4.18 -9.54
N TYR A 349 -40.54 -4.82 -9.01
CA TYR A 349 -39.99 -6.01 -9.60
C TYR A 349 -40.70 -7.27 -9.12
N SER A 350 -41.72 -7.11 -8.28
CA SER A 350 -42.53 -8.26 -7.89
C SER A 350 -43.33 -8.79 -9.06
N VAL A 351 -43.59 -7.95 -10.07
CA VAL A 351 -44.27 -8.40 -11.27
C VAL A 351 -43.34 -9.25 -12.14
N LEU A 352 -42.02 -9.15 -11.89
CA LEU A 352 -41.09 -10.00 -12.61
C LEU A 352 -41.33 -11.47 -12.30
N TYR A 353 -41.40 -11.81 -11.00
CA TYR A 353 -41.50 -13.21 -10.63
C TYR A 353 -42.84 -13.80 -11.01
N ASN A 354 -43.89 -12.98 -11.08
CA ASN A 354 -45.21 -13.44 -11.46
C ASN A 354 -45.28 -13.85 -12.92
N PHE A 355 -44.24 -13.57 -13.69
CA PHE A 355 -44.18 -13.85 -15.11
C PHE A 355 -43.67 -15.27 -15.34
N ALA A 356 -43.25 -15.58 -16.57
CA ALA A 356 -42.82 -16.89 -17.04
C ALA A 356 -41.76 -17.53 -16.16
N PRO A 357 -41.50 -18.84 -16.30
CA PRO A 357 -40.55 -19.51 -15.39
C PRO A 357 -39.15 -18.92 -15.39
N PHE A 358 -38.79 -18.11 -16.37
CA PHE A 358 -37.48 -17.45 -16.43
C PHE A 358 -36.35 -18.49 -16.49
N PHE A 359 -36.31 -19.20 -17.62
CA PHE A 359 -35.29 -20.19 -17.92
C PHE A 359 -33.91 -19.71 -17.45
N ALA A 360 -33.62 -18.43 -17.65
CA ALA A 360 -32.45 -17.80 -17.07
C ALA A 360 -32.87 -16.50 -16.40
N PHE A 361 -32.41 -16.29 -15.17
CA PHE A 361 -32.69 -15.06 -14.43
C PHE A 361 -31.42 -14.73 -13.67
N LYS A 362 -30.52 -13.99 -14.29
CA LYS A 362 -29.19 -13.80 -13.70
C LYS A 362 -28.91 -12.33 -13.53
N CYS A 363 -28.58 -11.93 -12.30
CA CYS A 363 -28.35 -10.53 -11.96
C CYS A 363 -26.90 -10.31 -11.57
N TYR A 364 -26.28 -9.28 -12.14
CA TYR A 364 -24.85 -9.09 -12.09
C TYR A 364 -24.48 -7.95 -11.14
N GLY A 365 -23.51 -8.19 -10.28
CA GLY A 365 -23.06 -7.21 -9.32
C GLY A 365 -24.06 -7.02 -8.21
N VAL A 366 -25.20 -6.44 -8.54
CA VAL A 366 -26.28 -6.22 -7.60
C VAL A 366 -27.07 -7.51 -7.42
N SER A 367 -27.70 -7.65 -6.26
CA SER A 367 -28.53 -8.83 -6.02
C SER A 367 -29.99 -8.51 -6.33
N PRO A 368 -30.79 -9.53 -6.67
CA PRO A 368 -32.23 -9.29 -6.89
C PRO A 368 -32.96 -8.72 -5.69
N THR A 369 -32.57 -9.08 -4.47
CA THR A 369 -33.20 -8.54 -3.28
C THR A 369 -32.72 -7.15 -2.94
N LYS A 370 -31.64 -6.69 -3.57
CA LYS A 370 -31.09 -5.36 -3.34
C LYS A 370 -31.68 -4.30 -4.26
N LEU A 371 -31.96 -4.65 -5.52
CA LEU A 371 -32.41 -3.66 -6.49
C LEU A 371 -33.78 -3.09 -6.18
N ASN A 372 -34.53 -3.70 -5.27
CA ASN A 372 -35.78 -3.11 -4.81
C ASN A 372 -35.58 -2.11 -3.68
N ASP A 373 -34.34 -1.82 -3.31
CA ASP A 373 -34.04 -0.95 -2.17
C ASP A 373 -33.36 0.34 -2.59
N LEU A 374 -32.23 0.26 -3.29
CA LEU A 374 -31.58 1.46 -3.80
C LEU A 374 -32.37 2.03 -4.96
N CYS A 375 -32.15 3.31 -5.23
CA CYS A 375 -33.01 4.04 -6.15
C CYS A 375 -32.16 4.61 -7.27
N PHE A 376 -32.39 4.14 -8.49
CA PHE A 376 -31.61 4.53 -9.65
C PHE A 376 -32.21 5.75 -10.33
N THR A 377 -31.43 6.33 -11.25
CA THR A 377 -31.85 7.53 -11.95
C THR A 377 -32.35 7.27 -13.36
N ASN A 378 -32.14 6.07 -13.91
CA ASN A 378 -32.55 5.81 -15.27
C ASN A 378 -32.53 4.29 -15.48
N VAL A 379 -33.45 3.80 -16.31
CA VAL A 379 -33.51 2.37 -16.62
C VAL A 379 -33.60 2.18 -18.14
N TYR A 380 -32.85 1.21 -18.65
CA TYR A 380 -32.94 0.83 -20.06
C TYR A 380 -33.33 -0.63 -20.14
N ALA A 381 -34.44 -0.90 -20.83
CA ALA A 381 -34.94 -2.26 -21.04
C ALA A 381 -34.70 -2.62 -22.50
N ASP A 382 -33.84 -3.60 -22.73
CA ASP A 382 -33.46 -4.01 -24.07
C ASP A 382 -34.04 -5.40 -24.33
N SER A 383 -34.98 -5.50 -25.26
CA SER A 383 -35.68 -6.75 -25.53
C SER A 383 -35.33 -7.26 -26.91
N PHE A 384 -35.14 -8.58 -27.00
CA PHE A 384 -34.92 -9.23 -28.29
C PHE A 384 -35.20 -10.73 -28.15
N VAL A 385 -35.01 -11.44 -29.25
CA VAL A 385 -35.24 -12.89 -29.33
C VAL A 385 -33.97 -13.55 -29.85
N ILE A 386 -33.51 -14.59 -29.16
CA ILE A 386 -32.31 -15.32 -29.56
C ILE A 386 -32.58 -16.82 -29.47
N ARG A 387 -31.55 -17.61 -29.70
CA ARG A 387 -31.60 -19.06 -29.51
C ARG A 387 -31.21 -19.41 -28.07
N GLY A 388 -31.63 -20.59 -27.64
CA GLY A 388 -31.26 -21.04 -26.31
C GLY A 388 -29.78 -21.26 -26.15
N ASN A 389 -29.11 -21.67 -27.23
CA ASN A 389 -27.67 -21.90 -27.18
C ASN A 389 -26.91 -20.64 -26.81
N GLU A 390 -27.39 -19.48 -27.27
CA GLU A 390 -26.68 -18.22 -27.12
C GLU A 390 -27.12 -17.41 -25.91
N VAL A 391 -27.95 -17.97 -25.03
CA VAL A 391 -28.39 -17.21 -23.86
C VAL A 391 -27.20 -16.92 -22.95
N SER A 392 -26.28 -17.88 -22.82
CA SER A 392 -25.06 -17.64 -22.07
C SER A 392 -24.18 -16.58 -22.71
N GLN A 393 -24.34 -16.34 -24.02
CA GLN A 393 -23.55 -15.30 -24.67
C GLN A 393 -23.89 -13.92 -24.13
N ILE A 394 -25.12 -13.72 -23.67
CA ILE A 394 -25.53 -12.44 -23.11
C ILE A 394 -24.99 -12.34 -21.68
N ALA A 395 -23.81 -11.77 -21.53
CA ALA A 395 -23.16 -11.60 -20.24
C ALA A 395 -22.00 -10.64 -20.41
N PRO A 396 -21.63 -9.88 -19.38
CA PRO A 396 -20.48 -8.98 -19.52
C PRO A 396 -19.20 -9.75 -19.79
N GLY A 397 -18.39 -9.22 -20.70
CA GLY A 397 -17.13 -9.82 -21.06
C GLY A 397 -17.22 -11.21 -21.66
N GLN A 398 -18.12 -11.40 -22.62
CA GLN A 398 -18.30 -12.71 -23.24
C GLN A 398 -18.03 -12.65 -24.74
N THR A 399 -17.89 -13.84 -25.33
CA THR A 399 -17.53 -14.00 -26.73
C THR A 399 -18.54 -14.88 -27.44
N GLY A 400 -18.66 -14.67 -28.74
CA GLY A 400 -19.62 -15.41 -29.55
C GLY A 400 -20.17 -14.51 -30.64
N ASN A 401 -21.00 -15.11 -31.49
CA ASN A 401 -21.60 -14.37 -32.59
C ASN A 401 -22.43 -13.19 -32.09
N ILE A 402 -23.38 -13.47 -31.18
CA ILE A 402 -24.23 -12.42 -30.64
C ILE A 402 -23.42 -11.50 -29.72
N ALA A 403 -22.48 -12.07 -28.97
CA ALA A 403 -21.64 -11.26 -28.10
C ALA A 403 -20.77 -10.30 -28.90
N ASP A 404 -20.28 -10.73 -30.05
CA ASP A 404 -19.40 -9.88 -30.85
C ASP A 404 -20.19 -8.87 -31.67
N TYR A 405 -21.09 -9.35 -32.53
CA TYR A 405 -21.60 -8.50 -33.60
C TYR A 405 -23.01 -7.97 -33.37
N ASN A 406 -23.80 -8.59 -32.49
CA ASN A 406 -25.21 -8.23 -32.39
C ASN A 406 -25.58 -7.51 -31.10
N TYR A 407 -25.06 -7.95 -29.95
CA TYR A 407 -25.40 -7.29 -28.69
C TYR A 407 -24.28 -7.54 -27.69
N LYS A 408 -23.51 -6.51 -27.37
CA LYS A 408 -22.35 -6.60 -26.50
C LYS A 408 -22.62 -5.85 -25.21
N LEU A 409 -22.52 -6.56 -24.09
CA LEU A 409 -22.69 -5.96 -22.78
C LEU A 409 -21.40 -5.27 -22.35
N PRO A 410 -21.48 -4.18 -21.61
CA PRO A 410 -20.27 -3.53 -21.10
C PRO A 410 -19.59 -4.39 -20.04
N ASP A 411 -18.27 -4.22 -19.93
CA ASP A 411 -17.50 -5.04 -19.00
C ASP A 411 -17.91 -4.79 -17.56
N ASP A 412 -18.46 -3.61 -17.27
CA ASP A 412 -18.97 -3.27 -15.95
C ASP A 412 -20.49 -3.12 -15.96
N PHE A 413 -21.16 -4.00 -16.70
CA PHE A 413 -22.62 -3.91 -16.86
C PHE A 413 -23.32 -3.97 -15.51
N THR A 414 -24.28 -3.08 -15.31
CA THR A 414 -25.07 -3.01 -14.10
C THR A 414 -26.52 -3.37 -14.42
N GLY A 415 -27.06 -4.32 -13.67
CA GLY A 415 -28.42 -4.76 -13.91
C GLY A 415 -28.49 -6.27 -14.10
N CYS A 416 -29.43 -6.73 -14.93
CA CYS A 416 -29.49 -8.16 -15.14
C CYS A 416 -30.34 -8.59 -16.30
N VAL A 417 -30.24 -9.90 -16.60
CA VAL A 417 -30.79 -10.51 -17.79
C VAL A 417 -31.89 -11.48 -17.37
N ILE A 418 -33.01 -11.42 -18.09
CA ILE A 418 -34.17 -12.27 -17.87
C ILE A 418 -34.50 -12.91 -19.20
N ALA A 419 -34.24 -14.20 -19.32
CA ALA A 419 -34.54 -14.96 -20.52
C ALA A 419 -35.54 -16.05 -20.20
N TRP A 420 -36.48 -16.26 -21.12
CA TRP A 420 -37.46 -17.33 -20.96
C TRP A 420 -37.86 -17.87 -22.32
N ASN A 421 -38.12 -19.17 -22.36
CA ASN A 421 -38.54 -19.80 -23.61
C ASN A 421 -39.89 -19.24 -24.06
N SER A 422 -40.04 -19.08 -25.37
CA SER A 422 -41.27 -18.63 -25.98
C SER A 422 -41.62 -19.51 -27.17
N ASN A 423 -41.50 -20.82 -26.98
CA ASN A 423 -41.82 -21.76 -28.04
C ASN A 423 -43.30 -21.72 -28.41
N LYS A 424 -44.16 -21.21 -27.52
CA LYS A 424 -45.56 -21.08 -27.87
C LYS A 424 -45.77 -20.05 -28.97
N LEU A 425 -44.97 -18.99 -28.99
CA LEU A 425 -45.21 -17.87 -29.91
C LEU A 425 -44.39 -17.98 -31.19
N ASP A 426 -43.07 -17.98 -31.08
CA ASP A 426 -42.21 -17.85 -32.25
C ASP A 426 -42.10 -19.14 -33.06
N SER A 427 -42.62 -20.24 -32.55
CA SER A 427 -42.63 -21.50 -33.29
C SER A 427 -43.80 -21.47 -34.27
N LYS A 428 -43.50 -21.64 -35.55
CA LYS A 428 -44.52 -21.73 -36.58
C LYS A 428 -44.19 -22.88 -37.51
N VAL A 429 -45.23 -23.57 -37.97
CA VAL A 429 -45.04 -24.66 -38.92
C VAL A 429 -44.60 -24.08 -40.26
N GLY A 430 -43.62 -24.74 -40.88
CA GLY A 430 -42.99 -24.19 -42.05
C GLY A 430 -41.86 -23.22 -41.76
N GLY A 431 -41.49 -23.05 -40.49
CA GLY A 431 -40.36 -22.20 -40.15
C GLY A 431 -40.74 -20.73 -40.12
N ASN A 432 -40.38 -20.03 -39.06
CA ASN A 432 -40.66 -18.60 -38.94
C ASN A 432 -39.43 -17.83 -39.38
N TYR A 433 -39.51 -17.22 -40.56
CA TYR A 433 -38.36 -16.59 -41.22
C TYR A 433 -38.38 -15.07 -41.10
N ASN A 434 -38.77 -14.53 -39.95
CA ASN A 434 -38.81 -13.09 -39.75
C ASN A 434 -37.87 -12.61 -38.65
N TYR A 435 -37.12 -13.50 -38.01
CA TYR A 435 -36.18 -13.12 -36.96
C TYR A 435 -34.77 -13.28 -37.50
N LEU A 436 -34.07 -12.16 -37.67
CA LEU A 436 -32.77 -12.13 -38.33
C LEU A 436 -31.66 -11.87 -37.32
N TYR A 437 -30.43 -12.19 -37.73
CA TYR A 437 -29.26 -11.90 -36.92
C TYR A 437 -28.05 -11.75 -37.81
N ARG A 438 -27.14 -10.88 -37.37
CA ARG A 438 -25.98 -10.49 -38.17
C ARG A 438 -24.92 -11.58 -38.05
N LEU A 439 -24.74 -12.36 -39.11
CA LEU A 439 -23.73 -13.41 -39.13
C LEU A 439 -22.35 -12.91 -39.55
N PHE A 440 -22.30 -11.96 -40.47
CA PHE A 440 -21.05 -11.41 -40.96
C PHE A 440 -20.87 -9.99 -40.42
N ARG A 441 -19.68 -9.72 -39.89
CA ARG A 441 -19.33 -8.36 -39.50
C ARG A 441 -17.83 -8.18 -39.57
N LYS A 442 -17.40 -6.93 -39.65
CA LYS A 442 -15.99 -6.60 -39.78
C LYS A 442 -15.31 -6.31 -38.44
N SER A 443 -16.06 -5.92 -37.41
CA SER A 443 -15.46 -5.48 -36.16
C SER A 443 -16.31 -5.98 -35.00
N ASN A 444 -16.02 -5.47 -33.81
CA ASN A 444 -16.77 -5.76 -32.60
C ASN A 444 -17.45 -4.48 -32.11
N LEU A 445 -18.74 -4.59 -31.78
CA LEU A 445 -19.49 -3.42 -31.36
C LEU A 445 -19.05 -2.95 -29.97
N LYS A 446 -19.02 -1.62 -29.80
CA LYS A 446 -18.91 -1.05 -28.48
C LYS A 446 -20.19 -1.33 -27.70
N PRO A 447 -20.12 -1.32 -26.37
CA PRO A 447 -21.29 -1.75 -25.58
C PRO A 447 -22.53 -0.94 -25.91
N PHE A 448 -23.67 -1.62 -25.96
CA PHE A 448 -24.97 -1.01 -26.22
C PHE A 448 -24.95 -0.22 -27.53
N GLU A 449 -24.71 -0.94 -28.62
CA GLU A 449 -24.61 -0.36 -29.94
C GLU A 449 -25.54 -1.08 -30.91
N ARG A 450 -25.93 -0.40 -31.97
CA ARG A 450 -26.86 -0.93 -32.96
C ARG A 450 -26.21 -0.95 -34.33
N ASP A 451 -26.40 -2.06 -35.05
CA ASP A 451 -25.87 -2.26 -36.39
C ASP A 451 -27.02 -2.75 -37.26
N ILE A 452 -27.74 -1.81 -37.86
CA ILE A 452 -28.92 -2.13 -38.67
C ILE A 452 -28.61 -2.08 -40.16
N SER A 453 -27.36 -1.84 -40.54
CA SER A 453 -27.01 -1.77 -41.95
C SER A 453 -27.27 -3.08 -42.65
N THR A 454 -27.97 -3.02 -43.78
CA THR A 454 -28.32 -4.19 -44.59
C THR A 454 -27.64 -4.02 -45.93
N GLU A 455 -26.40 -4.47 -46.02
CA GLU A 455 -25.60 -4.39 -47.23
C GLU A 455 -25.01 -5.77 -47.50
N ILE A 456 -24.47 -5.95 -48.71
CA ILE A 456 -23.76 -7.18 -49.03
C ILE A 456 -22.39 -7.14 -48.38
N TYR A 457 -22.04 -8.20 -47.67
CA TYR A 457 -20.76 -8.30 -46.98
C TYR A 457 -19.67 -8.57 -48.02
N GLN A 458 -18.85 -7.55 -48.29
CA GLN A 458 -17.76 -7.65 -49.26
C GLN A 458 -16.51 -8.10 -48.51
N ALA A 459 -16.42 -9.41 -48.27
CA ALA A 459 -15.33 -9.99 -47.50
C ALA A 459 -14.23 -10.57 -48.36
N GLY A 460 -14.36 -10.50 -49.69
CA GLY A 460 -13.34 -10.96 -50.59
C GLY A 460 -12.64 -9.79 -51.27
N ASN A 461 -11.63 -10.13 -52.08
CA ASN A 461 -10.94 -9.12 -52.86
C ASN A 461 -11.86 -8.50 -53.90
N LYS A 462 -12.71 -9.31 -54.51
CA LYS A 462 -13.65 -8.82 -55.52
C LYS A 462 -14.83 -8.12 -54.85
N PRO A 463 -15.10 -6.87 -55.19
CA PRO A 463 -16.29 -6.19 -54.62
C PRO A 463 -17.57 -6.72 -55.24
N CYS A 464 -18.68 -6.35 -54.60
CA CYS A 464 -20.01 -6.74 -55.06
C CYS A 464 -20.76 -5.57 -55.68
N ASN A 465 -20.95 -4.49 -54.92
CA ASN A 465 -21.66 -3.29 -55.39
C ASN A 465 -23.04 -3.65 -55.93
N GLY A 466 -23.74 -4.53 -55.22
CA GLY A 466 -25.06 -4.96 -55.63
C GLY A 466 -25.12 -6.32 -56.30
N VAL A 467 -24.01 -7.02 -56.39
CA VAL A 467 -23.94 -8.33 -57.04
C VAL A 467 -23.69 -9.36 -55.95
N ALA A 468 -24.69 -10.22 -55.71
CA ALA A 468 -24.61 -11.21 -54.64
C ALA A 468 -24.12 -12.55 -55.19
N GLY A 469 -22.96 -12.52 -55.83
CA GLY A 469 -22.45 -13.70 -56.49
C GLY A 469 -21.18 -14.26 -55.87
N PHE A 470 -21.20 -15.55 -55.56
CA PHE A 470 -20.06 -16.23 -54.94
C PHE A 470 -19.63 -15.53 -53.66
N ASN A 471 -18.47 -14.87 -53.69
CA ASN A 471 -17.90 -14.23 -52.51
C ASN A 471 -18.61 -12.90 -52.23
N CYS A 472 -19.93 -12.99 -52.11
CA CYS A 472 -20.78 -11.84 -51.84
C CYS A 472 -21.95 -12.32 -50.99
N TYR A 473 -21.90 -12.03 -49.69
CA TYR A 473 -22.79 -12.64 -48.73
C TYR A 473 -23.66 -11.60 -48.04
N PHE A 474 -24.90 -12.00 -47.73
CA PHE A 474 -25.79 -11.19 -46.92
C PHE A 474 -25.65 -11.59 -45.46
N PRO A 475 -25.20 -10.69 -44.57
CA PRO A 475 -24.84 -11.11 -43.21
C PRO A 475 -26.03 -11.48 -42.33
N LEU A 476 -27.27 -11.18 -42.74
CA LEU A 476 -28.43 -11.45 -41.90
C LEU A 476 -28.96 -12.84 -42.20
N ARG A 477 -28.75 -13.76 -41.27
CA ARG A 477 -29.31 -15.10 -41.33
C ARG A 477 -30.56 -15.16 -40.47
N SER A 478 -31.57 -15.89 -40.92
CA SER A 478 -32.84 -15.98 -40.23
C SER A 478 -32.93 -17.30 -39.48
N TYR A 479 -33.34 -17.23 -38.22
CA TYR A 479 -33.53 -18.42 -37.42
C TYR A 479 -34.64 -19.29 -37.99
N GLY A 480 -34.58 -20.58 -37.71
CA GLY A 480 -35.68 -21.47 -38.05
C GLY A 480 -36.81 -21.37 -37.06
N PHE A 481 -36.48 -21.61 -35.78
CA PHE A 481 -37.43 -21.51 -34.67
C PHE A 481 -38.64 -22.42 -34.88
N ARG A 482 -38.44 -23.53 -35.58
CA ARG A 482 -39.51 -24.47 -35.83
C ARG A 482 -39.97 -25.12 -34.53
N PRO A 483 -41.24 -25.51 -34.44
CA PRO A 483 -41.74 -26.12 -33.20
C PRO A 483 -40.98 -27.36 -32.77
N THR A 484 -40.45 -28.14 -33.71
CA THR A 484 -39.76 -29.38 -33.37
C THR A 484 -38.29 -29.17 -33.00
N TYR A 485 -37.81 -27.94 -33.04
CA TYR A 485 -36.41 -27.69 -32.71
C TYR A 485 -36.16 -27.97 -31.23
N GLY A 486 -34.92 -28.35 -30.92
CA GLY A 486 -34.55 -28.67 -29.57
C GLY A 486 -34.44 -27.44 -28.70
N VAL A 487 -34.10 -27.66 -27.43
CA VAL A 487 -34.03 -26.56 -26.48
C VAL A 487 -32.99 -25.54 -26.91
N GLY A 488 -31.87 -26.00 -27.49
CA GLY A 488 -30.84 -25.06 -27.91
C GLY A 488 -31.29 -24.16 -29.03
N HIS A 489 -32.00 -24.71 -30.01
CA HIS A 489 -32.44 -23.95 -31.17
C HIS A 489 -33.87 -23.44 -31.05
N GLN A 490 -34.52 -23.66 -29.92
CA GLN A 490 -35.84 -23.07 -29.72
C GLN A 490 -35.72 -21.59 -29.42
N PRO A 491 -36.70 -20.78 -29.82
CA PRO A 491 -36.62 -19.34 -29.54
C PRO A 491 -36.75 -19.04 -28.06
N TYR A 492 -35.93 -18.10 -27.59
CA TYR A 492 -35.95 -17.62 -26.22
C TYR A 492 -35.97 -16.10 -26.23
N ARG A 493 -36.91 -15.52 -25.50
CA ARG A 493 -36.95 -14.07 -25.38
C ARG A 493 -36.03 -13.63 -24.26
N VAL A 494 -35.38 -12.49 -24.47
CA VAL A 494 -34.44 -11.93 -23.51
C VAL A 494 -34.77 -10.46 -23.29
N VAL A 495 -34.78 -10.05 -22.03
CA VAL A 495 -34.83 -8.64 -21.66
C VAL A 495 -33.65 -8.36 -20.75
N VAL A 496 -32.83 -7.39 -21.12
CA VAL A 496 -31.70 -6.96 -20.30
C VAL A 496 -32.08 -5.61 -19.70
N LEU A 497 -32.03 -5.52 -18.38
CA LEU A 497 -32.32 -4.29 -17.67
C LEU A 497 -30.99 -3.70 -17.20
N SER A 498 -30.73 -2.45 -17.62
CA SER A 498 -29.50 -1.74 -17.28
C SER A 498 -29.86 -0.49 -16.50
N PHE A 499 -29.17 -0.26 -15.39
CA PHE A 499 -29.51 0.81 -14.46
C PHE A 499 -28.45 1.89 -14.44
N GLU A 500 -28.89 3.14 -14.40
CA GLU A 500 -28.01 4.30 -14.32
C GLU A 500 -28.33 5.07 -13.05
N LEU A 501 -27.30 5.31 -12.23
CA LEU A 501 -27.42 5.94 -10.93
C LEU A 501 -26.48 7.14 -10.85
N LEU A 502 -26.57 8.01 -11.85
CA LEU A 502 -25.68 9.14 -11.98
C LEU A 502 -25.99 10.20 -10.93
N HIS A 503 -25.34 11.37 -11.06
CA HIS A 503 -25.55 12.47 -10.13
C HIS A 503 -26.89 13.17 -10.33
N ALA A 504 -27.60 12.89 -11.41
CA ALA A 504 -28.93 13.45 -11.59
C ALA A 504 -29.88 12.85 -10.56
N PRO A 505 -30.94 13.58 -10.19
CA PRO A 505 -31.85 13.05 -9.16
C PRO A 505 -32.50 11.75 -9.60
N ALA A 506 -32.62 10.82 -8.65
CA ALA A 506 -33.13 9.48 -8.94
C ALA A 506 -34.65 9.49 -8.94
N THR A 507 -35.24 8.89 -9.97
CA THR A 507 -36.69 8.87 -10.12
C THR A 507 -37.26 7.49 -10.40
N VAL A 508 -36.45 6.43 -10.41
CA VAL A 508 -36.92 5.08 -10.69
C VAL A 508 -36.39 4.15 -9.61
N CYS A 509 -37.30 3.51 -8.88
CA CYS A 509 -36.99 2.52 -7.85
C CYS A 509 -38.28 1.98 -7.26
N GLY A 510 -38.14 0.88 -6.52
CA GLY A 510 -39.27 0.09 -6.09
C GLY A 510 -40.13 0.73 -5.04
N PRO A 511 -41.30 0.15 -4.81
CA PRO A 511 -42.28 0.79 -3.94
C PRO A 511 -41.92 0.65 -2.48
N LYS A 512 -42.52 1.52 -1.67
CA LYS A 512 -42.30 1.55 -0.24
C LYS A 512 -43.61 1.19 0.46
N LYS A 513 -43.53 0.29 1.44
CA LYS A 513 -44.71 -0.21 2.10
C LYS A 513 -45.09 0.68 3.28
N SER A 514 -46.39 0.77 3.52
CA SER A 514 -46.91 1.49 4.67
C SER A 514 -47.70 0.51 5.55
N THR A 515 -47.54 0.66 6.85
CA THR A 515 -48.24 -0.18 7.80
C THR A 515 -49.59 0.46 8.11
N ASN A 516 -50.25 -0.01 9.16
CA ASN A 516 -51.46 0.65 9.61
C ASN A 516 -51.10 1.95 10.32
N LEU A 517 -52.11 2.59 10.91
CA LEU A 517 -51.92 3.81 11.67
C LEU A 517 -52.37 3.57 13.11
N VAL A 518 -51.47 3.82 14.05
CA VAL A 518 -51.69 3.54 15.46
C VAL A 518 -51.63 4.85 16.23
N LYS A 519 -52.69 5.15 16.97
CA LYS A 519 -52.77 6.41 17.69
C LYS A 519 -52.88 6.16 19.19
N ASN A 520 -52.57 7.21 19.95
CA ASN A 520 -52.63 7.17 21.42
C ASN A 520 -51.79 6.03 21.97
N LYS A 521 -50.61 5.84 21.40
CA LYS A 521 -49.68 4.84 21.89
C LYS A 521 -48.28 5.26 21.49
N CYS A 522 -47.34 5.20 22.44
CA CYS A 522 -45.96 5.58 22.15
C CYS A 522 -45.39 4.59 21.14
N VAL A 523 -45.15 5.05 19.92
CA VAL A 523 -44.67 4.20 18.83
C VAL A 523 -43.50 4.90 18.16
N ASN A 524 -42.90 4.21 17.20
CA ASN A 524 -41.87 4.78 16.34
C ASN A 524 -42.46 4.98 14.96
N PHE A 525 -42.45 6.20 14.47
CA PHE A 525 -43.06 6.53 13.20
C PHE A 525 -42.02 6.95 12.17
N ASN A 526 -42.37 6.70 10.91
CA ASN A 526 -41.60 7.13 9.74
C ASN A 526 -42.60 7.64 8.72
N PHE A 527 -42.73 8.96 8.63
CA PHE A 527 -43.65 9.63 7.72
C PHE A 527 -42.83 10.23 6.58
N ASN A 528 -42.80 9.53 5.44
CA ASN A 528 -42.07 10.00 4.25
C ASN A 528 -40.61 10.29 4.55
N GLY A 529 -40.03 9.59 5.50
CA GLY A 529 -38.65 9.80 5.86
C GLY A 529 -38.44 10.62 7.11
N LEU A 530 -39.47 11.32 7.59
CA LEU A 530 -39.40 11.97 8.89
C LEU A 530 -39.57 10.90 9.95
N THR A 531 -38.51 10.65 10.72
CA THR A 531 -38.48 9.54 11.66
C THR A 531 -38.46 10.08 13.09
N GLY A 532 -39.32 9.54 13.93
CA GLY A 532 -39.34 9.96 15.32
C GLY A 532 -40.09 8.97 16.17
N THR A 533 -40.19 9.27 17.45
CA THR A 533 -40.95 8.45 18.39
C THR A 533 -41.92 9.34 19.15
N GLY A 534 -43.10 8.82 19.44
CA GLY A 534 -44.03 9.57 20.25
C GLY A 534 -45.44 9.02 20.17
N VAL A 535 -46.36 9.83 20.65
CA VAL A 535 -47.78 9.51 20.67
C VAL A 535 -48.46 10.37 19.61
N LEU A 536 -49.17 9.73 18.70
CA LEU A 536 -49.86 10.42 17.62
C LEU A 536 -51.30 10.63 18.01
N THR A 537 -51.80 11.84 17.80
CA THR A 537 -53.13 12.21 18.23
C THR A 537 -53.82 12.98 17.12
N GLU A 538 -55.14 12.90 17.05
CA GLU A 538 -55.86 13.78 16.13
C GLU A 538 -55.64 15.23 16.53
N SER A 539 -55.52 16.11 15.54
CA SER A 539 -55.29 17.51 15.80
C SER A 539 -56.24 18.37 14.97
N ASN A 540 -56.20 19.67 15.24
CA ASN A 540 -56.98 20.65 14.51
C ASN A 540 -56.11 21.66 13.77
N LYS A 541 -54.80 21.46 13.73
CA LYS A 541 -53.94 22.31 12.91
C LYS A 541 -54.42 22.24 11.46
N LYS A 542 -54.53 23.40 10.83
CA LYS A 542 -54.93 23.48 9.42
C LYS A 542 -53.70 23.84 8.60
N PHE A 543 -53.00 22.80 8.15
CA PHE A 543 -51.87 23.01 7.27
C PHE A 543 -52.34 23.62 5.96
N LEU A 544 -51.52 24.47 5.37
CA LEU A 544 -51.79 24.87 4.00
C LEU A 544 -51.60 23.67 3.09
N PRO A 545 -52.32 23.62 1.98
CA PRO A 545 -52.31 22.39 1.15
C PRO A 545 -50.95 21.84 0.79
N PHE A 546 -49.92 22.67 0.72
CA PHE A 546 -48.60 22.19 0.36
C PHE A 546 -47.75 21.81 1.57
N GLN A 547 -48.19 22.14 2.78
CA GLN A 547 -47.38 21.95 3.98
C GLN A 547 -47.55 20.54 4.51
N GLN A 548 -46.43 19.95 4.94
CA GLN A 548 -46.43 18.55 5.34
C GLN A 548 -46.28 18.32 6.83
N PHE A 549 -45.35 18.98 7.50
CA PHE A 549 -45.21 18.80 8.93
C PHE A 549 -45.06 20.12 9.65
N GLY A 550 -45.75 20.24 10.78
CA GLY A 550 -45.61 21.38 11.65
C GLY A 550 -44.31 21.31 12.42
N ARG A 551 -43.98 22.41 13.08
CA ARG A 551 -42.73 22.52 13.82
C ARG A 551 -42.88 23.64 14.83
N ASP A 552 -42.18 23.52 15.95
CA ASP A 552 -42.37 24.40 17.10
C ASP A 552 -41.35 25.53 17.16
N ILE A 553 -41.42 26.29 18.25
CA ILE A 553 -40.54 27.43 18.46
C ILE A 553 -39.09 27.01 18.44
N ALA A 554 -38.78 25.89 19.08
CA ALA A 554 -37.42 25.35 19.14
C ALA A 554 -37.10 24.46 17.96
N ASP A 555 -37.93 24.49 16.91
CA ASP A 555 -37.74 23.67 15.72
C ASP A 555 -37.74 22.19 16.07
N THR A 556 -38.75 21.77 16.83
CA THR A 556 -39.04 20.37 17.06
C THR A 556 -40.34 20.03 16.37
N THR A 557 -40.36 18.91 15.64
CA THR A 557 -41.54 18.53 14.90
C THR A 557 -42.71 18.30 15.84
N ASP A 558 -43.79 19.02 15.62
CA ASP A 558 -44.96 19.02 16.47
C ASP A 558 -46.13 18.25 15.86
N ALA A 559 -46.36 18.41 14.56
CA ALA A 559 -47.43 17.72 13.88
C ALA A 559 -46.90 17.16 12.56
N VAL A 560 -47.66 16.23 12.00
CA VAL A 560 -47.40 15.72 10.66
C VAL A 560 -48.70 15.64 9.89
N ARG A 561 -48.56 15.57 8.59
CA ARG A 561 -49.66 15.22 7.70
C ARG A 561 -49.50 13.77 7.30
N ASP A 562 -50.52 12.98 7.51
CA ASP A 562 -50.46 11.60 7.09
C ASP A 562 -50.44 11.53 5.58
N PRO A 563 -49.44 10.90 4.96
CA PRO A 563 -49.36 10.96 3.50
C PRO A 563 -50.47 10.23 2.78
N GLN A 564 -50.84 9.03 3.23
CA GLN A 564 -51.92 8.29 2.57
C GLN A 564 -53.20 9.09 2.56
N THR A 565 -53.74 9.35 3.75
CA THR A 565 -54.90 10.21 3.94
C THR A 565 -54.46 11.49 4.62
N LEU A 566 -54.91 12.62 4.08
CA LEU A 566 -54.34 13.91 4.49
C LEU A 566 -55.08 14.42 5.72
N GLU A 567 -54.61 14.02 6.90
CA GLU A 567 -55.06 14.62 8.15
C GLU A 567 -53.84 14.96 8.98
N ILE A 568 -54.06 15.84 9.95
CA ILE A 568 -52.97 16.38 10.76
C ILE A 568 -52.95 15.65 12.09
N LEU A 569 -51.79 15.12 12.44
CA LEU A 569 -51.58 14.32 13.63
C LEU A 569 -50.58 15.04 14.52
N ASP A 570 -50.97 15.34 15.74
CA ASP A 570 -50.04 15.83 16.74
C ASP A 570 -49.07 14.74 17.17
N ILE A 571 -47.83 15.13 17.42
CA ILE A 571 -46.81 14.24 17.97
C ILE A 571 -46.47 14.74 19.36
N THR A 572 -46.63 13.86 20.34
CA THR A 572 -46.32 14.18 21.72
C THR A 572 -45.17 13.31 22.19
N PRO A 573 -44.18 13.85 22.87
CA PRO A 573 -43.08 13.01 23.34
C PRO A 573 -43.57 11.93 24.29
N CYS A 574 -42.94 10.76 24.21
CA CYS A 574 -43.28 9.67 25.12
C CYS A 574 -42.93 10.05 26.54
N SER A 575 -43.82 9.71 27.47
CA SER A 575 -43.73 10.22 28.83
C SER A 575 -42.44 9.77 29.51
N PHE A 576 -41.76 10.70 30.15
CA PHE A 576 -40.54 10.43 30.89
C PHE A 576 -40.56 11.24 32.17
N GLY A 577 -39.56 11.01 33.01
CA GLY A 577 -39.43 11.75 34.24
C GLY A 577 -38.51 11.03 35.20
N GLY A 578 -38.16 11.73 36.26
CA GLY A 578 -37.36 11.13 37.30
C GLY A 578 -38.20 10.34 38.27
N VAL A 579 -37.52 9.50 39.05
CA VAL A 579 -38.17 8.65 40.04
C VAL A 579 -37.50 8.90 41.37
N SER A 580 -38.25 9.41 42.33
CA SER A 580 -37.76 9.73 43.64
C SER A 580 -38.25 8.69 44.63
N VAL A 581 -37.41 8.34 45.57
CA VAL A 581 -37.74 7.41 46.63
C VAL A 581 -37.82 8.20 47.93
N ILE A 582 -38.95 8.08 48.60
CA ILE A 582 -39.25 8.77 49.84
C ILE A 582 -39.13 7.76 50.96
N THR A 583 -38.22 8.01 51.88
CA THR A 583 -38.03 7.10 52.98
C THR A 583 -37.99 7.85 54.30
N PRO A 584 -38.55 7.29 55.35
CA PRO A 584 -38.01 7.54 56.69
C PRO A 584 -36.68 6.83 56.79
N GLY A 585 -35.89 7.21 57.77
CA GLY A 585 -34.58 6.60 57.85
C GLY A 585 -34.64 5.09 57.89
N THR A 586 -33.61 4.42 57.40
CA THR A 586 -33.57 2.98 57.58
C THR A 586 -33.45 2.61 59.04
N ASN A 587 -33.14 3.57 59.91
CA ASN A 587 -33.14 3.36 61.34
C ASN A 587 -34.53 3.28 61.94
N THR A 588 -35.58 3.61 61.19
CA THR A 588 -36.94 3.48 61.69
C THR A 588 -37.72 2.40 60.96
N SER A 589 -37.66 2.39 59.63
CA SER A 589 -38.40 1.41 58.86
C SER A 589 -37.71 1.17 57.53
N ASN A 590 -38.06 0.05 56.91
CA ASN A 590 -37.66 -0.26 55.54
C ASN A 590 -38.74 0.08 54.55
N GLN A 591 -39.83 0.70 54.99
CA GLN A 591 -40.91 1.09 54.12
C GLN A 591 -40.47 2.24 53.21
N VAL A 592 -41.11 2.33 52.06
CA VAL A 592 -40.71 3.21 50.98
C VAL A 592 -41.94 3.71 50.24
N ALA A 593 -41.89 4.95 49.77
CA ALA A 593 -42.85 5.45 48.80
C ALA A 593 -42.09 5.92 47.57
N VAL A 594 -42.74 5.88 46.42
CA VAL A 594 -42.07 6.23 45.17
C VAL A 594 -42.87 7.33 44.50
N LEU A 595 -42.18 8.33 43.97
CA LEU A 595 -42.79 9.42 43.25
C LEU A 595 -42.27 9.43 41.83
N TYR A 596 -43.17 9.36 40.87
CA TYR A 596 -42.85 9.54 39.47
C TYR A 596 -43.17 10.98 39.13
N GLN A 597 -42.13 11.79 38.95
CA GLN A 597 -42.25 13.24 38.90
C GLN A 597 -42.77 13.71 37.55
N GLY A 598 -43.82 14.53 37.58
CA GLY A 598 -44.35 15.09 36.37
C GLY A 598 -44.94 14.06 35.44
N VAL A 599 -45.59 13.04 35.99
CA VAL A 599 -46.15 11.95 35.22
C VAL A 599 -47.54 11.66 35.73
N ASN A 600 -48.54 11.75 34.86
CA ASN A 600 -49.83 11.16 35.18
C ASN A 600 -49.68 9.67 35.21
N CYS A 601 -50.30 9.03 36.20
CA CYS A 601 -50.12 7.61 36.41
C CYS A 601 -51.32 6.78 35.97
N THR A 602 -51.93 7.17 34.87
CA THR A 602 -52.51 6.22 33.96
C THR A 602 -51.46 5.64 33.02
N GLU A 603 -50.25 6.17 33.05
CA GLU A 603 -49.13 5.68 32.26
C GLU A 603 -48.05 4.99 33.08
N VAL A 604 -48.14 5.03 34.40
CA VAL A 604 -47.20 4.28 35.23
C VAL A 604 -47.51 2.79 35.07
N PRO A 605 -46.51 1.94 34.80
CA PRO A 605 -46.82 0.54 34.45
C PRO A 605 -47.54 -0.21 35.56
N VAL A 606 -47.25 0.10 36.82
CA VAL A 606 -47.88 -0.58 37.93
C VAL A 606 -48.73 0.41 38.72
N THR A 622 -43.20 -0.45 49.14
CA THR A 622 -44.26 0.44 48.67
C THR A 622 -45.65 -0.11 48.99
N GLY A 623 -46.62 0.25 48.16
CA GLY A 623 -48.00 -0.14 48.38
C GLY A 623 -48.84 0.04 47.13
N SER A 624 -50.09 -0.38 47.24
CA SER A 624 -51.06 -0.18 46.17
C SER A 624 -51.70 1.20 46.20
N ASN A 625 -51.44 2.00 47.23
CA ASN A 625 -51.89 3.37 47.24
C ASN A 625 -51.31 4.10 46.05
N VAL A 626 -52.15 4.80 45.31
CA VAL A 626 -51.74 5.53 44.12
C VAL A 626 -52.45 6.87 44.13
N PHE A 627 -51.69 7.94 44.14
CA PHE A 627 -52.21 9.28 44.35
C PHE A 627 -51.63 10.18 43.29
N GLN A 628 -52.42 11.14 42.83
CA GLN A 628 -52.00 12.05 41.77
C GLN A 628 -51.80 13.43 42.38
N THR A 629 -50.54 13.84 42.53
CA THR A 629 -50.17 15.15 43.01
C THR A 629 -49.73 15.99 41.83
N ARG A 630 -49.72 17.31 42.02
CA ARG A 630 -49.23 18.18 40.96
C ARG A 630 -47.75 17.98 40.67
N ALA A 631 -47.03 17.25 41.53
CA ALA A 631 -45.65 16.91 41.27
C ALA A 631 -45.49 15.63 40.48
N GLY A 632 -46.51 14.78 40.42
CA GLY A 632 -46.40 13.50 39.76
C GLY A 632 -47.28 12.50 40.47
N CYS A 633 -47.03 11.22 40.22
CA CYS A 633 -47.80 10.16 40.85
C CYS A 633 -47.03 9.55 42.00
N LEU A 634 -47.71 9.41 43.14
CA LEU A 634 -47.13 8.92 44.38
C LEU A 634 -47.70 7.55 44.68
N ILE A 635 -46.82 6.57 44.86
CA ILE A 635 -47.18 5.19 45.05
C ILE A 635 -46.61 4.70 46.37
N GLY A 636 -47.46 4.17 47.22
CA GLY A 636 -47.02 3.65 48.49
C GLY A 636 -47.31 4.55 49.66
N ALA A 637 -47.94 5.70 49.43
CA ALA A 637 -48.34 6.63 50.47
C ALA A 637 -49.80 6.96 50.26
N GLU A 638 -50.53 7.10 51.36
CA GLU A 638 -51.94 7.44 51.31
C GLU A 638 -52.14 8.89 51.66
N TYR A 639 -53.01 9.55 50.91
CA TYR A 639 -53.31 10.95 51.16
C TYR A 639 -54.35 11.06 52.26
N VAL A 640 -53.97 11.68 53.37
CA VAL A 640 -54.90 11.93 54.46
C VAL A 640 -55.36 13.38 54.35
N ASN A 641 -56.43 13.71 55.08
CA ASN A 641 -57.00 15.05 55.04
C ASN A 641 -56.54 15.94 56.18
N ASN A 642 -55.61 15.48 57.01
CA ASN A 642 -55.05 16.33 58.04
C ASN A 642 -53.99 17.25 57.44
N SER A 643 -53.41 18.09 58.28
CA SER A 643 -52.30 18.94 57.89
C SER A 643 -51.33 18.99 59.04
N TYR A 644 -50.04 18.87 58.73
CA TYR A 644 -48.99 18.95 59.73
C TYR A 644 -47.86 19.80 59.17
N GLU A 645 -46.87 20.09 60.02
CA GLU A 645 -45.66 20.74 59.56
C GLU A 645 -44.95 19.82 58.57
N CYS A 646 -44.31 20.40 57.57
CA CYS A 646 -43.69 19.60 56.52
C CYS A 646 -42.56 18.75 57.09
N ASP A 647 -42.66 17.43 56.90
CA ASP A 647 -41.59 16.51 57.29
C ASP A 647 -40.67 16.21 56.12
N ILE A 648 -41.20 15.61 55.05
CA ILE A 648 -40.44 15.36 53.83
C ILE A 648 -41.16 16.08 52.71
N PRO A 649 -40.53 17.09 52.09
CA PRO A 649 -41.22 17.88 51.06
C PRO A 649 -41.31 17.12 49.75
N ILE A 650 -42.53 16.94 49.28
CA ILE A 650 -42.74 16.31 47.98
C ILE A 650 -42.90 17.35 46.89
N GLY A 651 -43.68 18.38 47.14
CA GLY A 651 -43.82 19.48 46.20
C GLY A 651 -45.26 19.91 46.06
N ALA A 652 -45.44 21.13 45.55
CA ALA A 652 -46.75 21.75 45.36
C ALA A 652 -47.56 21.77 46.65
N GLY A 653 -46.90 21.93 47.79
CA GLY A 653 -47.58 21.95 49.05
C GLY A 653 -47.83 20.60 49.66
N ILE A 654 -47.40 19.52 49.04
CA ILE A 654 -47.60 18.17 49.55
C ILE A 654 -46.32 17.73 50.23
N CYS A 655 -46.45 17.21 51.44
CA CYS A 655 -45.38 16.58 52.19
C CYS A 655 -45.77 15.15 52.55
N ALA A 656 -44.80 14.39 53.04
CA ALA A 656 -45.00 13.01 53.44
C ALA A 656 -44.33 12.76 54.77
N SER A 657 -44.85 11.78 55.51
CA SER A 657 -44.26 11.47 56.80
C SER A 657 -44.66 10.07 57.23
N TYR A 658 -43.92 9.55 58.20
CA TYR A 658 -44.14 8.23 58.76
C TYR A 658 -45.01 8.39 60.00
N GLN A 659 -46.19 7.80 60.00
CA GLN A 659 -47.13 8.05 61.07
C GLN A 659 -47.97 6.82 61.37
N THR A 660 -48.55 6.80 62.57
CA THR A 660 -49.44 5.73 62.96
C THR A 660 -50.73 5.80 62.14
N GLN A 661 -51.12 4.68 61.56
CA GLN A 661 -52.32 4.64 60.74
C GLN A 661 -53.07 3.33 60.95
N SER A 673 -49.60 -0.66 61.68
CA SER A 673 -49.91 0.53 62.48
C SER A 673 -49.24 1.77 61.91
N GLN A 674 -47.96 1.66 61.56
CA GLN A 674 -47.23 2.74 60.94
C GLN A 674 -47.28 2.62 59.42
N SER A 675 -47.38 3.76 58.75
CA SER A 675 -47.30 3.79 57.29
C SER A 675 -46.90 5.19 56.86
N ILE A 676 -46.57 5.32 55.59
CA ILE A 676 -46.20 6.60 55.00
C ILE A 676 -47.47 7.29 54.53
N ILE A 677 -47.71 8.50 55.00
CA ILE A 677 -48.86 9.29 54.59
C ILE A 677 -48.38 10.51 53.83
N ALA A 678 -49.24 11.02 52.96
CA ALA A 678 -49.07 12.28 52.26
C ALA A 678 -50.15 13.25 52.70
N TYR A 679 -49.82 14.53 52.74
CA TYR A 679 -50.77 15.53 53.19
C TYR A 679 -50.36 16.88 52.62
N THR A 680 -51.26 17.85 52.77
CA THR A 680 -50.97 19.23 52.46
C THR A 680 -50.42 19.89 53.71
N MET A 681 -49.26 20.53 53.58
CA MET A 681 -48.61 21.05 54.76
C MET A 681 -49.40 22.21 55.35
N SER A 682 -49.34 22.30 56.68
CA SER A 682 -49.89 23.44 57.39
C SER A 682 -48.82 24.49 57.53
N LEU A 683 -49.21 25.75 57.41
CA LEU A 683 -48.28 26.85 57.53
C LEU A 683 -48.08 27.32 58.96
N GLY A 684 -48.82 26.75 59.90
CA GLY A 684 -48.80 27.20 61.27
C GLY A 684 -50.18 27.15 61.88
N ALA A 685 -50.33 27.62 63.10
CA ALA A 685 -51.61 27.59 63.78
C ALA A 685 -52.28 28.96 63.68
N GLU A 686 -53.57 28.96 63.34
CA GLU A 686 -54.31 30.21 63.24
C GLU A 686 -54.28 30.95 64.57
N ASN A 687 -54.38 32.27 64.50
CA ASN A 687 -54.29 33.11 65.69
C ASN A 687 -54.88 34.48 65.36
N SER A 688 -56.01 34.81 65.97
CA SER A 688 -56.59 36.13 65.82
C SER A 688 -56.18 36.96 67.02
N VAL A 689 -55.51 38.07 66.77
CA VAL A 689 -55.14 38.98 67.83
C VAL A 689 -56.35 39.80 68.19
N ALA A 690 -56.59 39.96 69.49
CA ALA A 690 -57.82 40.59 69.94
C ALA A 690 -57.80 42.08 69.68
N TYR A 691 -57.74 42.47 68.42
CA TYR A 691 -57.64 43.89 68.10
C TYR A 691 -58.92 44.60 68.50
N SER A 692 -58.75 45.71 69.20
CA SER A 692 -59.84 46.60 69.55
C SER A 692 -59.36 48.03 69.41
N ASN A 693 -60.29 48.95 69.38
CA ASN A 693 -59.95 50.32 69.11
C ASN A 693 -59.46 51.04 70.35
N ASN A 694 -59.50 50.41 71.52
CA ASN A 694 -58.84 50.94 72.71
C ASN A 694 -58.26 49.88 73.62
N SER A 695 -57.78 48.76 73.09
CA SER A 695 -57.26 47.68 73.90
C SER A 695 -55.77 47.50 73.66
N ILE A 696 -55.01 47.31 74.72
CA ILE A 696 -53.57 47.10 74.62
C ILE A 696 -53.20 45.86 75.43
N ALA A 697 -52.08 45.25 75.07
CA ALA A 697 -51.50 44.15 75.83
C ALA A 697 -50.08 44.54 76.21
N ILE A 698 -49.73 44.30 77.46
CA ILE A 698 -48.44 44.73 77.98
C ILE A 698 -47.85 43.57 78.76
N PRO A 699 -46.61 43.18 78.51
CA PRO A 699 -46.06 42.01 79.19
C PRO A 699 -45.72 42.31 80.64
N THR A 700 -46.03 41.34 81.50
CA THR A 700 -45.77 41.49 82.92
C THR A 700 -44.56 40.71 83.39
N ASN A 701 -43.94 39.93 82.51
CA ASN A 701 -42.73 39.21 82.85
C ASN A 701 -41.86 39.16 81.62
N PHE A 702 -40.77 38.41 81.69
CA PHE A 702 -39.90 38.23 80.55
C PHE A 702 -39.15 36.92 80.70
N THR A 703 -38.36 36.60 79.69
CA THR A 703 -37.48 35.45 79.74
C THR A 703 -36.23 35.80 78.96
N ILE A 704 -35.13 35.19 79.37
CA ILE A 704 -33.84 35.36 78.71
C ILE A 704 -33.65 34.16 77.81
N SER A 705 -33.43 34.40 76.53
CA SER A 705 -33.20 33.31 75.59
C SER A 705 -31.76 33.35 75.11
N VAL A 706 -31.20 32.17 74.90
CA VAL A 706 -29.90 32.01 74.26
C VAL A 706 -30.12 31.14 73.04
N THR A 707 -29.88 31.68 71.86
CA THR A 707 -29.96 30.91 70.64
C THR A 707 -28.61 30.90 69.96
N THR A 708 -28.49 30.10 68.91
CA THR A 708 -27.22 29.76 68.31
C THR A 708 -27.27 29.97 66.80
N GLU A 709 -26.20 30.53 66.26
CA GLU A 709 -26.05 30.69 64.83
C GLU A 709 -24.70 30.14 64.40
N ILE A 710 -24.68 29.28 63.39
CA ILE A 710 -23.44 28.69 62.89
C ILE A 710 -23.16 29.26 61.52
N LEU A 711 -21.94 29.75 61.30
CA LEU A 711 -21.58 30.38 60.05
C LEU A 711 -20.25 29.82 59.54
N PRO A 712 -20.21 29.32 58.31
CA PRO A 712 -18.92 28.97 57.69
C PRO A 712 -18.08 30.20 57.42
N VAL A 713 -16.78 30.09 57.66
CA VAL A 713 -15.86 31.20 57.51
C VAL A 713 -14.80 30.94 56.46
N SER A 714 -14.21 29.75 56.45
CA SER A 714 -13.17 29.43 55.50
C SER A 714 -13.43 28.04 54.94
N MET A 715 -12.58 27.63 54.01
CA MET A 715 -12.61 26.29 53.47
C MET A 715 -11.17 25.81 53.31
N THR A 716 -11.02 24.60 52.80
CA THR A 716 -9.70 23.99 52.68
C THR A 716 -8.93 24.57 51.50
N LYS A 717 -7.69 24.97 51.75
CA LYS A 717 -6.82 25.48 50.73
C LYS A 717 -6.16 24.33 49.99
N THR A 718 -6.41 24.23 48.69
CA THR A 718 -5.85 23.15 47.89
C THR A 718 -4.93 23.73 46.83
N SER A 719 -3.89 22.99 46.51
CA SER A 719 -2.95 23.36 45.48
C SER A 719 -2.76 22.15 44.57
N VAL A 720 -2.55 22.42 43.30
CA VAL A 720 -2.42 21.38 42.30
C VAL A 720 -1.15 21.64 41.51
N ASP A 721 -0.48 20.57 41.11
CA ASP A 721 0.54 20.62 40.09
C ASP A 721 -0.03 20.02 38.82
N CYS A 722 -0.03 20.79 37.73
CA CYS A 722 -0.48 20.25 36.45
C CYS A 722 0.28 18.98 36.08
N THR A 723 1.60 19.01 36.22
CA THR A 723 2.39 17.93 35.66
C THR A 723 2.00 16.61 36.28
N MET A 724 1.99 16.51 37.60
CA MET A 724 1.72 15.21 38.18
C MET A 724 0.27 14.79 38.05
N TYR A 725 -0.64 15.71 37.73
CA TYR A 725 -2.01 15.30 37.52
C TYR A 725 -2.23 14.88 36.07
N ILE A 726 -1.99 15.81 35.14
CA ILE A 726 -2.25 15.55 33.73
C ILE A 726 -1.30 14.51 33.18
N CYS A 727 -0.01 14.61 33.52
CA CYS A 727 1.00 13.76 32.90
C CYS A 727 1.43 12.60 33.78
N GLY A 728 1.87 12.86 34.99
CA GLY A 728 2.35 11.76 35.80
C GLY A 728 3.66 11.22 35.26
N ASP A 729 4.73 12.00 35.44
CA ASP A 729 6.11 11.66 35.05
C ASP A 729 6.17 10.92 33.70
N SER A 730 5.46 11.48 32.73
CA SER A 730 5.53 11.06 31.33
C SER A 730 6.06 12.25 30.54
N THR A 731 7.35 12.19 30.18
CA THR A 731 8.00 13.34 29.56
C THR A 731 7.40 13.67 28.20
N GLU A 732 6.92 12.67 27.47
CA GLU A 732 6.19 12.90 26.24
C GLU A 732 4.94 13.73 26.51
N CYS A 733 4.19 13.38 27.56
CA CYS A 733 3.05 14.19 27.96
C CYS A 733 3.49 15.57 28.38
N SER A 734 4.63 15.68 29.07
CA SER A 734 5.12 16.99 29.50
C SER A 734 5.35 17.89 28.29
N ASN A 735 5.99 17.35 27.25
CA ASN A 735 6.27 18.15 26.06
C ASN A 735 4.99 18.51 25.30
N LEU A 736 4.07 17.54 25.17
CA LEU A 736 2.81 17.85 24.49
C LEU A 736 2.02 18.91 25.26
N LEU A 737 2.01 18.82 26.58
CA LEU A 737 1.28 19.79 27.41
C LEU A 737 1.92 21.17 27.32
N LEU A 738 3.25 21.23 27.28
CA LEU A 738 3.90 22.52 27.06
C LEU A 738 3.51 23.10 25.71
N GLN A 739 3.42 22.25 24.69
CA GLN A 739 2.98 22.72 23.38
C GLN A 739 1.56 23.26 23.44
N TYR A 740 0.69 22.60 24.20
CA TYR A 740 -0.73 22.93 24.15
C TYR A 740 -0.98 24.36 24.61
N GLY A 741 -0.30 24.79 25.67
CA GLY A 741 -0.46 26.13 26.16
C GLY A 741 0.05 26.26 27.59
N SER A 742 -0.34 27.37 28.22
CA SER A 742 0.08 27.68 29.58
C SER A 742 -1.13 27.80 30.49
N PHE A 743 -2.05 26.84 30.39
CA PHE A 743 -3.15 26.77 31.33
C PHE A 743 -2.67 26.63 32.77
N CYS A 744 -1.45 26.16 32.96
CA CYS A 744 -0.99 25.83 34.30
C CYS A 744 -0.77 27.08 35.14
N THR A 745 -0.16 28.11 34.56
CA THR A 745 -0.03 29.35 35.29
C THR A 745 -1.39 29.90 35.67
N GLN A 746 -2.38 29.75 34.79
CA GLN A 746 -3.69 30.34 35.05
C GLN A 746 -4.43 29.59 36.16
N LEU A 747 -4.44 28.25 36.09
CA LEU A 747 -5.09 27.48 37.15
C LEU A 747 -4.38 27.64 38.47
N LYS A 748 -3.05 27.62 38.46
CA LYS A 748 -2.29 27.81 39.68
C LYS A 748 -2.55 29.20 40.26
N ARG A 749 -2.70 30.21 39.40
CA ARG A 749 -3.00 31.55 39.86
C ARG A 749 -4.37 31.61 40.55
N ALA A 750 -5.37 30.98 39.94
CA ALA A 750 -6.71 31.03 40.53
C ALA A 750 -6.76 30.31 41.87
N LEU A 751 -6.12 29.14 41.96
CA LEU A 751 -6.11 28.44 43.23
C LEU A 751 -5.36 29.21 44.31
N THR A 752 -4.25 29.85 43.94
CA THR A 752 -3.53 30.68 44.91
C THR A 752 -4.39 31.84 45.39
N GLY A 753 -5.15 32.44 44.49
CA GLY A 753 -6.07 33.48 44.91
C GLY A 753 -7.08 32.98 45.91
N ILE A 754 -7.62 31.80 45.68
CA ILE A 754 -8.59 31.23 46.61
C ILE A 754 -7.96 31.03 47.99
N ALA A 755 -6.75 30.50 48.04
CA ALA A 755 -6.10 30.23 49.33
C ALA A 755 -5.81 31.51 50.10
N VAL A 756 -5.29 32.53 49.43
CA VAL A 756 -5.03 33.79 50.09
C VAL A 756 -6.33 34.40 50.60
N GLU A 757 -7.40 34.25 49.84
CA GLU A 757 -8.71 34.73 50.25
C GLU A 757 -9.20 33.99 51.50
N GLN A 758 -8.91 32.70 51.61
CA GLN A 758 -9.30 31.96 52.81
C GLN A 758 -8.65 32.53 54.05
N ASP A 759 -7.35 32.79 53.97
CA ASP A 759 -6.68 33.35 55.13
C ASP A 759 -7.22 34.73 55.47
N LYS A 760 -7.55 35.51 54.45
CA LYS A 760 -8.15 36.83 54.68
C LYS A 760 -9.53 36.72 55.32
N ASN A 761 -10.34 35.75 54.90
CA ASN A 761 -11.64 35.49 55.50
C ASN A 761 -11.51 35.32 57.00
N THR A 762 -10.62 34.42 57.41
CA THR A 762 -10.45 34.15 58.83
C THR A 762 -9.95 35.37 59.56
N GLN A 763 -8.99 36.07 58.96
CA GLN A 763 -8.45 37.28 59.57
C GLN A 763 -9.53 38.31 59.84
N GLU A 764 -10.41 38.54 58.87
CA GLU A 764 -11.38 39.60 59.02
C GLU A 764 -12.62 39.20 59.79
N VAL A 765 -12.78 37.93 60.14
CA VAL A 765 -13.76 37.58 61.16
C VAL A 765 -13.17 37.65 62.56
N PHE A 766 -11.99 37.08 62.80
CA PHE A 766 -11.55 36.85 64.17
C PHE A 766 -10.59 37.89 64.71
N ALA A 767 -9.79 38.54 63.88
CA ALA A 767 -8.83 39.52 64.40
C ALA A 767 -9.45 40.91 64.53
N GLN A 768 -10.59 40.97 65.20
CA GLN A 768 -11.32 42.21 65.42
C GLN A 768 -10.96 42.88 66.72
N VAL A 769 -9.98 42.34 67.44
CA VAL A 769 -9.62 42.82 68.76
C VAL A 769 -8.16 43.25 68.70
N LYS A 770 -7.89 44.45 69.19
CA LYS A 770 -6.56 45.02 69.09
C LYS A 770 -5.59 44.41 70.11
N GLN A 771 -6.04 44.17 71.33
CA GLN A 771 -5.24 43.55 72.36
C GLN A 771 -5.84 42.20 72.73
N ILE A 772 -5.09 41.43 73.50
CA ILE A 772 -5.56 40.15 73.99
C ILE A 772 -6.00 40.36 75.42
N TYR A 773 -7.30 40.51 75.63
CA TYR A 773 -7.85 40.69 76.94
C TYR A 773 -8.00 39.36 77.65
N LYS A 774 -7.73 39.35 78.94
CA LYS A 774 -7.94 38.17 79.76
C LYS A 774 -8.85 38.51 80.93
N THR A 775 -9.55 37.50 81.40
CA THR A 775 -10.55 37.59 82.45
C THR A 775 -9.87 37.61 83.81
N PRO A 776 -10.41 38.30 84.81
CA PRO A 776 -9.78 38.31 86.12
C PRO A 776 -9.79 36.93 86.73
N PRO A 777 -8.84 36.63 87.62
CA PRO A 777 -8.84 35.30 88.27
C PRO A 777 -10.08 35.01 89.07
N ILE A 778 -10.72 36.02 89.64
CA ILE A 778 -11.97 35.84 90.38
C ILE A 778 -13.14 36.03 89.41
N LYS A 779 -13.95 34.98 89.27
CA LYS A 779 -14.94 34.88 88.20
C LYS A 779 -16.35 35.18 88.70
N TYR A 780 -16.52 36.18 89.54
CA TYR A 780 -17.85 36.54 90.00
C TYR A 780 -18.32 37.75 89.20
N PHE A 781 -19.15 37.49 88.18
CA PHE A 781 -19.76 38.54 87.39
C PHE A 781 -21.23 38.74 87.76
N GLY A 782 -21.46 39.11 89.01
CA GLY A 782 -22.79 39.44 89.45
C GLY A 782 -23.77 38.30 89.51
N GLY A 783 -23.31 37.06 89.59
CA GLY A 783 -24.19 35.92 89.61
C GLY A 783 -24.33 35.24 88.28
N PHE A 784 -23.87 35.86 87.21
CA PHE A 784 -23.86 35.26 85.89
C PHE A 784 -22.68 34.32 85.77
N ASN A 785 -22.91 33.18 85.14
CA ASN A 785 -21.94 32.09 85.11
C ASN A 785 -21.55 31.84 83.66
N PHE A 786 -20.33 32.20 83.30
CA PHE A 786 -19.83 32.11 81.95
C PHE A 786 -18.91 30.94 81.73
N SER A 787 -18.94 29.96 82.63
CA SER A 787 -17.95 28.88 82.60
C SER A 787 -18.03 28.05 81.33
N GLN A 788 -19.21 27.91 80.74
CA GLN A 788 -19.35 27.08 79.54
C GLN A 788 -18.75 27.72 78.31
N ILE A 789 -18.45 29.00 78.33
CA ILE A 789 -17.91 29.68 77.17
C ILE A 789 -16.51 30.21 77.42
N LEU A 790 -16.10 30.36 78.65
CA LEU A 790 -14.75 30.80 78.95
C LEU A 790 -13.79 29.64 78.81
N PRO A 791 -12.54 29.91 78.43
CA PRO A 791 -11.60 28.81 78.18
C PRO A 791 -11.36 27.97 79.43
N ASP A 792 -11.23 26.66 79.22
CA ASP A 792 -11.04 25.75 80.34
C ASP A 792 -9.55 25.54 80.57
N PRO A 793 -9.00 25.96 81.72
CA PRO A 793 -7.55 25.91 81.90
C PRO A 793 -7.03 24.52 82.22
N SER A 794 -7.86 23.64 82.77
CA SER A 794 -7.41 22.28 83.08
C SER A 794 -7.03 21.51 81.82
N LYS A 795 -7.83 21.64 80.77
CA LYS A 795 -7.59 20.86 79.57
C LYS A 795 -6.33 21.35 78.85
N PRO A 796 -5.66 20.47 78.11
CA PRO A 796 -4.43 20.89 77.41
C PRO A 796 -4.68 21.94 76.35
N SER A 797 -5.80 21.84 75.64
CA SER A 797 -6.22 22.89 74.73
C SER A 797 -7.02 23.93 75.51
N LYS A 798 -6.78 25.20 75.21
CA LYS A 798 -7.42 26.28 75.95
C LYS A 798 -8.77 26.63 75.32
N ARG A 799 -9.62 25.61 75.26
CA ARG A 799 -10.94 25.69 74.66
C ARG A 799 -12.00 25.55 75.74
N SER A 800 -13.10 26.24 75.55
CA SER A 800 -14.22 26.15 76.47
C SER A 800 -14.93 24.81 76.27
N PRO A 801 -15.77 24.41 77.22
CA PRO A 801 -16.59 23.21 77.00
C PRO A 801 -17.36 23.20 75.70
N ILE A 802 -18.01 24.30 75.34
CA ILE A 802 -18.81 24.32 74.11
C ILE A 802 -17.91 24.26 72.88
N GLU A 803 -16.76 24.92 72.91
CA GLU A 803 -15.84 24.81 71.79
C GLU A 803 -15.32 23.39 71.62
N ASP A 804 -15.02 22.71 72.73
CA ASP A 804 -14.64 21.31 72.65
C ASP A 804 -15.73 20.46 72.05
N LEU A 805 -16.97 20.67 72.49
CA LEU A 805 -18.06 19.90 71.91
C LEU A 805 -18.19 20.16 70.42
N LEU A 806 -18.05 21.41 69.99
CA LEU A 806 -18.13 21.72 68.57
C LEU A 806 -17.01 21.05 67.80
N PHE A 807 -15.80 21.05 68.36
CA PHE A 807 -14.68 20.46 67.65
C PHE A 807 -14.80 18.95 67.58
N ASN A 808 -15.45 18.33 68.55
CA ASN A 808 -15.69 16.89 68.45
C ASN A 808 -16.80 16.58 67.45
N LYS A 809 -17.85 17.39 67.42
CA LYS A 809 -19.01 17.06 66.58
C LYS A 809 -18.65 17.10 65.11
N VAL A 810 -17.83 18.05 64.68
CA VAL A 810 -17.45 18.16 63.28
C VAL A 810 -16.33 17.16 63.00
N THR A 811 -16.55 16.29 62.02
CA THR A 811 -15.59 15.25 61.66
C THR A 811 -14.93 15.63 60.34
N LEU A 812 -13.63 15.93 60.40
CA LEU A 812 -12.90 16.48 59.26
C LEU A 812 -12.18 15.38 58.49
N ALA A 813 -11.67 15.77 57.32
CA ALA A 813 -10.70 15.01 56.55
C ALA A 813 -9.87 16.00 55.75
N ASP A 814 -8.66 15.57 55.36
CA ASP A 814 -7.78 16.38 54.51
C ASP A 814 -7.46 17.73 55.16
N ALA A 815 -6.74 17.66 56.27
CA ALA A 815 -6.34 18.85 57.03
C ALA A 815 -5.45 19.78 56.20
N GLN A 837 -5.50 11.56 46.20
CA GLN A 837 -5.07 12.89 45.76
C GLN A 837 -3.57 13.05 45.95
N LYS A 838 -3.08 12.66 47.12
CA LYS A 838 -1.65 12.77 47.38
C LYS A 838 -0.85 12.00 46.36
N PHE A 839 -1.45 10.97 45.76
CA PHE A 839 -0.80 10.29 44.65
C PHE A 839 -0.72 11.15 43.40
N ASN A 840 -1.60 12.16 43.25
CA ASN A 840 -1.88 12.76 41.95
C ASN A 840 -1.56 14.24 41.89
N GLY A 841 -0.65 14.74 42.72
CA GLY A 841 -0.28 16.14 42.63
C GLY A 841 -1.23 17.11 43.30
N LEU A 842 -2.15 16.63 44.12
CA LEU A 842 -3.07 17.49 44.85
C LEU A 842 -2.61 17.57 46.31
N THR A 843 -2.41 18.78 46.80
CA THR A 843 -1.92 18.98 48.15
C THR A 843 -2.84 19.95 48.88
N VAL A 844 -2.80 19.88 50.20
CA VAL A 844 -3.64 20.68 51.07
C VAL A 844 -2.75 21.56 51.91
N LEU A 845 -2.93 22.84 51.81
CA LEU A 845 -2.12 23.82 52.51
C LEU A 845 -2.73 24.14 53.86
N PRO A 846 -1.94 24.21 54.94
CA PRO A 846 -2.53 24.50 56.23
C PRO A 846 -2.97 25.95 56.33
N PRO A 847 -3.99 26.25 57.12
CA PRO A 847 -4.35 27.65 57.33
C PRO A 847 -3.28 28.36 58.14
N LEU A 848 -3.22 29.68 57.95
CA LEU A 848 -2.17 30.46 58.58
C LEU A 848 -2.37 30.55 60.09
N LEU A 849 -3.60 30.74 60.54
CA LEU A 849 -3.92 30.77 61.96
C LEU A 849 -4.27 29.37 62.42
N THR A 850 -3.56 28.88 63.42
CA THR A 850 -3.90 27.60 63.98
C THR A 850 -5.15 27.70 64.82
N ASP A 851 -5.76 26.56 65.12
CA ASP A 851 -7.00 26.54 65.88
C ASP A 851 -6.82 27.10 67.28
N GLU A 852 -5.62 26.95 67.84
CA GLU A 852 -5.31 27.55 69.12
C GLU A 852 -5.30 29.07 69.03
N MET A 853 -4.80 29.63 67.94
CA MET A 853 -4.81 31.07 67.76
C MET A 853 -6.23 31.60 67.61
N ILE A 854 -7.08 30.89 66.86
CA ILE A 854 -8.48 31.26 66.72
C ILE A 854 -9.16 31.22 68.08
N ALA A 855 -8.84 30.22 68.89
CA ALA A 855 -9.40 30.17 70.24
C ALA A 855 -8.92 31.33 71.09
N GLN A 856 -7.70 31.81 70.87
CA GLN A 856 -7.20 32.96 71.63
C GLN A 856 -7.93 34.25 71.26
N TYR A 857 -8.10 34.51 69.97
CA TYR A 857 -9.04 35.52 69.51
C TYR A 857 -10.42 35.42 70.14
N THR A 858 -11.04 34.25 70.10
CA THR A 858 -12.35 34.12 70.71
C THR A 858 -12.32 34.44 72.19
N SER A 859 -11.29 33.97 72.88
CA SER A 859 -11.15 34.21 74.31
C SER A 859 -11.01 35.70 74.62
N ALA A 860 -10.26 36.42 73.81
CA ALA A 860 -10.08 37.84 74.01
C ALA A 860 -11.35 38.62 73.72
N LEU A 861 -12.08 38.26 72.66
CA LEU A 861 -13.36 38.90 72.38
C LEU A 861 -14.33 38.70 73.53
N LEU A 862 -14.38 37.49 74.05
CA LEU A 862 -15.30 37.16 75.11
C LEU A 862 -14.92 37.87 76.41
N ALA A 863 -13.63 37.92 76.73
CA ALA A 863 -13.17 38.61 77.93
C ALA A 863 -13.41 40.11 77.84
N GLY A 864 -13.17 40.72 76.69
CA GLY A 864 -13.48 42.12 76.53
C GLY A 864 -14.95 42.42 76.70
N THR A 865 -15.81 41.59 76.13
CA THR A 865 -17.24 41.78 76.31
C THR A 865 -17.63 41.68 77.78
N ILE A 866 -17.11 40.69 78.49
CA ILE A 866 -17.55 40.48 79.86
C ILE A 866 -17.03 41.59 80.76
N THR A 867 -15.82 42.06 80.54
CA THR A 867 -15.25 43.00 81.49
C THR A 867 -15.43 44.46 81.11
N SER A 868 -15.74 44.77 79.87
CA SER A 868 -15.81 46.16 79.46
C SER A 868 -17.07 46.53 78.72
N GLY A 869 -17.90 45.59 78.33
CA GLY A 869 -19.09 45.93 77.59
C GLY A 869 -18.81 46.10 76.13
N TRP A 870 -19.27 47.21 75.57
CA TRP A 870 -19.02 47.51 74.17
C TRP A 870 -17.93 48.54 73.99
N THR A 871 -17.24 48.93 75.05
CA THR A 871 -16.28 50.00 74.94
C THR A 871 -14.97 49.56 74.29
N PHE A 872 -14.63 48.28 74.36
CA PHE A 872 -13.35 47.84 73.81
C PHE A 872 -13.35 47.78 72.31
N GLY A 873 -14.52 47.82 71.67
CA GLY A 873 -14.59 47.82 70.23
C GLY A 873 -14.55 49.21 69.64
N ALA A 874 -14.86 50.23 70.44
CA ALA A 874 -14.90 51.61 70.00
C ALA A 874 -13.69 52.43 70.43
N GLY A 875 -12.79 51.88 71.23
CA GLY A 875 -11.67 52.61 71.75
C GLY A 875 -10.92 51.80 72.77
N PRO A 876 -10.43 52.45 73.82
CA PRO A 876 -9.86 51.71 74.96
C PRO A 876 -10.95 50.99 75.74
N ALA A 877 -10.61 49.82 76.25
CA ALA A 877 -11.55 49.06 77.06
C ALA A 877 -11.70 49.71 78.41
N LEU A 878 -12.92 50.12 78.74
CA LEU A 878 -13.23 50.73 80.02
C LEU A 878 -14.02 49.73 80.83
N GLN A 879 -13.55 49.42 82.02
CA GLN A 879 -14.20 48.41 82.83
C GLN A 879 -15.50 48.94 83.40
N ILE A 880 -16.44 48.03 83.59
CA ILE A 880 -17.74 48.34 84.16
C ILE A 880 -18.22 47.06 84.84
N PRO A 881 -18.87 47.13 86.01
CA PRO A 881 -19.43 45.92 86.60
C PRO A 881 -20.46 45.30 85.67
N PHE A 882 -20.49 43.98 85.64
CA PHE A 882 -21.35 43.29 84.68
C PHE A 882 -22.84 43.59 84.85
N PRO A 883 -23.40 43.63 86.05
CA PRO A 883 -24.80 44.05 86.16
C PRO A 883 -25.07 45.46 85.68
N MET A 884 -24.15 46.39 85.83
CA MET A 884 -24.33 47.71 85.27
C MET A 884 -24.36 47.66 83.74
N GLN A 885 -23.54 46.81 83.16
CA GLN A 885 -23.58 46.61 81.72
C GLN A 885 -24.90 46.02 81.26
N MET A 886 -25.43 45.05 82.01
CA MET A 886 -26.75 44.51 81.68
C MET A 886 -27.83 45.54 81.82
N ALA A 887 -27.69 46.46 82.77
CA ALA A 887 -28.63 47.57 82.88
C ALA A 887 -28.58 48.47 81.66
N TYR A 888 -27.39 48.73 81.14
CA TYR A 888 -27.26 49.46 79.88
C TYR A 888 -27.96 48.73 78.74
N ARG A 889 -27.78 47.42 78.66
CA ARG A 889 -28.42 46.63 77.61
C ARG A 889 -29.93 46.67 77.74
N PHE A 890 -30.43 46.67 78.96
CA PHE A 890 -31.87 46.79 79.17
C PHE A 890 -32.38 48.16 78.77
N ASN A 891 -31.58 49.19 78.99
CA ASN A 891 -31.92 50.52 78.47
C ASN A 891 -31.96 50.52 76.96
N GLY A 892 -31.06 49.79 76.31
CA GLY A 892 -31.01 49.78 74.87
C GLY A 892 -32.16 49.07 74.20
N ILE A 893 -32.97 48.33 74.97
CA ILE A 893 -34.16 47.70 74.41
C ILE A 893 -35.43 48.33 74.94
N GLY A 894 -35.35 49.46 75.61
CA GLY A 894 -36.52 50.16 76.06
C GLY A 894 -37.05 49.78 77.40
N VAL A 895 -36.33 49.02 78.19
CA VAL A 895 -36.71 48.71 79.56
C VAL A 895 -35.86 49.56 80.48
N THR A 896 -36.40 49.93 81.62
CA THR A 896 -35.61 50.72 82.55
C THR A 896 -34.65 49.82 83.31
N GLN A 897 -33.64 50.43 83.93
CA GLN A 897 -32.62 49.65 84.59
C GLN A 897 -33.02 49.15 85.96
N ASN A 898 -33.99 49.79 86.60
CA ASN A 898 -34.49 49.25 87.84
C ASN A 898 -35.13 47.90 87.64
N VAL A 899 -35.63 47.59 86.45
CA VAL A 899 -36.16 46.27 86.17
C VAL A 899 -35.06 45.23 86.32
N LEU A 900 -33.91 45.49 85.73
CA LEU A 900 -32.75 44.63 85.91
C LEU A 900 -32.36 44.51 87.37
N TYR A 901 -32.20 45.65 88.04
CA TYR A 901 -31.65 45.61 89.38
C TYR A 901 -32.59 44.96 90.37
N GLU A 902 -33.89 45.00 90.10
CA GLU A 902 -34.86 44.38 90.98
C GLU A 902 -35.14 42.93 90.61
N ASN A 903 -34.78 42.49 89.42
CA ASN A 903 -34.94 41.07 89.08
C ASN A 903 -33.60 40.42 88.78
N GLN A 904 -32.52 40.93 89.39
CA GLN A 904 -31.18 40.49 89.03
C GLN A 904 -30.98 38.98 89.17
N LYS A 905 -31.39 38.39 90.30
CA LYS A 905 -31.15 36.96 90.49
C LYS A 905 -31.99 36.12 89.55
N LEU A 906 -33.22 36.53 89.29
CA LEU A 906 -34.04 35.83 88.31
C LEU A 906 -33.41 35.88 86.93
N ILE A 907 -32.89 37.04 86.54
CA ILE A 907 -32.29 37.17 85.22
C ILE A 907 -31.01 36.33 85.12
N ALA A 908 -30.21 36.32 86.19
CA ALA A 908 -29.01 35.50 86.17
C ALA A 908 -29.34 34.02 86.11
N ASN A 909 -30.35 33.58 86.85
CA ASN A 909 -30.75 32.18 86.80
C ASN A 909 -31.25 31.81 85.41
N GLN A 910 -32.04 32.66 84.80
CA GLN A 910 -32.53 32.38 83.46
C GLN A 910 -31.39 32.30 82.46
N PHE A 911 -30.42 33.20 82.56
CA PHE A 911 -29.28 33.15 81.66
C PHE A 911 -28.49 31.86 81.84
N ASN A 912 -28.25 31.46 83.09
CA ASN A 912 -27.48 30.25 83.36
C ASN A 912 -28.19 29.01 82.84
N SER A 913 -29.51 28.94 83.03
CA SER A 913 -30.27 27.82 82.51
C SER A 913 -30.22 27.76 80.99
N ALA A 914 -30.35 28.91 80.33
CA ALA A 914 -30.33 28.93 78.88
C ALA A 914 -28.98 28.48 78.33
N ILE A 915 -27.88 28.88 78.98
CA ILE A 915 -26.56 28.39 78.58
C ILE A 915 -26.45 26.88 78.74
N GLY A 916 -26.93 26.34 79.86
CA GLY A 916 -26.91 24.90 80.04
C GLY A 916 -27.69 24.17 78.96
N LYS A 917 -28.84 24.72 78.58
CA LYS A 917 -29.61 24.11 77.50
C LYS A 917 -28.88 24.18 76.18
N ILE A 918 -28.10 25.24 75.93
CA ILE A 918 -27.29 25.30 74.72
C ILE A 918 -26.31 24.13 74.68
N GLN A 919 -25.63 23.92 75.80
CA GLN A 919 -24.71 22.79 75.91
C GLN A 919 -25.40 21.48 75.52
N ASP A 920 -26.55 21.21 76.16
CA ASP A 920 -27.26 19.96 75.88
C ASP A 920 -27.74 19.88 74.44
N SER A 921 -28.30 20.96 73.92
CA SER A 921 -28.91 20.94 72.59
C SER A 921 -27.88 20.69 71.51
N LEU A 922 -26.72 21.33 71.60
CA LEU A 922 -25.69 21.03 70.62
C LEU A 922 -25.14 19.62 70.82
N SER A 923 -25.07 19.16 72.07
CA SER A 923 -24.56 17.81 72.31
C SER A 923 -25.43 16.74 71.68
N SER A 924 -26.75 16.88 71.82
CA SER A 924 -27.64 15.77 71.48
C SER A 924 -28.03 15.75 70.01
N THR A 925 -28.35 16.89 69.43
CA THR A 925 -28.86 16.93 68.07
C THR A 925 -27.74 16.58 67.09
N PRO A 926 -27.94 15.63 66.17
CA PRO A 926 -26.91 15.28 65.20
C PRO A 926 -26.67 16.35 64.14
N SER A 927 -27.74 16.79 63.47
CA SER A 927 -27.60 17.69 62.34
C SER A 927 -27.68 19.16 62.77
N ALA A 928 -26.87 19.52 63.77
CA ALA A 928 -26.83 20.89 64.24
C ALA A 928 -25.75 21.70 63.51
N LEU A 929 -24.62 21.06 63.23
CA LEU A 929 -23.49 21.69 62.58
C LEU A 929 -23.48 21.43 61.09
N GLY A 930 -24.65 21.42 60.46
CA GLY A 930 -24.76 20.90 59.11
C GLY A 930 -24.09 21.76 58.06
N LYS A 931 -24.01 23.08 58.31
CA LYS A 931 -23.38 23.97 57.34
C LYS A 931 -21.89 23.70 57.22
N LEU A 932 -21.22 23.53 58.34
CA LEU A 932 -19.79 23.28 58.33
C LEU A 932 -19.48 21.95 57.65
N GLN A 933 -20.27 20.94 57.97
CA GLN A 933 -20.13 19.64 57.32
C GLN A 933 -20.41 19.75 55.83
N ASP A 934 -21.36 20.57 55.44
CA ASP A 934 -21.63 20.74 54.01
C ASP A 934 -20.43 21.29 53.29
N VAL A 935 -19.76 22.28 53.88
CA VAL A 935 -18.57 22.83 53.24
C VAL A 935 -17.51 21.74 53.08
N VAL A 936 -17.27 20.99 54.16
CA VAL A 936 -16.26 19.93 54.11
C VAL A 936 -16.62 18.87 53.07
N ASN A 937 -17.87 18.45 53.06
CA ASN A 937 -18.31 17.38 52.15
C ASN A 937 -18.22 17.82 50.71
N HIS A 938 -18.61 19.06 50.41
CA HIS A 938 -18.53 19.52 49.04
C HIS A 938 -17.09 19.57 48.56
N ASN A 939 -16.17 20.02 49.42
CA ASN A 939 -14.78 20.04 49.00
C ASN A 939 -14.26 18.63 48.74
N ALA A 940 -14.59 17.68 49.61
CA ALA A 940 -14.15 16.31 49.42
C ALA A 940 -14.75 15.70 48.15
N GLN A 941 -16.02 15.95 47.88
CA GLN A 941 -16.66 15.46 46.67
C GLN A 941 -15.97 16.00 45.43
N ALA A 942 -15.65 17.29 45.43
CA ALA A 942 -15.00 17.88 44.26
C ALA A 942 -13.63 17.25 44.03
N LEU A 943 -12.85 17.06 45.09
CA LEU A 943 -11.54 16.45 44.93
C LEU A 943 -11.65 15.02 44.44
N ASN A 944 -12.62 14.26 44.97
CA ASN A 944 -12.77 12.87 44.54
C ASN A 944 -13.20 12.78 43.09
N THR A 945 -14.09 13.66 42.65
CA THR A 945 -14.43 13.68 41.24
C THR A 945 -13.22 14.01 40.38
N LEU A 946 -12.40 14.95 40.82
CA LEU A 946 -11.19 15.28 40.07
C LEU A 946 -10.26 14.08 39.96
N VAL A 947 -10.09 13.34 41.05
CA VAL A 947 -9.23 12.16 41.01
C VAL A 947 -9.83 11.08 40.12
N LYS A 948 -11.13 10.85 40.22
CA LYS A 948 -11.77 9.83 39.40
C LYS A 948 -11.67 10.16 37.92
N GLN A 949 -11.60 11.44 37.57
CA GLN A 949 -11.49 11.80 36.17
C GLN A 949 -10.19 11.32 35.54
N LEU A 950 -9.22 10.88 36.35
CA LEU A 950 -7.95 10.42 35.78
C LEU A 950 -8.08 9.03 35.17
N SER A 951 -8.96 8.18 35.69
CA SER A 951 -9.13 6.82 35.20
C SER A 951 -10.24 6.73 34.16
N SER A 952 -10.42 7.76 33.35
CA SER A 952 -11.39 7.75 32.27
C SER A 952 -10.67 7.94 30.95
N LYS A 953 -11.13 7.24 29.91
CA LYS A 953 -10.39 7.21 28.65
C LYS A 953 -10.57 8.47 27.83
N PHE A 954 -11.71 9.15 27.95
CA PHE A 954 -11.98 10.37 27.18
C PHE A 954 -11.83 10.13 25.69
N GLY A 955 -12.25 8.95 25.24
CA GLY A 955 -12.17 8.56 23.86
C GLY A 955 -10.88 7.87 23.46
N ALA A 956 -9.83 8.00 24.26
CA ALA A 956 -8.58 7.33 23.95
C ALA A 956 -8.69 5.84 24.21
N ILE A 957 -7.79 5.08 23.57
CA ILE A 957 -7.86 3.63 23.65
C ILE A 957 -7.30 3.08 24.97
N SER A 958 -6.87 3.95 25.86
CA SER A 958 -6.43 3.55 27.19
C SER A 958 -6.37 4.80 28.07
N SER A 959 -6.29 4.57 29.37
CA SER A 959 -6.19 5.67 30.34
C SER A 959 -4.87 5.65 31.10
N VAL A 960 -3.92 4.82 30.71
CA VAL A 960 -2.61 4.76 31.36
C VAL A 960 -1.57 5.18 30.33
N LEU A 961 -0.97 6.35 30.54
CA LEU A 961 -0.05 6.91 29.55
C LEU A 961 1.07 5.96 29.20
N ASN A 962 1.51 5.14 30.16
CA ASN A 962 2.54 4.15 29.85
C ASN A 962 2.05 3.16 28.82
N ASP A 963 0.78 2.77 28.88
CA ASP A 963 0.25 1.83 27.90
C ASP A 963 0.17 2.44 26.51
N ILE A 964 -0.32 3.67 26.41
CA ILE A 964 -0.34 4.35 25.11
C ILE A 964 1.07 4.46 24.56
N LEU A 965 2.05 4.73 25.42
CA LEU A 965 3.43 4.83 24.96
C LEU A 965 3.95 3.49 24.45
N SER A 966 3.81 2.44 25.25
CA SER A 966 4.47 1.17 24.95
C SER A 966 3.79 0.44 23.80
N ARG A 967 2.46 0.39 23.82
CA ARG A 967 1.72 -0.45 22.89
C ARG A 967 1.48 0.19 21.54
N LEU A 968 1.81 1.46 21.37
CA LEU A 968 1.59 2.16 20.11
C LEU A 968 2.86 2.84 19.63
N ASP A 969 2.72 3.56 18.52
CA ASP A 969 3.76 4.24 17.79
C ASP A 969 3.54 5.75 17.82
N PRO A 970 4.59 6.54 17.62
CA PRO A 970 4.45 8.01 17.77
C PRO A 970 3.30 8.62 16.97
N PRO A 971 3.13 8.32 15.67
CA PRO A 971 2.07 9.03 14.92
C PRO A 971 0.67 8.68 15.37
N GLU A 972 0.51 7.78 16.34
CA GLU A 972 -0.79 7.50 16.94
C GLU A 972 -0.79 7.64 18.45
N ALA A 973 0.28 7.18 19.12
CA ALA A 973 0.38 7.38 20.56
C ALA A 973 0.43 8.85 20.91
N GLU A 974 1.09 9.65 20.08
CA GLU A 974 1.13 11.09 20.32
C GLU A 974 -0.27 11.70 20.28
N VAL A 975 -1.07 11.33 19.27
CA VAL A 975 -2.42 11.87 19.17
C VAL A 975 -3.28 11.40 20.33
N GLN A 976 -3.18 10.13 20.70
CA GLN A 976 -3.96 9.62 21.81
C GLN A 976 -3.60 10.33 23.12
N ILE A 977 -2.31 10.54 23.34
CA ILE A 977 -1.87 11.26 24.54
C ILE A 977 -2.38 12.68 24.52
N ASP A 978 -2.37 13.32 23.35
CA ASP A 978 -2.88 14.69 23.26
C ASP A 978 -4.36 14.75 23.58
N ARG A 979 -5.11 13.74 23.17
CA ARG A 979 -6.54 13.70 23.53
C ARG A 979 -6.71 13.53 25.03
N LEU A 980 -5.89 12.69 25.65
CA LEU A 980 -5.93 12.60 27.11
C LEU A 980 -5.59 13.94 27.76
N ILE A 981 -4.61 14.65 27.22
CA ILE A 981 -4.24 15.94 27.79
C ILE A 981 -5.39 16.93 27.68
N THR A 982 -6.08 16.95 26.54
CA THR A 982 -7.22 17.85 26.42
C THR A 982 -8.30 17.50 27.44
N GLY A 983 -8.59 16.21 27.61
CA GLY A 983 -9.60 15.83 28.59
C GLY A 983 -9.22 16.22 30.00
N ARG A 984 -7.96 16.00 30.37
CA ARG A 984 -7.55 16.27 31.75
C ARG A 984 -7.46 17.76 32.01
N LEU A 985 -7.04 18.55 31.02
CA LEU A 985 -7.11 19.99 31.20
C LEU A 985 -8.53 20.44 31.41
N GLN A 986 -9.48 19.89 30.64
CA GLN A 986 -10.87 20.31 30.80
C GLN A 986 -11.38 19.96 32.19
N SER A 987 -11.04 18.78 32.69
CA SER A 987 -11.51 18.40 34.03
C SER A 987 -10.91 19.29 35.10
N LEU A 988 -9.62 19.62 34.99
CA LEU A 988 -8.99 20.50 35.96
C LEU A 988 -9.60 21.89 35.92
N GLN A 989 -9.89 22.41 34.72
CA GLN A 989 -10.52 23.71 34.60
C GLN A 989 -11.92 23.71 35.21
N THR A 990 -12.67 22.62 35.01
CA THR A 990 -13.96 22.50 35.66
C THR A 990 -13.83 22.57 37.17
N TYR A 991 -12.86 21.84 37.73
CA TYR A 991 -12.66 21.89 39.16
C TYR A 991 -12.35 23.29 39.64
N VAL A 992 -11.48 24.01 38.94
CA VAL A 992 -11.08 25.34 39.38
C VAL A 992 -12.26 26.30 39.34
N THR A 993 -13.10 26.20 38.30
CA THR A 993 -14.23 27.12 38.23
C THR A 993 -15.27 26.82 39.31
N GLN A 994 -15.52 25.54 39.60
CA GLN A 994 -16.40 25.22 40.71
C GLN A 994 -15.85 25.75 42.02
N GLN A 995 -14.53 25.66 42.19
CA GLN A 995 -13.88 26.18 43.39
C GLN A 995 -14.06 27.68 43.51
N LEU A 996 -13.96 28.39 42.39
CA LEU A 996 -14.17 29.84 42.42
C LEU A 996 -15.58 30.20 42.86
N ILE A 997 -16.58 29.49 42.33
CA ILE A 997 -17.96 29.75 42.72
C ILE A 997 -18.18 29.44 44.21
N ARG A 998 -17.64 28.32 44.67
CA ARG A 998 -17.78 27.96 46.07
C ARG A 998 -17.06 28.93 47.00
N ALA A 999 -15.93 29.47 46.56
CA ALA A 999 -15.22 30.46 47.36
C ALA A 999 -15.96 31.79 47.40
N ALA A 1000 -16.68 32.14 46.34
CA ALA A 1000 -17.55 33.30 46.41
C ALA A 1000 -18.61 33.11 47.48
N GLU A 1001 -19.20 31.92 47.55
CA GLU A 1001 -20.19 31.66 48.60
C GLU A 1001 -19.59 31.74 50.00
N ILE A 1002 -18.42 31.14 50.20
CA ILE A 1002 -17.75 31.23 51.50
C ILE A 1002 -17.39 32.67 51.85
N ARG A 1003 -17.04 33.47 50.86
CA ARG A 1003 -16.70 34.86 51.14
C ARG A 1003 -17.93 35.65 51.56
N ALA A 1004 -19.07 35.39 50.94
CA ALA A 1004 -20.30 36.01 51.41
C ALA A 1004 -20.59 35.64 52.85
N SER A 1005 -20.46 34.35 53.18
CA SER A 1005 -20.69 33.90 54.55
C SER A 1005 -19.74 34.56 55.53
N ALA A 1006 -18.47 34.69 55.16
CA ALA A 1006 -17.50 35.28 56.06
C ALA A 1006 -17.68 36.77 56.22
N ASN A 1007 -18.14 37.46 55.18
CA ASN A 1007 -18.49 38.87 55.32
C ASN A 1007 -19.65 39.04 56.28
N LEU A 1008 -20.65 38.17 56.19
CA LEU A 1008 -21.76 38.23 57.13
C LEU A 1008 -21.30 37.92 58.55
N ALA A 1009 -20.42 36.94 58.72
CA ALA A 1009 -19.95 36.58 60.05
C ALA A 1009 -19.11 37.68 60.67
N ALA A 1010 -18.35 38.41 59.85
CA ALA A 1010 -17.61 39.56 60.35
C ALA A 1010 -18.51 40.71 60.71
N THR A 1011 -19.57 40.94 59.93
CA THR A 1011 -20.53 41.97 60.30
C THR A 1011 -21.22 41.65 61.60
N LYS A 1012 -21.60 40.38 61.79
CA LYS A 1012 -22.20 39.96 63.05
C LYS A 1012 -21.21 40.08 64.20
N MET A 1013 -19.95 39.76 63.97
CA MET A 1013 -18.98 39.89 65.03
C MET A 1013 -18.87 41.33 65.49
N SER A 1014 -18.76 42.27 64.56
CA SER A 1014 -18.62 43.65 64.98
C SER A 1014 -19.92 44.24 65.51
N GLU A 1015 -21.06 43.84 64.99
CA GLU A 1015 -22.31 44.47 65.36
C GLU A 1015 -23.09 43.77 66.45
N CYS A 1016 -22.69 42.62 66.86
CA CYS A 1016 -23.44 41.91 67.88
C CYS A 1016 -22.60 41.50 69.07
N VAL A 1017 -21.35 41.15 68.85
CA VAL A 1017 -20.44 40.91 69.95
C VAL A 1017 -19.81 42.21 70.42
N LEU A 1018 -19.47 43.09 69.50
CA LEU A 1018 -18.82 44.34 69.83
C LEU A 1018 -19.80 45.47 70.04
N GLY A 1019 -21.08 45.22 69.90
CA GLY A 1019 -22.08 46.21 70.20
C GLY A 1019 -23.36 45.56 70.61
N GLN A 1020 -24.42 46.35 70.70
CA GLN A 1020 -25.78 45.85 70.87
C GLN A 1020 -26.59 46.35 69.69
N SER A 1021 -27.21 45.44 68.97
CA SER A 1021 -27.79 45.76 67.68
C SER A 1021 -29.28 46.04 67.81
N LYS A 1022 -29.75 47.02 67.03
CA LYS A 1022 -31.16 47.35 66.95
C LYS A 1022 -31.87 46.70 65.78
N ARG A 1023 -31.11 46.23 64.79
CA ARG A 1023 -31.71 45.55 63.66
C ARG A 1023 -32.45 44.31 64.12
N VAL A 1024 -33.66 44.14 63.61
CA VAL A 1024 -34.56 43.10 64.05
C VAL A 1024 -34.09 41.77 63.48
N ASP A 1025 -33.98 40.77 64.33
CA ASP A 1025 -33.62 39.40 63.96
C ASP A 1025 -32.27 39.30 63.28
N PHE A 1026 -31.42 40.31 63.42
CA PHE A 1026 -30.07 40.19 62.92
C PHE A 1026 -29.25 39.30 63.82
N CYS A 1027 -29.53 39.33 65.10
CA CYS A 1027 -28.83 38.53 66.06
C CYS A 1027 -29.83 37.91 67.00
N GLY A 1028 -30.42 36.80 66.58
CA GLY A 1028 -31.38 36.09 67.38
C GLY A 1028 -32.77 36.70 67.30
N LYS A 1029 -33.73 35.91 67.77
CA LYS A 1029 -35.14 36.29 67.72
C LYS A 1029 -35.53 36.83 69.10
N GLY A 1030 -35.94 38.08 69.14
CA GLY A 1030 -36.17 38.80 70.37
C GLY A 1030 -35.43 40.10 70.34
N TYR A 1031 -35.37 40.76 71.48
CA TYR A 1031 -34.60 41.98 71.61
C TYR A 1031 -33.19 41.65 72.03
N HIS A 1032 -32.22 42.03 71.21
CA HIS A 1032 -30.84 41.62 71.40
C HIS A 1032 -30.25 42.27 72.63
N LEU A 1033 -29.67 41.46 73.51
CA LEU A 1033 -28.87 41.95 74.62
C LEU A 1033 -27.39 41.75 74.38
N MET A 1034 -26.94 40.52 74.18
CA MET A 1034 -25.52 40.24 74.06
C MET A 1034 -25.31 39.14 73.05
N SER A 1035 -24.10 39.02 72.55
CA SER A 1035 -23.70 37.86 71.78
C SER A 1035 -22.31 37.47 72.20
N PHE A 1036 -22.04 36.17 72.11
CA PHE A 1036 -20.76 35.59 72.46
C PHE A 1036 -20.28 34.77 71.27
N PRO A 1037 -19.02 34.90 70.85
CA PRO A 1037 -18.49 34.03 69.81
C PRO A 1037 -17.84 32.78 70.37
N GLN A 1038 -17.89 31.72 69.58
CA GLN A 1038 -17.16 30.49 69.84
C GLN A 1038 -16.61 29.99 68.52
N SER A 1039 -15.35 29.61 68.49
CA SER A 1039 -14.76 29.13 67.25
C SER A 1039 -15.17 27.69 66.99
N ALA A 1040 -15.51 27.41 65.75
CA ALA A 1040 -15.87 26.08 65.31
C ALA A 1040 -14.92 25.71 64.20
N PRO A 1041 -14.75 24.44 63.91
CA PRO A 1041 -13.90 24.04 62.79
C PRO A 1041 -14.33 24.68 61.47
N HIS A 1042 -13.47 25.54 60.93
CA HIS A 1042 -13.73 26.30 59.71
C HIS A 1042 -14.91 27.25 59.82
N GLY A 1043 -15.27 27.64 61.03
CA GLY A 1043 -16.46 28.45 61.17
C GLY A 1043 -16.53 29.13 62.50
N VAL A 1044 -17.64 29.78 62.73
CA VAL A 1044 -17.89 30.47 63.99
C VAL A 1044 -19.30 30.16 64.44
N VAL A 1045 -19.53 30.25 65.74
CA VAL A 1045 -20.82 30.05 66.35
C VAL A 1045 -21.09 31.27 67.22
N PHE A 1046 -22.28 31.83 67.09
CA PHE A 1046 -22.71 32.95 67.91
C PHE A 1046 -23.80 32.49 68.84
N LEU A 1047 -23.62 32.73 70.12
CA LEU A 1047 -24.67 32.56 71.11
C LEU A 1047 -25.27 33.93 71.36
N HIS A 1048 -26.51 34.10 70.97
CA HIS A 1048 -27.24 35.35 71.10
C HIS A 1048 -28.12 35.30 72.33
N VAL A 1049 -27.91 36.22 73.25
CA VAL A 1049 -28.75 36.43 74.40
C VAL A 1049 -29.74 37.53 74.07
N THR A 1050 -31.02 37.18 74.08
CA THR A 1050 -32.10 38.10 73.77
C THR A 1050 -33.10 38.12 74.91
N TYR A 1051 -33.90 39.18 74.90
CA TYR A 1051 -34.98 39.42 75.84
C TYR A 1051 -36.29 39.10 75.17
N VAL A 1052 -37.12 38.28 75.79
CA VAL A 1052 -38.41 37.92 75.24
C VAL A 1052 -39.49 38.30 76.24
N PRO A 1053 -40.49 39.10 75.87
CA PRO A 1053 -41.61 39.36 76.78
C PRO A 1053 -42.47 38.13 76.99
N ALA A 1054 -42.97 37.95 78.22
CA ALA A 1054 -43.57 36.67 78.55
C ALA A 1054 -45.05 36.70 78.86
N GLN A 1055 -45.52 37.41 79.87
CA GLN A 1055 -46.85 37.14 80.43
C GLN A 1055 -47.74 38.37 80.29
N GLU A 1056 -48.39 38.49 79.15
CA GLU A 1056 -49.08 39.72 78.79
C GLU A 1056 -50.45 39.79 79.48
N LYS A 1057 -50.95 41.01 79.64
CA LYS A 1057 -52.27 41.24 80.21
C LYS A 1057 -52.99 42.23 79.33
N ASN A 1058 -54.32 42.17 79.34
CA ASN A 1058 -55.14 43.15 78.66
C ASN A 1058 -55.30 44.40 79.51
N PHE A 1059 -55.30 45.55 78.86
CA PHE A 1059 -55.66 46.80 79.50
C PHE A 1059 -56.42 47.64 78.52
N THR A 1060 -57.16 48.60 79.04
CA THR A 1060 -57.77 49.66 78.24
C THR A 1060 -56.75 50.78 78.16
N THR A 1061 -56.65 51.41 77.00
CA THR A 1061 -55.63 52.42 76.80
C THR A 1061 -56.24 53.70 76.29
N ALA A 1062 -55.57 54.81 76.57
CA ALA A 1062 -56.02 56.08 76.03
C ALA A 1062 -54.87 56.83 75.38
N PRO A 1063 -55.13 57.55 74.28
CA PRO A 1063 -54.05 58.34 73.67
C PRO A 1063 -53.61 59.54 74.49
N ALA A 1064 -54.56 60.29 75.03
CA ALA A 1064 -54.26 61.46 75.84
C ALA A 1064 -55.17 61.42 77.05
N ILE A 1065 -54.95 62.35 77.98
CA ILE A 1065 -55.81 62.52 79.13
C ILE A 1065 -56.17 63.99 79.27
N CYS A 1066 -57.45 64.26 79.52
CA CYS A 1066 -57.94 65.62 79.75
C CYS A 1066 -57.73 66.05 81.19
N HIS A 1067 -57.24 67.26 81.38
CA HIS A 1067 -57.19 67.85 82.71
C HIS A 1067 -57.15 69.35 82.57
N ASP A 1068 -58.12 70.02 83.18
CA ASP A 1068 -58.26 71.48 83.08
C ASP A 1068 -58.35 71.93 81.63
N GLY A 1069 -58.95 71.12 80.78
CA GLY A 1069 -59.09 71.46 79.40
C GLY A 1069 -57.84 71.29 78.57
N LYS A 1070 -56.77 70.77 79.15
CA LYS A 1070 -55.52 70.53 78.44
C LYS A 1070 -55.34 69.04 78.21
N ALA A 1071 -54.70 68.70 77.10
CA ALA A 1071 -54.42 67.33 76.75
C ALA A 1071 -53.02 66.96 77.23
N HIS A 1072 -52.89 65.80 77.84
CA HIS A 1072 -51.62 65.30 78.35
C HIS A 1072 -51.28 64.00 77.66
N PHE A 1073 -50.03 63.88 77.23
CA PHE A 1073 -49.47 62.72 76.58
C PHE A 1073 -48.31 62.20 77.42
N PRO A 1074 -48.08 60.90 77.44
CA PRO A 1074 -47.01 60.37 78.28
C PRO A 1074 -45.64 60.64 77.67
N ARG A 1075 -44.70 61.03 78.53
CA ARG A 1075 -43.36 61.36 78.05
C ARG A 1075 -42.65 60.14 77.51
N GLU A 1076 -42.70 59.04 78.24
CA GLU A 1076 -42.40 57.72 77.68
C GLU A 1076 -43.40 56.76 78.30
N GLY A 1077 -44.10 56.01 77.48
CA GLY A 1077 -45.01 55.04 78.01
C GLY A 1077 -46.37 55.20 77.43
N VAL A 1078 -47.32 54.47 78.01
CA VAL A 1078 -48.71 54.50 77.60
C VAL A 1078 -49.60 54.70 78.80
N PHE A 1079 -50.77 55.28 78.55
CA PHE A 1079 -51.83 55.39 79.54
C PHE A 1079 -52.66 54.12 79.48
N VAL A 1080 -52.59 53.33 80.56
CA VAL A 1080 -53.37 52.12 80.71
C VAL A 1080 -54.35 52.30 81.84
N SER A 1081 -55.37 51.45 81.84
CA SER A 1081 -56.37 51.45 82.90
C SER A 1081 -56.63 50.02 83.33
N ASN A 1082 -56.60 49.79 84.64
CA ASN A 1082 -56.90 48.46 85.16
C ASN A 1082 -58.39 48.23 85.36
N GLY A 1083 -59.22 49.02 84.68
CA GLY A 1083 -60.65 48.91 84.80
C GLY A 1083 -61.25 50.12 85.48
N THR A 1084 -60.59 50.60 86.53
CA THR A 1084 -61.09 51.74 87.30
C THR A 1084 -60.13 52.92 87.28
N HIS A 1085 -58.85 52.71 87.51
CA HIS A 1085 -57.88 53.78 87.63
C HIS A 1085 -57.02 53.86 86.38
N TRP A 1086 -56.39 55.01 86.19
CA TRP A 1086 -55.53 55.26 85.06
C TRP A 1086 -54.10 55.44 85.53
N PHE A 1087 -53.19 54.68 84.94
CA PHE A 1087 -51.76 54.77 85.18
C PHE A 1087 -51.03 54.99 83.87
N VAL A 1088 -49.73 55.24 83.98
CA VAL A 1088 -48.82 55.30 82.86
C VAL A 1088 -47.73 54.26 83.06
N THR A 1089 -47.48 53.44 82.05
CA THR A 1089 -46.45 52.41 82.14
C THR A 1089 -45.43 52.59 81.03
N GLN A 1090 -44.23 52.09 81.27
CA GLN A 1090 -43.32 51.85 80.17
C GLN A 1090 -43.86 50.76 79.28
N ARG A 1091 -43.50 50.83 78.00
CA ARG A 1091 -44.24 50.12 76.98
C ARG A 1091 -43.97 48.63 77.00
N ASN A 1092 -42.78 48.20 77.41
CA ASN A 1092 -42.35 46.82 77.23
C ASN A 1092 -42.42 46.00 78.51
N PHE A 1093 -42.89 46.59 79.59
CA PHE A 1093 -42.92 45.91 80.88
C PHE A 1093 -43.98 46.62 81.69
N TYR A 1094 -44.86 45.86 82.32
CA TYR A 1094 -45.93 46.48 83.08
C TYR A 1094 -45.38 46.96 84.41
N GLU A 1095 -45.37 48.27 84.61
CA GLU A 1095 -44.92 48.88 85.85
C GLU A 1095 -45.64 50.21 85.97
N PRO A 1096 -46.83 50.20 86.57
CA PRO A 1096 -47.70 51.37 86.49
C PRO A 1096 -47.42 52.42 87.54
N GLN A 1097 -47.46 53.68 87.11
CA GLN A 1097 -47.25 54.83 87.96
C GLN A 1097 -48.45 55.75 87.92
N ILE A 1098 -48.58 56.58 88.94
CA ILE A 1098 -49.61 57.60 88.97
C ILE A 1098 -49.31 58.64 87.90
N ILE A 1099 -50.33 59.04 87.15
CA ILE A 1099 -50.16 60.07 86.14
C ILE A 1099 -49.94 61.41 86.84
N THR A 1100 -48.72 61.91 86.78
CA THR A 1100 -48.38 63.20 87.31
C THR A 1100 -47.93 64.09 86.16
N THR A 1101 -47.52 65.31 86.48
CA THR A 1101 -47.00 66.19 85.45
C THR A 1101 -45.53 65.94 85.17
N ASP A 1102 -44.89 65.08 85.95
CA ASP A 1102 -43.50 64.72 85.68
C ASP A 1102 -43.38 63.74 84.53
N ASN A 1103 -44.33 62.80 84.42
CA ASN A 1103 -44.26 61.77 83.39
C ASN A 1103 -45.20 62.03 82.24
N THR A 1104 -45.74 63.24 82.11
CA THR A 1104 -46.57 63.62 81.00
C THR A 1104 -46.15 64.99 80.51
N PHE A 1105 -46.59 65.34 79.31
CA PHE A 1105 -46.44 66.69 78.80
C PHE A 1105 -47.74 67.15 78.19
N VAL A 1106 -47.95 68.45 78.16
CA VAL A 1106 -49.20 69.05 77.74
C VAL A 1106 -49.06 69.56 76.31
N SER A 1107 -50.11 69.37 75.52
CA SER A 1107 -50.11 69.88 74.15
C SER A 1107 -51.56 70.02 73.68
N GLY A 1108 -52.03 71.25 73.58
CA GLY A 1108 -53.29 71.51 72.93
C GLY A 1108 -54.49 71.38 73.83
N ASN A 1109 -55.65 71.38 73.19
CA ASN A 1109 -56.93 71.29 73.88
C ASN A 1109 -57.51 69.89 73.77
N CYS A 1110 -58.53 69.66 74.58
CA CYS A 1110 -59.24 68.39 74.64
C CYS A 1110 -60.17 68.16 73.47
N ASP A 1111 -60.12 68.98 72.42
CA ASP A 1111 -61.09 68.93 71.35
C ASP A 1111 -60.55 68.36 70.05
N VAL A 1112 -59.30 67.91 70.03
CA VAL A 1112 -58.66 67.42 68.81
C VAL A 1112 -58.45 65.92 68.86
N VAL A 1113 -57.94 65.42 69.98
CA VAL A 1113 -57.52 64.02 70.08
C VAL A 1113 -58.75 63.12 70.08
N ILE A 1114 -58.78 62.19 69.14
CA ILE A 1114 -59.87 61.22 69.04
C ILE A 1114 -59.59 60.11 70.04
N GLY A 1115 -60.38 60.04 71.10
CA GLY A 1115 -60.21 59.05 72.13
C GLY A 1115 -59.70 59.56 73.44
N ILE A 1116 -59.58 60.87 73.61
CA ILE A 1116 -59.10 61.44 74.86
C ILE A 1116 -60.06 61.08 76.00
N VAL A 1117 -59.50 60.84 77.19
CA VAL A 1117 -60.30 60.47 78.34
C VAL A 1117 -60.09 61.48 79.45
N ASN A 1118 -61.07 61.55 80.35
CA ASN A 1118 -61.04 62.44 81.49
C ASN A 1118 -60.38 61.75 82.68
N ASN A 1119 -59.44 62.43 83.30
CA ASN A 1119 -58.80 61.91 84.50
C ASN A 1119 -58.05 63.05 85.17
N THR A 1120 -57.49 62.77 86.34
CA THR A 1120 -56.80 63.77 87.12
C THR A 1120 -55.30 63.54 87.02
N VAL A 1121 -54.56 64.61 86.76
CA VAL A 1121 -53.12 64.57 86.68
C VAL A 1121 -52.58 65.18 87.95
N TYR A 1122 -51.88 64.39 88.74
CA TYR A 1122 -51.42 64.82 90.05
C TYR A 1122 -50.27 65.80 89.91
N ASP A 1123 -50.48 67.04 90.31
CA ASP A 1123 -49.41 68.02 90.39
C ASP A 1123 -48.66 67.83 91.69
N PRO A 1124 -47.36 67.56 91.67
CA PRO A 1124 -46.65 67.26 92.92
C PRO A 1124 -46.33 68.46 93.78
N LEU A 1125 -46.58 69.68 93.30
CA LEU A 1125 -46.24 70.88 94.05
C LEU A 1125 -47.36 71.32 95.00
N GLN A 1126 -48.60 70.90 94.73
CA GLN A 1126 -49.73 71.37 95.54
C GLN A 1126 -49.60 71.00 97.01
N PRO A 1127 -49.27 69.76 97.38
CA PRO A 1127 -49.07 69.48 98.82
C PRO A 1127 -48.00 70.34 99.45
N GLU A 1128 -46.96 70.71 98.71
CA GLU A 1128 -45.92 71.56 99.27
C GLU A 1128 -46.40 72.99 99.46
N LEU A 1129 -47.20 73.51 98.52
CA LEU A 1129 -47.79 74.83 98.73
C LEU A 1129 -48.76 74.82 99.90
N ASP A 1130 -49.54 73.75 100.05
CA ASP A 1130 -50.47 73.68 101.16
C ASP A 1130 -49.75 73.62 102.50
N SER A 1131 -48.64 72.87 102.57
CA SER A 1131 -47.89 72.75 103.81
C SER A 1131 -46.66 73.65 103.81
N GLU B 1 -39.87 -30.30 -51.33
CA GLU B 1 -41.18 -30.91 -51.15
C GLU B 1 -41.05 -32.35 -50.68
N ILE B 2 -41.92 -32.74 -49.75
CA ILE B 2 -41.96 -34.10 -49.22
C ILE B 2 -43.28 -34.74 -49.65
N VAL B 3 -43.18 -35.84 -50.39
CA VAL B 3 -44.36 -36.53 -50.91
C VAL B 3 -44.80 -37.60 -49.92
N LEU B 4 -46.10 -37.72 -49.75
CA LEU B 4 -46.69 -38.78 -48.93
C LEU B 4 -47.41 -39.78 -49.83
N THR B 5 -47.59 -40.99 -49.31
CA THR B 5 -48.18 -42.09 -50.06
C THR B 5 -49.04 -42.92 -49.12
N GLN B 6 -50.33 -43.00 -49.41
CA GLN B 6 -51.24 -43.88 -48.68
C GLN B 6 -51.23 -45.26 -49.33
N SER B 7 -51.39 -46.29 -48.49
CA SER B 7 -51.37 -47.66 -48.96
C SER B 7 -52.33 -48.49 -48.11
N PRO B 8 -53.20 -49.31 -48.73
CA PRO B 8 -53.33 -49.44 -50.19
C PRO B 8 -54.21 -48.34 -50.78
N GLY B 9 -54.44 -48.40 -52.10
CA GLY B 9 -55.31 -47.41 -52.72
C GLY B 9 -56.74 -47.52 -52.23
N THR B 10 -57.28 -48.73 -52.19
CA THR B 10 -58.60 -49.01 -51.65
C THR B 10 -58.52 -50.24 -50.75
N LEU B 11 -58.98 -50.10 -49.51
CA LEU B 11 -58.96 -51.18 -48.54
C LEU B 11 -60.38 -51.73 -48.38
N SER B 12 -60.50 -53.06 -48.44
CA SER B 12 -61.79 -53.74 -48.37
C SER B 12 -61.75 -54.72 -47.20
N LEU B 13 -62.40 -54.36 -46.11
CA LEU B 13 -62.47 -55.21 -44.93
C LEU B 13 -63.84 -55.03 -44.26
N SER B 14 -64.38 -56.14 -43.75
CA SER B 14 -65.68 -56.10 -43.10
C SER B 14 -65.59 -55.40 -41.74
N PRO B 15 -66.70 -54.86 -41.25
CA PRO B 15 -66.71 -54.33 -39.89
C PRO B 15 -66.46 -55.43 -38.86
N GLY B 16 -65.73 -55.07 -37.81
CA GLY B 16 -65.49 -56.00 -36.72
C GLY B 16 -64.04 -56.37 -36.50
N GLU B 17 -63.30 -56.61 -37.58
CA GLU B 17 -61.91 -56.99 -37.47
C GLU B 17 -61.04 -55.73 -37.50
N ARG B 18 -59.73 -55.91 -37.46
CA ARG B 18 -58.79 -54.80 -37.43
C ARG B 18 -58.46 -54.35 -38.85
N ALA B 19 -58.52 -53.05 -39.08
CA ALA B 19 -58.19 -52.45 -40.37
C ALA B 19 -56.95 -51.56 -40.19
N THR B 20 -55.95 -51.79 -41.05
CA THR B 20 -54.66 -51.13 -40.93
C THR B 20 -54.27 -50.53 -42.28
N LEU B 21 -53.80 -49.29 -42.26
CA LEU B 21 -53.32 -48.59 -43.45
C LEU B 21 -51.92 -48.05 -43.18
N SER B 22 -51.17 -47.84 -44.25
CA SER B 22 -49.81 -47.31 -44.15
C SER B 22 -49.72 -45.97 -44.87
N CYS B 23 -48.85 -45.10 -44.36
CA CYS B 23 -48.53 -43.84 -45.02
C CYS B 23 -47.03 -43.64 -44.97
N ARG B 24 -46.41 -43.54 -46.13
CA ARG B 24 -44.97 -43.41 -46.24
C ARG B 24 -44.62 -42.04 -46.78
N ALA B 25 -43.45 -41.53 -46.39
CA ALA B 25 -43.01 -40.20 -46.79
C ALA B 25 -41.77 -40.31 -47.67
N SER B 26 -41.75 -39.51 -48.74
CA SER B 26 -40.59 -39.51 -49.64
C SER B 26 -39.34 -39.02 -48.90
N GLN B 27 -39.46 -37.94 -48.15
CA GLN B 27 -38.35 -37.39 -47.38
C GLN B 27 -38.61 -37.60 -45.89
N SER B 28 -37.61 -37.28 -45.08
CA SER B 28 -37.66 -37.51 -43.64
C SER B 28 -38.08 -36.25 -42.92
N PHE B 29 -38.89 -36.41 -41.87
CA PHE B 29 -39.26 -35.31 -40.99
C PHE B 29 -39.81 -35.91 -39.71
N ASP B 30 -39.96 -35.05 -38.70
CA ASP B 30 -40.33 -35.52 -37.37
C ASP B 30 -41.76 -36.05 -37.34
N SER B 31 -42.04 -36.85 -36.32
CA SER B 31 -43.32 -37.55 -36.24
C SER B 31 -44.49 -36.59 -36.05
N ARG B 32 -44.28 -35.55 -35.23
CA ARG B 32 -45.39 -34.71 -34.78
C ARG B 32 -46.06 -33.92 -35.89
N TYR B 33 -45.45 -33.84 -37.08
CA TYR B 33 -46.00 -33.04 -38.17
C TYR B 33 -47.00 -33.80 -39.05
N LEU B 34 -47.26 -35.07 -38.79
CA LEU B 34 -48.24 -35.81 -39.55
C LEU B 34 -49.57 -35.91 -38.81
N GLY B 35 -50.64 -35.77 -39.56
CA GLY B 35 -51.98 -35.82 -38.99
C GLY B 35 -52.88 -36.74 -39.80
N TRP B 36 -53.68 -37.51 -39.08
CA TRP B 36 -54.68 -38.40 -39.66
C TRP B 36 -56.02 -37.68 -39.65
N TYR B 37 -56.62 -37.53 -40.83
CA TYR B 37 -57.89 -36.84 -40.99
C TYR B 37 -58.93 -37.79 -41.58
N GLN B 38 -60.18 -37.56 -41.21
CA GLN B 38 -61.30 -38.39 -41.63
C GLN B 38 -62.37 -37.54 -42.30
N GLN B 39 -62.90 -38.02 -43.42
CA GLN B 39 -63.99 -37.34 -44.11
C GLN B 39 -64.94 -38.37 -44.71
N LYS B 40 -66.23 -38.06 -44.67
CA LYS B 40 -67.24 -38.89 -45.33
C LYS B 40 -67.56 -38.32 -46.70
N SER B 41 -68.27 -39.12 -47.50
CA SER B 41 -68.63 -38.70 -48.85
C SER B 41 -69.56 -37.49 -48.78
N GLY B 42 -69.18 -36.42 -49.49
CA GLY B 42 -69.95 -35.19 -49.44
C GLY B 42 -70.05 -34.59 -48.05
N GLN B 43 -68.99 -34.74 -47.25
CA GLN B 43 -68.99 -34.30 -45.87
C GLN B 43 -67.65 -33.64 -45.55
N ALA B 44 -67.68 -32.71 -44.60
CA ALA B 44 -66.47 -32.01 -44.21
C ALA B 44 -65.48 -32.97 -43.55
N PRO B 45 -64.19 -32.82 -43.80
CA PRO B 45 -63.20 -33.64 -43.08
C PRO B 45 -63.21 -33.33 -41.59
N ARG B 46 -62.94 -34.37 -40.80
CA ARG B 46 -62.92 -34.23 -39.35
C ARG B 46 -61.58 -34.73 -38.82
N LEU B 47 -61.07 -34.04 -37.81
CA LEU B 47 -59.76 -34.34 -37.26
C LEU B 47 -59.78 -35.68 -36.52
N LEU B 48 -59.00 -36.64 -37.02
CA LEU B 48 -58.95 -37.96 -36.41
C LEU B 48 -57.86 -38.04 -35.35
N ILE B 49 -56.62 -37.76 -35.74
CA ILE B 49 -55.47 -37.85 -34.83
C ILE B 49 -54.49 -36.75 -35.19
N TYR B 50 -53.99 -36.03 -34.18
CA TYR B 50 -52.96 -35.02 -34.35
C TYR B 50 -51.64 -35.53 -33.78
N GLY B 51 -50.54 -35.20 -34.47
CA GLY B 51 -49.24 -35.70 -34.12
C GLY B 51 -48.97 -37.11 -34.58
N ALA B 52 -49.97 -37.80 -35.11
CA ALA B 52 -49.91 -39.18 -35.60
C ALA B 52 -49.47 -40.16 -34.52
N SER B 53 -49.39 -39.73 -33.26
CA SER B 53 -49.09 -40.62 -32.15
C SER B 53 -49.94 -40.36 -30.92
N SER B 54 -50.79 -39.33 -30.93
CA SER B 54 -51.66 -39.02 -29.81
C SER B 54 -53.06 -38.77 -30.34
N ARG B 55 -54.05 -39.32 -29.64
CA ARG B 55 -55.43 -39.21 -30.07
C ARG B 55 -55.90 -37.76 -30.05
N ALA B 56 -56.85 -37.44 -30.92
CA ALA B 56 -57.43 -36.11 -30.95
C ALA B 56 -58.53 -36.02 -29.89
N THR B 57 -59.34 -34.97 -29.95
CA THR B 57 -60.38 -34.75 -28.95
C THR B 57 -61.60 -35.62 -29.24
N GLY B 58 -61.99 -36.43 -28.26
CA GLY B 58 -63.17 -37.26 -28.38
C GLY B 58 -63.01 -38.53 -29.17
N ILE B 59 -61.78 -38.96 -29.44
CA ILE B 59 -61.55 -40.14 -30.28
C ILE B 59 -61.69 -41.40 -29.42
N PRO B 60 -62.52 -42.36 -29.83
CA PRO B 60 -62.62 -43.62 -29.08
C PRO B 60 -61.32 -44.42 -29.17
N ASP B 61 -61.13 -45.28 -28.18
CA ASP B 61 -59.86 -45.98 -28.00
C ASP B 61 -59.56 -46.97 -29.11
N ARG B 62 -60.54 -47.27 -29.97
CA ARG B 62 -60.30 -48.20 -31.07
C ARG B 62 -59.26 -47.64 -32.04
N PHE B 63 -59.36 -46.36 -32.36
CA PHE B 63 -58.39 -45.73 -33.25
C PHE B 63 -57.02 -45.66 -32.60
N SER B 64 -55.98 -45.95 -33.40
CA SER B 64 -54.61 -45.92 -32.93
C SER B 64 -53.68 -45.69 -34.12
N GLY B 65 -52.47 -45.28 -33.82
CA GLY B 65 -51.50 -45.02 -34.87
C GLY B 65 -50.07 -44.97 -34.37
N SER B 66 -49.13 -45.47 -35.17
CA SER B 66 -47.73 -45.47 -34.76
C SER B 66 -46.84 -45.50 -35.99
N GLY B 67 -45.63 -44.98 -35.84
CA GLY B 67 -44.70 -44.95 -36.95
C GLY B 67 -43.53 -44.05 -36.62
N SER B 68 -42.53 -44.08 -37.50
CA SER B 68 -41.34 -43.26 -37.31
C SER B 68 -40.78 -42.87 -38.66
N GLY B 69 -40.07 -41.73 -38.65
CA GLY B 69 -39.37 -41.25 -39.82
C GLY B 69 -40.25 -41.08 -41.03
N THR B 70 -40.09 -41.97 -42.01
CA THR B 70 -40.79 -41.90 -43.28
C THR B 70 -41.84 -43.01 -43.43
N ASP B 71 -42.23 -43.65 -42.33
CA ASP B 71 -43.18 -44.75 -42.42
C ASP B 71 -44.07 -44.73 -41.17
N PHE B 72 -45.34 -44.39 -41.36
CA PHE B 72 -46.34 -44.44 -40.30
C PHE B 72 -47.43 -45.41 -40.70
N THR B 73 -48.26 -45.79 -39.73
CA THR B 73 -49.41 -46.62 -40.01
C THR B 73 -50.52 -46.31 -39.00
N LEU B 74 -51.75 -46.48 -39.46
CA LEU B 74 -52.95 -46.18 -38.69
C LEU B 74 -53.83 -47.43 -38.63
N THR B 75 -54.55 -47.60 -37.52
CA THR B 75 -55.31 -48.81 -37.26
C THR B 75 -56.64 -48.46 -36.58
N ILE B 76 -57.73 -49.01 -37.09
CA ILE B 76 -59.04 -48.94 -36.44
C ILE B 76 -59.49 -50.36 -36.15
N SER B 77 -59.85 -50.61 -34.89
CA SER B 77 -60.16 -51.97 -34.45
C SER B 77 -61.65 -52.29 -34.53
N ARG B 78 -62.49 -51.53 -33.83
CA ARG B 78 -63.93 -51.79 -33.80
C ARG B 78 -64.62 -50.75 -34.68
N LEU B 79 -64.63 -51.04 -35.99
CA LEU B 79 -65.19 -50.12 -36.97
C LEU B 79 -66.63 -50.54 -37.31
N GLU B 80 -67.51 -49.57 -37.38
CA GLU B 80 -68.90 -49.74 -37.73
C GLU B 80 -69.16 -49.24 -39.14
N PRO B 81 -70.28 -49.64 -39.76
CA PRO B 81 -70.54 -49.20 -41.14
C PRO B 81 -70.54 -47.69 -41.31
N GLU B 82 -71.01 -46.94 -40.31
CA GLU B 82 -70.95 -45.49 -40.41
C GLU B 82 -69.54 -44.95 -40.22
N ASP B 83 -68.66 -45.73 -39.57
CA ASP B 83 -67.27 -45.31 -39.39
C ASP B 83 -66.46 -45.45 -40.68
N PHE B 84 -66.97 -46.19 -41.66
CA PHE B 84 -66.28 -46.35 -42.94
C PHE B 84 -66.18 -45.00 -43.64
N ALA B 85 -64.99 -44.42 -43.65
CA ALA B 85 -64.78 -43.10 -44.23
C ALA B 85 -63.40 -43.03 -44.87
N VAL B 86 -63.14 -41.93 -45.54
CA VAL B 86 -61.87 -41.69 -46.23
C VAL B 86 -60.89 -41.09 -45.24
N TYR B 87 -59.70 -41.66 -45.16
CA TYR B 87 -58.67 -41.20 -44.24
C TYR B 87 -57.47 -40.69 -45.02
N TYR B 88 -56.93 -39.56 -44.56
CA TYR B 88 -55.81 -38.89 -45.20
C TYR B 88 -54.70 -38.68 -44.20
N CYS B 89 -53.46 -38.78 -44.67
CA CYS B 89 -52.27 -38.46 -43.89
C CYS B 89 -51.65 -37.20 -44.46
N GLN B 90 -51.53 -36.16 -43.63
CA GLN B 90 -51.10 -34.85 -44.08
C GLN B 90 -49.92 -34.36 -43.25
N GLN B 91 -48.94 -33.77 -43.93
CA GLN B 91 -47.73 -33.30 -43.27
C GLN B 91 -47.83 -31.84 -42.85
N PHE B 92 -47.40 -31.55 -41.63
CA PHE B 92 -47.23 -30.19 -41.15
C PHE B 92 -45.78 -29.73 -41.24
N GLY B 93 -44.90 -30.55 -41.81
CA GLY B 93 -43.48 -30.29 -41.81
C GLY B 93 -43.05 -29.06 -42.58
N ASP B 94 -43.57 -28.88 -43.79
CA ASP B 94 -43.16 -27.74 -44.61
C ASP B 94 -44.26 -27.42 -45.61
N SER B 95 -44.29 -26.16 -46.02
CA SER B 95 -45.21 -25.74 -47.07
C SER B 95 -44.72 -26.26 -48.42
N PRO B 96 -45.63 -26.73 -49.29
CA PRO B 96 -47.07 -26.74 -49.06
C PRO B 96 -47.53 -27.87 -48.14
N PHE B 97 -48.65 -27.67 -47.46
CA PHE B 97 -49.20 -28.69 -46.57
C PHE B 97 -50.09 -29.60 -47.40
N THR B 98 -49.60 -30.80 -47.68
CA THR B 98 -50.25 -31.73 -48.59
C THR B 98 -50.75 -32.95 -47.83
N PHE B 99 -51.93 -33.42 -48.23
CA PHE B 99 -52.58 -34.56 -47.60
C PHE B 99 -52.17 -35.86 -48.31
N GLY B 100 -52.86 -36.95 -47.99
CA GLY B 100 -52.68 -38.19 -48.70
C GLY B 100 -53.44 -38.17 -50.01
N GLN B 101 -53.48 -39.35 -50.65
CA GLN B 101 -54.24 -39.50 -51.89
C GLN B 101 -55.63 -40.05 -51.67
N GLY B 102 -55.97 -40.46 -50.45
CA GLY B 102 -57.30 -40.97 -50.16
C GLY B 102 -57.45 -42.46 -50.35
N THR B 103 -57.82 -43.17 -49.29
CA THR B 103 -58.06 -44.60 -49.36
C THR B 103 -59.48 -44.88 -48.88
N LYS B 104 -60.23 -45.61 -49.71
CA LYS B 104 -61.62 -45.92 -49.41
C LYS B 104 -61.72 -47.24 -48.65
N LEU B 105 -62.50 -47.24 -47.58
CA LEU B 105 -62.77 -48.45 -46.80
C LEU B 105 -64.19 -48.90 -47.10
N GLU B 106 -64.35 -50.18 -47.44
CA GLU B 106 -65.64 -50.71 -47.85
C GLU B 106 -65.91 -52.06 -47.17
N ILE B 107 -67.20 -52.38 -47.04
CA ILE B 107 -67.65 -53.59 -46.38
C ILE B 107 -67.57 -54.76 -47.35
N LYS B 108 -66.91 -55.84 -46.94
CA LYS B 108 -66.76 -57.01 -47.80
C LYS B 108 -68.10 -57.69 -48.02
N ARG B 109 -68.21 -58.37 -49.16
CA ARG B 109 -69.46 -59.03 -49.53
C ARG B 109 -69.15 -60.23 -50.42
N THR B 110 -70.10 -61.15 -50.49
CA THR B 110 -70.04 -62.22 -51.47
C THR B 110 -70.20 -61.64 -52.87
N VAL B 111 -69.44 -62.20 -53.81
CA VAL B 111 -69.44 -61.69 -55.18
C VAL B 111 -70.78 -62.02 -55.83
N ALA B 112 -71.55 -61.00 -56.17
CA ALA B 112 -72.88 -61.14 -56.74
C ALA B 112 -72.91 -60.57 -58.14
N ALA B 113 -73.48 -61.33 -59.07
CA ALA B 113 -73.58 -60.86 -60.45
C ALA B 113 -74.57 -59.70 -60.54
N PRO B 114 -74.22 -58.64 -61.26
CA PRO B 114 -75.15 -57.50 -61.41
C PRO B 114 -76.26 -57.81 -62.41
N SER B 115 -77.47 -57.42 -62.03
CA SER B 115 -78.58 -57.40 -62.99
C SER B 115 -78.35 -56.28 -63.99
N VAL B 116 -78.52 -56.59 -65.28
CA VAL B 116 -78.17 -55.69 -66.37
C VAL B 116 -79.42 -55.38 -67.16
N PHE B 117 -79.70 -54.10 -67.36
CA PHE B 117 -80.92 -53.66 -68.04
C PHE B 117 -80.60 -52.61 -69.08
N ILE B 118 -81.48 -52.47 -70.07
CA ILE B 118 -81.26 -51.61 -71.22
C ILE B 118 -82.24 -50.44 -71.14
N PHE B 119 -81.83 -49.31 -71.75
CA PHE B 119 -82.64 -48.10 -71.78
C PHE B 119 -82.35 -47.39 -73.08
N PRO B 120 -83.19 -47.54 -74.10
CA PRO B 120 -82.99 -46.81 -75.35
C PRO B 120 -83.37 -45.34 -75.18
N PRO B 121 -82.81 -44.46 -75.99
CA PRO B 121 -83.24 -43.06 -75.95
C PRO B 121 -84.72 -42.93 -76.32
N SER B 122 -85.40 -42.03 -75.63
CA SER B 122 -86.82 -41.84 -75.84
C SER B 122 -87.07 -41.12 -77.17
N ASP B 123 -88.34 -41.11 -77.59
CA ASP B 123 -88.70 -40.47 -78.84
C ASP B 123 -88.39 -38.98 -78.82
N GLU B 124 -88.67 -38.31 -77.70
CA GLU B 124 -88.40 -36.88 -77.60
C GLU B 124 -86.92 -36.58 -77.77
N GLN B 125 -86.06 -37.38 -77.15
CA GLN B 125 -84.62 -37.19 -77.32
C GLN B 125 -84.20 -37.47 -78.75
N LEU B 126 -84.86 -38.40 -79.43
CA LEU B 126 -84.59 -38.65 -80.84
C LEU B 126 -84.95 -37.43 -81.68
N LYS B 127 -86.09 -36.80 -81.39
CA LYS B 127 -86.49 -35.59 -82.07
C LYS B 127 -85.58 -34.40 -81.74
N SER B 128 -84.90 -34.44 -80.60
CA SER B 128 -84.00 -33.35 -80.23
C SER B 128 -82.77 -33.26 -81.12
N GLY B 129 -82.46 -34.30 -81.89
CA GLY B 129 -81.30 -34.30 -82.77
C GLY B 129 -80.08 -35.01 -82.23
N THR B 130 -80.05 -35.31 -80.93
CA THR B 130 -78.96 -36.06 -80.33
C THR B 130 -79.56 -37.10 -79.41
N ALA B 131 -79.08 -38.34 -79.52
CA ALA B 131 -79.65 -39.46 -78.77
C ALA B 131 -78.63 -39.98 -77.77
N SER B 132 -79.14 -40.58 -76.70
CA SER B 132 -78.28 -41.16 -75.66
C SER B 132 -78.94 -42.44 -75.16
N VAL B 133 -78.21 -43.56 -75.26
CA VAL B 133 -78.67 -44.86 -74.80
C VAL B 133 -77.93 -45.21 -73.51
N VAL B 134 -78.68 -45.62 -72.49
CA VAL B 134 -78.12 -45.88 -71.16
C VAL B 134 -78.42 -47.32 -70.78
N CYS B 135 -77.40 -48.05 -70.37
CA CYS B 135 -77.59 -49.41 -69.87
C CYS B 135 -77.01 -49.54 -68.46
N LEU B 136 -77.75 -50.23 -67.61
CA LEU B 136 -77.57 -50.21 -66.16
C LEU B 136 -77.05 -51.54 -65.65
N LEU B 137 -76.06 -51.47 -64.76
CA LEU B 137 -75.58 -52.57 -63.94
C LEU B 137 -75.98 -52.32 -62.50
N ASN B 138 -76.62 -53.28 -61.86
CA ASN B 138 -77.09 -53.10 -60.50
C ASN B 138 -76.75 -54.29 -59.64
N ASN B 139 -76.60 -54.06 -58.34
CA ASN B 139 -76.44 -55.10 -57.32
C ASN B 139 -75.21 -55.97 -57.61
N PHE B 140 -74.04 -55.34 -57.52
CA PHE B 140 -72.79 -56.05 -57.73
C PHE B 140 -71.76 -55.61 -56.71
N TYR B 141 -70.76 -56.47 -56.50
CA TYR B 141 -69.64 -56.23 -55.62
C TYR B 141 -68.47 -57.07 -56.10
N PRO B 142 -67.26 -56.51 -56.23
CA PRO B 142 -66.92 -55.11 -55.94
C PRO B 142 -67.34 -54.12 -57.03
N ARG B 143 -66.85 -52.89 -56.92
CA ARG B 143 -67.25 -51.83 -57.84
C ARG B 143 -66.77 -52.10 -59.27
N GLU B 144 -65.56 -52.63 -59.43
CA GLU B 144 -64.96 -52.76 -60.75
C GLU B 144 -65.71 -53.77 -61.60
N ALA B 145 -66.03 -53.39 -62.83
CA ALA B 145 -66.71 -54.25 -63.78
C ALA B 145 -66.54 -53.65 -65.17
N LYS B 146 -65.98 -54.42 -66.10
CA LYS B 146 -65.62 -53.88 -67.40
C LYS B 146 -66.85 -53.81 -68.31
N VAL B 147 -66.99 -52.68 -69.00
CA VAL B 147 -68.14 -52.39 -69.84
C VAL B 147 -67.66 -52.01 -71.24
N GLN B 148 -68.34 -52.54 -72.25
CA GLN B 148 -68.01 -52.30 -73.64
C GLN B 148 -69.26 -51.89 -74.39
N TRP B 149 -69.11 -50.97 -75.35
CA TRP B 149 -70.19 -50.56 -76.22
C TRP B 149 -69.91 -51.02 -77.64
N LYS B 150 -70.95 -51.47 -78.35
CA LYS B 150 -70.80 -51.90 -79.73
C LYS B 150 -72.04 -51.52 -80.54
N VAL B 151 -71.83 -51.23 -81.82
CA VAL B 151 -72.89 -50.86 -82.74
C VAL B 151 -72.69 -51.72 -83.99
N ASP B 152 -73.58 -52.69 -84.19
CA ASP B 152 -73.43 -53.71 -85.23
C ASP B 152 -72.08 -54.44 -85.08
N ASN B 153 -71.77 -54.84 -83.85
CA ASN B 153 -70.56 -55.58 -83.53
C ASN B 153 -69.31 -54.82 -83.98
N ALA B 154 -69.33 -53.50 -83.79
CA ALA B 154 -68.18 -52.64 -84.05
C ALA B 154 -67.79 -51.96 -82.74
N LEU B 155 -66.51 -52.05 -82.39
CA LEU B 155 -66.04 -51.53 -81.11
C LEU B 155 -66.09 -50.00 -81.14
N GLN B 156 -67.12 -49.43 -80.51
CA GLN B 156 -67.20 -47.99 -80.33
C GLN B 156 -66.21 -47.54 -79.27
N SER B 157 -65.69 -46.33 -79.45
CA SER B 157 -64.70 -45.79 -78.54
C SER B 157 -64.74 -44.27 -78.58
N GLY B 158 -64.57 -43.64 -77.42
CA GLY B 158 -64.48 -42.21 -77.31
C GLY B 158 -65.81 -41.48 -77.25
N ASN B 159 -66.93 -42.18 -77.39
CA ASN B 159 -68.26 -41.56 -77.37
C ASN B 159 -69.13 -42.08 -76.24
N SER B 160 -68.53 -42.74 -75.24
CA SER B 160 -69.28 -43.33 -74.14
C SER B 160 -68.77 -42.74 -72.82
N GLN B 161 -69.64 -42.81 -71.81
CA GLN B 161 -69.33 -42.33 -70.47
C GLN B 161 -69.87 -43.33 -69.46
N GLU B 162 -69.24 -43.34 -68.29
CA GLU B 162 -69.61 -44.23 -67.20
C GLU B 162 -69.88 -43.43 -65.95
N SER B 163 -70.94 -43.78 -65.24
CA SER B 163 -71.27 -43.16 -63.96
C SER B 163 -71.42 -44.26 -62.90
N VAL B 164 -70.75 -44.08 -61.78
CA VAL B 164 -70.80 -45.04 -60.68
C VAL B 164 -71.44 -44.36 -59.48
N THR B 165 -72.37 -45.06 -58.83
CA THR B 165 -72.99 -44.59 -57.60
C THR B 165 -72.31 -45.26 -56.41
N GLU B 166 -72.35 -44.59 -55.27
CA GLU B 166 -71.69 -45.08 -54.07
C GLU B 166 -72.26 -46.43 -53.64
N GLN B 167 -71.54 -47.09 -52.73
CA GLN B 167 -71.94 -48.41 -52.26
C GLN B 167 -73.29 -48.32 -51.55
N ASP B 168 -74.17 -49.26 -51.85
CA ASP B 168 -75.47 -49.30 -51.18
C ASP B 168 -75.28 -49.67 -49.71
N SER B 169 -75.98 -48.96 -48.84
CA SER B 169 -75.83 -49.14 -47.40
C SER B 169 -76.58 -50.35 -46.87
N LYS B 170 -77.44 -50.97 -47.69
CA LYS B 170 -78.27 -52.08 -47.23
C LYS B 170 -77.69 -53.44 -47.63
N ASP B 171 -77.48 -53.66 -48.93
CA ASP B 171 -77.02 -54.94 -49.44
C ASP B 171 -75.58 -54.91 -49.93
N SER B 172 -74.83 -53.86 -49.59
CA SER B 172 -73.40 -53.74 -49.94
C SER B 172 -73.19 -53.86 -51.45
N THR B 173 -74.03 -53.18 -52.23
CA THR B 173 -74.02 -53.28 -53.68
C THR B 173 -73.65 -51.95 -54.32
N TYR B 174 -73.58 -51.96 -55.64
CA TYR B 174 -73.18 -50.81 -56.43
C TYR B 174 -74.11 -50.67 -57.63
N SER B 175 -74.01 -49.52 -58.29
CA SER B 175 -74.75 -49.29 -59.53
C SER B 175 -73.85 -48.54 -60.50
N LEU B 176 -73.85 -49.01 -61.75
CA LEU B 176 -73.12 -48.38 -62.85
C LEU B 176 -74.08 -48.08 -63.98
N SER B 177 -73.86 -46.96 -64.66
CA SER B 177 -74.61 -46.59 -65.84
C SER B 177 -73.62 -46.32 -66.97
N SER B 178 -73.83 -46.97 -68.11
CA SER B 178 -73.05 -46.74 -69.32
C SER B 178 -73.94 -45.97 -70.29
N THR B 179 -73.51 -44.75 -70.63
CA THR B 179 -74.27 -43.87 -71.52
C THR B 179 -73.48 -43.65 -72.80
N LEU B 180 -74.11 -43.95 -73.94
CA LEU B 180 -73.54 -43.74 -75.25
C LEU B 180 -74.33 -42.64 -75.94
N THR B 181 -73.64 -41.56 -76.31
CA THR B 181 -74.27 -40.40 -76.93
C THR B 181 -73.88 -40.34 -78.40
N LEU B 182 -74.86 -40.17 -79.28
CA LEU B 182 -74.63 -40.13 -80.71
C LEU B 182 -75.47 -39.05 -81.36
N SER B 183 -75.04 -38.63 -82.54
CA SER B 183 -75.82 -37.75 -83.40
C SER B 183 -76.69 -38.60 -84.34
N LYS B 184 -77.56 -37.92 -85.09
CA LYS B 184 -78.53 -38.63 -85.92
C LYS B 184 -77.84 -39.37 -87.07
N ALA B 185 -76.78 -38.79 -87.62
CA ALA B 185 -76.11 -39.44 -88.75
C ALA B 185 -75.52 -40.79 -88.35
N ASP B 186 -74.88 -40.86 -87.18
CA ASP B 186 -74.36 -42.13 -86.69
C ASP B 186 -75.46 -43.00 -86.10
N TYR B 187 -76.53 -42.38 -85.58
CA TYR B 187 -77.61 -43.16 -84.97
C TYR B 187 -78.41 -43.91 -86.03
N GLU B 188 -78.59 -43.31 -87.21
CA GLU B 188 -79.49 -43.83 -88.22
C GLU B 188 -78.76 -44.59 -89.33
N LYS B 189 -77.48 -44.92 -89.14
CA LYS B 189 -76.70 -45.65 -90.13
C LYS B 189 -76.41 -47.08 -89.70
N HIS B 190 -77.05 -47.55 -88.63
CA HIS B 190 -76.87 -48.92 -88.15
C HIS B 190 -78.20 -49.41 -87.59
N LYS B 191 -78.18 -50.61 -87.00
CA LYS B 191 -79.40 -51.23 -86.49
C LYS B 191 -79.37 -51.49 -85.00
N VAL B 192 -78.35 -52.20 -84.50
CA VAL B 192 -78.35 -52.71 -83.13
C VAL B 192 -77.30 -51.99 -82.31
N TYR B 193 -77.66 -51.65 -81.08
CA TYR B 193 -76.74 -51.12 -80.09
C TYR B 193 -76.67 -52.12 -78.94
N ALA B 194 -75.46 -52.43 -78.50
CA ALA B 194 -75.28 -53.42 -77.45
C ALA B 194 -74.23 -52.94 -76.47
N CYS B 195 -74.38 -53.38 -75.22
CA CYS B 195 -73.34 -53.19 -74.23
C CYS B 195 -73.05 -54.50 -73.53
N GLU B 196 -71.78 -54.69 -73.21
CA GLU B 196 -71.28 -55.93 -72.63
C GLU B 196 -70.68 -55.64 -71.27
N VAL B 197 -71.10 -56.42 -70.28
CA VAL B 197 -70.55 -56.37 -68.93
C VAL B 197 -69.76 -57.65 -68.68
N THR B 198 -68.56 -57.51 -68.15
CA THR B 198 -67.84 -58.64 -67.57
C THR B 198 -67.48 -58.29 -66.13
N HIS B 199 -67.63 -59.28 -65.25
CA HIS B 199 -67.46 -59.10 -63.82
C HIS B 199 -66.94 -60.40 -63.24
N GLN B 200 -66.48 -60.32 -61.98
CA GLN B 200 -65.99 -61.51 -61.31
C GLN B 200 -67.10 -62.54 -61.13
N GLY B 201 -68.30 -62.09 -60.71
CA GLY B 201 -69.40 -63.01 -60.49
C GLY B 201 -69.95 -63.63 -61.75
N LEU B 202 -69.79 -62.98 -62.89
CA LEU B 202 -70.20 -63.53 -64.17
C LEU B 202 -69.06 -64.38 -64.72
N SER B 203 -69.30 -65.70 -64.85
CA SER B 203 -68.26 -66.60 -65.32
C SER B 203 -67.88 -66.34 -66.77
N SER B 204 -68.74 -65.66 -67.52
CA SER B 204 -68.53 -65.39 -68.94
C SER B 204 -68.93 -63.96 -69.22
N PRO B 205 -68.44 -63.37 -70.31
CA PRO B 205 -68.95 -62.05 -70.74
C PRO B 205 -70.45 -62.10 -70.99
N VAL B 206 -71.14 -61.04 -70.59
CA VAL B 206 -72.58 -60.92 -70.75
C VAL B 206 -72.83 -59.72 -71.65
N THR B 207 -73.16 -59.97 -72.91
CA THR B 207 -73.48 -58.92 -73.86
C THR B 207 -74.98 -58.88 -74.06
N LYS B 208 -75.56 -57.69 -73.98
CA LYS B 208 -76.98 -57.53 -74.26
C LYS B 208 -77.16 -56.50 -75.37
N SER B 209 -78.06 -56.80 -76.28
CA SER B 209 -78.26 -56.03 -77.49
C SER B 209 -79.72 -55.58 -77.57
N PHE B 210 -79.93 -54.47 -78.30
CA PHE B 210 -81.27 -54.06 -78.65
C PHE B 210 -81.21 -53.31 -79.97
N ASN B 211 -82.24 -53.51 -80.79
CA ASN B 211 -82.35 -52.84 -82.08
C ASN B 211 -83.26 -51.63 -81.93
N ARG B 212 -82.79 -50.47 -82.41
CA ARG B 212 -83.57 -49.25 -82.26
C ARG B 212 -84.86 -49.32 -83.08
N GLY B 213 -84.79 -49.84 -84.30
CA GLY B 213 -85.94 -49.83 -85.18
C GLY B 213 -87.09 -50.70 -84.72
N GLU B 214 -86.79 -51.90 -84.21
CA GLU B 214 -87.86 -52.83 -83.84
C GLU B 214 -88.46 -52.52 -82.48
N CYS B 215 -87.70 -51.87 -81.59
CA CYS B 215 -88.20 -51.62 -80.25
C CYS B 215 -87.72 -50.28 -79.70
N GLN C 1 -66.99 -25.94 -29.43
CA GLN C 1 -67.84 -25.85 -30.62
C GLN C 1 -67.69 -24.49 -31.29
N ILE C 2 -67.17 -24.48 -32.50
CA ILE C 2 -66.96 -23.27 -33.28
C ILE C 2 -67.74 -23.39 -34.58
N THR C 3 -68.36 -22.29 -35.00
CA THR C 3 -69.14 -22.28 -36.23
C THR C 3 -68.28 -21.71 -37.35
N LEU C 4 -68.21 -22.45 -38.46
CA LEU C 4 -67.43 -22.02 -39.63
C LEU C 4 -68.35 -22.01 -40.83
N LYS C 5 -68.32 -20.92 -41.59
CA LYS C 5 -69.17 -20.79 -42.77
C LYS C 5 -68.39 -20.15 -43.89
N GLU C 6 -68.67 -20.60 -45.11
CA GLU C 6 -68.03 -20.09 -46.32
C GLU C 6 -69.11 -19.62 -47.29
N SER C 7 -68.81 -18.55 -48.02
CA SER C 7 -69.76 -17.98 -48.96
C SER C 7 -69.01 -17.31 -50.10
N GLY C 8 -69.69 -17.14 -51.22
CA GLY C 8 -69.13 -16.53 -52.41
C GLY C 8 -69.89 -16.93 -53.64
N PRO C 9 -69.66 -16.23 -54.76
CA PRO C 9 -70.38 -16.55 -56.00
C PRO C 9 -70.03 -17.93 -56.53
N THR C 10 -71.00 -18.84 -56.51
CA THR C 10 -70.76 -20.21 -56.93
C THR C 10 -70.52 -20.32 -58.43
N LEU C 11 -71.06 -19.39 -59.22
CA LEU C 11 -70.85 -19.35 -60.67
C LEU C 11 -69.92 -18.20 -60.97
N VAL C 12 -68.72 -18.51 -61.44
CA VAL C 12 -67.74 -17.53 -61.87
C VAL C 12 -67.27 -17.88 -63.26
N LYS C 13 -67.12 -16.86 -64.11
CA LYS C 13 -66.62 -17.12 -65.45
C LYS C 13 -65.11 -17.37 -65.42
N PRO C 14 -64.58 -18.10 -66.41
CA PRO C 14 -63.15 -18.41 -66.42
C PRO C 14 -62.28 -17.16 -66.54
N THR C 15 -60.98 -17.38 -66.36
CA THR C 15 -59.92 -16.36 -66.38
C THR C 15 -60.33 -15.10 -65.61
N GLN C 16 -61.10 -15.28 -64.54
CA GLN C 16 -61.61 -14.17 -63.75
C GLN C 16 -61.19 -14.35 -62.29
N THR C 17 -61.54 -13.37 -61.48
CA THR C 17 -61.13 -13.30 -60.07
C THR C 17 -62.35 -13.45 -59.18
N LEU C 18 -62.22 -14.26 -58.12
CA LEU C 18 -63.30 -14.44 -57.17
C LEU C 18 -62.83 -14.20 -55.76
N THR C 19 -63.78 -13.82 -54.91
CA THR C 19 -63.55 -13.52 -53.50
C THR C 19 -64.44 -14.41 -52.66
N LEU C 20 -63.89 -14.94 -51.57
CA LEU C 20 -64.56 -15.89 -50.71
C LEU C 20 -64.59 -15.36 -49.28
N THR C 21 -65.77 -15.39 -48.68
CA THR C 21 -65.98 -14.94 -47.31
C THR C 21 -66.00 -16.14 -46.38
N CYS C 22 -65.23 -16.06 -45.29
CA CYS C 22 -65.21 -17.08 -44.26
C CYS C 22 -65.57 -16.41 -42.94
N THR C 23 -66.58 -16.92 -42.26
CA THR C 23 -67.02 -16.40 -40.97
C THR C 23 -66.86 -17.49 -39.91
N PHE C 24 -66.21 -17.13 -38.81
CA PHE C 24 -65.97 -18.06 -37.71
C PHE C 24 -66.49 -17.47 -36.42
N SER C 25 -67.05 -18.33 -35.59
CA SER C 25 -67.50 -17.95 -34.25
C SER C 25 -67.08 -19.01 -33.25
N GLY C 26 -66.90 -18.57 -32.00
CA GLY C 26 -66.37 -19.40 -30.95
C GLY C 26 -64.92 -19.15 -30.61
N PHE C 27 -64.21 -18.42 -31.47
CA PHE C 27 -62.82 -18.08 -31.22
C PHE C 27 -62.51 -16.76 -31.90
N SER C 28 -61.44 -16.12 -31.45
CA SER C 28 -61.06 -14.80 -31.93
C SER C 28 -59.66 -14.84 -32.54
N LEU C 29 -59.39 -13.92 -33.44
CA LEU C 29 -58.09 -13.83 -34.09
C LEU C 29 -57.16 -12.86 -33.39
N SER C 30 -57.04 -13.03 -32.07
CA SER C 30 -56.03 -12.33 -31.30
C SER C 30 -55.42 -13.24 -30.24
N THR C 31 -55.44 -14.55 -30.47
CA THR C 31 -54.90 -15.54 -29.56
C THR C 31 -53.64 -16.16 -30.17
N SER C 32 -52.69 -16.51 -29.31
CA SER C 32 -51.47 -17.15 -29.79
C SER C 32 -51.77 -18.56 -30.28
N GLY C 33 -51.09 -18.95 -31.36
CA GLY C 33 -51.25 -20.29 -31.90
C GLY C 33 -52.44 -20.48 -32.80
N VAL C 34 -53.25 -19.45 -33.02
CA VAL C 34 -54.48 -19.58 -33.78
C VAL C 34 -54.23 -19.18 -35.23
N GLY C 35 -54.69 -20.00 -36.17
CA GLY C 35 -54.60 -19.67 -37.57
C GLY C 35 -55.87 -20.04 -38.30
N VAL C 36 -56.05 -19.44 -39.47
CA VAL C 36 -57.17 -19.74 -40.36
C VAL C 36 -56.60 -20.26 -41.67
N ALA C 37 -57.06 -21.45 -42.08
CA ALA C 37 -56.53 -22.16 -43.23
C ALA C 37 -57.60 -22.32 -44.29
N TRP C 38 -57.24 -22.01 -45.54
CA TRP C 38 -58.12 -22.16 -46.69
C TRP C 38 -57.63 -23.33 -47.54
N ILE C 39 -58.55 -24.26 -47.84
CA ILE C 39 -58.23 -25.54 -48.47
C ILE C 39 -59.19 -25.77 -49.63
N ARG C 40 -58.65 -26.27 -50.75
CA ARG C 40 -59.46 -26.66 -51.90
C ARG C 40 -59.43 -28.18 -52.06
N GLN C 41 -60.56 -28.74 -52.45
CA GLN C 41 -60.68 -30.18 -52.68
C GLN C 41 -61.35 -30.40 -54.03
N PRO C 42 -60.63 -30.97 -55.01
CA PRO C 42 -61.28 -31.29 -56.28
C PRO C 42 -62.30 -32.40 -56.09
N PRO C 43 -63.30 -32.48 -56.96
CA PRO C 43 -64.31 -33.54 -56.81
C PRO C 43 -63.74 -34.92 -57.12
N GLY C 44 -63.56 -35.72 -56.06
CA GLY C 44 -63.02 -37.05 -56.19
C GLY C 44 -61.51 -37.17 -56.08
N LYS C 45 -60.81 -36.04 -56.03
CA LYS C 45 -59.35 -36.05 -55.93
C LYS C 45 -58.92 -35.80 -54.49
N ALA C 46 -57.61 -35.86 -54.27
CA ALA C 46 -57.04 -35.74 -52.94
C ALA C 46 -57.19 -34.33 -52.41
N LEU C 47 -57.13 -34.20 -51.08
CA LEU C 47 -57.19 -32.89 -50.44
C LEU C 47 -55.95 -32.08 -50.76
N GLU C 48 -56.10 -30.76 -50.68
CA GLU C 48 -55.03 -29.85 -51.10
C GLU C 48 -55.22 -28.51 -50.37
N TRP C 49 -54.44 -28.30 -49.32
CA TRP C 49 -54.46 -27.03 -48.61
C TRP C 49 -53.88 -25.91 -49.49
N LEU C 50 -54.40 -24.70 -49.31
CA LEU C 50 -53.97 -23.57 -50.10
C LEU C 50 -53.27 -22.49 -49.28
N ALA C 51 -53.91 -21.95 -48.26
CA ALA C 51 -53.43 -20.73 -47.62
C ALA C 51 -53.60 -20.78 -46.12
N LEU C 52 -52.82 -19.96 -45.42
CA LEU C 52 -52.91 -19.81 -43.98
C LEU C 52 -52.72 -18.34 -43.59
N ILE C 53 -53.46 -17.91 -42.56
CA ILE C 53 -53.21 -16.63 -41.91
C ILE C 53 -53.07 -16.87 -40.41
N TYR C 54 -52.05 -16.27 -39.81
CA TYR C 54 -51.86 -16.36 -38.38
C TYR C 54 -52.57 -15.20 -37.67
N TRP C 55 -52.58 -15.27 -36.34
CA TRP C 55 -53.14 -14.21 -35.52
C TRP C 55 -52.39 -12.90 -35.67
N ASP C 56 -51.11 -12.95 -36.02
CA ASP C 56 -50.28 -11.75 -36.14
C ASP C 56 -50.22 -11.21 -37.57
N ASN C 57 -51.25 -11.51 -38.37
CA ASN C 57 -51.38 -11.04 -39.75
C ASN C 57 -50.22 -11.52 -40.62
N ASP C 58 -49.68 -12.70 -40.32
CA ASP C 58 -48.65 -13.29 -41.16
C ASP C 58 -49.26 -14.47 -41.92
N LYS C 59 -49.04 -14.49 -43.24
CA LYS C 59 -49.77 -15.36 -44.14
C LYS C 59 -48.82 -16.25 -44.92
N ARG C 60 -49.21 -17.51 -45.06
CA ARG C 60 -48.49 -18.50 -45.85
C ARG C 60 -49.32 -18.84 -47.08
N SER C 61 -48.65 -18.85 -48.23
CA SER C 61 -49.26 -19.21 -49.50
C SER C 61 -48.58 -20.47 -50.04
N SER C 62 -49.36 -21.30 -50.73
CA SER C 62 -48.80 -22.50 -51.34
C SER C 62 -47.80 -22.11 -52.42
N PRO C 63 -46.61 -22.72 -52.44
CA PRO C 63 -45.62 -22.36 -53.47
C PRO C 63 -46.09 -22.64 -54.89
N SER C 64 -47.05 -23.53 -55.08
CA SER C 64 -47.59 -23.79 -56.41
C SER C 64 -48.64 -22.78 -56.85
N LEU C 65 -49.18 -21.99 -55.92
CA LEU C 65 -50.22 -21.02 -56.27
C LEU C 65 -50.05 -19.69 -55.57
N ASN C 66 -48.88 -19.39 -55.03
CA ASN C 66 -48.65 -18.16 -54.27
C ASN C 66 -48.72 -16.90 -55.14
N ASN C 67 -48.72 -17.04 -56.47
CA ASN C 67 -48.70 -15.87 -57.34
C ASN C 67 -49.97 -15.06 -57.22
N ARG C 68 -51.13 -15.72 -57.34
CA ARG C 68 -52.41 -15.03 -57.48
C ARG C 68 -53.35 -15.33 -56.32
N LEU C 69 -52.81 -15.49 -55.12
CA LEU C 69 -53.58 -15.88 -53.95
C LEU C 69 -53.36 -14.87 -52.83
N THR C 70 -54.46 -14.41 -52.23
CA THR C 70 -54.36 -13.54 -51.07
C THR C 70 -55.35 -14.00 -50.01
N ILE C 71 -54.92 -13.97 -48.75
CA ILE C 71 -55.76 -14.30 -47.61
C ILE C 71 -55.58 -13.22 -46.55
N THR C 72 -56.69 -12.66 -46.08
CA THR C 72 -56.67 -11.60 -45.09
C THR C 72 -57.68 -11.88 -43.99
N LYS C 73 -57.41 -11.34 -42.81
CA LYS C 73 -58.19 -11.61 -41.62
C LYS C 73 -58.64 -10.29 -40.99
N ASP C 74 -59.76 -10.35 -40.28
CA ASP C 74 -60.35 -9.21 -39.59
C ASP C 74 -60.83 -9.72 -38.23
N THR C 75 -60.03 -9.46 -37.19
CA THR C 75 -60.37 -9.95 -35.85
C THR C 75 -61.66 -9.32 -35.35
N SER C 76 -61.88 -8.04 -35.64
CA SER C 76 -63.02 -7.33 -35.08
C SER C 76 -64.34 -7.93 -35.54
N LYS C 77 -64.42 -8.28 -36.82
CA LYS C 77 -65.64 -8.84 -37.40
C LYS C 77 -65.67 -10.35 -37.39
N ASN C 78 -64.61 -11.00 -36.91
CA ASN C 78 -64.44 -12.44 -37.01
C ASN C 78 -64.59 -12.86 -38.48
N GLN C 79 -63.80 -12.20 -39.32
CA GLN C 79 -63.96 -12.19 -40.77
C GLN C 79 -62.70 -12.68 -41.45
N VAL C 80 -62.86 -13.39 -42.57
CA VAL C 80 -61.74 -13.82 -43.39
C VAL C 80 -62.12 -13.62 -44.86
N VAL C 81 -61.20 -13.04 -45.62
CA VAL C 81 -61.41 -12.79 -47.04
C VAL C 81 -60.29 -13.47 -47.82
N LEU C 82 -60.66 -14.39 -48.71
CA LEU C 82 -59.71 -15.09 -49.57
C LEU C 82 -59.98 -14.68 -51.01
N THR C 83 -59.04 -13.98 -51.62
CA THR C 83 -59.17 -13.54 -53.01
C THR C 83 -58.25 -14.38 -53.89
N MET C 84 -58.81 -14.97 -54.94
CA MET C 84 -58.08 -15.87 -55.82
C MET C 84 -58.45 -15.53 -57.26
N THR C 85 -57.44 -15.24 -58.08
CA THR C 85 -57.66 -14.70 -59.41
C THR C 85 -57.41 -15.76 -60.48
N ASN C 86 -57.91 -15.47 -61.68
CA ASN C 86 -57.61 -16.24 -62.90
C ASN C 86 -58.05 -17.69 -62.77
N MET C 87 -59.31 -17.86 -62.40
CA MET C 87 -59.92 -19.19 -62.36
C MET C 87 -60.07 -19.77 -63.75
N ASP C 88 -60.10 -21.10 -63.80
CA ASP C 88 -60.31 -21.87 -65.01
C ASP C 88 -61.29 -22.99 -64.72
N PRO C 89 -61.99 -23.48 -65.74
CA PRO C 89 -62.96 -24.57 -65.56
C PRO C 89 -62.49 -25.71 -64.66
N GLU C 90 -61.19 -26.01 -64.62
CA GLU C 90 -60.68 -27.06 -63.75
C GLU C 90 -60.78 -26.69 -62.28
N ASP C 91 -60.87 -25.41 -61.96
CA ASP C 91 -60.99 -24.96 -60.58
C ASP C 91 -62.35 -25.26 -59.97
N THR C 92 -63.22 -25.98 -60.68
CA THR C 92 -64.48 -26.46 -60.10
C THR C 92 -64.15 -27.45 -58.99
N ALA C 93 -64.32 -27.02 -57.75
CA ALA C 93 -63.91 -27.82 -56.60
C ALA C 93 -64.74 -27.36 -55.40
N THR C 94 -64.30 -27.74 -54.20
CA THR C 94 -64.96 -27.36 -52.96
C THR C 94 -63.97 -26.59 -52.10
N TYR C 95 -64.40 -25.47 -51.56
CA TYR C 95 -63.54 -24.56 -50.81
C TYR C 95 -63.95 -24.57 -49.34
N TYR C 96 -62.95 -24.64 -48.46
CA TYR C 96 -63.15 -24.76 -47.03
C TYR C 96 -62.24 -23.79 -46.29
N CYS C 97 -62.71 -23.29 -45.15
CA CYS C 97 -61.88 -22.56 -44.20
C CYS C 97 -62.00 -23.22 -42.84
N ALA C 98 -60.86 -23.40 -42.18
CA ALA C 98 -60.83 -24.15 -40.93
C ALA C 98 -59.82 -23.53 -39.98
N HIS C 99 -59.82 -24.03 -38.75
CA HIS C 99 -58.97 -23.53 -37.68
C HIS C 99 -57.67 -24.31 -37.60
N PHE C 100 -56.62 -23.62 -37.18
CA PHE C 100 -55.32 -24.23 -36.90
C PHE C 100 -54.90 -23.89 -35.48
N PHE C 101 -54.47 -24.91 -34.73
CA PHE C 101 -54.00 -24.73 -33.38
C PHE C 101 -52.92 -25.77 -33.09
N SER C 102 -52.20 -25.55 -32.00
CA SER C 102 -51.15 -26.44 -31.55
C SER C 102 -51.25 -26.61 -30.04
N HIS C 103 -50.61 -27.64 -29.53
CA HIS C 103 -50.73 -28.04 -28.14
C HIS C 103 -49.36 -28.00 -27.47
N TYR C 104 -49.30 -27.39 -26.30
CA TYR C 104 -48.07 -27.31 -25.51
C TYR C 104 -48.41 -27.63 -24.07
N ASP C 105 -47.43 -28.14 -23.33
CA ASP C 105 -47.66 -28.58 -21.95
C ASP C 105 -46.42 -28.33 -21.10
N SER C 106 -46.43 -27.22 -20.36
CA SER C 106 -45.55 -26.94 -19.24
C SER C 106 -44.09 -26.75 -19.62
N SER C 107 -43.75 -27.02 -20.88
CA SER C 107 -42.46 -26.64 -21.43
C SER C 107 -42.56 -26.24 -22.88
N ASN C 108 -43.77 -26.19 -23.44
CA ASN C 108 -43.98 -25.99 -24.87
C ASN C 108 -43.27 -27.06 -25.68
N TYR C 109 -43.49 -28.33 -25.31
CA TYR C 109 -42.88 -29.45 -26.02
C TYR C 109 -43.52 -29.68 -27.38
N TYR C 110 -44.64 -29.01 -27.69
CA TYR C 110 -45.34 -29.15 -28.96
C TYR C 110 -45.79 -30.60 -29.17
N TYR C 111 -46.80 -30.99 -28.39
CA TYR C 111 -47.48 -32.26 -28.65
C TYR C 111 -48.31 -32.15 -29.92
N GLY C 112 -47.66 -31.85 -31.04
CA GLY C 112 -48.34 -31.82 -32.32
C GLY C 112 -49.19 -30.58 -32.52
N SER C 113 -49.73 -30.48 -33.72
CA SER C 113 -50.65 -29.43 -34.13
C SER C 113 -51.71 -30.04 -35.01
N TRP C 114 -52.87 -29.39 -35.08
CA TRP C 114 -53.99 -29.98 -35.81
C TRP C 114 -54.85 -28.90 -36.45
N PHE C 115 -55.86 -29.36 -37.17
CA PHE C 115 -56.97 -28.55 -37.63
C PHE C 115 -58.19 -28.84 -36.77
N ASP C 116 -59.03 -27.82 -36.59
CA ASP C 116 -60.34 -28.06 -36.00
C ASP C 116 -61.27 -28.65 -37.07
N PRO C 117 -62.43 -29.17 -36.66
CA PRO C 117 -63.40 -29.63 -37.66
C PRO C 117 -63.74 -28.52 -38.65
N TRP C 118 -63.75 -28.88 -39.93
CA TRP C 118 -63.92 -27.89 -40.97
C TRP C 118 -65.37 -27.42 -41.03
N GLY C 119 -65.59 -26.33 -41.76
CA GLY C 119 -66.91 -25.77 -41.93
C GLY C 119 -67.76 -26.58 -42.87
N GLN C 120 -68.76 -25.91 -43.46
CA GLN C 120 -69.62 -26.57 -44.43
C GLN C 120 -68.96 -26.65 -45.80
N GLY C 121 -68.23 -25.61 -46.19
CA GLY C 121 -67.59 -25.56 -47.49
C GLY C 121 -68.55 -25.12 -48.58
N THR C 122 -67.98 -24.67 -49.70
CA THR C 122 -68.76 -24.19 -50.82
C THR C 122 -68.29 -24.85 -52.11
N LEU C 123 -69.22 -25.42 -52.86
CA LEU C 123 -68.93 -26.01 -54.16
C LEU C 123 -68.89 -24.89 -55.19
N VAL C 124 -67.68 -24.50 -55.59
CA VAL C 124 -67.49 -23.40 -56.53
C VAL C 124 -67.10 -23.99 -57.87
N THR C 125 -67.85 -23.64 -58.91
CA THR C 125 -67.64 -24.16 -60.25
C THR C 125 -67.30 -23.02 -61.20
N VAL C 126 -66.52 -23.35 -62.23
CA VAL C 126 -66.08 -22.38 -63.23
C VAL C 126 -66.47 -22.92 -64.60
N SER C 127 -67.14 -22.09 -65.39
CA SER C 127 -67.58 -22.48 -66.72
C SER C 127 -67.94 -21.24 -67.52
N SER C 128 -67.54 -21.23 -68.79
CA SER C 128 -67.87 -20.12 -69.70
C SER C 128 -69.13 -20.45 -70.49
N ALA C 129 -70.23 -20.66 -69.76
CA ALA C 129 -71.47 -21.10 -70.38
C ALA C 129 -72.65 -20.28 -69.91
N SER C 130 -73.86 -20.71 -70.27
CA SER C 130 -75.09 -20.06 -69.86
C SER C 130 -75.97 -21.06 -69.11
N THR C 131 -76.75 -20.55 -68.16
CA THR C 131 -77.67 -21.41 -67.42
C THR C 131 -78.71 -22.00 -68.37
N LYS C 132 -78.89 -23.32 -68.29
CA LYS C 132 -79.79 -24.04 -69.18
C LYS C 132 -80.71 -24.92 -68.36
N GLY C 133 -82.01 -24.87 -68.66
CA GLY C 133 -82.99 -25.71 -68.02
C GLY C 133 -82.76 -27.17 -68.37
N PRO C 134 -82.70 -28.03 -67.34
CA PRO C 134 -82.49 -29.46 -67.59
C PRO C 134 -83.62 -30.06 -68.40
N SER C 135 -83.25 -30.97 -69.31
CA SER C 135 -84.19 -31.70 -70.14
C SER C 135 -84.32 -33.12 -69.61
N VAL C 136 -85.56 -33.57 -69.47
CA VAL C 136 -85.87 -34.87 -68.86
C VAL C 136 -86.34 -35.80 -69.97
N PHE C 137 -85.74 -36.99 -70.02
CA PHE C 137 -86.16 -37.96 -71.02
C PHE C 137 -86.44 -39.31 -70.36
N PRO C 138 -87.57 -39.93 -70.68
CA PRO C 138 -87.94 -41.18 -70.01
C PRO C 138 -87.21 -42.39 -70.55
N LEU C 139 -86.62 -43.17 -69.66
CA LEU C 139 -85.98 -44.44 -70.00
C LEU C 139 -86.93 -45.54 -69.55
N ALA C 140 -87.65 -46.12 -70.50
CA ALA C 140 -88.70 -47.09 -70.25
C ALA C 140 -88.12 -48.51 -70.16
N PRO C 141 -88.77 -49.40 -69.42
CA PRO C 141 -88.32 -50.80 -69.41
C PRO C 141 -88.57 -51.45 -70.77
N SER C 142 -87.72 -52.42 -71.10
CA SER C 142 -87.90 -53.18 -72.33
C SER C 142 -89.12 -54.09 -72.21
N SER C 143 -89.74 -54.38 -73.34
CA SER C 143 -90.96 -55.19 -73.38
C SER C 143 -90.65 -56.61 -72.93
N LYS C 144 -91.15 -56.98 -71.76
CA LYS C 144 -90.96 -58.32 -71.22
C LYS C 144 -92.13 -58.65 -70.31
N SER C 145 -92.47 -59.94 -70.26
CA SER C 145 -93.63 -60.36 -69.48
C SER C 145 -93.29 -60.47 -68.00
N THR C 146 -92.39 -61.39 -67.66
CA THR C 146 -91.96 -61.56 -66.27
C THR C 146 -90.48 -61.23 -66.10
N SER C 147 -89.60 -61.91 -66.85
CA SER C 147 -88.15 -61.74 -66.72
C SER C 147 -87.69 -61.93 -65.28
N GLY C 148 -88.27 -62.92 -64.61
CA GLY C 148 -87.96 -63.16 -63.22
C GLY C 148 -88.58 -62.18 -62.25
N GLY C 149 -89.54 -61.37 -62.69
CA GLY C 149 -90.13 -60.36 -61.83
C GLY C 149 -89.19 -59.25 -61.43
N THR C 150 -88.30 -58.84 -62.35
CA THR C 150 -87.37 -57.76 -62.07
C THR C 150 -87.23 -56.91 -63.33
N ALA C 151 -87.35 -55.59 -63.16
CA ALA C 151 -87.27 -54.66 -64.27
C ALA C 151 -86.78 -53.32 -63.74
N ALA C 152 -86.36 -52.45 -64.66
CA ALA C 152 -85.86 -51.14 -64.27
C ALA C 152 -86.41 -50.08 -65.22
N LEU C 153 -86.53 -48.86 -64.71
CA LEU C 153 -86.93 -47.71 -65.51
C LEU C 153 -86.31 -46.47 -64.89
N GLY C 154 -86.50 -45.32 -65.52
CA GLY C 154 -85.99 -44.10 -64.92
C GLY C 154 -86.20 -42.89 -65.80
N CYS C 155 -85.58 -41.79 -65.35
CA CYS C 155 -85.58 -40.54 -66.08
C CYS C 155 -84.16 -40.03 -66.16
N LEU C 156 -83.72 -39.66 -67.36
CA LEU C 156 -82.39 -39.11 -67.56
C LEU C 156 -82.47 -37.59 -67.62
N VAL C 157 -81.58 -36.93 -66.88
CA VAL C 157 -81.46 -35.48 -66.88
C VAL C 157 -80.27 -35.12 -67.75
N LYS C 158 -80.48 -34.18 -68.67
CA LYS C 158 -79.44 -33.73 -69.57
C LYS C 158 -79.45 -32.22 -69.63
N ASP C 159 -78.30 -31.63 -69.96
CA ASP C 159 -78.23 -30.21 -70.31
C ASP C 159 -78.70 -29.32 -69.17
N TYR C 160 -77.95 -29.36 -68.06
CA TYR C 160 -78.26 -28.58 -66.88
C TYR C 160 -76.99 -27.96 -66.32
N PHE C 161 -77.15 -26.85 -65.62
CA PHE C 161 -76.01 -26.19 -64.99
C PHE C 161 -76.48 -25.17 -63.96
N PRO C 162 -75.90 -25.15 -62.75
CA PRO C 162 -74.88 -26.11 -62.33
C PRO C 162 -75.39 -27.22 -61.42
N GLU C 163 -74.46 -28.01 -60.89
CA GLU C 163 -74.80 -29.09 -59.97
C GLU C 163 -75.13 -28.52 -58.60
N PRO C 164 -75.87 -29.26 -57.77
CA PRO C 164 -76.61 -30.50 -58.02
C PRO C 164 -78.01 -30.25 -58.60
N VAL C 165 -78.71 -31.33 -58.96
CA VAL C 165 -80.12 -31.29 -59.32
C VAL C 165 -80.85 -32.27 -58.43
N THR C 166 -81.98 -31.84 -57.86
CA THR C 166 -82.73 -32.69 -56.93
C THR C 166 -83.73 -33.54 -57.69
N VAL C 167 -83.86 -34.80 -57.31
CA VAL C 167 -84.76 -35.75 -57.98
C VAL C 167 -85.63 -36.43 -56.94
N SER C 168 -86.93 -36.53 -57.22
CA SER C 168 -87.88 -37.21 -56.35
C SER C 168 -88.78 -38.09 -57.21
N TRP C 169 -89.33 -39.12 -56.60
CA TRP C 169 -90.09 -40.14 -57.32
C TRP C 169 -91.42 -40.38 -56.63
N ASN C 170 -92.51 -40.28 -57.40
CA ASN C 170 -93.87 -40.52 -56.90
C ASN C 170 -94.18 -39.68 -55.67
N SER C 171 -93.66 -38.45 -55.65
CA SER C 171 -93.79 -37.55 -54.51
C SER C 171 -93.29 -38.21 -53.22
N GLY C 172 -92.12 -38.84 -53.32
CA GLY C 172 -91.48 -39.45 -52.17
C GLY C 172 -92.00 -40.80 -51.77
N ALA C 173 -92.98 -41.34 -52.49
CA ALA C 173 -93.54 -42.66 -52.18
C ALA C 173 -92.80 -43.80 -52.87
N LEU C 174 -91.71 -43.49 -53.58
CA LEU C 174 -90.95 -44.50 -54.32
C LEU C 174 -89.46 -44.22 -54.11
N THR C 175 -88.85 -44.91 -53.14
CA THR C 175 -87.43 -44.77 -52.88
C THR C 175 -86.75 -46.11 -52.58
N SER C 176 -87.34 -47.22 -53.03
CA SER C 176 -86.77 -48.54 -52.81
C SER C 176 -86.05 -48.99 -54.07
N GLY C 177 -84.76 -49.30 -53.93
CA GLY C 177 -83.97 -49.71 -55.08
C GLY C 177 -83.69 -48.62 -56.08
N VAL C 178 -83.71 -47.36 -55.64
CA VAL C 178 -83.55 -46.22 -56.52
C VAL C 178 -82.09 -45.77 -56.50
N HIS C 179 -81.49 -45.70 -57.68
CA HIS C 179 -80.13 -45.23 -57.87
C HIS C 179 -80.17 -43.85 -58.53
N THR C 180 -79.62 -42.85 -57.85
CA THR C 180 -79.52 -41.50 -58.38
C THR C 180 -78.06 -41.28 -58.76
N PHE C 181 -77.75 -41.45 -60.04
CA PHE C 181 -76.37 -41.42 -60.49
C PHE C 181 -75.81 -40.00 -60.38
N PRO C 182 -74.58 -39.85 -59.87
CA PRO C 182 -73.97 -38.52 -59.80
C PRO C 182 -73.76 -37.91 -61.17
N ALA C 183 -73.80 -36.58 -61.20
CA ALA C 183 -73.78 -35.84 -62.46
C ALA C 183 -72.51 -36.10 -63.25
N VAL C 184 -72.66 -36.19 -64.57
CA VAL C 184 -71.55 -36.46 -65.48
C VAL C 184 -71.47 -35.31 -66.47
N LEU C 185 -70.26 -34.75 -66.63
CA LEU C 185 -70.01 -33.68 -67.57
C LEU C 185 -69.66 -34.26 -68.94
N GLN C 186 -70.31 -33.74 -69.99
CA GLN C 186 -70.05 -34.19 -71.34
C GLN C 186 -68.95 -33.34 -71.98
N SER C 187 -68.68 -33.60 -73.26
CA SER C 187 -67.56 -32.98 -73.96
C SER C 187 -67.86 -31.55 -74.41
N SER C 188 -69.12 -31.12 -74.38
CA SER C 188 -69.49 -29.78 -74.81
C SER C 188 -69.67 -28.82 -73.63
N GLY C 189 -69.01 -29.09 -72.51
CA GLY C 189 -69.15 -28.25 -71.33
C GLY C 189 -70.55 -28.26 -70.76
N LEU C 190 -71.18 -29.42 -70.68
CA LEU C 190 -72.54 -29.53 -70.20
C LEU C 190 -72.77 -30.94 -69.64
N TYR C 191 -73.74 -31.05 -68.74
CA TYR C 191 -73.80 -32.15 -67.80
C TYR C 191 -74.93 -33.13 -68.11
N SER C 192 -74.85 -34.31 -67.47
CA SER C 192 -75.80 -35.40 -67.67
C SER C 192 -75.81 -36.29 -66.43
N LEU C 193 -76.98 -36.90 -66.18
CA LEU C 193 -77.13 -37.90 -65.13
C LEU C 193 -78.46 -38.62 -65.36
N SER C 194 -78.81 -39.52 -64.44
CA SER C 194 -80.08 -40.22 -64.51
C SER C 194 -80.50 -40.67 -63.12
N SER C 195 -81.80 -40.94 -62.98
CA SER C 195 -82.36 -41.55 -61.77
C SER C 195 -83.15 -42.77 -62.20
N VAL C 196 -82.82 -43.93 -61.63
CA VAL C 196 -83.37 -45.22 -62.06
C VAL C 196 -83.99 -45.92 -60.86
N VAL C 197 -85.24 -46.37 -61.02
CA VAL C 197 -85.93 -47.16 -60.01
C VAL C 197 -86.16 -48.56 -60.56
N THR C 198 -85.95 -49.56 -59.70
CA THR C 198 -86.12 -50.96 -60.06
C THR C 198 -87.46 -51.45 -59.53
N VAL C 199 -88.34 -51.85 -60.45
CA VAL C 199 -89.69 -52.31 -60.12
C VAL C 199 -89.94 -53.63 -60.85
N PRO C 200 -90.81 -54.49 -60.34
CA PRO C 200 -91.08 -55.77 -61.02
C PRO C 200 -91.79 -55.55 -62.35
N SER C 201 -91.57 -56.50 -63.27
CA SER C 201 -92.26 -56.47 -64.56
C SER C 201 -93.77 -56.66 -64.39
N SER C 202 -94.20 -57.26 -63.29
CA SER C 202 -95.62 -57.36 -62.98
C SER C 202 -96.18 -56.10 -62.33
N SER C 203 -95.32 -55.16 -61.94
CA SER C 203 -95.76 -53.90 -61.36
C SER C 203 -95.85 -52.78 -62.40
N LEU C 204 -95.50 -53.04 -63.65
CA LEU C 204 -95.52 -51.99 -64.67
C LEU C 204 -96.95 -51.61 -65.04
N GLY C 205 -97.82 -52.60 -65.25
CA GLY C 205 -99.17 -52.35 -65.70
C GLY C 205 -100.14 -51.88 -64.64
N THR C 206 -99.74 -51.85 -63.37
CA THR C 206 -100.60 -51.40 -62.29
C THR C 206 -100.16 -50.10 -61.66
N GLN C 207 -98.90 -49.70 -61.83
CA GLN C 207 -98.35 -48.51 -61.20
C GLN C 207 -97.85 -47.55 -62.27
N THR C 208 -98.30 -46.31 -62.19
CA THR C 208 -97.77 -45.26 -63.04
C THR C 208 -96.51 -44.66 -62.41
N TYR C 209 -95.55 -44.32 -63.26
CA TYR C 209 -94.25 -43.82 -62.81
C TYR C 209 -94.12 -42.35 -63.18
N ILE C 210 -93.93 -41.52 -62.17
CA ILE C 210 -93.78 -40.07 -62.34
C ILE C 210 -92.54 -39.63 -61.57
N CYS C 211 -91.70 -38.83 -62.21
CA CYS C 211 -90.46 -38.35 -61.60
C CYS C 211 -90.43 -36.82 -61.65
N ASN C 212 -90.09 -36.21 -60.52
CA ASN C 212 -90.06 -34.76 -60.39
C ASN C 212 -88.61 -34.32 -60.15
N VAL C 213 -88.08 -33.54 -61.07
CA VAL C 213 -86.73 -33.00 -60.94
C VAL C 213 -86.82 -31.50 -60.70
N ASN C 214 -86.12 -31.04 -59.65
CA ASN C 214 -86.09 -29.64 -59.27
C ASN C 214 -84.69 -29.10 -59.44
N HIS C 215 -84.58 -27.97 -60.13
CA HIS C 215 -83.32 -27.31 -60.45
C HIS C 215 -83.52 -25.83 -60.19
N LYS C 216 -83.08 -25.38 -59.01
CA LYS C 216 -83.29 -23.99 -58.59
C LYS C 216 -82.59 -22.97 -59.49
N PRO C 217 -81.32 -23.13 -59.87
CA PRO C 217 -80.69 -22.11 -60.72
C PRO C 217 -81.43 -21.86 -62.03
N SER C 218 -81.99 -22.91 -62.62
CA SER C 218 -82.85 -22.75 -63.79
C SER C 218 -84.31 -22.59 -63.42
N ASN C 219 -84.66 -22.75 -62.14
CA ASN C 219 -86.04 -22.63 -61.66
C ASN C 219 -86.97 -23.55 -62.45
N THR C 220 -86.54 -24.80 -62.60
CA THR C 220 -87.30 -25.80 -63.34
C THR C 220 -87.77 -26.88 -62.37
N LYS C 221 -89.08 -27.06 -62.29
CA LYS C 221 -89.69 -28.16 -61.53
C LYS C 221 -90.43 -29.01 -62.56
N VAL C 222 -89.74 -30.00 -63.12
CA VAL C 222 -90.22 -30.77 -64.26
C VAL C 222 -90.76 -32.10 -63.77
N ASP C 223 -92.01 -32.41 -64.14
CA ASP C 223 -92.62 -33.70 -63.86
C ASP C 223 -92.68 -34.49 -65.17
N LYS C 224 -92.15 -35.70 -65.15
CA LYS C 224 -92.06 -36.54 -66.34
C LYS C 224 -92.70 -37.90 -66.06
N ARG C 225 -93.48 -38.38 -67.03
CA ARG C 225 -94.10 -39.69 -66.94
C ARG C 225 -93.28 -40.74 -67.67
N VAL C 226 -93.05 -41.86 -67.00
CA VAL C 226 -92.38 -43.01 -67.59
C VAL C 226 -93.37 -44.16 -67.62
N GLU C 227 -93.61 -44.70 -68.81
CA GLU C 227 -94.53 -45.82 -68.98
C GLU C 227 -93.81 -46.97 -69.66
N PRO C 228 -94.21 -48.21 -69.39
CA PRO C 228 -93.70 -49.33 -70.17
C PRO C 228 -94.05 -49.16 -71.64
N LYS C 229 -93.09 -49.47 -72.51
CA LYS C 229 -93.26 -49.30 -73.94
C LYS C 229 -92.98 -50.62 -74.64
N SER C 230 -93.82 -50.96 -75.60
CA SER C 230 -93.74 -52.23 -76.30
C SER C 230 -93.05 -52.06 -77.65
N CYS C 231 -92.44 -53.15 -78.11
CA CYS C 231 -91.69 -53.14 -79.35
C CYS C 231 -92.59 -53.39 -80.56
N VAL D 1 -9.49 -18.22 -55.75
CA VAL D 1 -9.33 -18.42 -54.33
C VAL D 1 -8.33 -19.54 -54.09
N GLN D 2 -7.47 -19.38 -53.09
CA GLN D 2 -6.56 -20.45 -52.74
C GLN D 2 -6.13 -20.31 -51.28
N LEU D 3 -5.89 -21.45 -50.64
CA LEU D 3 -5.42 -21.51 -49.25
C LEU D 3 -4.26 -22.50 -49.21
N VAL D 4 -3.04 -21.99 -49.39
CA VAL D 4 -1.86 -22.81 -49.48
C VAL D 4 -1.22 -22.93 -48.12
N GLU D 5 -0.77 -24.14 -47.78
CA GLU D 5 -0.14 -24.40 -46.50
C GLU D 5 1.37 -24.28 -46.59
N SER D 6 2.00 -23.95 -45.47
CA SER D 6 3.45 -23.88 -45.39
C SER D 6 3.88 -24.03 -43.93
N GLY D 7 5.05 -24.62 -43.73
CA GLY D 7 5.63 -24.75 -42.41
C GLY D 7 5.53 -26.10 -41.76
N GLY D 8 4.87 -27.07 -42.40
CA GLY D 8 4.77 -28.39 -41.83
C GLY D 8 6.09 -29.14 -41.87
N GLY D 9 6.16 -30.20 -41.07
CA GLY D 9 7.37 -31.01 -41.04
C GLY D 9 7.36 -31.97 -39.87
N LEU D 10 8.54 -32.49 -39.56
CA LEU D 10 8.72 -33.46 -38.49
C LEU D 10 9.51 -32.83 -37.35
N VAL D 11 9.02 -33.02 -36.13
CA VAL D 11 9.55 -32.39 -34.94
C VAL D 11 9.50 -33.38 -33.79
N GLN D 12 10.46 -33.25 -32.88
CA GLN D 12 10.52 -34.12 -31.73
C GLN D 12 9.37 -33.81 -30.77
N PRO D 13 8.97 -34.78 -29.94
CA PRO D 13 7.94 -34.48 -28.94
C PRO D 13 8.35 -33.36 -28.02
N GLY D 14 7.40 -32.47 -27.72
CA GLY D 14 7.69 -31.31 -26.90
C GLY D 14 8.26 -30.12 -27.64
N GLY D 15 8.15 -30.09 -28.97
CA GLY D 15 8.71 -29.01 -29.76
C GLY D 15 7.70 -27.91 -30.04
N SER D 16 8.13 -26.97 -30.87
CA SER D 16 7.32 -25.82 -31.27
C SER D 16 7.41 -25.61 -32.76
N LEU D 17 6.31 -25.19 -33.37
CA LEU D 17 6.23 -25.07 -34.81
C LEU D 17 5.22 -23.98 -35.18
N ARG D 18 5.42 -23.42 -36.37
CA ARG D 18 4.55 -22.40 -36.96
C ARG D 18 4.02 -22.90 -38.29
N LEU D 19 2.73 -22.72 -38.51
CA LEU D 19 2.09 -23.01 -39.79
C LEU D 19 1.52 -21.71 -40.36
N SER D 20 1.81 -21.45 -41.63
CA SER D 20 1.29 -20.28 -42.31
C SER D 20 0.50 -20.73 -43.54
N CYS D 21 -0.75 -20.29 -43.62
CA CYS D 21 -1.62 -20.58 -44.76
C CYS D 21 -1.88 -19.27 -45.50
N ALA D 22 -1.34 -19.16 -46.70
CA ALA D 22 -1.53 -17.97 -47.52
C ALA D 22 -2.86 -18.06 -48.26
N ALA D 23 -3.62 -16.97 -48.24
CA ALA D 23 -4.96 -16.91 -48.78
C ALA D 23 -5.01 -15.95 -49.96
N SER D 24 -5.75 -16.35 -51.00
CA SER D 24 -5.95 -15.55 -52.20
C SER D 24 -7.43 -15.50 -52.52
N GLU D 25 -7.93 -14.29 -52.79
CA GLU D 25 -9.32 -13.94 -53.07
C GLU D 25 -10.21 -13.96 -51.84
N ILE D 26 -9.65 -14.18 -50.65
CA ILE D 26 -10.41 -14.23 -49.40
C ILE D 26 -9.59 -13.58 -48.30
N THR D 27 -10.29 -12.90 -47.38
CA THR D 27 -9.66 -12.09 -46.35
C THR D 27 -9.65 -12.86 -45.03
N VAL D 28 -8.46 -13.04 -44.47
CA VAL D 28 -8.35 -13.71 -43.18
C VAL D 28 -8.99 -12.89 -42.07
N SER D 29 -8.80 -11.57 -42.11
CA SER D 29 -9.35 -10.66 -41.12
C SER D 29 -10.78 -10.22 -41.41
N SER D 30 -11.52 -10.96 -42.26
CA SER D 30 -12.92 -10.65 -42.47
C SER D 30 -13.80 -11.89 -42.61
N ASN D 31 -13.26 -13.10 -42.44
CA ASN D 31 -13.99 -14.33 -42.68
C ASN D 31 -13.75 -15.31 -41.54
N TYR D 32 -14.41 -16.47 -41.65
CA TYR D 32 -14.34 -17.53 -40.65
C TYR D 32 -13.27 -18.53 -41.06
N MET D 33 -12.12 -18.47 -40.40
CA MET D 33 -10.96 -19.29 -40.79
C MET D 33 -10.77 -20.43 -39.80
N ASN D 34 -10.71 -21.66 -40.30
CA ASN D 34 -10.69 -22.84 -39.45
C ASN D 34 -9.42 -23.64 -39.68
N TRP D 35 -8.78 -24.05 -38.59
CA TRP D 35 -7.71 -25.05 -38.63
C TRP D 35 -8.31 -26.40 -38.29
N VAL D 36 -8.09 -27.38 -39.17
CA VAL D 36 -8.70 -28.71 -39.08
C VAL D 36 -7.60 -29.76 -39.02
N ARG D 37 -7.85 -30.79 -38.23
CA ARG D 37 -6.95 -31.93 -38.05
C ARG D 37 -7.47 -33.10 -38.87
N GLN D 38 -6.57 -33.81 -39.55
CA GLN D 38 -6.94 -35.04 -40.24
C GLN D 38 -5.81 -36.04 -40.13
N ALA D 39 -6.06 -37.15 -39.44
CA ALA D 39 -5.04 -38.17 -39.28
C ALA D 39 -4.87 -38.97 -40.56
N PRO D 40 -3.67 -39.49 -40.80
CA PRO D 40 -3.46 -40.40 -41.95
C PRO D 40 -4.26 -41.68 -41.77
N GLY D 41 -5.15 -41.94 -42.71
CA GLY D 41 -5.97 -43.14 -42.70
C GLY D 41 -7.25 -43.04 -41.90
N LYS D 42 -7.41 -42.02 -41.07
CA LYS D 42 -8.57 -41.83 -40.22
C LYS D 42 -9.48 -40.75 -40.81
N GLY D 43 -10.50 -40.37 -40.05
CA GLY D 43 -11.41 -39.31 -40.44
C GLY D 43 -10.92 -37.92 -40.06
N LEU D 44 -11.76 -36.93 -40.35
CA LEU D 44 -11.44 -35.53 -40.09
C LEU D 44 -11.58 -35.21 -38.60
N GLU D 45 -11.12 -34.02 -38.24
CA GLU D 45 -11.29 -33.52 -36.87
C GLU D 45 -11.10 -32.01 -36.88
N TRP D 46 -12.16 -31.25 -36.65
CA TRP D 46 -12.01 -29.81 -36.54
C TRP D 46 -11.29 -29.45 -35.24
N VAL D 47 -10.41 -28.46 -35.31
CA VAL D 47 -9.61 -28.05 -34.16
C VAL D 47 -9.99 -26.64 -33.70
N SER D 48 -9.82 -25.64 -34.55
CA SER D 48 -9.96 -24.27 -34.10
C SER D 48 -10.58 -23.42 -35.18
N VAL D 49 -11.18 -22.31 -34.75
CA VAL D 49 -11.78 -21.34 -35.65
C VAL D 49 -11.47 -19.94 -35.15
N VAL D 50 -11.34 -19.01 -36.08
CA VAL D 50 -11.29 -17.59 -35.78
C VAL D 50 -12.39 -16.91 -36.57
N TYR D 51 -13.21 -16.15 -35.86
CA TYR D 51 -14.33 -15.41 -36.43
C TYR D 51 -13.79 -14.21 -37.21
N PRO D 52 -14.63 -13.62 -38.08
CA PRO D 52 -14.16 -12.44 -38.83
C PRO D 52 -13.67 -11.31 -37.93
N GLY D 53 -14.29 -11.13 -36.77
CA GLY D 53 -13.89 -10.03 -35.90
C GLY D 53 -12.48 -10.20 -35.34
N GLY D 54 -12.14 -11.41 -34.94
CA GLY D 54 -10.85 -11.64 -34.32
C GLY D 54 -10.93 -12.55 -33.10
N SER D 55 -12.14 -12.92 -32.73
CA SER D 55 -12.35 -13.86 -31.64
C SER D 55 -12.00 -15.27 -32.09
N THR D 56 -11.47 -16.06 -31.16
CA THR D 56 -10.93 -17.38 -31.48
C THR D 56 -11.51 -18.44 -30.55
N PHE D 57 -11.74 -19.63 -31.09
CA PHE D 57 -12.15 -20.79 -30.33
C PHE D 57 -11.30 -21.99 -30.71
N TYR D 58 -11.05 -22.85 -29.72
CA TYR D 58 -10.24 -24.04 -29.91
C TYR D 58 -11.04 -25.28 -29.48
N THR D 59 -10.71 -26.42 -30.08
CA THR D 59 -11.33 -27.65 -29.66
C THR D 59 -10.83 -28.04 -28.27
N ASP D 60 -11.62 -28.86 -27.59
CA ASP D 60 -11.36 -29.17 -26.19
C ASP D 60 -10.02 -29.85 -25.99
N SER D 61 -9.60 -30.69 -26.95
CA SER D 61 -8.36 -31.43 -26.82
C SER D 61 -7.13 -30.52 -26.75
N VAL D 62 -7.13 -29.41 -27.48
CA VAL D 62 -5.96 -28.55 -27.60
C VAL D 62 -6.23 -27.16 -27.01
N LYS D 63 -7.25 -27.01 -26.17
CA LYS D 63 -7.48 -25.75 -25.49
C LYS D 63 -6.28 -25.36 -24.63
N GLY D 64 -5.89 -24.09 -24.73
CA GLY D 64 -4.74 -23.60 -24.01
C GLY D 64 -3.42 -23.97 -24.62
N ARG D 65 -3.40 -24.68 -25.75
CA ARG D 65 -2.14 -25.17 -26.30
C ARG D 65 -1.83 -24.68 -27.70
N PHE D 66 -2.82 -24.43 -28.55
CA PHE D 66 -2.62 -23.88 -29.88
C PHE D 66 -2.88 -22.38 -29.85
N THR D 67 -2.18 -21.63 -30.71
CA THR D 67 -2.39 -20.20 -30.83
C THR D 67 -2.69 -19.85 -32.29
N ILE D 68 -3.89 -19.34 -32.54
CA ILE D 68 -4.36 -19.05 -33.89
C ILE D 68 -4.28 -17.53 -34.11
N SER D 69 -3.82 -17.14 -35.30
CA SER D 69 -3.54 -15.74 -35.56
C SER D 69 -3.91 -15.41 -36.99
N ARG D 70 -4.24 -14.14 -37.21
CA ARG D 70 -4.52 -13.60 -38.53
C ARG D 70 -3.48 -12.54 -38.86
N ASP D 71 -2.86 -12.65 -40.03
CA ASP D 71 -1.79 -11.76 -40.44
C ASP D 71 -2.26 -10.94 -41.63
N ASN D 72 -2.44 -9.64 -41.41
CA ASN D 72 -2.86 -8.73 -42.47
C ASN D 72 -1.71 -8.34 -43.39
N SER D 73 -0.46 -8.53 -42.95
CA SER D 73 0.67 -8.15 -43.77
C SER D 73 0.73 -8.98 -45.04
N LYS D 74 0.34 -10.25 -44.95
CA LYS D 74 0.34 -11.15 -46.11
C LYS D 74 -0.97 -11.89 -46.26
N ASN D 75 -2.06 -11.39 -45.68
CA ASN D 75 -3.38 -12.04 -45.60
C ASN D 75 -3.24 -13.55 -45.40
N THR D 76 -2.55 -13.92 -44.33
CA THR D 76 -2.25 -15.30 -44.02
C THR D 76 -2.84 -15.71 -42.67
N LEU D 77 -2.90 -17.02 -42.48
CA LEU D 77 -3.33 -17.65 -41.25
C LEU D 77 -2.10 -18.21 -40.54
N TYR D 78 -1.91 -17.87 -39.28
CA TYR D 78 -0.81 -18.42 -38.49
C TYR D 78 -1.30 -19.35 -37.40
N LEU D 79 -0.54 -20.42 -37.19
CA LEU D 79 -0.81 -21.39 -36.12
C LEU D 79 0.48 -21.65 -35.38
N GLN D 80 0.47 -21.42 -34.07
CA GLN D 80 1.60 -21.68 -33.18
C GLN D 80 1.30 -22.91 -32.33
N MET D 81 2.17 -23.90 -32.40
CA MET D 81 2.00 -25.13 -31.63
C MET D 81 3.23 -25.37 -30.76
N ASN D 82 3.01 -25.76 -29.52
CA ASN D 82 4.09 -26.01 -28.59
C ASN D 82 3.80 -27.25 -27.76
N SER D 83 4.85 -27.78 -27.12
CA SER D 83 4.74 -28.95 -26.25
C SER D 83 4.16 -30.13 -27.03
N LEU D 84 4.66 -30.33 -28.25
CA LEU D 84 4.09 -31.30 -29.16
C LEU D 84 4.19 -32.72 -28.60
N ARG D 85 3.17 -33.52 -28.87
CA ARG D 85 3.06 -34.87 -28.34
C ARG D 85 2.92 -35.87 -29.48
N ALA D 86 2.88 -37.16 -29.12
CA ALA D 86 2.89 -38.23 -30.12
C ALA D 86 1.62 -38.28 -30.94
N GLU D 87 0.53 -37.67 -30.47
CA GLU D 87 -0.74 -37.70 -31.18
C GLU D 87 -0.86 -36.58 -32.20
N ASP D 88 0.18 -35.77 -32.36
CA ASP D 88 0.15 -34.60 -33.22
C ASP D 88 0.63 -34.88 -34.63
N THR D 89 0.73 -36.15 -35.02
CA THR D 89 1.12 -36.53 -36.37
C THR D 89 -0.13 -36.64 -37.25
N ALA D 90 -0.35 -35.66 -38.10
CA ALA D 90 -1.47 -35.65 -39.03
C ALA D 90 -1.29 -34.51 -40.02
N VAL D 91 -2.28 -34.32 -40.89
CA VAL D 91 -2.31 -33.24 -41.85
C VAL D 91 -3.22 -32.15 -41.31
N TYR D 92 -2.73 -30.92 -41.29
CA TYR D 92 -3.52 -29.77 -40.89
C TYR D 92 -3.99 -29.02 -42.12
N TYR D 93 -5.26 -28.59 -42.09
CA TYR D 93 -5.89 -27.91 -43.20
C TYR D 93 -6.42 -26.55 -42.76
N CYS D 94 -6.17 -25.54 -43.59
CA CYS D 94 -6.79 -24.23 -43.41
C CYS D 94 -8.01 -24.17 -44.32
N ALA D 95 -9.17 -23.97 -43.71
CA ALA D 95 -10.44 -24.05 -44.42
C ALA D 95 -11.23 -22.78 -44.23
N ARG D 96 -12.05 -22.45 -45.23
CA ARG D 96 -12.97 -21.33 -45.14
C ARG D 96 -14.35 -21.82 -44.74
N GLU D 97 -14.97 -21.13 -43.79
CA GLU D 97 -16.28 -21.48 -43.28
C GLU D 97 -17.30 -20.43 -43.74
N SER D 98 -18.55 -20.87 -43.88
CA SER D 98 -19.65 -20.06 -44.43
C SER D 98 -19.36 -19.69 -45.89
N GLY D 99 -19.10 -20.72 -46.68
CA GLY D 99 -18.88 -20.50 -48.09
C GLY D 99 -19.92 -21.15 -48.97
N GLY D 100 -19.75 -21.04 -50.27
CA GLY D 100 -20.67 -21.62 -51.22
C GLY D 100 -21.64 -20.60 -51.77
N PHE D 101 -21.98 -20.78 -53.05
CA PHE D 101 -22.87 -19.83 -53.71
C PHE D 101 -24.25 -19.75 -53.06
N PRO D 102 -24.92 -20.84 -52.70
CA PRO D 102 -26.25 -20.71 -52.10
C PRO D 102 -26.27 -20.09 -50.71
N LEU D 103 -25.10 -19.73 -50.14
CA LEU D 103 -25.01 -19.12 -48.82
C LEU D 103 -25.59 -20.03 -47.75
N ALA D 104 -24.95 -21.17 -47.56
CA ALA D 104 -25.29 -22.10 -46.49
C ALA D 104 -24.15 -22.12 -45.48
N GLU D 105 -24.45 -21.80 -44.23
CA GLU D 105 -23.48 -21.76 -43.16
C GLU D 105 -23.20 -23.15 -42.61
N GLY D 106 -22.17 -23.25 -41.78
CA GLY D 106 -21.77 -24.51 -41.19
C GLY D 106 -20.91 -25.37 -42.08
N ALA D 107 -20.48 -24.86 -43.24
CA ALA D 107 -19.83 -25.67 -44.26
C ALA D 107 -18.41 -25.23 -44.50
N PHE D 108 -17.54 -26.21 -44.78
CA PHE D 108 -16.17 -25.95 -45.21
C PHE D 108 -16.11 -26.09 -46.72
N ASP D 109 -16.51 -25.02 -47.41
CA ASP D 109 -16.53 -25.03 -48.87
C ASP D 109 -15.13 -25.20 -49.44
N ILE D 110 -14.16 -24.47 -48.89
CA ILE D 110 -12.82 -24.38 -49.47
C ILE D 110 -11.84 -24.99 -48.47
N TRP D 111 -11.11 -26.00 -48.94
CA TRP D 111 -10.12 -26.72 -48.16
C TRP D 111 -8.74 -26.46 -48.71
N GLY D 112 -7.78 -26.24 -47.82
CA GLY D 112 -6.40 -26.11 -48.24
C GLY D 112 -5.82 -27.45 -48.62
N GLN D 113 -4.66 -27.40 -49.30
CA GLN D 113 -4.00 -28.64 -49.68
C GLN D 113 -3.53 -29.44 -48.47
N GLY D 114 -3.47 -28.83 -47.29
CA GLY D 114 -3.08 -29.53 -46.09
C GLY D 114 -1.58 -29.75 -46.01
N THR D 115 -1.04 -29.67 -44.80
CA THR D 115 0.39 -29.86 -44.59
C THR D 115 0.63 -30.93 -43.54
N MET D 116 1.69 -31.71 -43.74
CA MET D 116 2.08 -32.74 -42.79
C MET D 116 2.71 -32.10 -41.55
N VAL D 117 2.35 -32.62 -40.38
CA VAL D 117 3.06 -32.32 -39.14
C VAL D 117 3.15 -33.63 -38.37
N THR D 118 4.37 -34.16 -38.27
CA THR D 118 4.62 -35.43 -37.60
C THR D 118 5.54 -35.20 -36.41
N VAL D 119 5.11 -35.70 -35.25
CA VAL D 119 5.82 -35.45 -33.99
C VAL D 119 6.29 -36.80 -33.45
N SER D 120 7.59 -37.05 -33.59
CA SER D 120 8.20 -38.26 -33.05
C SER D 120 9.69 -38.00 -32.87
N SER D 121 10.33 -38.87 -32.09
CA SER D 121 11.77 -38.80 -31.86
C SER D 121 12.44 -40.04 -32.42
N ALA D 122 12.04 -40.43 -33.63
CA ALA D 122 12.48 -41.69 -34.22
C ALA D 122 13.91 -41.65 -34.74
N SER D 123 14.59 -40.49 -34.68
CA SER D 123 16.00 -40.37 -35.03
C SER D 123 16.22 -40.79 -36.50
N THR D 124 15.69 -39.95 -37.38
CA THR D 124 15.74 -40.14 -38.82
C THR D 124 17.05 -40.77 -39.28
N LYS D 125 16.93 -41.85 -40.05
CA LYS D 125 18.08 -42.65 -40.46
C LYS D 125 17.74 -43.34 -41.78
N GLY D 126 18.61 -44.25 -42.20
CA GLY D 126 18.45 -44.96 -43.44
C GLY D 126 17.61 -46.21 -43.33
N PRO D 127 17.29 -46.82 -44.48
CA PRO D 127 16.43 -48.02 -44.47
C PRO D 127 17.17 -49.32 -44.25
N SER D 128 16.44 -50.43 -44.38
CA SER D 128 17.01 -51.77 -44.35
C SER D 128 16.23 -52.63 -45.33
N VAL D 129 16.91 -53.14 -46.36
CA VAL D 129 16.25 -53.82 -47.47
C VAL D 129 16.53 -55.31 -47.36
N PHE D 130 15.47 -56.11 -47.42
CA PHE D 130 15.59 -57.56 -47.33
C PHE D 130 14.88 -58.20 -48.52
N PRO D 131 15.54 -59.07 -49.27
CA PRO D 131 14.86 -59.75 -50.37
C PRO D 131 13.94 -60.85 -49.86
N LEU D 132 12.87 -61.08 -50.61
CA LEU D 132 11.96 -62.21 -50.36
C LEU D 132 11.82 -62.94 -51.68
N ALA D 133 12.47 -64.09 -51.78
CA ALA D 133 12.49 -64.87 -53.01
C ALA D 133 11.24 -65.74 -53.12
N PRO D 134 10.83 -66.10 -54.34
CA PRO D 134 9.75 -67.06 -54.49
C PRO D 134 10.14 -68.42 -53.94
N SER D 135 9.15 -69.13 -53.42
CA SER D 135 9.39 -70.43 -52.80
C SER D 135 9.92 -71.41 -53.85
N SER D 136 10.80 -72.31 -53.39
CA SER D 136 11.44 -73.27 -54.29
C SER D 136 10.40 -74.21 -54.90
N LYS D 137 10.14 -74.05 -56.18
CA LYS D 137 9.09 -74.78 -56.88
C LYS D 137 9.47 -74.89 -58.35
N SER D 138 8.78 -75.77 -59.06
CA SER D 138 9.03 -75.92 -60.49
C SER D 138 8.28 -74.86 -61.29
N THR D 139 6.95 -74.92 -61.30
CA THR D 139 6.14 -73.90 -61.95
C THR D 139 5.10 -73.27 -61.01
N SER D 140 4.36 -74.09 -60.25
CA SER D 140 3.20 -73.63 -59.48
C SER D 140 2.28 -72.76 -60.33
N GLY D 141 1.86 -73.32 -61.46
CA GLY D 141 0.95 -72.63 -62.35
C GLY D 141 1.57 -71.46 -63.09
N GLY D 142 2.90 -71.44 -63.21
CA GLY D 142 3.57 -70.30 -63.82
C GLY D 142 3.38 -69.01 -63.06
N THR D 143 3.31 -69.09 -61.73
CA THR D 143 3.05 -67.94 -60.90
C THR D 143 4.02 -67.96 -59.73
N ALA D 144 5.07 -67.16 -59.82
CA ALA D 144 6.01 -66.96 -58.73
C ALA D 144 5.98 -65.49 -58.33
N ALA D 145 6.29 -65.22 -57.07
CA ALA D 145 6.31 -63.85 -56.58
C ALA D 145 7.56 -63.61 -55.76
N LEU D 146 8.27 -62.53 -56.07
CA LEU D 146 9.41 -62.08 -55.29
C LEU D 146 9.13 -60.67 -54.81
N GLY D 147 9.98 -60.14 -53.94
CA GLY D 147 9.71 -58.83 -53.42
C GLY D 147 10.83 -58.30 -52.56
N CYS D 148 10.66 -57.04 -52.15
CA CYS D 148 11.56 -56.34 -51.26
C CYS D 148 10.80 -55.90 -50.03
N LEU D 149 11.32 -56.24 -48.85
CA LEU D 149 10.79 -55.78 -47.58
C LEU D 149 11.70 -54.66 -47.06
N VAL D 150 11.13 -53.47 -46.90
CA VAL D 150 11.85 -52.33 -46.35
C VAL D 150 11.48 -52.23 -44.88
N LYS D 151 12.48 -52.22 -44.02
CA LYS D 151 12.29 -52.24 -42.57
C LYS D 151 13.25 -51.24 -41.93
N ASP D 152 12.80 -50.62 -40.84
CA ASP D 152 13.65 -49.77 -40.02
C ASP D 152 14.21 -48.60 -40.82
N TYR D 153 13.30 -47.75 -41.26
CA TYR D 153 13.66 -46.48 -41.89
C TYR D 153 12.76 -45.38 -41.35
N PHE D 154 13.25 -44.15 -41.43
CA PHE D 154 12.53 -42.99 -40.96
C PHE D 154 13.15 -41.73 -41.54
N PRO D 155 12.34 -40.78 -42.03
CA PRO D 155 10.90 -40.94 -42.18
C PRO D 155 10.46 -41.16 -43.62
N GLU D 156 9.14 -41.11 -43.81
CA GLU D 156 8.58 -41.04 -45.15
C GLU D 156 8.87 -39.67 -45.76
N PRO D 157 8.82 -39.55 -47.09
CA PRO D 157 8.56 -40.60 -48.07
C PRO D 157 9.78 -41.47 -48.39
N VAL D 158 9.52 -42.76 -48.60
CA VAL D 158 10.49 -43.68 -49.16
C VAL D 158 9.94 -44.15 -50.50
N THR D 159 10.82 -44.56 -51.40
CA THR D 159 10.42 -45.04 -52.71
C THR D 159 11.04 -46.41 -52.96
N VAL D 160 10.24 -47.34 -53.45
CA VAL D 160 10.70 -48.65 -53.87
C VAL D 160 10.31 -48.83 -55.33
N SER D 161 11.29 -49.20 -56.16
CA SER D 161 11.06 -49.36 -57.59
C SER D 161 11.73 -50.64 -58.06
N TRP D 162 11.18 -51.22 -59.13
CA TRP D 162 11.71 -52.41 -59.76
C TRP D 162 12.27 -52.05 -61.13
N ASN D 163 13.53 -52.41 -61.36
CA ASN D 163 14.18 -52.19 -62.66
C ASN D 163 14.06 -50.74 -63.10
N SER D 164 14.38 -49.82 -62.20
CA SER D 164 14.30 -48.38 -62.47
C SER D 164 12.90 -47.98 -62.91
N GLY D 165 11.88 -48.60 -62.31
CA GLY D 165 10.51 -48.29 -62.61
C GLY D 165 9.96 -48.95 -63.86
N ALA D 166 10.77 -49.73 -64.58
CA ALA D 166 10.28 -50.41 -65.78
C ALA D 166 9.47 -51.66 -65.45
N LEU D 167 9.63 -52.23 -64.26
CA LEU D 167 8.91 -53.43 -63.85
C LEU D 167 7.79 -53.00 -62.90
N THR D 168 6.65 -52.62 -63.48
CA THR D 168 5.49 -52.16 -62.73
C THR D 168 4.30 -53.09 -62.86
N SER D 169 4.24 -53.92 -63.89
CA SER D 169 3.16 -54.88 -64.04
C SER D 169 3.13 -55.84 -62.85
N GLY D 170 1.93 -56.11 -62.33
CA GLY D 170 1.79 -57.04 -61.24
C GLY D 170 2.50 -56.66 -59.97
N VAL D 171 2.76 -55.37 -59.78
CA VAL D 171 3.51 -54.87 -58.64
C VAL D 171 2.53 -54.36 -57.61
N HIS D 172 2.60 -54.91 -56.39
CA HIS D 172 1.80 -54.45 -55.27
C HIS D 172 2.73 -53.77 -54.27
N THR D 173 2.52 -52.48 -54.05
CA THR D 173 3.33 -51.67 -53.15
C THR D 173 2.50 -51.42 -51.90
N PHE D 174 2.77 -52.19 -50.85
CA PHE D 174 2.02 -52.05 -49.61
C PHE D 174 2.36 -50.73 -48.93
N PRO D 175 1.37 -49.95 -48.52
CA PRO D 175 1.67 -48.69 -47.81
C PRO D 175 2.40 -48.94 -46.51
N ALA D 176 3.26 -48.00 -46.16
CA ALA D 176 4.13 -48.15 -45.00
C ALA D 176 3.35 -48.12 -43.70
N VAL D 177 3.95 -48.70 -42.65
CA VAL D 177 3.33 -48.79 -41.34
C VAL D 177 4.36 -48.44 -40.27
N LEU D 178 3.85 -48.12 -39.08
CA LEU D 178 4.66 -47.70 -37.95
C LEU D 178 4.77 -48.83 -36.93
N GLN D 179 5.99 -49.06 -36.43
CA GLN D 179 6.21 -50.02 -35.36
C GLN D 179 6.24 -49.31 -34.01
N SER D 180 6.57 -50.09 -32.97
CA SER D 180 6.73 -49.56 -31.63
C SER D 180 8.07 -48.88 -31.41
N SER D 181 9.00 -49.00 -32.36
CA SER D 181 10.30 -48.36 -32.25
C SER D 181 10.36 -47.01 -32.95
N GLY D 182 9.25 -46.55 -33.52
CA GLY D 182 9.24 -45.32 -34.27
C GLY D 182 9.73 -45.43 -35.69
N LEU D 183 10.17 -46.63 -36.10
CA LEU D 183 10.69 -46.85 -37.44
C LEU D 183 9.50 -47.08 -38.39
N TYR D 184 9.79 -47.39 -39.65
CA TYR D 184 8.75 -47.68 -40.62
C TYR D 184 9.12 -48.91 -41.43
N SER D 185 8.10 -49.55 -41.99
CA SER D 185 8.30 -50.76 -42.77
C SER D 185 7.19 -50.88 -43.81
N LEU D 186 7.56 -51.41 -44.98
CA LEU D 186 6.58 -51.73 -46.01
C LEU D 186 7.09 -52.93 -46.81
N SER D 187 6.20 -53.45 -47.66
CA SER D 187 6.54 -54.53 -48.57
C SER D 187 6.23 -54.08 -49.99
N SER D 188 7.01 -54.58 -50.94
CA SER D 188 6.78 -54.32 -52.36
C SER D 188 7.02 -55.62 -53.11
N VAL D 189 5.95 -56.19 -53.65
CA VAL D 189 6.03 -57.50 -54.29
C VAL D 189 5.77 -57.35 -55.79
N VAL D 190 6.42 -58.22 -56.57
CA VAL D 190 6.21 -58.32 -58.01
C VAL D 190 6.15 -59.80 -58.38
N THR D 191 5.23 -60.14 -59.28
CA THR D 191 5.02 -61.51 -59.71
C THR D 191 5.58 -61.72 -61.11
N VAL D 192 6.33 -62.81 -61.27
CA VAL D 192 6.82 -63.26 -62.58
C VAL D 192 6.64 -64.76 -62.65
N PRO D 193 6.55 -65.30 -63.87
CA PRO D 193 6.42 -66.76 -64.01
C PRO D 193 7.64 -67.48 -63.46
N SER D 194 7.41 -68.72 -62.99
CA SER D 194 8.51 -69.52 -62.44
C SER D 194 9.56 -69.82 -63.50
N SER D 195 9.14 -69.90 -64.76
CA SER D 195 10.11 -70.09 -65.85
C SER D 195 11.03 -68.89 -65.99
N SER D 196 10.52 -67.69 -65.73
CA SER D 196 11.31 -66.47 -65.87
C SER D 196 12.13 -66.16 -64.62
N LEU D 197 12.07 -67.01 -63.60
CA LEU D 197 12.88 -66.80 -62.40
C LEU D 197 14.37 -66.84 -62.73
N GLY D 198 14.79 -67.81 -63.53
CA GLY D 198 16.18 -68.00 -63.87
C GLY D 198 16.63 -67.50 -65.22
N THR D 199 15.77 -66.80 -65.96
CA THR D 199 16.13 -66.27 -67.27
C THR D 199 16.50 -64.79 -67.23
N GLN D 200 15.62 -63.96 -66.70
CA GLN D 200 15.87 -62.52 -66.63
C GLN D 200 16.60 -62.15 -65.35
N THR D 201 17.12 -60.92 -65.31
CA THR D 201 17.73 -60.36 -64.13
C THR D 201 16.75 -59.43 -63.42
N TYR D 202 16.85 -59.39 -62.09
CA TYR D 202 15.93 -58.63 -61.26
C TYR D 202 16.71 -57.72 -60.33
N ILE D 203 16.34 -56.44 -60.29
CA ILE D 203 16.97 -55.47 -59.40
C ILE D 203 15.88 -54.74 -58.62
N CYS D 204 16.29 -54.14 -57.51
CA CYS D 204 15.36 -53.49 -56.58
C CYS D 204 16.02 -52.22 -56.07
N ASN D 205 15.44 -51.07 -56.39
CA ASN D 205 15.97 -49.77 -55.96
C ASN D 205 15.13 -49.26 -54.80
N VAL D 206 15.79 -48.96 -53.69
CA VAL D 206 15.13 -48.42 -52.50
C VAL D 206 15.79 -47.08 -52.21
N ASN D 207 15.03 -45.99 -52.34
CA ASN D 207 15.54 -44.64 -52.17
C ASN D 207 14.88 -43.99 -50.96
N HIS D 208 15.71 -43.53 -50.03
CA HIS D 208 15.27 -42.77 -48.87
C HIS D 208 15.77 -41.35 -49.03
N LYS D 209 14.85 -40.42 -49.33
CA LYS D 209 15.26 -39.05 -49.58
C LYS D 209 15.69 -38.32 -48.31
N PRO D 210 14.92 -38.32 -47.22
CA PRO D 210 15.34 -37.54 -46.04
C PRO D 210 16.70 -37.94 -45.48
N SER D 211 17.05 -39.23 -45.53
CA SER D 211 18.35 -39.67 -45.07
C SER D 211 19.41 -39.68 -46.17
N ASN D 212 19.01 -39.45 -47.43
CA ASN D 212 19.92 -39.52 -48.57
C ASN D 212 20.59 -40.89 -48.66
N THR D 213 19.77 -41.91 -48.89
CA THR D 213 20.24 -43.29 -48.99
C THR D 213 19.71 -43.92 -50.27
N LYS D 214 20.58 -44.61 -51.00
CA LYS D 214 20.19 -45.39 -52.16
C LYS D 214 20.68 -46.83 -51.97
N VAL D 215 19.78 -47.78 -52.19
CA VAL D 215 20.10 -49.20 -52.07
C VAL D 215 19.70 -49.90 -53.36
N ASP D 216 20.60 -50.69 -53.91
CA ASP D 216 20.29 -51.61 -55.01
C ASP D 216 20.48 -53.03 -54.50
N LYS D 217 19.41 -53.82 -54.56
CA LYS D 217 19.47 -55.21 -54.14
C LYS D 217 18.98 -56.10 -55.28
N ARG D 218 19.74 -57.16 -55.56
CA ARG D 218 19.33 -58.17 -56.53
C ARG D 218 18.54 -59.25 -55.82
N VAL D 219 17.30 -59.45 -56.26
CA VAL D 219 16.44 -60.49 -55.72
C VAL D 219 16.54 -61.68 -56.66
N GLU D 220 17.17 -62.76 -56.18
CA GLU D 220 17.40 -63.94 -56.97
C GLU D 220 16.75 -65.14 -56.29
N PRO D 221 15.97 -65.94 -57.02
CA PRO D 221 15.32 -67.10 -56.39
C PRO D 221 16.35 -68.08 -55.82
N LYS D 222 16.01 -68.65 -54.67
CA LYS D 222 16.89 -69.54 -53.94
C LYS D 222 16.28 -70.93 -53.87
N SER D 223 17.14 -71.94 -53.85
CA SER D 223 16.72 -73.33 -53.75
C SER D 223 16.91 -73.83 -52.32
N CYS D 224 16.39 -75.03 -52.06
CA CYS D 224 16.47 -75.63 -50.73
C CYS D 224 17.02 -77.06 -50.82
N ASP E 1 -20.35 -32.95 -28.29
CA ASP E 1 -20.74 -34.31 -27.98
C ASP E 1 -21.85 -34.79 -28.90
N ILE E 2 -21.70 -34.52 -30.19
CA ILE E 2 -22.66 -34.95 -31.20
C ILE E 2 -22.00 -36.08 -31.98
N GLN E 3 -22.55 -37.28 -31.87
CA GLN E 3 -21.95 -38.49 -32.43
C GLN E 3 -22.73 -38.92 -33.64
N MET E 4 -22.03 -39.14 -34.76
CA MET E 4 -22.67 -39.54 -36.01
C MET E 4 -22.21 -40.94 -36.40
N THR E 5 -23.17 -41.78 -36.79
CA THR E 5 -22.91 -43.10 -37.33
C THR E 5 -23.35 -43.11 -38.79
N GLN E 6 -22.46 -43.59 -39.67
CA GLN E 6 -22.72 -43.62 -41.10
C GLN E 6 -22.96 -45.05 -41.55
N SER E 7 -24.02 -45.26 -42.34
CA SER E 7 -24.40 -46.57 -42.82
C SER E 7 -24.66 -46.50 -44.32
N PRO E 8 -24.08 -47.41 -45.11
CA PRO E 8 -23.15 -48.44 -44.62
C PRO E 8 -21.74 -47.90 -44.44
N SER E 9 -20.94 -48.56 -43.59
CA SER E 9 -19.57 -48.12 -43.37
C SER E 9 -18.75 -48.22 -44.65
N SER E 10 -19.00 -49.27 -45.43
CA SER E 10 -18.41 -49.43 -46.75
C SER E 10 -19.54 -49.77 -47.72
N LEU E 11 -19.56 -49.10 -48.86
CA LEU E 11 -20.62 -49.27 -49.85
C LEU E 11 -19.98 -49.61 -51.19
N SER E 12 -19.95 -50.90 -51.53
CA SER E 12 -19.40 -51.36 -52.80
C SER E 12 -20.54 -51.40 -53.82
N ALA E 13 -20.41 -50.59 -54.87
CA ALA E 13 -21.43 -50.53 -55.90
C ALA E 13 -20.79 -50.22 -57.24
N SER E 14 -21.30 -50.87 -58.29
CA SER E 14 -20.77 -50.68 -59.63
C SER E 14 -21.15 -49.30 -60.16
N VAL E 15 -20.50 -48.91 -61.25
CA VAL E 15 -20.71 -47.58 -61.82
C VAL E 15 -22.11 -47.50 -62.41
N GLY E 16 -22.75 -46.34 -62.23
CA GLY E 16 -24.09 -46.13 -62.72
C GLY E 16 -25.20 -46.61 -61.80
N ASP E 17 -24.86 -47.08 -60.61
CA ASP E 17 -25.84 -47.55 -59.64
C ASP E 17 -26.18 -46.44 -58.66
N ARG E 18 -27.47 -46.31 -58.33
CA ARG E 18 -27.93 -45.28 -57.41
C ARG E 18 -27.68 -45.73 -55.98
N VAL E 19 -26.77 -45.06 -55.29
CA VAL E 19 -26.37 -45.43 -53.95
C VAL E 19 -26.93 -44.41 -52.97
N SER E 20 -27.05 -44.83 -51.71
CA SER E 20 -27.65 -43.98 -50.69
C SER E 20 -27.00 -44.24 -49.33
N ILE E 21 -26.37 -43.22 -48.78
CA ILE E 21 -25.75 -43.27 -47.46
C ILE E 21 -26.64 -42.55 -46.47
N THR E 22 -26.64 -43.03 -45.23
CA THR E 22 -27.38 -42.39 -44.15
C THR E 22 -26.44 -42.06 -43.01
N CYS E 23 -26.69 -40.92 -42.37
CA CYS E 23 -25.94 -40.47 -41.21
C CYS E 23 -26.93 -40.21 -40.08
N ARG E 24 -26.63 -40.74 -38.90
CA ARG E 24 -27.50 -40.59 -37.75
C ARG E 24 -26.73 -39.99 -36.59
N ALA E 25 -27.25 -38.90 -36.04
CA ALA E 25 -26.66 -38.24 -34.88
C ALA E 25 -27.43 -38.58 -33.63
N SER E 26 -26.82 -38.24 -32.48
CA SER E 26 -27.47 -38.51 -31.20
C SER E 26 -28.67 -37.59 -30.98
N GLN E 27 -28.40 -36.29 -30.82
CA GLN E 27 -29.45 -35.31 -30.59
C GLN E 27 -29.74 -34.56 -31.88
N SER E 28 -30.96 -34.05 -31.97
CA SER E 28 -31.49 -33.54 -33.22
C SER E 28 -30.60 -32.46 -33.82
N ILE E 29 -30.35 -32.58 -35.12
CA ILE E 29 -29.51 -31.62 -35.83
C ILE E 29 -30.30 -30.83 -36.87
N SER E 30 -31.47 -31.34 -37.30
CA SER E 30 -32.39 -30.62 -38.16
C SER E 30 -31.77 -30.36 -39.54
N THR E 31 -31.34 -29.14 -39.79
CA THR E 31 -30.74 -28.78 -41.07
C THR E 31 -29.28 -28.36 -40.94
N HIS E 32 -28.70 -28.48 -39.75
CA HIS E 32 -27.35 -27.98 -39.49
C HIS E 32 -26.32 -29.10 -39.61
N LEU E 33 -26.34 -29.75 -40.78
CA LEU E 33 -25.37 -30.79 -41.11
C LEU E 33 -25.11 -30.74 -42.60
N HIS E 34 -23.87 -31.04 -42.98
CA HIS E 34 -23.43 -30.87 -44.36
C HIS E 34 -22.66 -32.11 -44.79
N TRP E 35 -22.67 -32.36 -46.09
CA TRP E 35 -22.01 -33.53 -46.67
C TRP E 35 -20.83 -33.06 -47.51
N TYR E 36 -19.65 -33.59 -47.19
CA TYR E 36 -18.43 -33.30 -47.92
C TYR E 36 -17.90 -34.56 -48.58
N GLN E 37 -17.12 -34.37 -49.65
CA GLN E 37 -16.49 -35.45 -50.39
C GLN E 37 -14.98 -35.30 -50.30
N GLN E 38 -14.30 -36.35 -49.85
CA GLN E 38 -12.85 -36.36 -49.76
C GLN E 38 -12.31 -37.59 -50.51
N LYS E 39 -11.36 -37.36 -51.39
CA LYS E 39 -10.64 -38.45 -52.01
C LYS E 39 -9.52 -38.94 -51.10
N PRO E 40 -9.13 -40.21 -51.22
CA PRO E 40 -7.93 -40.68 -50.51
C PRO E 40 -6.70 -39.94 -51.00
N GLY E 41 -6.09 -39.16 -50.12
CA GLY E 41 -4.95 -38.34 -50.47
C GLY E 41 -5.28 -36.96 -50.96
N LYS E 42 -6.54 -36.53 -50.91
CA LYS E 42 -6.94 -35.20 -51.31
C LYS E 42 -7.74 -34.53 -50.20
N ALA E 43 -7.75 -33.21 -50.21
CA ALA E 43 -8.54 -32.45 -49.25
C ALA E 43 -10.03 -32.66 -49.54
N PRO E 44 -10.88 -32.52 -48.52
CA PRO E 44 -12.32 -32.71 -48.74
C PRO E 44 -12.89 -31.67 -49.70
N LYS E 45 -14.00 -32.04 -50.33
CA LYS E 45 -14.75 -31.12 -51.16
C LYS E 45 -16.21 -31.15 -50.74
N LEU E 46 -16.80 -29.97 -50.55
CA LEU E 46 -18.20 -29.87 -50.15
C LEU E 46 -19.11 -30.32 -51.29
N LEU E 47 -20.12 -31.12 -50.94
CA LEU E 47 -21.16 -31.50 -51.90
C LEU E 47 -22.54 -30.98 -51.50
N ILE E 48 -23.01 -31.32 -50.31
CA ILE E 48 -24.38 -31.01 -49.89
C ILE E 48 -24.31 -29.95 -48.79
N SER E 49 -24.95 -28.82 -49.05
CA SER E 49 -25.04 -27.72 -48.10
C SER E 49 -26.46 -27.61 -47.58
N ALA E 50 -26.60 -26.93 -46.43
CA ALA E 50 -27.87 -26.72 -45.74
C ALA E 50 -28.59 -28.03 -45.44
N ALA E 51 -27.88 -29.16 -45.52
CA ALA E 51 -28.38 -30.52 -45.43
C ALA E 51 -29.27 -30.89 -46.61
N SER E 52 -29.59 -29.95 -47.50
CA SER E 52 -30.44 -30.24 -48.64
C SER E 52 -30.00 -29.60 -49.95
N THR E 53 -29.07 -28.65 -49.93
CA THR E 53 -28.79 -27.82 -51.10
C THR E 53 -27.51 -28.29 -51.79
N LEU E 54 -27.60 -28.49 -53.11
CA LEU E 54 -26.43 -28.79 -53.92
C LEU E 54 -25.61 -27.53 -54.15
N GLN E 55 -24.30 -27.72 -54.31
CA GLN E 55 -23.39 -26.59 -54.46
C GLN E 55 -23.42 -26.05 -55.89
N SER E 56 -22.48 -25.18 -56.20
CA SER E 56 -22.37 -24.57 -57.52
C SER E 56 -21.31 -25.30 -58.32
N GLY E 57 -21.66 -25.70 -59.55
CA GLY E 57 -20.76 -26.48 -60.37
C GLY E 57 -20.74 -27.96 -60.07
N VAL E 58 -21.62 -28.44 -59.21
CA VAL E 58 -21.66 -29.86 -58.84
C VAL E 58 -22.68 -30.57 -59.73
N PRO E 59 -22.47 -31.85 -60.03
CA PRO E 59 -23.42 -32.59 -60.86
C PRO E 59 -24.77 -32.75 -60.17
N SER E 60 -25.82 -32.88 -60.98
CA SER E 60 -27.18 -32.96 -60.48
C SER E 60 -27.55 -34.34 -59.97
N ARG E 61 -26.66 -35.33 -60.11
CA ARG E 61 -26.96 -36.68 -59.63
C ARG E 61 -27.11 -36.71 -58.12
N PHE E 62 -26.28 -35.95 -57.41
CA PHE E 62 -26.30 -35.94 -55.95
C PHE E 62 -27.57 -35.29 -55.44
N SER E 63 -28.06 -35.80 -54.30
CA SER E 63 -29.23 -35.25 -53.64
C SER E 63 -29.10 -35.48 -52.14
N GLY E 64 -29.11 -34.39 -51.37
CA GLY E 64 -29.09 -34.47 -49.92
C GLY E 64 -30.47 -34.20 -49.36
N SER E 65 -30.91 -35.07 -48.46
CA SER E 65 -32.24 -35.00 -47.89
C SER E 65 -32.20 -35.57 -46.48
N GLY E 66 -33.38 -35.78 -45.90
CA GLY E 66 -33.47 -36.24 -44.53
C GLY E 66 -33.57 -35.08 -43.56
N SER E 67 -33.98 -35.40 -42.33
CA SER E 67 -34.26 -34.37 -41.35
C SER E 67 -34.47 -35.04 -39.99
N GLY E 68 -34.46 -34.22 -38.95
CA GLY E 68 -34.57 -34.73 -37.60
C GLY E 68 -33.23 -35.24 -37.09
N THR E 69 -33.10 -36.56 -36.99
CA THR E 69 -31.84 -37.16 -36.62
C THR E 69 -31.31 -38.15 -37.65
N ASP E 70 -32.06 -38.45 -38.71
CA ASP E 70 -31.57 -39.26 -39.81
C ASP E 70 -31.45 -38.44 -41.09
N PHE E 71 -30.29 -38.52 -41.72
CA PHE E 71 -29.96 -37.73 -42.89
C PHE E 71 -29.51 -38.66 -44.00
N THR E 72 -29.83 -38.32 -45.25
CA THR E 72 -29.55 -39.19 -46.38
C THR E 72 -28.84 -38.41 -47.48
N LEU E 73 -27.94 -39.09 -48.17
CA LEU E 73 -27.28 -38.56 -49.37
C LEU E 73 -27.32 -39.64 -50.42
N THR E 74 -27.89 -39.33 -51.58
CA THR E 74 -28.10 -40.30 -52.65
C THR E 74 -27.45 -39.82 -53.95
N ILE E 75 -26.79 -40.74 -54.63
CA ILE E 75 -26.19 -40.48 -55.93
C ILE E 75 -26.86 -41.38 -56.95
N THR E 76 -27.55 -40.76 -57.92
CA THR E 76 -28.37 -41.52 -58.86
C THR E 76 -27.53 -42.25 -59.90
N SER E 77 -26.47 -41.62 -60.40
CA SER E 77 -25.60 -42.21 -61.43
C SER E 77 -24.15 -42.05 -60.98
N LEU E 78 -23.68 -42.99 -60.16
CA LEU E 78 -22.34 -42.88 -59.59
C LEU E 78 -21.31 -43.15 -60.68
N GLN E 79 -20.73 -42.09 -61.21
CA GLN E 79 -19.80 -42.19 -62.34
C GLN E 79 -18.42 -42.68 -61.86
N PRO E 80 -17.59 -43.19 -62.78
CA PRO E 80 -16.42 -43.98 -62.35
C PRO E 80 -15.45 -43.27 -61.42
N GLU E 81 -15.30 -41.95 -61.49
CA GLU E 81 -14.40 -41.26 -60.59
C GLU E 81 -15.13 -40.60 -59.41
N ASP E 82 -16.21 -41.22 -58.95
CA ASP E 82 -16.91 -40.81 -57.74
C ASP E 82 -16.56 -41.67 -56.54
N PHE E 83 -15.68 -42.65 -56.69
CA PHE E 83 -15.38 -43.62 -55.64
C PHE E 83 -14.48 -42.96 -54.60
N ALA E 84 -15.11 -42.18 -53.73
CA ALA E 84 -14.40 -41.46 -52.68
C ALA E 84 -15.04 -41.71 -51.33
N THR E 85 -14.63 -40.94 -50.32
CA THR E 85 -15.22 -41.01 -49.00
C THR E 85 -16.17 -39.83 -48.79
N TYR E 86 -17.29 -40.09 -48.15
CA TYR E 86 -18.31 -39.08 -47.88
C TYR E 86 -18.42 -38.85 -46.38
N TYR E 87 -18.48 -37.58 -45.96
CA TYR E 87 -18.51 -37.23 -44.55
C TYR E 87 -19.72 -36.36 -44.24
N CYS E 88 -20.35 -36.64 -43.11
CA CYS E 88 -21.44 -35.86 -42.58
C CYS E 88 -20.95 -35.10 -41.34
N GLN E 89 -21.15 -33.78 -41.34
CA GLN E 89 -20.67 -32.93 -40.25
C GLN E 89 -21.79 -32.01 -39.77
N GLN E 90 -22.03 -32.01 -38.47
CA GLN E 90 -23.03 -31.16 -37.86
C GLN E 90 -22.47 -29.78 -37.56
N SER E 91 -23.35 -28.79 -37.57
CA SER E 91 -23.02 -27.42 -37.16
C SER E 91 -23.90 -26.94 -36.01
N TYR E 92 -24.56 -27.87 -35.31
CA TYR E 92 -25.41 -27.49 -34.19
C TYR E 92 -24.61 -26.85 -33.07
N SER E 93 -23.45 -27.42 -32.75
CA SER E 93 -22.54 -26.88 -31.75
C SER E 93 -21.34 -26.22 -32.41
N THR E 94 -21.60 -25.46 -33.48
CA THR E 94 -20.59 -24.81 -34.31
C THR E 94 -19.60 -23.91 -33.56
N PRO E 95 -19.89 -23.40 -32.34
CA PRO E 95 -18.79 -22.80 -31.58
C PRO E 95 -17.65 -23.75 -31.28
N ARG E 96 -17.95 -24.88 -30.63
CA ARG E 96 -16.90 -25.75 -30.11
C ARG E 96 -17.13 -27.22 -30.44
N GLY E 97 -18.38 -27.64 -30.57
CA GLY E 97 -18.66 -29.06 -30.71
C GLY E 97 -18.71 -29.55 -32.14
N LEU E 98 -17.63 -29.31 -32.89
CA LEU E 98 -17.58 -29.75 -34.28
C LEU E 98 -17.02 -31.17 -34.34
N SER E 99 -17.86 -32.11 -34.78
CA SER E 99 -17.48 -33.50 -34.88
C SER E 99 -17.99 -34.06 -36.21
N PHE E 100 -17.33 -35.12 -36.67
CA PHE E 100 -17.58 -35.69 -37.99
C PHE E 100 -18.00 -37.14 -37.85
N GLY E 101 -18.60 -37.66 -38.91
CA GLY E 101 -18.92 -39.07 -39.01
C GLY E 101 -17.73 -39.90 -39.47
N GLY E 102 -17.92 -41.22 -39.46
CA GLY E 102 -16.84 -42.13 -39.78
C GLY E 102 -16.39 -42.03 -41.24
N GLY E 103 -17.34 -41.89 -42.15
CA GLY E 103 -17.01 -41.80 -43.57
C GLY E 103 -17.05 -43.14 -44.26
N THR E 104 -17.68 -43.21 -45.43
CA THR E 104 -17.82 -44.45 -46.17
C THR E 104 -17.00 -44.37 -47.45
N LYS E 105 -16.10 -45.34 -47.63
CA LYS E 105 -15.31 -45.44 -48.84
C LYS E 105 -16.08 -46.24 -49.88
N VAL E 106 -16.25 -45.66 -51.07
CA VAL E 106 -16.94 -46.30 -52.17
C VAL E 106 -15.88 -47.01 -53.02
N GLU E 107 -16.07 -48.31 -53.22
CA GLU E 107 -15.07 -49.12 -53.90
C GLU E 107 -15.68 -49.75 -55.15
N ILE E 108 -14.85 -49.82 -56.19
CA ILE E 108 -15.29 -50.33 -57.48
C ILE E 108 -15.59 -51.83 -57.38
N LYS E 109 -16.71 -52.24 -57.98
CA LYS E 109 -17.24 -53.58 -57.82
C LYS E 109 -16.78 -54.46 -58.98
N ARG E 110 -16.31 -55.66 -58.65
CA ARG E 110 -15.81 -56.61 -59.64
C ARG E 110 -16.27 -58.00 -59.25
N THR E 111 -15.95 -58.97 -60.11
CA THR E 111 -16.20 -60.36 -59.78
C THR E 111 -15.26 -60.82 -58.68
N VAL E 112 -15.65 -61.88 -57.98
CA VAL E 112 -14.84 -62.37 -56.88
C VAL E 112 -13.53 -62.90 -57.41
N ALA E 113 -12.42 -62.40 -56.86
CA ALA E 113 -11.08 -62.80 -57.26
C ALA E 113 -10.47 -63.67 -56.18
N ALA E 114 -9.95 -64.83 -56.57
CA ALA E 114 -9.33 -65.73 -55.63
C ALA E 114 -7.87 -65.31 -55.39
N PRO E 115 -7.47 -65.05 -54.15
CA PRO E 115 -6.08 -64.63 -53.91
C PRO E 115 -5.09 -65.75 -54.17
N SER E 116 -3.88 -65.35 -54.54
CA SER E 116 -2.73 -66.23 -54.54
C SER E 116 -1.96 -66.00 -53.24
N VAL E 117 -1.59 -67.07 -52.56
CA VAL E 117 -0.97 -67.01 -51.24
C VAL E 117 0.45 -67.54 -51.34
N PHE E 118 1.39 -66.78 -50.79
CA PHE E 118 2.81 -67.10 -50.88
C PHE E 118 3.48 -66.91 -49.54
N ILE E 119 4.56 -67.67 -49.34
CA ILE E 119 5.34 -67.67 -48.10
C ILE E 119 6.70 -67.05 -48.38
N PHE E 120 7.09 -66.08 -47.56
CA PHE E 120 8.39 -65.42 -47.68
C PHE E 120 9.13 -65.59 -46.36
N PRO E 121 10.01 -66.58 -46.25
CA PRO E 121 10.83 -66.69 -45.05
C PRO E 121 11.87 -65.58 -45.00
N PRO E 122 12.32 -65.19 -43.82
CA PRO E 122 13.37 -64.17 -43.73
C PRO E 122 14.66 -64.64 -44.36
N SER E 123 15.39 -63.69 -44.95
CA SER E 123 16.67 -64.02 -45.56
C SER E 123 17.71 -64.29 -44.47
N ASP E 124 18.74 -65.06 -44.85
CA ASP E 124 19.83 -65.31 -43.93
C ASP E 124 20.55 -64.03 -43.55
N GLU E 125 20.65 -63.09 -44.48
CA GLU E 125 21.29 -61.81 -44.20
C GLU E 125 20.54 -61.06 -43.11
N GLN E 126 19.21 -61.09 -43.14
CA GLN E 126 18.42 -60.47 -42.08
C GLN E 126 18.60 -61.21 -40.76
N LEU E 127 18.69 -62.55 -40.82
CA LEU E 127 18.97 -63.32 -39.61
C LEU E 127 20.31 -62.95 -38.99
N LYS E 128 21.28 -62.53 -39.82
CA LYS E 128 22.58 -62.13 -39.30
C LYS E 128 22.50 -60.97 -38.32
N SER E 129 21.43 -60.15 -38.40
CA SER E 129 21.25 -59.02 -37.50
C SER E 129 20.37 -59.34 -36.30
N GLY E 130 19.88 -60.57 -36.18
CA GLY E 130 19.04 -60.95 -35.07
C GLY E 130 17.55 -60.74 -35.27
N THR E 131 17.13 -60.25 -36.43
CA THR E 131 15.72 -60.01 -36.74
C THR E 131 15.29 -60.94 -37.86
N ALA E 132 14.17 -61.64 -37.66
CA ALA E 132 13.62 -62.55 -38.65
C ALA E 132 12.19 -62.13 -38.97
N SER E 133 11.94 -61.83 -40.25
CA SER E 133 10.62 -61.39 -40.70
C SER E 133 10.04 -62.43 -41.64
N VAL E 134 8.88 -62.97 -41.27
CA VAL E 134 8.16 -63.97 -42.05
C VAL E 134 6.93 -63.29 -42.64
N VAL E 135 6.75 -63.43 -43.95
CA VAL E 135 5.68 -62.73 -44.66
C VAL E 135 4.73 -63.75 -45.25
N CYS E 136 3.43 -63.57 -45.00
CA CYS E 136 2.38 -64.23 -45.75
C CYS E 136 1.78 -63.21 -46.72
N LEU E 137 1.76 -63.57 -48.00
CA LEU E 137 1.32 -62.67 -49.05
C LEU E 137 0.04 -63.20 -49.67
N LEU E 138 -0.96 -62.33 -49.80
CA LEU E 138 -2.20 -62.63 -50.50
C LEU E 138 -2.41 -61.59 -51.59
N ASN E 139 -2.56 -62.05 -52.83
CA ASN E 139 -2.68 -61.15 -53.97
C ASN E 139 -3.99 -61.38 -54.70
N ASN E 140 -4.55 -60.30 -55.26
CA ASN E 140 -5.64 -60.38 -56.22
C ASN E 140 -6.86 -61.09 -55.62
N PHE E 141 -7.40 -60.47 -54.58
CA PHE E 141 -8.61 -60.96 -53.93
C PHE E 141 -9.63 -59.85 -53.81
N TYR E 142 -10.90 -60.25 -53.82
CA TYR E 142 -12.03 -59.35 -53.73
C TYR E 142 -13.15 -60.15 -53.08
N PRO E 143 -13.82 -59.62 -52.05
CA PRO E 143 -13.64 -58.27 -51.49
C PRO E 143 -12.42 -58.13 -50.57
N ARG E 144 -12.35 -56.99 -49.86
CA ARG E 144 -11.18 -56.66 -49.08
C ARG E 144 -11.02 -57.58 -47.87
N GLU E 145 -12.14 -57.98 -47.26
CA GLU E 145 -12.06 -58.77 -46.04
C GLU E 145 -11.45 -60.14 -46.32
N ALA E 146 -10.40 -60.46 -45.55
CA ALA E 146 -9.71 -61.74 -45.64
C ALA E 146 -9.08 -62.01 -44.29
N LYS E 147 -8.76 -63.28 -44.04
CA LYS E 147 -8.27 -63.67 -42.72
C LYS E 147 -6.98 -64.48 -42.85
N VAL E 148 -6.02 -64.17 -41.97
CA VAL E 148 -4.74 -64.87 -41.92
C VAL E 148 -4.54 -65.40 -40.50
N GLN E 149 -4.14 -66.67 -40.41
CA GLN E 149 -3.82 -67.33 -39.15
C GLN E 149 -2.38 -67.77 -39.20
N TRP E 150 -1.57 -67.29 -38.27
CA TRP E 150 -0.14 -67.58 -38.23
C TRP E 150 0.09 -68.78 -37.32
N LYS E 151 0.41 -69.92 -37.93
CA LYS E 151 0.61 -71.17 -37.20
C LYS E 151 2.10 -71.41 -37.00
N VAL E 152 2.51 -71.52 -35.75
CA VAL E 152 3.87 -71.90 -35.39
C VAL E 152 3.78 -73.21 -34.60
N ASP E 153 4.28 -74.30 -35.19
CA ASP E 153 4.16 -75.64 -34.62
C ASP E 153 2.70 -75.96 -34.31
N ASN E 154 1.82 -75.66 -35.27
CA ASN E 154 0.37 -75.86 -35.13
C ASN E 154 -0.19 -75.08 -33.93
N ALA E 155 0.32 -73.87 -33.71
CA ALA E 155 -0.16 -72.99 -32.66
C ALA E 155 -0.38 -71.59 -33.22
N LEU E 156 -1.51 -70.98 -32.88
CA LEU E 156 -1.88 -69.70 -33.45
C LEU E 156 -1.09 -68.56 -32.81
N GLN E 157 -0.80 -67.54 -33.61
CA GLN E 157 -0.12 -66.33 -33.14
C GLN E 157 -1.03 -65.12 -33.32
N SER E 158 -0.88 -64.15 -32.42
CA SER E 158 -1.71 -62.95 -32.45
C SER E 158 -1.01 -61.84 -31.66
N GLY E 159 -1.36 -60.60 -32.00
CA GLY E 159 -0.87 -59.44 -31.27
C GLY E 159 0.55 -59.04 -31.59
N ASN E 160 1.23 -59.76 -32.49
CA ASN E 160 2.60 -59.44 -32.88
C ASN E 160 2.77 -59.53 -34.39
N SER E 161 1.69 -59.32 -35.13
CA SER E 161 1.71 -59.37 -36.58
C SER E 161 1.40 -57.99 -37.14
N GLN E 162 2.20 -57.57 -38.12
CA GLN E 162 1.99 -56.32 -38.82
C GLN E 162 1.28 -56.60 -40.14
N GLU E 163 0.04 -56.10 -40.25
CA GLU E 163 -0.83 -56.42 -41.36
C GLU E 163 -1.12 -55.16 -42.17
N SER E 164 -0.91 -55.23 -43.48
CA SER E 164 -1.11 -54.08 -44.35
C SER E 164 -1.88 -54.50 -45.60
N VAL E 165 -2.73 -53.61 -46.08
CA VAL E 165 -3.53 -53.82 -47.28
C VAL E 165 -3.28 -52.67 -48.24
N THR E 166 -3.04 -53.01 -49.50
CA THR E 166 -2.81 -52.03 -50.55
C THR E 166 -4.13 -51.55 -51.12
N GLU E 167 -4.14 -50.30 -51.58
CA GLU E 167 -5.32 -49.71 -52.21
C GLU E 167 -5.74 -50.52 -53.44
N GLN E 168 -7.03 -50.41 -53.77
CA GLN E 168 -7.60 -51.17 -54.87
C GLN E 168 -6.85 -50.90 -56.17
N ASP E 169 -6.52 -51.96 -56.89
CA ASP E 169 -5.81 -51.83 -58.15
C ASP E 169 -6.69 -51.19 -59.22
N SER E 170 -6.07 -50.48 -60.14
CA SER E 170 -6.80 -49.81 -61.20
C SER E 170 -7.05 -50.68 -62.42
N LYS E 171 -6.45 -51.87 -62.50
CA LYS E 171 -6.65 -52.76 -63.64
C LYS E 171 -7.64 -53.88 -63.33
N ASP E 172 -7.35 -54.69 -62.32
CA ASP E 172 -8.18 -55.85 -62.00
C ASP E 172 -9.06 -55.64 -60.77
N SER E 173 -9.06 -54.43 -60.20
CA SER E 173 -9.99 -54.06 -59.14
C SER E 173 -9.82 -54.92 -57.89
N THR E 174 -8.62 -55.46 -57.68
CA THR E 174 -8.34 -56.40 -56.62
C THR E 174 -7.63 -55.73 -55.45
N TYR E 175 -7.16 -56.54 -54.51
CA TYR E 175 -6.50 -56.09 -53.30
C TYR E 175 -5.16 -56.82 -53.12
N SER E 176 -4.43 -56.39 -52.09
CA SER E 176 -3.14 -56.97 -51.73
C SER E 176 -2.99 -56.94 -50.21
N LEU E 177 -2.61 -58.08 -49.65
CA LEU E 177 -2.52 -58.27 -48.20
C LEU E 177 -1.13 -58.80 -47.85
N SER E 178 -0.48 -58.14 -46.89
CA SER E 178 0.82 -58.59 -46.39
C SER E 178 0.74 -58.70 -44.89
N SER E 179 1.06 -59.89 -44.36
CA SER E 179 1.13 -60.12 -42.93
C SER E 179 2.58 -60.46 -42.58
N THR E 180 3.10 -59.79 -41.54
CA THR E 180 4.50 -59.89 -41.17
C THR E 180 4.63 -60.30 -39.71
N LEU E 181 5.48 -61.30 -39.46
CA LEU E 181 5.86 -61.68 -38.11
C LEU E 181 7.35 -61.40 -37.94
N THR E 182 7.68 -60.55 -36.96
CA THR E 182 9.06 -60.20 -36.66
C THR E 182 9.44 -60.84 -35.33
N LEU E 183 10.49 -61.66 -35.35
CA LEU E 183 10.92 -62.40 -34.17
C LEU E 183 12.42 -62.29 -34.01
N SER E 184 12.87 -62.55 -32.78
CA SER E 184 14.29 -62.55 -32.48
C SER E 184 14.94 -63.83 -33.00
N LYS E 185 16.28 -63.84 -32.99
CA LYS E 185 17.02 -64.98 -33.50
C LYS E 185 16.74 -66.25 -32.69
N ALA E 186 16.71 -66.12 -31.37
CA ALA E 186 16.45 -67.28 -30.51
C ALA E 186 15.04 -67.82 -30.74
N ASP E 187 14.06 -66.94 -30.90
CA ASP E 187 12.70 -67.40 -31.18
C ASP E 187 12.63 -68.13 -32.52
N TYR E 188 13.32 -67.61 -33.54
CA TYR E 188 13.32 -68.27 -34.84
C TYR E 188 14.01 -69.62 -34.78
N GLU E 189 15.04 -69.75 -33.96
CA GLU E 189 15.71 -71.02 -33.74
C GLU E 189 14.99 -71.90 -32.73
N LYS E 190 13.92 -71.40 -32.11
CA LYS E 190 13.13 -72.15 -31.15
C LYS E 190 12.05 -73.00 -31.79
N HIS E 191 11.79 -72.84 -33.09
CA HIS E 191 10.74 -73.57 -33.78
C HIS E 191 11.26 -74.02 -35.14
N LYS E 192 10.52 -74.95 -35.76
CA LYS E 192 10.95 -75.56 -37.01
C LYS E 192 10.09 -75.12 -38.20
N VAL E 193 8.78 -75.36 -38.15
CA VAL E 193 7.89 -75.14 -39.29
C VAL E 193 6.95 -73.99 -38.97
N TYR E 194 6.83 -73.06 -39.92
CA TYR E 194 5.92 -71.94 -39.82
C TYR E 194 4.98 -71.94 -41.01
N ALA E 195 3.72 -71.59 -40.75
CA ALA E 195 2.70 -71.62 -41.79
C ALA E 195 1.76 -70.44 -41.64
N CYS E 196 1.11 -70.08 -42.74
CA CYS E 196 0.02 -69.11 -42.73
C CYS E 196 -1.20 -69.75 -43.37
N GLU E 197 -2.33 -69.61 -42.69
CA GLU E 197 -3.61 -70.16 -43.11
C GLU E 197 -4.47 -69.00 -43.60
N VAL E 198 -5.08 -69.17 -44.77
CA VAL E 198 -5.76 -68.07 -45.44
C VAL E 198 -7.23 -68.42 -45.63
N THR E 199 -8.09 -67.48 -45.27
CA THR E 199 -9.54 -67.61 -45.42
C THR E 199 -10.04 -66.43 -46.24
N HIS E 200 -10.66 -66.73 -47.39
CA HIS E 200 -11.20 -65.68 -48.24
C HIS E 200 -12.46 -66.19 -48.93
N GLN E 201 -13.28 -65.24 -49.37
CA GLN E 201 -14.56 -65.59 -49.99
C GLN E 201 -14.37 -66.23 -51.35
N GLY E 202 -13.26 -65.93 -52.03
CA GLY E 202 -12.91 -66.60 -53.26
C GLY E 202 -12.33 -67.98 -53.08
N LEU E 203 -12.11 -68.40 -51.84
CA LEU E 203 -11.64 -69.74 -51.52
C LEU E 203 -12.75 -70.48 -50.78
N SER E 204 -13.10 -71.67 -51.28
CA SER E 204 -14.14 -72.46 -50.62
C SER E 204 -13.69 -72.87 -49.23
N SER E 205 -12.42 -73.24 -49.07
CA SER E 205 -11.87 -73.64 -47.80
C SER E 205 -10.58 -72.87 -47.54
N PRO E 206 -10.25 -72.63 -46.27
CA PRO E 206 -8.96 -71.99 -45.97
C PRO E 206 -7.80 -72.87 -46.42
N VAL E 207 -6.71 -72.21 -46.84
CA VAL E 207 -5.56 -72.89 -47.42
C VAL E 207 -4.34 -72.67 -46.54
N THR E 208 -3.54 -73.73 -46.35
CA THR E 208 -2.31 -73.66 -45.58
C THR E 208 -1.11 -73.47 -46.51
N LYS E 209 -0.17 -72.62 -46.08
CA LYS E 209 1.11 -72.48 -46.75
C LYS E 209 2.20 -72.58 -45.70
N SER E 210 3.04 -73.62 -45.80
CA SER E 210 3.99 -73.96 -44.75
C SER E 210 5.41 -73.99 -45.29
N PHE E 211 6.38 -73.81 -44.38
CA PHE E 211 7.78 -73.94 -44.70
C PHE E 211 8.57 -74.28 -43.45
N ASN E 212 9.64 -75.04 -43.63
CA ASN E 212 10.49 -75.50 -42.54
C ASN E 212 11.90 -74.93 -42.71
N ARG E 213 12.50 -74.51 -41.59
CA ARG E 213 13.88 -74.05 -41.61
C ARG E 213 14.86 -75.19 -41.88
N GLY E 214 14.59 -76.38 -41.35
CA GLY E 214 15.47 -77.50 -41.61
C GLY E 214 15.50 -77.91 -43.07
N GLU E 215 14.35 -77.81 -43.75
CA GLU E 215 14.31 -78.15 -45.16
C GLU E 215 15.00 -77.09 -46.01
N CYS E 216 14.72 -75.82 -45.74
CA CYS E 216 15.24 -74.73 -46.56
C CYS E 216 16.03 -73.71 -45.75
N GLN F 1 58.63 23.53 8.74
CA GLN F 1 57.29 24.10 8.74
C GLN F 1 56.59 23.87 10.07
N CYS F 2 56.11 22.65 10.28
CA CYS F 2 55.28 22.34 11.43
C CYS F 2 56.15 22.28 12.68
N VAL F 3 56.44 23.45 13.25
CA VAL F 3 57.09 23.57 14.55
C VAL F 3 56.03 23.88 15.58
N ASN F 4 55.96 23.07 16.62
CA ASN F 4 54.75 22.97 17.41
C ASN F 4 54.73 23.98 18.55
N LEU F 5 53.51 24.34 18.97
CA LEU F 5 53.27 25.15 20.16
C LEU F 5 52.94 24.20 21.31
N ILE F 6 53.99 23.66 21.92
CA ILE F 6 53.83 22.73 23.04
C ILE F 6 53.69 23.59 24.30
N THR F 7 52.45 24.02 24.54
CA THR F 7 52.14 24.88 25.67
C THR F 7 50.63 24.97 25.83
N ARG F 8 50.19 24.90 27.08
CA ARG F 8 48.80 25.20 27.42
C ARG F 8 48.69 26.29 28.48
N THR F 9 49.42 26.17 29.58
CA THR F 9 49.32 27.09 30.72
C THR F 9 47.85 27.37 31.03
N GLN F 10 47.10 26.28 31.16
CA GLN F 10 45.67 26.34 31.41
C GLN F 10 45.38 26.90 32.80
N SER F 11 44.26 27.61 32.93
CA SER F 11 43.80 28.10 34.22
C SER F 11 42.27 28.10 34.19
N TYR F 12 41.66 28.48 35.30
CA TYR F 12 40.19 28.52 35.37
C TYR F 12 39.74 29.81 36.01
N THR F 13 38.60 30.34 35.55
CA THR F 13 38.15 31.64 36.00
C THR F 13 36.63 31.69 36.00
N ASN F 14 36.09 32.68 36.70
CA ASN F 14 34.67 32.96 36.77
C ASN F 14 34.24 33.69 35.50
N SER F 15 33.06 33.34 34.98
CA SER F 15 32.54 34.03 33.81
C SER F 15 31.81 35.31 34.15
N PHE F 16 31.35 35.47 35.39
CA PHE F 16 30.58 36.65 35.83
C PHE F 16 29.28 36.70 35.04
N THR F 17 29.03 37.74 34.26
CA THR F 17 27.80 37.91 33.48
C THR F 17 28.13 38.34 32.06
N ARG F 18 29.03 37.62 31.40
CA ARG F 18 29.63 38.15 30.18
C ARG F 18 28.84 37.84 28.90
N GLY F 19 28.68 36.57 28.55
CA GLY F 19 28.37 36.24 27.17
C GLY F 19 26.92 36.33 26.76
N VAL F 20 26.28 37.47 26.97
CA VAL F 20 24.90 37.70 26.57
C VAL F 20 24.90 38.31 25.18
N TYR F 21 24.03 37.81 24.32
CA TYR F 21 23.93 38.32 22.96
C TYR F 21 22.46 38.54 22.63
N TYR F 22 22.22 39.07 21.43
CA TYR F 22 20.86 39.29 20.96
C TYR F 22 20.33 38.04 20.28
N PRO F 23 19.32 37.37 20.82
CA PRO F 23 18.90 36.08 20.27
C PRO F 23 18.14 36.18 18.96
N ASP F 24 17.69 37.37 18.57
CA ASP F 24 16.98 37.54 17.32
C ASP F 24 17.13 38.97 16.85
N LYS F 25 16.54 39.27 15.70
CA LYS F 25 16.67 40.57 15.07
C LYS F 25 15.43 41.44 15.28
N VAL F 26 14.81 41.33 16.43
CA VAL F 26 13.56 42.01 16.75
C VAL F 26 13.88 43.16 17.68
N PHE F 27 13.40 44.35 17.33
CA PHE F 27 13.53 45.50 18.21
C PHE F 27 12.49 45.41 19.30
N ARG F 28 12.90 45.75 20.52
CA ARG F 28 12.00 45.78 21.66
C ARG F 28 12.39 46.94 22.54
N SER F 29 11.41 47.65 23.07
CA SER F 29 11.69 48.86 23.84
C SER F 29 11.08 48.74 25.23
N SER F 30 11.88 49.07 26.25
CA SER F 30 11.41 49.18 27.63
C SER F 30 10.61 47.94 28.04
N VAL F 31 11.17 46.78 27.74
CA VAL F 31 10.45 45.53 27.92
C VAL F 31 11.38 44.54 28.62
N LEU F 32 10.77 43.56 29.28
CA LEU F 32 11.47 42.40 29.82
C LEU F 32 10.99 41.20 29.02
N HIS F 33 11.91 40.48 28.41
CA HIS F 33 11.57 39.36 27.56
C HIS F 33 12.26 38.10 28.06
N SER F 34 11.52 37.00 28.11
CA SER F 34 12.06 35.72 28.53
C SER F 34 12.37 34.90 27.30
N THR F 35 13.64 34.52 27.14
CA THR F 35 14.13 33.78 25.99
C THR F 35 14.79 32.49 26.46
N GLN F 36 14.40 31.36 25.87
CA GLN F 36 15.00 30.08 26.18
C GLN F 36 15.93 29.72 25.03
N ASP F 37 17.24 29.85 25.25
CA ASP F 37 18.20 29.74 24.17
C ASP F 37 19.51 29.19 24.73
N LEU F 38 20.48 29.01 23.86
CA LEU F 38 21.80 28.55 24.29
C LEU F 38 22.61 29.74 24.76
N PHE F 39 22.87 29.80 26.05
CA PHE F 39 23.60 30.91 26.64
C PHE F 39 24.78 30.38 27.43
N LEU F 40 25.68 31.30 27.77
CA LEU F 40 26.79 30.98 28.66
C LEU F 40 26.34 31.28 30.07
N PRO F 41 26.13 30.26 30.91
CA PRO F 41 25.51 30.50 32.22
C PRO F 41 26.34 31.44 33.06
N PHE F 42 25.66 32.19 33.90
CA PHE F 42 26.35 33.14 34.77
C PHE F 42 27.24 32.37 35.74
N PHE F 43 28.40 32.96 36.05
CA PHE F 43 29.30 32.44 37.07
C PHE F 43 29.69 30.99 36.78
N SER F 44 29.89 30.68 35.52
CA SER F 44 30.36 29.37 35.13
C SER F 44 31.89 29.36 35.06
N ASN F 45 32.43 28.20 34.67
CA ASN F 45 33.86 27.99 34.68
C ASN F 45 34.41 28.18 33.27
N VAL F 46 35.18 29.25 33.07
CA VAL F 46 35.77 29.52 31.76
C VAL F 46 37.26 29.21 31.83
N THR F 47 37.74 28.45 30.85
CA THR F 47 39.14 28.07 30.84
C THR F 47 39.97 29.21 30.29
N TRP F 48 41.11 29.47 30.93
CA TRP F 48 41.96 30.61 30.58
C TRP F 48 43.30 30.09 30.10
N PHE F 49 43.51 30.13 28.79
CA PHE F 49 44.73 29.60 28.20
C PHE F 49 45.75 30.71 28.01
N HIS F 50 47.01 30.37 28.27
CA HIS F 50 48.16 31.16 27.84
C HIS F 50 48.95 30.34 26.83
N ALA F 51 49.24 30.93 25.68
CA ALA F 51 49.98 30.26 24.62
C ALA F 51 51.29 31.02 24.42
N ILE F 52 52.41 30.29 24.47
CA ILE F 52 53.74 30.81 24.26
C ILE F 52 54.51 29.82 23.38
N HIS F 53 55.35 30.37 22.50
CA HIS F 53 56.23 29.52 21.71
C HIS F 53 57.65 29.51 22.25
N ASP F 64 51.93 18.90 23.14
CA ASP F 64 50.93 19.95 23.03
C ASP F 64 49.55 19.35 22.88
N ASN F 65 48.53 20.20 23.03
CA ASN F 65 47.15 19.83 22.71
C ASN F 65 46.31 21.08 22.54
N PRO F 66 46.28 21.65 21.33
CA PRO F 66 45.27 22.65 21.00
C PRO F 66 43.93 22.06 20.56
N VAL F 67 43.67 20.78 20.82
CA VAL F 67 42.39 20.16 20.55
C VAL F 67 41.37 20.75 21.52
N LEU F 68 40.22 21.19 21.01
CA LEU F 68 39.11 21.63 21.83
C LEU F 68 37.82 21.10 21.22
N PRO F 69 36.79 20.81 22.01
CA PRO F 69 35.49 20.47 21.42
C PRO F 69 34.67 21.72 21.12
N PHE F 70 33.46 21.51 20.60
CA PHE F 70 32.55 22.62 20.35
C PHE F 70 31.46 22.69 21.41
N ASN F 71 30.72 21.59 21.59
CA ASN F 71 29.74 21.44 22.67
C ASN F 71 28.64 22.51 22.59
N ASP F 72 27.88 22.43 21.51
CA ASP F 72 26.70 23.27 21.31
C ASP F 72 27.05 24.75 21.15
N GLY F 73 28.33 25.08 21.09
CA GLY F 73 28.66 26.46 20.90
C GLY F 73 29.72 26.93 21.87
N VAL F 74 30.40 28.01 21.50
CA VAL F 74 31.57 28.44 22.23
C VAL F 74 31.49 29.94 22.47
N TYR F 75 31.95 30.36 23.64
CA TYR F 75 32.23 31.75 23.92
C TYR F 75 33.74 31.91 23.95
N PHE F 76 34.26 32.87 23.20
CA PHE F 76 35.69 33.10 23.08
C PHE F 76 35.97 34.53 23.50
N ALA F 77 37.07 34.76 24.19
CA ALA F 77 37.41 36.12 24.53
C ALA F 77 38.92 36.29 24.55
N SER F 78 39.36 37.52 24.31
CA SER F 78 40.78 37.84 24.35
C SER F 78 40.94 39.31 24.73
N THR F 79 42.13 39.65 25.21
CA THR F 79 42.40 41.02 25.64
C THR F 79 43.72 41.51 25.04
N GLU F 80 44.31 40.73 24.13
CA GLU F 80 45.60 41.08 23.54
C GLU F 80 45.50 42.41 22.82
N LYS F 81 46.49 43.28 23.03
CA LYS F 81 46.46 44.60 22.42
C LYS F 81 46.59 44.50 20.90
N SER F 82 47.58 43.76 20.42
CA SER F 82 47.78 43.61 18.99
C SER F 82 47.07 42.36 18.48
N ASN F 83 47.24 42.09 17.19
CA ASN F 83 46.54 40.98 16.53
C ASN F 83 47.41 39.73 16.49
N ILE F 84 47.73 39.24 17.69
CA ILE F 84 48.34 37.92 17.80
C ILE F 84 47.29 36.85 17.48
N ILE F 85 46.08 37.03 17.98
CA ILE F 85 44.97 36.16 17.60
C ILE F 85 44.50 36.59 16.21
N ARG F 86 44.38 35.62 15.31
CA ARG F 86 43.93 35.90 13.96
C ARG F 86 42.61 35.22 13.63
N GLY F 87 42.54 33.91 13.72
CA GLY F 87 41.38 33.18 13.22
C GLY F 87 41.07 31.92 13.99
N TRP F 88 40.39 31.00 13.33
CA TRP F 88 39.84 29.82 13.98
C TRP F 88 39.67 28.72 12.95
N ILE F 89 39.76 27.48 13.40
CA ILE F 89 39.52 26.29 12.60
C ILE F 89 38.37 25.56 13.24
N PHE F 90 37.39 25.16 12.45
CA PHE F 90 36.19 24.49 12.94
C PHE F 90 35.96 23.22 12.14
N GLY F 91 35.48 22.18 12.80
CA GLY F 91 35.07 21.01 12.04
C GLY F 91 34.99 19.73 12.83
N THR F 92 34.29 18.72 12.29
CA THR F 92 34.07 17.48 13.02
C THR F 92 35.36 16.68 13.13
N THR F 93 35.87 16.19 11.99
CA THR F 93 37.18 15.57 11.93
C THR F 93 37.99 16.30 10.86
N LEU F 94 39.25 16.59 11.17
CA LEU F 94 40.03 17.55 10.41
C LEU F 94 41.04 16.89 9.49
N ASP F 95 40.72 15.69 8.98
CA ASP F 95 41.66 14.90 8.19
C ASP F 95 41.36 14.97 6.70
N SER F 96 40.96 16.15 6.22
CA SER F 96 40.75 16.42 4.80
C SER F 96 39.69 15.54 4.17
N LYS F 97 38.91 14.83 4.99
CA LYS F 97 37.81 14.02 4.49
C LYS F 97 36.54 14.84 4.28
N THR F 98 36.05 15.49 5.32
CA THR F 98 34.87 16.35 5.24
C THR F 98 35.23 17.80 5.52
N GLN F 99 34.24 18.67 5.29
CA GLN F 99 34.48 20.11 5.26
C GLN F 99 34.96 20.63 6.59
N SER F 100 35.85 21.62 6.53
CA SER F 100 36.41 22.25 7.71
C SER F 100 36.37 23.76 7.51
N LEU F 101 35.66 24.45 8.37
CA LEU F 101 35.61 25.90 8.31
C LEU F 101 36.95 26.48 8.73
N LEU F 102 37.35 27.57 8.08
CA LEU F 102 38.54 28.29 8.49
C LEU F 102 38.31 29.79 8.35
N ILE F 103 38.59 30.53 9.42
CA ILE F 103 38.41 31.96 9.48
C ILE F 103 39.77 32.60 9.73
N VAL F 104 40.13 33.60 8.94
CA VAL F 104 41.43 34.24 9.06
C VAL F 104 41.28 35.74 8.91
N ASN F 105 42.00 36.50 9.71
CA ASN F 105 42.11 37.95 9.55
C ASN F 105 43.49 38.30 9.01
N ASN F 106 43.54 39.24 8.08
CA ASN F 106 44.79 39.76 7.53
C ASN F 106 44.88 41.27 7.72
N ALA F 107 44.26 41.77 8.79
CA ALA F 107 44.32 43.17 9.21
C ALA F 107 43.67 44.13 8.22
N THR F 108 43.15 43.66 7.09
CA THR F 108 42.37 44.48 6.19
C THR F 108 41.03 43.88 5.80
N ASN F 109 40.91 42.55 5.79
CA ASN F 109 39.59 41.94 5.65
C ASN F 109 39.57 40.65 6.46
N VAL F 110 38.49 39.92 6.34
CA VAL F 110 38.35 38.61 6.97
C VAL F 110 37.95 37.61 5.89
N VAL F 111 38.55 36.43 5.93
CA VAL F 111 38.36 35.40 4.92
C VAL F 111 37.82 34.16 5.59
N ILE F 112 36.73 33.62 5.06
CA ILE F 112 36.12 32.40 5.56
C ILE F 112 36.05 31.39 4.43
N LYS F 113 36.59 30.21 4.66
CA LYS F 113 36.52 29.11 3.70
C LYS F 113 35.92 27.90 4.37
N VAL F 114 35.49 26.92 3.59
CA VAL F 114 34.84 25.75 4.17
C VAL F 114 35.45 24.43 3.75
N CYS F 115 36.17 24.32 2.64
CA CYS F 115 36.57 23.01 2.16
C CYS F 115 37.65 22.36 3.01
N GLU F 116 37.72 21.03 2.88
CA GLU F 116 38.62 20.24 3.70
C GLU F 116 40.07 20.62 3.46
N PHE F 117 40.84 20.56 4.54
CA PHE F 117 42.21 21.05 4.59
C PHE F 117 43.06 19.99 5.25
N GLN F 118 44.37 20.04 5.03
CA GLN F 118 45.24 19.06 5.68
C GLN F 118 45.36 19.35 7.17
N PHE F 119 45.63 20.61 7.52
CA PHE F 119 45.70 21.06 8.91
C PHE F 119 46.77 20.31 9.70
N CYS F 120 48.02 20.59 9.35
CA CYS F 120 49.14 20.06 10.12
C CYS F 120 48.94 20.36 11.60
N ASN F 121 49.25 19.37 12.45
CA ASN F 121 48.67 19.28 13.80
C ASN F 121 49.00 20.45 14.73
N ASP F 122 49.73 21.45 14.26
CA ASP F 122 49.85 22.72 14.98
C ASP F 122 49.56 23.84 13.99
N PRO F 123 48.29 24.04 13.65
CA PRO F 123 47.96 25.08 12.67
C PRO F 123 48.26 26.46 13.21
N PHE F 124 49.17 27.16 12.54
CA PHE F 124 49.53 28.53 12.87
C PHE F 124 50.08 29.19 11.62
N LEU F 125 49.96 30.51 11.55
CA LEU F 125 50.45 31.30 10.45
C LEU F 125 51.81 31.90 10.78
N ASP F 126 52.52 32.38 9.75
CA ASP F 126 53.79 33.05 9.95
C ASP F 126 53.90 34.23 9.00
N VAL F 127 54.77 35.17 9.36
CA VAL F 127 54.78 36.47 8.70
C VAL F 127 56.04 36.72 7.86
N TYR F 128 57.23 36.64 8.47
CA TYR F 128 58.51 36.44 7.80
C TYR F 128 58.75 37.43 6.67
N TYR F 129 59.04 38.66 7.08
CA TYR F 129 59.38 39.79 6.20
C TYR F 129 60.15 39.38 4.95
N HIS F 130 59.68 39.84 3.80
CA HIS F 130 60.24 39.54 2.48
C HIS F 130 60.81 40.76 1.78
N LYS F 131 61.29 40.47 0.57
CA LYS F 131 61.54 41.45 -0.48
C LYS F 131 60.96 40.98 -1.81
N ASN F 132 60.14 39.92 -1.80
CA ASN F 132 59.62 39.30 -3.01
C ASN F 132 58.79 40.27 -3.82
N ASN F 133 57.64 40.68 -3.28
CA ASN F 133 56.85 41.73 -3.94
C ASN F 133 57.21 43.07 -3.31
N LYS F 134 56.84 43.27 -2.05
CA LYS F 134 57.57 44.17 -1.18
C LYS F 134 58.01 43.43 0.08
N SER F 135 57.03 42.89 0.80
CA SER F 135 57.22 42.08 2.00
C SER F 135 55.86 41.72 2.56
N TRP F 136 55.86 40.96 3.66
CA TRP F 136 54.74 40.85 4.59
C TRP F 136 53.50 40.27 3.92
N MET F 137 53.59 38.99 3.55
CA MET F 137 52.42 38.33 2.95
C MET F 137 51.75 37.33 3.88
N GLU F 138 52.34 37.03 5.05
CA GLU F 138 51.69 36.20 6.06
C GLU F 138 51.18 34.88 5.47
N SER F 139 52.13 34.04 5.06
CA SER F 139 51.81 32.85 4.28
C SER F 139 50.95 31.84 5.03
N GLU F 140 50.62 30.74 4.37
CA GLU F 140 49.68 29.77 4.90
C GLU F 140 50.14 28.33 4.71
N PHE F 141 51.29 28.09 4.11
CA PHE F 141 51.60 26.81 3.46
C PHE F 141 51.32 25.62 4.37
N ARG F 142 51.68 25.70 5.65
CA ARG F 142 51.51 24.60 6.59
C ARG F 142 50.42 24.83 7.63
N VAL F 143 49.63 25.89 7.53
CA VAL F 143 48.40 25.96 8.31
C VAL F 143 47.48 24.81 7.93
N TYR F 144 47.30 24.60 6.63
CA TYR F 144 46.50 23.48 6.16
C TYR F 144 46.99 22.80 4.90
N SER F 145 48.15 23.18 4.35
CA SER F 145 48.70 22.52 3.18
C SER F 145 47.77 22.54 1.97
N SER F 146 46.79 21.66 1.91
CA SER F 146 45.98 21.48 0.71
C SER F 146 44.55 21.98 0.88
N ALA F 147 43.88 22.25 -0.24
CA ALA F 147 42.51 22.71 -0.27
C ALA F 147 41.84 22.14 -1.52
N ASN F 148 40.63 21.60 -1.37
CA ASN F 148 39.89 21.07 -2.51
C ASN F 148 38.42 20.88 -2.15
N ASN F 149 37.55 20.96 -3.16
CA ASN F 149 36.11 20.79 -3.00
C ASN F 149 35.52 21.87 -2.07
N CYS F 150 35.70 23.13 -2.47
CA CYS F 150 35.36 24.28 -1.62
C CYS F 150 33.97 24.79 -1.98
N THR F 151 32.99 24.46 -1.12
CA THR F 151 31.60 24.78 -1.40
C THR F 151 31.23 26.21 -1.04
N PHE F 152 31.95 26.82 -0.10
CA PHE F 152 31.64 28.16 0.37
C PHE F 152 32.91 28.97 0.48
N GLU F 153 32.76 30.29 0.35
CA GLU F 153 33.85 31.22 0.62
C GLU F 153 33.25 32.59 0.81
N TYR F 154 33.94 33.41 1.59
CA TYR F 154 33.35 34.64 2.09
C TYR F 154 34.46 35.61 2.44
N VAL F 155 34.23 36.90 2.20
CA VAL F 155 35.19 37.94 2.56
C VAL F 155 34.41 39.11 3.13
N SER F 156 34.99 39.80 4.10
CA SER F 156 34.28 40.95 4.68
C SER F 156 35.28 41.90 5.32
N GLN F 157 34.77 42.95 5.95
CA GLN F 157 35.54 43.81 6.83
C GLN F 157 36.01 42.98 8.02
N PRO F 158 37.27 43.12 8.45
CA PRO F 158 37.82 42.17 9.43
C PRO F 158 37.14 42.24 10.78
N PHE F 159 37.08 41.08 11.45
CA PHE F 159 36.48 41.01 12.78
C PHE F 159 37.29 41.78 13.80
N LEU F 160 38.59 41.51 13.87
CA LEU F 160 39.44 41.90 14.98
C LEU F 160 39.93 43.32 14.71
N MET F 161 39.14 44.28 15.17
CA MET F 161 39.34 45.69 14.87
C MET F 161 40.14 46.36 15.99
N ASP F 162 40.75 47.50 15.66
CA ASP F 162 41.60 48.26 16.56
C ASP F 162 42.78 47.40 17.03
N PHE F 170 44.24 51.26 25.44
CA PHE F 170 43.39 50.67 26.47
C PHE F 170 43.55 49.16 26.50
N LYS F 171 42.50 48.45 26.91
CA LYS F 171 42.58 47.00 27.04
C LYS F 171 41.83 46.25 25.94
N ASN F 172 40.68 46.76 25.49
CA ASN F 172 40.01 46.29 24.29
C ASN F 172 39.71 44.79 24.34
N LEU F 173 38.77 44.44 25.22
CA LEU F 173 38.29 43.07 25.27
C LEU F 173 37.50 42.73 24.02
N ARG F 174 37.84 41.61 23.40
CA ARG F 174 37.15 41.08 22.22
C ARG F 174 36.41 39.82 22.61
N GLU F 175 35.08 39.83 22.45
CA GLU F 175 34.26 38.68 22.80
C GLU F 175 33.54 38.18 21.56
N PHE F 176 33.48 36.87 21.41
CA PHE F 176 32.84 36.22 20.27
C PHE F 176 31.98 35.08 20.78
N VAL F 177 30.85 34.89 20.13
CA VAL F 177 30.01 33.73 20.40
C VAL F 177 29.84 33.03 19.07
N PHE F 178 30.19 31.76 19.03
CA PHE F 178 29.99 30.93 17.86
C PHE F 178 28.94 29.89 18.16
N LYS F 179 28.01 29.72 17.24
CA LYS F 179 27.16 28.54 17.35
C LYS F 179 26.77 28.08 15.96
N ASN F 180 26.15 26.91 15.92
CA ASN F 180 25.91 26.18 14.69
C ASN F 180 24.54 25.54 14.78
N ILE F 181 23.57 26.11 14.08
CA ILE F 181 22.20 25.61 14.13
C ILE F 181 21.65 25.48 12.72
N ASP F 182 21.16 24.28 12.39
CA ASP F 182 20.39 24.04 11.16
C ASP F 182 21.16 24.48 9.92
N GLY F 183 22.45 24.15 9.87
CA GLY F 183 23.26 24.50 8.73
C GLY F 183 23.74 25.93 8.69
N TYR F 184 23.44 26.71 9.71
CA TYR F 184 23.83 28.12 9.78
C TYR F 184 24.87 28.28 10.87
N PHE F 185 26.01 28.85 10.52
CA PHE F 185 27.04 29.19 11.48
C PHE F 185 26.88 30.65 11.85
N LYS F 186 26.54 30.91 13.11
CA LYS F 186 26.26 32.25 13.58
C LYS F 186 27.41 32.73 14.44
N ILE F 187 27.78 34.00 14.24
CA ILE F 187 28.87 34.65 14.95
C ILE F 187 28.35 35.96 15.49
N TYR F 188 28.38 36.12 16.81
CA TYR F 188 28.10 37.37 17.48
C TYR F 188 29.39 37.88 18.08
N SER F 189 29.49 39.19 18.29
CA SER F 189 30.70 39.65 18.95
C SER F 189 30.49 41.01 19.56
N LYS F 190 31.49 41.43 20.33
CA LYS F 190 31.51 42.77 20.91
C LYS F 190 32.96 43.14 21.19
N HIS F 191 33.23 44.45 21.17
CA HIS F 191 34.56 44.99 21.42
C HIS F 191 34.43 46.06 22.50
N THR F 192 34.73 45.68 23.73
CA THR F 192 34.51 46.56 24.88
C THR F 192 35.84 47.08 25.39
N PRO F 193 36.11 48.37 25.31
CA PRO F 193 37.35 48.90 25.89
C PRO F 193 37.21 49.09 27.40
N ILE F 194 38.12 48.47 28.15
CA ILE F 194 38.08 48.50 29.60
C ILE F 194 39.40 49.07 30.13
N ASN F 195 39.36 49.56 31.37
CA ASN F 195 40.47 50.26 31.99
C ASN F 195 41.14 49.49 33.12
N LEU F 196 40.37 49.05 34.13
CA LEU F 196 40.95 48.31 35.24
C LEU F 196 41.62 47.03 34.77
N GLY F 197 41.14 46.45 33.66
CA GLY F 197 41.76 45.26 33.11
C GLY F 197 41.75 44.08 34.06
N ARG F 198 40.71 43.96 34.87
CA ARG F 198 40.61 42.88 35.84
C ARG F 198 40.06 41.62 35.17
N ASP F 199 40.71 41.25 34.07
CA ASP F 199 40.30 40.13 33.22
C ASP F 199 38.88 40.43 32.73
N LEU F 200 37.90 39.58 32.99
CA LEU F 200 36.53 39.84 32.56
C LEU F 200 35.88 40.82 33.52
N PRO F 201 35.55 42.03 33.09
CA PRO F 201 35.04 43.03 34.03
C PRO F 201 33.61 42.75 34.47
N GLN F 202 33.25 43.33 35.60
CA GLN F 202 31.90 43.20 36.13
C GLN F 202 31.02 44.31 35.60
N GLY F 203 29.97 43.93 34.88
CA GLY F 203 29.09 44.85 34.21
C GLY F 203 28.24 44.13 33.22
N PHE F 204 27.81 44.81 32.15
CA PHE F 204 26.97 44.14 31.17
C PHE F 204 27.23 44.71 29.78
N SER F 205 27.30 43.82 28.80
CA SER F 205 27.55 44.23 27.43
C SER F 205 27.11 43.10 26.51
N ALA F 206 26.10 43.36 25.69
CA ALA F 206 25.52 42.33 24.83
C ALA F 206 26.21 42.32 23.47
N LEU F 207 26.20 41.15 22.85
CA LEU F 207 26.96 40.89 21.64
C LEU F 207 26.01 40.91 20.45
N GLU F 208 26.33 41.75 19.44
CA GLU F 208 25.46 41.88 18.28
C GLU F 208 25.81 40.85 17.21
N PRO F 209 24.83 40.40 16.43
CA PRO F 209 25.07 39.31 15.48
C PRO F 209 25.79 39.74 14.23
N LEU F 210 27.11 39.79 14.21
CA LEU F 210 27.74 40.32 13.02
C LEU F 210 27.64 39.40 11.80
N VAL F 211 27.70 38.08 11.95
CA VAL F 211 27.71 37.24 10.75
C VAL F 211 26.81 36.03 10.89
N ASP F 212 26.16 35.64 9.80
CA ASP F 212 25.53 34.35 9.66
C ASP F 212 25.95 33.74 8.32
N LEU F 213 26.38 32.48 8.36
CA LEU F 213 26.93 31.82 7.18
C LEU F 213 26.16 30.54 6.90
N PRO F 214 25.51 30.42 5.75
CA PRO F 214 24.77 29.19 5.42
C PRO F 214 25.71 28.09 4.94
N ILE F 215 26.40 27.50 5.91
CA ILE F 215 27.53 26.62 5.61
C ILE F 215 27.12 25.15 5.58
N GLY F 216 26.15 24.76 6.40
CA GLY F 216 25.57 23.44 6.30
C GLY F 216 26.48 22.26 6.61
N ILE F 217 27.51 22.46 7.42
CA ILE F 217 28.43 21.40 7.79
C ILE F 217 28.38 21.22 9.30
N ASN F 218 28.93 20.10 9.76
CA ASN F 218 28.85 19.69 11.15
C ASN F 218 30.14 20.07 11.87
N ILE F 219 30.02 20.90 12.89
CA ILE F 219 31.18 21.40 13.64
C ILE F 219 31.19 20.74 15.00
N THR F 220 32.32 20.12 15.35
CA THR F 220 32.49 19.47 16.65
C THR F 220 33.78 19.84 17.36
N ARG F 221 34.83 20.20 16.65
CA ARG F 221 36.08 20.58 17.27
C ARG F 221 36.53 21.92 16.71
N PHE F 222 37.40 22.60 17.43
CA PHE F 222 37.93 23.84 16.89
C PHE F 222 39.32 24.08 17.44
N GLN F 223 39.94 25.14 16.92
CA GLN F 223 41.25 25.58 17.36
C GLN F 223 41.42 27.03 16.95
N THR F 224 42.39 27.71 17.53
CA THR F 224 42.66 29.09 17.15
C THR F 224 43.89 29.17 16.23
N LEU F 225 44.35 30.40 15.95
CA LEU F 225 45.44 30.64 15.04
C LEU F 225 46.31 31.78 15.57
N LEU F 226 47.61 31.72 15.26
CA LEU F 226 48.60 32.59 15.87
C LEU F 226 49.50 33.20 14.79
N ALA F 227 50.17 34.30 15.15
CA ALA F 227 50.88 35.13 14.18
C ALA F 227 52.33 34.72 13.97
N LEU F 228 53.16 34.81 15.01
CA LEU F 228 54.54 34.32 14.98
C LEU F 228 55.38 34.90 13.83
N HIS F 229 55.69 36.19 13.96
CA HIS F 229 56.72 36.80 13.13
C HIS F 229 58.04 36.02 13.21
N ARG F 230 58.80 36.00 12.13
CA ARG F 230 60.14 35.43 12.16
C ARG F 230 61.17 36.48 12.57
N SER F 231 62.30 36.02 13.11
CA SER F 231 63.31 36.93 13.65
C SER F 231 63.90 37.83 12.58
N TYR F 232 64.61 37.24 11.63
CA TYR F 232 65.16 38.01 10.51
C TYR F 232 65.12 37.18 9.22
N SER F 240 64.22 28.68 10.95
CA SER F 240 62.93 29.21 11.38
C SER F 240 63.07 30.10 12.61
N GLY F 241 63.02 31.42 12.41
CA GLY F 241 63.17 32.35 13.51
C GLY F 241 62.03 32.28 14.50
N TRP F 242 60.85 32.73 14.08
CA TRP F 242 59.60 32.56 14.81
C TRP F 242 59.71 33.05 16.26
N THR F 243 59.90 34.37 16.35
CA THR F 243 60.07 35.05 17.64
C THR F 243 58.91 34.74 18.58
N ALA F 244 59.25 34.43 19.83
CA ALA F 244 58.25 34.01 20.80
C ALA F 244 57.30 35.13 21.15
N GLY F 245 56.05 34.77 21.46
CA GLY F 245 55.05 35.71 21.93
C GLY F 245 54.17 35.05 22.96
N ALA F 246 53.24 35.84 23.51
CA ALA F 246 52.30 35.36 24.52
C ALA F 246 50.89 35.81 24.17
N ALA F 247 49.96 34.86 24.16
CA ALA F 247 48.57 35.14 23.84
C ALA F 247 47.65 34.52 24.89
N ALA F 248 46.82 35.33 25.52
CA ALA F 248 45.93 34.90 26.59
C ALA F 248 44.49 34.98 26.15
N TYR F 249 43.77 33.87 26.25
CA TYR F 249 42.39 33.88 25.78
C TYR F 249 41.53 32.93 26.61
N TYR F 250 40.26 33.28 26.76
CA TYR F 250 39.31 32.50 27.52
C TYR F 250 38.35 31.78 26.60
N VAL F 251 37.92 30.60 27.04
CA VAL F 251 36.91 29.82 26.33
C VAL F 251 35.87 29.33 27.34
N GLY F 252 34.59 29.59 27.06
CA GLY F 252 33.51 29.02 27.81
C GLY F 252 32.56 28.29 26.89
N TYR F 253 31.68 27.49 27.47
CA TYR F 253 30.74 26.71 26.69
C TYR F 253 29.31 27.15 26.98
N LEU F 254 28.45 27.00 25.99
CA LEU F 254 27.06 27.42 26.09
C LEU F 254 26.17 26.20 26.23
N GLN F 255 25.15 26.31 27.07
CA GLN F 255 24.12 25.29 27.13
C GLN F 255 22.76 25.94 27.21
N PRO F 256 21.69 25.18 26.98
CA PRO F 256 20.34 25.77 26.92
C PRO F 256 19.86 26.22 28.28
N ARG F 257 19.51 27.50 28.38
CA ARG F 257 18.99 28.09 29.59
C ARG F 257 17.99 29.17 29.25
N THR F 258 17.15 29.49 30.22
CA THR F 258 16.17 30.56 30.11
C THR F 258 16.75 31.83 30.73
N PHE F 259 16.70 32.91 29.98
CA PHE F 259 17.19 34.19 30.48
C PHE F 259 16.05 35.19 30.40
N LEU F 260 16.07 36.14 31.32
CA LEU F 260 15.16 37.26 31.28
C LEU F 260 15.98 38.48 30.93
N LEU F 261 15.82 38.98 29.72
CA LEU F 261 16.58 40.10 29.20
C LEU F 261 15.78 41.38 29.34
N LYS F 262 16.49 42.48 29.54
CA LYS F 262 15.86 43.78 29.78
C LYS F 262 16.25 44.73 28.65
N TYR F 263 15.34 44.98 27.72
CA TYR F 263 15.57 45.94 26.65
C TYR F 263 15.16 47.32 27.12
N ASN F 264 16.06 48.28 26.98
CA ASN F 264 15.78 49.65 27.37
C ASN F 264 14.97 50.33 26.27
N GLU F 265 14.91 51.67 26.31
CA GLU F 265 14.13 52.40 25.33
C GLU F 265 14.66 52.22 23.91
N ASN F 266 15.97 52.15 23.74
CA ASN F 266 16.57 52.12 22.41
C ASN F 266 16.58 50.73 21.81
N GLY F 267 16.20 49.71 22.56
CA GLY F 267 16.29 48.36 22.05
C GLY F 267 17.55 47.62 22.42
N THR F 268 18.26 48.06 23.45
CA THR F 268 19.52 47.46 23.85
C THR F 268 19.31 46.57 25.07
N ILE F 269 19.91 45.38 25.05
CA ILE F 269 19.94 44.55 26.25
C ILE F 269 20.80 45.26 27.28
N THR F 270 20.16 45.81 28.31
CA THR F 270 20.92 46.47 29.37
C THR F 270 21.14 45.60 30.59
N ASP F 271 20.41 44.50 30.73
CA ASP F 271 20.57 43.64 31.88
C ASP F 271 19.95 42.28 31.59
N ALA F 272 20.29 41.30 32.40
CA ALA F 272 19.74 39.97 32.24
C ALA F 272 19.74 39.22 33.55
N VAL F 273 18.85 38.24 33.64
CA VAL F 273 18.70 37.37 34.79
C VAL F 273 18.79 35.93 34.29
N ASP F 274 19.65 35.13 34.90
CA ASP F 274 19.74 33.70 34.63
C ASP F 274 18.76 32.99 35.53
N CYS F 275 17.73 32.37 34.93
CA CYS F 275 16.62 31.89 35.72
C CYS F 275 16.96 30.68 36.58
N ALA F 276 18.11 30.06 36.39
CA ALA F 276 18.47 28.88 37.17
C ALA F 276 19.71 29.11 38.02
N LEU F 277 20.09 30.36 38.21
CA LEU F 277 21.27 30.66 39.02
C LEU F 277 21.01 30.38 40.49
N ASP F 278 19.94 30.94 41.05
CA ASP F 278 19.66 30.79 42.47
C ASP F 278 18.17 31.03 42.68
N PRO F 279 17.65 30.80 43.89
CA PRO F 279 16.20 30.96 44.09
C PRO F 279 15.67 32.37 43.81
N LEU F 280 16.43 33.40 44.14
CA LEU F 280 15.99 34.76 43.87
C LEU F 280 15.85 35.01 42.38
N SER F 281 16.75 34.46 41.57
CA SER F 281 16.64 34.63 40.14
C SER F 281 15.42 33.90 39.58
N GLU F 282 15.10 32.74 40.13
CA GLU F 282 13.88 32.06 39.71
C GLU F 282 12.65 32.85 40.08
N THR F 283 12.66 33.51 41.24
CA THR F 283 11.58 34.41 41.59
C THR F 283 11.48 35.57 40.61
N LYS F 284 12.62 36.15 40.24
CA LYS F 284 12.60 37.27 39.31
C LYS F 284 12.03 36.85 37.96
N CYS F 285 12.37 35.65 37.51
CA CYS F 285 11.80 35.16 36.27
C CYS F 285 10.32 34.86 36.39
N THR F 286 9.88 34.41 37.58
CA THR F 286 8.46 34.11 37.77
C THR F 286 7.63 35.39 37.79
N LEU F 287 8.06 36.38 38.56
CA LEU F 287 7.38 37.66 38.57
C LEU F 287 7.60 38.44 37.29
N LYS F 288 8.58 38.02 36.48
CA LYS F 288 8.95 38.72 35.27
C LYS F 288 9.27 40.18 35.57
N SER F 289 10.13 40.39 36.57
CA SER F 289 10.59 41.72 36.92
C SER F 289 11.95 41.61 37.57
N PHE F 290 12.70 42.71 37.55
CA PHE F 290 14.02 42.75 38.15
C PHE F 290 14.00 43.18 39.61
N THR F 291 12.87 43.70 40.10
CA THR F 291 12.72 44.06 41.50
C THR F 291 11.57 43.26 42.08
N VAL F 292 11.77 42.76 43.29
CA VAL F 292 10.82 41.88 43.95
C VAL F 292 10.43 42.52 45.26
N GLU F 293 9.13 42.55 45.54
CA GLU F 293 8.64 43.09 46.80
C GLU F 293 8.68 42.04 47.90
N LYS F 294 8.56 42.50 49.13
CA LYS F 294 8.54 41.60 50.27
C LYS F 294 7.36 40.66 50.17
N GLY F 295 7.61 39.38 50.40
CA GLY F 295 6.54 38.40 50.34
C GLY F 295 7.10 37.00 50.19
N ILE F 296 6.19 36.09 49.90
CA ILE F 296 6.52 34.69 49.66
C ILE F 296 5.88 34.29 48.34
N TYR F 297 6.66 33.69 47.45
CA TYR F 297 6.26 33.42 46.08
C TYR F 297 6.49 31.96 45.77
N GLN F 298 5.48 31.30 45.21
CA GLN F 298 5.56 29.86 44.99
C GLN F 298 6.17 29.69 43.60
N THR F 299 7.48 29.48 43.57
CA THR F 299 8.19 29.56 42.30
C THR F 299 8.19 28.23 41.55
N SER F 300 8.33 27.11 42.25
CA SER F 300 8.57 25.89 41.50
C SER F 300 7.92 24.69 42.19
N ASN F 301 8.33 23.50 41.76
CA ASN F 301 7.86 22.24 42.31
C ASN F 301 9.08 21.40 42.63
N PHE F 302 9.06 20.75 43.77
CA PHE F 302 10.06 19.77 44.19
C PHE F 302 9.47 18.39 44.07
N ARG F 303 10.29 17.45 43.62
CA ARG F 303 9.81 16.12 43.29
C ARG F 303 10.99 15.16 43.34
N VAL F 304 11.01 14.29 44.36
CA VAL F 304 12.12 13.37 44.49
C VAL F 304 11.97 12.23 43.47
N GLN F 305 13.09 11.88 42.78
CA GLN F 305 13.04 10.95 41.66
C GLN F 305 13.32 9.52 42.11
N PRO F 306 12.78 8.53 41.39
CA PRO F 306 12.99 7.13 41.78
C PRO F 306 14.43 6.72 41.56
N THR F 307 15.03 6.14 42.60
CA THR F 307 16.46 5.87 42.59
C THR F 307 16.80 4.69 41.69
N GLU F 308 15.97 3.63 41.72
CA GLU F 308 16.31 2.39 41.05
C GLU F 308 15.03 1.64 40.73
N SER F 309 15.10 0.80 39.70
CA SER F 309 13.95 0.01 39.26
C SER F 309 14.04 -1.39 39.86
N ILE F 310 12.95 -1.84 40.46
CA ILE F 310 12.91 -3.09 41.19
C ILE F 310 11.85 -3.99 40.60
N VAL F 311 12.25 -5.20 40.21
CA VAL F 311 11.34 -6.20 39.67
C VAL F 311 11.34 -7.38 40.61
N ARG F 312 10.15 -7.79 41.03
CA ARG F 312 9.99 -8.93 41.92
C ARG F 312 8.92 -9.83 41.34
N PHE F 313 9.25 -11.11 41.17
CA PHE F 313 8.39 -12.14 40.59
C PHE F 313 8.33 -13.31 41.53
N PRO F 314 7.33 -14.20 41.42
CA PRO F 314 7.26 -15.35 42.33
C PRO F 314 8.43 -16.31 42.12
N ASN F 315 8.43 -17.37 42.93
CA ASN F 315 9.49 -18.38 42.86
C ASN F 315 9.44 -19.09 41.52
N ILE F 316 10.61 -19.37 40.94
CA ILE F 316 10.71 -19.97 39.61
C ILE F 316 10.49 -21.47 39.73
N THR F 317 10.26 -21.95 40.95
CA THR F 317 10.27 -23.38 41.23
C THR F 317 9.16 -24.14 40.52
N ASN F 318 8.17 -23.42 39.98
CA ASN F 318 7.08 -24.04 39.23
C ASN F 318 7.64 -24.54 37.89
N LEU F 319 8.32 -25.67 37.94
CA LEU F 319 9.20 -26.12 36.87
C LEU F 319 8.86 -27.53 36.44
N CYS F 320 8.85 -27.77 35.13
CA CYS F 320 9.01 -29.11 34.60
C CYS F 320 10.34 -29.15 33.86
N PRO F 321 11.39 -29.77 34.42
CA PRO F 321 12.66 -29.82 33.71
C PRO F 321 12.57 -30.71 32.49
N PHE F 322 13.44 -30.43 31.51
CA PHE F 322 13.43 -31.15 30.25
C PHE F 322 14.45 -32.29 30.24
N ASP F 323 14.96 -32.67 31.40
CA ASP F 323 16.07 -33.61 31.46
C ASP F 323 15.64 -35.02 31.11
N GLU F 324 14.38 -35.36 31.36
CA GLU F 324 13.90 -36.70 31.00
C GLU F 324 14.03 -36.98 29.51
N VAL F 325 14.03 -35.93 28.68
CA VAL F 325 14.22 -36.11 27.25
C VAL F 325 15.63 -35.77 26.81
N PHE F 326 16.37 -34.97 27.58
CA PHE F 326 17.77 -34.66 27.32
C PHE F 326 18.71 -35.56 28.10
N ASN F 327 18.58 -35.60 29.42
CA ASN F 327 19.43 -36.46 30.23
C ASN F 327 18.85 -37.87 30.24
N ALA F 328 18.56 -38.39 29.05
CA ALA F 328 17.99 -39.72 28.89
C ALA F 328 19.10 -40.73 28.63
N THR F 329 18.96 -41.91 29.24
CA THR F 329 19.94 -42.97 29.03
C THR F 329 19.93 -43.45 27.58
N ARG F 330 18.74 -43.60 26.99
CA ARG F 330 18.60 -44.10 25.64
C ARG F 330 17.62 -43.24 24.85
N PHE F 331 17.96 -43.00 23.58
CA PHE F 331 17.11 -42.24 22.68
C PHE F 331 16.31 -43.21 21.79
N ALA F 332 15.64 -42.68 20.77
CA ALA F 332 14.81 -43.47 19.90
C ALA F 332 15.39 -43.49 18.48
N SER F 333 14.90 -44.44 17.69
CA SER F 333 15.36 -44.62 16.32
C SER F 333 14.89 -43.47 15.44
N VAL F 334 15.66 -43.21 14.38
CA VAL F 334 15.35 -42.09 13.49
C VAL F 334 14.04 -42.34 12.75
N TYR F 335 13.75 -43.60 12.41
CA TYR F 335 12.47 -43.90 11.78
C TYR F 335 11.32 -43.89 12.77
N ALA F 336 11.61 -43.91 14.06
CA ALA F 336 10.61 -43.92 15.13
C ALA F 336 10.97 -42.92 16.22
N TRP F 337 11.31 -41.71 15.81
CA TRP F 337 11.76 -40.68 16.75
C TRP F 337 10.67 -40.36 17.77
N ASN F 338 11.10 -40.03 18.99
CA ASN F 338 10.16 -39.71 20.06
C ASN F 338 9.69 -38.27 19.92
N ARG F 339 8.39 -38.05 20.10
CA ARG F 339 7.81 -36.71 20.10
C ARG F 339 6.98 -36.52 21.37
N LYS F 340 7.28 -35.46 22.11
CA LYS F 340 6.61 -35.15 23.37
C LYS F 340 6.09 -33.73 23.35
N ARG F 341 4.87 -33.55 23.86
CA ARG F 341 4.27 -32.23 24.02
C ARG F 341 4.60 -31.66 25.39
N ILE F 342 4.71 -30.33 25.44
CA ILE F 342 5.01 -29.59 26.67
C ILE F 342 4.06 -28.41 26.74
N SER F 343 3.32 -28.31 27.84
CA SER F 343 2.39 -27.23 28.08
C SER F 343 2.31 -26.98 29.58
N ASN F 344 1.93 -25.74 29.93
CA ASN F 344 1.83 -25.31 31.33
C ASN F 344 3.15 -25.54 32.08
N CYS F 345 4.19 -24.84 31.63
CA CYS F 345 5.52 -24.98 32.18
C CYS F 345 6.28 -23.67 32.04
N VAL F 346 7.48 -23.64 32.60
CA VAL F 346 8.42 -22.54 32.40
C VAL F 346 9.55 -23.06 31.53
N ALA F 347 9.85 -22.31 30.47
CA ALA F 347 10.87 -22.72 29.51
C ALA F 347 12.23 -22.24 30.00
N ASP F 348 12.82 -23.01 30.90
CA ASP F 348 14.13 -22.68 31.46
C ASP F 348 15.19 -23.19 30.50
N TYR F 349 15.79 -22.28 29.74
CA TYR F 349 16.89 -22.64 28.86
C TYR F 349 18.23 -22.53 29.56
N SER F 350 18.24 -22.21 30.85
CA SER F 350 19.46 -22.31 31.64
C SER F 350 19.99 -23.73 31.64
N VAL F 351 19.10 -24.73 31.59
CA VAL F 351 19.55 -26.11 31.47
C VAL F 351 20.27 -26.33 30.15
N LEU F 352 19.72 -25.78 29.07
CA LEU F 352 20.35 -25.93 27.76
C LEU F 352 21.70 -25.22 27.71
N TYR F 353 21.77 -23.99 28.23
CA TYR F 353 23.02 -23.25 28.20
C TYR F 353 24.07 -23.86 29.12
N ASN F 354 23.66 -24.36 30.28
CA ASN F 354 24.54 -25.11 31.17
C ASN F 354 24.92 -26.47 30.60
N PHE F 355 24.24 -26.93 29.55
CA PHE F 355 24.49 -28.24 28.99
C PHE F 355 25.78 -28.19 28.16
N ALA F 356 26.02 -29.24 27.38
CA ALA F 356 27.24 -29.49 26.63
C ALA F 356 27.67 -28.28 25.80
N PRO F 357 28.97 -28.17 25.47
CA PRO F 357 29.47 -26.98 24.77
C PRO F 357 28.88 -26.74 23.39
N PHE F 358 27.85 -27.52 23.02
CA PHE F 358 27.11 -27.33 21.77
C PHE F 358 27.95 -27.58 20.53
N PHE F 359 28.41 -28.82 20.36
CA PHE F 359 29.08 -29.16 19.10
C PHE F 359 28.12 -29.03 17.93
N ALA F 360 26.83 -29.27 18.15
CA ALA F 360 25.81 -28.95 17.17
C ALA F 360 24.65 -28.23 17.85
N PHE F 361 24.42 -26.98 17.44
CA PHE F 361 23.33 -26.17 18.00
C PHE F 361 22.97 -25.15 16.92
N LYS F 362 21.84 -25.36 16.23
CA LYS F 362 21.42 -24.41 15.21
C LYS F 362 19.94 -24.08 15.37
N CYS F 363 19.63 -22.78 15.45
CA CYS F 363 18.28 -22.32 15.71
C CYS F 363 17.80 -21.34 14.66
N TYR F 364 16.52 -21.44 14.29
CA TYR F 364 15.96 -20.69 13.17
C TYR F 364 14.80 -19.82 13.65
N GLY F 365 14.68 -18.63 13.08
CA GLY F 365 13.56 -17.76 13.39
C GLY F 365 13.74 -16.97 14.67
N VAL F 366 13.75 -17.65 15.80
CA VAL F 366 13.93 -17.01 17.10
C VAL F 366 15.39 -17.10 17.52
N SER F 367 15.92 -16.01 18.16
CA SER F 367 17.32 -16.08 18.58
C SER F 367 17.42 -16.72 19.96
N PRO F 368 18.57 -17.33 20.28
CA PRO F 368 18.70 -17.97 21.60
C PRO F 368 18.49 -17.03 22.77
N THR F 369 18.96 -15.78 22.65
CA THR F 369 18.78 -14.82 23.73
C THR F 369 17.36 -14.25 23.76
N LYS F 370 16.63 -14.32 22.66
CA LYS F 370 15.25 -13.86 22.60
C LYS F 370 14.27 -14.87 23.17
N LEU F 371 14.46 -16.16 22.85
CA LEU F 371 13.51 -17.19 23.22
C LEU F 371 13.43 -17.43 24.74
N ASN F 372 14.35 -16.85 25.51
CA ASN F 372 14.36 -17.02 26.95
C ASN F 372 13.32 -16.15 27.66
N ASP F 373 12.64 -15.27 26.94
CA ASP F 373 11.80 -14.25 27.57
C ASP F 373 10.32 -14.34 27.21
N LEU F 374 9.97 -14.84 26.04
CA LEU F 374 8.57 -14.75 25.62
C LEU F 374 7.74 -15.86 26.27
N CYS F 375 6.47 -15.91 25.89
CA CYS F 375 5.48 -16.78 26.51
C CYS F 375 4.89 -17.65 25.41
N PHE F 376 5.28 -18.92 25.37
CA PHE F 376 4.87 -19.84 24.33
C PHE F 376 3.62 -20.62 24.73
N THR F 377 2.89 -21.08 23.72
CA THR F 377 1.65 -21.81 23.96
C THR F 377 1.90 -23.31 24.11
N ASN F 378 2.74 -23.88 23.25
CA ASN F 378 3.11 -25.28 23.35
C ASN F 378 4.52 -25.46 22.82
N VAL F 379 5.24 -26.43 23.36
CA VAL F 379 6.56 -26.78 22.83
C VAL F 379 6.63 -28.28 22.60
N TYR F 380 6.98 -28.67 21.39
CA TYR F 380 7.18 -30.07 21.05
C TYR F 380 8.66 -30.40 20.99
N ALA F 381 9.05 -31.48 21.65
CA ALA F 381 10.44 -31.95 21.68
C ALA F 381 10.52 -33.28 20.96
N ASP F 382 11.41 -33.36 19.98
CA ASP F 382 11.58 -34.56 19.16
C ASP F 382 13.00 -35.09 19.34
N SER F 383 13.14 -36.27 19.92
CA SER F 383 14.44 -36.85 20.24
C SER F 383 14.69 -38.12 19.46
N PHE F 384 15.89 -38.24 18.92
CA PHE F 384 16.32 -39.48 18.26
C PHE F 384 17.84 -39.46 18.13
N VAL F 385 18.37 -40.39 17.33
CA VAL F 385 19.81 -40.53 17.12
C VAL F 385 20.05 -40.74 15.63
N ILE F 386 21.04 -40.04 15.08
CA ILE F 386 21.40 -40.18 13.67
C ILE F 386 22.91 -40.35 13.56
N ARG F 387 23.37 -40.56 12.33
CA ARG F 387 24.78 -40.77 12.04
C ARG F 387 25.52 -39.43 12.01
N GLY F 388 26.85 -39.52 12.01
CA GLY F 388 27.66 -38.31 12.04
C GLY F 388 27.55 -37.47 10.79
N ASN F 389 27.54 -38.11 9.62
CA ASN F 389 27.47 -37.38 8.36
C ASN F 389 26.07 -36.94 7.99
N GLU F 390 25.04 -37.44 8.69
CA GLU F 390 23.66 -37.13 8.37
C GLU F 390 23.04 -36.11 9.33
N VAL F 391 23.85 -35.47 10.17
CA VAL F 391 23.30 -34.57 11.19
C VAL F 391 22.60 -33.38 10.53
N SER F 392 23.25 -32.75 9.55
CA SER F 392 22.66 -31.60 8.89
C SER F 392 21.42 -31.95 8.09
N GLN F 393 21.28 -33.21 7.68
CA GLN F 393 20.13 -33.62 6.86
C GLN F 393 18.81 -33.44 7.60
N ILE F 394 18.85 -33.31 8.93
CA ILE F 394 17.67 -32.94 9.70
C ILE F 394 17.70 -31.41 9.81
N ALA F 395 17.15 -30.77 8.79
CA ALA F 395 17.07 -29.32 8.72
C ALA F 395 15.92 -28.95 7.80
N PRO F 396 15.34 -27.74 7.94
CA PRO F 396 14.21 -27.37 7.09
C PRO F 396 14.57 -27.41 5.61
N GLY F 397 13.67 -27.97 4.83
CA GLY F 397 13.88 -28.09 3.39
C GLY F 397 15.09 -28.92 3.00
N GLN F 398 15.35 -30.02 3.71
CA GLN F 398 16.51 -30.84 3.45
C GLN F 398 16.15 -32.04 2.58
N THR F 399 17.13 -32.50 1.81
CA THR F 399 17.00 -33.66 0.95
C THR F 399 17.95 -34.76 1.42
N GLY F 400 17.65 -35.99 1.03
CA GLY F 400 18.48 -37.12 1.37
C GLY F 400 17.69 -38.33 1.84
N ASN F 401 18.40 -39.40 2.18
CA ASN F 401 17.72 -40.60 2.66
C ASN F 401 17.07 -40.35 4.02
N ILE F 402 17.83 -39.80 4.96
CA ILE F 402 17.28 -39.52 6.29
C ILE F 402 16.26 -38.40 6.21
N ALA F 403 16.54 -37.38 5.40
CA ALA F 403 15.67 -36.21 5.30
C ALA F 403 14.36 -36.49 4.56
N ASP F 404 14.21 -37.66 3.95
CA ASP F 404 13.00 -37.98 3.20
C ASP F 404 12.30 -39.22 3.71
N TYR F 405 13.04 -40.33 3.89
CA TYR F 405 12.44 -41.60 4.29
C TYR F 405 12.36 -41.77 5.80
N ASN F 406 12.93 -40.87 6.59
CA ASN F 406 12.93 -40.99 8.04
C ASN F 406 12.31 -39.81 8.76
N TYR F 407 12.55 -38.59 8.30
CA TYR F 407 12.05 -37.41 9.00
C TYR F 407 11.95 -36.25 8.02
N LYS F 408 11.04 -35.33 8.30
CA LYS F 408 10.88 -34.12 7.49
C LYS F 408 10.74 -32.91 8.40
N LEU F 409 11.30 -31.79 7.95
CA LEU F 409 11.17 -30.51 8.60
C LEU F 409 10.50 -29.54 7.65
N PRO F 410 9.40 -28.90 8.05
CA PRO F 410 8.75 -27.91 7.18
C PRO F 410 9.67 -26.73 6.91
N ASP F 411 9.50 -26.14 5.72
CA ASP F 411 10.33 -25.00 5.35
C ASP F 411 10.05 -23.79 6.25
N ASP F 412 8.84 -23.71 6.80
CA ASP F 412 8.45 -22.62 7.70
C ASP F 412 8.54 -23.04 9.16
N PHE F 413 9.55 -23.85 9.50
CA PHE F 413 9.63 -24.43 10.83
C PHE F 413 9.91 -23.36 11.89
N THR F 414 9.27 -23.51 13.05
CA THR F 414 9.51 -22.65 14.20
C THR F 414 10.29 -23.45 15.24
N GLY F 415 11.53 -23.03 15.50
CA GLY F 415 12.34 -23.69 16.49
C GLY F 415 13.74 -24.04 16.03
N CYS F 416 14.25 -25.19 16.46
CA CYS F 416 15.63 -25.50 16.13
C CYS F 416 16.03 -26.91 16.52
N VAL F 417 17.29 -27.22 16.24
CA VAL F 417 17.85 -28.56 16.38
C VAL F 417 19.15 -28.47 17.17
N ILE F 418 19.27 -29.30 18.20
CA ILE F 418 20.46 -29.42 19.01
C ILE F 418 20.95 -30.85 18.89
N ALA F 419 22.16 -31.03 18.36
CA ALA F 419 22.74 -32.34 18.17
C ALA F 419 24.08 -32.41 18.90
N TRP F 420 24.25 -33.47 19.69
CA TRP F 420 25.46 -33.72 20.45
C TRP F 420 25.97 -35.12 20.11
N ASN F 421 27.28 -35.32 20.25
CA ASN F 421 27.86 -36.64 20.00
C ASN F 421 27.36 -37.60 21.06
N SER F 422 26.77 -38.71 20.63
CA SER F 422 26.20 -39.71 21.53
C SER F 422 27.00 -41.01 21.46
N ASN F 423 28.32 -40.89 21.42
CA ASN F 423 29.15 -42.09 21.27
C ASN F 423 29.19 -42.89 22.55
N LYS F 424 29.05 -42.24 23.71
CA LYS F 424 29.22 -42.95 24.98
C LYS F 424 28.18 -44.04 25.17
N LEU F 425 26.92 -43.74 24.86
CA LEU F 425 25.80 -44.59 25.25
C LEU F 425 25.29 -45.48 24.13
N ASP F 426 25.47 -45.08 22.88
CA ASP F 426 24.93 -45.81 21.74
C ASP F 426 25.96 -46.67 21.03
N SER F 427 27.12 -46.88 21.64
CA SER F 427 28.21 -47.61 21.01
C SER F 427 28.48 -48.89 21.79
N LYS F 428 28.56 -50.01 21.08
CA LYS F 428 28.94 -51.28 21.69
C LYS F 428 29.96 -51.97 20.80
N VAL F 429 30.83 -52.78 21.43
CA VAL F 429 31.87 -53.46 20.69
C VAL F 429 31.26 -54.43 19.70
N GLY F 430 31.78 -54.41 18.48
CA GLY F 430 31.26 -55.27 17.43
C GLY F 430 30.00 -54.76 16.78
N GLY F 431 29.47 -53.63 17.22
CA GLY F 431 28.27 -53.07 16.63
C GLY F 431 27.14 -52.84 17.60
N ASN F 432 26.39 -51.76 17.40
CA ASN F 432 25.17 -51.49 18.14
C ASN F 432 24.01 -51.48 17.15
N TYR F 433 22.90 -52.09 17.55
CA TYR F 433 21.81 -52.37 16.62
C TYR F 433 20.45 -51.92 17.13
N ASN F 434 20.41 -51.11 18.18
CA ASN F 434 19.14 -50.69 18.76
C ASN F 434 18.55 -49.47 18.07
N TYR F 435 19.23 -48.92 17.06
CA TYR F 435 18.73 -47.81 16.28
C TYR F 435 18.74 -48.21 14.82
N LEU F 436 17.58 -48.11 14.16
CA LEU F 436 17.45 -48.49 12.76
C LEU F 436 16.86 -47.33 11.96
N TYR F 437 17.20 -47.30 10.68
CA TYR F 437 16.77 -46.25 9.77
C TYR F 437 16.01 -46.87 8.60
N ARG F 438 14.91 -46.23 8.20
CA ARG F 438 14.12 -46.71 7.07
C ARG F 438 14.73 -46.19 5.79
N LEU F 439 15.48 -47.04 5.09
CA LEU F 439 16.13 -46.67 3.84
C LEU F 439 15.25 -46.90 2.61
N PHE F 440 14.35 -47.86 2.67
CA PHE F 440 13.49 -48.21 1.54
C PHE F 440 12.07 -47.76 1.83
N ARG F 441 11.53 -46.89 0.98
CA ARG F 441 10.15 -46.43 1.08
C ARG F 441 9.79 -45.74 -0.24
N LYS F 442 8.50 -45.46 -0.41
CA LYS F 442 8.01 -44.88 -1.65
C LYS F 442 8.17 -43.37 -1.69
N SER F 443 7.50 -42.66 -0.79
CA SER F 443 7.42 -41.20 -0.86
C SER F 443 7.96 -40.55 0.40
N ASN F 444 8.22 -39.24 0.29
CA ASN F 444 8.74 -38.47 1.40
C ASN F 444 7.71 -38.37 2.52
N LEU F 445 8.21 -38.19 3.74
CA LEU F 445 7.35 -38.12 4.91
C LEU F 445 6.77 -36.72 5.06
N LYS F 446 5.49 -36.65 5.41
CA LYS F 446 4.84 -35.36 5.62
C LYS F 446 5.39 -34.70 6.89
N PRO F 447 5.27 -33.36 6.99
CA PRO F 447 5.82 -32.66 8.17
C PRO F 447 5.35 -33.25 9.49
N PHE F 448 6.29 -33.79 10.25
CA PHE F 448 6.03 -34.39 11.56
C PHE F 448 5.11 -35.60 11.44
N GLU F 449 5.19 -36.30 10.30
CA GLU F 449 4.49 -37.57 10.17
C GLU F 449 5.38 -38.69 10.69
N ARG F 450 4.74 -39.73 11.21
CA ARG F 450 5.44 -40.87 11.80
C ARG F 450 4.98 -42.16 11.13
N ASP F 451 5.94 -43.04 10.85
CA ASP F 451 5.65 -44.35 10.30
C ASP F 451 6.24 -45.42 11.21
N ILE F 452 5.47 -46.48 11.44
CA ILE F 452 5.90 -47.58 12.29
C ILE F 452 5.76 -48.95 11.63
N SER F 453 4.94 -49.07 10.59
CA SER F 453 4.71 -50.36 9.96
C SER F 453 5.95 -50.83 9.22
N THR F 454 6.34 -52.08 9.47
CA THR F 454 7.54 -52.67 8.89
C THR F 454 7.12 -53.55 7.72
N GLU F 455 6.87 -52.91 6.57
CA GLU F 455 6.37 -53.57 5.38
C GLU F 455 7.51 -53.75 4.39
N ILE F 456 7.61 -54.95 3.83
CA ILE F 456 8.71 -55.27 2.93
C ILE F 456 8.56 -54.43 1.66
N TYR F 457 9.63 -53.72 1.29
CA TYR F 457 9.61 -52.86 0.12
C TYR F 457 9.83 -53.69 -1.14
N GLN F 458 8.82 -53.74 -1.99
CA GLN F 458 8.90 -54.46 -3.26
C GLN F 458 9.84 -53.69 -4.19
N ALA F 459 11.05 -54.21 -4.38
CA ALA F 459 12.05 -53.53 -5.18
C ALA F 459 12.02 -53.94 -6.66
N GLY F 460 11.18 -54.89 -7.03
CA GLY F 460 11.05 -55.28 -8.42
C GLY F 460 9.61 -55.35 -8.87
N ASN F 461 9.36 -55.96 -10.03
CA ASN F 461 7.98 -56.19 -10.45
C ASN F 461 7.32 -57.28 -9.61
N LYS F 462 8.10 -58.28 -9.23
CA LYS F 462 7.55 -59.43 -8.51
C LYS F 462 7.05 -59.01 -7.13
N PRO F 463 5.93 -59.56 -6.67
CA PRO F 463 5.48 -59.28 -5.31
C PRO F 463 6.43 -59.89 -4.29
N CYS F 464 6.48 -59.28 -3.11
CA CYS F 464 7.34 -59.79 -2.05
C CYS F 464 6.67 -60.93 -1.30
N ASN F 465 5.42 -60.73 -0.89
CA ASN F 465 4.62 -61.75 -0.20
C ASN F 465 5.26 -62.16 1.13
N GLY F 466 6.12 -61.30 1.68
CA GLY F 466 6.75 -61.56 2.95
C GLY F 466 8.01 -62.40 2.90
N VAL F 467 8.57 -62.64 1.72
CA VAL F 467 9.77 -63.47 1.58
C VAL F 467 10.87 -62.64 0.95
N ALA F 468 11.97 -62.47 1.68
CA ALA F 468 13.06 -61.58 1.25
C ALA F 468 13.83 -62.23 0.10
N GLY F 469 13.16 -62.29 -1.05
CA GLY F 469 13.73 -62.92 -2.21
C GLY F 469 14.16 -61.92 -3.27
N PHE F 470 15.45 -61.95 -3.61
CA PHE F 470 16.01 -61.06 -4.64
C PHE F 470 15.73 -59.60 -4.31
N ASN F 471 14.83 -58.98 -5.07
CA ASN F 471 14.49 -57.56 -4.88
C ASN F 471 13.31 -57.43 -3.91
N CYS F 472 13.58 -57.76 -2.66
CA CYS F 472 12.60 -57.61 -1.58
C CYS F 472 13.37 -57.26 -0.31
N TYR F 473 13.44 -55.97 0.01
CA TYR F 473 14.32 -55.48 1.06
C TYR F 473 13.52 -54.94 2.24
N PHE F 474 13.98 -55.26 3.44
CA PHE F 474 13.40 -54.69 4.65
C PHE F 474 13.63 -53.19 4.65
N PRO F 475 12.61 -52.37 4.92
CA PRO F 475 12.82 -50.92 4.94
C PRO F 475 13.83 -50.48 5.98
N LEU F 476 13.89 -51.17 7.12
CA LEU F 476 14.73 -50.76 8.24
C LEU F 476 16.09 -51.47 8.16
N ARG F 477 17.15 -50.68 8.25
CA ARG F 477 18.51 -51.19 8.30
C ARG F 477 19.18 -50.69 9.58
N SER F 478 20.11 -51.50 10.09
CA SER F 478 20.73 -51.26 11.38
C SER F 478 22.04 -50.49 11.24
N TYR F 479 22.23 -49.51 12.11
CA TYR F 479 23.50 -48.78 12.14
C TYR F 479 24.62 -49.68 12.65
N GLY F 480 25.83 -49.40 12.20
CA GLY F 480 26.97 -50.15 12.67
C GLY F 480 27.30 -49.82 14.12
N PHE F 481 27.76 -48.59 14.34
CA PHE F 481 28.04 -48.07 15.69
C PHE F 481 29.06 -48.93 16.43
N ARG F 482 30.09 -49.37 15.72
CA ARG F 482 31.22 -50.00 16.38
C ARG F 482 32.12 -48.93 16.99
N PRO F 483 32.83 -49.26 18.07
CA PRO F 483 33.62 -48.23 18.76
C PRO F 483 34.63 -47.50 17.87
N THR F 484 35.21 -48.20 16.90
CA THR F 484 36.21 -47.57 16.05
C THR F 484 35.60 -46.67 14.98
N TYR F 485 34.28 -46.65 14.84
CA TYR F 485 33.66 -45.88 13.77
C TYR F 485 33.91 -44.39 13.97
N GLY F 486 34.30 -43.73 12.88
CA GLY F 486 34.78 -42.37 12.94
C GLY F 486 33.68 -41.35 13.12
N VAL F 487 34.09 -40.08 13.06
CA VAL F 487 33.15 -38.97 13.28
C VAL F 487 32.03 -38.99 12.25
N GLY F 488 32.30 -39.52 11.06
CA GLY F 488 31.27 -39.57 10.02
C GLY F 488 30.21 -40.62 10.24
N HIS F 489 30.40 -41.51 11.21
CA HIS F 489 29.46 -42.58 11.47
C HIS F 489 29.06 -42.68 12.94
N GLN F 490 29.69 -41.92 13.82
CA GLN F 490 29.38 -42.01 15.24
C GLN F 490 27.93 -41.61 15.51
N PRO F 491 27.28 -42.24 16.47
CA PRO F 491 25.91 -41.84 16.81
C PRO F 491 25.87 -40.44 17.40
N TYR F 492 24.80 -39.73 17.08
CA TYR F 492 24.56 -38.38 17.59
C TYR F 492 23.14 -38.28 18.10
N ARG F 493 22.99 -37.83 19.34
CA ARG F 493 21.68 -37.57 19.91
C ARG F 493 21.18 -36.21 19.49
N VAL F 494 19.96 -36.17 18.96
CA VAL F 494 19.39 -34.98 18.34
C VAL F 494 18.04 -34.69 18.98
N VAL F 495 17.85 -33.44 19.40
CA VAL F 495 16.58 -32.97 19.94
C VAL F 495 16.15 -31.74 19.15
N VAL F 496 14.92 -31.77 18.66
CA VAL F 496 14.33 -30.67 17.91
C VAL F 496 13.26 -30.04 18.78
N LEU F 497 13.41 -28.75 19.06
CA LEU F 497 12.42 -27.99 19.82
C LEU F 497 11.61 -27.14 18.85
N SER F 498 10.31 -27.40 18.79
CA SER F 498 9.38 -26.64 17.97
C SER F 498 8.41 -25.89 18.87
N PHE F 499 8.06 -24.68 18.47
CA PHE F 499 7.16 -23.85 19.24
C PHE F 499 5.83 -23.74 18.50
N GLU F 500 4.76 -24.18 19.14
CA GLU F 500 3.41 -23.98 18.66
C GLU F 500 2.86 -22.73 19.33
N LEU F 501 2.45 -21.76 18.52
CA LEU F 501 2.05 -20.43 18.96
C LEU F 501 0.64 -20.12 18.49
N LEU F 502 -0.26 -21.07 18.71
CA LEU F 502 -1.64 -20.96 18.23
C LEU F 502 -2.39 -19.89 19.01
N HIS F 503 -3.67 -19.72 18.66
CA HIS F 503 -4.52 -18.72 19.30
C HIS F 503 -4.91 -19.10 20.72
N ALA F 504 -4.60 -20.33 21.15
CA ALA F 504 -4.86 -20.72 22.52
C ALA F 504 -3.96 -19.94 23.48
N PRO F 505 -4.37 -19.76 24.73
CA PRO F 505 -3.53 -19.03 25.69
C PRO F 505 -2.16 -19.69 25.84
N ALA F 506 -1.13 -18.84 25.98
CA ALA F 506 0.23 -19.33 26.09
C ALA F 506 0.45 -19.96 27.46
N THR F 507 1.23 -21.05 27.48
CA THR F 507 1.42 -21.79 28.72
C THR F 507 2.88 -22.02 29.08
N VAL F 508 3.75 -22.26 28.09
CA VAL F 508 5.16 -22.52 28.35
C VAL F 508 5.87 -21.18 28.32
N CYS F 509 6.13 -20.62 29.49
CA CYS F 509 6.68 -19.27 29.62
C CYS F 509 7.61 -19.24 30.81
N GLY F 510 8.89 -18.96 30.56
CA GLY F 510 9.92 -19.10 31.57
C GLY F 510 10.18 -17.84 32.38
N PRO F 511 11.46 -17.51 32.54
CA PRO F 511 11.83 -16.29 33.29
C PRO F 511 11.18 -15.05 32.71
N LYS F 512 10.61 -14.18 33.56
CA LYS F 512 10.52 -14.21 35.04
C LYS F 512 11.86 -14.20 35.79
N LYS F 513 12.59 -13.09 35.66
CA LYS F 513 13.73 -12.76 36.51
C LYS F 513 13.35 -11.62 37.45
N SER F 514 13.82 -11.71 38.69
CA SER F 514 13.48 -10.76 39.73
C SER F 514 14.75 -10.21 40.36
N THR F 515 14.68 -8.96 40.80
CA THR F 515 15.79 -8.31 41.49
C THR F 515 15.64 -8.54 42.98
N ASN F 516 16.37 -7.78 43.79
CA ASN F 516 16.23 -7.81 45.23
C ASN F 516 15.09 -6.87 45.63
N LEU F 517 14.94 -6.61 46.93
CA LEU F 517 13.90 -5.76 47.45
C LEU F 517 14.54 -4.61 48.23
N VAL F 518 14.05 -3.40 47.99
CA VAL F 518 14.54 -2.20 48.69
C VAL F 518 13.37 -1.58 49.43
N LYS F 519 13.57 -1.32 50.72
CA LYS F 519 12.54 -0.73 51.56
C LYS F 519 12.96 0.66 52.02
N ASN F 520 11.96 1.51 52.26
CA ASN F 520 12.18 2.88 52.74
C ASN F 520 13.05 3.67 51.76
N LYS F 521 12.82 3.48 50.47
CA LYS F 521 13.54 4.22 49.44
C LYS F 521 12.63 4.39 48.25
N CYS F 522 12.64 5.57 47.65
CA CYS F 522 11.79 5.85 46.51
C CYS F 522 12.31 5.08 45.30
N VAL F 523 11.59 4.02 44.92
CA VAL F 523 12.04 3.11 43.88
C VAL F 523 10.94 2.96 42.84
N ASN F 524 11.36 2.60 41.64
CA ASN F 524 10.46 2.21 40.57
C ASN F 524 10.25 0.71 40.69
N PHE F 525 9.00 0.27 40.82
CA PHE F 525 8.75 -1.12 41.18
C PHE F 525 7.83 -1.80 40.16
N ASN F 526 8.06 -3.10 40.02
CA ASN F 526 7.20 -4.00 39.26
C ASN F 526 6.91 -5.21 40.13
N PHE F 527 5.64 -5.57 40.23
CA PHE F 527 5.24 -6.74 41.01
C PHE F 527 4.32 -7.60 40.15
N ASN F 528 4.83 -8.72 39.66
CA ASN F 528 4.03 -9.66 38.88
C ASN F 528 3.34 -8.99 37.71
N GLY F 529 3.72 -7.75 37.40
CA GLY F 529 3.03 -7.03 36.36
C GLY F 529 2.57 -5.63 36.70
N LEU F 530 2.09 -5.37 37.92
CA LEU F 530 1.67 -4.00 38.22
C LEU F 530 2.92 -3.16 38.46
N THR F 531 2.99 -2.03 37.77
CA THR F 531 4.17 -1.19 37.74
C THR F 531 3.83 0.17 38.34
N GLY F 532 4.67 0.64 39.24
CA GLY F 532 4.45 1.92 39.84
C GLY F 532 5.74 2.50 40.36
N THR F 533 5.61 3.55 41.16
CA THR F 533 6.75 4.22 41.76
C THR F 533 6.39 4.61 43.17
N GLY F 534 7.30 4.45 44.11
CA GLY F 534 7.03 4.89 45.46
C GLY F 534 7.96 4.25 46.46
N VAL F 535 7.56 4.37 47.72
CA VAL F 535 8.33 3.89 48.85
C VAL F 535 7.60 2.71 49.46
N LEU F 536 8.30 1.58 49.61
CA LEU F 536 7.73 0.35 50.12
C LEU F 536 8.08 0.19 51.59
N THR F 537 7.08 -0.07 52.42
CA THR F 537 7.27 -0.13 53.86
C THR F 537 6.64 -1.40 54.41
N GLU F 538 7.32 -2.05 55.35
CA GLU F 538 6.70 -3.19 56.02
C GLU F 538 5.43 -2.74 56.72
N SER F 539 4.34 -3.48 56.51
CA SER F 539 3.03 -3.09 56.98
C SER F 539 2.40 -4.22 57.79
N ASN F 540 1.33 -3.87 58.51
CA ASN F 540 0.55 -4.84 59.25
C ASN F 540 -0.78 -5.17 58.57
N LYS F 541 -0.96 -4.78 57.31
CA LYS F 541 -2.18 -5.14 56.60
C LYS F 541 -2.30 -6.64 56.51
N LYS F 542 -3.53 -7.13 56.63
CA LYS F 542 -3.84 -8.55 56.70
C LYS F 542 -4.62 -8.94 55.45
N PHE F 543 -3.90 -9.28 54.39
CA PHE F 543 -4.55 -9.73 53.17
C PHE F 543 -5.23 -11.08 53.41
N LEU F 544 -6.28 -11.33 52.66
CA LEU F 544 -6.79 -12.69 52.63
C LEU F 544 -5.95 -13.52 51.67
N PRO F 545 -5.66 -14.77 52.02
CA PRO F 545 -4.62 -15.54 51.31
C PRO F 545 -4.73 -15.61 49.80
N PHE F 546 -5.80 -15.11 49.21
CA PHE F 546 -5.95 -15.07 47.77
C PHE F 546 -5.78 -13.68 47.18
N GLN F 547 -5.54 -12.67 48.01
CA GLN F 547 -5.49 -11.30 47.54
C GLN F 547 -4.05 -10.85 47.29
N GLN F 548 -3.90 -9.96 46.31
CA GLN F 548 -2.59 -9.51 45.87
C GLN F 548 -2.42 -8.00 45.93
N PHE F 549 -3.44 -7.23 45.54
CA PHE F 549 -3.35 -5.78 45.51
C PHE F 549 -3.87 -5.22 46.81
N GLY F 550 -3.98 -3.91 46.86
CA GLY F 550 -4.65 -3.25 47.95
C GLY F 550 -5.06 -1.89 47.47
N ARG F 551 -6.31 -1.48 47.61
CA ARG F 551 -6.78 -0.26 46.98
C ARG F 551 -7.42 0.68 48.00
N ASP F 552 -7.28 1.97 47.72
CA ASP F 552 -7.86 3.06 48.50
C ASP F 552 -9.28 3.38 48.05
N ILE F 553 -9.89 4.37 48.70
CA ILE F 553 -11.23 4.80 48.32
C ILE F 553 -11.24 5.34 46.89
N ALA F 554 -10.17 6.00 46.49
CA ALA F 554 -10.03 6.55 45.15
C ALA F 554 -9.43 5.56 44.16
N ASP F 555 -9.45 4.27 44.51
CA ASP F 555 -9.06 3.19 43.60
C ASP F 555 -7.60 3.33 43.16
N THR F 556 -6.73 3.52 44.14
CA THR F 556 -5.29 3.56 43.92
C THR F 556 -4.63 2.52 44.81
N THR F 557 -3.63 1.83 44.27
CA THR F 557 -2.98 0.78 45.04
C THR F 557 -2.08 1.36 46.11
N ASP F 558 -2.23 0.86 47.33
CA ASP F 558 -1.39 1.26 48.44
C ASP F 558 -0.80 0.10 49.22
N ALA F 559 -1.03 -1.13 48.82
CA ALA F 559 -0.31 -2.26 49.37
C ALA F 559 -0.07 -3.27 48.26
N VAL F 560 0.97 -4.07 48.43
CA VAL F 560 1.26 -5.19 47.54
C VAL F 560 1.73 -6.36 48.39
N ARG F 561 1.30 -7.56 48.05
CA ARG F 561 1.85 -8.76 48.63
C ARG F 561 3.09 -9.17 47.85
N ASP F 562 4.18 -9.41 48.55
CA ASP F 562 5.42 -9.79 47.89
C ASP F 562 5.32 -11.21 47.36
N PRO F 563 5.51 -11.44 46.06
CA PRO F 563 5.31 -12.78 45.52
C PRO F 563 6.31 -13.81 46.01
N GLN F 564 7.40 -13.41 46.63
CA GLN F 564 8.41 -14.36 47.08
C GLN F 564 8.37 -14.62 48.59
N THR F 565 8.29 -13.57 49.40
CA THR F 565 8.22 -13.75 50.84
C THR F 565 6.79 -13.69 51.38
N LEU F 566 5.80 -13.44 50.53
CA LEU F 566 4.40 -13.36 50.94
C LEU F 566 4.22 -12.30 52.03
N GLU F 567 4.93 -11.18 51.91
CA GLU F 567 4.84 -10.08 52.84
C GLU F 567 4.08 -8.92 52.21
N ILE F 568 3.39 -8.16 53.05
CA ILE F 568 2.59 -7.04 52.62
C ILE F 568 3.39 -5.76 52.81
N LEU F 569 3.56 -5.00 51.74
CA LEU F 569 4.29 -3.75 51.74
C LEU F 569 3.34 -2.61 51.43
N ASP F 570 3.28 -1.62 52.30
CA ASP F 570 2.65 -0.36 51.98
C ASP F 570 3.42 0.34 50.87
N ILE F 571 2.68 1.03 50.02
CA ILE F 571 3.24 1.87 48.95
C ILE F 571 2.86 3.30 49.26
N THR F 572 3.86 4.18 49.30
CA THR F 572 3.59 5.59 49.48
C THR F 572 4.19 6.38 48.33
N PRO F 573 3.48 7.35 47.77
CA PRO F 573 4.07 8.16 46.71
C PRO F 573 5.33 8.84 47.22
N CYS F 574 6.31 9.00 46.33
CA CYS F 574 7.67 9.26 46.80
C CYS F 574 7.78 10.50 47.65
N SER F 575 7.67 11.68 47.04
CA SER F 575 7.48 12.94 47.74
C SER F 575 7.42 14.05 46.71
N PHE F 576 6.76 15.15 47.04
CA PHE F 576 6.68 16.29 46.13
C PHE F 576 6.00 17.43 46.88
N GLY F 577 6.10 18.60 46.30
CA GLY F 577 5.42 19.74 46.86
C GLY F 577 5.96 21.02 46.28
N GLY F 578 5.20 22.08 46.45
CA GLY F 578 5.61 23.36 45.93
C GLY F 578 6.85 23.87 46.62
N VAL F 579 7.54 24.77 45.94
CA VAL F 579 8.73 25.42 46.44
C VAL F 579 8.48 26.92 46.40
N SER F 580 8.52 27.54 47.56
CA SER F 580 8.23 28.96 47.74
C SER F 580 9.50 29.68 48.18
N VAL F 581 9.67 30.89 47.68
CA VAL F 581 10.83 31.70 48.00
C VAL F 581 10.37 32.85 48.87
N ILE F 582 10.89 32.92 50.08
CA ILE F 582 10.59 33.98 51.03
C ILE F 582 11.65 35.05 50.89
N THR F 583 11.23 36.25 50.54
CA THR F 583 12.16 37.32 50.34
C THR F 583 11.68 38.58 51.05
N PRO F 584 12.59 39.31 51.68
CA PRO F 584 12.37 40.75 51.82
C PRO F 584 12.52 41.37 50.45
N GLY F 585 12.19 42.64 50.35
CA GLY F 585 12.32 43.30 49.07
C GLY F 585 13.76 43.28 48.58
N THR F 586 13.93 43.21 47.26
CA THR F 586 15.25 43.48 46.70
C THR F 586 15.66 44.92 46.97
N ASN F 587 14.72 45.77 47.33
CA ASN F 587 14.99 47.08 47.88
C ASN F 587 15.66 47.01 49.25
N THR F 588 15.70 45.84 49.88
CA THR F 588 16.24 45.69 51.21
C THR F 588 17.43 44.74 51.25
N SER F 589 17.30 43.56 50.66
CA SER F 589 18.38 42.59 50.67
C SER F 589 18.24 41.66 49.48
N ASN F 590 19.32 40.94 49.17
CA ASN F 590 19.27 39.85 48.21
C ASN F 590 19.21 38.50 48.92
N GLN F 591 19.17 38.49 50.24
CA GLN F 591 19.07 37.27 51.01
C GLN F 591 17.68 36.66 50.88
N VAL F 592 17.61 35.34 50.94
CA VAL F 592 16.40 34.60 50.60
C VAL F 592 16.29 33.37 51.50
N ALA F 593 15.05 33.04 51.88
CA ALA F 593 14.76 31.75 52.48
C ALA F 593 13.91 30.94 51.52
N VAL F 594 13.89 29.63 51.69
CA VAL F 594 13.13 28.76 50.82
C VAL F 594 12.29 27.84 51.68
N LEU F 595 11.03 27.66 51.30
CA LEU F 595 10.14 26.70 51.94
C LEU F 595 9.78 25.61 50.95
N TYR F 596 9.99 24.37 51.35
CA TYR F 596 9.51 23.21 50.62
C TYR F 596 8.22 22.78 51.31
N GLN F 597 7.11 22.99 50.62
CA GLN F 597 5.79 22.91 51.25
C GLN F 597 5.39 21.46 51.44
N GLY F 598 5.18 21.08 52.70
CA GLY F 598 4.65 19.78 53.00
C GLY F 598 5.60 18.64 52.78
N VAL F 599 6.91 18.86 52.85
CA VAL F 599 7.85 17.76 52.76
C VAL F 599 8.66 17.72 54.04
N ASN F 600 8.84 16.51 54.54
CA ASN F 600 9.86 16.27 55.55
C ASN F 600 11.21 16.62 54.94
N CYS F 601 12.10 17.18 55.75
CA CYS F 601 13.41 17.53 55.22
C CYS F 601 14.53 16.73 55.85
N THR F 602 14.25 15.46 56.11
CA THR F 602 15.23 14.42 55.89
C THR F 602 15.26 14.02 54.43
N GLU F 603 14.52 14.74 53.58
CA GLU F 603 14.31 14.40 52.19
C GLU F 603 14.60 15.56 51.24
N VAL F 604 15.21 16.62 51.71
CA VAL F 604 15.59 17.77 50.89
C VAL F 604 17.09 17.74 50.67
N PRO F 605 17.58 17.76 49.43
CA PRO F 605 18.98 17.71 49.12
C PRO F 605 19.56 19.06 48.76
N SER F 624 22.60 25.04 55.60
CA SER F 624 23.04 25.58 56.88
C SER F 624 21.88 25.58 57.87
N ASN F 625 20.94 26.51 57.67
CA ASN F 625 19.76 26.61 58.51
C ASN F 625 18.70 25.66 57.98
N VAL F 626 18.18 24.80 58.84
CA VAL F 626 17.14 23.86 58.46
C VAL F 626 16.15 23.75 59.61
N PHE F 627 14.90 24.08 59.34
CA PHE F 627 13.85 24.11 60.35
C PHE F 627 12.65 23.36 59.82
N GLN F 628 12.01 22.59 60.67
CA GLN F 628 10.83 21.83 60.28
C GLN F 628 9.58 22.51 60.80
N THR F 629 8.58 22.63 59.94
CA THR F 629 7.37 23.38 60.19
C THR F 629 6.20 22.53 59.72
N ARG F 630 5.03 22.74 60.31
CA ARG F 630 3.85 22.06 59.78
C ARG F 630 3.55 22.51 58.35
N ALA F 631 4.11 23.62 57.91
CA ALA F 631 3.99 24.04 56.52
C ALA F 631 4.95 23.32 55.59
N GLY F 632 6.05 22.79 56.12
CA GLY F 632 7.08 22.19 55.31
C GLY F 632 8.43 22.46 55.91
N CYS F 633 9.48 22.31 55.11
CA CYS F 633 10.82 22.57 55.62
C CYS F 633 11.33 23.93 55.15
N LEU F 634 11.94 24.65 56.07
CA LEU F 634 12.42 25.99 55.85
C LEU F 634 13.94 25.99 55.87
N ILE F 635 14.55 26.54 54.83
CA ILE F 635 15.99 26.60 54.70
C ILE F 635 16.39 28.05 54.48
N GLY F 636 17.30 28.54 55.31
CA GLY F 636 17.81 29.88 55.16
C GLY F 636 17.22 30.89 56.11
N ALA F 637 16.28 30.50 56.95
CA ALA F 637 15.77 31.29 58.05
C ALA F 637 15.98 30.51 59.33
N GLU F 638 16.45 31.18 60.36
CA GLU F 638 16.71 30.52 61.63
C GLU F 638 15.64 30.92 62.64
N TYR F 639 15.12 29.92 63.35
CA TYR F 639 13.96 30.08 64.19
C TYR F 639 14.33 30.70 65.53
N VAL F 640 13.59 31.72 65.93
CA VAL F 640 13.80 32.40 67.21
C VAL F 640 12.60 32.14 68.10
N ASN F 641 12.84 32.12 69.41
CA ASN F 641 11.78 31.87 70.37
C ASN F 641 10.99 33.11 70.74
N ASN F 642 11.33 34.28 70.21
CA ASN F 642 10.50 35.45 70.40
C ASN F 642 9.25 35.33 69.54
N SER F 643 8.46 36.40 69.54
CA SER F 643 7.23 36.42 68.75
C SER F 643 6.91 37.86 68.43
N TYR F 644 6.52 38.10 67.19
CA TYR F 644 6.25 39.45 66.71
C TYR F 644 4.96 39.44 65.90
N GLU F 645 4.63 40.59 65.35
CA GLU F 645 3.53 40.70 64.41
C GLU F 645 3.89 39.99 63.12
N CYS F 646 2.92 39.36 62.48
CA CYS F 646 3.24 38.59 61.29
C CYS F 646 3.68 39.51 60.16
N ASP F 647 4.92 39.29 59.68
CA ASP F 647 5.47 40.06 58.58
C ASP F 647 5.26 39.34 57.25
N ILE F 648 5.79 38.14 57.11
CA ILE F 648 5.57 37.29 55.94
C ILE F 648 4.93 36.00 56.43
N PRO F 649 3.74 35.68 56.01
CA PRO F 649 3.06 34.48 56.52
C PRO F 649 3.57 33.22 55.86
N ILE F 650 4.19 32.36 56.65
CA ILE F 650 4.64 31.07 56.14
C ILE F 650 3.54 30.03 56.28
N GLY F 651 2.92 29.94 57.43
CA GLY F 651 1.79 29.05 57.60
C GLY F 651 1.86 28.30 58.92
N ALA F 652 0.72 27.75 59.31
CA ALA F 652 0.56 27.03 60.58
C ALA F 652 1.06 27.86 61.75
N GLY F 653 0.80 29.15 61.71
CA GLY F 653 1.21 30.03 62.78
C GLY F 653 2.61 30.55 62.71
N ILE F 654 3.38 30.23 61.68
CA ILE F 654 4.77 30.63 61.56
C ILE F 654 4.87 31.77 60.56
N CYS F 655 5.60 32.81 60.92
CA CYS F 655 5.91 33.93 60.05
C CYS F 655 7.42 34.12 59.98
N ALA F 656 7.85 34.90 59.00
CA ALA F 656 9.26 35.19 58.79
C ALA F 656 9.46 36.67 58.56
N SER F 657 10.64 37.17 58.93
CA SER F 657 10.94 38.57 58.69
C SER F 657 12.44 38.81 58.70
N TYR F 658 12.83 39.94 58.13
CA TYR F 658 14.21 40.37 58.05
C TYR F 658 14.52 41.27 59.24
N GLN F 659 15.42 40.81 60.13
CA GLN F 659 15.71 41.54 61.36
C GLN F 659 17.19 41.62 61.61
N THR F 660 17.58 42.03 62.81
CA THR F 660 18.99 42.13 63.17
C THR F 660 19.45 40.93 63.98
N SER F 673 23.83 42.89 61.94
CA SER F 673 23.92 41.50 61.54
C SER F 673 22.56 40.98 61.09
N GLN F 674 22.00 41.65 60.07
CA GLN F 674 20.64 41.36 59.65
C GLN F 674 20.54 40.01 58.97
N SER F 675 19.43 39.31 59.22
CA SER F 675 19.20 37.99 58.68
C SER F 675 17.69 37.74 58.68
N ILE F 676 17.30 36.65 58.05
CA ILE F 676 15.90 36.24 57.98
C ILE F 676 15.63 35.29 59.13
N ILE F 677 14.60 35.59 59.91
CA ILE F 677 14.24 34.81 61.08
C ILE F 677 12.82 34.30 60.89
N ALA F 678 12.53 33.21 61.58
CA ALA F 678 11.19 32.62 61.61
C ALA F 678 10.73 32.53 63.05
N TYR F 679 9.46 32.84 63.29
CA TYR F 679 8.92 32.88 64.63
C TYR F 679 7.46 32.46 64.58
N THR F 680 6.89 32.20 65.74
CA THR F 680 5.46 32.03 65.88
C THR F 680 4.83 33.39 66.09
N MET F 681 3.80 33.70 65.32
CA MET F 681 3.31 35.06 65.30
C MET F 681 2.63 35.40 66.62
N SER F 682 2.68 36.68 66.96
CA SER F 682 2.03 37.19 68.14
C SER F 682 0.66 37.74 67.77
N LEU F 683 -0.33 37.44 68.59
CA LEU F 683 -1.69 37.86 68.33
C LEU F 683 -1.97 39.28 68.79
N GLY F 684 -1.23 39.78 69.75
CA GLY F 684 -1.39 41.13 70.20
C GLY F 684 -0.79 41.29 71.57
N ALA F 685 -0.89 42.50 72.10
CA ALA F 685 -0.40 42.79 73.43
C ALA F 685 -1.38 42.31 74.47
N GLU F 686 -0.90 41.65 75.50
CA GLU F 686 -1.77 41.19 76.57
C GLU F 686 -2.33 42.38 77.33
N ASN F 687 -3.52 42.19 77.90
CA ASN F 687 -4.17 43.29 78.62
C ASN F 687 -5.18 42.70 79.58
N SER F 688 -4.92 42.84 80.87
CA SER F 688 -5.89 42.46 81.89
C SER F 688 -6.68 43.70 82.27
N VAL F 689 -7.99 43.66 82.02
CA VAL F 689 -8.84 44.77 82.40
C VAL F 689 -9.06 44.72 83.90
N ALA F 690 -9.11 45.89 84.53
CA ALA F 690 -9.22 45.99 85.98
C ALA F 690 -10.65 45.75 86.43
N TYR F 691 -11.16 44.56 86.15
CA TYR F 691 -12.53 44.24 86.51
C TYR F 691 -12.69 44.18 88.01
N SER F 692 -13.80 44.70 88.50
CA SER F 692 -14.11 44.73 89.92
C SER F 692 -15.62 44.83 90.06
N ASN F 693 -16.10 44.60 91.29
CA ASN F 693 -17.54 44.67 91.53
C ASN F 693 -18.08 46.07 91.40
N ASN F 694 -17.30 47.09 91.73
CA ASN F 694 -17.83 48.45 91.76
C ASN F 694 -16.84 49.45 91.21
N SER F 695 -16.08 49.09 90.21
CA SER F 695 -15.14 50.02 89.60
C SER F 695 -15.56 50.29 88.17
N ILE F 696 -15.50 51.55 87.77
CA ILE F 696 -15.85 51.97 86.43
C ILE F 696 -14.73 52.85 85.91
N ALA F 697 -14.50 52.82 84.61
CA ALA F 697 -13.56 53.72 83.97
C ALA F 697 -14.34 54.64 83.04
N ILE F 698 -14.10 55.93 83.15
CA ILE F 698 -14.86 56.89 82.37
C ILE F 698 -13.88 57.82 81.66
N PRO F 699 -14.07 58.07 80.38
CA PRO F 699 -13.12 58.91 79.65
C PRO F 699 -13.30 60.39 79.95
N THR F 700 -12.18 61.07 80.07
CA THR F 700 -12.18 62.47 80.42
C THR F 700 -11.87 63.37 79.25
N ASN F 701 -11.54 62.81 78.09
CA ASN F 701 -11.24 63.58 76.91
C ASN F 701 -11.73 62.80 75.69
N PHE F 702 -11.32 63.22 74.50
CA PHE F 702 -11.64 62.49 73.29
C PHE F 702 -10.65 62.90 72.22
N THR F 703 -10.60 62.11 71.17
CA THR F 703 -9.87 62.44 69.97
C THR F 703 -10.77 62.21 68.77
N ILE F 704 -10.51 62.97 67.71
CA ILE F 704 -11.28 62.90 66.48
C ILE F 704 -10.44 62.17 65.47
N SER F 705 -10.94 61.04 64.98
CA SER F 705 -10.22 60.21 64.03
C SER F 705 -10.81 60.35 62.65
N VAL F 706 -9.97 60.34 61.63
CA VAL F 706 -10.40 60.22 60.25
C VAL F 706 -9.78 58.98 59.66
N THR F 707 -10.62 58.04 59.26
CA THR F 707 -10.27 56.75 58.72
C THR F 707 -10.57 56.76 57.23
N THR F 708 -9.84 55.96 56.47
CA THR F 708 -10.05 55.85 55.03
C THR F 708 -10.48 54.44 54.68
N GLU F 709 -11.53 54.33 53.87
CA GLU F 709 -12.00 53.06 53.34
C GLU F 709 -12.08 53.17 51.83
N ILE F 710 -11.66 52.13 51.11
CA ILE F 710 -11.52 52.18 49.66
C ILE F 710 -12.28 51.01 49.06
N LEU F 711 -13.19 51.29 48.15
CA LEU F 711 -14.07 50.26 47.61
C LEU F 711 -14.08 50.33 46.09
N PRO F 712 -13.78 49.24 45.40
CA PRO F 712 -14.04 49.18 43.95
C PRO F 712 -15.53 49.25 43.65
N VAL F 713 -15.87 49.94 42.57
CA VAL F 713 -17.26 50.14 42.17
C VAL F 713 -17.54 49.53 40.81
N SER F 714 -16.65 49.73 39.85
CA SER F 714 -16.86 49.19 38.51
C SER F 714 -15.58 48.55 38.03
N MET F 715 -15.64 47.98 36.84
CA MET F 715 -14.46 47.48 36.17
C MET F 715 -14.56 47.82 34.69
N THR F 716 -13.50 47.53 33.96
CA THR F 716 -13.45 47.86 32.54
C THR F 716 -14.51 47.10 31.76
N LYS F 717 -15.26 47.82 30.94
CA LYS F 717 -16.24 47.23 30.05
C LYS F 717 -15.56 46.80 28.78
N THR F 718 -15.61 45.52 28.47
CA THR F 718 -14.96 44.98 27.30
C THR F 718 -15.97 44.32 26.39
N SER F 719 -15.69 44.36 25.10
CA SER F 719 -16.46 43.65 24.09
C SER F 719 -15.51 42.81 23.28
N VAL F 720 -15.93 41.59 22.94
CA VAL F 720 -15.09 40.68 22.18
C VAL F 720 -15.86 40.24 20.95
N ASP F 721 -15.20 40.29 19.79
CA ASP F 721 -15.75 39.83 18.53
C ASP F 721 -15.27 38.40 18.27
N CYS F 722 -16.18 37.44 18.34
CA CYS F 722 -15.79 36.04 18.10
C CYS F 722 -15.16 35.85 16.73
N THR F 723 -15.82 36.33 15.68
CA THR F 723 -15.31 36.05 14.35
C THR F 723 -13.89 36.53 14.18
N MET F 724 -13.62 37.78 14.53
CA MET F 724 -12.28 38.30 14.33
C MET F 724 -11.28 37.64 15.27
N TYR F 725 -11.70 37.32 16.50
CA TYR F 725 -10.78 36.69 17.44
C TYR F 725 -10.39 35.30 16.97
N ILE F 726 -11.37 34.48 16.61
CA ILE F 726 -11.09 33.10 16.21
C ILE F 726 -10.49 33.06 14.82
N CYS F 727 -11.16 33.67 13.86
CA CYS F 727 -10.79 33.56 12.46
C CYS F 727 -9.82 34.63 12.00
N GLY F 728 -10.12 35.89 12.24
CA GLY F 728 -9.26 36.93 11.72
C GLY F 728 -9.39 37.13 10.23
N ASP F 729 -10.61 37.40 9.77
CA ASP F 729 -10.87 37.73 8.36
C ASP F 729 -10.49 36.56 7.44
N SER F 730 -11.14 35.42 7.68
CA SER F 730 -10.98 34.22 6.87
C SER F 730 -12.34 33.63 6.57
N THR F 731 -12.61 33.35 5.29
CA THR F 731 -13.95 32.91 4.89
C THR F 731 -14.21 31.48 5.33
N GLU F 732 -13.24 30.58 5.13
CA GLU F 732 -13.43 29.19 5.48
C GLU F 732 -13.65 29.03 6.98
N CYS F 733 -12.87 29.75 7.78
CA CYS F 733 -12.99 29.63 9.24
C CYS F 733 -14.37 30.07 9.69
N SER F 734 -14.87 31.19 9.16
CA SER F 734 -16.20 31.65 9.54
C SER F 734 -17.27 30.66 9.10
N ASN F 735 -17.16 30.14 7.89
CA ASN F 735 -18.15 29.18 7.41
C ASN F 735 -18.16 27.93 8.27
N LEU F 736 -16.99 27.49 8.72
CA LEU F 736 -16.94 26.34 9.62
C LEU F 736 -17.52 26.67 10.97
N LEU F 737 -17.16 27.83 11.53
CA LEU F 737 -17.60 28.23 12.86
C LEU F 737 -19.11 28.36 12.91
N LEU F 738 -19.75 28.69 11.79
CA LEU F 738 -21.20 28.88 11.80
C LEU F 738 -21.93 27.61 12.24
N GLN F 739 -21.29 26.45 12.13
CA GLN F 739 -21.92 25.17 12.46
C GLN F 739 -21.78 24.80 13.92
N TYR F 740 -21.16 25.65 14.73
CA TYR F 740 -21.02 25.40 16.16
C TYR F 740 -22.21 25.90 16.95
N GLY F 741 -23.17 26.54 16.30
CA GLY F 741 -24.37 26.98 16.98
C GLY F 741 -24.31 28.42 17.43
N SER F 742 -25.04 28.73 18.51
CA SER F 742 -25.15 30.08 19.04
C SER F 742 -24.20 30.32 20.20
N PHE F 743 -22.99 29.75 20.13
CA PHE F 743 -22.00 30.04 21.16
C PHE F 743 -21.66 31.52 21.18
N CYS F 744 -21.48 32.12 20.02
CA CYS F 744 -21.02 33.50 19.95
C CYS F 744 -22.12 34.53 19.90
N THR F 745 -23.37 34.13 19.96
CA THR F 745 -24.38 35.11 20.32
C THR F 745 -24.52 35.21 21.83
N GLN F 746 -24.41 34.08 22.52
CA GLN F 746 -24.52 34.14 23.97
C GLN F 746 -23.26 34.70 24.62
N LEU F 747 -22.08 34.50 24.03
CA LEU F 747 -20.89 35.15 24.58
C LEU F 747 -21.04 36.66 24.52
N LYS F 748 -21.51 37.16 23.38
CA LYS F 748 -21.70 38.60 23.22
C LYS F 748 -22.78 39.11 24.17
N ARG F 749 -23.86 38.36 24.33
CA ARG F 749 -24.91 38.75 25.25
C ARG F 749 -24.41 38.80 26.70
N ALA F 750 -23.59 37.84 27.10
CA ALA F 750 -23.05 37.84 28.45
C ALA F 750 -22.15 39.04 28.69
N LEU F 751 -21.28 39.35 27.73
CA LEU F 751 -20.41 40.51 27.91
C LEU F 751 -21.20 41.81 27.92
N THR F 752 -22.27 41.89 27.14
CA THR F 752 -23.12 43.07 27.16
C THR F 752 -23.83 43.23 28.49
N GLY F 753 -24.28 42.12 29.08
CA GLY F 753 -24.85 42.20 30.40
C GLY F 753 -23.86 42.72 31.43
N ILE F 754 -22.62 42.25 31.36
CA ILE F 754 -21.59 42.76 32.27
C ILE F 754 -21.38 44.26 32.07
N ALA F 755 -21.32 44.70 30.82
CA ALA F 755 -21.06 46.11 30.54
C ALA F 755 -22.19 47.01 31.03
N VAL F 756 -23.43 46.55 30.90
CA VAL F 756 -24.55 47.34 31.41
C VAL F 756 -24.53 47.37 32.94
N GLU F 757 -24.15 46.25 33.55
CA GLU F 757 -24.08 46.17 35.00
C GLU F 757 -23.05 47.13 35.58
N GLN F 758 -21.94 47.36 34.87
CA GLN F 758 -20.93 48.28 35.39
C GLN F 758 -21.47 49.71 35.52
N ASP F 759 -22.21 50.15 34.51
CA ASP F 759 -22.81 51.47 34.56
C ASP F 759 -23.86 51.56 35.65
N LYS F 760 -24.61 50.47 35.84
CA LYS F 760 -25.58 50.44 36.94
C LYS F 760 -24.90 50.53 38.30
N ASN F 761 -23.75 49.87 38.45
CA ASN F 761 -22.97 49.96 39.69
C ASN F 761 -22.62 51.39 40.00
N THR F 762 -22.02 52.08 39.03
CA THR F 762 -21.63 53.47 39.26
C THR F 762 -22.84 54.35 39.54
N GLN F 763 -23.94 54.10 38.84
CA GLN F 763 -25.14 54.90 39.06
C GLN F 763 -25.66 54.75 40.47
N GLU F 764 -25.68 53.53 41.00
CA GLU F 764 -26.27 53.37 42.31
C GLU F 764 -25.36 53.90 43.41
N VAL F 765 -24.05 53.89 43.19
CA VAL F 765 -23.17 54.44 44.22
C VAL F 765 -23.20 55.97 44.20
N PHE F 766 -23.12 56.58 43.02
CA PHE F 766 -22.87 58.02 43.00
C PHE F 766 -24.09 58.88 42.72
N ALA F 767 -25.06 58.41 41.94
CA ALA F 767 -26.20 59.23 41.59
C ALA F 767 -27.34 59.08 42.60
N GLN F 768 -27.00 59.22 43.87
CA GLN F 768 -27.98 59.15 44.94
C GLN F 768 -28.64 60.48 45.19
N VAL F 769 -27.86 61.56 45.15
CA VAL F 769 -28.37 62.90 45.36
C VAL F 769 -29.17 63.34 44.14
N LYS F 770 -30.30 63.99 44.38
CA LYS F 770 -31.21 64.37 43.31
C LYS F 770 -30.89 65.72 42.69
N GLN F 771 -30.37 66.66 43.47
CA GLN F 771 -29.98 67.96 42.98
C GLN F 771 -28.49 68.13 43.15
N ILE F 772 -27.92 69.07 42.39
CA ILE F 772 -26.51 69.36 42.48
C ILE F 772 -26.36 70.50 43.49
N TYR F 773 -25.97 70.15 44.70
CA TYR F 773 -25.82 71.14 45.74
C TYR F 773 -24.49 71.85 45.60
N LYS F 774 -24.50 73.16 45.86
CA LYS F 774 -23.32 73.99 45.79
C LYS F 774 -22.95 74.50 47.17
N THR F 775 -21.68 74.60 47.42
CA THR F 775 -21.23 75.13 48.69
C THR F 775 -21.12 76.66 48.61
N PRO F 776 -21.37 77.35 49.72
CA PRO F 776 -21.42 78.82 49.65
C PRO F 776 -20.05 79.40 49.30
N PRO F 777 -20.03 80.60 48.73
CA PRO F 777 -18.73 81.24 48.48
C PRO F 777 -17.92 81.50 49.73
N ILE F 778 -18.57 81.84 50.84
CA ILE F 778 -17.87 82.06 52.10
C ILE F 778 -17.69 80.71 52.77
N LYS F 779 -16.44 80.29 52.93
CA LYS F 779 -16.13 78.94 53.37
C LYS F 779 -15.83 78.87 54.86
N TYR F 780 -16.57 79.62 55.67
CA TYR F 780 -16.45 79.52 57.12
C TYR F 780 -17.51 78.57 57.64
N PHE F 781 -17.08 77.52 58.32
CA PHE F 781 -17.94 76.48 58.87
C PHE F 781 -17.62 76.26 60.33
N GLY F 782 -17.47 77.33 61.08
CA GLY F 782 -17.19 77.22 62.49
C GLY F 782 -15.77 76.85 62.84
N GLY F 783 -14.84 76.96 61.90
CA GLY F 783 -13.46 76.60 62.14
C GLY F 783 -13.05 75.28 61.56
N PHE F 784 -13.98 74.51 61.02
CA PHE F 784 -13.66 73.27 60.34
C PHE F 784 -13.26 73.59 58.91
N ASN F 785 -12.20 72.95 58.44
CA ASN F 785 -11.57 73.28 57.17
C ASN F 785 -11.73 72.11 56.20
N PHE F 786 -12.51 72.32 55.15
CA PHE F 786 -12.84 71.27 54.20
C PHE F 786 -12.14 71.43 52.87
N SER F 787 -11.08 72.22 52.82
CA SER F 787 -10.42 72.54 51.55
C SER F 787 -9.74 71.33 50.93
N GLN F 788 -9.36 70.35 51.74
CA GLN F 788 -8.72 69.15 51.19
C GLN F 788 -9.70 68.24 50.49
N ILE F 789 -10.99 68.39 50.75
CA ILE F 789 -12.00 67.53 50.17
C ILE F 789 -12.95 68.25 49.24
N LEU F 790 -12.98 69.57 49.27
CA LEU F 790 -13.81 70.35 48.39
C LEU F 790 -13.13 70.56 47.04
N PRO F 791 -13.90 70.76 45.97
CA PRO F 791 -13.29 70.90 44.65
C PRO F 791 -12.35 72.09 44.58
N ASP F 792 -11.23 71.89 43.90
CA ASP F 792 -10.24 72.93 43.74
C ASP F 792 -10.55 73.70 42.46
N PRO F 793 -10.83 75.00 42.53
CA PRO F 793 -11.20 75.73 41.30
C PRO F 793 -10.00 76.11 40.46
N SER F 794 -8.81 76.24 41.05
CA SER F 794 -7.64 76.63 40.29
C SER F 794 -7.31 75.61 39.22
N LYS F 795 -7.39 74.33 39.57
CA LYS F 795 -7.06 73.26 38.64
C LYS F 795 -8.13 73.12 37.56
N PRO F 796 -7.76 72.61 36.39
CA PRO F 796 -8.73 72.50 35.27
C PRO F 796 -9.91 71.61 35.60
N SER F 797 -9.64 70.36 35.98
CA SER F 797 -10.70 69.49 36.45
C SER F 797 -10.99 69.79 37.90
N LYS F 798 -12.26 69.96 38.23
CA LYS F 798 -12.66 70.42 39.55
C LYS F 798 -12.66 69.26 40.53
N ARG F 799 -11.44 68.77 40.81
CA ARG F 799 -11.23 67.74 41.81
C ARG F 799 -10.59 68.35 43.04
N SER F 800 -10.83 67.68 44.17
CA SER F 800 -10.21 68.07 45.41
C SER F 800 -8.74 67.67 45.41
N PRO F 801 -7.95 68.23 46.32
CA PRO F 801 -6.57 67.76 46.49
C PRO F 801 -6.45 66.27 46.76
N ILE F 802 -7.32 65.70 47.59
CA ILE F 802 -7.28 64.27 47.88
C ILE F 802 -7.65 63.46 46.64
N GLU F 803 -8.61 63.94 45.87
CA GLU F 803 -8.99 63.24 44.64
C GLU F 803 -7.90 63.32 43.58
N ASP F 804 -7.19 64.46 43.51
CA ASP F 804 -6.03 64.53 42.63
C ASP F 804 -4.98 63.51 43.03
N LEU F 805 -4.69 63.41 44.33
CA LEU F 805 -3.74 62.41 44.77
C LEU F 805 -4.20 61.02 44.40
N LEU F 806 -5.49 60.73 44.59
CA LEU F 806 -6.01 59.40 44.29
C LEU F 806 -5.87 59.07 42.83
N PHE F 807 -6.15 60.03 41.95
CA PHE F 807 -6.08 59.74 40.53
C PHE F 807 -4.65 59.62 40.05
N ASN F 808 -3.73 60.37 40.63
CA ASN F 808 -2.33 60.15 40.30
C ASN F 808 -1.86 58.77 40.77
N LYS F 809 -2.28 58.36 41.96
CA LYS F 809 -1.73 57.16 42.58
C LYS F 809 -2.20 55.86 41.93
N VAL F 810 -3.27 55.89 41.14
CA VAL F 810 -3.76 54.70 40.44
C VAL F 810 -3.40 54.83 38.98
N THR F 811 -2.57 53.91 38.48
CA THR F 811 -2.07 53.95 37.12
C THR F 811 -3.04 53.24 36.19
N LEU F 812 -3.77 54.02 35.40
CA LEU F 812 -4.84 53.49 34.55
C LEU F 812 -4.26 52.84 33.31
N ALA F 813 -4.88 51.74 32.88
CA ALA F 813 -4.33 50.92 31.80
C ALA F 813 -5.21 50.86 30.56
N ASP F 814 -6.48 50.49 30.70
CA ASP F 814 -7.37 50.26 29.56
C ASP F 814 -8.28 51.44 29.28
N ALA F 815 -7.81 52.66 29.51
CA ALA F 815 -8.65 53.85 29.38
C ALA F 815 -8.55 54.51 28.01
N GLY F 816 -8.00 53.82 27.01
CA GLY F 816 -7.94 54.39 25.68
C GLY F 816 -9.27 54.28 24.96
N PHE F 817 -9.99 55.40 24.83
CA PHE F 817 -11.32 55.39 24.25
C PHE F 817 -11.40 56.17 22.94
N ILE F 818 -11.10 57.47 22.95
CA ILE F 818 -11.37 58.29 21.76
C ILE F 818 -10.42 57.92 20.63
N LYS F 819 -9.14 57.72 20.94
CA LYS F 819 -8.10 57.49 19.94
C LYS F 819 -7.49 56.12 20.19
N GLN F 820 -7.68 55.19 19.26
CA GLN F 820 -7.13 53.85 19.39
C GLN F 820 -6.70 53.27 18.04
N LYS F 838 -7.32 48.87 20.64
CA LYS F 838 -8.10 47.72 20.20
C LYS F 838 -7.21 46.77 19.39
N PHE F 839 -7.07 45.54 19.88
CA PHE F 839 -6.07 44.66 19.28
C PHE F 839 -6.59 43.63 18.28
N ASN F 840 -7.38 42.65 18.72
CA ASN F 840 -7.67 41.47 17.92
C ASN F 840 -9.15 41.12 18.00
N GLY F 841 -9.99 42.12 17.81
CA GLY F 841 -11.39 41.91 18.10
C GLY F 841 -11.76 42.08 19.55
N LEU F 842 -10.86 42.59 20.36
CA LEU F 842 -11.16 42.97 21.73
C LEU F 842 -11.15 44.50 21.81
N THR F 843 -12.23 45.06 22.34
CA THR F 843 -12.37 46.50 22.42
C THR F 843 -12.84 46.86 23.83
N VAL F 844 -12.57 48.09 24.22
CA VAL F 844 -12.89 48.59 25.55
C VAL F 844 -13.87 49.74 25.39
N LEU F 845 -15.02 49.62 25.99
CA LEU F 845 -16.10 50.60 25.91
C LEU F 845 -15.96 51.65 27.01
N PRO F 846 -16.11 52.93 26.70
CA PRO F 846 -15.96 53.94 27.73
C PRO F 846 -17.14 53.93 28.68
N PRO F 847 -16.94 54.27 29.95
CA PRO F 847 -18.07 54.34 30.87
C PRO F 847 -19.01 55.49 30.53
N LEU F 848 -20.28 55.31 30.87
CA LEU F 848 -21.29 56.31 30.56
C LEU F 848 -21.05 57.61 31.32
N LEU F 849 -20.71 57.52 32.59
CA LEU F 849 -20.37 58.69 33.38
C LEU F 849 -18.89 58.95 33.28
N THR F 850 -18.53 60.17 32.91
CA THR F 850 -17.13 60.54 32.88
C THR F 850 -16.64 60.85 34.29
N ASP F 851 -15.33 60.87 34.44
CA ASP F 851 -14.74 61.13 35.75
C ASP F 851 -15.08 62.52 36.25
N GLU F 852 -15.31 63.47 35.34
CA GLU F 852 -15.76 64.79 35.73
C GLU F 852 -17.18 64.75 36.26
N MET F 853 -18.03 63.89 35.69
CA MET F 853 -19.38 63.72 36.19
C MET F 853 -19.39 63.05 37.57
N ILE F 854 -18.52 62.05 37.77
CA ILE F 854 -18.41 61.42 39.08
C ILE F 854 -17.94 62.45 40.10
N ALA F 855 -16.99 63.30 39.71
CA ALA F 855 -16.52 64.34 40.61
C ALA F 855 -17.64 65.31 40.96
N GLN F 856 -18.49 65.63 39.99
CA GLN F 856 -19.62 66.50 40.26
C GLN F 856 -20.58 65.88 41.27
N TYR F 857 -20.87 64.59 41.13
CA TYR F 857 -21.76 63.95 42.10
C TYR F 857 -21.15 63.94 43.49
N THR F 858 -19.87 63.61 43.61
CA THR F 858 -19.31 63.59 44.96
C THR F 858 -19.24 65.00 45.54
N SER F 859 -19.03 66.01 44.71
CA SER F 859 -19.03 67.38 45.19
C SER F 859 -20.41 67.81 45.66
N ALA F 860 -21.47 67.38 44.98
CA ALA F 860 -22.83 67.65 45.44
C ALA F 860 -23.13 66.95 46.74
N LEU F 861 -22.65 65.71 46.90
CA LEU F 861 -22.85 65.02 48.18
C LEU F 861 -22.15 65.74 49.31
N LEU F 862 -20.93 66.20 49.08
CA LEU F 862 -20.23 66.95 50.13
C LEU F 862 -20.90 68.27 50.44
N ALA F 863 -21.36 68.99 49.42
CA ALA F 863 -22.03 70.26 49.66
C ALA F 863 -23.30 70.06 50.46
N GLY F 864 -24.06 69.01 50.14
CA GLY F 864 -25.25 68.72 50.91
C GLY F 864 -24.94 68.38 52.35
N THR F 865 -23.93 67.54 52.58
CA THR F 865 -23.61 67.18 53.96
C THR F 865 -23.14 68.37 54.76
N ILE F 866 -22.30 69.20 54.16
CA ILE F 866 -21.73 70.32 54.89
C ILE F 866 -22.76 71.39 55.15
N THR F 867 -23.70 71.60 54.23
CA THR F 867 -24.63 72.70 54.39
C THR F 867 -25.94 72.32 55.05
N SER F 868 -26.34 71.06 54.99
CA SER F 868 -27.65 70.70 55.52
C SER F 868 -27.65 69.53 56.48
N GLY F 869 -26.63 68.69 56.48
CA GLY F 869 -26.57 67.59 57.42
C GLY F 869 -27.07 66.30 56.79
N TRP F 870 -27.97 65.62 57.50
CA TRP F 870 -28.61 64.43 56.97
C TRP F 870 -29.96 64.72 56.37
N THR F 871 -30.35 65.99 56.29
CA THR F 871 -31.70 66.31 55.86
C THR F 871 -31.90 66.14 54.37
N PHE F 872 -30.86 66.33 53.57
CA PHE F 872 -31.04 66.23 52.13
C PHE F 872 -31.15 64.79 51.67
N GLY F 873 -30.81 63.82 52.51
CA GLY F 873 -30.99 62.43 52.18
C GLY F 873 -32.37 61.89 52.46
N ALA F 874 -33.24 62.69 53.06
CA ALA F 874 -34.58 62.24 53.42
C ALA F 874 -35.67 63.14 52.88
N GLY F 875 -35.34 64.19 52.14
CA GLY F 875 -36.31 65.13 51.68
C GLY F 875 -35.64 66.36 51.11
N PRO F 876 -36.23 67.52 51.32
CA PRO F 876 -35.56 68.77 50.96
C PRO F 876 -34.37 69.03 51.86
N ALA F 877 -33.39 69.77 51.31
CA ALA F 877 -32.21 70.13 52.07
C ALA F 877 -32.50 71.35 52.92
N LEU F 878 -32.26 71.23 54.21
CA LEU F 878 -32.57 72.23 55.21
C LEU F 878 -31.28 72.71 55.84
N GLN F 879 -30.92 73.96 55.63
CA GLN F 879 -29.64 74.46 56.11
C GLN F 879 -29.59 74.48 57.62
N ILE F 880 -28.40 74.24 58.16
CA ILE F 880 -28.16 74.24 59.58
C ILE F 880 -26.72 74.71 59.74
N PRO F 881 -26.39 75.54 60.72
CA PRO F 881 -24.99 75.90 60.92
C PRO F 881 -24.16 74.68 61.31
N PHE F 882 -22.94 74.62 60.80
CA PHE F 882 -22.16 73.39 60.94
C PHE F 882 -21.85 73.00 62.38
N PRO F 883 -21.49 73.91 63.28
CA PRO F 883 -21.37 73.50 64.69
C PRO F 883 -22.65 72.92 65.28
N MET F 884 -23.82 73.42 64.92
CA MET F 884 -25.03 72.81 65.42
C MET F 884 -25.25 71.42 64.86
N GLN F 885 -24.87 71.19 63.61
CA GLN F 885 -24.91 69.85 63.07
C GLN F 885 -23.95 68.93 63.80
N MET F 886 -22.76 69.41 64.13
CA MET F 886 -21.83 68.60 64.93
C MET F 886 -22.39 68.31 66.32
N ALA F 887 -23.14 69.24 66.89
CA ALA F 887 -23.78 69.01 68.17
C ALA F 887 -24.84 67.92 68.07
N TYR F 888 -25.59 67.91 66.99
CA TYR F 888 -26.54 66.84 66.73
C TYR F 888 -25.83 65.50 66.61
N ARG F 889 -24.70 65.47 65.91
CA ARG F 889 -23.93 64.24 65.79
C ARG F 889 -23.42 63.78 67.14
N PHE F 890 -23.04 64.71 68.00
CA PHE F 890 -22.59 64.34 69.33
C PHE F 890 -23.71 63.75 70.16
N ASN F 891 -24.90 64.36 70.13
CA ASN F 891 -26.06 63.71 70.73
C ASN F 891 -26.29 62.34 70.13
N GLY F 892 -25.93 62.15 68.87
CA GLY F 892 -26.15 60.86 68.24
C GLY F 892 -25.33 59.75 68.85
N ILE F 893 -24.12 60.05 69.31
CA ILE F 893 -23.23 59.04 69.85
C ILE F 893 -23.29 58.99 71.37
N GLY F 894 -24.20 59.73 71.98
CA GLY F 894 -24.40 59.65 73.40
C GLY F 894 -23.73 60.71 74.24
N VAL F 895 -23.17 61.74 73.64
CA VAL F 895 -22.55 62.85 74.34
C VAL F 895 -23.48 64.04 74.24
N THR F 896 -23.38 64.98 75.18
CA THR F 896 -24.28 66.11 75.14
C THR F 896 -23.74 67.21 74.24
N GLN F 897 -24.56 68.25 74.07
CA GLN F 897 -24.26 69.36 73.16
C GLN F 897 -23.21 70.28 73.72
N ASN F 898 -23.23 70.50 75.03
CA ASN F 898 -22.26 71.40 75.64
C ASN F 898 -20.85 70.84 75.54
N VAL F 899 -20.69 69.54 75.34
CA VAL F 899 -19.35 69.00 75.14
C VAL F 899 -18.81 69.47 73.81
N LEU F 900 -19.66 69.55 72.79
CA LEU F 900 -19.26 70.15 71.54
C LEU F 900 -19.00 71.65 71.69
N TYR F 901 -19.96 72.37 72.25
CA TYR F 901 -19.90 73.83 72.20
C TYR F 901 -18.85 74.42 73.12
N GLU F 902 -18.42 73.69 74.12
CA GLU F 902 -17.40 74.17 75.03
C GLU F 902 -16.02 73.69 74.65
N ASN F 903 -15.91 72.87 73.61
CA ASN F 903 -14.64 72.41 73.09
C ASN F 903 -14.59 72.59 71.59
N GLN F 904 -15.34 73.56 71.06
CA GLN F 904 -15.52 73.65 69.62
C GLN F 904 -14.20 73.88 68.89
N LYS F 905 -13.37 74.78 69.42
CA LYS F 905 -12.09 75.09 68.81
C LYS F 905 -11.15 73.90 68.84
N LEU F 906 -11.10 73.19 69.96
CA LEU F 906 -10.28 71.98 70.06
C LEU F 906 -10.75 70.92 69.08
N ILE F 907 -12.05 70.69 68.97
CA ILE F 907 -12.58 69.67 68.07
C ILE F 907 -12.28 70.02 66.62
N ALA F 908 -12.42 71.30 66.27
CA ALA F 908 -12.11 71.75 64.92
C ALA F 908 -10.63 71.58 64.59
N ASN F 909 -9.75 71.89 65.55
CA ASN F 909 -8.33 71.68 65.33
C ASN F 909 -8.00 70.20 65.15
N GLN F 910 -8.58 69.34 65.97
CA GLN F 910 -8.33 67.90 65.85
C GLN F 910 -8.79 67.38 64.50
N PHE F 911 -9.95 67.84 64.04
CA PHE F 911 -10.42 67.44 62.73
C PHE F 911 -9.49 67.91 61.62
N ASN F 912 -9.05 69.17 61.70
CA ASN F 912 -8.16 69.70 60.66
C ASN F 912 -6.86 68.92 60.59
N SER F 913 -6.28 68.61 61.75
CA SER F 913 -5.05 67.83 61.79
C SER F 913 -5.26 66.44 61.21
N ALA F 914 -6.37 65.79 61.55
CA ALA F 914 -6.62 64.44 61.05
C ALA F 914 -6.77 64.44 59.53
N ILE F 915 -7.44 65.45 58.97
CA ILE F 915 -7.59 65.53 57.52
C ILE F 915 -6.24 65.73 56.84
N GLY F 916 -5.40 66.60 57.39
CA GLY F 916 -4.06 66.75 56.84
C GLY F 916 -3.27 65.44 56.89
N LYS F 917 -3.46 64.68 57.96
CA LYS F 917 -2.79 63.39 58.06
C LYS F 917 -3.29 62.43 56.98
N ILE F 918 -4.58 62.48 56.65
CA ILE F 918 -5.07 61.68 55.53
C ILE F 918 -4.32 62.03 54.26
N GLN F 919 -4.19 63.32 54.00
CA GLN F 919 -3.48 63.77 52.81
C GLN F 919 -2.09 63.13 52.75
N ASP F 920 -1.32 63.27 53.85
CA ASP F 920 0.03 62.73 53.88
C ASP F 920 0.04 61.20 53.79
N SER F 921 -0.79 60.53 54.57
CA SER F 921 -0.85 59.07 54.59
C SER F 921 -1.21 58.49 53.23
N LEU F 922 -1.90 59.26 52.39
CA LEU F 922 -2.14 58.78 51.04
C LEU F 922 -0.99 59.11 50.11
N SER F 923 -0.30 60.24 50.33
CA SER F 923 0.85 60.57 49.49
C SER F 923 1.88 59.45 49.51
N SER F 924 2.20 58.94 50.69
CA SER F 924 3.33 58.03 50.84
C SER F 924 2.89 56.78 51.61
N THR F 925 2.34 55.82 50.89
CA THR F 925 2.23 54.46 51.37
C THR F 925 2.09 53.53 50.18
N PRO F 926 3.03 52.62 49.96
CA PRO F 926 2.91 51.70 48.82
C PRO F 926 1.65 50.85 48.94
N SER F 927 0.94 50.74 47.82
CA SER F 927 -0.26 49.92 47.72
C SER F 927 -1.31 50.30 48.78
N ALA F 928 -1.47 51.60 49.03
CA ALA F 928 -2.62 52.06 49.77
C ALA F 928 -3.90 51.86 48.97
N LEU F 929 -3.86 52.17 47.68
CA LEU F 929 -4.96 51.96 46.76
C LEU F 929 -4.86 50.58 46.10
N GLY F 930 -4.64 49.56 46.93
CA GLY F 930 -4.33 48.25 46.41
C GLY F 930 -5.51 47.53 45.81
N LYS F 931 -6.72 47.78 46.31
CA LYS F 931 -7.90 47.09 45.80
C LYS F 931 -8.22 47.52 44.38
N LEU F 932 -8.16 48.82 44.11
CA LEU F 932 -8.42 49.31 42.77
C LEU F 932 -7.37 48.81 41.80
N GLN F 933 -6.10 48.81 42.23
CA GLN F 933 -5.04 48.27 41.41
C GLN F 933 -5.27 46.80 41.10
N ASP F 934 -5.69 46.02 42.09
CA ASP F 934 -5.93 44.60 41.86
C ASP F 934 -7.07 44.40 40.87
N VAL F 935 -8.11 45.23 40.96
CA VAL F 935 -9.20 45.13 40.01
C VAL F 935 -8.70 45.37 38.60
N VAL F 936 -7.85 46.37 38.41
CA VAL F 936 -7.31 46.64 37.08
C VAL F 936 -6.44 45.48 36.59
N ASN F 937 -5.53 45.02 37.46
CA ASN F 937 -4.55 44.01 37.06
C ASN F 937 -5.21 42.70 36.69
N HIS F 938 -6.24 42.28 37.44
CA HIS F 938 -6.86 41.00 37.14
C HIS F 938 -7.48 40.98 35.75
N ASN F 939 -8.15 42.06 35.37
CA ASN F 939 -8.71 42.14 34.03
C ASN F 939 -7.61 42.20 32.97
N ALA F 940 -6.55 42.96 33.23
CA ALA F 940 -5.48 43.06 32.24
C ALA F 940 -4.83 41.70 32.01
N GLN F 941 -4.62 40.92 33.06
CA GLN F 941 -4.00 39.62 32.88
C GLN F 941 -4.96 38.63 32.25
N ALA F 942 -6.27 38.77 32.49
CA ALA F 942 -7.22 37.93 31.78
C ALA F 942 -7.17 38.21 30.27
N LEU F 943 -7.09 39.49 29.90
CA LEU F 943 -6.98 39.80 28.47
C LEU F 943 -5.68 39.28 27.88
N ASN F 944 -4.58 39.40 28.61
CA ASN F 944 -3.31 38.90 28.09
C ASN F 944 -3.33 37.39 27.94
N THR F 945 -3.95 36.68 28.87
CA THR F 945 -4.11 35.25 28.70
C THR F 945 -4.91 34.94 27.44
N LEU F 946 -6.01 35.67 27.22
CA LEU F 946 -6.82 35.44 26.04
C LEU F 946 -6.02 35.64 24.76
N VAL F 947 -5.24 36.72 24.70
CA VAL F 947 -4.47 37.01 23.49
C VAL F 947 -3.38 35.95 23.28
N LYS F 948 -2.60 35.65 24.31
CA LYS F 948 -1.52 34.70 24.11
C LYS F 948 -2.04 33.29 23.84
N GLN F 949 -3.29 33.01 24.16
CA GLN F 949 -3.84 31.70 23.82
C GLN F 949 -4.18 31.58 22.33
N LEU F 950 -4.10 32.68 21.58
CA LEU F 950 -4.34 32.60 20.15
C LEU F 950 -3.25 31.81 19.45
N SER F 951 -2.01 31.98 19.89
CA SER F 951 -0.85 31.36 19.29
C SER F 951 -0.57 29.97 19.84
N SER F 952 -1.58 29.27 20.33
CA SER F 952 -1.44 27.90 20.80
C SER F 952 -2.18 26.97 19.85
N LYS F 953 -1.46 25.97 19.34
CA LYS F 953 -2.00 25.13 18.26
C LYS F 953 -3.15 24.26 18.71
N PHE F 954 -3.29 24.01 20.02
CA PHE F 954 -4.29 23.09 20.53
C PHE F 954 -4.16 21.73 19.85
N GLY F 955 -2.90 21.30 19.67
CA GLY F 955 -2.59 20.02 19.11
C GLY F 955 -2.49 19.98 17.60
N ALA F 956 -3.01 20.99 16.90
CA ALA F 956 -3.01 20.99 15.45
C ALA F 956 -1.58 21.15 14.91
N ILE F 957 -1.45 21.01 13.59
CA ILE F 957 -0.12 21.02 12.97
C ILE F 957 0.52 22.39 13.02
N SER F 958 -0.26 23.44 13.26
CA SER F 958 0.28 24.78 13.46
C SER F 958 -0.84 25.67 13.96
N SER F 959 -0.48 26.89 14.37
CA SER F 959 -1.43 27.84 14.94
C SER F 959 -1.91 28.88 13.95
N VAL F 960 -1.02 29.36 13.08
CA VAL F 960 -1.43 30.35 12.08
C VAL F 960 -2.33 29.66 11.06
N LEU F 961 -3.46 30.29 10.75
CA LEU F 961 -4.44 29.68 9.87
C LEU F 961 -3.95 29.65 8.42
N ASN F 962 -3.20 30.68 8.00
CA ASN F 962 -2.77 30.75 6.62
C ASN F 962 -1.84 29.59 6.26
N ASP F 963 -0.94 29.23 7.17
CA ASP F 963 -0.07 28.09 6.94
C ASP F 963 -0.87 26.79 6.84
N ILE F 964 -1.87 26.65 7.71
CA ILE F 964 -2.73 25.46 7.66
C ILE F 964 -3.42 25.38 6.30
N LEU F 965 -3.88 26.52 5.79
CA LEU F 965 -4.63 26.51 4.54
C LEU F 965 -3.72 26.24 3.35
N SER F 966 -2.54 26.89 3.31
CA SER F 966 -1.69 26.73 2.13
C SER F 966 -1.02 25.35 2.12
N ARG F 967 -0.50 24.91 3.27
CA ARG F 967 0.25 23.66 3.32
C ARG F 967 -0.62 22.48 2.90
N LEU F 968 -1.87 22.45 3.33
CA LEU F 968 -2.71 21.28 3.15
C LEU F 968 -3.85 21.57 2.20
N ASP F 969 -4.40 20.49 1.65
CA ASP F 969 -5.62 20.56 0.87
C ASP F 969 -6.79 20.93 1.77
N PRO F 970 -7.89 21.43 1.21
CA PRO F 970 -9.02 21.86 2.05
C PRO F 970 -9.58 20.77 2.94
N PRO F 971 -9.67 19.47 2.51
CA PRO F 971 -10.26 18.49 3.44
C PRO F 971 -9.39 18.23 4.66
N GLU F 972 -8.09 18.02 4.43
CA GLU F 972 -7.21 17.68 5.54
C GLU F 972 -6.84 18.90 6.38
N ALA F 973 -6.83 20.09 5.78
CA ALA F 973 -6.68 21.31 6.55
C ALA F 973 -7.96 21.68 7.29
N GLU F 974 -9.10 21.15 6.86
CA GLU F 974 -10.34 21.40 7.59
C GLU F 974 -10.26 20.85 9.00
N VAL F 975 -9.64 19.69 9.18
CA VAL F 975 -9.52 19.11 10.50
C VAL F 975 -8.71 20.03 11.42
N GLN F 976 -7.56 20.51 10.93
CA GLN F 976 -6.74 21.39 11.74
C GLN F 976 -7.45 22.69 12.04
N ILE F 977 -8.15 23.26 11.05
CA ILE F 977 -8.88 24.50 11.28
C ILE F 977 -9.98 24.27 12.31
N ASP F 978 -10.67 23.15 12.24
CA ASP F 978 -11.73 22.87 13.20
C ASP F 978 -11.17 22.71 14.61
N ARG F 979 -10.00 22.10 14.73
CA ARG F 979 -9.38 22.01 16.05
C ARG F 979 -9.02 23.38 16.58
N LEU F 980 -8.45 24.24 15.73
CA LEU F 980 -8.17 25.59 16.16
C LEU F 980 -9.44 26.31 16.59
N ILE F 981 -10.52 26.11 15.84
CA ILE F 981 -11.77 26.80 16.12
C ILE F 981 -12.31 26.36 17.48
N THR F 982 -12.32 25.05 17.74
CA THR F 982 -12.88 24.60 19.01
C THR F 982 -11.98 25.02 20.18
N GLY F 983 -10.67 25.05 19.98
CA GLY F 983 -9.80 25.49 21.05
C GLY F 983 -10.02 26.96 21.38
N ARG F 984 -10.12 27.80 20.35
CA ARG F 984 -10.30 29.22 20.59
C ARG F 984 -11.67 29.51 21.16
N LEU F 985 -12.69 28.78 20.72
CA LEU F 985 -14.02 28.93 21.30
C LEU F 985 -14.03 28.56 22.77
N GLN F 986 -13.34 27.47 23.14
CA GLN F 986 -13.27 27.12 24.55
C GLN F 986 -12.55 28.20 25.36
N SER F 987 -11.45 28.72 24.83
CA SER F 987 -10.72 29.74 25.57
C SER F 987 -11.57 30.99 25.76
N LEU F 988 -12.32 31.39 24.74
CA LEU F 988 -13.19 32.55 24.87
C LEU F 988 -14.31 32.29 25.87
N GLN F 989 -14.87 31.08 25.87
CA GLN F 989 -15.90 30.74 26.84
C GLN F 989 -15.38 30.81 28.26
N THR F 990 -14.15 30.34 28.49
CA THR F 990 -13.58 30.44 29.83
C THR F 990 -13.35 31.89 30.22
N TYR F 991 -12.92 32.72 29.28
CA TYR F 991 -12.76 34.15 29.58
C TYR F 991 -14.08 34.75 30.04
N VAL F 992 -15.16 34.43 29.33
CA VAL F 992 -16.46 35.00 29.69
C VAL F 992 -16.93 34.50 31.05
N THR F 993 -16.67 33.24 31.37
CA THR F 993 -17.04 32.72 32.69
C THR F 993 -16.26 33.40 33.81
N GLN F 994 -14.96 33.59 33.63
CA GLN F 994 -14.19 34.30 34.64
C GLN F 994 -14.68 35.74 34.79
N GLN F 995 -15.04 36.38 33.69
CA GLN F 995 -15.57 37.73 33.74
C GLN F 995 -16.87 37.77 34.53
N LEU F 996 -17.73 36.77 34.36
CA LEU F 996 -18.98 36.73 35.12
C LEU F 996 -18.73 36.60 36.61
N ILE F 997 -17.80 35.73 37.01
CA ILE F 997 -17.48 35.56 38.42
C ILE F 997 -16.90 36.85 39.00
N ARG F 998 -15.97 37.46 38.27
CA ARG F 998 -15.36 38.71 38.73
C ARG F 998 -16.39 39.83 38.81
N ALA F 999 -17.32 39.87 37.87
CA ALA F 999 -18.36 40.90 37.89
C ALA F 999 -19.29 40.72 39.07
N ALA F 1000 -19.58 39.48 39.45
CA ALA F 1000 -20.40 39.25 40.63
C ALA F 1000 -19.70 39.75 41.89
N GLU F 1001 -18.39 39.56 41.98
CA GLU F 1001 -17.63 40.11 43.10
C GLU F 1001 -17.66 41.63 43.12
N ILE F 1002 -17.45 42.26 41.96
CA ILE F 1002 -17.48 43.71 41.87
C ILE F 1002 -18.86 44.24 42.22
N ARG F 1003 -19.91 43.50 41.87
CA ARG F 1003 -21.26 43.95 42.19
C ARG F 1003 -21.54 43.88 43.67
N ALA F 1004 -21.03 42.85 44.36
CA ALA F 1004 -21.14 42.84 45.80
C ALA F 1004 -20.43 44.04 46.42
N SER F 1005 -19.24 44.36 45.93
CA SER F 1005 -18.51 45.51 46.46
C SER F 1005 -19.26 46.81 46.21
N ALA F 1006 -19.86 46.97 45.04
CA ALA F 1006 -20.57 48.19 44.72
C ALA F 1006 -21.88 48.31 45.47
N ASN F 1007 -22.52 47.19 45.79
CA ASN F 1007 -23.68 47.22 46.67
C ASN F 1007 -23.30 47.66 48.06
N LEU F 1008 -22.16 47.17 48.55
CA LEU F 1008 -21.68 47.64 49.85
C LEU F 1008 -21.34 49.11 49.84
N ALA F 1009 -20.74 49.59 48.74
CA ALA F 1009 -20.43 51.02 48.62
C ALA F 1009 -21.68 51.87 48.55
N ALA F 1010 -22.72 51.40 47.89
CA ALA F 1010 -24.00 52.12 47.87
C ALA F 1010 -24.63 52.16 49.26
N THR F 1011 -24.56 51.05 50.00
CA THR F 1011 -25.07 51.04 51.37
C THR F 1011 -24.30 52.00 52.26
N LYS F 1012 -22.98 52.04 52.13
CA LYS F 1012 -22.17 52.95 52.91
C LYS F 1012 -22.41 54.40 52.53
N MET F 1013 -22.65 54.69 51.26
CA MET F 1013 -23.00 56.06 50.91
C MET F 1013 -24.32 56.46 51.53
N SER F 1014 -25.32 55.58 51.50
CA SER F 1014 -26.60 55.93 52.10
C SER F 1014 -26.49 56.08 53.61
N GLU F 1015 -25.76 55.20 54.28
CA GLU F 1015 -25.87 55.11 55.72
C GLU F 1015 -24.75 55.80 56.47
N CYS F 1016 -23.63 56.09 55.83
CA CYS F 1016 -22.55 56.79 56.49
C CYS F 1016 -22.40 58.21 56.01
N VAL F 1017 -22.81 58.53 54.80
CA VAL F 1017 -22.72 59.89 54.27
C VAL F 1017 -24.05 60.62 54.37
N LEU F 1018 -25.15 59.94 54.09
CA LEU F 1018 -26.46 60.55 54.13
C LEU F 1018 -27.14 60.36 55.48
N GLY F 1019 -26.45 59.82 56.45
CA GLY F 1019 -26.96 59.69 57.78
C GLY F 1019 -25.84 59.51 58.74
N GLN F 1020 -26.19 59.24 59.99
CA GLN F 1020 -25.26 58.84 61.02
C GLN F 1020 -25.59 57.43 61.46
N SER F 1021 -24.60 56.56 61.46
CA SER F 1021 -24.81 55.14 61.67
C SER F 1021 -24.55 54.76 63.13
N LYS F 1022 -25.34 53.81 63.62
CA LYS F 1022 -25.12 53.18 64.91
C LYS F 1022 -24.53 51.79 64.80
N ARG F 1023 -24.45 51.24 63.60
CA ARG F 1023 -23.84 49.94 63.42
C ARG F 1023 -22.35 50.02 63.69
N VAL F 1024 -21.87 49.12 64.54
CA VAL F 1024 -20.49 49.15 65.01
C VAL F 1024 -19.57 48.76 63.87
N ASP F 1025 -18.54 49.57 63.65
CA ASP F 1025 -17.49 49.35 62.66
C ASP F 1025 -17.98 49.36 61.23
N PHE F 1026 -19.23 49.79 61.01
CA PHE F 1026 -19.71 49.82 59.64
C PHE F 1026 -19.07 50.97 58.88
N CYS F 1027 -18.94 52.11 59.53
CA CYS F 1027 -18.21 53.19 58.90
C CYS F 1027 -16.74 53.15 59.29
N GLY F 1028 -16.42 53.36 60.55
CA GLY F 1028 -15.03 53.25 60.93
C GLY F 1028 -14.85 52.73 62.34
N LYS F 1029 -13.63 52.80 62.87
CA LYS F 1029 -13.40 52.38 64.25
C LYS F 1029 -13.64 53.57 65.17
N GLY F 1030 -14.54 53.39 66.13
CA GLY F 1030 -15.01 54.46 66.98
C GLY F 1030 -16.48 54.67 66.79
N TYR F 1031 -16.97 55.79 67.31
CA TYR F 1031 -18.35 56.17 67.15
C TYR F 1031 -18.47 57.08 65.95
N HIS F 1032 -19.24 56.66 64.97
CA HIS F 1032 -19.33 57.39 63.72
C HIS F 1032 -19.93 58.77 63.95
N LEU F 1033 -19.30 59.78 63.38
CA LEU F 1033 -19.89 61.11 63.31
C LEU F 1033 -20.31 61.45 61.90
N MET F 1034 -19.38 61.44 60.94
CA MET F 1034 -19.64 61.87 59.58
C MET F 1034 -18.83 61.04 58.63
N SER F 1035 -19.20 61.07 57.36
CA SER F 1035 -18.39 60.48 56.31
C SER F 1035 -18.40 61.42 55.13
N PHE F 1036 -17.32 61.40 54.37
CA PHE F 1036 -17.12 62.23 53.21
C PHE F 1036 -16.70 61.33 52.06
N PRO F 1037 -17.40 61.36 50.93
CA PRO F 1037 -16.97 60.56 49.77
C PRO F 1037 -15.98 61.30 48.87
N GLN F 1038 -15.05 60.54 48.32
CA GLN F 1038 -14.13 60.99 47.29
C GLN F 1038 -14.14 59.98 46.16
N SER F 1039 -14.13 60.45 44.94
CA SER F 1039 -14.12 59.52 43.81
C SER F 1039 -12.69 59.12 43.49
N ALA F 1040 -12.47 57.83 43.32
CA ALA F 1040 -11.21 57.28 42.90
C ALA F 1040 -11.44 56.56 41.58
N PRO F 1041 -10.39 56.32 40.81
CA PRO F 1041 -10.59 55.63 39.53
C PRO F 1041 -11.20 54.26 39.67
N HIS F 1042 -12.42 54.08 39.16
CA HIS F 1042 -13.18 52.84 39.29
C HIS F 1042 -13.53 52.53 40.73
N GLY F 1043 -13.72 53.54 41.55
CA GLY F 1043 -14.00 53.25 42.94
C GLY F 1043 -14.33 54.48 43.72
N VAL F 1044 -14.50 54.28 45.00
CA VAL F 1044 -14.82 55.36 45.93
C VAL F 1044 -13.93 55.23 47.14
N VAL F 1045 -13.70 56.35 47.80
CA VAL F 1045 -12.99 56.43 49.06
C VAL F 1045 -13.92 57.12 50.04
N PHE F 1046 -14.02 56.59 51.24
CA PHE F 1046 -14.78 57.21 52.30
C PHE F 1046 -13.82 57.66 53.38
N LEU F 1047 -13.91 58.92 53.75
CA LEU F 1047 -13.24 59.44 54.93
C LEU F 1047 -14.25 59.46 56.04
N HIS F 1048 -14.05 58.61 57.03
CA HIS F 1048 -14.94 58.48 58.17
C HIS F 1048 -14.40 59.29 59.33
N VAL F 1049 -15.17 60.26 59.79
CA VAL F 1049 -14.88 61.00 61.01
C VAL F 1049 -15.60 60.31 62.15
N THR F 1050 -14.82 59.82 63.11
CA THR F 1050 -15.34 59.14 64.28
C THR F 1050 -14.79 59.78 65.55
N TYR F 1051 -15.45 59.47 66.64
CA TYR F 1051 -15.13 59.96 67.98
C TYR F 1051 -14.51 58.82 68.77
N VAL F 1052 -13.37 59.07 69.38
CA VAL F 1052 -12.70 58.05 70.18
C VAL F 1052 -12.52 58.60 71.60
N PRO F 1053 -12.97 57.90 72.64
CA PRO F 1053 -12.65 58.31 74.01
C PRO F 1053 -11.16 58.23 74.30
N ALA F 1054 -10.66 59.14 75.13
CA ALA F 1054 -9.21 59.31 75.21
C ALA F 1054 -8.60 58.98 76.57
N GLN F 1055 -8.97 59.64 77.65
CA GLN F 1055 -8.15 59.60 78.87
C GLN F 1055 -8.98 59.14 80.06
N GLU F 1056 -9.07 57.84 80.26
CA GLU F 1056 -10.00 57.29 81.21
C GLU F 1056 -9.47 57.36 82.64
N LYS F 1057 -10.40 57.48 83.57
CA LYS F 1057 -10.09 57.48 84.99
C LYS F 1057 -10.94 56.45 85.69
N ASN F 1058 -10.39 55.90 86.77
CA ASN F 1058 -11.09 54.97 87.64
C ASN F 1058 -11.98 55.71 88.62
N PHE F 1059 -13.16 55.18 88.84
CA PHE F 1059 -14.08 55.70 89.84
C PHE F 1059 -14.77 54.53 90.50
N THR F 1060 -15.33 54.79 91.67
CA THR F 1060 -16.19 53.81 92.32
C THR F 1060 -17.61 54.06 91.86
N THR F 1061 -18.37 53.00 91.70
CA THR F 1061 -19.70 53.12 91.13
C THR F 1061 -20.70 52.37 91.99
N ALA F 1062 -21.96 52.77 91.90
CA ALA F 1062 -23.05 52.11 92.60
C ALA F 1062 -24.21 52.00 91.64
N PRO F 1063 -25.05 50.96 91.80
CA PRO F 1063 -26.23 50.86 90.93
C PRO F 1063 -27.31 51.86 91.28
N ALA F 1064 -27.56 52.08 92.55
CA ALA F 1064 -28.60 52.99 92.99
C ALA F 1064 -28.09 53.72 94.22
N ILE F 1065 -28.82 54.75 94.60
CA ILE F 1065 -28.54 55.55 95.79
C ILE F 1065 -29.74 55.45 96.71
N CYS F 1066 -29.50 55.14 97.98
CA CYS F 1066 -30.58 55.03 98.95
C CYS F 1066 -30.72 56.35 99.68
N HIS F 1067 -31.93 56.92 99.65
CA HIS F 1067 -32.21 58.17 100.32
C HIS F 1067 -33.64 58.15 100.81
N ASP F 1068 -33.85 58.46 102.08
CA ASP F 1068 -35.18 58.43 102.69
C ASP F 1068 -35.83 57.06 102.56
N GLY F 1069 -35.03 56.00 102.56
CA GLY F 1069 -35.58 54.68 102.36
C GLY F 1069 -36.09 54.40 100.97
N LYS F 1070 -35.67 55.17 99.98
CA LYS F 1070 -36.09 54.95 98.60
C LYS F 1070 -34.86 54.83 97.72
N ALA F 1071 -35.00 54.03 96.66
CA ALA F 1071 -33.89 53.76 95.75
C ALA F 1071 -33.99 54.71 94.56
N HIS F 1072 -32.88 55.34 94.23
CA HIS F 1072 -32.80 56.27 93.12
C HIS F 1072 -31.81 55.75 92.09
N PHE F 1073 -32.21 55.83 90.83
CA PHE F 1073 -31.42 55.42 89.70
C PHE F 1073 -31.21 56.61 88.79
N PRO F 1074 -30.10 56.67 88.05
CA PRO F 1074 -29.87 57.82 87.19
C PRO F 1074 -30.79 57.78 85.98
N ARG F 1075 -31.41 58.91 85.68
CA ARG F 1075 -32.20 59.01 84.46
C ARG F 1075 -31.34 58.71 83.24
N GLU F 1076 -30.12 59.21 83.23
CA GLU F 1076 -29.23 59.03 82.10
C GLU F 1076 -27.81 59.30 82.59
N GLY F 1077 -27.07 58.24 82.84
CA GLY F 1077 -25.74 58.41 83.37
C GLY F 1077 -25.43 57.34 84.38
N VAL F 1078 -24.35 57.56 85.11
CA VAL F 1078 -23.87 56.65 86.14
C VAL F 1078 -23.57 57.45 87.38
N PHE F 1079 -23.80 56.83 88.53
CA PHE F 1079 -23.32 57.34 89.80
C PHE F 1079 -21.84 57.00 89.92
N VAL F 1080 -21.01 58.02 90.11
CA VAL F 1080 -19.59 57.82 90.30
C VAL F 1080 -19.15 58.45 91.60
N SER F 1081 -18.02 57.99 92.10
CA SER F 1081 -17.44 58.48 93.34
C SER F 1081 -15.95 58.64 93.12
N ASN F 1082 -15.45 59.84 93.43
CA ASN F 1082 -14.04 60.18 93.39
C ASN F 1082 -13.33 59.77 94.68
N GLY F 1083 -14.04 59.20 95.62
CA GLY F 1083 -13.46 58.74 96.86
C GLY F 1083 -14.29 59.17 98.06
N THR F 1084 -14.86 60.34 98.02
CA THR F 1084 -15.66 60.77 99.14
C THR F 1084 -17.07 61.20 98.75
N HIS F 1085 -17.22 61.89 97.62
CA HIS F 1085 -18.51 62.43 97.22
C HIS F 1085 -19.07 61.66 96.03
N TRP F 1086 -20.39 61.68 95.90
CA TRP F 1086 -21.08 60.95 94.86
C TRP F 1086 -21.68 61.92 93.85
N PHE F 1087 -21.39 61.69 92.59
CA PHE F 1087 -21.90 62.49 91.49
C PHE F 1087 -22.64 61.59 90.52
N VAL F 1088 -23.35 62.20 89.60
CA VAL F 1088 -23.92 61.51 88.46
C VAL F 1088 -23.33 62.14 87.21
N THR F 1089 -22.76 61.32 86.36
CA THR F 1089 -22.12 61.77 85.15
C THR F 1089 -22.74 61.08 83.95
N GLN F 1090 -22.60 61.69 82.79
CA GLN F 1090 -22.96 61.01 81.56
C GLN F 1090 -21.94 59.93 81.24
N ARG F 1091 -22.41 58.89 80.56
CA ARG F 1091 -21.66 57.63 80.51
C ARG F 1091 -20.36 57.73 79.70
N ASN F 1092 -20.33 58.54 78.64
CA ASN F 1092 -19.24 58.51 77.69
C ASN F 1092 -18.23 59.63 77.86
N PHE F 1093 -18.44 60.52 78.81
CA PHE F 1093 -17.57 61.67 79.00
C PHE F 1093 -17.72 62.12 80.43
N TYR F 1094 -16.61 62.34 81.12
CA TYR F 1094 -16.68 62.66 82.53
C TYR F 1094 -17.09 64.13 82.72
N GLU F 1095 -18.26 64.32 83.33
CA GLU F 1095 -18.76 65.66 83.65
C GLU F 1095 -19.65 65.56 84.87
N PRO F 1096 -19.06 65.50 86.05
CA PRO F 1096 -19.83 65.14 87.25
C PRO F 1096 -20.76 66.23 87.70
N GLN F 1097 -21.90 65.83 88.26
CA GLN F 1097 -22.91 66.75 88.72
C GLN F 1097 -23.49 66.27 90.04
N ILE F 1098 -24.17 67.17 90.73
CA ILE F 1098 -24.77 66.84 92.01
C ILE F 1098 -26.00 65.98 91.79
N ILE F 1099 -26.17 64.98 92.65
CA ILE F 1099 -27.31 64.08 92.55
C ILE F 1099 -28.53 64.79 93.10
N THR F 1100 -29.41 65.24 92.23
CA THR F 1100 -30.65 65.88 92.62
C THR F 1100 -31.82 65.04 92.13
N THR F 1101 -33.04 65.50 92.39
CA THR F 1101 -34.19 64.74 91.91
C THR F 1101 -34.49 65.02 90.46
N ASP F 1102 -33.79 65.96 89.83
CA ASP F 1102 -33.94 66.19 88.40
C ASP F 1102 -33.22 65.14 87.57
N ASN F 1103 -32.08 64.64 88.04
CA ASN F 1103 -31.30 63.69 87.26
C ASN F 1103 -31.40 62.27 87.79
N THR F 1104 -32.35 62.00 88.68
CA THR F 1104 -32.58 60.66 89.19
C THR F 1104 -34.07 60.38 89.17
N PHE F 1105 -34.42 59.10 89.14
CA PHE F 1105 -35.80 58.68 89.35
C PHE F 1105 -35.86 57.65 90.46
N VAL F 1106 -37.00 57.56 91.10
CA VAL F 1106 -37.18 56.75 92.31
C VAL F 1106 -37.98 55.52 91.96
N SER F 1107 -37.54 54.36 92.49
CA SER F 1107 -38.30 53.13 92.28
C SER F 1107 -38.04 52.18 93.44
N GLY F 1108 -39.03 52.01 94.29
CA GLY F 1108 -38.97 51.01 95.33
C GLY F 1108 -38.20 51.46 96.55
N ASN F 1109 -37.97 50.53 97.45
CA ASN F 1109 -37.21 50.80 98.66
C ASN F 1109 -35.79 50.25 98.52
N CYS F 1110 -35.01 50.40 99.58
CA CYS F 1110 -33.58 50.15 99.54
C CYS F 1110 -33.19 48.71 99.86
N ASP F 1111 -34.11 47.76 99.72
CA ASP F 1111 -33.86 46.40 100.20
C ASP F 1111 -33.92 45.35 99.11
N VAL F 1112 -33.92 45.73 97.84
CA VAL F 1112 -33.88 44.76 96.76
C VAL F 1112 -32.69 44.94 95.83
N VAL F 1113 -32.06 46.10 95.80
CA VAL F 1113 -30.93 46.35 94.92
C VAL F 1113 -29.65 45.93 95.62
N ILE F 1114 -28.85 45.11 94.94
CA ILE F 1114 -27.58 44.65 95.47
C ILE F 1114 -26.51 45.65 95.12
N GLY F 1115 -25.91 46.25 96.13
CA GLY F 1115 -24.88 47.25 95.93
C GLY F 1115 -25.33 48.68 96.10
N ILE F 1116 -26.58 48.92 96.50
CA ILE F 1116 -27.05 50.27 96.75
C ILE F 1116 -26.23 50.94 97.84
N VAL F 1117 -26.04 52.26 97.73
CA VAL F 1117 -25.23 52.97 98.71
C VAL F 1117 -26.04 54.13 99.26
N ASN F 1118 -25.68 54.55 100.46
CA ASN F 1118 -26.33 55.66 101.14
C ASN F 1118 -25.73 56.98 100.67
N ASN F 1119 -26.59 57.93 100.33
CA ASN F 1119 -26.14 59.27 100.01
C ASN F 1119 -27.33 60.19 100.10
N THR F 1120 -27.10 61.47 99.85
CA THR F 1120 -28.17 62.45 99.84
C THR F 1120 -28.55 62.78 98.40
N VAL F 1121 -29.84 62.87 98.16
CA VAL F 1121 -30.38 63.30 96.88
C VAL F 1121 -30.96 64.69 97.09
N TYR F 1122 -30.31 65.69 96.50
CA TYR F 1122 -30.70 67.07 96.72
C TYR F 1122 -32.08 67.34 96.14
N ASP F 1123 -32.87 68.14 96.85
CA ASP F 1123 -34.16 68.57 96.36
C ASP F 1123 -34.12 70.05 96.08
N PRO F 1124 -34.22 70.49 94.83
CA PRO F 1124 -34.11 71.93 94.53
C PRO F 1124 -35.26 72.76 95.07
N LEU F 1125 -36.39 72.13 95.39
CA LEU F 1125 -37.55 72.88 95.84
C LEU F 1125 -37.35 73.45 97.23
N GLN F 1126 -36.65 72.73 98.10
CA GLN F 1126 -36.53 73.16 99.50
C GLN F 1126 -35.84 74.50 99.67
N PRO F 1127 -34.69 74.77 99.05
CA PRO F 1127 -34.08 76.10 99.23
C PRO F 1127 -34.97 77.25 98.78
N GLU F 1128 -35.72 77.08 97.70
CA GLU F 1128 -36.64 78.14 97.28
C GLU F 1128 -37.86 78.19 98.19
N LEU F 1129 -38.17 77.08 98.85
CA LEU F 1129 -39.26 77.07 99.82
C LEU F 1129 -38.91 77.90 101.04
N ASP F 1130 -37.63 77.95 101.39
CA ASP F 1130 -37.20 78.63 102.60
C ASP F 1130 -36.51 79.96 102.30
N GLN G 1 39.60 -50.30 43.49
CA GLN G 1 39.94 -51.70 43.65
C GLN G 1 38.70 -52.58 43.55
N ILE G 2 38.54 -53.27 42.43
CA ILE G 2 37.40 -54.15 42.25
C ILE G 2 37.76 -55.55 42.72
N THR G 3 36.75 -56.28 43.17
CA THR G 3 36.87 -57.68 43.55
C THR G 3 35.68 -58.43 42.98
N LEU G 4 35.89 -59.71 42.65
CA LEU G 4 34.82 -60.54 42.11
C LEU G 4 34.90 -61.91 42.77
N LYS G 5 33.78 -62.34 43.35
CA LYS G 5 33.66 -63.64 43.97
C LYS G 5 32.70 -64.50 43.15
N GLU G 6 32.89 -65.81 43.24
CA GLU G 6 32.12 -66.77 42.45
C GLU G 6 31.46 -67.79 43.35
N SER G 7 30.24 -68.17 42.99
CA SER G 7 29.52 -69.24 43.68
C SER G 7 28.89 -70.15 42.63
N GLY G 8 28.79 -71.42 42.98
CA GLY G 8 28.22 -72.41 42.09
C GLY G 8 28.64 -73.81 42.48
N PRO G 9 28.17 -74.81 41.72
CA PRO G 9 28.52 -76.20 42.01
C PRO G 9 29.89 -76.54 41.43
N THR G 10 30.84 -76.83 42.32
CA THR G 10 32.19 -77.18 41.87
C THR G 10 32.21 -78.45 41.05
N LEU G 11 31.39 -79.44 41.42
CA LEU G 11 31.25 -80.67 40.67
C LEU G 11 29.86 -80.69 40.04
N VAL G 12 29.81 -80.83 38.73
CA VAL G 12 28.55 -80.86 37.98
C VAL G 12 28.52 -82.10 37.10
N LYS G 13 27.44 -82.87 37.20
CA LYS G 13 27.26 -84.07 36.39
C LYS G 13 26.86 -83.69 34.96
N PRO G 14 27.25 -84.50 33.98
CA PRO G 14 26.94 -84.18 32.58
C PRO G 14 25.44 -84.13 32.33
N THR G 15 25.11 -83.71 31.10
CA THR G 15 23.74 -83.46 30.62
C THR G 15 22.85 -82.80 31.67
N GLN G 16 23.40 -81.79 32.36
CA GLN G 16 22.64 -81.01 33.32
C GLN G 16 22.89 -79.52 33.08
N THR G 17 22.19 -78.70 33.85
CA THR G 17 22.24 -77.25 33.72
C THR G 17 22.91 -76.65 34.95
N LEU G 18 23.95 -75.84 34.73
CA LEU G 18 24.73 -75.27 35.82
C LEU G 18 24.50 -73.77 35.88
N THR G 19 24.48 -73.24 37.10
CA THR G 19 24.31 -71.81 37.34
C THR G 19 25.48 -71.31 38.17
N LEU G 20 26.22 -70.36 37.61
CA LEU G 20 27.35 -69.73 38.29
C LEU G 20 26.99 -68.27 38.57
N THR G 21 27.12 -67.87 39.82
CA THR G 21 26.79 -66.52 40.24
C THR G 21 28.09 -65.76 40.54
N CYS G 22 28.30 -64.67 39.82
CA CYS G 22 29.45 -63.80 40.04
C CYS G 22 28.97 -62.55 40.75
N THR G 23 29.52 -62.29 41.94
CA THR G 23 29.17 -61.12 42.71
C THR G 23 30.38 -60.19 42.76
N PHE G 24 30.20 -58.96 42.30
CA PHE G 24 31.28 -58.00 42.15
C PHE G 24 31.13 -56.88 43.17
N SER G 25 32.26 -56.41 43.68
CA SER G 25 32.30 -55.28 44.60
C SER G 25 33.32 -54.26 44.10
N GLY G 26 32.93 -52.99 44.13
CA GLY G 26 33.77 -51.91 43.66
C GLY G 26 33.17 -51.13 42.50
N PHE G 27 32.24 -51.72 41.76
CA PHE G 27 31.58 -51.04 40.66
C PHE G 27 30.16 -51.56 40.55
N SER G 28 29.32 -50.80 39.85
CA SER G 28 27.91 -51.12 39.68
C SER G 28 27.59 -51.28 38.19
N LEU G 29 26.70 -52.22 37.90
CA LEU G 29 26.20 -52.44 36.54
C LEU G 29 25.06 -51.47 36.22
N SER G 30 25.35 -50.18 36.38
CA SER G 30 24.35 -49.14 36.17
C SER G 30 24.88 -47.91 35.47
N THR G 31 26.14 -47.90 35.02
CA THR G 31 26.76 -46.69 34.49
C THR G 31 27.12 -46.88 33.01
N SER G 32 27.70 -45.85 32.42
CA SER G 32 28.09 -45.87 31.02
C SER G 32 29.39 -46.65 30.83
N GLY G 33 29.39 -47.55 29.86
CA GLY G 33 30.59 -48.28 29.50
C GLY G 33 30.96 -49.40 30.44
N VAL G 34 30.16 -49.67 31.46
CA VAL G 34 30.45 -50.70 32.45
C VAL G 34 29.63 -51.94 32.16
N GLY G 35 30.31 -53.08 32.01
CA GLY G 35 29.65 -54.35 31.81
C GLY G 35 30.39 -55.43 32.57
N VAL G 36 29.89 -56.66 32.43
CA VAL G 36 30.51 -57.82 33.08
C VAL G 36 30.76 -58.89 32.02
N ALA G 37 31.99 -59.40 31.99
CA ALA G 37 32.42 -60.38 31.02
C ALA G 37 32.75 -61.70 31.71
N TRP G 38 32.18 -62.79 31.22
CA TRP G 38 32.47 -64.13 31.70
C TRP G 38 33.33 -64.85 30.67
N ILE G 39 34.42 -65.47 31.14
CA ILE G 39 35.39 -66.15 30.29
C ILE G 39 35.70 -67.50 30.93
N ARG G 40 36.10 -68.46 30.10
CA ARG G 40 36.51 -69.77 30.58
C ARG G 40 37.89 -70.11 30.03
N GLN G 41 38.64 -70.90 30.79
CA GLN G 41 40.01 -71.26 30.47
C GLN G 41 40.20 -72.76 30.69
N PRO G 42 40.35 -73.55 29.64
CA PRO G 42 40.64 -74.96 29.82
C PRO G 42 42.02 -75.13 30.42
N PRO G 43 42.22 -76.18 31.23
CA PRO G 43 43.51 -76.36 31.92
C PRO G 43 44.64 -76.74 30.97
N GLY G 44 45.56 -75.80 30.73
CA GLY G 44 46.64 -75.99 29.79
C GLY G 44 46.38 -75.47 28.40
N LYS G 45 45.14 -75.15 28.07
CA LYS G 45 44.75 -74.61 26.79
C LYS G 45 44.63 -73.10 26.89
N ALA G 46 44.48 -72.45 25.74
CA ALA G 46 44.31 -71.01 25.70
C ALA G 46 42.95 -70.62 26.30
N LEU G 47 42.79 -69.33 26.55
CA LEU G 47 41.54 -68.81 27.08
C LEU G 47 40.46 -68.85 26.02
N GLU G 48 39.21 -68.89 26.47
CA GLU G 48 38.05 -68.78 25.58
C GLU G 48 37.04 -67.86 26.23
N TRP G 49 36.79 -66.71 25.60
CA TRP G 49 35.76 -65.79 26.08
C TRP G 49 34.39 -66.43 25.94
N LEU G 50 33.60 -66.36 27.01
CA LEU G 50 32.26 -66.96 27.01
C LEU G 50 31.18 -65.97 26.58
N ALA G 51 31.02 -64.89 27.33
CA ALA G 51 29.96 -63.92 27.02
C ALA G 51 30.29 -62.59 27.67
N LEU G 52 29.58 -61.56 27.23
CA LEU G 52 29.69 -60.23 27.81
C LEU G 52 28.28 -59.66 27.96
N ILE G 53 28.06 -58.90 29.03
CA ILE G 53 26.79 -58.23 29.26
C ILE G 53 27.07 -56.76 29.56
N TYR G 54 26.21 -55.89 29.07
CA TYR G 54 26.35 -54.45 29.26
C TYR G 54 25.38 -53.95 30.32
N TRP G 55 25.44 -52.64 30.56
CA TRP G 55 24.52 -52.01 31.50
C TRP G 55 23.14 -51.85 30.91
N ASP G 56 23.03 -51.86 29.58
CA ASP G 56 21.74 -51.66 28.90
C ASP G 56 21.14 -52.97 28.40
N ASN G 57 21.32 -54.05 29.16
CA ASN G 57 20.63 -55.32 28.93
C ASN G 57 21.02 -55.95 27.59
N ASP G 58 22.05 -55.41 26.94
CA ASP G 58 22.48 -55.90 25.64
C ASP G 58 23.72 -56.75 25.80
N LYS G 59 23.60 -58.04 25.49
CA LYS G 59 24.65 -59.01 25.76
C LYS G 59 25.21 -59.57 24.46
N ARG G 60 26.52 -59.75 24.42
CA ARG G 60 27.22 -60.34 23.31
C ARG G 60 27.60 -61.77 23.65
N SER G 61 27.28 -62.70 22.75
CA SER G 61 27.45 -64.12 23.01
C SER G 61 28.16 -64.78 21.83
N SER G 62 29.02 -65.74 22.15
CA SER G 62 29.76 -66.46 21.13
C SER G 62 28.81 -67.34 20.31
N PRO G 63 29.02 -67.45 19.00
CA PRO G 63 28.15 -68.32 18.19
C PRO G 63 28.23 -69.78 18.58
N SER G 64 29.38 -70.24 19.07
CA SER G 64 29.53 -71.65 19.43
C SER G 64 28.68 -72.04 20.63
N LEU G 65 28.37 -71.10 21.52
CA LEU G 65 27.59 -71.38 22.71
C LEU G 65 26.27 -70.64 22.74
N ASN G 66 25.82 -70.11 21.60
CA ASN G 66 24.67 -69.21 21.58
C ASN G 66 23.40 -69.90 22.05
N ASN G 67 23.20 -71.15 21.63
CA ASN G 67 21.96 -71.86 21.94
C ASN G 67 21.84 -72.15 23.43
N ARG G 68 22.93 -72.55 24.08
CA ARG G 68 22.89 -73.15 25.40
C ARG G 68 23.54 -72.26 26.47
N LEU G 69 23.57 -70.96 26.26
CA LEU G 69 24.14 -70.03 27.23
C LEU G 69 23.16 -68.89 27.49
N THR G 70 23.00 -68.53 28.76
CA THR G 70 22.33 -67.28 29.07
C THR G 70 23.06 -66.62 30.24
N ILE G 71 23.09 -65.29 30.21
CA ILE G 71 23.72 -64.49 31.25
C ILE G 71 22.82 -63.30 31.55
N THR G 72 22.48 -63.13 32.83
CA THR G 72 21.56 -62.09 33.25
C THR G 72 22.20 -61.22 34.32
N LYS G 73 21.81 -59.96 34.33
CA LYS G 73 22.29 -58.98 35.28
C LYS G 73 21.24 -58.75 36.35
N ASP G 74 21.65 -58.82 37.61
CA ASP G 74 20.77 -58.54 38.75
C ASP G 74 21.29 -57.26 39.40
N THR G 75 20.70 -56.13 39.00
CA THR G 75 21.13 -54.83 39.53
C THR G 75 20.68 -54.62 40.97
N SER G 76 19.63 -55.34 41.39
CA SER G 76 19.16 -55.19 42.77
C SER G 76 20.23 -55.63 43.76
N LYS G 77 20.94 -56.71 43.46
CA LYS G 77 22.00 -57.21 44.33
C LYS G 77 23.38 -57.09 43.71
N ASN G 78 23.48 -56.53 42.50
CA ASN G 78 24.76 -56.40 41.79
C ASN G 78 25.43 -57.77 41.59
N GLN G 79 24.72 -58.63 40.86
CA GLN G 79 25.21 -59.98 40.61
C GLN G 79 25.02 -60.32 39.14
N VAL G 80 25.70 -61.37 38.71
CA VAL G 80 25.61 -61.85 37.33
C VAL G 80 25.34 -63.35 37.38
N VAL G 81 24.27 -63.78 36.74
CA VAL G 81 23.84 -65.18 36.76
C VAL G 81 24.15 -65.78 35.39
N LEU G 82 24.94 -66.85 35.39
CA LEU G 82 25.40 -67.51 34.18
C LEU G 82 24.84 -68.92 34.17
N THR G 83 23.91 -69.21 33.26
CA THR G 83 23.29 -70.52 33.15
C THR G 83 23.74 -71.20 31.87
N MET G 84 24.32 -72.39 32.01
CA MET G 84 24.73 -73.23 30.90
C MET G 84 23.88 -74.50 30.88
N THR G 85 23.39 -74.86 29.70
CA THR G 85 22.42 -75.93 29.54
C THR G 85 22.97 -77.01 28.63
N ASN G 86 22.73 -78.27 28.99
CA ASN G 86 23.06 -79.44 28.17
C ASN G 86 24.53 -79.42 27.74
N MET G 87 25.41 -79.51 28.74
CA MET G 87 26.84 -79.42 28.51
C MET G 87 27.42 -80.79 28.17
N ASP G 88 28.74 -80.87 28.14
CA ASP G 88 29.51 -82.06 27.83
C ASP G 88 30.59 -82.25 28.87
N PRO G 89 31.09 -83.48 29.05
CA PRO G 89 32.20 -83.69 29.99
C PRO G 89 33.46 -82.91 29.63
N GLU G 90 33.62 -82.50 28.37
CA GLU G 90 34.80 -81.76 27.96
C GLU G 90 34.76 -80.28 28.36
N ASP G 91 33.59 -79.75 28.72
CA ASP G 91 33.49 -78.35 29.13
C ASP G 91 34.19 -78.04 30.45
N THR G 92 34.88 -79.02 31.05
CA THR G 92 35.62 -78.76 32.28
C THR G 92 36.73 -77.74 32.03
N ALA G 93 36.83 -76.75 32.90
CA ALA G 93 37.77 -75.64 32.76
C ALA G 93 37.78 -74.88 34.07
N THR G 94 38.38 -73.69 34.07
CA THR G 94 38.27 -72.73 35.16
C THR G 94 37.57 -71.48 34.64
N TYR G 95 36.59 -70.98 35.38
CA TYR G 95 35.73 -69.91 34.93
C TYR G 95 36.04 -68.63 35.70
N TYR G 96 36.17 -67.52 34.98
CA TYR G 96 36.44 -66.20 35.55
C TYR G 96 35.37 -65.21 35.11
N CYS G 97 35.13 -64.22 35.95
CA CYS G 97 34.25 -63.11 35.64
C CYS G 97 34.98 -61.81 35.94
N ALA G 98 34.69 -60.77 35.16
CA ALA G 98 35.42 -59.52 35.29
C ALA G 98 34.55 -58.36 34.82
N HIS G 99 35.12 -57.17 34.92
CA HIS G 99 34.48 -55.92 34.56
C HIS G 99 34.97 -55.45 33.18
N PHE G 100 34.07 -54.82 32.44
CA PHE G 100 34.38 -54.26 31.12
C PHE G 100 34.15 -52.76 31.13
N PHE G 101 35.15 -52.01 30.66
CA PHE G 101 35.11 -50.56 30.64
C PHE G 101 36.10 -50.06 29.60
N SER G 102 35.70 -49.04 28.86
CA SER G 102 36.53 -48.43 27.83
C SER G 102 37.11 -47.12 28.31
N HIS G 103 38.27 -46.76 27.76
CA HIS G 103 38.98 -45.56 28.18
C HIS G 103 38.54 -44.36 27.34
N TYR G 104 38.41 -43.22 28.01
CA TYR G 104 37.90 -41.99 27.42
C TYR G 104 38.86 -40.85 27.67
N ASP G 105 38.87 -39.87 26.76
CA ASP G 105 39.52 -38.59 27.05
C ASP G 105 38.78 -37.49 26.28
N SER G 106 37.77 -36.91 26.92
CA SER G 106 37.20 -35.63 26.54
C SER G 106 36.64 -35.57 25.12
N SER G 107 36.69 -36.69 24.38
CA SER G 107 36.28 -36.68 22.99
C SER G 107 35.51 -37.92 22.57
N ASN G 108 35.23 -38.84 23.50
CA ASN G 108 34.59 -40.12 23.18
C ASN G 108 35.41 -40.90 22.15
N TYR G 109 36.72 -40.68 22.12
CA TYR G 109 37.56 -41.24 21.07
C TYR G 109 37.74 -42.75 21.20
N TYR G 110 37.43 -43.33 22.37
CA TYR G 110 37.59 -44.76 22.61
C TYR G 110 39.05 -45.19 22.45
N TYR G 111 39.86 -44.70 23.38
CA TYR G 111 41.28 -45.04 23.38
C TYR G 111 41.45 -46.49 23.84
N GLY G 112 40.84 -47.42 23.10
CA GLY G 112 40.93 -48.82 23.43
C GLY G 112 39.95 -49.26 24.49
N SER G 113 39.98 -50.56 24.77
CA SER G 113 39.21 -51.16 25.85
C SER G 113 40.11 -52.16 26.57
N TRP G 114 39.58 -52.71 27.66
CA TRP G 114 40.35 -53.67 28.45
C TRP G 114 39.38 -54.55 29.22
N PHE G 115 39.94 -55.47 29.99
CA PHE G 115 39.20 -56.25 30.97
C PHE G 115 39.75 -55.92 32.34
N ASP G 116 38.95 -55.21 33.14
CA ASP G 116 39.30 -54.87 34.51
C ASP G 116 39.61 -56.18 35.24
N PRO G 117 40.78 -56.30 35.88
CA PRO G 117 41.31 -57.64 36.19
C PRO G 117 40.33 -58.55 36.91
N TRP G 118 40.46 -59.84 36.63
CA TRP G 118 39.37 -60.80 36.71
C TRP G 118 39.10 -61.20 38.16
N GLY G 119 38.11 -62.06 38.35
CA GLY G 119 37.79 -62.61 39.65
C GLY G 119 38.63 -63.83 39.98
N GLN G 120 38.32 -64.44 41.12
CA GLN G 120 39.08 -65.59 41.58
C GLN G 120 38.98 -66.76 40.61
N GLY G 121 37.78 -67.01 40.08
CA GLY G 121 37.59 -68.09 39.13
C GLY G 121 37.47 -69.44 39.80
N THR G 122 36.46 -70.21 39.41
CA THR G 122 36.18 -71.51 40.00
C THR G 122 36.41 -72.62 38.98
N LEU G 123 36.99 -73.73 39.44
CA LEU G 123 37.26 -74.87 38.58
C LEU G 123 35.98 -75.68 38.41
N VAL G 124 35.38 -75.59 37.22
CA VAL G 124 34.21 -76.39 36.88
C VAL G 124 34.70 -77.71 36.29
N THR G 125 34.33 -78.81 36.93
CA THR G 125 34.67 -80.15 36.48
C THR G 125 33.39 -80.91 36.17
N VAL G 126 33.40 -81.64 35.05
CA VAL G 126 32.24 -82.38 34.60
C VAL G 126 32.67 -83.83 34.44
N SER G 127 32.00 -84.74 35.17
CA SER G 127 32.32 -86.15 35.10
C SER G 127 31.20 -86.99 35.71
N SER G 128 30.75 -88.02 34.99
CA SER G 128 29.70 -88.91 35.49
C SER G 128 30.33 -90.00 36.34
N ALA G 129 30.74 -89.60 37.54
CA ALA G 129 31.35 -90.50 38.50
C ALA G 129 30.78 -90.19 39.88
N SER G 130 31.40 -90.75 40.91
CA SER G 130 30.98 -90.53 42.29
C SER G 130 32.21 -90.22 43.14
N THR G 131 31.97 -89.55 44.26
CA THR G 131 33.06 -89.21 45.17
C THR G 131 33.73 -90.47 45.69
N LYS G 132 35.06 -90.50 45.61
CA LYS G 132 35.82 -91.70 45.94
C LYS G 132 37.04 -91.32 46.77
N GLY G 133 37.27 -92.07 47.84
CA GLY G 133 38.44 -91.87 48.66
C GLY G 133 39.71 -92.27 47.94
N PRO G 134 40.71 -91.38 47.96
CA PRO G 134 41.96 -91.66 47.24
C PRO G 134 42.70 -92.86 47.82
N SER G 135 43.38 -93.58 46.94
CA SER G 135 44.17 -94.76 47.28
C SER G 135 45.65 -94.40 47.23
N VAL G 136 46.38 -94.74 48.29
CA VAL G 136 47.77 -94.36 48.46
C VAL G 136 48.66 -95.59 48.28
N PHE G 137 49.66 -95.46 47.42
CA PHE G 137 50.64 -96.51 47.21
C PHE G 137 52.03 -95.96 47.52
N PRO G 138 52.67 -96.39 48.61
CA PRO G 138 53.98 -95.83 48.98
C PRO G 138 55.10 -96.40 48.12
N LEU G 139 55.63 -95.58 47.22
CA LEU G 139 56.72 -95.98 46.33
C LEU G 139 58.03 -95.86 47.10
N ALA G 140 58.56 -97.00 47.51
CA ALA G 140 59.80 -97.10 48.27
C ALA G 140 61.01 -96.88 47.37
N PRO G 141 62.15 -96.49 47.94
CA PRO G 141 63.36 -96.33 47.14
C PRO G 141 63.92 -97.68 46.69
N SER G 142 64.75 -97.62 45.65
CA SER G 142 65.45 -98.81 45.20
C SER G 142 66.57 -99.17 46.19
N SER G 143 67.05 -100.40 46.08
CA SER G 143 68.07 -100.92 46.98
C SER G 143 69.44 -100.46 46.49
N LYS G 144 69.84 -99.26 46.93
CA LYS G 144 71.14 -98.70 46.60
C LYS G 144 71.78 -98.12 47.85
N SER G 145 73.12 -98.20 47.91
CA SER G 145 73.83 -97.77 49.11
C SER G 145 74.02 -96.25 49.15
N THR G 146 74.78 -95.72 48.20
CA THR G 146 75.04 -94.29 48.14
C THR G 146 74.49 -93.66 46.87
N SER G 147 74.88 -94.17 45.69
CA SER G 147 74.45 -93.61 44.41
C SER G 147 74.72 -92.11 44.34
N GLY G 148 75.90 -91.70 44.80
CA GLY G 148 76.23 -90.30 44.88
C GLY G 148 75.50 -89.54 45.97
N GLY G 149 75.09 -90.24 47.04
CA GLY G 149 74.35 -89.59 48.11
C GLY G 149 72.99 -89.09 47.73
N THR G 150 72.34 -89.74 46.76
CA THR G 150 71.01 -89.35 46.31
C THR G 150 70.12 -90.59 46.27
N ALA G 151 68.89 -90.44 46.77
CA ALA G 151 67.90 -91.50 46.70
C ALA G 151 66.53 -90.84 46.55
N ALA G 152 65.58 -91.60 46.02
CA ALA G 152 64.26 -91.07 45.73
C ALA G 152 63.18 -92.02 46.22
N LEU G 153 62.11 -91.45 46.77
CA LEU G 153 60.93 -92.22 47.16
C LEU G 153 59.72 -91.31 47.01
N GLY G 154 58.55 -91.80 47.40
CA GLY G 154 57.38 -90.95 47.32
C GLY G 154 56.10 -91.75 47.50
N CYS G 155 55.00 -91.15 47.05
CA CYS G 155 53.68 -91.74 47.18
C CYS G 155 52.86 -91.49 45.92
N LEU G 156 52.19 -92.53 45.43
CA LEU G 156 51.32 -92.44 44.27
C LEU G 156 49.87 -92.43 44.74
N VAL G 157 49.15 -91.38 44.40
CA VAL G 157 47.76 -91.21 44.81
C VAL G 157 46.88 -91.48 43.59
N LYS G 158 46.10 -92.54 43.65
CA LYS G 158 45.33 -93.03 42.51
C LYS G 158 43.86 -93.11 42.90
N ASP G 159 42.98 -92.99 41.91
CA ASP G 159 41.55 -93.23 42.09
C ASP G 159 40.94 -92.23 43.08
N TYR G 160 41.15 -90.95 42.79
CA TYR G 160 40.57 -89.88 43.57
C TYR G 160 39.72 -89.00 42.66
N PHE G 161 38.57 -88.57 43.18
CA PHE G 161 37.67 -87.73 42.41
C PHE G 161 36.78 -86.93 43.35
N PRO G 162 36.71 -85.60 43.15
CA PRO G 162 37.45 -84.87 42.12
C PRO G 162 38.76 -84.26 42.61
N GLU G 163 39.30 -83.36 41.78
CA GLU G 163 40.44 -82.54 42.16
C GLU G 163 40.00 -81.48 43.17
N PRO G 164 40.95 -80.86 43.90
CA PRO G 164 42.38 -81.21 44.02
C PRO G 164 42.64 -82.22 45.14
N VAL G 165 43.91 -82.47 45.42
CA VAL G 165 44.36 -83.22 46.58
C VAL G 165 45.52 -82.45 47.20
N THR G 166 45.44 -82.22 48.51
CA THR G 166 46.50 -81.51 49.21
C THR G 166 47.51 -82.52 49.76
N VAL G 167 48.74 -82.46 49.26
CA VAL G 167 49.79 -83.41 49.59
C VAL G 167 50.91 -82.68 50.29
N SER G 168 51.33 -83.20 51.45
CA SER G 168 52.41 -82.61 52.23
C SER G 168 53.38 -83.69 52.66
N TRP G 169 54.64 -83.28 52.84
CA TRP G 169 55.71 -84.16 53.29
C TRP G 169 56.22 -83.66 54.63
N ASN G 170 56.20 -84.53 55.63
CA ASN G 170 56.69 -84.21 56.98
C ASN G 170 56.00 -82.96 57.54
N SER G 171 54.70 -82.83 57.27
CA SER G 171 53.91 -81.67 57.67
C SER G 171 54.52 -80.38 57.15
N GLY G 172 55.09 -80.44 55.96
CA GLY G 172 55.70 -79.28 55.32
C GLY G 172 57.13 -79.00 55.75
N ALA G 173 57.69 -79.77 56.69
CA ALA G 173 59.04 -79.49 57.16
C ALA G 173 60.10 -79.93 56.16
N LEU G 174 59.74 -80.75 55.17
CA LEU G 174 60.67 -81.24 54.15
C LEU G 174 60.15 -80.76 52.80
N THR G 175 60.65 -79.61 52.35
CA THR G 175 60.27 -79.04 51.07
C THR G 175 61.41 -79.05 50.05
N SER G 176 62.57 -79.57 50.42
CA SER G 176 63.72 -79.64 49.53
C SER G 176 63.67 -80.94 48.74
N GLY G 177 63.93 -80.86 47.44
CA GLY G 177 63.86 -82.04 46.60
C GLY G 177 62.49 -82.66 46.53
N VAL G 178 61.46 -81.83 46.41
CA VAL G 178 60.07 -82.26 46.43
C VAL G 178 59.42 -81.87 45.11
N HIS G 179 58.68 -82.80 44.51
CA HIS G 179 57.89 -82.53 43.31
C HIS G 179 56.54 -83.22 43.44
N THR G 180 55.49 -82.43 43.58
CA THR G 180 54.11 -82.90 43.61
C THR G 180 53.50 -82.59 42.25
N PHE G 181 53.33 -83.61 41.43
CA PHE G 181 52.90 -83.42 40.05
C PHE G 181 51.43 -83.02 39.99
N PRO G 182 51.04 -82.30 38.95
CA PRO G 182 49.61 -81.98 38.78
C PRO G 182 48.78 -83.22 38.48
N ALA G 183 47.50 -83.14 38.83
CA ALA G 183 46.58 -84.24 38.56
C ALA G 183 46.38 -84.42 37.06
N VAL G 184 46.42 -85.67 36.62
CA VAL G 184 46.26 -86.04 35.21
C VAL G 184 45.13 -87.05 35.10
N LEU G 185 44.22 -86.81 34.16
CA LEU G 185 43.05 -87.67 34.00
C LEU G 185 43.37 -88.86 33.10
N GLN G 186 42.76 -90.00 33.41
CA GLN G 186 42.92 -91.23 32.65
C GLN G 186 41.73 -91.42 31.71
N SER G 187 41.69 -92.59 31.06
CA SER G 187 40.63 -92.89 30.10
C SER G 187 39.35 -93.39 30.78
N SER G 188 39.42 -93.73 32.07
CA SER G 188 38.27 -94.23 32.80
C SER G 188 37.52 -93.13 33.53
N GLY G 189 37.92 -91.87 33.37
CA GLY G 189 37.32 -90.79 34.12
C GLY G 189 37.79 -90.68 35.55
N LEU G 190 38.97 -91.22 35.87
CA LEU G 190 39.49 -91.24 37.22
C LEU G 190 40.93 -90.77 37.22
N TYR G 191 41.32 -90.10 38.30
CA TYR G 191 42.54 -89.31 38.33
C TYR G 191 43.67 -89.99 39.11
N SER G 192 44.90 -89.69 38.68
CA SER G 192 46.10 -90.20 39.32
C SER G 192 47.12 -89.06 39.46
N LEU G 193 48.01 -89.21 40.43
CA LEU G 193 49.11 -88.27 40.62
C LEU G 193 50.23 -88.98 41.36
N SER G 194 51.43 -88.42 41.26
CA SER G 194 52.60 -88.94 41.96
C SER G 194 53.32 -87.81 42.66
N SER G 195 53.70 -88.03 43.91
CA SER G 195 54.54 -87.10 44.66
C SER G 195 55.88 -87.77 44.93
N VAL G 196 56.96 -87.10 44.56
CA VAL G 196 58.31 -87.66 44.61
C VAL G 196 59.19 -86.75 45.44
N VAL G 197 59.83 -87.32 46.45
CA VAL G 197 60.79 -86.60 47.28
C VAL G 197 62.14 -87.29 47.17
N THR G 198 63.19 -86.49 46.97
CA THR G 198 64.55 -86.98 46.85
C THR G 198 65.33 -86.57 48.09
N VAL G 199 65.86 -87.56 48.80
CA VAL G 199 66.59 -87.33 50.04
C VAL G 199 67.91 -88.09 49.97
N PRO G 200 68.91 -87.67 50.76
CA PRO G 200 70.20 -88.37 50.75
C PRO G 200 70.04 -89.82 51.17
N SER G 201 70.83 -90.69 50.54
CA SER G 201 70.78 -92.12 50.84
C SER G 201 71.28 -92.43 52.25
N SER G 202 72.02 -91.51 52.88
CA SER G 202 72.53 -91.74 54.22
C SER G 202 71.43 -91.62 55.27
N SER G 203 70.42 -90.78 55.02
CA SER G 203 69.35 -90.54 55.97
C SER G 203 68.15 -91.46 55.75
N LEU G 204 68.24 -92.41 54.82
CA LEU G 204 67.10 -93.29 54.54
C LEU G 204 66.73 -94.13 55.74
N GLY G 205 67.73 -94.71 56.42
CA GLY G 205 67.43 -95.60 57.54
C GLY G 205 67.14 -94.90 58.84
N THR G 206 67.81 -93.78 59.10
CA THR G 206 67.66 -93.09 60.38
C THR G 206 66.41 -92.21 60.44
N GLN G 207 65.77 -91.93 59.32
CA GLN G 207 64.62 -91.05 59.27
C GLN G 207 63.45 -91.76 58.60
N THR G 208 62.29 -91.71 59.25
CA THR G 208 61.07 -92.26 58.68
C THR G 208 60.36 -91.19 57.87
N TYR G 209 59.90 -91.57 56.68
CA TYR G 209 59.31 -90.63 55.72
C TYR G 209 57.79 -90.83 55.69
N ILE G 210 57.06 -89.73 55.85
CA ILE G 210 55.60 -89.74 55.91
C ILE G 210 55.05 -88.81 54.84
N CYS G 211 54.04 -89.28 54.12
CA CYS G 211 53.33 -88.45 53.15
C CYS G 211 51.87 -88.36 53.56
N ASN G 212 51.35 -87.14 53.62
CA ASN G 212 49.97 -86.89 54.04
C ASN G 212 49.19 -86.36 52.85
N VAL G 213 48.07 -87.01 52.54
CA VAL G 213 47.20 -86.62 51.43
C VAL G 213 45.81 -86.38 51.97
N ASN G 214 45.20 -85.26 51.56
CA ASN G 214 43.89 -84.85 52.05
C ASN G 214 42.99 -84.47 50.88
N HIS G 215 41.75 -84.95 50.93
CA HIS G 215 40.71 -84.59 49.98
C HIS G 215 39.49 -84.16 50.77
N LYS G 216 39.23 -82.86 50.80
CA LYS G 216 38.12 -82.33 51.61
C LYS G 216 36.75 -82.80 51.13
N PRO G 217 36.40 -82.70 49.83
CA PRO G 217 35.04 -83.13 49.43
C PRO G 217 34.75 -84.59 49.76
N SER G 218 35.75 -85.46 49.76
CA SER G 218 35.56 -86.82 50.27
C SER G 218 35.84 -86.93 51.76
N ASN G 219 36.40 -85.89 52.37
CA ASN G 219 36.83 -85.93 53.77
C ASN G 219 37.71 -87.14 54.05
N THR G 220 38.70 -87.34 53.18
CA THR G 220 39.63 -88.46 53.30
C THR G 220 41.03 -87.92 53.58
N LYS G 221 41.61 -88.37 54.69
CA LYS G 221 42.98 -88.01 55.05
C LYS G 221 43.76 -89.29 55.27
N VAL G 222 44.87 -89.45 54.53
CA VAL G 222 45.71 -90.64 54.63
C VAL G 222 47.13 -90.21 54.91
N ASP G 223 47.74 -90.82 55.92
CA ASP G 223 49.15 -90.67 56.23
C ASP G 223 49.84 -92.01 55.95
N LYS G 224 50.84 -91.99 55.06
CA LYS G 224 51.48 -93.23 54.62
C LYS G 224 52.97 -93.15 54.88
N ARG G 225 53.53 -94.25 55.39
CA ARG G 225 54.96 -94.34 55.69
C ARG G 225 55.69 -95.02 54.54
N VAL G 226 56.91 -94.56 54.30
CA VAL G 226 57.77 -95.11 53.25
C VAL G 226 59.03 -95.64 53.91
N GLU G 227 59.37 -96.89 53.62
CA GLU G 227 60.59 -97.51 54.12
C GLU G 227 61.38 -98.07 52.96
N PRO G 228 62.71 -98.06 53.05
CA PRO G 228 63.52 -98.77 52.06
C PRO G 228 63.32 -100.27 52.16
N LYS G 229 63.39 -100.92 51.00
CA LYS G 229 63.22 -102.37 50.92
C LYS G 229 64.37 -102.96 50.10
N SER G 230 64.90 -104.07 50.58
CA SER G 230 65.99 -104.75 49.90
C SER G 230 65.43 -105.60 48.75
N CYS G 231 66.30 -106.30 48.05
CA CYS G 231 65.89 -107.09 46.90
C CYS G 231 66.51 -108.49 46.95
N GLU H 1 35.39 -64.61 12.10
CA GLU H 1 36.09 -65.31 13.17
C GLU H 1 37.58 -65.01 13.13
N ILE H 2 37.98 -64.01 13.90
CA ILE H 2 39.38 -63.60 13.93
C ILE H 2 40.20 -64.62 14.70
N VAL H 3 41.36 -64.99 14.15
CA VAL H 3 42.29 -65.90 14.80
C VAL H 3 43.57 -65.13 15.09
N LEU H 4 44.05 -65.23 16.32
CA LEU H 4 45.29 -64.60 16.74
C LEU H 4 46.35 -65.67 16.98
N THR H 5 47.54 -65.44 16.43
CA THR H 5 48.67 -66.35 16.57
C THR H 5 49.80 -65.60 17.28
N GLN H 6 50.41 -66.25 18.26
CA GLN H 6 51.47 -65.65 19.05
C GLN H 6 52.81 -66.30 18.72
N SER H 7 53.84 -65.47 18.62
CA SER H 7 55.19 -65.93 18.34
C SER H 7 56.15 -65.33 19.37
N PRO H 8 57.10 -66.13 19.89
CA PRO H 8 57.23 -67.57 19.60
C PRO H 8 56.26 -68.43 20.40
N GLY H 9 56.18 -69.73 20.08
CA GLY H 9 55.32 -70.62 20.83
C GLY H 9 55.77 -70.79 22.26
N THR H 10 57.07 -70.99 22.47
CA THR H 10 57.67 -71.05 23.80
C THR H 10 58.85 -70.09 23.82
N LEU H 11 58.83 -69.16 24.77
CA LEU H 11 59.86 -68.13 24.86
C LEU H 11 60.70 -68.34 26.12
N SER H 12 62.02 -68.39 25.95
CA SER H 12 62.95 -68.64 27.04
C SER H 12 64.01 -67.54 27.02
N LEU H 13 64.18 -66.86 28.15
CA LEU H 13 65.21 -65.82 28.23
C LEU H 13 65.58 -65.55 29.67
N SER H 14 66.77 -64.98 29.85
CA SER H 14 67.28 -64.56 31.15
C SER H 14 66.77 -63.16 31.48
N PRO H 15 66.76 -62.78 32.75
CA PRO H 15 66.36 -61.41 33.11
C PRO H 15 67.32 -60.37 32.55
N GLY H 16 66.76 -59.19 32.26
CA GLY H 16 67.55 -58.05 31.86
C GLY H 16 67.49 -57.68 30.39
N GLU H 17 67.54 -58.68 29.51
CA GLU H 17 67.53 -58.38 28.08
C GLU H 17 66.10 -58.33 27.56
N ARG H 18 65.97 -57.79 26.35
CA ARG H 18 64.67 -57.43 25.79
C ARG H 18 63.91 -58.67 25.35
N ALA H 19 62.64 -58.73 25.74
CA ALA H 19 61.71 -59.76 25.28
C ALA H 19 60.76 -59.16 24.27
N THR H 20 60.66 -59.79 23.11
CA THR H 20 59.77 -59.32 22.05
C THR H 20 58.78 -60.43 21.72
N LEU H 21 57.49 -60.11 21.80
CA LEU H 21 56.43 -61.07 21.50
C LEU H 21 55.58 -60.53 20.36
N SER H 22 55.45 -61.32 19.29
CA SER H 22 54.69 -60.91 18.13
C SER H 22 53.30 -61.52 18.17
N CYS H 23 52.30 -60.73 17.80
CA CYS H 23 50.92 -61.19 17.67
C CYS H 23 50.43 -60.88 16.26
N ARG H 24 49.85 -61.88 15.62
CA ARG H 24 49.37 -61.78 14.25
C ARG H 24 47.89 -62.09 14.21
N ALA H 25 47.10 -61.21 13.62
CA ALA H 25 45.67 -61.40 13.52
C ALA H 25 45.32 -61.84 12.10
N SER H 26 44.58 -62.93 11.99
CA SER H 26 44.14 -63.43 10.68
C SER H 26 43.22 -62.44 9.98
N GLN H 27 42.57 -61.55 10.72
CA GLN H 27 41.73 -60.51 10.16
C GLN H 27 42.27 -59.14 10.58
N SER H 28 42.14 -58.17 9.70
CA SER H 28 42.64 -56.82 9.94
C SER H 28 41.54 -55.95 10.55
N PHE H 29 41.94 -55.09 11.48
CA PHE H 29 41.00 -54.23 12.19
C PHE H 29 41.76 -53.03 12.75
N ASP H 30 41.08 -52.26 13.58
CA ASP H 30 41.73 -51.14 14.27
C ASP H 30 42.59 -51.65 15.42
N SER H 31 43.76 -51.05 15.57
CA SER H 31 44.68 -51.46 16.63
C SER H 31 44.14 -51.15 18.02
N ARG H 32 43.17 -50.24 18.14
CA ARG H 32 42.58 -49.93 19.44
C ARG H 32 41.84 -51.12 20.04
N TYR H 33 41.43 -52.08 19.22
CA TYR H 33 40.66 -53.23 19.68
C TYR H 33 41.52 -54.34 20.26
N LEU H 34 42.84 -54.28 20.09
CA LEU H 34 43.74 -55.37 20.44
C LEU H 34 44.56 -54.99 21.66
N GLY H 35 44.64 -55.92 22.63
CA GLY H 35 45.34 -55.68 23.87
C GLY H 35 46.06 -56.92 24.35
N TRP H 36 46.81 -56.76 25.44
CA TRP H 36 47.68 -57.81 25.97
C TRP H 36 47.46 -58.00 27.46
N TYR H 37 47.34 -59.26 27.85
CA TYR H 37 47.01 -59.67 29.22
C TYR H 37 48.14 -60.51 29.80
N GLN H 38 48.32 -60.41 31.11
CA GLN H 38 49.41 -61.07 31.82
C GLN H 38 48.82 -62.02 32.86
N GLN H 39 49.21 -63.30 32.78
CA GLN H 39 48.64 -64.34 33.63
C GLN H 39 49.78 -65.07 34.35
N LYS H 40 49.85 -64.91 35.67
CA LYS H 40 50.83 -65.64 36.45
C LYS H 40 50.42 -67.12 36.57
N SER H 41 51.37 -67.93 37.02
CA SER H 41 51.09 -69.35 37.18
C SER H 41 50.11 -69.57 38.33
N GLY H 42 49.04 -70.31 38.05
CA GLY H 42 48.03 -70.56 39.08
C GLY H 42 47.29 -69.33 39.53
N GLN H 43 47.33 -68.24 38.75
CA GLN H 43 46.68 -66.99 39.09
C GLN H 43 45.83 -66.53 37.93
N ALA H 44 44.68 -65.94 38.24
CA ALA H 44 43.77 -65.47 37.21
C ALA H 44 44.46 -64.40 36.36
N PRO H 45 44.26 -64.41 35.04
CA PRO H 45 44.91 -63.42 34.19
C PRO H 45 44.46 -62.00 34.51
N ARG H 46 45.39 -61.06 34.37
CA ARG H 46 45.17 -59.67 34.70
C ARG H 46 45.41 -58.79 33.48
N LEU H 47 44.89 -57.57 33.55
CA LEU H 47 45.10 -56.62 32.47
C LEU H 47 46.51 -56.05 32.52
N LEU H 48 47.21 -56.06 31.39
CA LEU H 48 48.55 -55.51 31.29
C LEU H 48 48.60 -54.27 30.40
N ILE H 49 48.14 -54.35 29.16
CA ILE H 49 48.19 -53.22 28.25
C ILE H 49 46.92 -53.22 27.40
N TYR H 50 46.27 -52.06 27.30
CA TYR H 50 45.02 -51.92 26.56
C TYR H 50 45.23 -51.05 25.33
N GLY H 51 44.68 -51.48 24.20
CA GLY H 51 44.87 -50.78 22.95
C GLY H 51 46.18 -51.06 22.27
N ALA H 52 47.00 -51.96 22.80
CA ALA H 52 48.31 -52.33 22.29
C ALA H 52 49.33 -51.20 22.33
N SER H 53 48.98 -50.03 22.90
CA SER H 53 49.90 -48.91 22.97
C SER H 53 49.96 -48.24 24.33
N SER H 54 48.92 -48.35 25.16
CA SER H 54 48.88 -47.67 26.46
C SER H 54 49.05 -48.71 27.56
N ARG H 55 50.00 -48.45 28.47
CA ARG H 55 50.17 -49.31 29.61
C ARG H 55 49.04 -49.08 30.61
N ALA H 56 48.60 -50.17 31.26
CA ALA H 56 47.45 -50.08 32.15
C ALA H 56 47.86 -49.42 33.48
N THR H 57 46.85 -49.16 34.31
CA THR H 57 47.11 -48.56 35.61
C THR H 57 47.78 -49.58 36.53
N GLY H 58 48.85 -49.14 37.19
CA GLY H 58 49.62 -50.00 38.06
C GLY H 58 50.70 -50.80 37.36
N ILE H 59 50.66 -50.89 36.05
CA ILE H 59 51.71 -51.61 35.30
C ILE H 59 52.92 -50.70 35.17
N PRO H 60 54.10 -51.12 35.62
CA PRO H 60 55.27 -50.25 35.54
C PRO H 60 55.64 -49.93 34.11
N ASP H 61 56.27 -48.77 33.92
CA ASP H 61 56.64 -48.26 32.61
C ASP H 61 57.75 -49.07 31.93
N ARG H 62 58.18 -50.20 32.50
CA ARG H 62 59.14 -51.06 31.81
C ARG H 62 58.55 -51.62 30.52
N PHE H 63 57.27 -51.99 30.54
CA PHE H 63 56.63 -52.56 29.36
C PHE H 63 56.43 -51.51 28.27
N SER H 64 56.27 -52.00 27.04
CA SER H 64 56.01 -51.15 25.88
C SER H 64 55.34 -51.99 24.82
N GLY H 65 54.77 -51.33 23.82
CA GLY H 65 54.14 -52.04 22.72
C GLY H 65 54.06 -51.20 21.47
N SER H 66 54.07 -51.88 20.32
CA SER H 66 53.90 -51.19 19.04
C SER H 66 53.50 -52.19 17.98
N GLY H 67 52.72 -51.72 17.01
CA GLY H 67 52.31 -52.57 15.90
C GLY H 67 51.11 -51.97 15.22
N SER H 68 50.82 -52.51 14.03
CA SER H 68 49.74 -51.98 13.21
C SER H 68 49.40 -53.02 12.15
N GLY H 69 48.46 -52.65 11.27
CA GLY H 69 48.05 -53.53 10.19
C GLY H 69 47.50 -54.84 10.72
N THR H 70 48.28 -55.91 10.54
CA THR H 70 47.93 -57.23 11.04
C THR H 70 49.02 -57.82 11.94
N ASP H 71 50.07 -57.05 12.26
CA ASP H 71 51.16 -57.54 13.09
C ASP H 71 51.47 -56.53 14.18
N PHE H 72 51.59 -57.01 15.42
CA PHE H 72 51.84 -56.18 16.58
C PHE H 72 52.87 -56.87 17.46
N THR H 73 53.41 -56.15 18.44
CA THR H 73 54.38 -56.74 19.34
C THR H 73 54.40 -56.04 20.69
N LEU H 74 54.59 -56.86 21.73
CA LEU H 74 54.86 -56.42 23.09
C LEU H 74 56.34 -56.50 23.37
N THR H 75 56.89 -55.45 23.97
CA THR H 75 58.29 -55.35 24.30
C THR H 75 58.43 -55.25 25.82
N ILE H 76 59.26 -56.11 26.39
CA ILE H 76 59.64 -56.06 27.80
C ILE H 76 61.11 -55.72 27.86
N SER H 77 61.45 -54.74 28.71
CA SER H 77 62.83 -54.32 28.88
C SER H 77 63.46 -54.85 30.16
N ARG H 78 62.82 -54.63 31.31
CA ARG H 78 63.31 -55.11 32.59
C ARG H 78 62.32 -56.15 33.11
N LEU H 79 62.70 -57.42 33.01
CA LEU H 79 61.88 -58.53 33.45
C LEU H 79 62.64 -59.36 34.48
N GLU H 80 61.92 -59.88 35.47
CA GLU H 80 62.52 -60.60 36.57
C GLU H 80 61.67 -61.83 36.83
N PRO H 81 62.24 -62.90 37.41
CA PRO H 81 61.45 -64.12 37.65
C PRO H 81 60.05 -63.93 38.22
N GLU H 82 59.78 -62.91 39.04
CA GLU H 82 58.40 -62.72 39.50
C GLU H 82 57.51 -62.20 38.38
N ASP H 83 58.08 -61.53 37.39
CA ASP H 83 57.34 -61.01 36.24
C ASP H 83 57.23 -62.03 35.12
N PHE H 84 57.79 -63.23 35.29
CA PHE H 84 57.64 -64.28 34.31
C PHE H 84 56.22 -64.83 34.39
N ALA H 85 55.47 -64.69 33.31
CA ALA H 85 54.07 -65.10 33.27
C ALA H 85 53.66 -65.25 31.81
N VAL H 86 52.52 -65.89 31.59
CA VAL H 86 51.99 -66.12 30.26
C VAL H 86 51.44 -64.81 29.73
N TYR H 87 51.78 -64.49 28.48
CA TYR H 87 51.34 -63.27 27.83
C TYR H 87 50.36 -63.60 26.71
N TYR H 88 49.18 -62.98 26.77
CA TYR H 88 48.13 -63.21 25.79
C TYR H 88 47.88 -61.94 24.99
N CYS H 89 47.55 -62.10 23.71
CA CYS H 89 47.06 -61.01 22.88
C CYS H 89 45.63 -61.33 22.45
N GLN H 90 44.75 -60.34 22.60
CA GLN H 90 43.33 -60.52 22.38
C GLN H 90 42.81 -59.34 21.55
N GLN H 91 41.69 -59.55 20.86
CA GLN H 91 41.09 -58.51 20.04
C GLN H 91 39.63 -58.30 20.46
N PHE H 92 39.17 -57.06 20.28
CA PHE H 92 37.78 -56.69 20.49
C PHE H 92 37.13 -56.18 19.22
N GLY H 93 37.68 -56.53 18.05
CA GLY H 93 37.21 -56.01 16.79
C GLY H 93 35.80 -56.43 16.45
N ASP H 94 35.59 -57.72 16.21
CA ASP H 94 34.29 -58.24 15.81
C ASP H 94 33.96 -59.47 16.64
N SER H 95 32.68 -59.59 17.00
CA SER H 95 32.23 -60.75 17.76
C SER H 95 32.33 -62.02 16.90
N PRO H 96 32.78 -63.14 17.49
CA PRO H 96 33.19 -63.25 18.90
C PRO H 96 34.61 -62.78 19.13
N PHE H 97 34.94 -62.47 20.39
CA PHE H 97 36.29 -62.09 20.78
C PHE H 97 36.98 -63.31 21.38
N THR H 98 38.23 -63.54 20.98
CA THR H 98 38.99 -64.71 21.41
C THR H 98 40.37 -64.29 21.87
N PHE H 99 40.95 -65.09 22.76
CA PHE H 99 42.31 -64.90 23.22
C PHE H 99 43.28 -65.68 22.34
N GLY H 100 44.53 -65.24 22.33
CA GLY H 100 45.58 -65.99 21.67
C GLY H 100 45.96 -67.23 22.45
N GLN H 101 46.79 -68.06 21.83
CA GLN H 101 47.18 -69.31 22.49
C GLN H 101 48.05 -69.08 23.71
N GLY H 102 48.72 -67.94 23.78
CA GLY H 102 49.55 -67.64 24.94
C GLY H 102 50.97 -68.14 24.79
N THR H 103 51.94 -67.25 24.99
CA THR H 103 53.34 -67.58 24.82
C THR H 103 53.97 -67.85 26.18
N LYS H 104 54.58 -69.03 26.32
CA LYS H 104 55.26 -69.39 27.55
C LYS H 104 56.45 -68.47 27.79
N LEU H 105 56.68 -68.13 29.06
CA LEU H 105 57.85 -67.36 29.48
C LEU H 105 58.69 -68.25 30.38
N GLU H 106 59.90 -68.56 29.92
CA GLU H 106 60.76 -69.57 30.50
C GLU H 106 62.02 -68.90 31.06
N ILE H 107 62.88 -69.69 31.70
CA ILE H 107 64.15 -69.21 32.23
C ILE H 107 65.27 -69.96 31.50
N LYS H 108 66.17 -69.20 30.89
CA LYS H 108 67.32 -69.81 30.21
C LYS H 108 68.42 -70.09 31.23
N ARG H 109 68.98 -71.31 31.16
CA ARG H 109 70.00 -71.73 32.10
C ARG H 109 70.86 -72.78 31.42
N THR H 110 72.01 -73.06 32.03
CA THR H 110 72.93 -74.06 31.48
C THR H 110 72.27 -75.44 31.48
N VAL H 111 72.89 -76.36 30.75
CA VAL H 111 72.35 -77.71 30.60
C VAL H 111 72.48 -78.48 31.90
N ALA H 112 71.39 -79.09 32.34
CA ALA H 112 71.37 -79.90 33.56
C ALA H 112 71.07 -81.35 33.19
N ALA H 113 71.94 -82.26 33.60
CA ALA H 113 71.73 -83.67 33.32
C ALA H 113 70.66 -84.24 34.26
N PRO H 114 69.63 -84.87 33.72
CA PRO H 114 68.58 -85.43 34.58
C PRO H 114 69.04 -86.66 35.34
N SER H 115 68.39 -86.89 36.49
CA SER H 115 68.56 -88.12 37.24
C SER H 115 67.32 -88.98 37.04
N VAL H 116 67.54 -90.25 36.70
CA VAL H 116 66.48 -91.16 36.29
C VAL H 116 66.34 -92.24 37.35
N PHE H 117 65.13 -92.39 37.89
CA PHE H 117 64.88 -93.27 39.03
C PHE H 117 63.61 -94.08 38.81
N ILE H 118 63.51 -95.19 39.53
CA ILE H 118 62.45 -96.18 39.36
C ILE H 118 61.60 -96.25 40.63
N PHE H 119 60.33 -96.59 40.46
CA PHE H 119 59.41 -96.86 41.56
C PHE H 119 58.45 -97.96 41.14
N PRO H 120 58.68 -99.19 41.58
CA PRO H 120 57.76 -100.29 41.27
C PRO H 120 56.48 -100.16 42.08
N PRO H 121 55.40 -100.82 41.65
CA PRO H 121 54.14 -100.72 42.39
C PRO H 121 54.24 -101.34 43.78
N SER H 122 53.41 -100.82 44.69
CA SER H 122 53.35 -101.36 46.03
C SER H 122 52.51 -102.64 46.07
N ASP H 123 52.68 -103.41 47.14
CA ASP H 123 51.96 -104.66 47.27
C ASP H 123 50.45 -104.44 47.42
N GLU H 124 50.05 -103.35 48.07
CA GLU H 124 48.63 -103.06 48.18
C GLU H 124 48.00 -102.84 46.81
N GLN H 125 48.70 -102.15 45.92
CA GLN H 125 48.22 -102.01 44.55
C GLN H 125 48.23 -103.34 43.82
N LEU H 126 49.22 -104.20 44.10
CA LEU H 126 49.24 -105.53 43.50
C LEU H 126 48.05 -106.35 43.93
N LYS H 127 47.57 -106.16 45.17
CA LYS H 127 46.34 -106.80 45.61
C LYS H 127 45.09 -106.06 45.16
N SER H 128 45.22 -104.82 44.69
CA SER H 128 44.07 -104.03 44.26
C SER H 128 43.54 -104.44 42.89
N GLY H 129 44.34 -105.08 42.05
CA GLY H 129 43.89 -105.56 40.75
C GLY H 129 44.54 -104.89 39.56
N THR H 130 45.33 -103.84 39.77
CA THR H 130 46.07 -103.18 38.69
C THR H 130 47.50 -102.94 39.14
N ALA H 131 48.41 -102.81 38.18
CA ALA H 131 49.81 -102.56 38.47
C ALA H 131 50.27 -101.29 37.75
N SER H 132 50.96 -100.42 38.48
CA SER H 132 51.50 -99.19 37.89
C SER H 132 52.92 -99.00 38.40
N VAL H 133 53.87 -98.87 37.48
CA VAL H 133 55.26 -98.59 37.80
C VAL H 133 55.62 -97.22 37.24
N VAL H 134 56.28 -96.40 38.05
CA VAL H 134 56.50 -95.00 37.71
C VAL H 134 58.00 -94.73 37.71
N CYS H 135 58.51 -94.18 36.61
CA CYS H 135 59.91 -93.79 36.53
C CYS H 135 60.02 -92.28 36.33
N LEU H 136 60.98 -91.68 37.03
CA LEU H 136 61.08 -90.24 37.22
C LEU H 136 62.37 -89.67 36.64
N LEU H 137 62.24 -88.50 36.03
CA LEU H 137 63.35 -87.66 35.61
C LEU H 137 63.39 -86.44 36.50
N ASN H 138 64.56 -86.11 37.03
CA ASN H 138 64.70 -84.99 37.95
C ASN H 138 65.77 -84.03 37.45
N ASN H 139 65.46 -82.73 37.53
CA ASN H 139 66.41 -81.66 37.24
C ASN H 139 66.95 -81.75 35.82
N PHE H 140 66.04 -81.57 34.86
CA PHE H 140 66.39 -81.59 33.44
C PHE H 140 65.92 -80.32 32.76
N TYR H 141 66.65 -79.93 31.71
CA TYR H 141 66.37 -78.73 30.93
C TYR H 141 66.95 -78.96 29.54
N PRO H 142 66.23 -78.59 28.48
CA PRO H 142 64.89 -77.99 28.48
C PRO H 142 63.78 -79.01 28.69
N ARG H 143 62.53 -78.53 28.81
CA ARG H 143 61.42 -79.41 29.13
C ARG H 143 61.19 -80.47 28.06
N GLU H 144 61.42 -80.14 26.79
CA GLU H 144 61.22 -81.10 25.71
C GLU H 144 62.18 -82.28 25.86
N ALA H 145 61.63 -83.50 25.84
CA ALA H 145 62.42 -84.69 26.07
C ALA H 145 61.65 -85.89 25.54
N LYS H 146 62.34 -87.03 25.46
CA LYS H 146 61.75 -88.28 24.99
C LYS H 146 61.84 -89.32 26.11
N VAL H 147 60.72 -89.57 26.77
CA VAL H 147 60.63 -90.58 27.83
C VAL H 147 59.72 -91.69 27.33
N GLN H 148 60.13 -92.94 27.54
CA GLN H 148 59.31 -94.05 27.06
C GLN H 148 59.47 -95.25 27.98
N TRP H 149 58.40 -96.01 28.14
CA TRP H 149 58.40 -97.28 28.83
C TRP H 149 58.61 -98.43 27.86
N LYS H 150 58.91 -99.61 28.42
CA LYS H 150 59.03 -100.82 27.63
C LYS H 150 58.86 -102.03 28.55
N VAL H 151 58.21 -103.06 28.02
CA VAL H 151 57.94 -104.31 28.74
C VAL H 151 58.64 -105.42 27.97
N ASP H 152 59.63 -106.05 28.59
CA ASP H 152 60.46 -107.06 27.93
C ASP H 152 61.05 -106.52 26.63
N ASN H 153 61.57 -105.29 26.71
CA ASN H 153 62.18 -104.60 25.58
C ASN H 153 61.22 -104.47 24.40
N ALA H 154 59.95 -104.20 24.71
CA ALA H 154 58.93 -103.93 23.70
C ALA H 154 58.48 -102.48 23.86
N LEU H 155 58.59 -101.71 22.78
CA LEU H 155 58.28 -100.29 22.82
C LEU H 155 56.77 -100.10 22.95
N GLN H 156 56.30 -99.90 24.17
CA GLN H 156 54.88 -99.74 24.45
C GLN H 156 54.44 -98.32 24.09
N SER H 157 53.16 -98.20 23.70
CA SER H 157 52.56 -96.91 23.42
C SER H 157 51.07 -96.98 23.73
N GLY H 158 50.55 -95.90 24.31
CA GLY H 158 49.16 -95.81 24.68
C GLY H 158 48.86 -96.18 26.12
N ASN H 159 49.56 -97.17 26.67
CA ASN H 159 49.39 -97.58 28.06
C ASN H 159 50.31 -96.83 29.01
N SER H 160 50.74 -95.63 28.64
CA SER H 160 51.65 -94.84 29.44
C SER H 160 51.04 -93.48 29.74
N GLN H 161 51.20 -93.04 30.98
CA GLN H 161 50.72 -91.73 31.44
C GLN H 161 51.91 -90.85 31.77
N GLU H 162 51.86 -89.61 31.31
CA GLU H 162 52.96 -88.66 31.49
C GLU H 162 52.48 -87.47 32.29
N SER H 163 53.24 -87.11 33.33
CA SER H 163 52.98 -85.91 34.09
C SER H 163 54.26 -85.08 34.14
N VAL H 164 54.13 -83.79 33.84
CA VAL H 164 55.27 -82.87 33.83
C VAL H 164 54.98 -81.75 34.82
N THR H 165 55.95 -81.48 35.70
CA THR H 165 55.81 -80.43 36.69
C THR H 165 56.24 -79.10 36.09
N GLU H 166 55.59 -78.02 36.54
CA GLU H 166 55.97 -76.68 36.11
C GLU H 166 57.39 -76.37 36.57
N GLN H 167 58.06 -75.50 35.82
CA GLN H 167 59.45 -75.15 36.11
C GLN H 167 59.59 -74.63 37.53
N ASP H 168 60.63 -75.09 38.21
CA ASP H 168 60.94 -74.64 39.56
C ASP H 168 61.58 -73.25 39.52
N SER H 169 61.49 -72.56 40.65
CA SER H 169 62.10 -71.24 40.80
C SER H 169 63.50 -71.29 41.39
N LYS H 170 63.99 -72.47 41.77
CA LYS H 170 65.31 -72.61 42.38
C LYS H 170 66.37 -73.03 41.38
N ASP H 171 66.17 -74.19 40.74
CA ASP H 171 67.10 -74.69 39.74
C ASP H 171 66.64 -74.44 38.32
N SER H 172 65.41 -73.96 38.15
CA SER H 172 64.85 -73.64 36.83
C SER H 172 64.84 -74.86 35.91
N THR H 173 64.62 -76.02 36.50
CA THR H 173 64.54 -77.29 35.77
C THR H 173 63.19 -77.94 36.04
N TYR H 174 63.04 -79.18 35.58
CA TYR H 174 61.76 -79.87 35.60
C TYR H 174 61.89 -81.25 36.22
N SER H 175 60.74 -81.79 36.64
CA SER H 175 60.63 -83.20 36.99
C SER H 175 59.50 -83.82 36.18
N LEU H 176 59.69 -85.09 35.82
CA LEU H 176 58.78 -85.78 34.91
C LEU H 176 58.51 -87.18 35.43
N SER H 177 57.22 -87.57 35.44
CA SER H 177 56.81 -88.89 35.88
C SER H 177 56.18 -89.63 34.70
N SER H 178 56.69 -90.82 34.41
CA SER H 178 56.13 -91.69 33.38
C SER H 178 55.63 -92.97 34.05
N THR H 179 54.34 -93.24 33.92
CA THR H 179 53.68 -94.35 34.60
C THR H 179 53.22 -95.37 33.57
N LEU H 180 53.62 -96.62 33.78
CA LEU H 180 53.16 -97.75 32.97
C LEU H 180 52.16 -98.54 33.79
N THR H 181 50.96 -98.74 33.24
CA THR H 181 49.88 -99.45 33.90
C THR H 181 49.51 -100.70 33.12
N LEU H 182 49.30 -101.79 33.85
CA LEU H 182 48.95 -103.07 33.26
C LEU H 182 48.08 -103.86 34.23
N SER H 183 47.54 -104.97 33.74
CA SER H 183 46.74 -105.87 34.54
C SER H 183 47.60 -106.96 35.17
N LYS H 184 47.01 -107.70 36.10
CA LYS H 184 47.76 -108.74 36.82
C LYS H 184 48.23 -109.83 35.88
N ALA H 185 47.38 -110.23 34.92
CA ALA H 185 47.79 -111.22 33.94
C ALA H 185 48.95 -110.72 33.09
N ASP H 186 48.90 -109.45 32.68
CA ASP H 186 50.00 -108.87 31.92
C ASP H 186 51.21 -108.60 32.81
N TYR H 187 50.97 -108.21 34.07
CA TYR H 187 52.07 -107.95 34.99
C TYR H 187 52.90 -109.20 35.23
N GLU H 188 52.24 -110.35 35.33
CA GLU H 188 52.91 -111.62 35.62
C GLU H 188 53.32 -112.39 34.36
N LYS H 189 53.01 -111.89 33.17
CA LYS H 189 53.38 -112.56 31.93
C LYS H 189 54.69 -112.05 31.33
N HIS H 190 55.36 -111.12 32.00
CA HIS H 190 56.67 -110.64 31.58
C HIS H 190 57.55 -110.49 32.80
N LYS H 191 58.83 -110.24 32.57
CA LYS H 191 59.79 -110.03 33.65
C LYS H 191 60.42 -108.65 33.63
N VAL H 192 60.84 -108.17 32.47
CA VAL H 192 61.61 -106.94 32.38
C VAL H 192 60.67 -105.76 32.23
N TYR H 193 60.80 -104.77 33.12
CA TYR H 193 60.17 -103.47 32.97
C TYR H 193 61.28 -102.44 32.91
N ALA H 194 61.31 -101.63 31.84
CA ALA H 194 62.39 -100.68 31.67
C ALA H 194 61.83 -99.37 31.14
N CYS H 195 62.56 -98.29 31.35
CA CYS H 195 62.23 -97.03 30.69
C CYS H 195 63.52 -96.36 30.24
N GLU H 196 63.43 -95.69 29.10
CA GLU H 196 64.57 -94.99 28.51
C GLU H 196 64.20 -93.55 28.17
N VAL H 197 65.21 -92.70 28.22
CA VAL H 197 65.06 -91.27 28.06
C VAL H 197 66.17 -90.74 27.14
N THR H 198 65.77 -89.96 26.15
CA THR H 198 66.68 -89.20 25.30
C THR H 198 66.41 -87.72 25.51
N HIS H 199 67.45 -86.95 25.78
CA HIS H 199 67.31 -85.54 26.10
C HIS H 199 68.46 -84.75 25.48
N GLN H 200 68.27 -83.43 25.41
CA GLN H 200 69.33 -82.56 24.93
C GLN H 200 70.55 -82.62 25.84
N GLY H 201 70.35 -82.87 27.13
CA GLY H 201 71.44 -82.95 28.08
C GLY H 201 72.16 -84.28 28.16
N LEU H 202 71.70 -85.28 27.42
CA LEU H 202 72.31 -86.60 27.42
C LEU H 202 73.11 -86.80 26.13
N SER H 203 74.38 -87.18 26.27
CA SER H 203 75.19 -87.49 25.11
C SER H 203 74.62 -88.69 24.36
N SER H 204 74.19 -89.71 25.10
CA SER H 204 73.55 -90.89 24.53
C SER H 204 72.30 -91.21 25.35
N PRO H 205 71.31 -91.86 24.74
CA PRO H 205 70.09 -92.20 25.48
C PRO H 205 70.41 -93.05 26.70
N VAL H 206 69.64 -92.85 27.77
CA VAL H 206 69.84 -93.56 29.03
C VAL H 206 68.68 -94.53 29.21
N THR H 207 69.01 -95.80 29.48
CA THR H 207 68.01 -96.85 29.65
C THR H 207 68.22 -97.52 31.00
N LYS H 208 67.14 -97.67 31.77
CA LYS H 208 67.20 -98.41 33.02
C LYS H 208 66.15 -99.50 33.02
N SER H 209 66.51 -100.68 33.54
CA SER H 209 65.65 -101.85 33.54
C SER H 209 65.61 -102.47 34.93
N PHE H 210 64.51 -103.14 35.23
CA PHE H 210 64.39 -103.88 36.48
C PHE H 210 63.46 -105.06 36.28
N ASN H 211 63.70 -106.10 37.08
CA ASN H 211 62.91 -107.33 37.05
C ASN H 211 62.18 -107.51 38.38
N ARG H 212 60.91 -107.88 38.31
CA ARG H 212 60.10 -108.04 39.50
C ARG H 212 60.45 -109.29 40.30
N GLY H 213 61.12 -110.26 39.68
CA GLY H 213 61.37 -111.52 40.37
C GLY H 213 62.26 -111.38 41.58
N GLU H 214 63.34 -110.61 41.45
CA GLU H 214 64.32 -110.50 42.53
C GLU H 214 63.98 -109.39 43.53
N CYS H 215 62.98 -108.56 43.22
CA CYS H 215 62.70 -107.41 44.08
C CYS H 215 61.29 -106.87 43.88
N VAL I 1 16.27 -59.70 -14.50
CA VAL I 1 16.16 -58.25 -14.55
C VAL I 1 17.02 -57.71 -15.69
N GLN I 2 16.41 -56.97 -16.61
CA GLN I 2 17.07 -56.55 -17.84
C GLN I 2 17.10 -55.03 -17.92
N LEU I 3 18.30 -54.47 -17.99
CA LEU I 3 18.50 -53.03 -18.12
C LEU I 3 19.19 -52.73 -19.45
N VAL I 4 18.64 -51.79 -20.20
CA VAL I 4 19.18 -51.41 -21.51
C VAL I 4 19.31 -49.89 -21.54
N GLU I 5 20.23 -49.41 -22.37
CA GLU I 5 20.49 -47.99 -22.53
C GLU I 5 20.29 -47.58 -23.98
N SER I 6 19.96 -46.31 -24.19
CA SER I 6 19.75 -45.78 -25.53
C SER I 6 20.13 -44.30 -25.56
N GLY I 7 20.41 -43.82 -26.77
CA GLY I 7 20.70 -42.41 -26.98
C GLY I 7 22.16 -42.05 -27.12
N GLY I 8 23.07 -43.03 -27.14
CA GLY I 8 24.48 -42.73 -27.29
C GLY I 8 24.86 -42.39 -28.72
N GLY I 9 26.02 -41.77 -28.85
CA GLY I 9 26.52 -41.38 -30.17
C GLY I 9 27.57 -40.28 -30.03
N LEU I 10 27.65 -39.45 -31.08
CA LEU I 10 28.54 -38.31 -31.11
C LEU I 10 27.71 -37.03 -31.17
N VAL I 11 28.15 -36.02 -30.43
CA VAL I 11 27.47 -34.73 -30.38
C VAL I 11 28.50 -33.62 -30.39
N GLN I 12 28.10 -32.47 -30.95
CA GLN I 12 28.97 -31.31 -30.96
C GLN I 12 29.10 -30.71 -29.56
N PRO I 13 30.21 -30.03 -29.27
CA PRO I 13 30.34 -29.37 -27.98
C PRO I 13 29.30 -28.28 -27.79
N GLY I 14 28.84 -28.12 -26.55
CA GLY I 14 27.89 -27.08 -26.22
C GLY I 14 26.44 -27.42 -26.48
N GLY I 15 26.16 -28.58 -27.06
CA GLY I 15 24.80 -28.97 -27.39
C GLY I 15 24.12 -29.72 -26.25
N SER I 16 23.02 -30.38 -26.61
CA SER I 16 22.23 -31.17 -25.66
C SER I 16 22.06 -32.58 -26.20
N LEU I 17 21.95 -33.53 -25.28
CA LEU I 17 21.86 -34.95 -25.62
C LEU I 17 20.95 -35.66 -24.63
N ARG I 18 20.09 -36.54 -25.16
CA ARG I 18 19.12 -37.28 -24.37
C ARG I 18 19.51 -38.74 -24.32
N LEU I 19 19.51 -39.31 -23.12
CA LEU I 19 19.79 -40.72 -22.90
C LEU I 19 18.62 -41.36 -22.18
N SER I 20 18.36 -42.63 -22.49
CA SER I 20 17.29 -43.39 -21.86
C SER I 20 17.87 -44.64 -21.20
N CYS I 21 17.31 -44.97 -20.04
CA CYS I 21 17.62 -46.20 -19.30
C CYS I 21 16.31 -46.94 -19.08
N ALA I 22 16.16 -48.09 -19.74
CA ALA I 22 14.94 -48.88 -19.67
C ALA I 22 15.19 -50.12 -18.83
N ALA I 23 14.22 -50.47 -17.99
CA ALA I 23 14.34 -51.60 -17.08
C ALA I 23 13.15 -52.52 -17.23
N SER I 24 13.41 -53.82 -17.07
CA SER I 24 12.39 -54.86 -17.08
C SER I 24 12.67 -55.83 -15.93
N GLU I 25 11.57 -56.39 -15.40
CA GLU I 25 11.54 -57.27 -14.23
C GLU I 25 11.72 -56.48 -12.94
N ILE I 26 12.05 -55.19 -13.05
CA ILE I 26 12.04 -54.27 -11.93
C ILE I 26 11.48 -52.94 -12.42
N THR I 27 11.08 -52.10 -11.47
CA THR I 27 10.65 -50.74 -11.75
C THR I 27 11.71 -49.77 -11.24
N VAL I 28 11.98 -48.73 -12.03
CA VAL I 28 13.03 -47.79 -11.70
C VAL I 28 12.70 -47.01 -10.43
N SER I 29 11.41 -46.71 -10.21
CA SER I 29 10.99 -45.94 -9.05
C SER I 29 11.18 -46.67 -7.73
N SER I 30 11.49 -47.97 -7.75
CA SER I 30 11.63 -48.75 -6.53
C SER I 30 13.09 -49.02 -6.16
N ASN I 31 14.04 -48.36 -6.82
CA ASN I 31 15.45 -48.50 -6.48
C ASN I 31 16.17 -47.17 -6.69
N TYR I 32 17.24 -46.97 -5.95
CA TYR I 32 18.13 -45.84 -6.19
C TYR I 32 18.84 -46.08 -7.53
N MET I 33 18.48 -45.28 -8.54
CA MET I 33 18.90 -45.51 -9.91
C MET I 33 20.03 -44.54 -10.22
N ASN I 34 21.19 -45.08 -10.58
CA ASN I 34 22.42 -44.32 -10.70
C ASN I 34 22.88 -44.26 -12.15
N TRP I 35 23.36 -43.10 -12.57
CA TRP I 35 24.09 -42.93 -13.81
C TRP I 35 25.57 -42.78 -13.45
N VAL I 36 26.41 -43.66 -14.00
CA VAL I 36 27.85 -43.61 -13.81
C VAL I 36 28.49 -43.66 -15.18
N ARG I 37 29.29 -42.64 -15.51
CA ARG I 37 30.01 -42.65 -16.78
C ARG I 37 31.44 -43.13 -16.54
N GLN I 38 32.03 -43.72 -17.58
CA GLN I 38 33.36 -44.29 -17.50
C GLN I 38 34.22 -43.69 -18.60
N ALA I 39 35.35 -43.10 -18.23
CA ALA I 39 36.27 -42.57 -19.21
C ALA I 39 36.81 -43.69 -20.10
N PRO I 40 37.02 -43.43 -21.39
CA PRO I 40 37.48 -44.48 -22.31
C PRO I 40 38.82 -45.09 -21.89
N GLY I 41 38.79 -46.36 -21.52
CA GLY I 41 39.97 -47.06 -21.05
C GLY I 41 40.35 -46.81 -19.62
N LYS I 42 39.58 -46.00 -18.88
CA LYS I 42 39.91 -45.62 -17.53
C LYS I 42 38.79 -46.04 -16.57
N GLY I 43 38.90 -45.59 -15.32
CA GLY I 43 37.98 -46.01 -14.29
C GLY I 43 36.63 -45.33 -14.37
N LEU I 44 35.77 -45.71 -13.42
CA LEU I 44 34.41 -45.19 -13.36
C LEU I 44 34.37 -43.87 -12.61
N GLU I 45 33.54 -42.94 -13.10
CA GLU I 45 33.29 -41.68 -12.42
C GLU I 45 31.79 -41.50 -12.25
N TRP I 46 31.35 -41.28 -11.02
CA TRP I 46 29.93 -41.14 -10.74
C TRP I 46 29.35 -39.87 -11.38
N VAL I 47 28.09 -39.96 -11.79
CA VAL I 47 27.42 -38.84 -12.43
C VAL I 47 26.24 -38.38 -11.61
N SER I 48 25.24 -39.25 -11.44
CA SER I 48 23.98 -38.79 -10.86
C SER I 48 23.18 -39.99 -10.35
N VAL I 49 22.05 -39.67 -9.71
CA VAL I 49 21.17 -40.68 -9.12
C VAL I 49 19.79 -40.06 -8.90
N VAL I 50 18.77 -40.89 -9.04
CA VAL I 50 17.41 -40.57 -8.62
C VAL I 50 16.99 -41.57 -7.56
N TYR I 51 16.51 -41.04 -6.42
CA TYR I 51 16.06 -41.87 -5.32
C TYR I 51 14.71 -42.50 -5.64
N PRO I 52 14.36 -43.60 -4.98
CA PRO I 52 12.98 -44.07 -5.04
C PRO I 52 11.98 -43.03 -4.53
N GLY I 53 12.40 -42.14 -3.64
CA GLY I 53 11.55 -41.07 -3.17
C GLY I 53 11.48 -39.85 -4.07
N GLY I 54 12.14 -39.91 -5.23
CA GLY I 54 12.16 -38.82 -6.16
C GLY I 54 13.35 -37.89 -6.01
N SER I 55 14.10 -38.01 -4.92
CA SER I 55 15.25 -37.14 -4.71
C SER I 55 16.31 -37.37 -5.78
N THR I 56 16.84 -36.29 -6.32
CA THR I 56 17.80 -36.34 -7.42
C THR I 56 19.11 -35.71 -6.98
N PHE I 57 20.19 -36.48 -7.04
CA PHE I 57 21.52 -36.01 -6.65
C PHE I 57 22.47 -36.16 -7.83
N TYR I 58 23.51 -35.33 -7.84
CA TYR I 58 24.40 -35.23 -8.99
C TYR I 58 25.84 -35.15 -8.52
N THR I 59 26.75 -35.23 -9.48
CA THR I 59 28.15 -34.97 -9.20
C THR I 59 28.44 -33.47 -9.37
N ASP I 60 29.64 -33.07 -8.97
CA ASP I 60 29.99 -31.66 -9.01
C ASP I 60 30.14 -31.14 -10.43
N SER I 61 30.65 -31.96 -11.34
CA SER I 61 30.94 -31.50 -12.69
C SER I 61 29.66 -31.20 -13.48
N VAL I 62 28.62 -32.01 -13.29
CA VAL I 62 27.43 -31.92 -14.14
C VAL I 62 26.44 -30.89 -13.60
N LYS I 63 26.86 -30.13 -12.59
CA LYS I 63 25.94 -29.21 -11.93
C LYS I 63 25.45 -28.14 -12.89
N GLY I 64 24.14 -27.94 -12.93
CA GLY I 64 23.52 -26.94 -13.76
C GLY I 64 23.43 -27.30 -15.23
N ARG I 65 23.87 -28.49 -15.62
CA ARG I 65 23.87 -28.88 -17.03
C ARG I 65 23.39 -30.30 -17.28
N PHE I 66 23.26 -31.14 -16.26
CA PHE I 66 22.74 -32.50 -16.43
C PHE I 66 21.51 -32.66 -15.55
N THR I 67 20.38 -32.99 -16.16
CA THR I 67 19.17 -33.31 -15.44
C THR I 67 18.86 -34.79 -15.59
N ILE I 68 18.30 -35.38 -14.54
CA ILE I 68 17.92 -36.79 -14.52
C ILE I 68 16.50 -36.89 -14.00
N SER I 69 15.67 -37.67 -14.69
CA SER I 69 14.27 -37.77 -14.31
C SER I 69 13.78 -39.18 -14.60
N ARG I 70 12.64 -39.53 -14.01
CA ARG I 70 12.01 -40.82 -14.23
C ARG I 70 10.65 -40.61 -14.88
N ASP I 71 10.19 -41.64 -15.57
CA ASP I 71 8.86 -41.65 -16.18
C ASP I 71 8.21 -42.98 -15.87
N ASN I 72 7.27 -42.97 -14.91
CA ASN I 72 6.59 -44.19 -14.48
C ASN I 72 5.55 -44.65 -15.49
N SER I 73 5.10 -43.77 -16.39
CA SER I 73 4.27 -44.22 -17.50
C SER I 73 5.02 -45.20 -18.39
N LYS I 74 6.32 -44.95 -18.62
CA LYS I 74 7.18 -45.89 -19.30
C LYS I 74 8.09 -46.66 -18.35
N ASN I 75 8.08 -46.33 -17.07
CA ASN I 75 8.88 -47.02 -16.04
C ASN I 75 10.37 -46.99 -16.39
N THR I 76 10.84 -45.81 -16.80
CA THR I 76 12.19 -45.67 -17.32
C THR I 76 12.85 -44.43 -16.73
N LEU I 77 14.13 -44.26 -17.04
CA LEU I 77 14.92 -43.11 -16.62
C LEU I 77 15.39 -42.34 -17.85
N TYR I 78 15.52 -41.04 -17.71
CA TYR I 78 15.95 -40.19 -18.82
C TYR I 78 16.94 -39.16 -18.31
N LEU I 79 18.09 -39.09 -18.97
CA LEU I 79 19.18 -38.20 -18.61
C LEU I 79 19.37 -37.18 -19.73
N GLN I 80 19.04 -35.93 -19.45
CA GLN I 80 19.23 -34.84 -20.41
C GLN I 80 20.51 -34.09 -20.08
N MET I 81 21.31 -33.81 -21.10
CA MET I 81 22.64 -33.24 -20.93
C MET I 81 22.73 -31.95 -21.72
N ASN I 82 23.22 -30.89 -21.08
CA ASN I 82 23.29 -29.57 -21.69
C ASN I 82 24.75 -29.11 -21.73
N SER I 83 25.12 -28.45 -22.83
CA SER I 83 26.44 -27.83 -22.98
C SER I 83 27.55 -28.86 -22.81
N LEU I 84 27.60 -29.80 -23.73
CA LEU I 84 28.51 -30.93 -23.63
C LEU I 84 29.91 -30.58 -24.11
N ARG I 85 30.90 -31.31 -23.60
CA ARG I 85 32.30 -31.11 -23.93
C ARG I 85 32.97 -32.47 -24.05
N ALA I 86 34.21 -32.45 -24.54
CA ALA I 86 34.97 -33.70 -24.72
C ALA I 86 35.16 -34.46 -23.41
N GLU I 87 35.13 -33.77 -22.26
CA GLU I 87 35.18 -34.48 -20.99
C GLU I 87 34.01 -35.42 -20.80
N ASP I 88 32.89 -35.18 -21.50
CA ASP I 88 31.72 -36.03 -21.41
C ASP I 88 31.83 -37.27 -22.28
N THR I 89 32.90 -37.40 -23.06
CA THR I 89 33.11 -38.60 -23.86
C THR I 89 33.38 -39.77 -22.92
N ALA I 90 32.37 -40.60 -22.71
CA ALA I 90 32.43 -41.66 -21.72
C ALA I 90 31.36 -42.69 -22.04
N VAL I 91 31.49 -43.86 -21.44
CA VAL I 91 30.49 -44.91 -21.56
C VAL I 91 29.56 -44.79 -20.36
N TYR I 92 28.30 -44.46 -20.62
CA TYR I 92 27.31 -44.25 -19.57
C TYR I 92 26.69 -45.58 -19.16
N TYR I 93 26.53 -45.79 -17.86
CA TYR I 93 26.00 -47.02 -17.30
C TYR I 93 24.90 -46.69 -16.32
N CYS I 94 23.78 -47.41 -16.41
CA CYS I 94 22.63 -47.22 -15.54
C CYS I 94 22.58 -48.41 -14.58
N ALA I 95 22.83 -48.13 -13.31
CA ALA I 95 23.04 -49.18 -12.32
C ALA I 95 22.10 -48.98 -11.14
N ARG I 96 21.99 -50.03 -10.33
CA ARG I 96 21.02 -50.10 -9.23
C ARG I 96 21.78 -50.09 -7.91
N GLU I 97 21.30 -49.33 -6.94
CA GLU I 97 21.99 -49.19 -5.67
C GLU I 97 21.30 -50.03 -4.59
N SER I 98 22.11 -50.58 -3.70
CA SER I 98 21.64 -51.41 -2.57
C SER I 98 20.84 -52.61 -3.07
N GLY I 99 21.34 -53.24 -4.13
CA GLY I 99 20.70 -54.42 -4.70
C GLY I 99 21.36 -55.71 -4.25
N GLY I 100 21.16 -56.77 -5.01
CA GLY I 100 21.75 -58.05 -4.67
C GLY I 100 20.99 -58.77 -3.57
N PHE I 101 20.98 -60.10 -3.63
CA PHE I 101 20.28 -60.88 -2.61
C PHE I 101 20.80 -60.63 -1.20
N PRO I 102 22.11 -60.57 -0.92
CA PRO I 102 22.56 -60.33 0.47
C PRO I 102 22.14 -58.99 1.04
N LEU I 103 21.55 -58.10 0.23
CA LEU I 103 21.02 -56.81 0.69
C LEU I 103 22.13 -55.98 1.34
N ALA I 104 23.08 -55.58 0.50
CA ALA I 104 24.17 -54.70 0.90
C ALA I 104 23.99 -53.35 0.22
N GLU I 105 23.96 -52.28 1.02
CA GLU I 105 23.71 -50.95 0.48
C GLU I 105 24.90 -50.45 -0.33
N GLY I 106 24.63 -49.50 -1.23
CA GLY I 106 25.68 -48.87 -1.99
C GLY I 106 26.38 -49.76 -2.99
N ALA I 107 25.77 -50.87 -3.39
CA ALA I 107 26.35 -51.80 -4.36
C ALA I 107 25.66 -51.64 -5.70
N PHE I 108 26.44 -51.69 -6.77
CA PHE I 108 25.90 -51.70 -8.13
C PHE I 108 25.92 -53.14 -8.63
N ASP I 109 24.96 -53.94 -8.15
CA ASP I 109 24.93 -55.34 -8.54
C ASP I 109 24.50 -55.51 -9.99
N ILE I 110 23.46 -54.77 -10.39
CA ILE I 110 22.90 -54.88 -11.73
C ILE I 110 23.22 -53.59 -12.48
N TRP I 111 23.81 -53.74 -13.65
CA TRP I 111 24.27 -52.64 -14.49
C TRP I 111 23.52 -52.66 -15.82
N GLY I 112 23.92 -51.75 -16.70
CA GLY I 112 23.54 -51.79 -18.09
C GLY I 112 24.77 -51.94 -18.97
N GLN I 113 24.53 -52.11 -20.26
CA GLN I 113 25.64 -52.25 -21.20
C GLN I 113 26.44 -50.96 -21.35
N GLY I 114 25.85 -49.82 -21.00
CA GLY I 114 26.52 -48.54 -21.19
C GLY I 114 26.57 -48.13 -22.64
N THR I 115 26.48 -46.84 -22.89
CA THR I 115 26.48 -46.31 -24.25
C THR I 115 27.58 -45.27 -24.39
N MET I 116 28.26 -45.28 -25.53
CA MET I 116 29.31 -44.30 -25.78
C MET I 116 28.70 -42.93 -26.03
N VAL I 117 29.29 -41.91 -25.43
CA VAL I 117 28.97 -40.52 -25.72
C VAL I 117 30.29 -39.82 -26.02
N THR I 118 30.52 -39.49 -27.29
CA THR I 118 31.68 -38.73 -27.71
C THR I 118 31.24 -37.33 -28.07
N VAL I 119 31.93 -36.33 -27.53
CA VAL I 119 31.62 -34.94 -27.79
C VAL I 119 32.83 -34.30 -28.45
N SER I 120 32.64 -33.79 -29.67
CA SER I 120 33.73 -33.19 -30.44
C SER I 120 33.12 -32.40 -31.58
N SER I 121 33.98 -31.62 -32.25
CA SER I 121 33.62 -30.86 -33.44
C SER I 121 34.39 -31.37 -34.66
N ALA I 122 34.46 -32.70 -34.80
CA ALA I 122 35.21 -33.29 -35.89
C ALA I 122 34.55 -33.07 -37.25
N SER I 123 33.22 -33.00 -37.32
CA SER I 123 32.50 -32.86 -38.58
C SER I 123 32.83 -34.03 -39.52
N THR I 124 32.37 -35.21 -39.09
CA THR I 124 32.75 -36.51 -39.65
C THR I 124 32.99 -36.48 -41.16
N LYS I 125 34.12 -37.05 -41.58
CA LYS I 125 34.47 -37.20 -42.98
C LYS I 125 35.02 -38.61 -43.18
N GLY I 126 35.61 -38.86 -44.35
CA GLY I 126 36.14 -40.16 -44.68
C GLY I 126 37.56 -40.39 -44.16
N PRO I 127 37.87 -41.63 -43.83
CA PRO I 127 39.22 -42.00 -43.38
C PRO I 127 40.29 -41.82 -44.45
N SER I 128 41.53 -42.11 -44.05
CA SER I 128 42.68 -42.15 -44.93
C SER I 128 43.47 -43.44 -44.65
N VAL I 129 43.97 -44.07 -45.70
CA VAL I 129 44.63 -45.38 -45.61
C VAL I 129 46.01 -45.27 -46.24
N PHE I 130 47.02 -45.83 -45.56
CA PHE I 130 48.38 -45.87 -46.08
C PHE I 130 48.95 -47.26 -45.89
N PRO I 131 49.36 -47.94 -46.95
CA PRO I 131 49.98 -49.26 -46.79
C PRO I 131 51.43 -49.14 -46.35
N LEU I 132 51.93 -50.23 -45.77
CA LEU I 132 53.33 -50.33 -45.33
C LEU I 132 53.84 -51.72 -45.66
N ALA I 133 54.94 -51.78 -46.39
CA ALA I 133 55.54 -52.98 -46.95
C ALA I 133 56.74 -53.43 -46.14
N PRO I 134 57.11 -54.71 -46.22
CA PRO I 134 58.31 -55.18 -45.53
C PRO I 134 59.57 -54.58 -46.12
N SER I 135 60.61 -54.50 -45.28
CA SER I 135 61.90 -53.98 -45.72
C SER I 135 62.63 -55.01 -46.57
N SER I 136 63.64 -54.54 -47.28
CA SER I 136 64.46 -55.43 -48.10
C SER I 136 65.22 -56.39 -47.20
N LYS I 137 64.96 -57.67 -47.34
CA LYS I 137 65.60 -58.70 -46.53
C LYS I 137 65.43 -60.04 -47.22
N SER I 138 66.45 -60.90 -47.07
CA SER I 138 66.43 -62.19 -47.75
C SER I 138 65.57 -63.20 -46.98
N THR I 139 65.98 -63.54 -45.76
CA THR I 139 65.25 -64.49 -44.93
C THR I 139 64.80 -63.90 -43.61
N SER I 140 65.69 -63.18 -42.91
CA SER I 140 65.40 -62.63 -41.59
C SER I 140 64.90 -63.72 -40.63
N GLY I 141 65.44 -64.93 -40.80
CA GLY I 141 64.94 -66.05 -40.04
C GLY I 141 63.56 -66.53 -40.46
N GLY I 142 63.14 -66.18 -41.67
CA GLY I 142 61.79 -66.50 -42.11
C GLY I 142 60.69 -65.77 -41.38
N THR I 143 60.87 -64.47 -41.15
CA THR I 143 59.88 -63.66 -40.43
C THR I 143 59.83 -62.28 -41.07
N ALA I 144 58.71 -61.96 -41.73
CA ALA I 144 58.49 -60.66 -42.33
C ALA I 144 57.17 -60.10 -41.84
N ALA I 145 57.00 -58.79 -41.99
CA ALA I 145 55.76 -58.13 -41.57
C ALA I 145 55.34 -57.10 -42.60
N LEU I 146 54.03 -56.84 -42.65
CA LEU I 146 53.49 -55.79 -43.49
C LEU I 146 52.18 -55.32 -42.85
N GLY I 147 51.54 -54.33 -43.46
CA GLY I 147 50.24 -53.92 -42.92
C GLY I 147 49.76 -52.60 -43.48
N CYS I 148 48.83 -52.00 -42.74
CA CYS I 148 48.23 -50.72 -43.10
C CYS I 148 48.16 -49.81 -41.89
N LEU I 149 48.05 -48.52 -42.17
CA LEU I 149 47.84 -47.49 -41.16
C LEU I 149 46.61 -46.68 -41.57
N VAL I 150 45.58 -46.71 -40.73
CA VAL I 150 44.35 -45.96 -40.95
C VAL I 150 44.48 -44.66 -40.16
N LYS I 151 44.67 -43.56 -40.87
CA LYS I 151 44.88 -42.25 -40.27
C LYS I 151 43.76 -41.31 -40.70
N ASP I 152 43.40 -40.39 -39.80
CA ASP I 152 42.39 -39.37 -40.08
C ASP I 152 41.02 -40.02 -40.36
N TYR I 153 40.54 -40.76 -39.36
CA TYR I 153 39.21 -41.35 -39.42
C TYR I 153 38.47 -41.06 -38.12
N PHE I 154 37.15 -40.89 -38.24
CA PHE I 154 36.28 -40.59 -37.11
C PHE I 154 34.83 -40.68 -37.57
N PRO I 155 33.90 -41.16 -36.72
CA PRO I 155 34.20 -41.74 -35.41
C PRO I 155 34.31 -43.26 -35.48
N GLU I 156 34.42 -43.90 -34.32
CA GLU I 156 34.44 -45.34 -34.27
C GLU I 156 33.09 -45.90 -34.74
N PRO I 157 33.06 -47.12 -35.28
CA PRO I 157 34.19 -48.03 -35.49
C PRO I 157 34.62 -48.18 -36.95
N VAL I 158 35.76 -48.85 -37.16
CA VAL I 158 36.29 -49.12 -38.48
C VAL I 158 36.85 -50.54 -38.47
N THR I 159 36.58 -51.30 -39.53
CA THR I 159 37.00 -52.70 -39.61
C THR I 159 38.11 -52.85 -40.64
N VAL I 160 39.20 -53.50 -40.25
CA VAL I 160 40.33 -53.77 -41.12
C VAL I 160 40.47 -55.27 -41.29
N SER I 161 40.65 -55.71 -42.53
CA SER I 161 40.69 -57.13 -42.85
C SER I 161 41.78 -57.39 -43.88
N TRP I 162 42.23 -58.64 -43.92
CA TRP I 162 43.28 -59.07 -44.83
C TRP I 162 42.83 -60.33 -45.57
N ASN I 163 42.94 -60.28 -46.90
CA ASN I 163 42.46 -61.35 -47.79
C ASN I 163 40.96 -61.60 -47.60
N SER I 164 40.23 -60.55 -47.23
CA SER I 164 38.78 -60.63 -47.00
C SER I 164 38.43 -61.72 -46.00
N GLY I 165 39.19 -61.79 -44.91
CA GLY I 165 38.98 -62.80 -43.89
C GLY I 165 39.76 -64.08 -44.07
N ALA I 166 40.52 -64.21 -45.15
CA ALA I 166 41.29 -65.41 -45.41
C ALA I 166 42.72 -65.36 -44.85
N LEU I 167 43.11 -64.24 -44.24
CA LEU I 167 44.44 -64.10 -43.64
C LEU I 167 44.24 -63.73 -42.17
N THR I 168 44.09 -64.78 -41.34
CA THR I 168 43.86 -64.59 -39.91
C THR I 168 45.04 -65.07 -39.08
N SER I 169 46.20 -65.29 -39.69
CA SER I 169 47.38 -65.76 -38.98
C SER I 169 48.33 -64.60 -38.75
N GLY I 170 48.72 -64.39 -37.48
CA GLY I 170 49.65 -63.34 -37.14
C GLY I 170 49.11 -61.93 -37.29
N VAL I 171 47.79 -61.77 -37.39
CA VAL I 171 47.20 -60.45 -37.56
C VAL I 171 47.06 -59.77 -36.21
N HIS I 172 47.59 -58.56 -36.10
CA HIS I 172 47.45 -57.75 -34.89
C HIS I 172 46.95 -56.37 -35.28
N THR I 173 45.79 -56.00 -34.76
CA THR I 173 45.18 -54.69 -34.99
C THR I 173 45.39 -53.83 -33.75
N PHE I 174 45.87 -52.61 -33.96
CA PHE I 174 46.24 -51.86 -32.77
C PHE I 174 45.19 -50.82 -32.42
N PRO I 175 45.08 -50.46 -31.14
CA PRO I 175 44.14 -49.41 -30.75
C PRO I 175 44.51 -48.07 -31.38
N ALA I 176 43.48 -47.29 -31.69
CA ALA I 176 43.68 -45.96 -32.21
C ALA I 176 43.90 -44.97 -31.07
N VAL I 177 44.54 -43.85 -31.39
CA VAL I 177 44.85 -42.80 -30.43
C VAL I 177 44.19 -41.50 -30.89
N LEU I 178 43.67 -40.74 -29.93
CA LEU I 178 43.11 -39.42 -30.21
C LEU I 178 44.25 -38.41 -30.20
N GLN I 179 44.66 -37.99 -31.39
CA GLN I 179 45.77 -37.06 -31.53
C GLN I 179 45.34 -35.66 -31.12
N SER I 180 46.23 -34.68 -31.31
CA SER I 180 45.87 -33.29 -31.07
C SER I 180 44.91 -32.76 -32.12
N SER I 181 44.92 -33.33 -33.32
CA SER I 181 44.04 -32.91 -34.41
C SER I 181 42.68 -33.57 -34.35
N GLY I 182 42.45 -34.48 -33.40
CA GLY I 182 41.15 -35.08 -33.22
C GLY I 182 40.82 -36.21 -34.17
N LEU I 183 41.77 -36.61 -35.02
CA LEU I 183 41.53 -37.64 -36.01
C LEU I 183 42.32 -38.89 -35.65
N TYR I 184 41.63 -40.02 -35.56
CA TYR I 184 42.23 -41.24 -35.03
C TYR I 184 43.21 -41.86 -36.01
N SER I 185 44.19 -42.57 -35.45
CA SER I 185 45.19 -43.28 -36.24
C SER I 185 45.43 -44.64 -35.61
N LEU I 186 45.33 -45.70 -36.41
CA LEU I 186 45.55 -47.06 -35.94
C LEU I 186 46.44 -47.80 -36.93
N SER I 187 47.12 -48.82 -36.42
CA SER I 187 47.99 -49.66 -37.23
C SER I 187 47.45 -51.08 -37.19
N SER I 188 47.32 -51.71 -38.35
CA SER I 188 46.89 -53.10 -38.47
C SER I 188 47.94 -53.85 -39.27
N VAL I 189 48.68 -54.74 -38.61
CA VAL I 189 49.78 -55.44 -39.27
C VAL I 189 49.50 -56.93 -39.29
N VAL I 190 50.17 -57.60 -40.21
CA VAL I 190 50.17 -59.06 -40.31
C VAL I 190 51.60 -59.52 -40.55
N THR I 191 51.99 -60.56 -39.83
CA THR I 191 53.30 -61.18 -39.94
C THR I 191 53.18 -62.39 -40.86
N VAL I 192 54.00 -62.41 -41.90
CA VAL I 192 53.98 -63.49 -42.89
C VAL I 192 55.40 -63.97 -43.13
N PRO I 193 55.60 -65.24 -43.49
CA PRO I 193 56.96 -65.71 -43.76
C PRO I 193 57.55 -65.07 -45.00
N SER I 194 58.88 -64.98 -45.03
CA SER I 194 59.56 -64.38 -46.16
C SER I 194 59.33 -65.18 -47.43
N SER I 195 59.22 -66.51 -47.31
CA SER I 195 58.99 -67.35 -48.48
C SER I 195 57.64 -67.05 -49.12
N SER I 196 56.61 -66.85 -48.31
CA SER I 196 55.26 -66.59 -48.80
C SER I 196 55.02 -65.11 -49.09
N LEU I 197 56.07 -64.29 -49.06
CA LEU I 197 55.89 -62.85 -49.17
C LEU I 197 55.52 -62.40 -50.57
N GLY I 198 56.15 -62.98 -51.59
CA GLY I 198 56.01 -62.48 -52.94
C GLY I 198 54.82 -63.01 -53.73
N THR I 199 54.71 -64.33 -53.85
CA THR I 199 53.72 -64.92 -54.74
C THR I 199 52.30 -64.91 -54.20
N GLN I 200 52.11 -64.60 -52.91
CA GLN I 200 50.79 -64.47 -52.32
C GLN I 200 50.48 -62.99 -52.10
N THR I 201 49.38 -62.53 -52.68
CA THR I 201 48.99 -61.14 -52.58
C THR I 201 47.95 -60.96 -51.47
N TYR I 202 48.20 -60.03 -50.56
CA TYR I 202 47.34 -59.80 -49.41
C TYR I 202 46.66 -58.44 -49.57
N ILE I 203 45.33 -58.46 -49.63
CA ILE I 203 44.55 -57.24 -49.85
C ILE I 203 44.17 -56.63 -48.51
N CYS I 204 44.40 -55.33 -48.38
CA CYS I 204 44.07 -54.59 -47.17
C CYS I 204 42.70 -53.95 -47.36
N ASN I 205 41.72 -54.40 -46.60
CA ASN I 205 40.36 -53.88 -46.70
C ASN I 205 40.06 -53.04 -45.47
N VAL I 206 39.66 -51.78 -45.69
CA VAL I 206 39.26 -50.87 -44.64
C VAL I 206 37.82 -50.47 -44.89
N ASN I 207 36.95 -50.67 -43.89
CA ASN I 207 35.54 -50.32 -43.98
C ASN I 207 35.19 -49.37 -42.84
N HIS I 208 34.67 -48.19 -43.21
CA HIS I 208 34.23 -47.18 -42.26
C HIS I 208 32.74 -46.94 -42.50
N LYS I 209 31.90 -47.67 -41.76
CA LYS I 209 30.45 -47.49 -41.90
C LYS I 209 29.96 -46.08 -41.60
N PRO I 210 30.44 -45.38 -40.55
CA PRO I 210 29.95 -44.00 -40.33
C PRO I 210 30.16 -43.08 -41.52
N SER I 211 31.22 -43.28 -42.30
CA SER I 211 31.41 -42.56 -43.55
C SER I 211 31.23 -43.45 -44.77
N ASN I 212 30.99 -44.75 -44.57
CA ASN I 212 30.81 -45.71 -45.66
C ASN I 212 31.99 -45.70 -46.62
N THR I 213 33.19 -45.54 -46.08
CA THR I 213 34.41 -45.49 -46.89
C THR I 213 35.00 -46.90 -46.95
N LYS I 214 35.07 -47.46 -48.15
CA LYS I 214 35.62 -48.78 -48.39
C LYS I 214 36.89 -48.62 -49.23
N VAL I 215 38.02 -48.88 -48.60
CA VAL I 215 39.33 -48.70 -49.24
C VAL I 215 40.00 -50.06 -49.33
N ASP I 216 40.35 -50.47 -50.54
CA ASP I 216 41.08 -51.70 -50.78
C ASP I 216 42.45 -51.35 -51.34
N LYS I 217 43.50 -51.84 -50.68
CA LYS I 217 44.87 -51.53 -51.04
C LYS I 217 45.67 -52.81 -51.22
N ARG I 218 46.74 -52.71 -52.01
CA ARG I 218 47.68 -53.79 -52.22
C ARG I 218 48.98 -53.49 -51.48
N VAL I 219 49.51 -54.50 -50.79
CA VAL I 219 50.80 -54.40 -50.12
C VAL I 219 51.80 -55.27 -50.87
N GLU I 220 52.81 -54.63 -51.43
CA GLU I 220 53.85 -55.32 -52.20
C GLU I 220 55.21 -54.85 -51.72
N PRO I 221 56.17 -55.75 -51.51
CA PRO I 221 57.50 -55.32 -51.05
C PRO I 221 58.15 -54.36 -52.04
N LYS I 222 58.69 -53.28 -51.52
CA LYS I 222 59.35 -52.26 -52.32
C LYS I 222 60.86 -52.42 -52.15
N SER I 223 61.55 -52.62 -53.26
CA SER I 223 62.99 -52.83 -53.21
C SER I 223 63.71 -51.54 -52.84
N CYS I 224 64.72 -51.66 -51.99
CA CYS I 224 65.53 -50.53 -51.56
C CYS I 224 66.67 -50.27 -52.55
N ASP J 1 36.30 -36.20 -1.03
CA ASP J 1 37.72 -35.87 -0.98
C ASP J 1 38.54 -37.08 -0.54
N ILE J 2 38.05 -38.27 -0.88
CA ILE J 2 38.73 -39.51 -0.54
C ILE J 2 39.30 -40.11 -1.81
N GLN J 3 40.63 -40.22 -1.86
CA GLN J 3 41.32 -40.93 -2.93
C GLN J 3 41.74 -42.29 -2.42
N MET J 4 41.63 -43.30 -3.28
CA MET J 4 41.93 -44.67 -2.88
C MET J 4 42.89 -45.31 -3.87
N THR J 5 43.93 -45.94 -3.33
CA THR J 5 45.03 -46.47 -4.11
C THR J 5 45.03 -47.99 -4.03
N GLN J 6 45.18 -48.65 -5.18
CA GLN J 6 45.12 -50.10 -5.28
C GLN J 6 46.50 -50.67 -5.61
N SER J 7 46.69 -51.94 -5.27
CA SER J 7 47.93 -52.65 -5.57
C SER J 7 47.63 -54.13 -5.79
N PRO J 8 48.27 -54.76 -6.78
CA PRO J 8 49.16 -54.07 -7.71
C PRO J 8 48.38 -53.43 -8.87
N SER J 9 48.99 -52.45 -9.55
CA SER J 9 48.33 -51.86 -10.71
C SER J 9 48.12 -52.90 -11.80
N SER J 10 49.13 -53.75 -12.03
CA SER J 10 49.03 -54.87 -12.94
C SER J 10 49.56 -56.11 -12.24
N LEU J 11 48.72 -57.15 -12.14
CA LEU J 11 49.07 -58.39 -11.48
C LEU J 11 49.30 -59.47 -12.53
N SER J 12 50.47 -60.10 -12.49
CA SER J 12 50.81 -61.19 -13.39
C SER J 12 50.87 -62.47 -12.58
N ALA J 13 50.01 -63.44 -12.92
CA ALA J 13 49.91 -64.68 -12.18
C ALA J 13 49.21 -65.72 -13.03
N SER J 14 49.51 -66.98 -12.78
CA SER J 14 48.96 -68.07 -13.58
C SER J 14 47.73 -68.66 -12.90
N VAL J 15 47.05 -69.53 -13.64
CA VAL J 15 45.82 -70.14 -13.15
C VAL J 15 46.12 -71.04 -11.97
N GLY J 16 45.18 -71.07 -11.01
CA GLY J 16 45.34 -71.87 -9.82
C GLY J 16 46.27 -71.31 -8.78
N ASP J 17 46.79 -70.10 -8.99
CA ASP J 17 47.71 -69.46 -8.06
C ASP J 17 46.92 -68.56 -7.12
N ARG J 18 47.13 -68.73 -5.81
CA ARG J 18 46.42 -67.93 -4.82
C ARG J 18 46.97 -66.51 -4.85
N VAL J 19 46.18 -65.59 -5.41
CA VAL J 19 46.60 -64.21 -5.59
C VAL J 19 45.83 -63.31 -4.65
N SER J 20 46.35 -62.11 -4.45
CA SER J 20 45.71 -61.12 -3.60
C SER J 20 45.81 -59.74 -4.23
N ILE J 21 44.80 -58.91 -3.96
CA ILE J 21 44.78 -57.51 -4.36
C ILE J 21 44.42 -56.68 -3.13
N THR J 22 45.24 -55.70 -2.81
CA THR J 22 45.05 -54.87 -1.63
C THR J 22 44.81 -53.44 -2.07
N CYS J 23 43.68 -52.86 -1.65
CA CYS J 23 43.38 -51.46 -1.95
C CYS J 23 43.02 -50.71 -0.68
N ARG J 24 43.52 -49.47 -0.57
CA ARG J 24 43.45 -48.70 0.65
C ARG J 24 42.89 -47.31 0.38
N ALA J 25 41.98 -46.87 1.24
CA ALA J 25 41.43 -45.53 1.17
C ALA J 25 42.31 -44.56 1.97
N SER J 26 42.17 -43.27 1.65
CA SER J 26 43.00 -42.26 2.31
C SER J 26 42.71 -42.20 3.81
N GLN J 27 41.44 -42.27 4.18
CA GLN J 27 41.03 -42.29 5.58
C GLN J 27 40.11 -43.49 5.81
N SER J 28 39.60 -43.61 7.04
CA SER J 28 38.67 -44.68 7.37
C SER J 28 37.35 -44.50 6.63
N ILE J 29 36.77 -45.61 6.18
CA ILE J 29 35.47 -45.60 5.52
C ILE J 29 34.57 -46.66 6.15
N SER J 30 34.91 -47.07 7.38
CA SER J 30 34.27 -48.22 8.05
C SER J 30 34.49 -49.43 7.14
N THR J 31 33.49 -50.28 6.91
CA THR J 31 33.64 -51.43 6.04
C THR J 31 32.71 -51.40 4.84
N HIS J 32 32.04 -50.28 4.60
CA HIS J 32 31.07 -50.18 3.51
C HIS J 32 31.84 -49.99 2.20
N LEU J 33 32.14 -51.11 1.56
CA LEU J 33 32.86 -51.10 0.29
C LEU J 33 32.46 -52.34 -0.50
N HIS J 34 32.44 -52.19 -1.82
CA HIS J 34 32.01 -53.26 -2.72
C HIS J 34 33.08 -53.50 -3.77
N TRP J 35 33.35 -54.77 -4.04
CA TRP J 35 34.36 -55.18 -5.00
C TRP J 35 33.68 -55.70 -6.25
N TYR J 36 34.09 -55.18 -7.41
CA TYR J 36 33.50 -55.49 -8.69
C TYR J 36 34.56 -56.06 -9.63
N GLN J 37 34.11 -56.89 -10.58
CA GLN J 37 34.95 -57.38 -11.66
C GLN J 37 34.44 -56.86 -12.99
N GLN J 38 35.36 -56.64 -13.92
CA GLN J 38 34.98 -56.11 -15.22
C GLN J 38 36.08 -56.44 -16.23
N LYS J 39 35.69 -57.03 -17.35
CA LYS J 39 36.52 -57.19 -18.53
C LYS J 39 36.38 -55.98 -19.44
N PRO J 40 37.41 -55.65 -20.22
CA PRO J 40 37.29 -54.52 -21.15
C PRO J 40 36.12 -54.71 -22.10
N GLY J 41 35.35 -53.65 -22.29
CA GLY J 41 34.16 -53.71 -23.11
C GLY J 41 32.97 -54.41 -22.48
N LYS J 42 32.99 -54.64 -21.16
CA LYS J 42 31.91 -55.32 -20.46
C LYS J 42 31.52 -54.55 -19.22
N ALA J 43 30.28 -54.75 -18.79
CA ALA J 43 29.77 -54.07 -17.60
C ALA J 43 30.42 -54.67 -16.36
N PRO J 44 30.71 -53.86 -15.34
CA PRO J 44 31.27 -54.40 -14.10
C PRO J 44 30.29 -55.33 -13.41
N LYS J 45 30.82 -56.35 -12.76
CA LYS J 45 30.03 -57.31 -12.00
C LYS J 45 30.44 -57.28 -10.54
N LEU J 46 29.46 -57.07 -9.67
CA LEU J 46 29.71 -57.00 -8.24
C LEU J 46 30.17 -58.36 -7.73
N LEU J 47 31.30 -58.39 -7.03
CA LEU J 47 31.86 -59.63 -6.49
C LEU J 47 31.69 -59.72 -4.99
N ILE J 48 32.19 -58.73 -4.25
CA ILE J 48 32.21 -58.74 -2.79
C ILE J 48 31.28 -57.64 -2.31
N SER J 49 30.29 -58.01 -1.51
CA SER J 49 29.30 -57.07 -1.00
C SER J 49 29.66 -56.64 0.42
N ALA J 50 29.66 -55.34 0.65
CA ALA J 50 29.92 -54.73 1.96
C ALA J 50 31.29 -55.08 2.51
N ALA J 51 32.19 -55.51 1.63
CA ALA J 51 33.58 -55.82 1.97
C ALA J 51 33.70 -56.95 2.99
N SER J 52 32.58 -57.62 3.29
CA SER J 52 32.62 -58.75 4.21
C SER J 52 31.79 -59.94 3.75
N THR J 53 30.87 -59.79 2.80
CA THR J 53 29.90 -60.82 2.47
C THR J 53 30.07 -61.23 1.01
N LEU J 54 30.13 -62.54 0.78
CA LEU J 54 30.12 -63.05 -0.58
C LEU J 54 28.75 -62.78 -1.22
N GLN J 55 28.78 -62.44 -2.51
CA GLN J 55 27.55 -62.13 -3.23
C GLN J 55 26.91 -63.40 -3.78
N SER J 56 25.59 -63.50 -3.66
CA SER J 56 24.87 -64.61 -4.24
C SER J 56 24.99 -64.54 -5.76
N GLY J 57 25.56 -65.58 -6.35
CA GLY J 57 25.98 -65.53 -7.74
C GLY J 57 27.45 -65.23 -7.95
N VAL J 58 28.27 -65.28 -6.90
CA VAL J 58 29.71 -65.08 -6.99
C VAL J 58 30.38 -66.30 -6.38
N PRO J 59 31.40 -66.86 -7.03
CA PRO J 59 32.04 -68.07 -6.50
C PRO J 59 32.76 -67.83 -5.19
N SER J 60 32.95 -68.92 -4.44
CA SER J 60 33.54 -68.87 -3.11
C SER J 60 35.04 -68.59 -3.12
N ARG J 61 35.69 -68.62 -4.28
CA ARG J 61 37.14 -68.39 -4.33
C ARG J 61 37.51 -66.98 -3.88
N PHE J 62 36.58 -66.03 -4.02
CA PHE J 62 36.85 -64.66 -3.64
C PHE J 62 36.64 -64.47 -2.14
N SER J 63 37.69 -64.05 -1.44
CA SER J 63 37.63 -63.86 0.01
C SER J 63 38.06 -62.44 0.34
N GLY J 64 37.20 -61.72 1.05
CA GLY J 64 37.47 -60.34 1.39
C GLY J 64 37.75 -60.12 2.86
N SER J 65 38.97 -59.71 3.19
CA SER J 65 39.37 -59.44 4.56
C SER J 65 39.90 -58.00 4.65
N GLY J 66 40.30 -57.60 5.85
CA GLY J 66 40.62 -56.22 6.12
C GLY J 66 39.39 -55.44 6.53
N SER J 67 39.62 -54.19 6.91
CA SER J 67 38.55 -53.33 7.39
C SER J 67 39.09 -51.92 7.56
N GLY J 68 38.21 -50.94 7.41
CA GLY J 68 38.60 -49.56 7.56
C GLY J 68 39.31 -48.99 6.35
N THR J 69 40.57 -48.64 6.53
CA THR J 69 41.35 -47.99 5.48
C THR J 69 42.05 -48.98 4.56
N ASP J 70 41.94 -50.28 4.83
CA ASP J 70 42.66 -51.29 4.06
C ASP J 70 41.74 -52.48 3.79
N PHE J 71 41.58 -52.83 2.52
CA PHE J 71 40.81 -53.99 2.10
C PHE J 71 41.69 -54.90 1.27
N THR J 72 41.52 -56.21 1.47
CA THR J 72 42.26 -57.22 0.72
C THR J 72 41.27 -58.24 0.15
N LEU J 73 41.48 -58.62 -1.10
CA LEU J 73 40.71 -59.67 -1.76
C LEU J 73 41.64 -60.75 -2.25
N THR J 74 41.33 -62.00 -1.90
CA THR J 74 42.18 -63.14 -2.22
C THR J 74 41.40 -64.14 -3.07
N ILE J 75 42.04 -64.63 -4.13
CA ILE J 75 41.46 -65.65 -5.01
C ILE J 75 42.36 -66.87 -4.95
N THR J 76 41.79 -68.02 -4.58
CA THR J 76 42.57 -69.24 -4.39
C THR J 76 42.81 -69.98 -5.70
N SER J 77 41.74 -70.34 -6.39
CA SER J 77 41.81 -71.02 -7.69
C SER J 77 41.21 -70.08 -8.73
N LEU J 78 42.04 -69.18 -9.25
CA LEU J 78 41.57 -68.18 -10.19
C LEU J 78 41.42 -68.80 -11.57
N GLN J 79 40.19 -68.84 -12.08
CA GLN J 79 39.93 -69.48 -13.37
C GLN J 79 40.54 -68.64 -14.50
N PRO J 80 40.86 -69.27 -15.64
CA PRO J 80 41.54 -68.54 -16.72
C PRO J 80 40.74 -67.40 -17.32
N GLU J 81 39.45 -67.27 -17.00
CA GLU J 81 38.62 -66.20 -17.53
C GLU J 81 38.39 -65.06 -16.53
N ASP J 82 39.01 -65.13 -15.36
CA ASP J 82 38.97 -64.02 -14.40
C ASP J 82 40.09 -63.01 -14.59
N PHE J 83 40.92 -63.17 -15.63
CA PHE J 83 42.03 -62.26 -15.86
C PHE J 83 41.49 -61.00 -16.52
N ALA J 84 41.04 -60.06 -15.70
CA ALA J 84 40.47 -58.80 -16.17
C ALA J 84 40.75 -57.74 -15.11
N THR J 85 40.03 -56.62 -15.19
CA THR J 85 40.19 -55.53 -14.24
C THR J 85 39.25 -55.69 -13.06
N TYR J 86 39.71 -55.25 -11.89
CA TYR J 86 38.97 -55.42 -10.65
C TYR J 86 38.98 -54.12 -9.87
N TYR J 87 37.80 -53.72 -9.38
CA TYR J 87 37.61 -52.43 -8.74
C TYR J 87 37.10 -52.62 -7.32
N CYS J 88 37.40 -51.66 -6.46
CA CYS J 88 36.86 -51.60 -5.11
C CYS J 88 36.39 -50.19 -4.85
N GLN J 89 35.11 -50.04 -4.50
CA GLN J 89 34.51 -48.72 -4.37
C GLN J 89 33.81 -48.57 -3.02
N GLN J 90 33.98 -47.40 -2.43
CA GLN J 90 33.46 -47.07 -1.11
C GLN J 90 32.05 -46.50 -1.17
N SER J 91 31.32 -46.64 -0.07
CA SER J 91 30.04 -45.95 0.12
C SER J 91 30.01 -45.14 1.39
N TYR J 92 31.19 -44.76 1.92
CA TYR J 92 31.24 -43.91 3.10
C TYR J 92 30.59 -42.55 2.83
N SER J 93 30.89 -41.97 1.67
CA SER J 93 30.28 -40.71 1.23
C SER J 93 29.22 -40.95 0.16
N THR J 94 28.41 -42.00 0.34
CA THR J 94 27.37 -42.39 -0.60
C THR J 94 26.37 -41.29 -0.99
N PRO J 95 26.15 -40.21 -0.18
CA PRO J 95 25.35 -39.10 -0.71
C PRO J 95 25.81 -38.58 -2.06
N ARG J 96 27.06 -38.08 -2.15
CA ARG J 96 27.55 -37.55 -3.41
C ARG J 96 29.01 -37.89 -3.70
N GLY J 97 29.64 -38.77 -2.91
CA GLY J 97 31.07 -38.99 -3.05
C GLY J 97 31.47 -40.35 -3.57
N LEU J 98 30.78 -40.84 -4.61
CA LEU J 98 31.05 -42.15 -5.18
C LEU J 98 32.30 -42.09 -6.05
N SER J 99 33.46 -42.22 -5.42
CA SER J 99 34.75 -42.12 -6.12
C SER J 99 35.42 -43.49 -6.13
N PHE J 100 35.76 -43.95 -7.33
CA PHE J 100 36.33 -45.28 -7.53
C PHE J 100 37.84 -45.23 -7.45
N GLY J 101 38.43 -46.37 -7.10
CA GLY J 101 39.87 -46.48 -7.06
C GLY J 101 40.46 -46.57 -8.46
N GLY J 102 41.80 -46.54 -8.51
CA GLY J 102 42.49 -46.56 -9.78
C GLY J 102 42.23 -47.82 -10.59
N GLY J 103 42.26 -48.97 -9.93
CA GLY J 103 41.97 -50.22 -10.61
C GLY J 103 43.05 -51.26 -10.44
N THR J 104 42.70 -52.52 -10.69
CA THR J 104 43.65 -53.63 -10.65
C THR J 104 43.44 -54.49 -11.88
N LYS J 105 44.40 -54.47 -12.80
CA LYS J 105 44.33 -55.25 -14.02
C LYS J 105 45.12 -56.55 -13.84
N VAL J 106 44.47 -57.68 -14.07
CA VAL J 106 45.06 -59.00 -13.84
C VAL J 106 45.28 -59.67 -15.19
N GLU J 107 46.51 -60.06 -15.47
CA GLU J 107 46.87 -60.78 -16.68
C GLU J 107 47.71 -62.00 -16.29
N ILE J 108 47.70 -63.00 -17.18
CA ILE J 108 48.45 -64.23 -16.91
C ILE J 108 49.95 -63.96 -17.03
N LYS J 109 50.73 -64.70 -16.24
CA LYS J 109 52.18 -64.67 -16.34
C LYS J 109 52.62 -65.82 -17.23
N ARG J 110 53.55 -65.54 -18.15
CA ARG J 110 54.01 -66.53 -19.10
C ARG J 110 55.51 -66.37 -19.28
N THR J 111 56.10 -67.32 -20.02
CA THR J 111 57.53 -67.26 -20.30
C THR J 111 57.83 -66.04 -21.15
N VAL J 112 58.93 -65.35 -20.82
CA VAL J 112 59.30 -64.14 -21.53
C VAL J 112 59.58 -64.44 -23.00
N ALA J 113 59.14 -63.55 -23.86
CA ALA J 113 59.29 -63.72 -25.31
C ALA J 113 60.13 -62.58 -25.86
N ALA J 114 61.10 -62.92 -26.72
CA ALA J 114 61.91 -61.92 -27.38
C ALA J 114 61.14 -61.27 -28.53
N PRO J 115 61.13 -59.94 -28.60
CA PRO J 115 60.40 -59.26 -29.68
C PRO J 115 61.02 -59.48 -31.05
N SER J 116 60.18 -59.37 -32.06
CA SER J 116 60.60 -59.21 -33.45
C SER J 116 60.31 -57.77 -33.83
N VAL J 117 61.35 -57.00 -34.15
CA VAL J 117 61.24 -55.57 -34.33
C VAL J 117 61.40 -55.24 -35.81
N PHE J 118 60.49 -54.43 -36.33
CA PHE J 118 60.51 -54.07 -37.74
C PHE J 118 60.21 -52.58 -37.88
N ILE J 119 60.63 -52.04 -39.03
CA ILE J 119 60.51 -50.62 -39.37
C ILE J 119 59.60 -50.48 -40.58
N PHE J 120 58.59 -49.62 -40.46
CA PHE J 120 57.78 -49.22 -41.60
C PHE J 120 58.04 -47.76 -41.90
N PRO J 121 58.84 -47.45 -42.92
CA PRO J 121 59.02 -46.07 -43.35
C PRO J 121 57.76 -45.56 -44.02
N PRO J 122 57.58 -44.23 -44.09
CA PRO J 122 56.42 -43.69 -44.80
C PRO J 122 56.41 -44.14 -46.26
N SER J 123 55.21 -44.45 -46.75
CA SER J 123 55.05 -44.81 -48.15
C SER J 123 55.12 -43.57 -49.03
N ASP J 124 55.22 -43.80 -50.34
CA ASP J 124 55.23 -42.67 -51.27
C ASP J 124 53.92 -41.90 -51.19
N GLU J 125 52.80 -42.60 -51.07
CA GLU J 125 51.51 -41.93 -51.00
C GLU J 125 51.37 -41.06 -49.75
N GLN J 126 52.03 -41.45 -48.65
CA GLN J 126 52.06 -40.58 -47.49
C GLN J 126 52.77 -39.27 -47.79
N LEU J 127 53.90 -39.34 -48.50
CA LEU J 127 54.59 -38.12 -48.91
C LEU J 127 53.73 -37.28 -49.84
N LYS J 128 52.99 -37.93 -50.74
CA LYS J 128 52.06 -37.19 -51.61
C LYS J 128 50.92 -36.58 -50.79
N SER J 129 50.68 -37.08 -49.58
CA SER J 129 49.67 -36.50 -48.71
C SER J 129 50.22 -35.34 -47.89
N GLY J 130 51.53 -35.10 -47.92
CA GLY J 130 52.13 -33.99 -47.20
C GLY J 130 52.54 -34.29 -45.77
N THR J 131 52.49 -35.55 -45.34
CA THR J 131 52.85 -35.92 -43.98
C THR J 131 53.49 -37.30 -43.99
N ALA J 132 54.55 -37.44 -43.20
CA ALA J 132 55.31 -38.67 -43.11
C ALA J 132 55.03 -39.35 -41.78
N SER J 133 54.66 -40.63 -41.85
CA SER J 133 54.41 -41.45 -40.68
C SER J 133 55.45 -42.56 -40.64
N VAL J 134 56.19 -42.65 -39.53
CA VAL J 134 57.25 -43.63 -39.36
C VAL J 134 56.87 -44.57 -38.23
N VAL J 135 56.93 -45.88 -38.48
CA VAL J 135 56.45 -46.87 -37.53
C VAL J 135 57.61 -47.78 -37.12
N CYS J 136 57.72 -48.04 -35.83
CA CYS J 136 58.52 -49.14 -35.30
C CYS J 136 57.56 -50.08 -34.58
N LEU J 137 57.51 -51.34 -35.02
CA LEU J 137 56.59 -52.31 -34.46
C LEU J 137 57.35 -53.50 -33.90
N LEU J 138 56.96 -53.92 -32.70
CA LEU J 138 57.54 -55.07 -32.02
C LEU J 138 56.45 -56.11 -31.82
N ASN J 139 56.75 -57.35 -32.20
CA ASN J 139 55.77 -58.42 -32.19
C ASN J 139 56.23 -59.56 -31.30
N ASN J 140 55.30 -60.09 -30.51
CA ASN J 140 55.51 -61.26 -29.65
C ASN J 140 56.65 -61.03 -28.66
N PHE J 141 56.44 -60.07 -27.76
CA PHE J 141 57.38 -59.77 -26.70
C PHE J 141 56.67 -59.85 -25.35
N TYR J 142 57.35 -60.44 -24.37
CA TYR J 142 56.83 -60.55 -23.03
C TYR J 142 57.99 -60.33 -22.06
N PRO J 143 57.82 -59.50 -21.01
CA PRO J 143 56.56 -58.84 -20.65
C PRO J 143 56.21 -57.64 -21.53
N ARG J 144 55.03 -57.07 -21.29
CA ARG J 144 54.54 -55.95 -22.08
C ARG J 144 55.44 -54.72 -21.90
N GLU J 145 55.99 -54.53 -20.71
CA GLU J 145 56.73 -53.31 -20.41
C GLU J 145 58.01 -53.25 -21.25
N ALA J 146 58.11 -52.19 -22.05
CA ALA J 146 59.27 -51.97 -22.91
C ALA J 146 59.36 -50.48 -23.20
N LYS J 147 60.54 -50.06 -23.64
CA LYS J 147 60.83 -48.65 -23.87
C LYS J 147 61.27 -48.46 -25.32
N VAL J 148 60.66 -47.51 -26.01
CA VAL J 148 60.95 -47.20 -27.41
C VAL J 148 61.58 -45.82 -27.49
N GLN J 149 62.65 -45.72 -28.27
CA GLN J 149 63.35 -44.46 -28.49
C GLN J 149 63.48 -44.24 -29.99
N TRP J 150 63.21 -43.01 -30.43
CA TRP J 150 63.27 -42.66 -31.85
C TRP J 150 64.57 -41.93 -32.13
N LYS J 151 65.48 -42.58 -32.85
CA LYS J 151 66.77 -42.03 -33.20
C LYS J 151 66.72 -41.50 -34.63
N VAL J 152 66.68 -40.19 -34.76
CA VAL J 152 66.78 -39.52 -36.07
C VAL J 152 68.15 -38.88 -36.12
N ASP J 153 69.05 -39.49 -36.89
CA ASP J 153 70.46 -39.09 -36.95
C ASP J 153 71.05 -38.95 -35.56
N ASN J 154 70.87 -40.00 -34.75
CA ASN J 154 71.35 -40.07 -33.37
C ASN J 154 70.69 -39.04 -32.47
N ALA J 155 69.53 -38.52 -32.86
CA ALA J 155 68.80 -37.53 -32.08
C ALA J 155 67.56 -38.18 -31.48
N LEU J 156 67.30 -37.90 -30.21
CA LEU J 156 66.20 -38.53 -29.49
C LEU J 156 64.90 -37.76 -29.73
N GLN J 157 63.86 -38.46 -30.18
CA GLN J 157 62.57 -37.87 -30.46
C GLN J 157 61.55 -38.30 -29.42
N SER J 158 60.77 -37.34 -28.92
CA SER J 158 59.79 -37.61 -27.88
C SER J 158 58.72 -36.52 -27.92
N GLY J 159 57.58 -36.83 -27.33
CA GLY J 159 56.51 -35.86 -27.16
C GLY J 159 55.56 -35.72 -28.34
N ASN J 160 55.83 -36.39 -29.46
CA ASN J 160 54.93 -36.34 -30.61
C ASN J 160 54.57 -37.74 -31.09
N SER J 161 54.99 -38.79 -30.38
CA SER J 161 54.81 -40.16 -30.80
C SER J 161 53.50 -40.72 -30.26
N GLN J 162 52.93 -41.65 -31.03
CA GLN J 162 51.81 -42.44 -30.57
C GLN J 162 52.28 -43.87 -30.36
N GLU J 163 51.81 -44.50 -29.28
CA GLU J 163 52.25 -45.85 -28.94
C GLU J 163 51.05 -46.65 -28.45
N SER J 164 50.81 -47.79 -29.10
CA SER J 164 49.65 -48.61 -28.78
C SER J 164 50.05 -50.08 -28.70
N VAL J 165 49.48 -50.79 -27.74
CA VAL J 165 49.78 -52.20 -27.48
C VAL J 165 48.48 -52.99 -27.62
N THR J 166 48.53 -54.06 -28.39
CA THR J 166 47.34 -54.88 -28.62
C THR J 166 47.13 -55.86 -27.48
N GLU J 167 45.85 -56.10 -27.17
CA GLU J 167 45.46 -56.97 -26.07
C GLU J 167 45.95 -58.39 -26.30
N GLN J 168 45.95 -59.18 -25.22
CA GLN J 168 46.49 -60.53 -25.24
C GLN J 168 45.77 -61.39 -26.27
N ASP J 169 46.54 -62.17 -27.00
CA ASP J 169 45.97 -63.07 -28.00
C ASP J 169 45.48 -64.35 -27.35
N SER J 170 44.55 -65.02 -28.05
CA SER J 170 43.94 -66.24 -27.53
C SER J 170 44.81 -67.48 -27.72
N LYS J 171 45.88 -67.38 -28.51
CA LYS J 171 46.77 -68.52 -28.75
C LYS J 171 48.04 -68.46 -27.90
N ASP J 172 48.79 -67.36 -28.00
CA ASP J 172 50.07 -67.25 -27.33
C ASP J 172 50.06 -66.29 -26.14
N SER J 173 49.05 -65.42 -26.04
CA SER J 173 48.96 -64.43 -24.96
C SER J 173 50.21 -63.54 -24.91
N THR J 174 50.80 -63.27 -26.06
CA THR J 174 51.95 -62.39 -26.15
C THR J 174 51.48 -60.94 -26.24
N TYR J 175 52.44 -60.02 -26.33
CA TYR J 175 52.15 -58.61 -26.50
C TYR J 175 52.75 -58.10 -27.80
N SER J 176 52.05 -57.15 -28.42
CA SER J 176 52.52 -56.49 -29.62
C SER J 176 52.39 -54.99 -29.43
N LEU J 177 53.46 -54.26 -29.78
CA LEU J 177 53.54 -52.82 -29.61
C LEU J 177 53.79 -52.16 -30.96
N SER J 178 53.22 -50.98 -31.15
CA SER J 178 53.49 -50.19 -32.34
C SER J 178 53.64 -48.72 -31.95
N SER J 179 54.71 -48.09 -32.41
CA SER J 179 54.96 -46.68 -32.18
C SER J 179 55.07 -45.98 -33.53
N THR J 180 54.44 -44.80 -33.63
CA THR J 180 54.37 -44.05 -34.87
C THR J 180 54.69 -42.58 -34.61
N LEU J 181 55.57 -42.02 -35.45
CA LEU J 181 55.88 -40.60 -35.46
C LEU J 181 55.21 -39.95 -36.66
N THR J 182 54.56 -38.81 -36.42
CA THR J 182 53.95 -37.99 -37.46
C THR J 182 54.78 -36.73 -37.62
N LEU J 183 55.29 -36.49 -38.84
CA LEU J 183 56.15 -35.35 -39.10
C LEU J 183 55.77 -34.72 -40.44
N SER J 184 56.18 -33.46 -40.60
CA SER J 184 55.99 -32.77 -41.85
C SER J 184 56.93 -33.31 -42.92
N LYS J 185 56.62 -32.99 -44.18
CA LYS J 185 57.51 -33.39 -45.27
C LYS J 185 58.86 -32.70 -45.18
N ALA J 186 58.86 -31.40 -44.84
CA ALA J 186 60.12 -30.66 -44.75
C ALA J 186 61.03 -31.22 -43.67
N ASP J 187 60.46 -31.61 -42.52
CA ASP J 187 61.25 -32.27 -41.49
C ASP J 187 61.80 -33.59 -41.99
N TYR J 188 61.00 -34.34 -42.76
CA TYR J 188 61.48 -35.58 -43.35
C TYR J 188 62.52 -35.34 -44.44
N GLU J 189 62.56 -34.13 -45.00
CA GLU J 189 63.53 -33.77 -46.02
C GLU J 189 64.82 -33.20 -45.43
N LYS J 190 64.93 -33.17 -44.11
CA LYS J 190 66.12 -32.67 -43.43
C LYS J 190 67.06 -33.78 -42.98
N HIS J 191 66.52 -34.94 -42.63
CA HIS J 191 67.30 -36.05 -42.09
C HIS J 191 67.31 -37.22 -43.05
N LYS J 192 68.26 -38.12 -42.84
CA LYS J 192 68.48 -39.26 -43.73
C LYS J 192 68.20 -40.62 -43.08
N VAL J 193 68.62 -40.82 -41.84
CA VAL J 193 68.54 -42.12 -41.18
C VAL J 193 67.50 -42.04 -40.08
N TYR J 194 66.60 -43.03 -40.04
CA TYR J 194 65.60 -43.15 -39.00
C TYR J 194 65.71 -44.52 -38.35
N ALA J 195 65.63 -44.57 -37.02
CA ALA J 195 65.82 -45.82 -36.30
C ALA J 195 64.98 -45.82 -35.04
N CYS J 196 64.71 -47.03 -34.54
CA CYS J 196 64.10 -47.22 -33.24
C CYS J 196 64.98 -48.09 -32.37
N GLU J 197 65.20 -47.66 -31.13
CA GLU J 197 66.00 -48.33 -30.13
C GLU J 197 65.07 -48.80 -29.03
N VAL J 198 65.01 -50.10 -28.80
CA VAL J 198 64.00 -50.70 -27.92
C VAL J 198 64.68 -51.44 -26.78
N THR J 199 64.26 -51.14 -25.55
CA THR J 199 64.73 -51.81 -24.34
C THR J 199 63.61 -52.68 -23.81
N HIS J 200 63.94 -53.93 -23.49
CA HIS J 200 62.94 -54.89 -23.03
C HIS J 200 63.63 -55.96 -22.17
N GLN J 201 62.84 -56.57 -21.29
CA GLN J 201 63.39 -57.55 -20.36
C GLN J 201 63.91 -58.79 -21.09
N GLY J 202 63.18 -59.26 -22.09
CA GLY J 202 63.61 -60.43 -22.85
C GLY J 202 64.83 -60.20 -23.71
N LEU J 203 65.29 -58.95 -23.82
CA LEU J 203 66.48 -58.61 -24.58
C LEU J 203 67.63 -58.34 -23.62
N SER J 204 68.74 -59.06 -23.81
CA SER J 204 69.92 -58.84 -22.99
C SER J 204 70.48 -57.44 -23.21
N SER J 205 70.41 -56.95 -24.45
CA SER J 205 70.86 -55.63 -24.85
C SER J 205 69.74 -54.94 -25.59
N PRO J 206 69.71 -53.60 -25.58
CA PRO J 206 68.70 -52.89 -26.37
C PRO J 206 68.89 -53.14 -27.86
N VAL J 207 67.78 -53.24 -28.57
CA VAL J 207 67.79 -53.62 -29.99
C VAL J 207 67.67 -52.36 -30.84
N THR J 208 68.53 -52.24 -31.85
CA THR J 208 68.47 -51.16 -32.82
C THR J 208 67.81 -51.66 -34.10
N LYS J 209 67.00 -50.80 -34.72
CA LYS J 209 66.48 -51.06 -36.06
C LYS J 209 66.54 -49.76 -36.84
N SER J 210 67.43 -49.71 -37.84
CA SER J 210 67.75 -48.49 -38.56
C SER J 210 67.45 -48.66 -40.04
N PHE J 211 67.16 -47.54 -40.70
CA PHE J 211 67.08 -47.52 -42.16
C PHE J 211 67.43 -46.13 -42.64
N ASN J 212 68.12 -46.06 -43.77
CA ASN J 212 68.45 -44.81 -44.44
C ASN J 212 67.63 -44.71 -45.72
N ARG J 213 66.97 -43.57 -45.90
CA ARG J 213 66.16 -43.34 -47.09
C ARG J 213 67.01 -43.22 -48.35
N GLY J 214 68.29 -42.88 -48.22
CA GLY J 214 69.14 -42.74 -49.39
C GLY J 214 69.31 -44.05 -50.14
N GLU J 215 69.60 -45.13 -49.42
CA GLU J 215 69.67 -46.44 -50.04
C GLU J 215 68.28 -47.00 -50.30
N CYS J 216 67.36 -46.78 -49.38
CA CYS J 216 66.02 -47.35 -49.51
C CYS J 216 64.94 -46.28 -49.67
N GLN K 1 -42.71 31.57 -40.88
CA GLN K 1 -42.34 30.97 -39.60
C GLN K 1 -41.46 31.89 -38.77
N CYS K 2 -40.15 31.63 -38.81
CA CYS K 2 -39.22 32.19 -37.85
C CYS K 2 -39.08 33.68 -38.17
N VAL K 3 -40.08 34.45 -37.76
CA VAL K 3 -40.14 35.89 -37.98
C VAL K 3 -39.75 36.59 -36.68
N ASN K 4 -38.84 37.54 -36.78
CA ASN K 4 -38.24 38.11 -35.60
C ASN K 4 -39.16 39.12 -34.94
N LEU K 5 -39.16 39.10 -33.62
CA LEU K 5 -39.82 40.12 -32.79
C LEU K 5 -38.70 40.99 -32.19
N ILE K 6 -38.34 42.02 -32.94
CA ILE K 6 -37.19 42.87 -32.60
C ILE K 6 -37.74 44.02 -31.78
N THR K 7 -37.90 43.78 -30.48
CA THR K 7 -38.50 44.78 -29.59
C THR K 7 -38.21 44.41 -28.15
N ARG K 8 -37.88 45.43 -27.34
CA ARG K 8 -37.77 45.25 -25.90
C ARG K 8 -38.57 46.29 -25.12
N THR K 9 -38.54 47.56 -25.53
CA THR K 9 -39.14 48.67 -24.78
C THR K 9 -38.87 48.53 -23.27
N GLN K 10 -37.60 48.57 -22.94
CA GLN K 10 -37.13 48.34 -21.57
C GLN K 10 -37.34 49.56 -20.68
N SER K 11 -37.66 49.31 -19.41
CA SER K 11 -37.79 50.35 -18.39
C SER K 11 -37.29 49.75 -17.08
N TYR K 12 -37.40 50.53 -16.01
CA TYR K 12 -37.03 50.04 -14.68
C TYR K 12 -38.12 50.40 -13.68
N THR K 13 -38.23 49.58 -12.64
CA THR K 13 -39.28 49.77 -11.65
C THR K 13 -38.77 49.30 -10.28
N ASN K 14 -39.45 49.78 -9.24
CA ASN K 14 -39.16 49.41 -7.86
C ASN K 14 -39.92 48.16 -7.49
N SER K 15 -39.20 47.13 -7.03
CA SER K 15 -39.86 45.87 -6.71
C SER K 15 -40.68 45.95 -5.44
N PHE K 16 -40.50 46.97 -4.62
CA PHE K 16 -41.23 47.14 -3.37
C PHE K 16 -40.89 45.95 -2.47
N THR K 17 -41.84 45.07 -2.16
CA THR K 17 -41.62 43.89 -1.33
C THR K 17 -42.29 42.66 -1.94
N ARG K 18 -42.09 42.42 -3.23
CA ARG K 18 -42.95 41.48 -3.93
C ARG K 18 -42.59 40.01 -3.78
N GLY K 19 -41.41 39.61 -4.25
CA GLY K 19 -41.18 38.19 -4.49
C GLY K 19 -40.79 37.33 -3.30
N VAL K 20 -41.72 37.13 -2.38
CA VAL K 20 -41.49 36.31 -1.19
C VAL K 20 -42.22 34.99 -1.38
N TYR K 21 -41.50 33.89 -1.19
CA TYR K 21 -42.06 32.56 -1.33
C TYR K 21 -41.83 31.78 -0.05
N TYR K 22 -42.58 30.69 0.11
CA TYR K 22 -42.41 29.82 1.26
C TYR K 22 -41.14 29.01 1.08
N PRO K 23 -40.14 29.17 1.95
CA PRO K 23 -38.85 28.53 1.71
C PRO K 23 -38.84 27.03 1.97
N ASP K 24 -39.90 26.49 2.53
CA ASP K 24 -39.95 25.06 2.85
C ASP K 24 -41.40 24.66 3.02
N LYS K 25 -41.62 23.35 3.23
CA LYS K 25 -42.95 22.79 3.40
C LYS K 25 -43.32 22.60 4.87
N VAL K 26 -42.85 23.49 5.74
CA VAL K 26 -43.01 23.35 7.17
C VAL K 26 -44.07 24.33 7.65
N PHE K 27 -44.99 23.84 8.47
CA PHE K 27 -46.02 24.67 9.03
C PHE K 27 -45.53 25.35 10.31
N ARG K 28 -45.68 26.66 10.35
CA ARG K 28 -45.37 27.47 11.53
C ARG K 28 -46.65 28.20 11.90
N SER K 29 -46.81 28.49 13.18
CA SER K 29 -48.01 29.19 13.62
C SER K 29 -47.63 30.30 14.59
N SER K 30 -47.92 31.53 14.19
CA SER K 30 -47.75 32.70 15.05
C SER K 30 -46.31 32.85 15.51
N VAL K 31 -45.38 32.78 14.57
CA VAL K 31 -43.96 32.83 14.90
C VAL K 31 -43.23 33.73 13.92
N LEU K 32 -41.98 34.02 14.25
CA LEU K 32 -41.07 34.73 13.37
C LEU K 32 -39.89 33.81 13.10
N HIS K 33 -39.59 33.59 11.84
CA HIS K 33 -38.56 32.64 11.45
C HIS K 33 -37.54 33.31 10.55
N SER K 34 -36.27 33.11 10.85
CA SER K 34 -35.18 33.72 10.11
C SER K 34 -34.62 32.69 9.14
N THR K 35 -34.79 32.95 7.84
CA THR K 35 -34.35 32.07 6.77
C THR K 35 -33.29 32.75 5.94
N GLN K 36 -32.17 32.08 5.72
CA GLN K 36 -31.15 32.59 4.81
C GLN K 36 -31.32 31.83 3.49
N ASP K 37 -31.76 32.52 2.46
CA ASP K 37 -32.25 31.87 1.24
C ASP K 37 -32.12 32.85 0.09
N LEU K 38 -32.28 32.35 -1.13
CA LEU K 38 -32.19 33.18 -2.32
C LEU K 38 -33.51 33.92 -2.54
N PHE K 39 -33.51 35.23 -2.32
CA PHE K 39 -34.72 36.02 -2.37
C PHE K 39 -34.54 37.18 -3.34
N LEU K 40 -35.65 37.82 -3.67
CA LEU K 40 -35.64 39.08 -4.38
C LEU K 40 -35.55 40.18 -3.35
N PRO K 41 -34.43 40.91 -3.26
CA PRO K 41 -34.26 41.89 -2.19
C PRO K 41 -35.31 42.98 -2.24
N PHE K 42 -35.63 43.53 -1.08
CA PHE K 42 -36.68 44.54 -0.99
C PHE K 42 -36.25 45.83 -1.67
N PHE K 43 -37.21 46.50 -2.30
CA PHE K 43 -36.95 47.77 -2.99
C PHE K 43 -35.81 47.62 -3.99
N SER K 44 -35.87 46.58 -4.78
CA SER K 44 -34.84 46.32 -5.77
C SER K 44 -35.28 46.84 -7.12
N ASN K 45 -34.34 46.83 -8.05
CA ASN K 45 -34.52 47.41 -9.37
C ASN K 45 -34.88 46.27 -10.33
N VAL K 46 -36.13 46.25 -10.80
CA VAL K 46 -36.60 45.18 -11.67
C VAL K 46 -36.86 45.74 -13.05
N THR K 47 -36.40 45.00 -14.07
CA THR K 47 -36.55 45.45 -15.45
C THR K 47 -37.98 45.26 -15.91
N TRP K 48 -38.47 46.19 -16.71
CA TRP K 48 -39.83 46.16 -17.23
C TRP K 48 -39.79 46.09 -18.75
N PHE K 49 -40.24 44.98 -19.32
CA PHE K 49 -40.18 44.77 -20.76
C PHE K 49 -41.56 44.95 -21.37
N HIS K 50 -41.61 45.63 -22.52
CA HIS K 50 -42.79 45.69 -23.37
C HIS K 50 -42.41 45.11 -24.73
N ALA K 51 -43.09 44.06 -25.13
CA ALA K 51 -42.88 43.43 -26.43
C ALA K 51 -44.10 43.69 -27.30
N ILE K 52 -43.86 44.26 -28.49
CA ILE K 52 -44.90 44.53 -29.46
C ILE K 52 -44.40 44.06 -30.82
N HIS K 53 -45.31 43.47 -31.59
CA HIS K 53 -44.99 43.04 -32.95
C HIS K 53 -45.16 44.17 -33.94
N ASN K 65 -33.09 41.12 -29.12
CA ASN K 65 -32.30 40.27 -28.24
C ASN K 65 -33.05 39.76 -27.03
N PRO K 66 -33.69 38.60 -27.16
CA PRO K 66 -34.31 37.95 -26.00
C PRO K 66 -33.35 37.23 -25.08
N VAL K 67 -32.05 37.45 -25.21
CA VAL K 67 -31.07 36.81 -24.33
C VAL K 67 -31.24 37.40 -22.94
N LEU K 68 -31.83 36.62 -22.04
CA LEU K 68 -31.91 36.99 -20.62
C LEU K 68 -31.16 35.91 -19.85
N PRO K 69 -30.26 36.27 -18.95
CA PRO K 69 -29.60 35.25 -18.14
C PRO K 69 -30.54 34.70 -17.08
N PHE K 70 -30.06 33.68 -16.35
CA PHE K 70 -30.87 33.15 -15.25
C PHE K 70 -30.48 33.79 -13.93
N ASN K 71 -29.20 33.72 -13.56
CA ASN K 71 -28.66 34.43 -12.41
C ASN K 71 -29.32 33.97 -11.11
N ASP K 72 -29.06 32.71 -10.77
CA ASP K 72 -29.42 32.17 -9.47
C ASP K 72 -30.92 32.18 -9.23
N GLY K 73 -31.70 32.41 -10.26
CA GLY K 73 -33.14 32.39 -10.10
C GLY K 73 -33.77 33.68 -10.54
N VAL K 74 -35.06 33.60 -10.86
CA VAL K 74 -35.74 34.69 -11.52
C VAL K 74 -37.11 34.87 -10.91
N TYR K 75 -37.43 36.11 -10.56
CA TYR K 75 -38.79 36.53 -10.29
C TYR K 75 -39.35 37.07 -11.59
N PHE K 76 -40.56 36.64 -11.93
CA PHE K 76 -41.25 37.03 -13.14
C PHE K 76 -42.65 37.48 -12.77
N ALA K 77 -43.13 38.54 -13.39
CA ALA K 77 -44.49 38.97 -13.09
C ALA K 77 -45.14 39.49 -14.36
N SER K 78 -46.47 39.42 -14.39
CA SER K 78 -47.22 39.91 -15.53
C SER K 78 -48.62 40.31 -15.09
N THR K 79 -49.27 41.12 -15.91
CA THR K 79 -50.64 41.53 -15.66
C THR K 79 -51.50 41.41 -16.91
N GLU K 80 -50.99 40.77 -17.96
CA GLU K 80 -51.66 40.72 -19.24
C GLU K 80 -53.00 39.99 -19.09
N LYS K 81 -54.10 40.74 -19.31
CA LYS K 81 -55.42 40.23 -18.96
C LYS K 81 -55.78 39.00 -19.76
N SER K 82 -55.47 38.99 -21.04
CA SER K 82 -55.70 37.80 -21.86
C SER K 82 -54.48 36.88 -21.79
N ASN K 83 -54.54 35.80 -22.57
CA ASN K 83 -53.50 34.78 -22.51
C ASN K 83 -52.42 35.02 -23.58
N ILE K 84 -51.85 36.22 -23.55
CA ILE K 84 -50.79 36.55 -24.49
C ILE K 84 -49.51 35.81 -24.11
N ILE K 85 -49.15 35.83 -22.83
CA ILE K 85 -47.96 35.13 -22.36
C ILE K 85 -48.32 33.66 -22.17
N ARG K 86 -47.48 32.77 -22.70
CA ARG K 86 -47.75 31.34 -22.64
C ARG K 86 -46.78 30.63 -21.71
N GLY K 87 -45.49 30.72 -21.95
CA GLY K 87 -44.53 29.89 -21.25
C GLY K 87 -43.14 30.44 -21.30
N TRP K 88 -42.16 29.55 -21.24
CA TRP K 88 -40.77 29.95 -21.08
C TRP K 88 -39.86 28.90 -21.69
N ILE K 89 -38.63 29.33 -21.95
CA ILE K 89 -37.53 28.46 -22.35
C ILE K 89 -36.41 28.69 -21.35
N PHE K 90 -35.81 27.61 -20.87
CA PHE K 90 -34.66 27.70 -19.98
C PHE K 90 -33.54 26.83 -20.52
N GLY K 91 -32.30 27.26 -20.33
CA GLY K 91 -31.19 26.38 -20.67
C GLY K 91 -29.83 27.03 -20.71
N THR K 92 -28.76 26.23 -20.71
CA THR K 92 -27.41 26.79 -20.78
C THR K 92 -27.14 27.42 -22.14
N THR K 93 -27.16 26.61 -23.18
CA THR K 93 -27.10 27.08 -24.56
C THR K 93 -28.29 26.49 -25.29
N LEU K 94 -28.75 27.18 -26.32
CA LEU K 94 -30.06 26.89 -26.89
C LEU K 94 -29.96 26.30 -28.30
N ASP K 95 -28.94 25.47 -28.54
CA ASP K 95 -28.54 25.08 -29.88
C ASP K 95 -28.59 23.57 -30.12
N SER K 96 -29.63 22.91 -29.61
CA SER K 96 -29.91 21.50 -29.90
C SER K 96 -28.80 20.57 -29.44
N LYS K 97 -27.84 21.06 -28.66
CA LYS K 97 -26.79 20.22 -28.09
C LYS K 97 -27.16 19.68 -26.73
N THR K 98 -27.46 20.57 -25.79
CA THR K 98 -27.82 20.22 -24.43
C THR K 98 -29.32 20.38 -24.21
N GLN K 99 -29.80 19.74 -23.14
CA GLN K 99 -31.22 19.81 -22.81
C GLN K 99 -31.63 21.21 -22.39
N SER K 100 -32.80 21.62 -22.84
CA SER K 100 -33.36 22.92 -22.47
C SER K 100 -34.79 22.72 -22.04
N LEU K 101 -35.13 23.23 -20.87
CA LEU K 101 -36.50 23.15 -20.40
C LEU K 101 -37.39 24.01 -21.28
N LEU K 102 -38.61 23.56 -21.48
CA LEU K 102 -39.60 24.33 -22.24
C LEU K 102 -40.96 24.13 -21.60
N ILE K 103 -41.60 25.23 -21.20
CA ILE K 103 -42.85 25.19 -20.47
C ILE K 103 -43.90 25.94 -21.27
N VAL K 104 -45.05 25.31 -21.51
CA VAL K 104 -46.09 25.94 -22.31
C VAL K 104 -47.44 25.75 -21.63
N ASN K 105 -48.22 26.83 -21.53
CA ASN K 105 -49.57 26.81 -20.98
C ASN K 105 -50.58 27.07 -22.07
N ASN K 106 -51.52 26.15 -22.28
CA ASN K 106 -52.47 26.31 -23.37
C ASN K 106 -53.90 26.06 -22.89
N ALA K 107 -54.26 26.70 -21.77
CA ALA K 107 -55.65 26.89 -21.37
C ALA K 107 -56.36 25.60 -20.93
N THR K 108 -55.70 24.46 -21.06
CA THR K 108 -56.23 23.19 -20.57
C THR K 108 -55.22 22.35 -19.83
N ASN K 109 -53.92 22.53 -20.06
CA ASN K 109 -52.90 21.80 -19.35
C ASN K 109 -51.55 22.44 -19.65
N VAL K 110 -50.74 22.56 -18.62
CA VAL K 110 -49.36 22.99 -18.78
C VAL K 110 -48.52 21.77 -19.14
N VAL K 111 -47.65 21.94 -20.13
CA VAL K 111 -46.81 20.87 -20.63
C VAL K 111 -45.35 21.30 -20.49
N ILE K 112 -44.53 20.42 -19.93
CA ILE K 112 -43.14 20.72 -19.64
C ILE K 112 -42.27 19.64 -20.26
N LYS K 113 -41.29 20.06 -21.05
CA LYS K 113 -40.35 19.14 -21.70
C LYS K 113 -38.94 19.57 -21.35
N VAL K 114 -37.97 18.69 -21.57
CA VAL K 114 -36.59 19.01 -21.21
C VAL K 114 -35.61 18.89 -22.38
N CYS K 115 -35.92 18.13 -23.43
CA CYS K 115 -34.93 17.79 -24.44
C CYS K 115 -34.55 18.95 -25.36
N GLU K 116 -33.46 18.73 -26.09
CA GLU K 116 -32.83 19.80 -26.86
C GLU K 116 -33.65 20.15 -28.10
N PHE K 117 -33.55 21.41 -28.50
CA PHE K 117 -34.47 22.01 -29.45
C PHE K 117 -33.69 22.90 -30.42
N GLN K 118 -34.33 23.26 -31.54
CA GLN K 118 -33.67 24.11 -32.52
C GLN K 118 -33.76 25.57 -32.14
N PHE K 119 -34.97 26.04 -31.77
CA PHE K 119 -35.14 27.37 -31.20
C PHE K 119 -34.68 28.47 -32.15
N CYS K 120 -35.47 28.68 -33.21
CA CYS K 120 -35.35 29.92 -33.97
C CYS K 120 -35.22 31.10 -33.02
N ASN K 121 -34.30 32.01 -33.33
CA ASN K 121 -33.81 33.00 -32.40
C ASN K 121 -34.91 33.90 -31.84
N ASP K 122 -36.13 33.77 -32.37
CA ASP K 122 -37.29 34.42 -31.80
C ASP K 122 -38.41 33.39 -31.67
N PRO K 123 -38.37 32.56 -30.64
CA PRO K 123 -39.40 31.52 -30.49
C PRO K 123 -40.73 32.14 -30.08
N PHE K 124 -41.79 31.72 -30.76
CA PHE K 124 -43.12 32.20 -30.43
C PHE K 124 -44.14 31.21 -30.98
N LEU K 125 -45.31 31.17 -30.35
CA LEU K 125 -46.39 30.31 -30.81
C LEU K 125 -47.28 31.05 -31.80
N ASP K 126 -48.18 30.30 -32.43
CA ASP K 126 -49.27 30.87 -33.22
C ASP K 126 -50.50 30.01 -33.07
N VAL K 127 -51.67 30.59 -33.34
CA VAL K 127 -52.89 29.83 -33.20
C VAL K 127 -53.61 29.66 -34.55
N TYR K 128 -53.81 30.75 -35.28
CA TYR K 128 -54.05 30.75 -36.73
C TYR K 128 -55.15 29.77 -37.12
N TYR K 129 -56.38 30.22 -36.83
CA TYR K 129 -57.66 29.56 -37.07
C TYR K 129 -57.64 28.66 -38.31
N HIS K 130 -58.11 27.43 -38.15
CA HIS K 130 -57.94 26.37 -39.14
C HIS K 130 -59.28 25.85 -39.67
N LYS K 131 -59.14 24.86 -40.56
CA LYS K 131 -60.23 24.02 -40.99
C LYS K 131 -59.85 22.54 -41.02
N ASN K 132 -58.61 22.19 -40.66
CA ASN K 132 -58.12 20.83 -40.74
C ASN K 132 -58.89 19.88 -39.83
N ASN K 133 -58.76 20.06 -38.51
CA ASN K 133 -59.52 19.21 -37.58
C ASN K 133 -60.85 19.88 -37.27
N LYS K 134 -60.82 21.02 -36.61
CA LYS K 134 -61.84 22.03 -36.84
C LYS K 134 -61.22 23.41 -36.96
N SER K 135 -60.31 23.74 -36.04
CA SER K 135 -59.59 25.01 -36.00
C SER K 135 -58.72 25.04 -34.75
N TRP K 136 -57.92 26.11 -34.65
CA TRP K 136 -57.22 26.47 -33.41
C TRP K 136 -56.32 25.33 -32.91
N MET K 137 -55.26 25.05 -33.68
CA MET K 137 -54.39 23.94 -33.32
C MET K 137 -53.05 24.37 -32.74
N GLU K 138 -52.77 25.67 -32.64
CA GLU K 138 -51.60 26.19 -31.93
C GLU K 138 -50.30 25.47 -32.36
N SER K 139 -49.92 25.71 -33.60
CA SER K 139 -48.74 25.04 -34.14
C SER K 139 -47.49 25.38 -33.36
N GLU K 140 -46.40 24.68 -33.65
CA GLU K 140 -45.14 24.91 -32.98
C GLU K 140 -43.97 24.92 -33.94
N PHE K 141 -44.20 24.63 -35.23
CA PHE K 141 -43.14 24.23 -36.16
C PHE K 141 -41.87 25.06 -36.00
N ARG K 142 -42.00 26.28 -35.51
CA ARG K 142 -40.92 27.26 -35.41
C ARG K 142 -40.71 27.86 -34.03
N VAL K 143 -41.34 27.32 -32.99
CA VAL K 143 -40.86 27.59 -31.63
C VAL K 143 -39.54 26.85 -31.40
N TYR K 144 -39.52 25.55 -31.71
CA TYR K 144 -38.31 24.76 -31.64
C TYR K 144 -38.11 23.82 -32.82
N SER K 145 -39.14 23.60 -33.63
CA SER K 145 -39.08 22.65 -34.75
C SER K 145 -38.77 21.22 -34.30
N SER K 146 -37.49 20.91 -34.05
CA SER K 146 -37.07 19.55 -33.75
C SER K 146 -37.01 19.29 -32.24
N ALA K 147 -37.38 18.07 -31.84
CA ALA K 147 -37.37 17.65 -30.44
C ALA K 147 -36.88 16.20 -30.39
N ASN K 148 -35.79 15.95 -29.67
CA ASN K 148 -35.26 14.59 -29.61
C ASN K 148 -34.50 14.39 -28.30
N ASN K 149 -34.45 13.13 -27.86
CA ASN K 149 -33.68 12.72 -26.68
C ASN K 149 -34.24 13.34 -25.40
N CYS K 150 -35.54 13.12 -25.17
CA CYS K 150 -36.28 13.80 -24.12
C CYS K 150 -36.30 12.94 -22.86
N THR K 151 -35.47 13.30 -21.88
CA THR K 151 -35.33 12.52 -20.66
C THR K 151 -36.50 12.73 -19.71
N PHE K 152 -37.15 13.88 -19.78
CA PHE K 152 -38.21 14.24 -18.86
C PHE K 152 -39.39 14.77 -19.66
N GLU K 153 -40.59 14.60 -19.10
CA GLU K 153 -41.78 15.19 -19.69
C GLU K 153 -42.88 15.14 -18.64
N TYR K 154 -43.69 16.20 -18.62
CA TYR K 154 -44.63 16.40 -17.53
C TYR K 154 -45.83 17.15 -18.07
N VAL K 155 -46.99 16.87 -17.50
CA VAL K 155 -48.24 17.55 -17.87
C VAL K 155 -49.06 17.75 -16.61
N SER K 156 -49.74 18.88 -16.51
CA SER K 156 -50.58 19.13 -15.35
C SER K 156 -51.64 20.17 -15.72
N GLN K 157 -52.35 20.68 -14.72
CA GLN K 157 -53.26 21.79 -14.94
C GLN K 157 -52.44 23.09 -15.10
N PRO K 158 -52.83 23.95 -16.04
CA PRO K 158 -51.94 25.05 -16.44
C PRO K 158 -51.65 26.05 -15.33
N PHE K 159 -50.44 26.64 -15.42
CA PHE K 159 -49.98 27.61 -14.43
C PHE K 159 -50.80 28.90 -14.50
N LEU K 160 -51.06 29.38 -15.70
CA LEU K 160 -51.74 30.65 -15.93
C LEU K 160 -53.24 30.40 -15.85
N MET K 161 -53.83 30.76 -14.71
CA MET K 161 -55.26 30.58 -14.52
C MET K 161 -56.00 31.90 -14.75
N ASP K 162 -57.33 31.80 -14.78
CA ASP K 162 -58.22 32.94 -14.99
C ASP K 162 -57.87 33.68 -16.27
N PHE K 170 -60.18 44.04 -13.42
CA PHE K 170 -59.01 43.70 -12.62
C PHE K 170 -57.79 43.60 -13.53
N LYS K 171 -56.60 43.78 -12.95
CA LYS K 171 -55.37 43.62 -13.72
C LYS K 171 -54.74 42.25 -13.58
N ASN K 172 -55.14 41.46 -12.57
CA ASN K 172 -54.81 40.03 -12.50
C ASN K 172 -53.30 39.81 -12.51
N LEU K 173 -52.66 40.21 -11.41
CA LEU K 173 -51.22 40.04 -11.30
C LEU K 173 -50.87 38.57 -11.15
N ARG K 174 -49.93 38.10 -11.96
CA ARG K 174 -49.39 36.74 -11.89
C ARG K 174 -47.92 36.84 -11.57
N GLU K 175 -47.50 36.22 -10.46
CA GLU K 175 -46.11 36.25 -10.05
C GLU K 175 -45.57 34.83 -10.00
N PHE K 176 -44.33 34.66 -10.46
CA PHE K 176 -43.67 33.36 -10.51
C PHE K 176 -42.24 33.52 -10.04
N VAL K 177 -41.73 32.49 -9.38
CA VAL K 177 -40.33 32.43 -9.00
C VAL K 177 -39.78 31.12 -9.49
N PHE K 178 -38.67 31.17 -10.22
CA PHE K 178 -37.98 30.00 -10.71
C PHE K 178 -36.64 29.91 -10.04
N LYS K 179 -36.27 28.71 -9.59
CA LYS K 179 -34.88 28.52 -9.23
C LYS K 179 -34.48 27.07 -9.49
N ASN K 180 -33.18 26.84 -9.49
CA ASN K 180 -32.62 25.60 -10.01
C ASN K 180 -31.55 25.12 -9.04
N ILE K 181 -31.94 24.28 -8.09
CA ILE K 181 -31.12 23.96 -6.92
C ILE K 181 -31.00 22.45 -6.78
N ASP K 182 -29.75 21.97 -6.76
CA ASP K 182 -29.45 20.55 -6.60
C ASP K 182 -30.17 19.70 -7.64
N GLY K 183 -30.18 20.16 -8.88
CA GLY K 183 -30.85 19.43 -9.93
C GLY K 183 -32.35 19.50 -9.91
N TYR K 184 -32.92 20.32 -9.03
CA TYR K 184 -34.36 20.44 -8.89
C TYR K 184 -34.79 21.82 -9.38
N PHE K 185 -35.72 21.84 -10.32
CA PHE K 185 -36.28 23.08 -10.81
C PHE K 185 -37.57 23.36 -10.06
N LYS K 186 -37.56 24.43 -9.26
CA LYS K 186 -38.68 24.78 -8.41
C LYS K 186 -39.38 26.00 -8.98
N ILE K 187 -40.72 25.94 -9.01
CA ILE K 187 -41.57 27.00 -9.50
C ILE K 187 -42.58 27.31 -8.42
N TYR K 188 -42.54 28.54 -7.92
CA TYR K 188 -43.52 29.08 -7.00
C TYR K 188 -44.37 30.10 -7.75
N SER K 189 -45.60 30.30 -7.29
CA SER K 189 -46.43 31.23 -8.02
C SER K 189 -47.51 31.80 -7.12
N LYS K 190 -48.13 32.87 -7.60
CA LYS K 190 -49.22 33.52 -6.90
C LYS K 190 -50.07 34.28 -7.91
N HIS K 191 -51.36 34.37 -7.63
CA HIS K 191 -52.31 35.07 -8.49
C HIS K 191 -53.04 36.09 -7.63
N THR K 192 -52.70 37.36 -7.79
CA THR K 192 -53.25 38.41 -6.94
C THR K 192 -54.24 39.25 -7.74
N PRO K 193 -55.43 39.52 -7.21
CA PRO K 193 -56.34 40.47 -7.84
C PRO K 193 -56.01 41.89 -7.41
N ILE K 194 -55.60 42.71 -8.38
CA ILE K 194 -55.33 44.11 -8.13
C ILE K 194 -56.33 44.95 -8.92
N ASN K 195 -56.67 46.10 -8.34
CA ASN K 195 -57.67 47.00 -8.90
C ASN K 195 -57.08 48.27 -9.51
N LEU K 196 -56.18 48.93 -8.79
CA LEU K 196 -55.62 50.18 -9.26
C LEU K 196 -54.65 49.97 -10.42
N GLY K 197 -54.04 48.80 -10.51
CA GLY K 197 -53.11 48.54 -11.59
C GLY K 197 -51.90 49.44 -11.60
N ARG K 198 -51.39 49.77 -10.42
CA ARG K 198 -50.22 50.63 -10.30
C ARG K 198 -48.94 49.80 -10.31
N ASP K 199 -48.72 49.13 -11.43
CA ASP K 199 -47.51 48.34 -11.69
C ASP K 199 -47.47 47.22 -10.64
N LEU K 200 -46.36 47.03 -9.93
CA LEU K 200 -46.34 46.16 -8.78
C LEU K 200 -46.96 46.88 -7.60
N PRO K 201 -48.06 46.37 -7.04
CA PRO K 201 -48.75 47.13 -6.00
C PRO K 201 -47.98 47.14 -4.70
N GLN K 202 -48.61 47.72 -3.69
CA GLN K 202 -48.07 47.69 -2.34
C GLN K 202 -48.83 46.67 -1.53
N GLY K 203 -48.09 45.92 -0.73
CA GLY K 203 -48.71 44.89 0.08
C GLY K 203 -47.93 43.60 0.02
N PHE K 204 -48.35 42.63 0.82
CA PHE K 204 -47.54 41.43 0.95
C PHE K 204 -48.38 40.22 0.55
N SER K 205 -47.77 39.34 -0.23
CA SER K 205 -48.43 38.10 -0.65
C SER K 205 -47.34 37.09 -0.96
N ALA K 206 -47.29 36.01 -0.19
CA ALA K 206 -46.24 35.03 -0.35
C ALA K 206 -46.59 34.05 -1.45
N LEU K 207 -45.55 33.56 -2.12
CA LEU K 207 -45.68 32.71 -3.30
C LEU K 207 -45.60 31.26 -2.89
N GLU K 208 -46.52 30.45 -3.40
CA GLU K 208 -46.64 29.07 -2.94
C GLU K 208 -46.08 28.11 -3.97
N PRO K 209 -45.45 27.04 -3.53
CA PRO K 209 -44.64 26.21 -4.44
C PRO K 209 -45.45 25.34 -5.38
N LEU K 210 -45.81 25.84 -6.55
CA LEU K 210 -46.68 25.04 -7.40
C LEU K 210 -46.04 23.72 -7.84
N VAL K 211 -44.80 23.71 -8.35
CA VAL K 211 -44.23 22.44 -8.79
C VAL K 211 -42.73 22.39 -8.55
N ASP K 212 -42.22 21.19 -8.26
CA ASP K 212 -40.79 20.89 -8.31
C ASP K 212 -40.57 19.80 -9.34
N LEU K 213 -39.43 19.87 -10.03
CA LEU K 213 -39.12 18.98 -11.14
C LEU K 213 -37.70 18.44 -11.02
N PRO K 214 -37.52 17.12 -11.02
CA PRO K 214 -36.16 16.56 -10.91
C PRO K 214 -35.43 16.51 -12.25
N ILE K 215 -35.25 17.69 -12.84
CA ILE K 215 -34.67 17.80 -14.17
C ILE K 215 -33.18 17.47 -14.16
N GLY K 216 -32.45 17.99 -13.19
CA GLY K 216 -31.03 17.67 -13.08
C GLY K 216 -30.16 18.20 -14.18
N ILE K 217 -30.42 19.42 -14.66
CA ILE K 217 -29.64 20.04 -15.71
C ILE K 217 -29.07 21.36 -15.21
N ASN K 218 -28.39 22.05 -16.10
CA ASN K 218 -27.85 23.38 -15.84
C ASN K 218 -28.64 24.40 -16.65
N ILE K 219 -29.02 25.50 -16.00
CA ILE K 219 -29.76 26.58 -16.64
C ILE K 219 -28.96 27.87 -16.46
N THR K 220 -28.79 28.61 -17.55
CA THR K 220 -28.10 29.89 -17.51
C THR K 220 -28.80 30.99 -18.28
N ARG K 221 -29.69 30.67 -19.21
CA ARG K 221 -30.38 31.68 -19.99
C ARG K 221 -31.85 31.31 -20.07
N PHE K 222 -32.71 32.28 -20.35
CA PHE K 222 -34.12 31.99 -20.44
C PHE K 222 -34.82 33.04 -21.28
N GLN K 223 -36.00 32.68 -21.78
CA GLN K 223 -36.80 33.55 -22.63
C GLN K 223 -38.28 33.27 -22.42
N THR K 224 -39.11 34.19 -22.85
CA THR K 224 -40.57 34.09 -22.73
C THR K 224 -41.19 33.66 -24.05
N LEU K 225 -42.48 33.31 -24.05
CA LEU K 225 -43.20 32.81 -25.21
C LEU K 225 -44.51 33.56 -25.38
N LEU K 226 -44.91 33.76 -26.64
CA LEU K 226 -45.98 34.67 -27.01
C LEU K 226 -47.00 33.95 -27.88
N ALA K 227 -48.17 34.58 -28.05
CA ALA K 227 -49.34 33.96 -28.69
C ALA K 227 -49.46 34.27 -30.19
N LEU K 228 -49.66 35.53 -30.55
CA LEU K 228 -49.60 35.99 -31.94
C LEU K 228 -50.62 35.30 -32.85
N HIS K 229 -51.90 35.62 -32.65
CA HIS K 229 -52.93 35.23 -33.62
C HIS K 229 -52.64 35.81 -35.00
N ARG K 230 -52.97 35.03 -36.03
CA ARG K 230 -52.95 35.52 -37.40
C ARG K 230 -54.25 36.23 -37.73
N SER K 231 -54.20 37.17 -38.66
CA SER K 231 -55.35 38.01 -39.00
C SER K 231 -56.34 37.30 -39.91
N SER K 240 -49.13 35.80 -43.68
CA SER K 240 -48.69 35.79 -42.29
C SER K 240 -49.17 37.04 -41.57
N GLY K 241 -50.47 37.11 -41.30
CA GLY K 241 -51.06 38.27 -40.66
C GLY K 241 -50.42 38.59 -39.33
N TRP K 242 -50.57 37.69 -38.37
CA TRP K 242 -49.94 37.81 -37.05
C TRP K 242 -50.26 39.16 -36.42
N THR K 243 -51.56 39.35 -36.15
CA THR K 243 -52.07 40.59 -35.60
C THR K 243 -51.25 41.04 -34.40
N ALA K 244 -50.72 42.26 -34.49
CA ALA K 244 -49.78 42.75 -33.50
C ALA K 244 -50.43 42.84 -32.13
N GLY K 245 -49.64 42.59 -31.08
CA GLY K 245 -50.13 42.67 -29.71
C GLY K 245 -49.09 43.29 -28.80
N ALA K 246 -49.52 43.55 -27.57
CA ALA K 246 -48.67 44.16 -26.55
C ALA K 246 -48.54 43.21 -25.37
N ALA K 247 -47.31 42.96 -24.94
CA ALA K 247 -47.05 42.04 -23.84
C ALA K 247 -46.04 42.66 -22.89
N ALA K 248 -46.49 42.96 -21.67
CA ALA K 248 -45.66 43.65 -20.69
C ALA K 248 -45.35 42.72 -19.53
N TYR K 249 -44.08 42.62 -19.17
CA TYR K 249 -43.74 41.77 -18.05
C TYR K 249 -42.55 42.30 -17.27
N TYR K 250 -42.50 41.92 -16.00
CA TYR K 250 -41.50 42.34 -15.03
C TYR K 250 -40.53 41.20 -14.81
N VAL K 251 -39.25 41.52 -14.69
CA VAL K 251 -38.24 40.52 -14.38
C VAL K 251 -37.29 41.07 -13.33
N GLY K 252 -37.13 40.34 -12.23
CA GLY K 252 -36.14 40.66 -11.23
C GLY K 252 -35.33 39.42 -10.89
N TYR K 253 -34.21 39.62 -10.23
CA TYR K 253 -33.31 38.52 -9.93
C TYR K 253 -33.17 38.32 -8.43
N LEU K 254 -32.88 37.09 -8.05
CA LEU K 254 -32.75 36.69 -6.65
C LEU K 254 -31.28 36.54 -6.30
N GLN K 255 -30.89 37.03 -5.14
CA GLN K 255 -29.59 36.69 -4.59
C GLN K 255 -29.75 36.30 -3.12
N PRO K 256 -28.74 35.65 -2.54
CA PRO K 256 -28.91 35.07 -1.20
C PRO K 256 -28.92 36.13 -0.12
N ARG K 257 -29.98 36.15 0.68
CA ARG K 257 -30.14 37.11 1.74
C ARG K 257 -30.93 36.47 2.87
N THR K 258 -30.85 37.07 4.04
CA THR K 258 -31.54 36.60 5.23
C THR K 258 -32.81 37.42 5.42
N PHE K 259 -33.92 36.72 5.60
CA PHE K 259 -35.21 37.35 5.81
C PHE K 259 -35.75 36.91 7.14
N LEU K 260 -36.56 37.74 7.75
CA LEU K 260 -37.31 37.38 8.94
C LEU K 260 -38.78 37.36 8.54
N LEU K 261 -39.33 36.17 8.39
CA LEU K 261 -40.70 35.98 7.97
C LEU K 261 -41.61 35.87 9.18
N LYS K 262 -42.87 36.25 9.00
CA LYS K 262 -43.86 36.24 10.06
C LYS K 262 -45.00 35.31 9.66
N TYR K 263 -45.18 34.22 10.40
CA TYR K 263 -46.28 33.30 10.16
C TYR K 263 -47.39 33.62 11.14
N ASN K 264 -48.59 33.82 10.62
CA ASN K 264 -49.76 34.06 11.45
C ASN K 264 -50.28 32.74 12.01
N GLU K 265 -51.49 32.77 12.56
CA GLU K 265 -52.04 31.59 13.24
C GLU K 265 -52.29 30.44 12.28
N ASN K 266 -52.69 30.72 11.05
CA ASN K 266 -53.03 29.70 10.08
C ASN K 266 -51.83 29.17 9.32
N GLY K 267 -50.64 29.70 9.58
CA GLY K 267 -49.45 29.24 8.90
C GLY K 267 -49.06 30.00 7.67
N THR K 268 -49.62 31.18 7.45
CA THR K 268 -49.35 32.02 6.27
C THR K 268 -48.25 33.01 6.57
N ILE K 269 -47.36 33.23 5.59
CA ILE K 269 -46.45 34.37 5.65
C ILE K 269 -47.28 35.64 5.51
N THR K 270 -47.21 36.53 6.49
CA THR K 270 -47.92 37.79 6.37
C THR K 270 -47.00 39.01 6.34
N ASP K 271 -45.75 38.88 6.76
CA ASP K 271 -44.79 39.95 6.66
C ASP K 271 -43.41 39.34 6.55
N ALA K 272 -42.48 40.13 6.03
CA ALA K 272 -41.08 39.75 6.01
C ALA K 272 -40.24 41.00 6.17
N VAL K 273 -39.09 40.83 6.77
CA VAL K 273 -38.12 41.90 6.97
C VAL K 273 -36.84 41.49 6.26
N ASP K 274 -36.32 42.37 5.42
CA ASP K 274 -35.04 42.18 4.76
C ASP K 274 -33.96 42.72 5.69
N CYS K 275 -33.16 41.83 6.27
CA CYS K 275 -32.25 42.23 7.32
C CYS K 275 -31.20 43.21 6.83
N ALA K 276 -30.66 42.98 5.64
CA ALA K 276 -29.61 43.84 5.10
C ALA K 276 -30.17 45.01 4.31
N LEU K 277 -31.40 45.43 4.56
CA LEU K 277 -31.95 46.59 3.87
C LEU K 277 -31.44 47.89 4.48
N ASP K 278 -31.74 48.12 5.75
CA ASP K 278 -31.38 49.36 6.43
C ASP K 278 -31.06 49.02 7.88
N PRO K 279 -30.48 49.96 8.63
CA PRO K 279 -30.12 49.67 10.03
C PRO K 279 -31.29 49.25 10.89
N LEU K 280 -32.47 49.82 10.67
CA LEU K 280 -33.63 49.42 11.46
C LEU K 280 -34.00 47.96 11.22
N SER K 281 -33.91 47.50 9.98
CA SER K 281 -34.22 46.11 9.69
C SER K 281 -33.15 45.17 10.23
N GLU K 282 -31.90 45.60 10.25
CA GLU K 282 -30.88 44.80 10.92
C GLU K 282 -31.17 44.69 12.40
N THR K 283 -31.62 45.78 13.02
CA THR K 283 -32.02 45.69 14.42
C THR K 283 -33.19 44.74 14.61
N LYS K 284 -34.17 44.81 13.73
CA LYS K 284 -35.33 43.91 13.82
C LYS K 284 -34.91 42.46 13.69
N CYS K 285 -33.99 42.16 12.80
CA CYS K 285 -33.52 40.79 12.65
C CYS K 285 -32.64 40.36 13.81
N THR K 286 -31.94 41.31 14.44
CA THR K 286 -31.14 40.98 15.61
C THR K 286 -32.01 40.65 16.81
N LEU K 287 -33.08 41.41 17.01
CA LEU K 287 -33.99 41.17 18.12
C LEU K 287 -35.02 40.09 17.82
N LYS K 288 -35.09 39.61 16.58
CA LYS K 288 -36.07 38.61 16.15
C LYS K 288 -37.49 39.07 16.47
N SER K 289 -37.76 40.36 16.24
CA SER K 289 -39.08 40.90 16.50
C SER K 289 -39.35 42.00 15.48
N PHE K 290 -40.63 42.21 15.19
CA PHE K 290 -41.03 43.26 14.26
C PHE K 290 -41.20 44.61 14.94
N THR K 291 -41.08 44.67 16.26
CA THR K 291 -41.22 45.89 17.02
C THR K 291 -39.97 46.09 17.86
N VAL K 292 -39.41 47.29 17.81
CA VAL K 292 -38.19 47.61 18.52
C VAL K 292 -38.54 48.65 19.59
N GLU K 293 -38.25 48.32 20.84
CA GLU K 293 -38.41 49.26 21.92
C GLU K 293 -37.26 50.26 21.93
N LYS K 294 -37.50 51.40 22.54
CA LYS K 294 -36.50 52.46 22.59
C LYS K 294 -35.24 51.99 23.29
N GLY K 295 -34.09 52.30 22.70
CA GLY K 295 -32.84 51.82 23.24
C GLY K 295 -31.73 51.97 22.22
N ILE K 296 -30.61 51.32 22.52
CA ILE K 296 -29.47 51.23 21.62
C ILE K 296 -29.05 49.77 21.55
N TYR K 297 -28.90 49.25 20.34
CA TYR K 297 -28.73 47.83 20.11
C TYR K 297 -27.50 47.61 19.26
N GLN K 298 -26.65 46.66 19.67
CA GLN K 298 -25.39 46.46 18.97
C GLN K 298 -25.66 45.43 17.89
N THR K 299 -25.83 45.90 16.67
CA THR K 299 -26.32 45.05 15.60
C THR K 299 -25.23 44.37 14.81
N SER K 300 -24.06 44.97 14.65
CA SER K 300 -23.10 44.32 13.76
C SER K 300 -21.69 44.74 14.14
N ASN K 301 -20.73 44.37 13.29
CA ASN K 301 -19.36 44.84 13.36
C ASN K 301 -18.97 45.34 11.98
N PHE K 302 -18.03 46.26 11.90
CA PHE K 302 -17.54 46.64 10.59
C PHE K 302 -16.03 46.52 10.60
N ARG K 303 -15.49 46.32 9.40
CA ARG K 303 -14.05 46.31 9.20
C ARG K 303 -13.72 47.23 8.05
N VAL K 304 -12.52 47.79 8.09
CA VAL K 304 -11.95 48.47 6.94
C VAL K 304 -11.15 47.42 6.17
N GLN K 305 -11.51 47.21 4.93
CA GLN K 305 -10.89 46.16 4.14
C GLN K 305 -9.60 46.65 3.50
N PRO K 306 -8.59 45.80 3.41
CA PRO K 306 -7.33 46.20 2.78
C PRO K 306 -7.50 46.41 1.28
N THR K 307 -7.14 47.61 0.84
CA THR K 307 -7.37 47.99 -0.56
C THR K 307 -6.49 47.18 -1.51
N GLU K 308 -5.18 47.17 -1.26
CA GLU K 308 -4.26 46.55 -2.21
C GLU K 308 -3.09 45.94 -1.43
N SER K 309 -2.31 45.15 -2.13
CA SER K 309 -1.16 44.46 -1.55
C SER K 309 0.13 45.11 -2.00
N ILE K 310 1.13 45.08 -1.12
CA ILE K 310 2.47 45.53 -1.46
C ILE K 310 3.46 44.46 -1.05
N VAL K 311 4.51 44.30 -1.83
CA VAL K 311 5.58 43.35 -1.56
C VAL K 311 6.90 44.09 -1.66
N ARG K 312 7.74 43.98 -0.64
CA ARG K 312 9.02 44.67 -0.70
C ARG K 312 10.14 43.77 -0.20
N PHE K 313 11.22 43.78 -0.95
CA PHE K 313 12.39 42.94 -0.73
C PHE K 313 13.63 43.81 -0.90
N PRO K 314 14.77 43.40 -0.36
CA PRO K 314 15.97 44.23 -0.44
C PRO K 314 16.45 44.38 -1.88
N ASN K 315 17.36 45.35 -2.07
CA ASN K 315 17.86 45.68 -3.39
C ASN K 315 18.46 44.46 -4.07
N ILE K 316 18.13 44.28 -5.35
CA ILE K 316 18.68 43.20 -6.16
C ILE K 316 20.07 43.64 -6.61
N THR K 317 21.08 43.27 -5.82
CA THR K 317 22.44 43.73 -6.08
C THR K 317 23.42 42.61 -6.40
N ASN K 318 23.59 41.63 -5.50
CA ASN K 318 24.69 40.68 -5.61
C ASN K 318 24.27 39.50 -6.48
N LEU K 319 24.55 39.61 -7.77
CA LEU K 319 24.35 38.50 -8.70
C LEU K 319 25.70 38.16 -9.31
N CYS K 320 26.08 36.88 -9.22
CA CYS K 320 27.12 36.42 -10.13
C CYS K 320 26.39 35.97 -11.38
N PRO K 321 26.58 36.67 -12.48
CA PRO K 321 25.79 36.38 -13.68
C PRO K 321 26.33 35.19 -14.44
N PHE K 322 25.81 34.96 -15.63
CA PHE K 322 26.38 33.98 -16.54
C PHE K 322 27.12 34.63 -17.70
N ASP K 323 27.39 35.93 -17.61
CA ASP K 323 28.23 36.57 -18.62
C ASP K 323 29.66 36.06 -18.58
N GLU K 324 30.13 35.67 -17.40
CA GLU K 324 31.46 35.09 -17.29
C GLU K 324 31.55 33.71 -17.91
N VAL K 325 30.43 33.04 -18.14
CA VAL K 325 30.46 31.67 -18.66
C VAL K 325 29.96 31.63 -20.10
N PHE K 326 29.25 32.66 -20.53
CA PHE K 326 28.80 32.76 -21.91
C PHE K 326 29.66 33.70 -22.75
N ASN K 327 30.12 34.79 -22.16
CA ASN K 327 31.03 35.69 -22.86
C ASN K 327 32.49 35.33 -22.57
N ALA K 328 32.83 34.06 -22.73
CA ALA K 328 34.18 33.61 -22.50
C ALA K 328 35.02 33.82 -23.76
N THR K 329 36.26 34.26 -23.56
CA THR K 329 37.13 34.50 -24.71
C THR K 329 37.44 33.21 -25.46
N ARG K 330 37.45 32.08 -24.76
CA ARG K 330 37.65 30.78 -25.40
C ARG K 330 37.09 29.70 -24.49
N PHE K 331 36.35 28.77 -25.07
CA PHE K 331 35.75 27.69 -24.30
C PHE K 331 36.77 26.61 -24.03
N ALA K 332 36.31 25.46 -23.53
CA ALA K 332 37.16 24.33 -23.19
C ALA K 332 36.76 23.13 -24.03
N SER K 333 37.74 22.35 -24.45
CA SER K 333 37.48 21.15 -25.24
C SER K 333 36.78 20.10 -24.38
N VAL K 334 36.10 19.16 -25.05
CA VAL K 334 35.18 18.28 -24.35
C VAL K 334 35.92 17.38 -23.38
N TYR K 335 37.05 16.80 -23.78
CA TYR K 335 37.80 15.96 -22.87
C TYR K 335 38.30 16.73 -21.66
N ALA K 336 38.39 18.06 -21.76
CA ALA K 336 38.75 18.91 -20.63
C ALA K 336 37.65 19.93 -20.39
N TRP K 337 36.39 19.50 -20.41
CA TRP K 337 35.27 20.43 -20.37
C TRP K 337 35.29 21.24 -19.08
N ASN K 338 35.18 22.56 -19.23
CA ASN K 338 35.29 23.45 -18.08
C ASN K 338 34.07 23.32 -17.18
N ARG K 339 34.29 23.47 -15.88
CA ARG K 339 33.21 23.39 -14.92
C ARG K 339 33.38 24.46 -13.86
N LYS K 340 32.28 25.11 -13.50
CA LYS K 340 32.29 26.14 -12.47
C LYS K 340 31.19 25.89 -11.47
N ARG K 341 31.53 26.05 -10.19
CA ARG K 341 30.55 26.03 -9.12
C ARG K 341 29.98 27.41 -8.91
N ILE K 342 28.67 27.47 -8.68
CA ILE K 342 27.95 28.72 -8.48
C ILE K 342 27.17 28.59 -7.19
N SER K 343 27.47 29.45 -6.23
CA SER K 343 26.89 29.35 -4.90
C SER K 343 26.84 30.75 -4.29
N ASN K 344 25.81 30.99 -3.48
CA ASN K 344 25.60 32.26 -2.79
C ASN K 344 25.48 33.41 -3.79
N CYS K 345 24.41 33.35 -4.59
CA CYS K 345 24.17 34.33 -5.63
C CYS K 345 22.67 34.43 -5.86
N VAL K 346 22.27 35.35 -6.75
CA VAL K 346 20.92 35.41 -7.28
C VAL K 346 21.01 35.29 -8.79
N ALA K 347 20.17 34.45 -9.36
CA ALA K 347 20.26 34.08 -10.77
C ALA K 347 19.04 34.61 -11.52
N ASP K 348 19.23 35.69 -12.27
CA ASP K 348 18.22 36.17 -13.19
C ASP K 348 18.42 35.43 -14.50
N TYR K 349 17.59 34.43 -14.76
CA TYR K 349 17.78 33.56 -15.90
C TYR K 349 17.35 34.19 -17.21
N SER K 350 16.75 35.38 -17.17
CA SER K 350 16.44 36.09 -18.40
C SER K 350 17.68 36.30 -19.25
N VAL K 351 18.85 36.47 -18.60
CA VAL K 351 20.09 36.69 -19.34
C VAL K 351 20.34 35.52 -20.29
N LEU K 352 19.82 34.34 -19.96
CA LEU K 352 19.93 33.21 -20.88
C LEU K 352 19.29 33.55 -22.22
N TYR K 353 18.02 33.98 -22.20
CA TYR K 353 17.29 34.27 -23.43
C TYR K 353 17.93 35.41 -24.21
N ASN K 354 18.75 36.23 -23.56
CA ASN K 354 19.30 37.42 -24.18
C ASN K 354 20.28 37.12 -25.31
N PHE K 355 20.72 35.88 -25.44
CA PHE K 355 21.83 35.55 -26.32
C PHE K 355 21.29 35.04 -27.66
N ALA K 356 22.17 34.43 -28.46
CA ALA K 356 21.99 33.95 -29.83
C ALA K 356 20.74 33.09 -29.98
N PRO K 357 20.27 32.89 -31.22
CA PRO K 357 19.00 32.20 -31.44
C PRO K 357 18.86 30.80 -30.84
N PHE K 358 19.90 30.29 -30.17
CA PHE K 358 19.80 29.07 -29.37
C PHE K 358 19.39 27.87 -30.22
N PHE K 359 20.33 27.45 -31.06
CA PHE K 359 20.21 26.20 -31.81
C PHE K 359 19.61 25.09 -30.96
N ALA K 360 20.01 24.99 -29.70
CA ALA K 360 19.41 24.04 -28.77
C ALA K 360 19.16 24.70 -27.43
N PHE K 361 17.99 24.43 -26.85
CA PHE K 361 17.66 24.92 -25.50
C PHE K 361 16.61 23.97 -24.94
N LYS K 362 17.02 23.07 -24.05
CA LYS K 362 16.12 21.98 -23.70
C LYS K 362 16.35 21.51 -22.28
N CYS K 363 15.25 21.15 -21.60
CA CYS K 363 15.28 20.42 -20.34
C CYS K 363 13.92 19.89 -19.93
N TYR K 364 13.93 19.22 -18.79
CA TYR K 364 12.88 18.32 -18.35
C TYR K 364 12.44 18.71 -16.94
N GLY K 365 11.14 18.61 -16.68
CA GLY K 365 10.62 18.92 -15.36
C GLY K 365 10.65 20.41 -15.06
N VAL K 366 11.84 21.00 -15.13
CA VAL K 366 11.99 22.44 -14.93
C VAL K 366 11.58 23.16 -16.21
N SER K 367 11.20 24.42 -16.08
CA SER K 367 10.97 25.31 -17.21
C SER K 367 11.75 26.58 -16.94
N PRO K 368 12.02 27.37 -17.98
CA PRO K 368 12.77 28.62 -17.75
C PRO K 368 12.11 29.54 -16.75
N THR K 369 10.78 29.57 -16.70
CA THR K 369 10.05 30.47 -15.82
C THR K 369 9.72 29.86 -14.47
N LYS K 370 9.81 28.54 -14.33
CA LYS K 370 9.52 27.89 -13.06
C LYS K 370 10.73 27.85 -12.14
N LEU K 371 11.90 27.48 -12.68
CA LEU K 371 13.12 27.51 -11.89
C LEU K 371 13.46 28.92 -11.41
N ASN K 372 12.89 29.93 -12.06
CA ASN K 372 13.00 31.30 -11.55
C ASN K 372 12.22 31.51 -10.27
N ASP K 373 11.44 30.51 -9.85
CA ASP K 373 10.62 30.58 -8.65
C ASP K 373 11.23 29.85 -7.46
N LEU K 374 11.60 28.58 -7.63
CA LEU K 374 12.20 27.83 -6.54
C LEU K 374 13.70 28.07 -6.47
N CYS K 375 14.39 27.31 -5.62
CA CYS K 375 15.75 27.67 -5.23
C CYS K 375 16.58 26.41 -5.07
N PHE K 376 17.88 26.53 -5.31
CA PHE K 376 18.77 25.38 -5.35
C PHE K 376 20.06 25.66 -4.61
N THR K 377 20.69 24.58 -4.11
CA THR K 377 21.89 24.73 -3.28
C THR K 377 23.10 25.13 -4.12
N ASN K 378 23.29 24.50 -5.27
CA ASN K 378 24.44 24.80 -6.12
C ASN K 378 24.03 24.81 -7.58
N VAL K 379 24.75 25.58 -8.39
CA VAL K 379 24.55 25.59 -9.84
C VAL K 379 25.90 25.32 -10.51
N TYR K 380 25.97 24.27 -11.30
CA TYR K 380 27.20 23.86 -11.96
C TYR K 380 27.11 24.20 -13.45
N ALA K 381 28.04 25.02 -13.91
CA ALA K 381 28.12 25.41 -15.31
C ALA K 381 29.19 24.57 -15.98
N ASP K 382 28.77 23.75 -16.95
CA ASP K 382 29.69 22.92 -17.74
C ASP K 382 29.75 23.49 -19.13
N SER K 383 30.95 23.88 -19.56
CA SER K 383 31.14 24.56 -20.84
C SER K 383 32.08 23.73 -21.72
N PHE K 384 31.66 23.50 -22.96
CA PHE K 384 32.53 22.85 -23.93
C PHE K 384 32.06 23.17 -25.33
N VAL K 385 32.73 22.57 -26.32
CA VAL K 385 32.45 22.79 -27.73
C VAL K 385 32.34 21.44 -28.43
N ILE K 386 31.20 21.20 -29.08
CA ILE K 386 31.00 19.95 -29.81
C ILE K 386 30.53 20.28 -31.22
N ARG K 387 30.13 19.26 -31.96
CA ARG K 387 29.57 19.44 -33.29
C ARG K 387 28.04 19.39 -33.22
N GLY K 388 27.41 20.00 -34.23
CA GLY K 388 25.96 20.02 -34.25
C GLY K 388 25.36 18.63 -34.31
N ASN K 389 25.92 17.75 -35.14
CA ASN K 389 25.46 16.37 -35.18
C ASN K 389 25.77 15.62 -33.89
N GLU K 390 26.71 16.13 -33.10
CA GLU K 390 26.98 15.54 -31.78
C GLU K 390 26.10 16.11 -30.68
N VAL K 391 25.37 17.20 -30.95
CA VAL K 391 24.60 17.85 -29.88
C VAL K 391 23.46 16.94 -29.42
N SER K 392 22.85 16.21 -30.35
CA SER K 392 21.74 15.34 -30.00
C SER K 392 22.15 14.22 -29.05
N GLN K 393 23.45 13.97 -28.90
CA GLN K 393 23.93 13.02 -27.91
C GLN K 393 23.70 13.52 -26.48
N ILE K 394 23.46 14.82 -26.31
CA ILE K 394 23.47 15.43 -24.96
C ILE K 394 22.05 15.31 -24.43
N ALA K 395 21.74 14.16 -23.86
CA ALA K 395 20.43 13.87 -23.30
C ALA K 395 20.49 12.57 -22.50
N PRO K 396 19.62 12.39 -21.51
CA PRO K 396 19.63 11.13 -20.76
C PRO K 396 19.30 9.94 -21.65
N GLY K 397 19.95 8.82 -21.36
CA GLY K 397 19.75 7.61 -22.16
C GLY K 397 20.13 7.78 -23.61
N GLN K 398 21.25 8.44 -23.88
CA GLN K 398 21.71 8.69 -25.24
C GLN K 398 23.14 8.21 -25.41
N THR K 399 23.45 7.76 -26.62
CA THR K 399 24.74 7.19 -26.96
C THR K 399 25.37 7.92 -28.13
N GLY K 400 26.68 7.76 -28.25
CA GLY K 400 27.48 8.49 -29.21
C GLY K 400 28.86 8.69 -28.62
N ASN K 401 29.81 9.16 -29.41
CA ASN K 401 31.18 9.32 -28.90
C ASN K 401 31.22 10.23 -27.69
N ILE K 402 30.64 11.42 -27.81
CA ILE K 402 30.55 12.32 -26.67
C ILE K 402 29.73 11.69 -25.56
N ALA K 403 28.60 11.08 -25.91
CA ALA K 403 27.73 10.49 -24.90
C ALA K 403 28.37 9.24 -24.27
N ASP K 404 29.23 8.55 -25.01
CA ASP K 404 29.85 7.35 -24.46
C ASP K 404 31.05 7.68 -23.58
N TYR K 405 32.08 8.29 -24.17
CA TYR K 405 33.36 8.40 -23.50
C TYR K 405 33.83 9.82 -23.21
N ASN K 406 33.05 10.84 -23.57
CA ASN K 406 33.59 12.18 -23.40
C ASN K 406 32.75 13.04 -22.46
N TYR K 407 31.44 12.77 -22.38
CA TYR K 407 30.58 13.50 -21.46
C TYR K 407 29.33 12.68 -21.22
N LYS K 408 29.15 12.20 -19.98
CA LYS K 408 28.06 11.33 -19.64
C LYS K 408 26.98 12.10 -18.89
N LEU K 409 25.74 11.98 -19.36
CA LEU K 409 24.61 12.58 -18.69
C LEU K 409 23.86 11.54 -17.89
N PRO K 410 23.65 11.77 -16.59
CA PRO K 410 22.83 10.85 -15.80
C PRO K 410 21.37 10.94 -16.22
N ASP K 411 20.64 9.86 -15.98
CA ASP K 411 19.23 9.83 -16.36
C ASP K 411 18.40 10.70 -15.43
N ASP K 412 18.73 10.73 -14.14
CA ASP K 412 18.04 11.57 -13.17
C ASP K 412 18.56 13.00 -13.17
N PHE K 413 19.18 13.42 -14.26
CA PHE K 413 19.80 14.73 -14.35
C PHE K 413 18.78 15.84 -14.18
N THR K 414 19.07 16.76 -13.25
CA THR K 414 18.25 17.94 -13.02
C THR K 414 19.08 19.15 -13.43
N GLY K 415 18.56 19.91 -14.38
CA GLY K 415 19.31 20.96 -15.05
C GLY K 415 19.06 20.84 -16.55
N CYS K 416 19.73 21.70 -17.31
CA CYS K 416 19.48 21.60 -18.74
C CYS K 416 20.48 22.33 -19.61
N VAL K 417 20.25 22.21 -20.93
CA VAL K 417 21.29 22.25 -21.95
C VAL K 417 21.01 23.39 -22.90
N ILE K 418 22.03 24.22 -23.14
CA ILE K 418 21.94 25.36 -24.03
C ILE K 418 23.11 25.29 -25.01
N ALA K 419 22.81 25.21 -26.30
CA ALA K 419 23.82 25.13 -27.34
C ALA K 419 23.54 26.20 -28.38
N TRP K 420 24.59 26.87 -28.82
CA TRP K 420 24.45 27.90 -29.83
C TRP K 420 25.60 27.83 -30.83
N ASN K 421 25.35 28.39 -32.01
CA ASN K 421 26.31 28.36 -33.10
C ASN K 421 27.53 29.19 -32.75
N SER K 422 28.69 28.76 -33.23
CA SER K 422 29.95 29.43 -32.94
C SER K 422 30.85 29.47 -34.16
N ASN K 423 30.25 29.70 -35.34
CA ASN K 423 31.05 29.83 -36.55
C ASN K 423 31.96 31.05 -36.50
N LYS K 424 31.46 32.17 -35.98
CA LYS K 424 32.26 33.39 -35.93
C LYS K 424 33.50 33.19 -35.07
N LEU K 425 33.35 32.57 -33.91
CA LEU K 425 34.41 32.49 -32.91
C LEU K 425 35.28 31.26 -33.06
N ASP K 426 34.68 30.07 -33.18
CA ASP K 426 35.42 28.82 -33.08
C ASP K 426 35.78 28.22 -34.42
N SER K 427 35.46 28.89 -35.53
CA SER K 427 35.81 28.42 -36.87
C SER K 427 36.91 29.28 -37.44
N LYS K 428 37.93 28.63 -38.01
CA LYS K 428 39.07 29.32 -38.61
C LYS K 428 39.37 28.72 -39.96
N VAL K 429 39.79 29.57 -40.89
CA VAL K 429 40.24 29.10 -42.19
C VAL K 429 41.51 28.27 -42.01
N GLY K 430 41.63 27.21 -42.80
CA GLY K 430 42.74 26.30 -42.65
C GLY K 430 42.56 25.25 -41.57
N GLY K 431 41.41 25.20 -40.92
CA GLY K 431 41.19 24.27 -39.84
C GLY K 431 41.66 24.80 -38.50
N ASN K 432 40.78 24.81 -37.51
CA ASN K 432 41.12 25.23 -36.16
C ASN K 432 41.48 23.98 -35.36
N TYR K 433 42.77 23.79 -35.12
CA TYR K 433 43.30 22.57 -34.53
C TYR K 433 43.43 22.66 -33.01
N ASN K 434 42.56 23.43 -32.35
CA ASN K 434 42.64 23.63 -30.91
C ASN K 434 41.62 22.82 -30.12
N TYR K 435 40.71 22.11 -30.78
CA TYR K 435 39.61 21.43 -30.10
C TYR K 435 39.77 19.92 -30.28
N LEU K 436 39.83 19.20 -29.17
CA LEU K 436 40.10 17.76 -29.17
C LEU K 436 38.93 17.02 -28.54
N TYR K 437 38.60 15.86 -29.11
CA TYR K 437 37.56 15.00 -28.57
C TYR K 437 38.08 13.59 -28.45
N ARG K 438 37.66 12.90 -27.39
CA ARG K 438 38.10 11.53 -27.18
C ARG K 438 37.49 10.61 -28.23
N LEU K 439 38.29 9.68 -28.72
CA LEU K 439 37.89 8.69 -29.72
C LEU K 439 37.90 7.26 -29.20
N PHE K 440 38.98 6.85 -28.55
CA PHE K 440 39.13 5.48 -28.07
C PHE K 440 38.89 5.42 -26.58
N ARG K 441 38.05 4.48 -26.15
CA ARG K 441 37.90 4.17 -24.73
C ARG K 441 37.28 2.80 -24.58
N LYS K 442 37.65 2.12 -23.49
CA LYS K 442 37.19 0.76 -23.28
C LYS K 442 35.73 0.72 -22.85
N SER K 443 35.30 1.66 -22.02
CA SER K 443 33.94 1.68 -21.51
C SER K 443 33.46 3.12 -21.35
N ASN K 444 32.15 3.25 -21.17
CA ASN K 444 31.55 4.57 -20.98
C ASN K 444 31.97 5.16 -19.65
N LEU K 445 32.01 6.49 -19.60
CA LEU K 445 32.33 7.19 -18.37
C LEU K 445 31.15 7.13 -17.40
N LYS K 446 31.47 7.22 -16.11
CA LYS K 446 30.45 7.44 -15.10
C LYS K 446 29.87 8.85 -15.24
N PRO K 447 28.69 9.10 -14.68
CA PRO K 447 28.10 10.44 -14.79
C PRO K 447 29.04 11.52 -14.27
N PHE K 448 29.17 12.60 -15.05
CA PHE K 448 29.99 13.75 -14.69
C PHE K 448 31.40 13.33 -14.31
N GLU K 449 31.98 12.44 -15.11
CA GLU K 449 33.32 11.95 -14.90
C GLU K 449 34.26 12.60 -15.89
N ARG K 450 35.46 12.96 -15.43
CA ARG K 450 36.44 13.65 -16.23
C ARG K 450 37.71 12.80 -16.32
N ASP K 451 38.31 12.77 -17.52
CA ASP K 451 39.55 12.02 -17.74
C ASP K 451 40.41 12.80 -18.74
N ILE K 452 41.32 13.62 -18.21
CA ILE K 452 42.22 14.41 -19.04
C ILE K 452 43.51 13.66 -19.37
N SER K 453 43.68 12.45 -18.85
CA SER K 453 44.88 11.66 -19.15
C SER K 453 44.95 11.34 -20.63
N THR K 454 46.17 11.38 -21.18
CA THR K 454 46.42 11.15 -22.61
C THR K 454 47.47 10.06 -22.75
N GLU K 455 47.01 8.83 -22.97
CA GLU K 455 47.87 7.67 -23.09
C GLU K 455 47.76 7.10 -24.49
N ILE K 456 48.85 6.48 -24.96
CA ILE K 456 48.83 5.83 -26.26
C ILE K 456 47.91 4.63 -26.16
N TYR K 457 46.72 4.73 -26.75
CA TYR K 457 45.75 3.65 -26.71
C TYR K 457 46.25 2.47 -27.54
N GLN K 458 46.11 1.27 -26.98
CA GLN K 458 46.55 0.04 -27.63
C GLN K 458 45.34 -0.66 -28.24
N ALA K 459 45.46 -1.03 -29.52
CA ALA K 459 44.36 -1.66 -30.24
C ALA K 459 44.57 -3.15 -30.47
N GLY K 460 45.64 -3.73 -29.92
CA GLY K 460 45.93 -5.12 -30.17
C GLY K 460 46.77 -5.74 -29.07
N ASN K 461 47.15 -7.00 -29.28
CA ASN K 461 48.02 -7.70 -28.33
C ASN K 461 49.45 -7.21 -28.39
N LYS K 462 49.82 -6.40 -29.38
CA LYS K 462 51.15 -5.84 -29.44
C LYS K 462 51.24 -4.66 -28.48
N PRO K 463 52.08 -4.73 -27.45
CA PRO K 463 52.17 -3.60 -26.52
C PRO K 463 52.73 -2.36 -27.17
N CYS K 464 52.21 -1.21 -26.75
CA CYS K 464 52.67 0.09 -27.25
C CYS K 464 53.75 0.67 -26.36
N ASN K 465 53.43 0.89 -25.08
CA ASN K 465 54.39 1.37 -24.08
C ASN K 465 55.06 2.66 -24.53
N GLY K 466 54.26 3.60 -25.01
CA GLY K 466 54.76 4.85 -25.53
C GLY K 466 55.13 4.83 -26.99
N VAL K 467 54.97 3.72 -27.68
CA VAL K 467 55.25 3.61 -29.10
C VAL K 467 53.93 3.57 -29.85
N ALA K 468 53.77 4.48 -30.81
CA ALA K 468 52.59 4.53 -31.65
C ALA K 468 52.86 3.80 -32.96
N GLY K 469 53.00 2.48 -32.86
CA GLY K 469 53.28 1.65 -34.01
C GLY K 469 52.20 0.63 -34.30
N PHE K 470 51.78 0.54 -35.56
CA PHE K 470 50.76 -0.41 -36.02
C PHE K 470 49.48 -0.12 -35.24
N ASN K 471 48.97 -1.05 -34.44
CA ASN K 471 47.74 -0.85 -33.69
C ASN K 471 48.06 -0.15 -32.37
N CYS K 472 48.53 1.09 -32.50
CA CYS K 472 48.84 1.95 -31.36
C CYS K 472 48.48 3.38 -31.77
N TYR K 473 47.38 3.89 -31.23
CA TYR K 473 46.80 5.14 -31.73
C TYR K 473 46.52 6.11 -30.60
N PHE K 474 46.51 7.39 -30.93
CA PHE K 474 46.13 8.41 -29.95
C PHE K 474 44.61 8.45 -29.84
N PRO K 475 44.05 8.33 -28.63
CA PRO K 475 42.59 8.27 -28.49
C PRO K 475 41.89 9.60 -28.63
N LEU K 476 42.61 10.68 -28.91
CA LEU K 476 42.02 12.00 -29.07
C LEU K 476 42.18 12.46 -30.51
N ARG K 477 41.13 13.10 -31.05
CA ARG K 477 41.11 13.55 -32.42
C ARG K 477 40.71 15.03 -32.45
N SER K 478 41.36 15.79 -33.31
CA SER K 478 41.10 17.22 -33.39
C SER K 478 39.97 17.51 -34.37
N TYR K 479 39.13 18.48 -34.02
CA TYR K 479 38.08 18.92 -34.90
C TYR K 479 38.65 19.80 -36.01
N GLY K 480 37.95 19.83 -37.14
CA GLY K 480 38.32 20.72 -38.22
C GLY K 480 37.79 22.12 -38.02
N PHE K 481 36.46 22.25 -37.96
CA PHE K 481 35.80 23.54 -37.75
C PHE K 481 36.21 24.56 -38.81
N ARG K 482 36.26 24.13 -40.05
CA ARG K 482 36.49 25.10 -41.12
C ARG K 482 35.22 25.89 -41.37
N PRO K 483 35.36 27.17 -41.78
CA PRO K 483 34.17 28.02 -41.89
C PRO K 483 33.16 27.54 -42.91
N THR K 484 33.55 26.68 -43.84
CA THR K 484 32.63 26.20 -44.87
C THR K 484 31.89 24.93 -44.50
N TYR K 485 32.17 24.34 -43.34
CA TYR K 485 31.55 23.07 -42.97
C TYR K 485 30.03 23.21 -42.91
N GLY K 486 29.36 22.06 -42.89
CA GLY K 486 27.92 22.05 -42.77
C GLY K 486 27.46 22.45 -41.38
N VAL K 487 26.15 22.68 -41.27
CA VAL K 487 25.60 23.12 -40.00
C VAL K 487 25.73 22.03 -38.94
N GLY K 488 25.72 20.76 -39.36
CA GLY K 488 25.92 19.67 -38.42
C GLY K 488 27.36 19.45 -38.03
N HIS K 489 28.30 20.06 -38.76
CA HIS K 489 29.72 19.95 -38.44
C HIS K 489 30.36 21.30 -38.19
N GLN K 490 29.58 22.37 -38.12
CA GLN K 490 30.04 23.63 -37.57
C GLN K 490 30.21 23.48 -36.06
N PRO K 491 31.07 24.27 -35.44
CA PRO K 491 31.25 24.15 -33.99
C PRO K 491 30.15 24.83 -33.18
N TYR K 492 29.67 24.12 -32.17
CA TYR K 492 28.60 24.61 -31.32
C TYR K 492 29.10 24.68 -29.89
N ARG K 493 28.92 25.84 -29.27
CA ARG K 493 29.22 26.02 -27.86
C ARG K 493 28.06 25.48 -27.05
N VAL K 494 28.37 24.69 -26.03
CA VAL K 494 27.36 24.05 -25.19
C VAL K 494 27.65 24.37 -23.74
N VAL K 495 26.62 24.79 -23.02
CA VAL K 495 26.66 25.00 -21.59
C VAL K 495 25.54 24.19 -20.95
N VAL K 496 25.88 23.43 -19.93
CA VAL K 496 24.93 22.61 -19.20
C VAL K 496 24.86 23.13 -17.78
N LEU K 497 23.66 23.48 -17.34
CA LEU K 497 23.44 23.91 -15.96
C LEU K 497 22.95 22.70 -15.17
N SER K 498 23.61 22.41 -14.05
CA SER K 498 23.25 21.31 -13.18
C SER K 498 22.88 21.86 -11.81
N PHE K 499 21.69 21.49 -11.32
CA PHE K 499 21.13 22.08 -10.11
C PHE K 499 21.24 21.08 -8.97
N GLU K 500 21.84 21.52 -7.85
CA GLU K 500 21.88 20.74 -6.62
C GLU K 500 20.94 21.37 -5.62
N LEU K 501 20.01 20.57 -5.10
CA LEU K 501 19.11 20.96 -4.02
C LEU K 501 19.38 20.14 -2.76
N LEU K 502 20.66 19.92 -2.47
CA LEU K 502 21.06 19.14 -1.31
C LEU K 502 20.52 19.79 -0.03
N HIS K 503 20.59 19.02 1.06
CA HIS K 503 19.97 19.45 2.31
C HIS K 503 20.70 20.60 2.99
N ALA K 504 21.83 21.05 2.45
CA ALA K 504 22.44 22.28 2.94
C ALA K 504 21.54 23.47 2.59
N PRO K 505 21.66 24.57 3.32
CA PRO K 505 20.84 25.74 3.02
C PRO K 505 21.03 26.22 1.59
N ALA K 506 19.92 26.62 0.96
CA ALA K 506 19.94 27.09 -0.42
C ALA K 506 20.39 28.54 -0.48
N THR K 507 21.19 28.87 -1.50
CA THR K 507 21.79 30.19 -1.60
C THR K 507 21.75 30.81 -2.99
N VAL K 508 21.42 30.06 -4.04
CA VAL K 508 21.33 30.61 -5.39
C VAL K 508 19.92 30.38 -5.89
N CYS K 509 19.25 31.47 -6.25
CA CYS K 509 17.89 31.45 -6.80
C CYS K 509 17.43 32.86 -7.13
N GLY K 510 16.25 32.94 -7.74
CA GLY K 510 15.85 34.07 -8.55
C GLY K 510 15.47 35.32 -7.78
N PRO K 511 15.33 36.43 -8.50
CA PRO K 511 14.97 37.69 -7.86
C PRO K 511 13.60 37.63 -7.22
N LYS K 512 13.45 38.41 -6.14
CA LYS K 512 12.19 38.38 -5.40
C LYS K 512 11.30 39.55 -5.76
N LYS K 513 11.86 40.60 -6.38
CA LYS K 513 11.11 41.78 -6.84
C LYS K 513 10.53 42.57 -5.67
N SER K 514 10.07 43.79 -5.94
CA SER K 514 9.43 44.60 -4.91
C SER K 514 8.54 45.63 -5.58
N THR K 515 7.39 45.88 -4.97
CA THR K 515 6.34 46.69 -5.57
C THR K 515 6.19 47.99 -4.79
N ASN K 516 6.15 49.10 -5.52
CA ASN K 516 5.94 50.41 -4.91
C ASN K 516 5.26 51.36 -5.88
N LEU K 517 5.06 50.58 -1.85
CA LEU K 517 5.03 51.15 -0.50
C LEU K 517 3.96 52.23 -0.40
N VAL K 518 2.81 51.86 0.15
CA VAL K 518 1.67 52.75 0.24
C VAL K 518 1.42 53.03 1.71
N LYS K 519 1.73 54.24 2.14
CA LYS K 519 1.54 54.62 3.52
C LYS K 519 0.15 55.20 3.73
N ASN K 520 -0.25 55.29 4.99
CA ASN K 520 -1.48 55.95 5.39
C ASN K 520 -2.71 55.32 4.75
N LYS K 521 -2.65 54.02 4.48
CA LYS K 521 -3.73 53.33 3.79
C LYS K 521 -3.68 51.87 4.15
N CYS K 522 -4.83 51.30 4.51
CA CYS K 522 -4.86 49.92 4.99
C CYS K 522 -4.53 48.99 3.83
N VAL K 523 -3.30 48.49 3.82
CA VAL K 523 -2.81 47.64 2.75
C VAL K 523 -2.58 46.23 3.29
N ASN K 524 -2.23 45.34 2.37
CA ASN K 524 -1.90 43.96 2.68
C ASN K 524 -0.42 43.77 2.36
N PHE K 525 0.43 43.90 3.36
CA PHE K 525 1.85 44.08 3.14
C PHE K 525 2.62 42.79 3.40
N ASN K 526 3.82 42.75 2.80
CA ASN K 526 4.76 41.65 2.97
C ASN K 526 6.16 42.25 2.88
N PHE K 527 6.85 42.31 4.01
CA PHE K 527 8.22 42.81 4.09
C PHE K 527 9.14 41.63 4.38
N ASN K 528 9.86 41.16 3.37
CA ASN K 528 10.84 40.09 3.52
C ASN K 528 10.23 38.83 4.13
N GLY K 529 9.04 38.47 3.69
CA GLY K 529 8.38 37.30 4.22
C GLY K 529 7.65 37.53 5.52
N LEU K 530 7.76 38.72 6.11
CA LEU K 530 6.91 39.12 7.22
C LEU K 530 5.64 39.70 6.65
N THR K 531 4.57 38.94 6.71
CA THR K 531 3.32 39.36 6.10
C THR K 531 2.36 39.93 7.14
N GLY K 532 1.34 40.61 6.64
CA GLY K 532 0.30 41.10 7.51
C GLY K 532 -0.58 42.08 6.77
N THR K 533 -1.45 42.74 7.52
CA THR K 533 -2.31 43.77 6.97
C THR K 533 -2.36 44.93 7.94
N GLY K 534 -2.52 46.12 7.41
CA GLY K 534 -2.62 47.27 8.28
C GLY K 534 -2.19 48.53 7.57
N VAL K 535 -2.11 49.60 8.36
CA VAL K 535 -1.79 50.93 7.88
C VAL K 535 -0.34 51.20 8.24
N LEU K 536 0.46 51.52 7.23
CA LEU K 536 1.89 51.77 7.41
C LEU K 536 2.10 53.26 7.54
N THR K 537 2.91 53.66 8.52
CA THR K 537 3.09 55.07 8.84
C THR K 537 4.56 55.31 9.11
N GLU K 538 5.04 56.50 8.80
CA GLU K 538 6.40 56.84 9.18
C GLU K 538 6.51 56.91 10.69
N SER K 539 7.67 56.52 11.21
CA SER K 539 7.87 56.42 12.65
C SER K 539 9.20 57.02 13.05
N ASN K 540 9.26 57.45 14.31
CA ASN K 540 10.49 57.94 14.90
C ASN K 540 11.18 56.90 15.76
N LYS K 541 10.73 55.64 15.72
CA LYS K 541 11.45 54.57 16.38
C LYS K 541 12.84 54.44 15.79
N LYS K 542 13.81 54.13 16.64
CA LYS K 542 15.20 53.98 16.23
C LYS K 542 15.61 52.54 16.49
N PHE K 543 15.57 51.72 15.44
CA PHE K 543 16.07 50.36 15.53
C PHE K 543 17.58 50.37 15.64
N LEU K 544 18.12 49.29 16.18
CA LEU K 544 19.55 49.08 16.06
C LEU K 544 19.88 48.50 14.68
N PRO K 545 21.07 48.80 14.16
CA PRO K 545 21.32 48.55 12.72
C PRO K 545 21.10 47.12 12.28
N PHE K 546 21.13 46.15 13.18
CA PHE K 546 20.87 44.77 12.80
C PHE K 546 19.41 44.38 13.00
N GLN K 547 18.57 45.26 13.51
CA GLN K 547 17.20 44.92 13.90
C GLN K 547 16.23 45.25 12.78
N GLN K 548 15.37 44.29 12.45
CA GLN K 548 14.49 44.41 11.30
C GLN K 548 13.01 44.52 11.65
N PHE K 549 12.58 44.05 12.82
CA PHE K 549 11.20 44.12 13.23
C PHE K 549 11.09 44.90 14.52
N GLY K 550 9.86 45.21 14.88
CA GLY K 550 9.54 45.67 16.23
C GLY K 550 8.40 44.86 16.75
N ARG K 551 8.45 44.55 18.04
CA ARG K 551 7.46 43.69 18.66
C ARG K 551 6.84 44.40 19.86
N ASP K 552 5.60 44.05 20.13
CA ASP K 552 4.80 44.63 21.21
C ASP K 552 4.91 43.72 22.44
N ILE K 553 4.51 44.26 23.58
CA ILE K 553 4.50 43.47 24.83
C ILE K 553 3.73 42.18 24.66
N ALA K 554 2.73 42.14 23.77
CA ALA K 554 1.95 40.94 23.52
C ALA K 554 2.47 40.14 22.34
N ASP K 555 3.71 40.41 21.91
CA ASP K 555 4.38 39.67 20.84
C ASP K 555 3.62 39.77 19.52
N THR K 556 3.29 40.99 19.14
CA THR K 556 2.73 41.28 17.84
C THR K 556 3.55 42.36 17.18
N THR K 557 3.65 42.31 15.86
CA THR K 557 4.57 43.17 15.12
C THR K 557 4.03 44.59 15.06
N ASP K 558 4.82 45.53 15.59
CA ASP K 558 4.46 46.93 15.60
C ASP K 558 5.16 47.76 14.56
N ALA K 559 6.30 47.29 14.05
CA ALA K 559 7.10 48.10 13.16
C ALA K 559 7.87 47.17 12.24
N VAL K 560 8.30 47.73 11.12
CA VAL K 560 9.21 47.04 10.21
C VAL K 560 10.25 48.03 9.73
N ARG K 561 11.35 47.50 9.21
CA ARG K 561 12.32 48.26 8.46
C ARG K 561 12.14 47.94 6.99
N ASP K 562 11.99 48.97 6.18
CA ASP K 562 11.85 48.74 4.76
C ASP K 562 13.15 48.16 4.22
N PRO K 563 13.11 47.02 3.53
CA PRO K 563 14.36 46.37 3.11
C PRO K 563 15.14 47.15 2.07
N GLN K 564 14.55 48.14 1.42
CA GLN K 564 15.28 48.97 0.47
C GLN K 564 15.68 50.32 1.08
N THR K 565 14.72 51.10 1.52
CA THR K 565 15.01 52.33 2.25
C THR K 565 15.08 52.00 3.73
N LEU K 566 16.20 52.31 4.37
CA LEU K 566 16.38 51.84 5.73
C LEU K 566 15.52 52.64 6.68
N GLU K 567 14.20 52.53 6.54
CA GLU K 567 13.25 53.38 7.23
C GLU K 567 12.31 52.54 8.08
N ILE K 568 12.01 53.01 9.28
CA ILE K 568 11.14 52.31 10.20
C ILE K 568 9.71 52.76 9.96
N LEU K 569 8.83 51.81 9.68
CA LEU K 569 7.42 52.05 9.45
C LEU K 569 6.61 51.39 10.56
N ASP K 570 5.82 52.20 11.26
CA ASP K 570 4.86 51.66 12.21
C ASP K 570 3.69 51.01 11.48
N ILE K 571 3.15 49.98 12.10
CA ILE K 571 2.03 49.23 11.56
C ILE K 571 0.89 49.32 12.56
N THR K 572 -0.22 49.89 12.13
CA THR K 572 -1.40 49.84 12.97
C THR K 572 -2.45 48.97 12.31
N PRO K 573 -3.25 48.24 13.09
CA PRO K 573 -4.30 47.42 12.48
C PRO K 573 -5.34 48.30 11.81
N CYS K 574 -6.03 47.72 10.83
CA CYS K 574 -7.12 48.44 10.19
C CYS K 574 -8.25 48.64 11.19
N SER K 575 -9.28 49.40 10.80
CA SER K 575 -10.08 50.18 11.74
C SER K 575 -11.37 49.52 12.15
N PHE K 576 -11.38 48.22 12.44
CA PHE K 576 -12.58 47.51 12.86
C PHE K 576 -13.30 48.16 14.03
N GLY K 577 -14.55 47.79 14.23
CA GLY K 577 -15.32 48.29 15.35
C GLY K 577 -16.69 47.65 15.38
N GLY K 578 -17.48 48.05 16.38
CA GLY K 578 -18.84 47.60 16.50
C GLY K 578 -19.81 48.63 15.97
N VAL K 579 -20.99 48.18 15.59
CA VAL K 579 -22.01 49.05 15.02
C VAL K 579 -23.28 48.88 15.83
N SER K 580 -23.72 49.97 16.46
CA SER K 580 -24.93 50.01 17.26
C SER K 580 -25.94 50.91 16.60
N VAL K 581 -27.22 50.57 16.75
CA VAL K 581 -28.29 51.33 16.14
C VAL K 581 -29.14 51.93 17.25
N ILE K 582 -29.27 53.24 17.23
CA ILE K 582 -30.00 54.00 18.22
C ILE K 582 -31.39 54.27 17.67
N THR K 583 -32.41 53.87 18.40
CA THR K 583 -33.74 54.02 17.91
C THR K 583 -34.66 54.48 19.02
N PRO K 584 -35.55 55.44 18.74
CA PRO K 584 -36.78 55.51 19.50
C PRO K 584 -37.63 54.32 19.12
N GLY K 585 -38.61 54.01 19.95
CA GLY K 585 -39.40 52.84 19.63
C GLY K 585 -40.03 52.93 18.26
N THR K 586 -40.18 51.81 17.57
CA THR K 586 -40.91 51.83 16.31
C THR K 586 -42.36 52.20 16.52
N ASN K 587 -42.86 52.09 17.75
CA ASN K 587 -44.13 52.71 18.12
C ASN K 587 -44.09 54.21 17.94
N THR K 588 -42.91 54.82 18.04
CA THR K 588 -42.74 56.25 17.85
C THR K 588 -42.36 56.60 16.42
N SER K 589 -41.24 56.06 15.93
CA SER K 589 -40.70 56.49 14.65
C SER K 589 -39.86 55.37 14.06
N ASN K 590 -39.68 55.44 12.74
CA ASN K 590 -38.81 54.53 12.01
C ASN K 590 -37.44 55.14 11.78
N GLN K 591 -37.17 56.30 12.34
CA GLN K 591 -35.91 57.01 12.16
C GLN K 591 -34.88 56.54 13.18
N VAL K 592 -33.63 56.36 12.74
CA VAL K 592 -32.58 55.82 13.58
C VAL K 592 -31.31 56.64 13.45
N ALA K 593 -30.39 56.41 14.39
CA ALA K 593 -29.02 56.86 14.29
C ALA K 593 -28.11 55.65 14.43
N VAL K 594 -26.87 55.79 13.98
CA VAL K 594 -25.92 54.69 14.03
C VAL K 594 -24.65 55.16 14.72
N LEU K 595 -24.13 54.36 15.63
CA LEU K 595 -22.86 54.63 16.28
C LEU K 595 -21.85 53.59 15.82
N TYR K 596 -20.73 54.06 15.31
CA TYR K 596 -19.58 53.23 14.99
C TYR K 596 -18.61 53.35 16.14
N GLN K 597 -18.54 52.30 16.96
CA GLN K 597 -17.93 52.40 18.27
C GLN K 597 -16.43 52.45 18.17
N GLY K 598 -15.84 53.53 18.69
CA GLY K 598 -14.41 53.60 18.83
C GLY K 598 -13.64 53.82 17.55
N VAL K 599 -14.25 54.47 16.57
CA VAL K 599 -13.55 54.76 15.31
C VAL K 599 -13.72 56.22 14.97
N ASN K 600 -12.81 56.69 14.13
CA ASN K 600 -12.78 58.06 13.65
C ASN K 600 -13.83 58.26 12.58
N CYS K 601 -14.43 59.45 12.56
CA CYS K 601 -15.49 59.72 11.60
C CYS K 601 -14.98 59.81 10.17
N THR K 602 -13.67 59.98 9.98
CA THR K 602 -13.13 60.15 8.64
C THR K 602 -13.26 58.87 7.82
N GLU K 603 -12.97 57.73 8.42
CA GLU K 603 -12.92 56.47 7.71
C GLU K 603 -14.20 55.67 7.83
N VAL K 604 -15.36 56.32 7.82
CA VAL K 604 -16.63 55.67 8.14
C VAL K 604 -17.23 54.86 6.99
N PRO K 605 -17.11 55.27 5.73
CA PRO K 605 -17.90 54.61 4.67
C PRO K 605 -17.55 53.16 4.41
N VAL K 606 -18.40 52.24 4.85
CA VAL K 606 -18.11 50.84 4.67
C VAL K 606 -18.91 50.28 3.48
N SER K 624 -24.47 63.09 6.76
CA SER K 624 -25.78 63.45 7.29
C SER K 624 -25.74 63.56 8.80
N ASN K 625 -25.35 64.74 9.30
CA ASN K 625 -25.21 64.97 10.73
C ASN K 625 -24.22 64.01 11.35
N VAL K 626 -22.95 64.15 11.02
CA VAL K 626 -21.89 63.27 11.51
C VAL K 626 -21.17 63.97 12.64
N PHE K 627 -21.13 63.35 13.81
CA PHE K 627 -20.59 63.91 15.03
C PHE K 627 -19.55 62.95 15.59
N GLN K 628 -18.49 63.49 16.17
CA GLN K 628 -17.42 62.68 16.72
C GLN K 628 -17.50 62.70 18.24
N THR K 629 -17.96 61.59 18.82
CA THR K 629 -17.96 61.43 20.26
C THR K 629 -16.70 60.68 20.67
N ARG K 630 -16.54 60.50 21.98
CA ARG K 630 -15.46 59.64 22.46
C ARG K 630 -15.86 58.17 22.46
N ALA K 631 -17.14 57.88 22.23
CA ALA K 631 -17.61 56.52 22.07
C ALA K 631 -17.49 56.03 20.63
N GLY K 632 -17.31 56.93 19.69
CA GLY K 632 -17.17 56.59 18.29
C GLY K 632 -17.76 57.67 17.42
N CYS K 633 -18.06 57.28 16.19
CA CYS K 633 -18.65 58.19 15.21
C CYS K 633 -20.15 58.02 15.20
N LEU K 634 -20.88 59.09 15.43
CA LEU K 634 -22.33 59.08 15.53
C LEU K 634 -22.93 59.72 14.30
N ILE K 635 -23.80 58.99 13.62
CA ILE K 635 -24.33 59.39 12.33
C ILE K 635 -25.85 59.40 12.40
N GLY K 636 -26.47 60.48 11.95
CA GLY K 636 -27.90 60.57 11.96
C GLY K 636 -28.51 61.22 13.17
N ALA K 637 -27.68 61.64 14.11
CA ALA K 637 -28.12 62.37 15.29
C ALA K 637 -27.49 63.76 15.24
N GLU K 638 -28.26 64.77 15.64
CA GLU K 638 -27.83 66.14 15.57
C GLU K 638 -27.46 66.62 16.96
N TYR K 639 -26.20 66.97 17.15
CA TYR K 639 -25.73 67.40 18.46
C TYR K 639 -26.26 68.78 18.81
N VAL K 640 -26.63 68.96 20.08
CA VAL K 640 -27.18 70.22 20.56
C VAL K 640 -26.39 70.67 21.78
N ASN K 641 -26.35 71.98 21.99
CA ASN K 641 -25.69 72.56 23.16
C ASN K 641 -26.68 72.74 24.30
N ASN K 642 -27.40 71.69 24.62
CA ASN K 642 -28.31 71.68 25.74
C ASN K 642 -27.92 70.55 26.67
N SER K 643 -28.74 70.31 27.68
CA SER K 643 -28.50 69.24 28.63
C SER K 643 -29.84 68.79 29.17
N TYR K 644 -30.13 67.51 29.03
CA TYR K 644 -31.35 66.93 29.57
C TYR K 644 -30.96 65.73 30.42
N GLU K 645 -31.95 65.17 31.10
CA GLU K 645 -31.75 63.88 31.74
C GLU K 645 -31.48 62.84 30.66
N CYS K 646 -30.60 61.89 30.95
CA CYS K 646 -30.24 60.90 29.95
C CYS K 646 -31.45 60.11 29.51
N ASP K 647 -31.59 59.93 28.20
CA ASP K 647 -32.63 59.09 27.61
C ASP K 647 -32.07 57.79 27.07
N ILE K 648 -31.13 57.83 26.16
CA ILE K 648 -30.46 56.66 25.63
C ILE K 648 -28.97 56.83 25.88
N PRO K 649 -28.32 55.93 26.63
CA PRO K 649 -26.90 56.09 26.94
C PRO K 649 -26.07 55.77 25.71
N ILE K 650 -25.26 56.71 25.27
CA ILE K 650 -24.39 56.49 24.13
C ILE K 650 -22.99 56.13 24.56
N GLY K 651 -22.42 56.90 25.47
CA GLY K 651 -21.04 56.65 25.83
C GLY K 651 -20.54 57.72 26.76
N ALA K 652 -19.36 58.27 26.48
CA ALA K 652 -18.64 59.04 27.48
C ALA K 652 -19.29 60.38 27.76
N GLY K 653 -20.40 60.37 28.48
CA GLY K 653 -21.12 61.57 28.82
C GLY K 653 -22.22 61.96 27.87
N ILE K 654 -22.45 61.22 26.80
CA ILE K 654 -23.35 61.60 25.72
C ILE K 654 -24.59 60.72 25.79
N CYS K 655 -25.75 61.33 25.60
CA CYS K 655 -27.00 60.61 25.46
C CYS K 655 -27.70 61.07 24.19
N ALA K 656 -28.72 60.32 23.78
CA ALA K 656 -29.52 60.64 22.62
C ALA K 656 -30.99 60.63 22.99
N SER K 657 -31.77 61.44 22.29
CA SER K 657 -33.21 61.46 22.54
C SER K 657 -33.95 61.92 21.29
N TYR K 658 -35.26 61.82 21.35
CA TYR K 658 -36.15 62.17 20.24
C TYR K 658 -36.81 63.50 20.56
N GLN K 659 -36.49 64.52 19.78
CA GLN K 659 -36.77 65.90 20.14
C GLN K 659 -37.61 66.58 19.06
N THR K 660 -38.15 67.74 19.40
CA THR K 660 -39.15 68.43 18.58
C THR K 660 -38.58 69.62 17.82
N GLN K 661 -37.90 70.53 18.50
CA GLN K 661 -37.45 71.77 17.89
C GLN K 661 -36.04 71.65 17.34
N SER K 673 -40.14 69.72 13.23
CA SER K 673 -40.30 68.29 13.11
C SER K 673 -39.40 67.54 14.10
N GLN K 674 -39.84 66.34 14.48
CA GLN K 674 -39.08 65.51 15.40
C GLN K 674 -37.80 65.01 14.73
N SER K 675 -36.76 64.84 15.53
CA SER K 675 -35.50 64.29 15.04
C SER K 675 -34.79 63.61 16.21
N ILE K 676 -33.62 63.06 15.93
CA ILE K 676 -32.80 62.41 16.93
C ILE K 676 -31.65 63.34 17.25
N ILE K 677 -31.52 63.70 18.52
CA ILE K 677 -30.50 64.64 18.95
C ILE K 677 -29.56 63.94 19.93
N ALA K 678 -28.33 64.44 19.99
CA ALA K 678 -27.32 63.98 20.91
C ALA K 678 -26.87 65.14 21.78
N TYR K 679 -26.74 64.90 23.08
CA TYR K 679 -26.39 65.96 24.01
C TYR K 679 -25.51 65.39 25.10
N THR K 680 -24.91 66.27 25.88
CA THR K 680 -24.21 65.88 27.10
C THR K 680 -25.20 65.94 28.25
N MET K 681 -25.25 64.87 29.04
CA MET K 681 -26.35 64.71 29.98
C MET K 681 -26.23 65.68 31.13
N SER K 682 -27.36 65.91 31.78
CA SER K 682 -27.46 66.79 32.93
C SER K 682 -27.51 65.93 34.19
N LEU K 683 -26.63 66.22 35.14
CA LEU K 683 -26.63 65.46 36.37
C LEU K 683 -27.77 65.84 37.30
N GLY K 684 -28.42 66.95 37.08
CA GLY K 684 -29.54 67.34 37.91
C GLY K 684 -29.66 68.85 37.97
N ALA K 685 -30.71 69.28 38.64
CA ALA K 685 -30.94 70.71 38.83
C ALA K 685 -29.98 71.26 39.87
N GLU K 686 -29.30 72.34 39.54
CA GLU K 686 -28.35 72.93 40.47
C GLU K 686 -29.07 73.62 41.62
N ASN K 687 -28.46 73.61 42.80
CA ASN K 687 -29.10 74.13 43.98
C ASN K 687 -28.05 74.63 44.96
N SER K 688 -28.21 75.86 45.41
CA SER K 688 -27.31 76.43 46.42
C SER K 688 -28.13 76.60 47.69
N VAL K 689 -27.79 75.85 48.72
CA VAL K 689 -28.51 75.93 49.98
C VAL K 689 -28.12 77.22 50.68
N ALA K 690 -29.09 77.86 51.31
CA ALA K 690 -28.87 79.16 51.90
C ALA K 690 -28.08 79.06 53.19
N TYR K 691 -26.87 78.51 53.11
CA TYR K 691 -26.07 78.35 54.32
C TYR K 691 -25.62 79.70 54.82
N SER K 692 -25.97 80.02 56.05
CA SER K 692 -25.31 81.08 56.77
C SER K 692 -24.98 80.58 58.15
N ASN K 693 -24.25 81.39 58.88
CA ASN K 693 -23.56 80.98 60.08
C ASN K 693 -24.49 81.00 61.29
N ASN K 694 -25.74 81.45 61.13
CA ASN K 694 -26.75 81.33 62.18
C ASN K 694 -28.18 81.13 61.69
N SER K 695 -28.39 80.59 60.49
CA SER K 695 -29.74 80.42 59.97
C SER K 695 -30.10 78.95 59.90
N ILE K 696 -31.36 78.65 60.19
CA ILE K 696 -31.83 77.27 60.19
C ILE K 696 -33.12 77.20 59.38
N ALA K 697 -33.39 76.04 58.82
CA ALA K 697 -34.65 75.78 58.14
C ALA K 697 -35.36 74.65 58.85
N ILE K 698 -36.65 74.83 59.09
CA ILE K 698 -37.41 73.84 59.83
C ILE K 698 -38.70 73.59 59.08
N PRO K 699 -39.08 72.33 58.88
CA PRO K 699 -40.30 72.03 58.14
C PRO K 699 -41.54 72.25 58.97
N THR K 700 -42.56 72.79 58.33
CA THR K 700 -43.80 73.12 59.01
C THR K 700 -44.92 72.16 58.69
N ASN K 701 -44.71 71.24 57.76
CA ASN K 701 -45.71 70.26 57.39
C ASN K 701 -44.97 68.97 57.09
N PHE K 702 -45.68 68.02 56.51
CA PHE K 702 -45.10 66.75 56.12
C PHE K 702 -46.01 66.11 55.11
N THR K 703 -45.50 65.10 54.45
CA THR K 703 -46.29 64.27 53.57
C THR K 703 -45.97 62.82 53.85
N ILE K 704 -46.93 61.95 53.57
CA ILE K 704 -46.78 60.51 53.71
C ILE K 704 -46.50 59.95 52.32
N SER K 705 -45.34 59.35 52.14
CA SER K 705 -45.00 58.69 50.89
C SER K 705 -45.19 57.19 51.02
N VAL K 706 -45.65 56.56 49.97
CA VAL K 706 -45.67 55.11 49.85
C VAL K 706 -44.96 54.77 48.56
N THR K 707 -43.80 54.13 48.65
CA THR K 707 -43.02 53.75 47.50
C THR K 707 -42.92 52.23 47.43
N THR K 708 -42.42 51.74 46.31
CA THR K 708 -42.44 50.32 45.99
C THR K 708 -41.04 49.82 45.69
N GLU K 709 -40.68 48.70 46.29
CA GLU K 709 -39.43 48.00 46.00
C GLU K 709 -39.76 46.58 45.58
N ILE K 710 -39.14 46.10 44.51
CA ILE K 710 -39.43 44.79 43.96
C ILE K 710 -38.17 43.95 43.97
N LEU K 711 -38.24 42.78 44.60
CA LEU K 711 -37.06 41.94 44.77
C LEU K 711 -37.33 40.53 44.26
N PRO K 712 -36.47 39.99 43.40
CA PRO K 712 -36.53 38.57 43.10
C PRO K 712 -36.16 37.71 44.29
N VAL K 713 -36.78 36.54 44.39
CA VAL K 713 -36.59 35.63 45.49
C VAL K 713 -36.13 34.26 45.02
N SER K 714 -36.77 33.72 44.00
CA SER K 714 -36.43 32.40 43.52
C SER K 714 -36.46 32.38 42.01
N MET K 715 -36.01 31.28 41.45
CA MET K 715 -36.09 31.04 40.02
C MET K 715 -36.64 29.65 39.78
N THR K 716 -36.72 29.27 38.51
CA THR K 716 -37.34 28.00 38.14
C THR K 716 -36.42 26.84 38.46
N LYS K 717 -36.95 25.83 39.12
CA LYS K 717 -36.20 24.62 39.42
C LYS K 717 -36.24 23.70 38.21
N THR K 718 -35.09 23.36 37.67
CA THR K 718 -35.06 22.52 36.49
C THR K 718 -34.21 21.29 36.77
N SER K 719 -34.49 20.24 36.01
CA SER K 719 -33.69 19.03 36.05
C SER K 719 -33.43 18.60 34.62
N VAL K 720 -32.34 17.87 34.43
CA VAL K 720 -31.94 17.39 33.12
C VAL K 720 -31.57 15.92 33.25
N ASP K 721 -32.10 15.11 32.34
CA ASP K 721 -31.59 13.76 32.12
C ASP K 721 -30.41 13.86 31.18
N CYS K 722 -29.19 13.68 31.69
CA CYS K 722 -28.03 13.84 30.82
C CYS K 722 -28.07 12.86 29.68
N THR K 723 -28.41 11.60 29.98
CA THR K 723 -28.47 10.57 28.95
C THR K 723 -29.52 10.91 27.91
N MET K 724 -30.75 11.18 28.35
CA MET K 724 -31.82 11.42 27.40
C MET K 724 -31.62 12.70 26.62
N TYR K 725 -30.86 13.65 27.16
CA TYR K 725 -30.53 14.85 26.40
C TYR K 725 -29.49 14.55 25.34
N ILE K 726 -28.37 13.94 25.74
CA ILE K 726 -27.27 13.73 24.82
C ILE K 726 -27.63 12.66 23.79
N CYS K 727 -28.20 11.55 24.25
CA CYS K 727 -28.34 10.36 23.43
C CYS K 727 -29.74 10.21 22.82
N GLY K 728 -30.76 10.13 23.66
CA GLY K 728 -32.09 9.91 23.14
C GLY K 728 -32.26 8.52 22.54
N ASP K 729 -32.29 7.50 23.41
CA ASP K 729 -32.60 6.11 23.05
C ASP K 729 -31.69 5.55 21.95
N SER K 730 -30.50 6.12 21.80
CA SER K 730 -29.47 5.54 20.94
C SER K 730 -28.51 4.77 21.83
N THR K 731 -28.67 3.44 21.86
CA THR K 731 -27.90 2.61 22.78
C THR K 731 -26.40 2.70 22.51
N GLU K 732 -26.02 2.91 21.26
CA GLU K 732 -24.63 3.16 20.93
C GLU K 732 -24.14 4.44 21.61
N CYS K 733 -24.96 5.50 21.55
CA CYS K 733 -24.58 6.73 22.22
C CYS K 733 -24.46 6.52 23.72
N SER K 734 -25.38 5.75 24.31
CA SER K 734 -25.30 5.49 25.74
C SER K 734 -24.01 4.76 26.10
N ASN K 735 -23.68 3.72 25.33
CA ASN K 735 -22.46 2.96 25.59
C ASN K 735 -21.23 3.84 25.49
N LEU K 736 -21.17 4.67 24.44
CA LEU K 736 -20.03 5.58 24.31
C LEU K 736 -19.97 6.57 25.47
N LEU K 737 -21.13 7.13 25.83
CA LEU K 737 -21.18 8.14 26.88
C LEU K 737 -20.73 7.57 28.22
N LEU K 738 -20.94 6.27 28.43
CA LEU K 738 -20.50 5.67 29.69
C LEU K 738 -19.01 5.78 29.92
N GLN K 739 -18.23 6.07 28.87
CA GLN K 739 -16.77 6.11 28.98
C GLN K 739 -16.23 7.52 29.06
N TYR K 740 -17.04 8.50 29.47
CA TYR K 740 -16.54 9.83 29.74
C TYR K 740 -16.43 10.13 31.23
N GLY K 741 -16.63 9.13 32.08
CA GLY K 741 -16.48 9.34 33.51
C GLY K 741 -17.80 9.57 34.22
N SER K 742 -17.77 10.46 35.20
CA SER K 742 -18.94 10.77 36.02
C SER K 742 -19.33 12.23 35.85
N PHE K 743 -19.34 12.71 34.61
CA PHE K 743 -19.87 14.05 34.36
C PHE K 743 -21.35 14.10 34.68
N CYS K 744 -22.10 13.08 34.29
CA CYS K 744 -23.54 13.10 34.40
C CYS K 744 -23.97 13.25 35.86
N THR K 745 -23.35 12.51 36.76
CA THR K 745 -23.76 12.55 38.15
C THR K 745 -23.48 13.91 38.78
N GLN K 746 -22.42 14.59 38.37
CA GLN K 746 -22.13 15.87 39.01
C GLN K 746 -22.88 17.03 38.38
N LEU K 747 -23.27 16.95 37.11
CA LEU K 747 -24.29 17.87 36.62
C LEU K 747 -25.61 17.68 37.37
N LYS K 748 -26.01 16.42 37.56
CA LYS K 748 -27.20 16.14 38.33
C LYS K 748 -27.13 16.74 39.74
N ARG K 749 -26.00 16.56 40.41
CA ARG K 749 -25.84 17.07 41.77
C ARG K 749 -25.89 18.59 41.80
N ALA K 750 -25.26 19.25 40.83
CA ALA K 750 -25.30 20.71 40.78
C ALA K 750 -26.72 21.23 40.62
N LEU K 751 -27.47 20.65 39.69
CA LEU K 751 -28.83 21.12 39.44
C LEU K 751 -29.74 20.84 40.63
N THR K 752 -29.53 19.71 41.30
CA THR K 752 -30.31 19.42 42.51
C THR K 752 -30.01 20.42 43.61
N GLY K 753 -28.74 20.79 43.77
CA GLY K 753 -28.41 21.82 44.75
C GLY K 753 -29.11 23.13 44.46
N ILE K 754 -29.11 23.56 43.20
CA ILE K 754 -29.85 24.77 42.83
C ILE K 754 -31.33 24.65 43.19
N ALA K 755 -31.93 23.50 42.86
CA ALA K 755 -33.36 23.33 43.09
C ALA K 755 -33.72 23.38 44.56
N VAL K 756 -32.88 22.78 45.42
CA VAL K 756 -33.14 22.83 46.86
C VAL K 756 -32.95 24.24 47.40
N GLU K 757 -31.96 24.94 46.86
CA GLU K 757 -31.69 26.31 47.30
C GLU K 757 -32.86 27.24 46.99
N GLN K 758 -33.59 27.00 45.89
CA GLN K 758 -34.71 27.88 45.57
C GLN K 758 -35.81 27.82 46.63
N ASP K 759 -36.13 26.61 47.08
CA ASP K 759 -37.12 26.46 48.12
C ASP K 759 -36.64 27.06 49.43
N LYS K 760 -35.33 26.93 49.71
CA LYS K 760 -34.80 27.57 50.90
C LYS K 760 -34.91 29.09 50.83
N ASN K 761 -34.63 29.67 49.66
CA ASN K 761 -34.79 31.11 49.44
C ASN K 761 -36.20 31.55 49.82
N THR K 762 -37.20 30.87 49.27
CA THR K 762 -38.57 31.24 49.56
C THR K 762 -38.90 31.10 51.04
N GLN K 763 -38.46 30.01 51.66
CA GLN K 763 -38.78 29.77 53.06
C GLN K 763 -38.17 30.85 53.94
N GLU K 764 -36.95 31.27 53.66
CA GLU K 764 -36.30 32.25 54.51
C GLU K 764 -36.69 33.69 54.18
N VAL K 765 -37.43 33.92 53.10
CA VAL K 765 -38.07 35.23 52.94
C VAL K 765 -39.45 35.26 53.58
N PHE K 766 -40.27 34.22 53.40
CA PHE K 766 -41.69 34.35 53.69
C PHE K 766 -42.13 33.69 54.99
N ALA K 767 -41.50 32.60 55.40
CA ALA K 767 -41.92 31.93 56.62
C ALA K 767 -41.28 32.58 57.83
N GLN K 768 -41.43 33.88 57.97
CA GLN K 768 -40.89 34.65 59.08
C GLN K 768 -41.88 34.84 60.21
N VAL K 769 -43.10 34.33 60.08
CA VAL K 769 -44.09 34.34 61.14
C VAL K 769 -44.28 32.90 61.60
N LYS K 770 -44.24 32.70 62.90
CA LYS K 770 -44.54 31.39 63.46
C LYS K 770 -46.01 31.04 63.33
N GLN K 771 -46.89 32.01 63.52
CA GLN K 771 -48.31 31.77 63.57
C GLN K 771 -48.99 32.51 62.43
N ILE K 772 -50.14 31.99 62.03
CA ILE K 772 -50.92 32.60 60.96
C ILE K 772 -51.92 33.54 61.63
N TYR K 773 -51.66 34.83 61.53
CA TYR K 773 -52.50 35.83 62.16
C TYR K 773 -53.63 36.23 61.24
N LYS K 774 -54.79 36.49 61.82
CA LYS K 774 -55.96 36.94 61.07
C LYS K 774 -56.32 38.35 61.50
N THR K 775 -56.75 39.13 60.57
CA THR K 775 -57.21 40.48 60.83
C THR K 775 -58.64 40.43 61.35
N PRO K 776 -59.03 41.40 62.19
CA PRO K 776 -60.37 41.34 62.79
C PRO K 776 -61.44 41.50 61.74
N PRO K 777 -62.65 40.99 61.99
CA PRO K 777 -63.75 41.20 61.04
C PRO K 777 -64.12 42.66 60.84
N ILE K 778 -64.03 43.50 61.87
CA ILE K 778 -64.28 44.92 61.73
C ILE K 778 -62.98 45.60 61.30
N LYS K 779 -62.98 46.17 60.10
CA LYS K 779 -61.79 46.68 59.46
C LYS K 779 -61.61 48.18 59.68
N TYR K 780 -61.97 48.70 60.84
CA TYR K 780 -61.70 50.09 61.16
C TYR K 780 -60.40 50.17 61.94
N PHE K 781 -59.43 50.88 61.37
CA PHE K 781 -58.09 51.02 61.94
C PHE K 781 -57.72 52.47 62.12
N GLY K 782 -58.67 53.29 62.58
CA GLY K 782 -58.41 54.68 62.80
C GLY K 782 -58.55 55.57 61.60
N GLY K 783 -59.11 55.07 60.51
CA GLY K 783 -59.25 55.83 59.28
C GLY K 783 -58.31 55.41 58.20
N PHE K 784 -57.32 54.58 58.53
CA PHE K 784 -56.42 54.00 57.56
C PHE K 784 -57.11 52.81 56.90
N ASN K 785 -56.91 52.65 55.59
CA ASN K 785 -57.82 51.79 54.85
C ASN K 785 -57.30 50.36 54.70
N PHE K 786 -56.15 50.19 54.06
CA PHE K 786 -55.49 48.88 53.93
C PHE K 786 -56.22 47.91 53.04
N SER K 787 -57.38 48.27 52.49
CA SER K 787 -58.15 47.32 51.71
C SER K 787 -57.44 46.94 50.41
N GLN K 788 -56.59 47.81 49.89
CA GLN K 788 -55.83 47.50 48.69
C GLN K 788 -54.75 46.46 48.92
N ILE K 789 -54.39 46.19 50.17
CA ILE K 789 -53.37 45.22 50.49
C ILE K 789 -53.88 44.08 51.33
N LEU K 790 -54.96 44.16 51.80
CA LEU K 790 -55.53 43.07 52.56
C LEU K 790 -56.23 42.09 51.62
N PRO K 791 -56.21 40.80 51.96
CA PRO K 791 -56.76 39.81 51.04
C PRO K 791 -58.23 40.04 50.73
N ASP K 792 -58.57 39.82 49.47
CA ASP K 792 -59.90 40.09 48.95
C ASP K 792 -60.67 38.78 48.85
N PRO K 793 -61.72 38.56 49.64
CA PRO K 793 -62.33 37.23 49.70
C PRO K 793 -63.26 36.92 48.54
N SER K 794 -63.81 37.92 47.85
CA SER K 794 -64.67 37.66 46.70
C SER K 794 -63.90 36.94 45.61
N LYS K 795 -62.68 37.38 45.33
CA LYS K 795 -61.85 36.68 44.36
C LYS K 795 -61.60 35.25 44.85
N PRO K 796 -61.62 34.27 43.95
CA PRO K 796 -61.49 32.87 44.40
C PRO K 796 -60.20 32.59 45.16
N SER K 797 -59.10 33.22 44.79
CA SER K 797 -57.86 33.13 45.54
C SER K 797 -57.73 34.34 46.46
N LYS K 798 -57.35 34.09 47.70
CA LYS K 798 -57.33 35.15 48.70
C LYS K 798 -56.16 36.09 48.46
N ARG K 799 -56.26 36.90 47.41
CA ARG K 799 -55.21 37.83 47.02
C ARG K 799 -55.75 39.24 47.05
N SER K 800 -54.94 40.17 47.53
CA SER K 800 -55.33 41.56 47.56
C SER K 800 -55.39 42.11 46.15
N PRO K 801 -56.01 43.27 45.96
CA PRO K 801 -55.98 43.91 44.64
C PRO K 801 -54.59 44.13 44.06
N ILE K 802 -53.64 44.59 44.87
CA ILE K 802 -52.29 44.84 44.38
C ILE K 802 -51.61 43.54 43.99
N GLU K 803 -51.84 42.48 44.77
CA GLU K 803 -51.25 41.19 44.42
C GLU K 803 -51.86 40.62 43.15
N ASP K 804 -53.17 40.81 42.95
CA ASP K 804 -53.80 40.42 41.70
C ASP K 804 -53.17 41.15 40.52
N LEU K 805 -52.97 42.45 40.66
CA LEU K 805 -52.32 43.21 39.60
C LEU K 805 -50.92 42.69 39.33
N LEU K 806 -50.16 42.40 40.39
CA LEU K 806 -48.80 41.89 40.21
C LEU K 806 -48.80 40.58 39.44
N PHE K 807 -49.70 39.66 39.80
CA PHE K 807 -49.71 38.37 39.13
C PHE K 807 -50.21 38.48 37.69
N ASN K 808 -51.09 39.44 37.40
CA ASN K 808 -51.46 39.65 36.01
C ASN K 808 -50.31 40.23 35.21
N LYS K 809 -49.58 41.19 35.77
CA LYS K 809 -48.56 41.90 35.01
C LYS K 809 -47.41 40.99 34.60
N VAL K 810 -46.90 40.18 35.52
CA VAL K 810 -45.71 39.37 35.24
C VAL K 810 -46.12 38.25 34.28
N THR K 811 -45.75 38.40 33.01
CA THR K 811 -46.22 37.51 31.94
C THR K 811 -45.38 36.24 31.95
N LEU K 812 -45.78 35.31 32.81
CA LEU K 812 -45.06 34.07 33.05
C LEU K 812 -45.90 32.89 32.59
N ALA K 813 -45.24 31.91 31.98
CA ALA K 813 -45.91 30.70 31.51
C ALA K 813 -46.24 29.79 32.69
N ASP K 814 -47.08 28.79 32.41
CA ASP K 814 -47.45 27.81 33.42
C ASP K 814 -46.39 26.73 33.62
N ALA K 815 -45.36 26.71 32.78
CA ALA K 815 -44.24 25.79 32.90
C ALA K 815 -44.68 24.33 32.87
N GLY K 816 -45.86 24.06 32.31
CA GLY K 816 -46.34 22.70 32.14
C GLY K 816 -46.49 21.93 33.43
N PHE K 817 -47.00 22.58 34.47
CA PHE K 817 -47.14 21.90 35.76
C PHE K 817 -48.17 20.78 35.70
N ILE K 818 -49.18 20.91 34.84
CA ILE K 818 -50.18 19.85 34.69
C ILE K 818 -49.61 18.90 33.64
N LYS K 819 -48.68 18.07 34.08
CA LYS K 819 -47.99 17.06 33.27
C LYS K 819 -47.64 17.54 31.87
N LYS K 838 -41.92 19.27 28.48
CA LYS K 838 -41.57 17.94 28.04
C LYS K 838 -40.81 18.00 26.73
N PHE K 839 -39.49 18.05 26.83
CA PHE K 839 -38.60 18.21 25.67
C PHE K 839 -37.16 17.84 26.00
N ASN K 840 -36.73 16.68 25.49
CA ASN K 840 -35.31 16.32 25.42
C ASN K 840 -34.69 16.09 26.80
N GLY K 841 -35.46 15.53 27.71
CA GLY K 841 -34.92 15.24 29.03
C GLY K 841 -34.86 16.41 29.97
N LEU K 842 -35.36 17.58 29.57
CA LEU K 842 -35.40 18.75 30.43
C LEU K 842 -36.75 18.81 31.12
N THR K 843 -36.74 19.09 32.41
CA THR K 843 -37.94 19.07 33.23
C THR K 843 -37.96 20.30 34.13
N VAL K 844 -39.16 20.75 34.48
CA VAL K 844 -39.36 21.84 35.42
C VAL K 844 -40.06 21.28 36.64
N LEU K 845 -39.45 21.44 37.80
CA LEU K 845 -39.99 20.99 39.07
C LEU K 845 -40.89 22.05 39.68
N PRO K 846 -42.01 21.68 40.29
CA PRO K 846 -42.85 22.66 40.94
C PRO K 846 -42.25 23.10 42.26
N PRO K 847 -42.40 24.37 42.62
CA PRO K 847 -41.91 24.83 43.92
C PRO K 847 -42.68 24.19 45.07
N LEU K 848 -42.02 24.08 46.21
CA LEU K 848 -42.63 23.44 47.36
C LEU K 848 -43.83 24.23 47.88
N LEU K 849 -43.70 25.54 47.99
CA LEU K 849 -44.77 26.39 48.49
C LEU K 849 -45.59 26.90 47.32
N THR K 850 -46.89 26.64 47.35
CA THR K 850 -47.73 27.15 46.28
C THR K 850 -47.95 28.64 46.46
N ASP K 851 -48.43 29.28 45.40
CA ASP K 851 -48.67 30.72 45.46
C ASP K 851 -49.75 31.06 46.47
N GLU K 852 -50.69 30.14 46.71
CA GLU K 852 -51.67 30.33 47.76
C GLU K 852 -51.02 30.32 49.14
N MET K 853 -50.02 29.47 49.34
CA MET K 853 -49.31 29.45 50.61
C MET K 853 -48.48 30.72 50.80
N ILE K 854 -47.81 31.19 49.75
CA ILE K 854 -47.06 32.44 49.84
C ILE K 854 -48.00 33.57 50.20
N ALA K 855 -49.18 33.60 49.59
CA ALA K 855 -50.14 34.64 49.92
C ALA K 855 -50.67 34.53 51.34
N GLN K 856 -50.79 33.31 51.87
CA GLN K 856 -51.16 33.12 53.27
C GLN K 856 -50.11 33.68 54.22
N TYR K 857 -48.85 33.42 53.93
CA TYR K 857 -47.74 34.05 54.65
C TYR K 857 -47.82 35.56 54.62
N THR K 858 -48.01 36.14 53.44
CA THR K 858 -48.07 37.59 53.33
C THR K 858 -49.26 38.15 54.10
N SER K 859 -50.38 37.45 54.09
CA SER K 859 -51.53 37.88 54.86
C SER K 859 -51.27 37.82 56.35
N ALA K 860 -50.60 36.77 56.82
CA ALA K 860 -50.26 36.70 58.23
C ALA K 860 -49.32 37.83 58.64
N LEU K 861 -48.36 38.17 57.78
CA LEU K 861 -47.46 39.27 58.07
C LEU K 861 -48.21 40.60 58.14
N LEU K 862 -49.12 40.84 57.20
CA LEU K 862 -49.91 42.07 57.24
C LEU K 862 -50.80 42.14 58.47
N ALA K 863 -51.47 41.05 58.80
CA ALA K 863 -52.32 41.06 59.98
C ALA K 863 -51.52 41.30 61.24
N GLY K 864 -50.35 40.67 61.36
CA GLY K 864 -49.51 40.92 62.51
C GLY K 864 -49.08 42.36 62.62
N THR K 865 -48.64 42.94 61.52
CA THR K 865 -48.22 44.34 61.55
C THR K 865 -49.37 45.26 61.91
N ILE K 866 -50.54 45.05 61.32
CA ILE K 866 -51.64 45.98 61.51
C ILE K 866 -52.23 45.85 62.90
N THR K 867 -52.23 44.66 63.48
CA THR K 867 -52.90 44.49 64.76
C THR K 867 -51.96 44.54 65.95
N SER K 868 -50.66 44.37 65.77
CA SER K 868 -49.79 44.33 66.93
C SER K 868 -48.49 45.10 66.76
N GLY K 869 -48.24 45.73 65.64
CA GLY K 869 -47.02 46.51 65.52
C GLY K 869 -45.80 45.66 65.26
N TRP K 870 -44.71 46.02 65.91
CA TRP K 870 -43.49 45.24 65.82
C TRP K 870 -43.37 44.21 66.91
N THR K 871 -44.40 44.00 67.70
CA THR K 871 -44.27 43.09 68.83
C THR K 871 -44.30 41.64 68.40
N PHE K 872 -45.02 41.32 67.34
CA PHE K 872 -45.15 39.92 66.95
C PHE K 872 -43.86 39.36 66.39
N GLY K 873 -42.89 40.20 66.06
CA GLY K 873 -41.62 39.74 65.52
C GLY K 873 -40.59 39.38 66.58
N ALA K 874 -40.82 39.78 67.82
CA ALA K 874 -39.85 39.56 68.89
C ALA K 874 -40.39 38.68 70.00
N GLY K 875 -41.59 38.15 69.87
CA GLY K 875 -42.21 37.40 70.93
C GLY K 875 -43.67 37.13 70.64
N PRO K 876 -44.51 37.22 71.65
CA PRO K 876 -45.96 37.15 71.41
C PRO K 876 -46.47 38.44 70.80
N ALA K 877 -47.51 38.31 69.99
CA ALA K 877 -48.15 39.45 69.38
C ALA K 877 -49.04 40.14 70.40
N LEU K 878 -48.67 41.35 70.78
CA LEU K 878 -49.44 42.16 71.72
C LEU K 878 -50.24 43.19 70.95
N GLN K 879 -51.54 43.21 71.14
CA GLN K 879 -52.38 44.12 70.38
C GLN K 879 -52.21 45.56 70.86
N ILE K 880 -52.47 46.50 69.96
CA ILE K 880 -52.37 47.92 70.24
C ILE K 880 -53.25 48.61 69.22
N PRO K 881 -53.96 49.68 69.57
CA PRO K 881 -54.73 50.40 68.55
C PRO K 881 -53.79 50.95 67.49
N PHE K 882 -54.28 50.99 66.25
CA PHE K 882 -53.40 51.38 65.15
C PHE K 882 -52.91 52.83 65.24
N PRO K 883 -53.72 53.82 65.57
CA PRO K 883 -53.16 55.15 65.79
C PRO K 883 -52.09 55.22 66.86
N MET K 884 -52.17 54.41 67.92
CA MET K 884 -51.09 54.40 68.90
C MET K 884 -49.82 53.81 68.33
N GLN K 885 -49.95 52.82 67.47
CA GLN K 885 -48.79 52.29 66.78
C GLN K 885 -48.16 53.35 65.89
N MET K 886 -48.97 54.12 65.17
CA MET K 886 -48.44 55.22 64.36
C MET K 886 -47.78 56.28 65.22
N ALA K 887 -48.28 56.52 66.42
CA ALA K 887 -47.62 57.46 67.32
C ALA K 887 -46.26 56.95 67.76
N TYR K 888 -46.15 55.66 68.03
CA TYR K 888 -44.84 55.07 68.31
C TYR K 888 -43.89 55.24 67.13
N ARG K 889 -44.38 55.03 65.92
CA ARG K 889 -43.55 55.20 64.74
C ARG K 889 -43.09 56.63 64.58
N PHE K 890 -43.98 57.58 64.87
CA PHE K 890 -43.58 58.98 64.82
C PHE K 890 -42.53 59.31 65.86
N ASN K 891 -42.67 58.76 67.07
CA ASN K 891 -41.62 58.88 68.06
C ASN K 891 -40.31 58.32 67.54
N GLY K 892 -40.36 57.21 66.82
CA GLY K 892 -39.14 56.56 66.36
C GLY K 892 -38.36 57.34 65.34
N ILE K 893 -39.01 58.26 64.63
CA ILE K 893 -38.33 59.12 63.66
C ILE K 893 -38.08 60.51 64.22
N GLY K 894 -38.29 60.72 65.52
CA GLY K 894 -37.97 61.98 66.12
C GLY K 894 -39.05 63.03 66.13
N VAL K 895 -40.30 62.64 65.90
CA VAL K 895 -41.43 63.55 65.91
C VAL K 895 -42.31 63.18 67.08
N THR K 896 -42.79 64.18 67.80
CA THR K 896 -43.60 63.95 68.98
C THR K 896 -44.97 63.41 68.60
N GLN K 897 -45.53 62.56 69.47
CA GLN K 897 -46.75 61.84 69.13
C GLN K 897 -48.00 62.71 69.16
N ASN K 898 -47.95 63.85 69.84
CA ASN K 898 -49.08 64.75 69.75
C ASN K 898 -49.29 65.23 68.33
N VAL K 899 -48.22 65.28 67.54
CA VAL K 899 -48.32 65.66 66.14
C VAL K 899 -49.19 64.68 65.39
N LEU K 900 -48.94 63.38 65.58
CA LEU K 900 -49.80 62.35 65.02
C LEU K 900 -51.24 62.52 65.48
N TYR K 901 -51.45 62.62 66.80
CA TYR K 901 -52.82 62.63 67.29
C TYR K 901 -53.58 63.87 66.83
N GLU K 902 -52.89 64.97 66.61
CA GLU K 902 -53.54 66.19 66.16
C GLU K 902 -53.76 66.23 64.66
N ASN K 903 -52.96 65.50 63.89
CA ASN K 903 -53.12 65.47 62.45
C ASN K 903 -53.58 64.09 61.97
N GLN K 904 -54.26 63.34 62.83
CA GLN K 904 -54.64 61.96 62.52
C GLN K 904 -55.40 61.84 61.21
N LYS K 905 -56.46 62.63 61.04
CA LYS K 905 -57.29 62.50 59.85
C LYS K 905 -56.52 62.86 58.59
N LEU K 906 -55.71 63.90 58.65
CA LEU K 906 -54.89 64.27 57.50
C LEU K 906 -53.89 63.17 57.16
N ILE K 907 -53.26 62.58 58.16
CA ILE K 907 -52.29 61.51 57.93
C ILE K 907 -52.96 60.30 57.33
N ALA K 908 -54.16 59.96 57.82
CA ALA K 908 -54.91 58.86 57.26
C ALA K 908 -55.28 59.12 55.80
N ASN K 909 -55.70 60.33 55.49
CA ASN K 909 -56.05 60.67 54.11
C ASN K 909 -54.84 60.62 53.18
N GLN K 910 -53.71 61.14 53.64
CA GLN K 910 -52.49 61.09 52.84
C GLN K 910 -52.07 59.65 52.58
N PHE K 911 -52.16 58.80 53.59
CA PHE K 911 -51.84 57.39 53.40
C PHE K 911 -52.77 56.74 52.38
N ASN K 912 -54.06 57.00 52.48
CA ASN K 912 -55.02 56.37 51.57
C ASN K 912 -54.77 56.80 50.13
N SER K 913 -54.51 58.10 49.93
CA SER K 913 -54.18 58.57 48.59
C SER K 913 -52.92 57.93 48.05
N ALA K 914 -51.90 57.77 48.89
CA ALA K 914 -50.65 57.19 48.44
C ALA K 914 -50.82 55.73 48.05
N ILE K 915 -51.64 54.98 48.78
CA ILE K 915 -51.88 53.58 48.43
C ILE K 915 -52.65 53.48 47.10
N GLY K 916 -53.68 54.31 46.95
CA GLY K 916 -54.38 54.34 45.66
C GLY K 916 -53.43 54.64 44.52
N LYS K 917 -52.53 55.58 44.71
CA LYS K 917 -51.58 55.91 43.66
C LYS K 917 -50.64 54.76 43.37
N ILE K 918 -50.29 53.96 44.37
CA ILE K 918 -49.49 52.77 44.11
C ILE K 918 -50.21 51.85 43.14
N GLN K 919 -51.48 51.56 43.44
CA GLN K 919 -52.25 50.70 42.55
C GLN K 919 -52.25 51.25 41.12
N ASP K 920 -52.48 52.56 40.99
CA ASP K 920 -52.50 53.18 39.66
C ASP K 920 -51.15 53.09 38.97
N SER K 921 -50.07 53.36 39.70
CA SER K 921 -48.73 53.35 39.10
C SER K 921 -48.35 51.97 38.61
N LEU K 922 -48.76 50.92 39.32
CA LEU K 922 -48.44 49.59 38.86
C LEU K 922 -49.35 49.15 37.72
N SER K 923 -50.59 49.66 37.67
CA SER K 923 -51.42 49.42 36.48
C SER K 923 -50.79 49.99 35.21
N SER K 924 -49.87 50.94 35.35
CA SER K 924 -49.26 51.65 34.24
C SER K 924 -47.74 51.47 34.35
N THR K 925 -46.99 52.26 33.59
CA THR K 925 -45.55 52.14 33.54
C THR K 925 -45.18 50.70 33.19
N PRO K 926 -45.30 50.31 31.90
CA PRO K 926 -45.35 48.88 31.54
C PRO K 926 -44.26 48.03 32.16
N SER K 927 -43.05 48.57 32.29
CA SER K 927 -41.94 47.85 32.90
C SER K 927 -41.66 48.47 34.26
N ALA K 928 -42.41 48.04 35.26
CA ALA K 928 -42.12 48.29 36.66
C ALA K 928 -41.71 47.02 37.38
N LEU K 929 -42.22 45.89 36.93
CA LEU K 929 -41.85 44.57 37.40
C LEU K 929 -40.76 43.95 36.55
N GLY K 930 -39.84 44.75 36.03
CA GLY K 930 -38.90 44.26 35.04
C GLY K 930 -37.85 43.33 35.60
N LYS K 931 -37.62 43.36 36.91
CA LYS K 931 -36.60 42.49 37.51
C LYS K 931 -37.08 41.04 37.54
N LEU K 932 -38.34 40.84 37.87
CA LEU K 932 -38.93 39.51 37.81
C LEU K 932 -38.95 38.98 36.39
N GLN K 933 -39.33 39.83 35.45
CA GLN K 933 -39.31 39.44 34.04
C GLN K 933 -37.91 39.11 33.58
N ASP K 934 -36.92 39.86 34.04
CA ASP K 934 -35.54 39.55 33.66
C ASP K 934 -35.16 38.16 34.13
N VAL K 935 -35.51 37.82 35.37
CA VAL K 935 -35.19 36.48 35.86
C VAL K 935 -35.84 35.42 34.98
N VAL K 936 -37.13 35.60 34.68
CA VAL K 936 -37.85 34.62 33.87
C VAL K 936 -37.22 34.50 32.47
N ASN K 937 -36.88 35.63 31.86
CA ASN K 937 -36.39 35.62 30.50
C ASN K 937 -35.02 34.98 30.42
N HIS K 938 -34.14 35.26 31.37
CA HIS K 938 -32.84 34.60 31.35
C HIS K 938 -33.00 33.11 31.51
N ASN K 939 -33.91 32.68 32.39
CA ASN K 939 -34.17 31.25 32.50
C ASN K 939 -34.62 30.65 31.18
N ALA K 940 -35.59 31.27 30.49
CA ALA K 940 -36.09 30.74 29.23
C ALA K 940 -35.04 30.76 28.12
N GLN K 941 -34.24 31.81 28.03
CA GLN K 941 -33.21 31.87 27.01
C GLN K 941 -32.18 30.77 27.20
N ALA K 942 -31.80 30.49 28.45
CA ALA K 942 -30.84 29.42 28.66
C ALA K 942 -31.36 28.08 28.16
N LEU K 943 -32.63 27.78 28.45
CA LEU K 943 -33.20 26.50 28.02
C LEU K 943 -33.33 26.42 26.50
N ASN K 944 -33.82 27.49 25.87
CA ASN K 944 -33.97 27.44 24.43
C ASN K 944 -32.63 27.36 23.73
N THR K 945 -31.61 28.05 24.24
CA THR K 945 -30.27 27.87 23.71
C THR K 945 -29.81 26.43 23.85
N LEU K 946 -30.08 25.82 25.01
CA LEU K 946 -29.66 24.44 25.20
C LEU K 946 -30.34 23.50 24.21
N VAL K 947 -31.63 23.70 23.96
CA VAL K 947 -32.34 22.86 23.00
C VAL K 947 -31.79 23.08 21.59
N LYS K 948 -31.61 24.33 21.19
CA LYS K 948 -31.12 24.62 19.85
C LYS K 948 -29.69 24.14 19.65
N GLN K 949 -28.93 23.95 20.72
CA GLN K 949 -27.61 23.38 20.54
C GLN K 949 -27.65 21.90 20.18
N LEU K 950 -28.80 21.25 20.29
CA LEU K 950 -28.89 19.86 19.89
C LEU K 950 -28.77 19.71 18.38
N SER K 951 -29.23 20.71 17.63
CA SER K 951 -29.22 20.64 16.17
C SER K 951 -27.87 20.98 15.56
N SER K 952 -26.95 21.57 16.31
CA SER K 952 -25.67 21.94 15.74
C SER K 952 -24.84 20.70 15.42
N LYS K 953 -24.21 20.71 14.24
CA LYS K 953 -23.45 19.54 13.80
C LYS K 953 -22.23 19.28 14.66
N PHE K 954 -21.77 20.27 15.42
CA PHE K 954 -20.62 20.11 16.30
C PHE K 954 -19.40 19.61 15.55
N GLY K 955 -19.25 20.04 14.30
CA GLY K 955 -18.16 19.60 13.46
C GLY K 955 -18.34 18.22 12.88
N ALA K 956 -19.49 17.58 13.09
CA ALA K 956 -19.74 16.25 12.60
C ALA K 956 -20.58 16.29 11.33
N ILE K 957 -20.72 15.12 10.70
CA ILE K 957 -21.37 15.02 9.41
C ILE K 957 -22.87 15.32 9.50
N SER K 958 -23.51 14.92 10.59
CA SER K 958 -24.92 15.20 10.77
C SER K 958 -25.22 15.24 12.26
N SER K 959 -26.34 15.87 12.61
CA SER K 959 -26.73 16.04 14.00
C SER K 959 -27.64 14.93 14.50
N VAL K 960 -27.97 13.96 13.67
CA VAL K 960 -28.91 12.90 14.04
C VAL K 960 -28.12 11.63 14.30
N LEU K 961 -28.38 10.99 15.44
CA LEU K 961 -27.62 9.80 15.81
C LEU K 961 -28.03 8.62 14.95
N ASN K 962 -29.31 8.50 14.61
CA ASN K 962 -29.75 7.41 13.76
C ASN K 962 -29.10 7.48 12.39
N ASP K 963 -28.99 8.69 11.82
CA ASP K 963 -28.39 8.83 10.50
C ASP K 963 -26.92 8.46 10.53
N ILE K 964 -26.18 8.94 11.53
CA ILE K 964 -24.76 8.60 11.62
C ILE K 964 -24.60 7.10 11.85
N LEU K 965 -25.50 6.50 12.63
CA LEU K 965 -25.44 5.07 12.87
C LEU K 965 -25.66 4.29 11.58
N SER K 966 -26.67 4.67 10.79
CA SER K 966 -27.03 3.91 9.60
C SER K 966 -26.04 4.10 8.46
N ARG K 967 -25.58 5.33 8.24
CA ARG K 967 -24.88 5.66 7.02
C ARG K 967 -23.37 5.44 7.10
N LEU K 968 -22.85 4.92 8.20
CA LEU K 968 -21.43 4.63 8.31
C LEU K 968 -21.18 3.29 8.97
N ASP K 969 -19.97 2.78 8.76
CA ASP K 969 -19.51 1.58 9.44
C ASP K 969 -19.31 1.86 10.92
N PRO K 970 -19.28 0.81 11.74
CA PRO K 970 -19.20 1.00 13.20
C PRO K 970 -18.06 1.91 13.64
N PRO K 971 -16.82 1.75 13.15
CA PRO K 971 -15.74 2.59 13.71
C PRO K 971 -15.85 4.08 13.35
N GLU K 972 -16.07 4.38 12.07
CA GLU K 972 -16.18 5.79 11.68
C GLU K 972 -17.41 6.44 12.29
N ALA K 973 -18.54 5.73 12.28
CA ALA K 973 -19.74 6.27 12.92
C ALA K 973 -19.52 6.45 14.41
N GLU K 974 -18.73 5.57 15.02
CA GLU K 974 -18.41 5.73 16.43
C GLU K 974 -17.64 7.01 16.68
N VAL K 975 -16.66 7.30 15.84
CA VAL K 975 -15.89 8.54 16.00
C VAL K 975 -16.79 9.76 15.79
N GLN K 976 -17.65 9.73 14.78
CA GLN K 976 -18.56 10.85 14.55
C GLN K 976 -19.49 11.05 15.74
N ILE K 977 -20.04 9.96 16.28
CA ILE K 977 -20.94 10.06 17.41
C ILE K 977 -20.20 10.58 18.64
N ASP K 978 -18.93 10.19 18.80
CA ASP K 978 -18.16 10.73 19.91
C ASP K 978 -17.96 12.23 19.79
N ARG K 979 -17.75 12.71 18.57
CA ARG K 979 -17.69 14.16 18.37
C ARG K 979 -18.99 14.83 18.80
N LEU K 980 -20.12 14.26 18.37
CA LEU K 980 -21.40 14.81 18.81
C LEU K 980 -21.54 14.79 20.33
N ILE K 981 -21.09 13.70 20.95
CA ILE K 981 -21.26 13.52 22.39
C ILE K 981 -20.47 14.57 23.14
N THR K 982 -19.21 14.78 22.75
CA THR K 982 -18.41 15.75 23.48
C THR K 982 -18.95 17.16 23.26
N GLY K 983 -19.49 17.45 22.08
CA GLY K 983 -20.11 18.75 21.87
C GLY K 983 -21.30 18.98 22.79
N ARG K 984 -22.20 18.00 22.85
CA ARG K 984 -23.40 18.14 23.67
C ARG K 984 -23.05 18.20 25.16
N LEU K 985 -22.08 17.38 25.58
CA LEU K 985 -21.66 17.40 26.98
C LEU K 985 -21.08 18.75 27.37
N GLN K 986 -20.26 19.33 26.50
CA GLN K 986 -19.73 20.66 26.81
C GLN K 986 -20.84 21.69 26.89
N SER K 987 -21.82 21.62 25.99
CA SER K 987 -22.92 22.58 26.05
C SER K 987 -23.68 22.45 27.36
N LEU K 988 -23.94 21.22 27.80
CA LEU K 988 -24.66 21.00 29.05
C LEU K 988 -23.85 21.50 30.25
N GLN K 989 -22.55 21.26 30.25
CA GLN K 989 -21.70 21.77 31.33
C GLN K 989 -21.71 23.29 31.38
N THR K 990 -21.68 23.94 30.23
CA THR K 990 -21.80 25.39 30.19
C THR K 990 -23.12 25.85 30.79
N TYR K 991 -24.22 25.17 30.43
CA TYR K 991 -25.51 25.56 30.97
C TYR K 991 -25.53 25.45 32.50
N VAL K 992 -24.97 24.37 33.04
CA VAL K 992 -25.01 24.18 34.49
C VAL K 992 -24.17 25.24 35.18
N THR K 993 -23.02 25.59 34.63
CA THR K 993 -22.21 26.63 35.26
C THR K 993 -22.91 27.99 35.24
N GLN K 994 -23.56 28.34 34.13
CA GLN K 994 -24.30 29.59 34.10
C GLN K 994 -25.43 29.58 35.10
N GLN K 995 -26.08 28.43 35.29
CA GLN K 995 -27.14 28.33 36.28
C GLN K 995 -26.59 28.51 37.69
N LEU K 996 -25.41 27.99 37.96
CA LEU K 996 -24.81 28.20 39.27
C LEU K 996 -24.56 29.68 39.54
N ILE K 997 -24.04 30.39 38.55
CA ILE K 997 -23.78 31.82 38.71
C ILE K 997 -25.08 32.60 38.90
N ARG K 998 -26.10 32.28 38.11
CA ARG K 998 -27.38 32.96 38.23
C ARG K 998 -28.05 32.66 39.57
N ALA K 999 -27.89 31.45 40.07
CA ALA K 999 -28.46 31.11 41.37
C ALA K 999 -27.74 31.81 42.50
N ALA K 1000 -26.43 32.03 42.38
CA ALA K 1000 -25.73 32.82 43.38
C ALA K 1000 -26.27 34.23 43.44
N GLU K 1001 -26.56 34.81 42.27
CA GLU K 1001 -27.16 36.15 42.26
C GLU K 1001 -28.57 36.16 42.86
N ILE K 1002 -29.37 35.15 42.55
CA ILE K 1002 -30.71 35.06 43.15
C ILE K 1002 -30.62 34.88 44.65
N ARG K 1003 -29.61 34.17 45.13
CA ARG K 1003 -29.45 34.00 46.57
C ARG K 1003 -29.09 35.30 47.25
N ALA K 1004 -28.24 36.10 46.62
CA ALA K 1004 -27.97 37.42 47.16
C ALA K 1004 -29.23 38.26 47.25
N SER K 1005 -30.06 38.22 46.20
CA SER K 1005 -31.29 39.00 46.23
C SER K 1005 -32.27 38.50 47.29
N ALA K 1006 -32.39 37.19 47.45
CA ALA K 1006 -33.29 36.64 48.47
C ALA K 1006 -32.79 36.90 49.88
N ASN K 1007 -31.48 36.94 50.07
CA ASN K 1007 -30.94 37.32 51.37
C ASN K 1007 -31.27 38.77 51.70
N LEU K 1008 -31.15 39.65 50.70
CA LEU K 1008 -31.56 41.03 50.92
C LEU K 1008 -33.04 41.14 51.23
N ALA K 1009 -33.88 40.39 50.52
CA ALA K 1009 -35.32 40.42 50.75
C ALA K 1009 -35.67 39.92 52.13
N ALA K 1010 -34.97 38.91 52.63
CA ALA K 1010 -35.25 38.44 53.98
C ALA K 1010 -34.80 39.44 55.03
N THR K 1011 -33.68 40.11 54.79
CA THR K 1011 -33.26 41.17 55.70
C THR K 1011 -34.26 42.31 55.74
N LYS K 1012 -34.84 42.65 54.58
CA LYS K 1012 -35.84 43.71 54.52
C LYS K 1012 -37.16 43.28 55.12
N MET K 1013 -37.51 42.02 55.03
CA MET K 1013 -38.70 41.56 55.75
C MET K 1013 -38.49 41.63 57.25
N SER K 1014 -37.31 41.27 57.73
CA SER K 1014 -37.05 41.36 59.17
C SER K 1014 -36.99 42.80 59.65
N GLU K 1015 -36.34 43.69 58.90
CA GLU K 1015 -36.02 45.00 59.41
C GLU K 1015 -36.98 46.09 58.98
N CYS K 1016 -37.67 45.94 57.85
CA CYS K 1016 -38.64 46.93 57.41
C CYS K 1016 -40.06 46.56 57.76
N VAL K 1017 -40.41 45.28 57.69
CA VAL K 1017 -41.78 44.85 57.94
C VAL K 1017 -41.95 44.47 59.40
N LEU K 1018 -41.02 43.74 59.97
CA LEU K 1018 -41.11 43.31 61.35
C LEU K 1018 -40.56 44.33 62.33
N GLY K 1019 -40.04 45.44 61.85
CA GLY K 1019 -39.60 46.48 62.74
C GLY K 1019 -39.72 47.84 62.11
N GLN K 1020 -39.11 48.85 62.72
CA GLN K 1020 -38.95 50.16 62.11
C GLN K 1020 -37.47 50.46 62.02
N SER K 1021 -36.99 50.74 60.82
CA SER K 1021 -35.56 50.81 60.57
C SER K 1021 -35.06 52.24 60.70
N LYS K 1022 -33.91 52.40 61.34
CA LYS K 1022 -33.22 53.68 61.39
C LYS K 1022 -32.15 53.81 60.32
N ARG K 1023 -31.89 52.76 59.56
CA ARG K 1023 -30.91 52.84 58.49
C ARG K 1023 -31.44 53.68 57.34
N VAL K 1024 -30.60 54.52 56.78
CA VAL K 1024 -31.01 55.48 55.78
C VAL K 1024 -31.10 54.80 54.42
N ASP K 1025 -32.21 55.00 53.73
CA ASP K 1025 -32.49 54.53 52.39
C ASP K 1025 -32.63 53.01 52.31
N PHE K 1026 -32.37 52.33 53.41
CA PHE K 1026 -32.92 51.01 53.62
C PHE K 1026 -34.37 51.26 53.98
N CYS K 1027 -35.28 50.57 53.32
CA CYS K 1027 -36.72 50.75 53.52
C CYS K 1027 -37.23 52.03 52.87
N GLY K 1028 -36.64 52.45 51.76
CA GLY K 1028 -37.18 53.55 50.99
C GLY K 1028 -36.66 54.91 51.39
N LYS K 1029 -36.97 55.90 50.58
CA LYS K 1029 -36.46 57.24 50.77
C LYS K 1029 -37.40 58.07 51.62
N GLY K 1030 -36.86 58.69 52.66
CA GLY K 1030 -37.61 59.34 53.71
C GLY K 1030 -37.24 58.75 55.04
N TYR K 1031 -38.03 59.08 56.05
CA TYR K 1031 -37.92 58.45 57.36
C TYR K 1031 -38.89 57.30 57.42
N HIS K 1032 -38.37 56.08 57.55
CA HIS K 1032 -39.20 54.90 57.50
C HIS K 1032 -40.24 54.91 58.60
N LEU K 1033 -41.49 54.64 58.25
CA LEU K 1033 -42.52 54.40 59.24
C LEU K 1033 -42.93 52.93 59.25
N MET K 1034 -43.39 52.40 58.12
CA MET K 1034 -43.86 51.02 58.04
C MET K 1034 -43.49 50.44 56.69
N SER K 1035 -43.59 49.14 56.59
CA SER K 1035 -43.53 48.46 55.31
C SER K 1035 -44.57 47.35 55.32
N PHE K 1036 -45.10 47.06 54.13
CA PHE K 1036 -46.06 46.00 53.91
C PHE K 1036 -45.52 45.09 52.81
N PRO K 1037 -45.49 43.79 53.02
CA PRO K 1037 -45.11 42.87 51.95
C PRO K 1037 -46.29 42.46 51.09
N GLN K 1038 -45.99 42.21 49.82
CA GLN K 1038 -46.93 41.66 48.87
C GLN K 1038 -46.20 40.62 48.05
N SER K 1039 -46.81 39.47 47.84
CA SER K 1039 -46.15 38.42 47.08
C SER K 1039 -46.34 38.64 45.59
N ALA K 1040 -45.31 38.32 44.82
CA ALA K 1040 -45.30 38.47 43.39
C ALA K 1040 -44.79 37.17 42.80
N PRO K 1041 -45.07 36.91 41.54
CA PRO K 1041 -44.52 35.70 40.92
C PRO K 1041 -43.00 35.64 41.01
N HIS K 1042 -42.50 34.70 41.80
CA HIS K 1042 -41.07 34.52 42.06
C HIS K 1042 -40.43 35.70 42.77
N GLY K 1043 -41.20 36.51 43.48
CA GLY K 1043 -40.59 37.65 44.11
C GLY K 1043 -41.48 38.26 45.17
N VAL K 1044 -41.03 39.39 45.67
CA VAL K 1044 -41.75 40.10 46.71
C VAL K 1044 -41.75 41.58 46.33
N VAL K 1045 -42.77 42.28 46.80
CA VAL K 1045 -42.91 43.72 46.62
C VAL K 1045 -43.12 44.32 48.00
N PHE K 1046 -42.26 45.25 48.39
CA PHE K 1046 -42.41 45.96 49.64
C PHE K 1046 -42.98 47.33 49.35
N LEU K 1047 -44.06 47.67 50.02
CA LEU K 1047 -44.60 49.01 50.01
C LEU K 1047 -44.08 49.69 51.27
N HIS K 1048 -43.23 50.69 51.08
CA HIS K 1048 -42.58 51.41 52.17
C HIS K 1048 -43.32 52.71 52.43
N VAL K 1049 -43.81 52.88 53.63
CA VAL K 1049 -44.49 54.08 54.07
C VAL K 1049 -43.48 54.91 54.85
N THR K 1050 -43.17 56.10 54.34
CA THR K 1050 -42.17 56.98 54.90
C THR K 1050 -42.75 58.36 55.13
N TYR K 1051 -42.04 59.11 55.96
CA TYR K 1051 -42.38 60.45 56.38
C TYR K 1051 -41.45 61.42 55.65
N VAL K 1052 -42.01 62.42 54.98
CA VAL K 1052 -41.22 63.38 54.23
C VAL K 1052 -41.54 64.79 54.71
N PRO K 1053 -40.57 65.54 55.23
CA PRO K 1053 -40.85 66.93 55.62
C PRO K 1053 -41.23 67.78 54.41
N ALA K 1054 -42.14 68.72 54.60
CA ALA K 1054 -42.77 69.34 53.44
C ALA K 1054 -42.53 70.83 53.29
N GLN K 1055 -42.89 71.67 54.25
CA GLN K 1055 -42.97 73.11 53.97
C GLN K 1055 -42.04 73.86 54.92
N GLU K 1056 -40.90 74.28 54.42
CA GLU K 1056 -39.84 74.79 55.26
C GLU K 1056 -40.00 76.28 55.50
N LYS K 1057 -39.52 76.70 56.66
CA LYS K 1057 -39.39 78.11 56.98
C LYS K 1057 -37.97 78.36 57.47
N ASN K 1058 -37.47 79.55 57.14
CA ASN K 1058 -36.21 80.06 57.64
C ASN K 1058 -36.43 80.66 59.02
N PHE K 1059 -35.49 80.41 59.92
CA PHE K 1059 -35.49 81.02 61.24
C PHE K 1059 -34.07 81.40 61.59
N THR K 1060 -33.93 82.25 62.59
CA THR K 1060 -32.62 82.50 63.18
C THR K 1060 -32.44 81.53 64.33
N THR K 1061 -31.21 81.04 64.52
CA THR K 1061 -30.97 80.06 65.56
C THR K 1061 -29.74 80.45 66.36
N ALA K 1062 -29.64 79.90 67.56
CA ALA K 1062 -28.51 80.10 68.44
C ALA K 1062 -28.18 78.81 69.14
N PRO K 1063 -26.91 78.57 69.47
CA PRO K 1063 -26.56 77.32 70.16
C PRO K 1063 -27.01 77.30 71.61
N ALA K 1064 -26.91 78.40 72.32
CA ALA K 1064 -27.25 78.47 73.72
C ALA K 1064 -27.92 79.81 73.99
N ILE K 1065 -28.55 79.92 75.15
CA ILE K 1065 -29.15 81.16 75.60
C ILE K 1065 -28.60 81.54 76.96
N CYS K 1066 -28.23 82.81 77.11
CA CYS K 1066 -27.61 83.31 78.32
C CYS K 1066 -28.67 83.90 79.24
N HIS K 1067 -28.73 83.41 80.47
CA HIS K 1067 -29.66 83.95 81.45
C HIS K 1067 -29.01 83.84 82.82
N ASP K 1068 -28.97 84.94 83.55
CA ASP K 1068 -28.32 85.00 84.85
C ASP K 1068 -26.86 84.58 84.78
N GLY K 1069 -26.19 84.88 83.68
CA GLY K 1069 -24.82 84.47 83.54
C GLY K 1069 -24.62 82.99 83.36
N LYS K 1070 -25.67 82.24 83.07
CA LYS K 1070 -25.57 80.81 82.80
C LYS K 1070 -25.98 80.53 81.37
N ALA K 1071 -25.38 79.50 80.78
CA ALA K 1071 -25.69 79.07 79.43
C ALA K 1071 -26.72 77.95 79.48
N HIS K 1072 -27.75 78.05 78.65
CA HIS K 1072 -28.81 77.07 78.58
C HIS K 1072 -28.84 76.47 77.19
N PHE K 1073 -29.01 75.15 77.15
CA PHE K 1073 -29.10 74.36 75.95
C PHE K 1073 -30.43 73.62 75.95
N PRO K 1074 -31.03 73.39 74.79
CA PRO K 1074 -32.32 72.70 74.77
C PRO K 1074 -32.15 71.22 75.06
N ARG K 1075 -33.01 70.68 75.93
CA ARG K 1075 -32.90 69.26 76.26
C ARG K 1075 -33.10 68.41 75.03
N GLU K 1076 -34.14 68.71 74.26
CA GLU K 1076 -34.38 68.08 72.97
C GLU K 1076 -35.02 69.15 72.11
N GLY K 1077 -34.36 69.53 71.06
CA GLY K 1077 -34.88 70.58 70.21
C GLY K 1077 -33.81 71.57 69.87
N VAL K 1078 -34.24 72.65 69.25
CA VAL K 1078 -33.35 73.68 68.72
C VAL K 1078 -33.96 75.03 69.04
N PHE K 1079 -33.12 75.99 69.43
CA PHE K 1079 -33.56 77.35 69.67
C PHE K 1079 -33.79 78.07 68.35
N VAL K 1080 -34.95 78.66 68.18
CA VAL K 1080 -35.28 79.41 66.96
C VAL K 1080 -35.83 80.77 67.35
N SER K 1081 -35.78 81.67 66.39
CA SER K 1081 -36.29 83.02 66.53
C SER K 1081 -36.97 83.41 65.23
N ASN K 1082 -38.15 83.98 65.36
CA ASN K 1082 -38.95 84.48 64.26
C ASN K 1082 -38.65 85.93 63.93
N GLY K 1083 -37.68 86.53 64.61
CA GLY K 1083 -37.27 87.88 64.33
C GLY K 1083 -37.20 88.70 65.61
N THR K 1084 -38.13 88.46 66.51
CA THR K 1084 -38.20 89.20 67.76
C THR K 1084 -38.16 88.31 68.99
N HIS K 1085 -38.86 87.19 68.96
CA HIS K 1085 -39.00 86.33 70.12
C HIS K 1085 -38.27 85.02 69.91
N TRP K 1086 -37.84 84.41 71.00
CA TRP K 1086 -37.07 83.17 70.98
C TRP K 1086 -37.90 82.04 71.53
N PHE K 1087 -37.97 80.94 70.78
CA PHE K 1087 -38.67 79.73 71.18
C PHE K 1087 -37.72 78.55 71.09
N VAL K 1088 -38.15 77.42 71.62
CA VAL K 1088 -37.47 76.15 71.45
C VAL K 1088 -38.42 75.20 70.76
N THR K 1089 -37.96 74.56 69.70
CA THR K 1089 -38.82 73.69 68.91
C THR K 1089 -38.18 72.32 68.80
N GLN K 1090 -38.91 71.39 68.25
CA GLN K 1090 -38.36 70.10 67.91
C GLN K 1090 -37.82 70.12 66.49
N ARG K 1091 -36.77 69.36 66.25
CA ARG K 1091 -35.94 69.60 65.09
C ARG K 1091 -36.59 69.22 63.78
N ASN K 1092 -37.63 68.40 63.80
CA ASN K 1092 -38.20 67.86 62.58
C ASN K 1092 -39.59 68.39 62.26
N PHE K 1093 -40.17 69.17 63.15
CA PHE K 1093 -41.50 69.74 62.98
C PHE K 1093 -41.49 71.06 63.71
N TYR K 1094 -42.04 72.09 63.08
CA TYR K 1094 -42.07 73.41 63.71
C TYR K 1094 -43.22 73.46 64.70
N GLU K 1095 -42.88 73.57 65.99
CA GLU K 1095 -43.87 73.66 67.06
C GLU K 1095 -43.28 74.47 68.19
N PRO K 1096 -43.27 75.80 68.05
CA PRO K 1096 -42.51 76.63 68.98
C PRO K 1096 -43.10 76.67 70.37
N GLN K 1097 -42.21 76.77 71.35
CA GLN K 1097 -42.61 76.79 72.75
C GLN K 1097 -41.76 77.81 73.51
N ILE K 1098 -42.27 78.23 74.65
CA ILE K 1098 -41.56 79.18 75.49
C ILE K 1098 -40.36 78.50 76.12
N ILE K 1099 -39.21 79.18 76.11
CA ILE K 1099 -38.01 78.63 76.71
C ILE K 1099 -38.17 78.65 78.22
N THR K 1100 -38.13 77.47 78.82
CA THR K 1100 -38.39 77.26 80.23
C THR K 1100 -37.23 76.48 80.82
N THR K 1101 -37.14 76.45 82.14
CA THR K 1101 -36.21 75.53 82.77
C THR K 1101 -36.64 74.08 82.61
N ASP K 1102 -37.86 73.84 82.13
CA ASP K 1102 -38.32 72.48 81.88
C ASP K 1102 -37.73 71.91 80.60
N ASN K 1103 -37.62 72.72 79.55
CA ASN K 1103 -37.17 72.23 78.26
C ASN K 1103 -35.74 72.65 77.93
N THR K 1104 -34.98 73.11 78.92
CA THR K 1104 -33.58 73.43 78.75
C THR K 1104 -32.79 72.85 79.91
N PHE K 1105 -31.48 72.79 79.75
CA PHE K 1105 -30.58 72.46 80.83
C PHE K 1105 -29.42 73.45 80.85
N VAL K 1106 -28.82 73.61 82.01
CA VAL K 1106 -27.81 74.63 82.24
C VAL K 1106 -26.44 73.97 82.24
N SER K 1107 -25.45 74.68 81.70
CA SER K 1107 -24.07 74.18 81.79
C SER K 1107 -23.11 75.34 81.59
N GLY K 1108 -22.39 75.69 82.64
CA GLY K 1108 -21.35 76.68 82.51
C GLY K 1108 -21.92 78.08 82.43
N ASN K 1109 -21.05 79.00 82.04
CA ASN K 1109 -21.40 80.40 81.94
C ASN K 1109 -21.40 80.81 80.47
N CYS K 1110 -21.74 82.08 80.23
CA CYS K 1110 -21.99 82.60 78.90
C CYS K 1110 -20.73 83.06 78.20
N ASP K 1111 -19.58 82.52 78.57
CA ASP K 1111 -18.32 83.04 78.08
C ASP K 1111 -17.64 82.17 77.03
N VAL K 1112 -17.88 80.87 77.03
CA VAL K 1112 -17.11 79.97 76.19
C VAL K 1112 -17.86 79.65 74.90
N VAL K 1113 -19.19 79.58 74.96
CA VAL K 1113 -19.98 79.23 73.79
C VAL K 1113 -19.93 80.35 72.77
N ILE K 1114 -19.72 79.99 71.51
CA ILE K 1114 -19.54 80.96 70.45
C ILE K 1114 -20.87 81.18 69.75
N GLY K 1115 -21.49 82.32 70.00
CA GLY K 1115 -22.77 82.63 69.41
C GLY K 1115 -23.94 82.62 70.37
N ILE K 1116 -23.69 82.52 71.67
CA ILE K 1116 -24.76 82.50 72.66
C ILE K 1116 -25.48 83.85 72.65
N VAL K 1117 -26.82 83.81 72.71
CA VAL K 1117 -27.62 85.03 72.67
C VAL K 1117 -28.26 85.25 74.03
N ASN K 1118 -28.67 86.50 74.25
CA ASN K 1118 -29.29 86.92 75.49
C ASN K 1118 -30.80 86.77 75.36
N ASN K 1119 -31.40 86.03 76.28
CA ASN K 1119 -32.85 85.95 76.37
C ASN K 1119 -33.21 85.54 77.78
N THR K 1120 -34.51 85.49 78.06
CA THR K 1120 -35.01 85.08 79.35
C THR K 1120 -35.49 83.64 79.30
N VAL K 1121 -35.21 82.91 80.37
CA VAL K 1121 -35.68 81.55 80.55
C VAL K 1121 -36.74 81.59 81.63
N TYR K 1122 -37.96 81.24 81.27
CA TYR K 1122 -39.08 81.25 82.20
C TYR K 1122 -38.88 80.19 83.26
N ASP K 1123 -39.24 80.53 84.49
CA ASP K 1123 -39.27 79.56 85.58
C ASP K 1123 -40.71 79.39 86.04
N PRO K 1124 -41.33 78.22 85.82
CA PRO K 1124 -42.72 78.07 86.23
C PRO K 1124 -42.93 78.22 87.72
N LEU K 1125 -41.90 77.94 88.51
CA LEU K 1125 -42.10 77.82 89.95
C LEU K 1125 -42.39 79.17 90.59
N GLN K 1126 -41.73 80.24 90.14
CA GLN K 1126 -41.88 81.52 90.82
C GLN K 1126 -43.30 82.07 90.75
N PRO K 1127 -43.92 82.22 89.57
CA PRO K 1127 -45.29 82.78 89.57
C PRO K 1127 -46.31 81.93 90.29
N GLU K 1128 -46.17 80.61 90.23
CA GLU K 1128 -47.12 79.72 90.90
C GLU K 1128 -46.77 79.50 92.36
N LEU K 1129 -45.63 80.02 92.81
CA LEU K 1129 -45.26 80.04 94.22
C LEU K 1129 -45.69 81.35 94.87
N ASP K 1130 -45.57 82.46 94.14
CA ASP K 1130 -45.85 83.77 94.70
C ASP K 1130 -47.36 84.01 94.83
N SER K 1131 -48.13 83.55 93.84
CA SER K 1131 -49.55 83.86 93.76
C SER K 1131 -50.36 83.28 94.91
N GLN L 1 38.35 55.18 -41.75
CA GLN L 1 39.42 54.74 -42.65
C GLN L 1 40.48 53.97 -41.87
N ILE L 2 41.21 53.10 -42.57
CA ILE L 2 42.23 52.27 -41.99
C ILE L 2 43.55 52.51 -42.71
N THR L 3 44.65 52.42 -41.96
CA THR L 3 45.99 52.53 -42.55
C THR L 3 46.90 51.51 -41.90
N LEU L 4 47.89 51.04 -42.67
CA LEU L 4 48.91 50.14 -42.15
C LEU L 4 50.27 50.64 -42.60
N LYS L 5 51.22 50.67 -41.65
CA LYS L 5 52.55 51.22 -41.89
C LYS L 5 53.59 50.23 -41.39
N GLU L 6 54.74 50.21 -42.04
CA GLU L 6 55.85 49.35 -41.66
C GLU L 6 57.03 50.18 -41.18
N SER L 7 57.71 49.69 -40.15
CA SER L 7 58.93 50.30 -39.65
C SER L 7 59.97 49.22 -39.43
N GLY L 8 61.23 49.58 -39.62
CA GLY L 8 62.33 48.66 -39.45
C GLY L 8 63.51 48.96 -40.36
N PRO L 9 64.51 48.08 -40.36
CA PRO L 9 65.72 48.31 -41.16
C PRO L 9 65.49 47.95 -42.62
N THR L 10 65.71 48.92 -43.51
CA THR L 10 65.56 48.65 -44.94
C THR L 10 66.74 47.86 -45.48
N LEU L 11 67.96 48.19 -45.06
CA LEU L 11 69.17 47.48 -45.48
C LEU L 11 69.51 46.45 -44.42
N VAL L 12 69.58 45.18 -44.83
CA VAL L 12 69.88 44.09 -43.92
C VAL L 12 70.96 43.22 -44.54
N LYS L 13 71.82 42.67 -43.70
CA LYS L 13 72.94 41.84 -44.08
C LYS L 13 72.52 40.39 -44.23
N PRO L 14 73.30 39.57 -44.94
CA PRO L 14 73.01 38.14 -45.01
C PRO L 14 73.12 37.47 -43.65
N THR L 15 72.40 36.35 -43.52
CA THR L 15 72.31 35.53 -42.30
C THR L 15 72.12 36.37 -41.04
N GLN L 16 71.45 37.52 -41.17
CA GLN L 16 71.11 38.38 -40.05
C GLN L 16 69.64 38.22 -39.71
N THR L 17 69.14 39.06 -38.81
CA THR L 17 67.74 39.00 -38.39
C THR L 17 67.10 40.37 -38.53
N LEU L 18 65.95 40.42 -39.19
CA LEU L 18 65.16 41.63 -39.33
C LEU L 18 63.90 41.53 -38.48
N THR L 19 63.40 42.68 -38.06
CA THR L 19 62.21 42.78 -37.21
C THR L 19 61.34 43.90 -37.76
N LEU L 20 60.26 43.52 -38.45
CA LEU L 20 59.37 44.48 -39.09
C LEU L 20 58.18 44.75 -38.17
N THR L 21 57.88 46.04 -37.97
CA THR L 21 56.85 46.46 -37.03
C THR L 21 55.74 47.16 -37.81
N CYS L 22 54.55 46.57 -37.80
CA CYS L 22 53.39 47.13 -38.49
C CYS L 22 52.53 47.88 -37.48
N THR L 23 52.32 49.16 -37.75
CA THR L 23 51.37 49.99 -37.01
C THR L 23 50.08 50.06 -37.83
N PHE L 24 48.99 49.61 -37.24
CA PHE L 24 47.72 49.45 -37.94
C PHE L 24 46.65 50.26 -37.22
N SER L 25 45.99 51.13 -37.98
CA SER L 25 44.95 52.02 -37.47
C SER L 25 43.64 51.69 -38.17
N GLY L 26 42.58 51.54 -37.37
CA GLY L 26 41.27 51.19 -37.88
C GLY L 26 40.69 49.91 -37.30
N PHE L 27 41.49 49.08 -36.64
CA PHE L 27 40.99 47.85 -36.06
C PHE L 27 41.89 47.44 -34.91
N SER L 28 41.39 46.55 -34.07
CA SER L 28 42.12 46.05 -32.92
C SER L 28 42.38 44.56 -33.07
N LEU L 29 43.48 44.09 -32.49
CA LEU L 29 43.79 42.67 -32.51
C LEU L 29 43.14 41.96 -31.33
N SER L 30 41.86 42.24 -31.11
CA SER L 30 41.06 41.56 -30.11
C SER L 30 39.68 41.18 -30.60
N THR L 31 39.13 41.88 -31.59
CA THR L 31 37.79 41.60 -32.06
C THR L 31 37.74 40.29 -32.82
N SER L 32 36.73 39.48 -32.53
CA SER L 32 36.52 38.25 -33.29
C SER L 32 36.20 38.61 -34.73
N GLY L 33 36.90 37.96 -35.66
CA GLY L 33 36.82 38.28 -37.07
C GLY L 33 37.98 39.09 -37.62
N VAL L 34 39.04 39.32 -36.84
CA VAL L 34 40.13 40.21 -37.24
C VAL L 34 41.45 39.46 -37.15
N GLY L 35 42.21 39.48 -38.25
CA GLY L 35 43.55 38.92 -38.25
C GLY L 35 44.49 39.84 -39.01
N VAL L 36 45.80 39.60 -38.83
CA VAL L 36 46.82 40.43 -39.45
C VAL L 36 47.84 39.53 -40.13
N ALA L 37 48.04 39.75 -41.43
CA ALA L 37 48.91 38.91 -42.24
C ALA L 37 50.10 39.70 -42.75
N TRP L 38 51.30 39.17 -42.53
CA TRP L 38 52.51 39.64 -43.21
C TRP L 38 52.66 38.91 -44.54
N ILE L 39 52.85 39.69 -45.61
CA ILE L 39 53.04 39.18 -46.96
C ILE L 39 54.29 39.85 -47.53
N ARG L 40 54.93 39.18 -48.48
CA ARG L 40 56.12 39.71 -49.12
C ARG L 40 56.02 39.51 -50.63
N GLN L 41 56.73 40.36 -51.38
CA GLN L 41 56.74 40.25 -52.84
C GLN L 41 58.12 40.55 -53.37
N PRO L 42 58.76 39.61 -54.05
CA PRO L 42 60.05 39.92 -54.67
C PRO L 42 59.88 40.98 -55.73
N PRO L 43 60.92 41.80 -55.96
CA PRO L 43 60.77 42.92 -56.90
C PRO L 43 60.41 42.45 -58.30
N GLY L 44 59.23 42.85 -58.76
CA GLY L 44 58.73 42.44 -60.06
C GLY L 44 58.12 41.07 -60.11
N LYS L 45 57.99 40.38 -58.98
CA LYS L 45 57.48 39.01 -58.93
C LYS L 45 56.11 38.99 -58.23
N ALA L 46 55.61 37.78 -58.00
CA ALA L 46 54.30 37.57 -57.42
C ALA L 46 54.33 37.86 -55.92
N LEU L 47 53.14 37.87 -55.32
CA LEU L 47 52.99 38.10 -53.90
C LEU L 47 53.17 36.80 -53.13
N GLU L 48 54.09 36.81 -52.16
CA GLU L 48 54.42 35.63 -51.37
C GLU L 48 53.98 35.89 -49.93
N TRP L 49 52.99 35.13 -49.46
CA TRP L 49 52.47 35.33 -48.11
C TRP L 49 53.44 34.73 -47.09
N LEU L 50 53.73 35.50 -46.04
CA LEU L 50 54.63 35.05 -45.00
C LEU L 50 53.88 34.37 -43.84
N ALA L 51 53.00 35.12 -43.17
CA ALA L 51 52.42 34.63 -41.92
C ALA L 51 51.13 35.38 -41.64
N LEU L 52 50.42 34.90 -40.62
CA LEU L 52 49.13 35.47 -40.23
C LEU L 52 48.89 35.21 -38.75
N ILE L 53 48.71 36.29 -37.98
CA ILE L 53 48.34 36.22 -36.58
C ILE L 53 46.83 36.39 -36.47
N TYR L 54 46.24 35.70 -35.50
CA TYR L 54 44.83 35.79 -35.20
C TYR L 54 44.61 36.74 -34.03
N TRP L 55 43.36 36.77 -33.53
CA TRP L 55 43.03 37.66 -32.44
C TRP L 55 43.32 37.03 -31.08
N ASP L 56 43.32 35.70 -31.01
CA ASP L 56 43.64 34.97 -29.79
C ASP L 56 45.04 34.35 -29.85
N ASN L 57 45.99 35.08 -30.42
CA ASN L 57 47.42 34.79 -30.39
C ASN L 57 47.81 33.58 -31.24
N ASP L 58 46.86 32.88 -31.83
CA ASP L 58 47.21 31.78 -32.72
C ASP L 58 47.80 32.32 -34.01
N LYS L 59 48.80 31.63 -34.54
CA LYS L 59 49.52 32.09 -35.72
C LYS L 59 49.70 30.95 -36.71
N ARG L 60 49.70 31.32 -37.99
CA ARG L 60 50.09 30.44 -39.08
C ARG L 60 51.28 31.07 -39.80
N SER L 61 52.14 30.24 -40.37
CA SER L 61 53.26 30.73 -41.16
C SER L 61 53.43 29.85 -42.39
N SER L 62 54.16 30.36 -43.37
CA SER L 62 54.51 29.58 -44.54
C SER L 62 55.31 28.36 -44.10
N PRO L 63 54.97 27.16 -44.59
CA PRO L 63 55.75 25.97 -44.20
C PRO L 63 57.22 26.07 -44.55
N SER L 64 57.55 26.65 -45.71
CA SER L 64 58.94 26.80 -46.11
C SER L 64 59.68 27.87 -45.31
N LEU L 65 58.97 28.64 -44.49
CA LEU L 65 59.58 29.70 -43.70
C LEU L 65 59.20 29.65 -42.22
N ASN L 66 58.44 28.63 -41.79
CA ASN L 66 57.99 28.60 -40.40
C ASN L 66 59.15 28.43 -39.43
N ASN L 67 60.26 27.84 -39.89
CA ASN L 67 61.38 27.55 -39.00
C ASN L 67 61.98 28.82 -38.43
N ARG L 68 62.07 29.88 -39.24
CA ARG L 68 62.78 31.09 -38.87
C ARG L 68 61.91 32.34 -39.01
N LEU L 69 60.59 32.19 -38.94
CA LEU L 69 59.67 33.32 -38.96
C LEU L 69 58.78 33.26 -37.73
N THR L 70 58.73 34.35 -36.98
CA THR L 70 57.88 34.45 -35.80
C THR L 70 57.08 35.73 -35.84
N ILE L 71 55.94 35.74 -35.15
CA ILE L 71 55.09 36.92 -35.06
C ILE L 71 54.64 37.09 -33.62
N THR L 72 54.64 38.34 -33.16
CA THR L 72 54.14 38.71 -31.85
C THR L 72 53.22 39.93 -32.02
N LYS L 73 52.29 40.08 -31.08
CA LYS L 73 51.31 41.16 -31.13
C LYS L 73 51.39 41.96 -29.84
N ASP L 74 51.27 43.29 -29.96
CA ASP L 74 51.35 44.20 -28.82
C ASP L 74 50.16 45.16 -28.90
N THR L 75 49.05 44.77 -28.27
CA THR L 75 47.85 45.59 -28.29
C THR L 75 48.08 46.96 -27.65
N SER L 76 48.92 47.00 -26.62
CA SER L 76 49.10 48.24 -25.86
C SER L 76 49.60 49.37 -26.74
N LYS L 77 50.57 49.08 -27.61
CA LYS L 77 51.08 50.05 -28.56
C LYS L 77 50.52 49.84 -29.97
N ASN L 78 49.53 48.95 -30.11
CA ASN L 78 48.83 48.76 -31.39
C ASN L 78 49.81 48.34 -32.50
N GLN L 79 50.63 47.33 -32.20
CA GLN L 79 51.74 46.96 -33.07
C GLN L 79 51.76 45.47 -33.33
N VAL L 80 52.28 45.11 -34.51
CA VAL L 80 52.55 43.72 -34.86
C VAL L 80 54.03 43.60 -35.20
N VAL L 81 54.73 42.70 -34.53
CA VAL L 81 56.15 42.47 -34.74
C VAL L 81 56.33 41.16 -35.48
N LEU L 82 57.09 41.20 -36.57
CA LEU L 82 57.43 39.99 -37.32
C LEU L 82 58.95 39.86 -37.34
N THR L 83 59.47 38.76 -36.81
CA THR L 83 60.90 38.49 -36.76
C THR L 83 61.24 37.46 -37.82
N MET L 84 62.23 37.79 -38.65
CA MET L 84 62.66 36.95 -39.75
C MET L 84 64.17 36.81 -39.60
N THR L 85 64.66 35.59 -39.35
CA THR L 85 66.04 35.38 -38.95
C THR L 85 66.83 34.65 -40.03
N ASN L 86 68.10 35.04 -40.18
CA ASN L 86 69.07 34.38 -41.05
C ASN L 86 68.61 34.41 -42.52
N MET L 87 68.52 35.62 -43.04
CA MET L 87 68.06 35.83 -44.40
C MET L 87 69.15 35.50 -45.42
N ASP L 88 68.72 35.39 -46.66
CA ASP L 88 69.55 35.28 -47.84
C ASP L 88 69.21 36.41 -48.80
N PRO L 89 70.04 36.66 -49.82
CA PRO L 89 69.67 37.67 -50.83
C PRO L 89 68.36 37.36 -51.53
N GLU L 90 67.91 36.10 -51.54
CA GLU L 90 66.60 35.78 -52.08
C GLU L 90 65.48 36.48 -51.32
N ASP L 91 65.69 36.79 -50.04
CA ASP L 91 64.69 37.46 -49.22
C ASP L 91 64.55 38.94 -49.55
N THR L 92 65.43 39.49 -50.39
CA THR L 92 65.30 40.88 -50.81
C THR L 92 63.98 41.06 -51.56
N ALA L 93 63.08 41.85 -50.99
CA ALA L 93 61.74 41.99 -51.53
C ALA L 93 61.12 43.27 -50.98
N THR L 94 59.83 43.43 -51.20
CA THR L 94 59.03 44.48 -50.57
C THR L 94 57.95 43.82 -49.74
N TYR L 95 57.84 44.24 -48.49
CA TYR L 95 57.00 43.58 -47.50
C TYR L 95 55.79 44.46 -47.17
N TYR L 96 54.65 43.80 -46.93
CA TYR L 96 53.42 44.47 -46.56
C TYR L 96 52.79 43.76 -45.37
N CYS L 97 52.01 44.50 -44.61
CA CYS L 97 51.08 43.94 -43.64
C CYS L 97 49.66 44.27 -44.09
N ALA L 98 48.75 43.31 -43.92
CA ALA L 98 47.38 43.44 -44.39
C ALA L 98 46.42 42.96 -43.32
N HIS L 99 45.20 43.49 -43.37
CA HIS L 99 44.18 43.15 -42.41
C HIS L 99 43.25 42.11 -43.01
N PHE L 100 42.68 41.27 -42.15
CA PHE L 100 41.85 40.15 -42.57
C PHE L 100 40.55 40.17 -41.78
N PHE L 101 39.42 40.12 -42.49
CA PHE L 101 38.11 40.07 -41.89
C PHE L 101 37.25 39.05 -42.64
N SER L 102 36.57 38.19 -41.88
CA SER L 102 35.64 37.23 -42.44
C SER L 102 34.32 37.95 -42.75
N HIS L 103 33.26 37.19 -43.01
CA HIS L 103 31.97 37.79 -43.34
C HIS L 103 30.87 36.86 -42.85
N TYR L 104 30.26 37.21 -41.72
CA TYR L 104 29.09 36.52 -41.20
C TYR L 104 28.00 37.55 -40.93
N ASP L 105 26.78 37.26 -41.36
CA ASP L 105 25.68 38.21 -41.28
C ASP L 105 24.50 37.57 -40.54
N SER L 106 24.55 37.62 -39.20
CA SER L 106 23.43 37.26 -38.34
C SER L 106 23.01 35.80 -38.51
N SER L 107 23.72 35.05 -39.34
CA SER L 107 23.36 33.67 -39.60
C SER L 107 24.54 32.72 -39.62
N ASN L 108 25.78 33.22 -39.63
CA ASN L 108 26.99 32.41 -39.63
C ASN L 108 27.05 31.50 -40.88
N TYR L 109 27.19 32.16 -42.03
CA TYR L 109 27.35 31.46 -43.30
C TYR L 109 28.77 31.52 -43.84
N TYR L 110 29.60 32.43 -43.35
CA TYR L 110 30.96 32.66 -43.87
C TYR L 110 30.92 33.08 -45.35
N TYR L 111 30.48 34.33 -45.57
CA TYR L 111 30.52 34.87 -46.91
C TYR L 111 31.98 35.14 -47.30
N GLY L 112 32.79 34.08 -47.30
CA GLY L 112 34.20 34.18 -47.57
C GLY L 112 34.93 35.14 -46.65
N SER L 113 36.15 35.47 -47.07
CA SER L 113 36.96 36.48 -46.43
C SER L 113 37.85 37.10 -47.50
N TRP L 114 38.83 37.90 -47.06
CA TRP L 114 39.71 38.59 -47.99
C TRP L 114 40.87 39.18 -47.20
N PHE L 115 41.74 39.89 -47.90
CA PHE L 115 42.73 40.78 -47.31
C PHE L 115 42.36 42.21 -47.68
N ASP L 116 42.02 43.00 -46.67
CA ASP L 116 41.71 44.41 -46.85
C ASP L 116 42.95 45.15 -47.39
N PRO L 117 42.80 46.41 -47.80
CA PRO L 117 43.95 47.15 -48.33
C PRO L 117 45.17 47.06 -47.41
N TRP L 118 46.32 46.79 -48.02
CA TRP L 118 47.53 46.43 -47.30
C TRP L 118 48.19 47.69 -46.75
N GLY L 119 49.44 47.55 -46.30
CA GLY L 119 50.24 48.68 -45.89
C GLY L 119 50.94 49.32 -47.07
N GLN L 120 51.81 50.28 -46.75
CA GLN L 120 52.61 50.93 -47.78
C GLN L 120 53.58 49.95 -48.42
N GLY L 121 54.24 49.12 -47.61
CA GLY L 121 55.27 48.24 -48.10
C GLY L 121 56.65 48.83 -47.93
N THR L 122 57.56 48.04 -47.34
CA THR L 122 58.94 48.46 -47.11
C THR L 122 59.87 47.58 -47.92
N LEU L 123 60.83 48.19 -48.61
CA LEU L 123 61.78 47.47 -49.44
C LEU L 123 62.97 47.05 -48.58
N VAL L 124 63.13 45.74 -48.39
CA VAL L 124 64.22 45.18 -47.59
C VAL L 124 65.14 44.40 -48.52
N THR L 125 66.43 44.76 -48.51
CA THR L 125 67.41 44.19 -49.42
C THR L 125 68.54 43.53 -48.63
N VAL L 126 69.05 42.43 -49.18
CA VAL L 126 70.09 41.64 -48.52
C VAL L 126 71.34 41.70 -49.40
N SER L 127 72.44 42.17 -48.82
CA SER L 127 73.73 42.22 -49.51
C SER L 127 74.81 42.52 -48.48
N SER L 128 75.99 41.91 -48.67
CA SER L 128 77.14 42.13 -47.81
C SER L 128 78.07 43.12 -48.49
N ALA L 129 77.76 44.41 -48.33
CA ALA L 129 78.55 45.47 -48.93
C ALA L 129 78.44 46.70 -48.03
N SER L 130 78.78 47.87 -48.58
CA SER L 130 78.72 49.13 -47.85
C SER L 130 78.02 50.17 -48.71
N THR L 131 77.57 51.24 -48.05
CA THR L 131 77.01 52.37 -48.76
C THR L 131 78.11 53.09 -49.54
N LYS L 132 77.86 53.33 -50.83
CA LYS L 132 78.84 53.97 -51.68
C LYS L 132 78.15 54.99 -52.58
N GLY L 133 78.91 55.98 -53.02
CA GLY L 133 78.38 57.05 -53.83
C GLY L 133 78.34 56.68 -55.31
N PRO L 134 77.18 56.86 -55.94
CA PRO L 134 77.06 56.57 -57.38
C PRO L 134 77.88 57.54 -58.22
N SER L 135 78.29 57.04 -59.39
CA SER L 135 79.03 57.82 -60.36
C SER L 135 78.19 57.99 -61.63
N VAL L 136 78.39 59.10 -62.32
CA VAL L 136 77.56 59.49 -63.46
C VAL L 136 78.43 59.55 -64.70
N PHE L 137 77.91 59.01 -65.81
CA PHE L 137 78.61 59.00 -67.08
C PHE L 137 77.70 59.59 -68.16
N PRO L 138 78.11 60.63 -68.88
CA PRO L 138 77.25 61.20 -69.92
C PRO L 138 77.28 60.37 -71.19
N LEU L 139 76.15 59.76 -71.53
CA LEU L 139 75.99 59.07 -72.79
C LEU L 139 75.41 60.06 -73.81
N ALA L 140 76.24 60.50 -74.75
CA ALA L 140 75.95 61.52 -75.75
C ALA L 140 75.58 60.86 -77.09
N PRO L 141 74.74 61.54 -77.88
CA PRO L 141 74.31 60.96 -79.16
C PRO L 141 75.44 60.98 -80.20
N SER L 142 75.22 60.22 -81.27
CA SER L 142 76.19 60.12 -82.34
C SER L 142 76.21 61.39 -83.17
N SER L 143 77.20 61.49 -84.05
CA SER L 143 77.33 62.64 -84.93
C SER L 143 76.27 62.59 -86.02
N LYS L 144 75.13 63.23 -85.78
CA LYS L 144 73.99 63.23 -86.69
C LYS L 144 73.58 64.66 -86.99
N SER L 145 73.21 64.91 -88.25
CA SER L 145 72.77 66.26 -88.62
C SER L 145 71.32 66.48 -88.23
N THR L 146 70.41 65.72 -88.83
CA THR L 146 68.98 65.79 -88.53
C THR L 146 68.44 64.50 -87.95
N SER L 147 68.70 63.36 -88.61
CA SER L 147 68.23 62.05 -88.17
C SER L 147 66.71 62.02 -88.00
N GLY L 148 66.00 62.69 -88.90
CA GLY L 148 64.56 62.77 -88.80
C GLY L 148 64.05 63.65 -87.70
N GLY L 149 64.85 64.62 -87.26
CA GLY L 149 64.44 65.51 -86.18
C GLY L 149 64.27 64.82 -84.85
N THR L 150 65.16 63.88 -84.51
CA THR L 150 65.09 63.17 -83.25
C THR L 150 66.49 62.72 -82.84
N ALA L 151 66.73 62.75 -81.54
CA ALA L 151 67.99 62.29 -80.96
C ALA L 151 67.75 61.95 -79.51
N ALA L 152 68.69 61.22 -78.92
CA ALA L 152 68.58 60.84 -77.52
C ALA L 152 69.93 60.96 -76.84
N LEU L 153 69.90 61.18 -75.53
CA LEU L 153 71.11 61.22 -74.72
C LEU L 153 70.70 60.89 -73.29
N GLY L 154 71.67 60.94 -72.38
CA GLY L 154 71.32 60.74 -70.99
C GLY L 154 72.53 60.56 -70.10
N CYS L 155 72.26 60.12 -68.88
CA CYS L 155 73.27 59.88 -67.87
C CYS L 155 73.14 58.47 -67.32
N LEU L 156 74.26 57.76 -67.23
CA LEU L 156 74.32 56.43 -66.67
C LEU L 156 74.86 56.53 -65.25
N VAL L 157 74.05 56.08 -64.28
CA VAL L 157 74.41 56.13 -62.87
C VAL L 157 74.82 54.72 -62.44
N LYS L 158 75.95 54.61 -61.75
CA LYS L 158 76.61 53.34 -61.54
C LYS L 158 77.17 53.27 -60.12
N ASP L 159 77.38 52.06 -59.64
CA ASP L 159 78.19 51.81 -58.44
C ASP L 159 77.59 52.49 -57.21
N TYR L 160 76.39 52.05 -56.84
CA TYR L 160 75.73 52.57 -55.66
C TYR L 160 74.99 51.46 -54.94
N PHE L 161 74.80 51.64 -53.64
CA PHE L 161 74.01 50.74 -52.82
C PHE L 161 73.72 51.41 -51.48
N PRO L 162 72.47 51.37 -51.00
CA PRO L 162 71.32 50.76 -51.68
C PRO L 162 70.64 51.71 -52.66
N GLU L 163 69.54 51.23 -53.25
CA GLU L 163 68.69 52.02 -54.13
C GLU L 163 67.84 52.98 -53.30
N PRO L 164 67.13 53.92 -53.95
CA PRO L 164 67.14 54.35 -55.37
C PRO L 164 68.09 55.50 -55.65
N VAL L 165 68.08 55.96 -56.89
CA VAL L 165 68.70 57.23 -57.29
C VAL L 165 67.68 58.00 -58.11
N THR L 166 67.39 59.23 -57.70
CA THR L 166 66.40 60.06 -58.36
C THR L 166 67.07 60.99 -59.35
N VAL L 167 66.54 61.05 -60.58
CA VAL L 167 67.13 61.83 -61.66
C VAL L 167 66.16 62.95 -62.04
N SER L 168 66.67 64.18 -62.07
CA SER L 168 65.91 65.34 -62.51
C SER L 168 66.60 65.97 -63.71
N TRP L 169 65.85 66.18 -64.79
CA TRP L 169 66.40 66.71 -66.04
C TRP L 169 66.02 68.18 -66.17
N ASN L 170 67.04 69.04 -66.36
CA ASN L 170 66.85 70.48 -66.46
C ASN L 170 66.13 71.03 -65.23
N SER L 171 66.31 70.36 -64.09
CA SER L 171 65.61 70.69 -62.86
C SER L 171 64.10 70.69 -63.08
N GLY L 172 63.62 69.74 -63.87
CA GLY L 172 62.22 69.63 -64.20
C GLY L 172 61.74 70.50 -65.35
N ALA L 173 62.64 71.25 -65.99
CA ALA L 173 62.23 72.08 -67.12
C ALA L 173 61.87 71.26 -68.35
N LEU L 174 62.32 70.02 -68.43
CA LEU L 174 62.03 69.15 -69.57
C LEU L 174 61.79 67.73 -69.06
N THR L 175 60.59 67.20 -69.32
CA THR L 175 60.26 65.83 -68.94
C THR L 175 59.76 64.98 -70.10
N SER L 176 59.53 65.56 -71.27
CA SER L 176 59.05 64.78 -72.40
C SER L 176 60.11 63.79 -72.86
N GLY L 177 59.71 62.54 -73.02
CA GLY L 177 60.65 61.51 -73.43
C GLY L 177 61.71 61.17 -72.41
N VAL L 178 61.48 61.48 -71.14
CA VAL L 178 62.44 61.23 -70.07
C VAL L 178 62.09 59.89 -69.43
N HIS L 179 62.98 58.92 -69.57
CA HIS L 179 62.80 57.59 -69.01
C HIS L 179 63.88 57.35 -67.96
N THR L 180 63.45 56.98 -66.76
CA THR L 180 64.36 56.66 -65.66
C THR L 180 64.31 55.14 -65.49
N PHE L 181 65.29 54.46 -66.07
CA PHE L 181 65.25 53.01 -66.16
C PHE L 181 65.36 52.38 -64.77
N PRO L 182 64.62 51.30 -64.51
CA PRO L 182 64.83 50.54 -63.27
C PRO L 182 66.24 49.99 -63.22
N ALA L 183 66.83 50.00 -62.02
CA ALA L 183 68.17 49.47 -61.84
C ALA L 183 68.14 47.95 -61.85
N VAL L 184 69.10 47.35 -62.55
CA VAL L 184 69.20 45.90 -62.66
C VAL L 184 70.52 45.48 -62.02
N LEU L 185 70.46 44.54 -61.09
CA LEU L 185 71.64 44.10 -60.35
C LEU L 185 72.59 43.35 -61.27
N GLN L 186 73.89 43.56 -61.07
CA GLN L 186 74.91 42.87 -61.83
C GLN L 186 75.47 41.71 -61.01
N SER L 187 76.27 40.87 -61.68
CA SER L 187 76.81 39.67 -61.05
C SER L 187 77.77 39.99 -59.92
N SER L 188 78.35 41.19 -59.92
CA SER L 188 79.23 41.63 -58.85
C SER L 188 78.47 42.25 -57.68
N GLY L 189 77.15 42.16 -57.69
CA GLY L 189 76.35 42.67 -56.60
C GLY L 189 76.38 44.18 -56.44
N LEU L 190 76.31 44.92 -57.54
CA LEU L 190 76.35 46.37 -57.49
C LEU L 190 75.39 46.94 -58.53
N TYR L 191 74.80 48.09 -58.21
CA TYR L 191 73.62 48.59 -58.91
C TYR L 191 73.97 49.72 -59.88
N SER L 192 73.18 49.79 -60.95
CA SER L 192 73.31 50.84 -61.96
C SER L 192 72.00 50.96 -62.73
N LEU L 193 71.75 52.15 -63.25
CA LEU L 193 70.64 52.39 -64.17
C LEU L 193 71.03 53.51 -65.12
N SER L 194 70.14 53.79 -66.08
CA SER L 194 70.39 54.83 -67.07
C SER L 194 69.15 55.68 -67.23
N SER L 195 69.32 57.00 -67.18
CA SER L 195 68.23 57.95 -67.37
C SER L 195 68.44 58.63 -68.72
N VAL L 196 67.44 58.52 -69.60
CA VAL L 196 67.56 58.94 -70.98
C VAL L 196 66.51 60.00 -71.29
N VAL L 197 66.93 61.10 -71.90
CA VAL L 197 66.05 62.13 -72.42
C VAL L 197 66.16 62.15 -73.94
N THR L 198 65.01 62.23 -74.60
CA THR L 198 64.95 62.29 -76.06
C THR L 198 64.62 63.73 -76.46
N VAL L 199 65.50 64.32 -77.26
CA VAL L 199 65.33 65.71 -77.70
C VAL L 199 65.63 65.80 -79.20
N PRO L 200 65.03 66.74 -79.91
CA PRO L 200 65.39 66.94 -81.32
C PRO L 200 66.85 67.37 -81.45
N SER L 201 67.46 66.96 -82.56
CA SER L 201 68.88 67.27 -82.80
C SER L 201 69.10 68.77 -82.98
N SER L 202 68.06 69.50 -83.39
CA SER L 202 68.23 70.93 -83.66
C SER L 202 68.56 71.72 -82.40
N SER L 203 68.13 71.22 -81.23
CA SER L 203 68.39 71.90 -79.96
C SER L 203 69.53 71.27 -79.17
N LEU L 204 70.26 70.32 -79.76
CA LEU L 204 71.38 69.72 -79.06
C LEU L 204 72.48 70.72 -78.76
N GLY L 205 72.79 71.59 -79.74
CA GLY L 205 73.89 72.52 -79.59
C GLY L 205 73.51 73.84 -78.92
N THR L 206 72.22 74.17 -78.89
CA THR L 206 71.79 75.44 -78.33
C THR L 206 71.23 75.32 -76.92
N GLN L 207 70.85 74.11 -76.48
CA GLN L 207 70.20 73.91 -75.19
C GLN L 207 71.14 73.18 -74.25
N THR L 208 71.31 73.72 -73.05
CA THR L 208 72.13 73.08 -72.03
C THR L 208 71.32 72.01 -71.31
N TYR L 209 71.92 70.85 -71.10
CA TYR L 209 71.25 69.71 -70.48
C TYR L 209 71.96 69.35 -69.18
N ILE L 210 71.22 69.35 -68.08
CA ILE L 210 71.71 68.99 -66.76
C ILE L 210 70.88 67.84 -66.21
N CYS L 211 71.56 66.83 -65.67
CA CYS L 211 70.89 65.75 -64.95
C CYS L 211 71.40 65.75 -63.52
N ASN L 212 70.47 65.91 -62.57
CA ASN L 212 70.81 65.93 -61.15
C ASN L 212 70.34 64.62 -60.54
N VAL L 213 71.27 63.85 -60.00
CA VAL L 213 70.99 62.54 -59.43
C VAL L 213 71.19 62.62 -57.93
N ASN L 214 70.25 62.03 -57.20
CA ASN L 214 70.21 62.06 -55.75
C ASN L 214 70.22 60.64 -55.22
N HIS L 215 71.11 60.38 -54.26
CA HIS L 215 71.29 59.07 -53.62
C HIS L 215 71.37 59.34 -52.13
N LYS L 216 70.21 59.21 -51.45
CA LYS L 216 70.15 59.51 -50.02
C LYS L 216 71.07 58.64 -49.17
N PRO L 217 71.15 57.32 -49.36
CA PRO L 217 72.04 56.54 -48.48
C PRO L 217 73.49 57.00 -48.49
N SER L 218 74.00 57.40 -49.64
CA SER L 218 75.37 57.89 -49.75
C SER L 218 75.45 59.41 -49.76
N ASN L 219 74.31 60.11 -49.62
CA ASN L 219 74.28 61.57 -49.60
C ASN L 219 74.92 62.16 -50.84
N THR L 220 74.60 61.56 -51.99
CA THR L 220 75.25 61.89 -53.26
C THR L 220 74.28 62.71 -54.11
N LYS L 221 74.53 64.00 -54.22
CA LYS L 221 73.75 64.90 -55.08
C LYS L 221 74.69 65.41 -56.17
N VAL L 222 74.66 64.74 -57.32
CA VAL L 222 75.62 64.99 -58.39
C VAL L 222 74.89 65.56 -59.60
N ASP L 223 75.36 66.71 -60.08
CA ASP L 223 74.81 67.36 -61.26
C ASP L 223 75.79 67.20 -62.41
N LYS L 224 75.36 66.54 -63.48
CA LYS L 224 76.19 66.28 -64.65
C LYS L 224 75.61 67.00 -65.86
N ARG L 225 76.46 67.77 -66.53
CA ARG L 225 76.08 68.45 -67.77
C ARG L 225 76.41 67.57 -68.95
N VAL L 226 75.44 67.40 -69.85
CA VAL L 226 75.59 66.54 -71.02
C VAL L 226 75.46 67.41 -72.26
N GLU L 227 76.49 67.39 -73.11
CA GLU L 227 76.53 68.15 -74.34
C GLU L 227 76.89 67.23 -75.49
N PRO L 228 76.48 67.56 -76.72
CA PRO L 228 76.87 66.73 -77.86
C PRO L 228 78.37 66.79 -78.10
N LYS L 229 78.91 65.68 -78.57
CA LYS L 229 80.33 65.57 -78.88
C LYS L 229 80.49 65.07 -80.31
N SER L 230 81.44 65.64 -81.03
CA SER L 230 81.72 65.28 -82.41
C SER L 230 82.93 64.35 -82.50
N CYS L 231 82.97 63.56 -83.56
CA CYS L 231 84.03 62.58 -83.75
C CYS L 231 85.38 63.26 -83.99
N GLU M 1 50.92 20.65 -51.84
CA GLU M 1 50.49 22.04 -51.72
C GLU M 1 49.65 22.46 -52.92
N ILE M 2 48.66 23.32 -52.68
CA ILE M 2 47.85 23.85 -53.76
C ILE M 2 48.70 24.73 -54.66
N VAL M 3 48.45 24.68 -55.97
CA VAL M 3 49.12 25.51 -56.96
C VAL M 3 48.05 26.22 -57.77
N LEU M 4 48.23 27.51 -57.99
CA LEU M 4 47.27 28.34 -58.70
C LEU M 4 47.88 28.84 -60.00
N THR M 5 47.07 28.86 -61.06
CA THR M 5 47.50 29.33 -62.37
C THR M 5 46.56 30.42 -62.85
N GLN M 6 47.14 31.54 -63.29
CA GLN M 6 46.38 32.64 -63.87
C GLN M 6 46.40 32.52 -65.39
N SER M 7 45.33 33.01 -66.01
CA SER M 7 45.22 32.96 -67.47
C SER M 7 44.45 34.18 -67.97
N PRO M 8 45.03 34.97 -68.89
CA PRO M 8 46.40 34.77 -69.38
C PRO M 8 47.45 35.30 -68.40
N GLY M 9 48.70 34.84 -68.53
CA GLY M 9 49.76 35.36 -67.70
C GLY M 9 49.95 36.86 -67.87
N THR M 10 49.91 37.32 -69.12
CA THR M 10 49.81 38.75 -69.44
C THR M 10 48.72 38.93 -70.48
N LEU M 11 47.76 39.80 -70.18
CA LEU M 11 46.63 40.06 -71.04
C LEU M 11 46.59 41.54 -71.35
N SER M 12 46.48 41.87 -72.64
CA SER M 12 46.47 43.26 -73.08
C SER M 12 45.21 43.51 -73.88
N LEU M 13 44.46 44.55 -73.53
CA LEU M 13 43.17 44.83 -74.15
C LEU M 13 42.92 46.34 -74.22
N SER M 14 42.07 46.74 -75.16
CA SER M 14 41.63 48.12 -75.29
C SER M 14 40.49 48.41 -74.32
N PRO M 15 40.37 49.65 -73.85
CA PRO M 15 39.22 50.00 -73.02
C PRO M 15 37.96 50.14 -73.86
N GLY M 16 36.83 49.73 -73.28
CA GLY M 16 35.53 49.82 -73.92
C GLY M 16 34.90 48.50 -74.25
N GLU M 17 35.68 47.42 -74.30
CA GLU M 17 35.17 46.09 -74.60
C GLU M 17 35.33 45.18 -73.38
N ARG M 18 34.79 43.98 -73.48
CA ARG M 18 34.68 43.08 -72.34
C ARG M 18 36.00 42.38 -72.06
N ALA M 19 36.42 42.39 -70.81
CA ALA M 19 37.68 41.82 -70.37
C ALA M 19 37.44 40.67 -69.40
N THR M 20 38.22 39.60 -69.53
CA THR M 20 38.08 38.44 -68.67
C THR M 20 39.44 37.92 -68.24
N LEU M 21 39.46 37.30 -67.07
CA LEU M 21 40.65 36.61 -66.56
C LEU M 21 40.17 35.32 -65.90
N SER M 22 41.09 34.38 -65.70
CA SER M 22 40.72 33.12 -65.10
C SER M 22 41.81 32.64 -64.16
N CYS M 23 41.40 31.84 -63.17
CA CYS M 23 42.32 31.19 -62.24
C CYS M 23 41.92 29.73 -62.10
N ARG M 24 42.93 28.86 -62.10
CA ARG M 24 42.75 27.42 -62.07
C ARG M 24 43.57 26.83 -60.93
N ALA M 25 43.06 25.72 -60.38
CA ALA M 25 43.65 25.09 -59.21
C ALA M 25 43.83 23.59 -59.46
N SER M 26 44.86 23.03 -58.84
CA SER M 26 45.06 21.59 -58.90
C SER M 26 44.00 20.85 -58.10
N GLN M 27 43.75 21.29 -56.87
CA GLN M 27 42.74 20.70 -56.01
C GLN M 27 41.48 21.55 -56.01
N SER M 28 40.39 20.95 -55.54
CA SER M 28 39.08 21.59 -55.55
C SER M 28 38.77 22.22 -54.20
N PHE M 29 38.09 23.36 -54.24
CA PHE M 29 37.56 23.99 -53.03
C PHE M 29 36.46 24.94 -53.46
N ASP M 30 35.51 25.17 -52.55
CA ASP M 30 34.39 26.04 -52.86
C ASP M 30 34.87 27.47 -53.02
N SER M 31 34.14 28.22 -53.86
CA SER M 31 34.59 29.52 -54.33
C SER M 31 34.79 30.54 -53.22
N ARG M 32 34.19 30.32 -52.05
CA ARG M 32 34.25 31.31 -50.99
C ARG M 32 35.67 31.57 -50.50
N TYR M 33 36.56 30.58 -50.61
CA TYR M 33 37.94 30.74 -50.16
C TYR M 33 38.83 31.43 -51.18
N LEU M 34 38.33 31.74 -52.37
CA LEU M 34 39.13 32.38 -53.40
C LEU M 34 38.65 33.81 -53.62
N GLY M 35 39.60 34.69 -53.92
CA GLY M 35 39.29 36.10 -54.15
C GLY M 35 40.26 36.72 -55.14
N TRP M 36 39.83 37.87 -55.65
CA TRP M 36 40.56 38.62 -56.66
C TRP M 36 41.14 39.88 -56.02
N TYR M 37 42.41 40.15 -56.30
CA TYR M 37 43.10 41.33 -55.79
C TYR M 37 43.64 42.16 -56.95
N GLN M 38 43.58 43.49 -56.81
CA GLN M 38 44.06 44.41 -57.82
C GLN M 38 45.21 45.24 -57.26
N GLN M 39 46.37 45.13 -57.88
CA GLN M 39 47.56 45.88 -57.49
C GLN M 39 47.99 46.74 -58.67
N LYS M 40 48.01 48.06 -58.48
CA LYS M 40 48.39 48.96 -59.55
C LYS M 40 49.89 48.86 -59.82
N SER M 41 50.29 49.42 -60.96
CA SER M 41 51.69 49.37 -61.38
C SER M 41 52.55 50.15 -60.39
N GLY M 42 53.45 49.45 -59.70
CA GLY M 42 54.26 50.07 -58.68
C GLY M 42 53.47 50.55 -57.49
N GLN M 43 52.48 49.78 -57.07
CA GLN M 43 51.62 50.14 -55.94
C GLN M 43 51.45 48.91 -55.04
N ALA M 44 50.91 49.16 -53.85
CA ALA M 44 50.61 48.07 -52.92
C ALA M 44 49.29 47.40 -53.31
N PRO M 45 49.19 46.08 -53.22
CA PRO M 45 47.94 45.41 -53.59
C PRO M 45 46.79 45.78 -52.65
N ARG M 46 45.58 45.83 -53.22
CA ARG M 46 44.39 46.04 -52.41
C ARG M 46 43.33 45.02 -52.81
N LEU M 47 42.29 44.95 -51.98
CA LEU M 47 41.17 44.07 -52.23
C LEU M 47 40.42 44.48 -53.49
N LEU M 48 40.00 43.49 -54.27
CA LEU M 48 39.11 43.69 -55.40
C LEU M 48 37.77 42.99 -55.22
N ILE M 49 37.78 41.68 -54.99
CA ILE M 49 36.56 40.89 -54.84
C ILE M 49 36.85 39.76 -53.87
N TYR M 50 35.92 39.50 -52.96
CA TYR M 50 36.05 38.39 -52.03
C TYR M 50 34.88 37.42 -52.20
N GLY M 51 35.17 36.14 -51.96
CA GLY M 51 34.18 35.09 -52.09
C GLY M 51 33.97 34.60 -53.50
N ALA M 52 34.67 35.17 -54.49
CA ALA M 52 34.54 34.83 -55.90
C ALA M 52 33.12 35.09 -56.41
N SER M 53 32.26 35.63 -55.55
CA SER M 53 30.89 35.98 -55.92
C SER M 53 30.40 37.26 -55.27
N SER M 54 31.24 37.97 -54.52
CA SER M 54 30.84 39.18 -53.81
C SER M 54 31.85 40.28 -54.08
N ARG M 55 31.37 41.43 -54.55
CA ARG M 55 32.24 42.55 -54.82
C ARG M 55 32.64 43.25 -53.52
N ALA M 56 33.76 43.95 -53.57
CA ALA M 56 34.24 44.69 -52.41
C ALA M 56 33.48 46.00 -52.26
N THR M 57 33.64 46.63 -51.11
CA THR M 57 32.99 47.91 -50.83
C THR M 57 33.70 49.03 -51.58
N GLY M 58 32.98 49.70 -52.48
CA GLY M 58 33.55 50.75 -53.30
C GLY M 58 34.06 50.30 -54.65
N ILE M 59 34.10 49.01 -54.91
CA ILE M 59 34.50 48.51 -56.24
C ILE M 59 33.37 48.76 -57.23
N PRO M 60 33.65 49.27 -58.43
CA PRO M 60 32.57 49.55 -59.38
C PRO M 60 31.84 48.28 -59.79
N ASP M 61 30.55 48.44 -60.14
CA ASP M 61 29.68 47.31 -60.43
C ASP M 61 30.15 46.48 -61.63
N ARG M 62 31.17 46.93 -62.35
CA ARG M 62 31.63 46.20 -63.52
C ARG M 62 32.19 44.83 -63.16
N PHE M 63 32.93 44.75 -62.05
CA PHE M 63 33.61 43.53 -61.69
C PHE M 63 32.62 42.43 -61.28
N SER M 64 32.95 41.19 -61.63
CA SER M 64 32.12 40.06 -61.25
C SER M 64 32.97 38.80 -61.26
N GLY M 65 32.47 37.76 -60.59
CA GLY M 65 33.17 36.49 -60.54
C GLY M 65 32.25 35.31 -60.78
N SER M 66 32.71 34.34 -61.56
CA SER M 66 31.88 33.20 -61.92
C SER M 66 32.74 31.98 -62.17
N GLY M 67 32.32 30.84 -61.64
CA GLY M 67 33.07 29.62 -61.82
C GLY M 67 32.68 28.59 -60.78
N SER M 68 33.39 27.47 -60.83
CA SER M 68 33.13 26.38 -59.90
C SER M 68 34.38 25.52 -59.74
N GLY M 69 34.44 24.83 -58.62
CA GLY M 69 35.48 23.85 -58.36
C GLY M 69 36.87 24.43 -58.45
N THR M 70 37.58 24.08 -59.53
CA THR M 70 38.95 24.53 -59.73
C THR M 70 39.07 25.62 -60.79
N ASP M 71 38.00 25.94 -61.52
CA ASP M 71 38.06 26.90 -62.61
C ASP M 71 37.17 28.08 -62.26
N PHE M 72 37.77 29.25 -62.08
CA PHE M 72 37.05 30.48 -61.81
C PHE M 72 37.46 31.53 -62.83
N THR M 73 36.58 32.51 -63.06
CA THR M 73 36.90 33.60 -63.95
C THR M 73 36.37 34.90 -63.36
N LEU M 74 37.11 35.97 -63.63
CA LEU M 74 36.81 37.31 -63.17
C LEU M 74 36.55 38.19 -64.39
N THR M 75 35.39 38.84 -64.40
CA THR M 75 34.91 39.60 -65.55
C THR M 75 34.90 41.08 -65.22
N ILE M 76 35.49 41.88 -66.11
CA ILE M 76 35.50 43.33 -66.01
C ILE M 76 34.87 43.88 -67.29
N SER M 77 33.86 44.75 -67.14
CA SER M 77 33.08 45.19 -68.29
C SER M 77 33.50 46.56 -68.81
N ARG M 78 33.40 47.61 -68.00
CA ARG M 78 33.75 48.96 -68.43
C ARG M 78 35.11 49.37 -67.87
N LEU M 79 36.15 48.65 -68.27
CA LEU M 79 37.49 48.94 -67.76
C LEU M 79 38.03 50.21 -68.42
N GLU M 80 38.01 51.30 -67.66
CA GLU M 80 38.55 52.58 -68.08
C GLU M 80 40.08 52.54 -68.01
N PRO M 81 40.76 53.48 -68.69
CA PRO M 81 42.22 53.49 -68.64
C PRO M 81 42.80 53.62 -67.24
N GLU M 82 42.07 54.27 -66.33
CA GLU M 82 42.53 54.36 -64.94
C GLU M 82 42.61 53.00 -64.27
N ASP M 83 41.92 52.00 -64.82
CA ASP M 83 41.81 50.68 -64.20
C ASP M 83 42.79 49.67 -64.79
N PHE M 84 43.94 50.12 -65.28
CA PHE M 84 44.94 49.22 -65.85
C PHE M 84 45.97 48.89 -64.78
N ALA M 85 45.94 47.64 -64.31
CA ALA M 85 46.77 47.21 -63.20
C ALA M 85 47.03 45.70 -63.36
N VAL M 86 47.55 45.10 -62.30
CA VAL M 86 47.81 43.67 -62.25
C VAL M 86 46.78 43.01 -61.34
N TYR M 87 46.36 41.79 -61.69
CA TYR M 87 45.31 41.09 -60.95
C TYR M 87 45.81 39.74 -60.48
N TYR M 88 45.44 39.38 -59.26
CA TYR M 88 45.89 38.17 -58.61
C TYR M 88 44.68 37.38 -58.10
N CYS M 89 44.82 36.06 -58.05
CA CYS M 89 43.83 35.18 -57.43
C CYS M 89 44.45 34.53 -56.21
N GLN M 90 43.81 34.71 -55.06
CA GLN M 90 44.33 34.20 -53.79
C GLN M 90 43.28 33.30 -53.15
N GLN M 91 43.72 32.11 -52.73
CA GLN M 91 42.83 31.12 -52.14
C GLN M 91 43.01 31.08 -50.62
N PHE M 92 41.92 30.77 -49.93
CA PHE M 92 41.93 30.55 -48.49
C PHE M 92 41.77 29.07 -48.14
N GLY M 93 41.90 28.19 -49.13
CA GLY M 93 41.60 26.78 -48.96
C GLY M 93 42.42 26.07 -47.90
N ASP M 94 43.72 25.94 -48.14
CA ASP M 94 44.62 25.28 -47.21
C ASP M 94 45.88 26.10 -47.03
N SER M 95 46.54 25.90 -45.90
CA SER M 95 47.80 26.59 -45.65
C SER M 95 48.86 26.11 -46.65
N PRO M 96 49.73 27.01 -47.13
CA PRO M 96 49.73 28.45 -46.84
C PRO M 96 48.77 29.23 -47.73
N PHE M 97 48.53 30.49 -47.39
CA PHE M 97 47.78 31.36 -48.28
C PHE M 97 48.64 31.71 -49.50
N THR M 98 48.09 31.51 -50.69
CA THR M 98 48.84 31.60 -51.92
C THR M 98 48.22 32.63 -52.85
N PHE M 99 49.05 33.51 -53.41
CA PHE M 99 48.63 34.49 -54.39
C PHE M 99 48.94 33.99 -55.80
N GLY M 100 48.35 34.67 -56.78
CA GLY M 100 48.66 34.38 -58.17
C GLY M 100 49.96 35.01 -58.61
N GLN M 101 50.38 34.66 -59.83
CA GLN M 101 51.60 35.24 -60.39
C GLN M 101 51.40 36.66 -60.89
N GLY M 102 50.16 37.06 -61.13
CA GLY M 102 49.87 38.39 -61.64
C GLY M 102 49.62 38.38 -63.14
N THR M 103 48.73 39.28 -63.57
CA THR M 103 48.45 39.47 -64.98
C THR M 103 48.57 40.96 -65.30
N LYS M 104 49.53 41.32 -66.14
CA LYS M 104 49.79 42.71 -66.49
C LYS M 104 48.84 43.14 -67.61
N LEU M 105 47.96 44.09 -67.30
CA LEU M 105 46.95 44.57 -68.24
C LEU M 105 47.51 45.77 -69.00
N GLU M 106 47.63 45.61 -70.32
CA GLU M 106 48.18 46.63 -71.19
C GLU M 106 47.12 47.08 -72.18
N ILE M 107 47.33 48.27 -72.75
CA ILE M 107 46.40 48.87 -73.71
C ILE M 107 46.79 48.46 -75.11
N LYS M 108 45.82 47.98 -75.90
CA LYS M 108 46.01 47.78 -77.33
C LYS M 108 46.21 49.12 -78.03
N ARG M 109 47.24 49.20 -78.86
CA ARG M 109 47.51 50.42 -79.59
C ARG M 109 48.24 50.04 -80.87
N THR M 110 48.31 51.00 -81.79
CA THR M 110 49.05 50.79 -83.03
C THR M 110 50.52 50.49 -82.71
N VAL M 111 51.10 49.57 -83.48
CA VAL M 111 52.49 49.21 -83.32
C VAL M 111 53.35 50.29 -83.93
N ALA M 112 54.34 50.77 -83.17
CA ALA M 112 55.23 51.83 -83.62
C ALA M 112 56.64 51.27 -83.82
N ALA M 113 57.30 51.74 -84.85
CA ALA M 113 58.66 51.30 -85.13
C ALA M 113 59.60 51.82 -84.05
N PRO M 114 60.39 50.96 -83.42
CA PRO M 114 61.34 51.43 -82.40
C PRO M 114 62.40 52.35 -82.99
N SER M 115 62.82 53.32 -82.19
CA SER M 115 63.94 54.20 -82.53
C SER M 115 65.17 53.67 -81.81
N VAL M 116 66.22 53.36 -82.58
CA VAL M 116 67.40 52.69 -82.05
C VAL M 116 68.55 53.67 -82.07
N PHE M 117 69.17 53.90 -80.91
CA PHE M 117 70.23 54.89 -80.76
C PHE M 117 71.41 54.31 -80.00
N ILE M 118 72.59 54.88 -80.25
CA ILE M 118 73.87 54.38 -79.78
C ILE M 118 74.47 55.34 -78.77
N PHE M 119 75.11 54.79 -77.73
CA PHE M 119 75.82 55.59 -76.76
C PHE M 119 77.11 54.90 -76.32
N PRO M 120 78.26 55.41 -76.73
CA PRO M 120 79.54 54.85 -76.28
C PRO M 120 79.82 55.22 -74.84
N PRO M 121 80.74 54.52 -74.17
CA PRO M 121 81.06 54.86 -72.79
C PRO M 121 81.68 56.24 -72.65
N SER M 122 81.47 56.84 -71.47
CA SER M 122 82.05 58.14 -71.17
C SER M 122 83.57 58.02 -70.97
N ASP M 123 84.25 59.14 -71.19
CA ASP M 123 85.71 59.13 -71.13
C ASP M 123 86.21 58.85 -69.71
N GLU M 124 85.55 59.43 -68.70
CA GLU M 124 85.94 59.14 -67.33
C GLU M 124 85.68 57.68 -66.97
N GLN M 125 84.77 57.02 -67.69
CA GLN M 125 84.65 55.57 -67.56
C GLN M 125 85.79 54.86 -68.26
N LEU M 126 86.27 55.41 -69.38
CA LEU M 126 87.41 54.82 -70.06
C LEU M 126 88.66 54.87 -69.18
N LYS M 127 88.86 55.97 -68.47
CA LYS M 127 90.00 56.03 -67.56
C LYS M 127 89.80 55.15 -66.33
N SER M 128 88.57 54.68 -66.09
CA SER M 128 88.30 53.84 -64.93
C SER M 128 88.60 52.37 -65.16
N GLY M 129 89.02 51.99 -66.37
CA GLY M 129 89.35 50.62 -66.67
C GLY M 129 88.19 49.76 -67.10
N THR M 130 86.98 50.29 -67.14
CA THR M 130 85.79 49.52 -67.51
C THR M 130 84.91 50.37 -68.41
N ALA M 131 84.57 49.84 -69.58
CA ALA M 131 83.77 50.56 -70.55
C ALA M 131 82.35 49.98 -70.57
N SER M 132 81.39 50.82 -70.96
CA SER M 132 79.99 50.42 -71.02
C SER M 132 79.35 51.12 -72.21
N VAL M 133 78.99 50.34 -73.23
CA VAL M 133 78.29 50.87 -74.40
C VAL M 133 76.82 50.48 -74.29
N VAL M 134 75.93 51.48 -74.39
CA VAL M 134 74.51 51.27 -74.17
C VAL M 134 73.76 51.70 -75.42
N CYS M 135 72.88 50.83 -75.92
CA CYS M 135 72.04 51.18 -77.05
C CYS M 135 70.57 51.05 -76.66
N LEU M 136 69.79 52.03 -77.13
CA LEU M 136 68.44 52.27 -76.63
C LEU M 136 67.41 52.06 -77.73
N LEU M 137 66.32 51.40 -77.38
CA LEU M 137 65.10 51.30 -78.18
C LEU M 137 64.07 52.21 -77.53
N ASN M 138 63.45 53.08 -78.31
CA ASN M 138 62.47 54.01 -77.78
C ASN M 138 61.18 53.93 -78.59
N ASN M 139 60.05 54.04 -77.89
CA ASN M 139 58.73 54.07 -78.51
C ASN M 139 58.45 52.80 -79.31
N PHE M 140 58.47 51.67 -78.60
CA PHE M 140 58.14 50.39 -79.20
C PHE M 140 57.16 49.64 -78.32
N TYR M 141 56.19 49.00 -78.97
CA TYR M 141 55.12 48.23 -78.32
C TYR M 141 54.49 47.32 -79.36
N PRO M 142 54.25 46.03 -79.08
CA PRO M 142 54.47 45.21 -77.87
C PRO M 142 55.86 45.28 -77.24
N ARG M 143 55.90 44.99 -75.94
CA ARG M 143 57.14 45.13 -75.17
C ARG M 143 58.21 44.16 -75.66
N GLU M 144 57.81 42.94 -76.03
CA GLU M 144 58.78 41.93 -76.44
C GLU M 144 59.48 42.34 -77.73
N ALA M 145 60.79 42.13 -77.76
CA ALA M 145 61.65 42.35 -78.91
C ALA M 145 63.03 41.82 -78.56
N LYS M 146 63.70 41.24 -79.55
CA LYS M 146 64.98 40.58 -79.34
C LYS M 146 66.11 41.54 -79.67
N VAL M 147 67.09 41.65 -78.78
CA VAL M 147 68.23 42.55 -78.98
C VAL M 147 69.51 41.75 -78.76
N GLN M 148 70.49 41.97 -79.63
CA GLN M 148 71.75 41.25 -79.60
C GLN M 148 72.90 42.23 -79.69
N TRP M 149 73.93 42.01 -78.85
CA TRP M 149 75.15 42.79 -78.87
C TRP M 149 76.27 41.97 -79.51
N LYS M 150 76.95 42.57 -80.48
CA LYS M 150 78.06 41.92 -81.18
C LYS M 150 79.29 42.82 -81.14
N VAL M 151 80.38 42.28 -80.62
CA VAL M 151 81.67 42.97 -80.61
C VAL M 151 82.46 42.44 -81.80
N ASP M 152 82.61 43.27 -82.83
CA ASP M 152 83.19 42.86 -84.10
C ASP M 152 82.43 41.67 -84.69
N ASN M 153 81.10 41.80 -84.72
CA ASN M 153 80.20 40.78 -85.25
C ASN M 153 80.37 39.44 -84.54
N ALA M 154 80.66 39.48 -83.24
CA ALA M 154 80.78 38.28 -82.41
C ALA M 154 79.66 38.28 -81.39
N LEU M 155 78.84 37.22 -81.41
CA LEU M 155 77.67 37.14 -80.54
C LEU M 155 78.11 37.12 -79.08
N GLN M 156 77.82 38.19 -78.35
CA GLN M 156 78.09 38.25 -76.94
C GLN M 156 76.98 37.56 -76.15
N SER M 157 77.33 37.09 -74.95
CA SER M 157 76.35 36.39 -74.11
C SER M 157 76.88 36.36 -72.68
N GLY M 158 76.11 36.92 -71.75
CA GLY M 158 76.48 36.90 -70.35
C GLY M 158 77.36 38.04 -69.89
N ASN M 159 77.80 38.91 -70.80
CA ASN M 159 78.61 40.07 -70.46
C ASN M 159 77.84 41.37 -70.55
N SER M 160 76.52 41.30 -70.70
CA SER M 160 75.69 42.49 -70.83
C SER M 160 74.40 42.29 -70.05
N GLN M 161 73.60 43.37 -70.00
CA GLN M 161 72.29 43.31 -69.38
C GLN M 161 71.29 44.07 -70.23
N GLU M 162 70.01 43.76 -70.02
CA GLU M 162 68.93 44.39 -70.75
C GLU M 162 67.88 44.88 -69.75
N SER M 163 67.57 46.17 -69.79
CA SER M 163 66.57 46.77 -68.93
C SER M 163 65.40 47.23 -69.79
N VAL M 164 64.18 46.89 -69.37
CA VAL M 164 62.97 47.31 -70.05
C VAL M 164 62.13 48.12 -69.07
N THR M 165 61.76 49.33 -69.47
CA THR M 165 60.93 50.19 -68.64
C THR M 165 59.50 49.69 -68.68
N GLU M 166 58.59 50.47 -68.10
CA GLU M 166 57.18 50.10 -68.06
C GLU M 166 56.43 50.84 -69.18
N GLN M 167 55.12 50.61 -69.24
CA GLN M 167 54.30 51.24 -70.25
C GLN M 167 54.24 52.76 -70.02
N ASP M 168 54.28 53.50 -71.13
CA ASP M 168 54.13 54.94 -71.04
C ASP M 168 52.69 55.32 -70.71
N SER M 169 52.49 56.60 -70.41
CA SER M 169 51.17 57.10 -70.08
C SER M 169 50.44 57.71 -71.26
N LYS M 170 51.14 58.17 -72.28
CA LYS M 170 50.52 58.81 -73.44
C LYS M 170 50.42 57.87 -74.64
N ASP M 171 51.54 57.35 -75.11
CA ASP M 171 51.56 56.51 -76.30
C ASP M 171 51.65 55.02 -75.98
N SER M 172 51.70 54.66 -74.68
CA SER M 172 51.68 53.26 -74.26
C SER M 172 52.83 52.47 -74.87
N THR M 173 53.99 53.11 -75.01
CA THR M 173 55.16 52.49 -75.62
C THR M 173 56.21 52.21 -74.55
N TYR M 174 57.37 51.76 -74.99
CA TYR M 174 58.39 51.25 -74.08
C TYR M 174 59.76 51.86 -74.42
N SER M 175 60.62 51.88 -73.42
CA SER M 175 62.03 52.22 -73.58
C SER M 175 62.86 51.06 -73.07
N LEU M 176 63.84 50.65 -73.86
CA LEU M 176 64.70 49.51 -73.56
C LEU M 176 66.15 49.93 -73.67
N SER M 177 66.94 49.63 -72.64
CA SER M 177 68.36 49.96 -72.62
C SER M 177 69.15 48.66 -72.57
N SER M 178 69.96 48.42 -73.59
CA SER M 178 70.83 47.25 -73.65
C SER M 178 72.25 47.73 -73.36
N THR M 179 72.78 47.32 -72.21
CA THR M 179 74.04 47.83 -71.66
C THR M 179 75.08 46.73 -71.70
N LEU M 180 76.12 46.91 -72.52
CA LEU M 180 77.23 45.98 -72.62
C LEU M 180 78.41 46.57 -71.86
N THR M 181 78.77 45.96 -70.74
CA THR M 181 79.84 46.44 -69.87
C THR M 181 81.00 45.45 -69.95
N LEU M 182 82.16 45.94 -70.39
CA LEU M 182 83.33 45.10 -70.62
C LEU M 182 84.56 45.76 -70.00
N SER M 183 85.65 44.99 -69.96
CA SER M 183 86.91 45.44 -69.41
C SER M 183 87.82 45.97 -70.51
N LYS M 184 88.88 46.68 -70.09
CA LYS M 184 89.81 47.23 -71.06
C LYS M 184 90.59 46.15 -71.79
N ALA M 185 90.67 44.95 -71.22
CA ALA M 185 91.26 43.82 -71.94
C ALA M 185 90.42 43.48 -73.17
N ASP M 186 89.10 43.56 -73.06
CA ASP M 186 88.23 43.25 -74.19
C ASP M 186 87.77 44.50 -74.94
N TYR M 187 87.75 45.66 -74.28
CA TYR M 187 87.28 46.87 -74.94
C TYR M 187 88.27 47.38 -75.98
N GLU M 188 89.57 47.25 -75.71
CA GLU M 188 90.59 47.77 -76.60
C GLU M 188 91.10 46.74 -77.60
N LYS M 189 90.60 45.50 -77.54
CA LYS M 189 91.05 44.46 -78.45
C LYS M 189 90.18 44.35 -79.70
N HIS M 190 89.15 45.19 -79.82
CA HIS M 190 88.28 45.18 -80.99
C HIS M 190 88.04 46.62 -81.42
N LYS M 191 87.30 46.79 -82.51
CA LYS M 191 87.06 48.10 -83.10
C LYS M 191 85.59 48.43 -83.32
N VAL M 192 84.75 47.44 -83.61
CA VAL M 192 83.35 47.66 -83.94
C VAL M 192 82.47 47.11 -82.83
N TYR M 193 81.50 47.92 -82.37
CA TYR M 193 80.50 47.48 -81.41
C TYR M 193 79.12 47.71 -82.02
N ALA M 194 78.28 46.69 -82.00
CA ALA M 194 77.02 46.72 -82.72
C ALA M 194 75.91 46.13 -81.86
N CYS M 195 74.69 46.62 -82.08
CA CYS M 195 73.53 45.90 -81.57
C CYS M 195 72.46 45.84 -82.66
N GLU M 196 71.73 44.74 -82.67
CA GLU M 196 70.67 44.50 -83.63
C GLU M 196 69.38 44.19 -82.88
N VAL M 197 68.26 44.66 -83.43
CA VAL M 197 66.95 44.50 -82.84
C VAL M 197 66.03 43.81 -83.85
N THR M 198 65.32 42.78 -83.40
CA THR M 198 64.29 42.10 -84.16
C THR M 198 62.97 42.31 -83.45
N HIS M 199 61.99 42.83 -84.19
CA HIS M 199 60.70 43.19 -83.61
C HIS M 199 59.62 42.98 -84.66
N GLN M 200 58.39 42.75 -84.18
CA GLN M 200 57.25 42.60 -85.09
C GLN M 200 56.97 43.89 -85.84
N GLY M 201 57.11 45.03 -85.17
CA GLY M 201 56.90 46.32 -85.81
C GLY M 201 58.00 46.74 -86.75
N LEU M 202 59.09 45.98 -86.82
CA LEU M 202 60.19 46.23 -87.73
C LEU M 202 60.12 45.26 -88.90
N SER M 203 60.15 45.79 -90.12
CA SER M 203 60.09 44.95 -91.31
C SER M 203 61.30 44.03 -91.40
N SER M 204 62.49 44.54 -91.08
CA SER M 204 63.69 43.74 -90.98
C SER M 204 64.44 44.15 -89.72
N PRO M 205 65.21 43.24 -89.13
CA PRO M 205 66.00 43.61 -87.94
C PRO M 205 66.96 44.75 -88.24
N VAL M 206 67.05 45.68 -87.29
CA VAL M 206 67.87 46.86 -87.44
C VAL M 206 69.18 46.63 -86.70
N THR M 207 70.28 46.60 -87.44
CA THR M 207 71.61 46.37 -86.88
C THR M 207 72.43 47.64 -87.06
N LYS M 208 72.97 48.15 -85.97
CA LYS M 208 73.80 49.35 -86.02
C LYS M 208 75.16 49.07 -85.39
N SER M 209 76.20 49.58 -86.04
CA SER M 209 77.59 49.38 -85.65
C SER M 209 78.28 50.73 -85.54
N PHE M 210 79.10 50.89 -84.51
CA PHE M 210 79.88 52.11 -84.34
C PHE M 210 81.29 51.73 -83.93
N ASN M 211 82.25 52.60 -84.28
CA ASN M 211 83.66 52.33 -84.09
C ASN M 211 84.22 53.30 -83.06
N ARG M 212 84.81 52.77 -81.99
CA ARG M 212 85.43 53.62 -80.98
C ARG M 212 86.63 54.37 -81.55
N GLY M 213 87.41 53.72 -82.42
CA GLY M 213 88.53 54.39 -83.04
C GLY M 213 88.11 55.51 -83.98
N GLU M 214 87.08 55.25 -84.80
CA GLU M 214 86.62 56.28 -85.73
C GLU M 214 85.96 57.44 -85.01
N CYS M 215 85.03 57.15 -84.11
CA CYS M 215 84.30 58.20 -83.41
C CYS M 215 84.26 57.96 -81.90
N VAL N 1 47.59 -8.54 -39.27
CA VAL N 1 46.30 -8.77 -38.62
C VAL N 1 45.35 -9.48 -39.58
N GLN N 2 44.77 -10.59 -39.13
CA GLN N 2 43.85 -11.38 -39.92
C GLN N 2 42.54 -11.54 -39.17
N LEU N 3 41.44 -11.12 -39.78
CA LEU N 3 40.10 -11.30 -39.25
C LEU N 3 39.44 -12.43 -40.03
N VAL N 4 39.04 -13.49 -39.34
CA VAL N 4 38.50 -14.68 -39.97
C VAL N 4 37.00 -14.75 -39.73
N GLU N 5 36.26 -15.04 -40.80
CA GLU N 5 34.82 -15.19 -40.80
C GLU N 5 34.40 -16.64 -40.59
N SER N 6 33.19 -16.82 -40.05
CA SER N 6 32.60 -18.14 -39.91
C SER N 6 31.10 -17.98 -39.73
N GLY N 7 30.37 -19.07 -39.96
CA GLY N 7 28.95 -19.11 -39.68
C GLY N 7 28.03 -18.85 -40.85
N GLY N 8 28.52 -18.90 -42.08
CA GLY N 8 27.69 -18.69 -43.25
C GLY N 8 26.98 -19.95 -43.70
N GLY N 9 26.47 -19.91 -44.93
CA GLY N 9 25.85 -21.03 -45.57
C GLY N 9 24.49 -20.65 -46.14
N LEU N 10 23.61 -21.64 -46.22
CA LEU N 10 22.22 -21.44 -46.66
C LEU N 10 21.30 -21.88 -45.54
N VAL N 11 20.27 -21.07 -45.27
CA VAL N 11 19.24 -21.43 -44.32
C VAL N 11 17.87 -21.20 -44.94
N GLN N 12 16.85 -21.74 -44.28
CA GLN N 12 15.49 -21.54 -44.74
C GLN N 12 15.06 -20.08 -44.48
N PRO N 13 14.19 -19.53 -45.33
CA PRO N 13 13.73 -18.16 -45.11
C PRO N 13 13.00 -18.03 -43.79
N GLY N 14 13.23 -16.91 -43.11
CA GLY N 14 12.68 -16.69 -41.79
C GLY N 14 13.43 -17.36 -40.66
N GLY N 15 14.55 -18.02 -40.96
CA GLY N 15 15.30 -18.74 -39.95
C GLY N 15 16.25 -17.85 -39.18
N SER N 16 16.98 -18.49 -38.27
CA SER N 16 17.93 -17.82 -37.40
C SER N 16 19.29 -18.51 -37.51
N LEU N 17 20.36 -17.74 -37.37
CA LEU N 17 21.69 -18.32 -37.47
C LEU N 17 22.69 -17.46 -36.72
N ARG N 18 23.94 -17.91 -36.71
CA ARG N 18 25.04 -17.26 -36.03
C ARG N 18 26.17 -16.96 -37.01
N LEU N 19 26.83 -15.82 -36.81
CA LEU N 19 28.01 -15.46 -37.57
C LEU N 19 29.11 -15.06 -36.60
N SER N 20 30.34 -15.42 -36.93
CA SER N 20 31.48 -15.24 -36.05
C SER N 20 32.61 -14.55 -36.79
N CYS N 21 33.27 -13.62 -36.10
CA CYS N 21 34.47 -12.98 -36.59
C CYS N 21 35.53 -13.07 -35.51
N ALA N 22 36.60 -13.81 -35.78
CA ALA N 22 37.70 -13.95 -34.83
C ALA N 22 38.89 -13.12 -35.30
N ALA N 23 39.63 -12.59 -34.33
CA ALA N 23 40.67 -11.60 -34.61
C ALA N 23 42.06 -12.20 -34.37
N SER N 24 43.05 -11.64 -35.06
CA SER N 24 44.44 -11.95 -34.85
C SER N 24 45.23 -10.67 -34.66
N GLU N 25 46.07 -10.64 -33.62
CA GLU N 25 46.93 -9.53 -33.25
C GLU N 25 46.17 -8.28 -32.82
N ILE N 26 44.85 -8.36 -32.63
CA ILE N 26 44.04 -7.21 -32.25
C ILE N 26 43.01 -7.64 -31.22
N THR N 27 42.19 -6.69 -30.79
CA THR N 27 41.13 -6.92 -29.83
C THR N 27 39.80 -6.43 -30.40
N VAL N 28 38.77 -7.26 -30.31
CA VAL N 28 37.44 -6.86 -30.77
C VAL N 28 36.90 -5.72 -29.91
N SER N 29 37.02 -5.85 -28.59
CA SER N 29 36.47 -4.86 -27.66
C SER N 29 37.43 -3.71 -27.40
N SER N 30 38.34 -3.44 -28.32
CA SER N 30 39.20 -2.27 -28.26
C SER N 30 39.02 -1.34 -29.46
N ASN N 31 38.38 -1.80 -30.52
CA ASN N 31 38.21 -1.03 -31.74
C ASN N 31 36.77 -1.12 -32.21
N TYR N 32 36.46 -0.33 -33.24
CA TYR N 32 35.11 -0.28 -33.79
C TYR N 32 35.01 -1.37 -34.86
N MET N 33 34.12 -2.33 -34.63
CA MET N 33 33.92 -3.45 -35.55
C MET N 33 32.66 -3.22 -36.36
N ASN N 34 32.70 -3.61 -37.63
CA ASN N 34 31.60 -3.32 -38.55
C ASN N 34 31.21 -4.59 -39.31
N TRP N 35 29.92 -4.91 -39.31
CA TRP N 35 29.37 -5.95 -40.18
C TRP N 35 28.87 -5.26 -41.45
N VAL N 36 29.54 -5.55 -42.57
CA VAL N 36 29.25 -4.92 -43.85
C VAL N 36 28.92 -6.00 -44.88
N ARG N 37 27.90 -5.74 -45.69
CA ARG N 37 27.43 -6.69 -46.68
C ARG N 37 27.90 -6.30 -48.07
N GLN N 38 28.12 -7.31 -48.91
CA GLN N 38 28.29 -7.12 -50.35
C GLN N 38 27.37 -8.12 -51.05
N ALA N 39 26.36 -7.61 -51.73
CA ALA N 39 25.45 -8.50 -52.46
C ALA N 39 26.15 -9.05 -53.69
N PRO N 40 25.69 -10.19 -54.20
CA PRO N 40 26.28 -10.73 -55.44
C PRO N 40 26.09 -9.75 -56.60
N GLY N 41 27.18 -9.17 -57.07
CA GLY N 41 27.14 -8.16 -58.10
C GLY N 41 26.98 -6.74 -57.60
N LYS N 42 26.55 -6.56 -56.37
CA LYS N 42 26.37 -5.24 -55.79
C LYS N 42 27.57 -4.90 -54.90
N GLY N 43 27.63 -3.64 -54.48
CA GLY N 43 28.73 -3.13 -53.70
C GLY N 43 28.54 -3.38 -52.21
N LEU N 44 29.22 -2.56 -51.43
CA LEU N 44 29.16 -2.68 -49.98
C LEU N 44 27.97 -1.90 -49.42
N GLU N 45 27.55 -2.28 -48.23
CA GLU N 45 26.51 -1.57 -47.50
C GLU N 45 26.77 -1.72 -46.01
N TRP N 46 27.08 -0.61 -45.35
CA TRP N 46 27.26 -0.66 -43.90
C TRP N 46 25.96 -1.09 -43.25
N VAL N 47 26.05 -2.06 -42.34
CA VAL N 47 24.85 -2.62 -41.73
C VAL N 47 24.93 -2.57 -40.22
N SER N 48 25.99 -3.12 -39.65
CA SER N 48 26.12 -3.18 -38.20
C SER N 48 27.43 -2.54 -37.76
N VAL N 49 27.40 -1.93 -36.58
CA VAL N 49 28.60 -1.46 -35.92
C VAL N 49 28.50 -1.78 -34.44
N VAL N 50 29.61 -2.24 -33.87
CA VAL N 50 29.76 -2.43 -32.43
C VAL N 50 31.02 -1.70 -31.98
N TYR N 51 30.94 -1.11 -30.79
CA TYR N 51 31.81 -0.25 -30.01
C TYR N 51 32.52 -1.04 -28.91
N PRO N 52 33.75 -0.66 -28.57
CA PRO N 52 34.39 -1.23 -27.38
C PRO N 52 33.63 -0.93 -26.10
N GLY N 53 33.01 0.25 -26.00
CA GLY N 53 32.29 0.60 -24.79
C GLY N 53 31.07 -0.27 -24.55
N GLY N 54 30.32 -0.55 -25.62
CA GLY N 54 29.13 -1.37 -25.48
C GLY N 54 27.96 -0.89 -26.31
N SER N 55 28.13 0.20 -27.04
CA SER N 55 27.09 0.69 -27.92
C SER N 55 27.04 -0.13 -29.20
N THR N 56 25.83 -0.37 -29.70
CA THR N 56 25.63 -1.16 -30.91
C THR N 56 24.60 -0.47 -31.79
N PHE N 57 24.96 -0.25 -33.06
CA PHE N 57 24.06 0.39 -34.00
C PHE N 57 23.85 -0.49 -35.22
N TYR N 58 22.65 -0.37 -35.80
CA TYR N 58 22.29 -0.99 -37.06
C TYR N 58 21.75 0.08 -37.98
N THR N 59 21.68 -0.23 -39.27
CA THR N 59 20.92 0.63 -40.16
C THR N 59 19.43 0.43 -39.90
N ASP N 60 18.62 1.35 -40.46
CA ASP N 60 17.20 1.32 -40.18
C ASP N 60 16.55 0.02 -40.66
N SER N 61 17.01 -0.52 -41.79
CA SER N 61 16.36 -1.68 -42.38
C SER N 61 16.52 -2.92 -41.50
N VAL N 62 17.75 -3.21 -41.08
CA VAL N 62 18.02 -4.44 -40.34
C VAL N 62 17.72 -4.32 -38.85
N LYS N 63 17.21 -3.18 -38.40
CA LYS N 63 16.86 -3.02 -37.00
C LYS N 63 15.66 -3.90 -36.64
N GLY N 64 15.64 -4.35 -35.39
CA GLY N 64 14.48 -5.00 -34.81
C GLY N 64 14.63 -6.49 -34.60
N ARG N 65 15.51 -7.15 -35.35
CA ARG N 65 15.62 -8.61 -35.27
C ARG N 65 17.04 -9.14 -35.36
N PHE N 66 18.05 -8.30 -35.13
CA PHE N 66 19.44 -8.71 -35.13
C PHE N 66 20.00 -8.59 -33.72
N THR N 67 21.09 -9.31 -33.44
CA THR N 67 21.87 -9.01 -32.26
C THR N 67 23.36 -9.18 -32.56
N ILE N 68 24.18 -8.44 -31.84
CA ILE N 68 25.64 -8.53 -31.94
C ILE N 68 26.23 -8.49 -30.54
N SER N 69 27.24 -9.32 -30.30
CA SER N 69 27.86 -9.42 -28.99
C SER N 69 29.37 -9.64 -29.14
N ARG N 70 30.09 -9.37 -28.06
CA ARG N 70 31.52 -9.58 -27.99
C ARG N 70 31.86 -10.55 -26.88
N ASP N 71 32.82 -11.43 -27.14
CA ASP N 71 33.27 -12.41 -26.17
C ASP N 71 34.78 -12.28 -26.05
N ASN N 72 35.23 -11.58 -25.00
CA ASN N 72 36.64 -11.31 -24.81
C ASN N 72 37.44 -12.55 -24.42
N SER N 73 36.77 -13.65 -24.08
CA SER N 73 37.47 -14.88 -23.74
C SER N 73 38.29 -15.38 -24.92
N LYS N 74 37.62 -15.75 -26.01
CA LYS N 74 38.28 -16.07 -27.26
C LYS N 74 38.56 -14.83 -28.09
N ASN N 75 38.12 -13.66 -27.64
CA ASN N 75 38.23 -12.40 -28.38
C ASN N 75 37.56 -12.54 -29.75
N THR N 76 36.25 -12.78 -29.71
CA THR N 76 35.46 -13.00 -30.92
C THR N 76 34.25 -12.07 -30.93
N LEU N 77 33.76 -11.79 -32.13
CA LEU N 77 32.54 -11.03 -32.34
C LEU N 77 31.48 -11.95 -32.92
N TYR N 78 30.25 -11.78 -32.47
CA TYR N 78 29.15 -12.65 -32.85
C TYR N 78 27.97 -11.82 -33.32
N LEU N 79 27.31 -12.30 -34.38
CA LEU N 79 26.15 -11.65 -34.97
C LEU N 79 25.08 -12.71 -35.19
N GLN N 80 23.99 -12.63 -34.43
CA GLN N 80 22.89 -13.58 -34.54
C GLN N 80 21.76 -12.95 -35.36
N MET N 81 21.24 -13.75 -36.30
CA MET N 81 20.34 -13.31 -37.35
C MET N 81 18.99 -13.98 -37.18
N ASN N 82 17.92 -13.19 -37.26
CA ASN N 82 16.56 -13.68 -37.17
C ASN N 82 15.71 -13.10 -38.30
N SER N 83 14.65 -13.83 -38.65
CA SER N 83 13.69 -13.46 -39.69
C SER N 83 14.40 -13.00 -40.96
N LEU N 84 15.12 -13.92 -41.59
CA LEU N 84 15.94 -13.60 -42.73
C LEU N 84 15.10 -13.56 -44.01
N ARG N 85 15.47 -12.64 -44.90
CA ARG N 85 14.78 -12.46 -46.18
C ARG N 85 15.83 -12.23 -47.28
N ALA N 86 15.34 -11.93 -48.49
CA ALA N 86 16.21 -11.87 -49.66
C ALA N 86 17.32 -10.85 -49.52
N GLU N 87 17.16 -9.85 -48.65
CA GLU N 87 18.19 -8.85 -48.46
C GLU N 87 19.45 -9.43 -47.83
N ASP N 88 19.34 -10.57 -47.15
CA ASP N 88 20.44 -11.17 -46.41
C ASP N 88 21.29 -12.09 -47.28
N THR N 89 20.90 -12.34 -48.52
CA THR N 89 21.66 -13.19 -49.43
C THR N 89 22.83 -12.35 -49.97
N ALA N 90 24.00 -12.50 -49.35
CA ALA N 90 25.16 -11.67 -49.69
C ALA N 90 26.37 -12.25 -48.98
N VAL N 91 27.51 -11.56 -49.12
CA VAL N 91 28.76 -11.94 -48.46
C VAL N 91 29.01 -10.96 -47.33
N TYR N 92 29.31 -11.50 -46.15
CA TYR N 92 29.38 -10.74 -44.90
C TYR N 92 30.83 -10.50 -44.53
N TYR N 93 31.14 -9.30 -44.03
CA TYR N 93 32.50 -8.96 -43.61
C TYR N 93 32.48 -8.27 -42.26
N CYS N 94 33.57 -8.46 -41.50
CA CYS N 94 33.86 -7.69 -40.29
C CYS N 94 35.07 -6.80 -40.56
N ALA N 95 34.89 -5.50 -40.35
CA ALA N 95 35.88 -4.49 -40.70
C ALA N 95 36.21 -3.63 -39.49
N ARG N 96 37.40 -3.03 -39.54
CA ARG N 96 37.96 -2.26 -38.43
C ARG N 96 37.91 -0.78 -38.75
N GLU N 97 37.60 0.04 -37.73
CA GLU N 97 37.64 1.48 -37.86
C GLU N 97 38.89 2.08 -37.23
N SER N 98 39.43 3.13 -37.87
CA SER N 98 40.49 3.95 -37.29
C SER N 98 41.74 3.13 -36.96
N GLY N 99 42.36 2.60 -38.01
CA GLY N 99 43.59 1.85 -37.87
C GLY N 99 44.62 2.27 -38.91
N GLY N 100 45.83 1.76 -38.74
CA GLY N 100 46.92 2.07 -39.62
C GLY N 100 47.66 3.33 -39.20
N PHE N 101 48.87 3.49 -39.75
CA PHE N 101 49.71 4.62 -39.37
C PHE N 101 49.07 5.98 -39.67
N PRO N 102 48.41 6.20 -40.81
CA PRO N 102 47.72 7.49 -41.00
C PRO N 102 46.65 7.78 -39.96
N LEU N 103 46.09 6.74 -39.32
CA LEU N 103 45.20 6.88 -38.18
C LEU N 103 43.98 7.74 -38.55
N ALA N 104 43.18 7.19 -39.46
CA ALA N 104 42.01 7.86 -39.98
C ALA N 104 40.75 7.12 -39.53
N GLU N 105 39.86 7.83 -38.85
CA GLU N 105 38.63 7.22 -38.38
C GLU N 105 37.68 6.94 -39.54
N GLY N 106 36.70 6.08 -39.28
CA GLY N 106 35.72 5.74 -40.29
C GLY N 106 36.27 4.98 -41.47
N ALA N 107 37.49 4.48 -41.38
CA ALA N 107 38.16 3.82 -42.50
C ALA N 107 38.19 2.32 -42.30
N PHE N 108 37.74 1.58 -43.31
CA PHE N 108 37.73 0.12 -43.30
C PHE N 108 39.11 -0.36 -43.74
N ASP N 109 40.06 -0.31 -42.81
CA ASP N 109 41.45 -0.59 -43.14
C ASP N 109 41.74 -2.09 -43.28
N ILE N 110 41.10 -2.93 -42.47
CA ILE N 110 41.32 -4.37 -42.47
C ILE N 110 39.98 -5.07 -42.45
N TRP N 111 39.83 -6.11 -43.28
CA TRP N 111 38.55 -6.80 -43.44
C TRP N 111 38.68 -8.28 -43.10
N GLY N 112 37.54 -8.96 -43.12
CA GLY N 112 37.50 -10.40 -43.10
C GLY N 112 37.46 -10.97 -44.51
N GLN N 113 37.30 -12.29 -44.59
CA GLN N 113 37.15 -12.94 -45.89
C GLN N 113 35.69 -13.06 -46.33
N GLY N 114 34.74 -12.75 -45.45
CA GLY N 114 33.33 -12.80 -45.80
C GLY N 114 32.72 -14.18 -45.73
N THR N 115 31.45 -14.26 -45.34
CA THR N 115 30.68 -15.49 -45.37
C THR N 115 29.54 -15.34 -46.38
N MET N 116 29.34 -16.37 -47.20
CA MET N 116 28.24 -16.37 -48.16
C MET N 116 26.97 -16.86 -47.49
N VAL N 117 25.95 -16.00 -47.44
CA VAL N 117 24.69 -16.29 -46.77
C VAL N 117 23.59 -16.27 -47.81
N THR N 118 22.80 -17.35 -47.84
CA THR N 118 21.65 -17.48 -48.71
C THR N 118 20.45 -17.91 -47.89
N VAL N 119 19.27 -17.41 -48.27
CA VAL N 119 18.03 -17.69 -47.56
C VAL N 119 16.95 -17.98 -48.61
N SER N 120 16.69 -19.26 -48.86
CA SER N 120 15.67 -19.66 -49.81
C SER N 120 15.23 -21.08 -49.47
N SER N 121 14.07 -21.46 -50.01
CA SER N 121 13.51 -22.77 -49.76
C SER N 121 13.35 -23.54 -51.06
N ALA N 122 14.41 -23.53 -51.88
CA ALA N 122 14.35 -24.05 -53.25
C ALA N 122 14.36 -25.57 -53.33
N SER N 123 14.29 -26.29 -52.20
CA SER N 123 14.15 -27.75 -52.19
C SER N 123 15.31 -28.42 -52.93
N THR N 124 16.48 -28.32 -52.30
CA THR N 124 17.75 -28.81 -52.84
C THR N 124 17.59 -30.12 -53.61
N LYS N 125 18.08 -30.14 -54.85
CA LYS N 125 18.03 -31.32 -55.70
C LYS N 125 19.22 -31.27 -56.67
N GLY N 126 19.22 -32.20 -57.63
CA GLY N 126 20.33 -32.35 -58.54
C GLY N 126 20.22 -31.52 -59.80
N PRO N 127 21.36 -31.20 -60.41
CA PRO N 127 21.36 -30.37 -61.60
C PRO N 127 20.94 -31.13 -62.85
N SER N 128 20.51 -30.37 -63.85
CA SER N 128 20.12 -30.90 -65.15
C SER N 128 21.13 -30.44 -66.18
N VAL N 129 21.76 -31.38 -66.87
CA VAL N 129 22.79 -31.09 -67.86
C VAL N 129 22.20 -31.33 -69.24
N PHE N 130 22.01 -30.26 -70.00
CA PHE N 130 21.49 -30.33 -71.36
C PHE N 130 22.59 -30.01 -72.35
N PRO N 131 23.02 -30.95 -73.18
CA PRO N 131 24.06 -30.63 -74.16
C PRO N 131 23.56 -29.68 -75.22
N LEU N 132 24.48 -28.85 -75.71
CA LEU N 132 24.20 -27.89 -76.79
C LEU N 132 25.22 -28.22 -77.88
N ALA N 133 24.77 -28.92 -78.91
CA ALA N 133 25.64 -29.38 -79.99
C ALA N 133 25.93 -28.23 -80.96
N PRO N 134 27.07 -28.29 -81.65
CA PRO N 134 27.37 -27.28 -82.66
C PRO N 134 26.41 -27.35 -83.83
N SER N 135 26.24 -26.22 -84.50
CA SER N 135 25.36 -26.15 -85.65
C SER N 135 25.87 -27.08 -86.75
N SER N 136 24.93 -27.65 -87.50
CA SER N 136 25.28 -28.57 -88.58
C SER N 136 25.89 -27.79 -89.73
N LYS N 137 27.21 -27.65 -89.73
CA LYS N 137 27.92 -26.88 -90.73
C LYS N 137 29.19 -27.62 -91.10
N SER N 138 29.69 -27.35 -92.32
CA SER N 138 30.83 -28.08 -92.83
C SER N 138 32.14 -27.57 -92.25
N THR N 139 32.51 -26.32 -92.55
CA THR N 139 33.69 -25.71 -91.97
C THR N 139 33.39 -24.41 -91.23
N SER N 140 32.60 -23.52 -91.81
CA SER N 140 32.19 -22.26 -91.17
C SER N 140 33.38 -21.52 -90.57
N GLY N 141 34.41 -21.31 -91.39
CA GLY N 141 35.57 -20.57 -90.95
C GLY N 141 36.43 -21.28 -89.93
N GLY N 142 36.31 -22.59 -89.82
CA GLY N 142 37.10 -23.35 -88.86
C GLY N 142 36.83 -22.95 -87.43
N THR N 143 35.58 -22.60 -87.11
CA THR N 143 35.21 -22.17 -85.77
C THR N 143 33.80 -22.66 -85.49
N ALA N 144 33.69 -23.64 -84.60
CA ALA N 144 32.40 -24.11 -84.12
C ALA N 144 32.46 -24.22 -82.60
N ALA N 145 31.29 -24.22 -81.97
CA ALA N 145 31.21 -24.26 -80.52
C ALA N 145 30.18 -25.28 -80.08
N LEU N 146 30.52 -26.03 -79.03
CA LEU N 146 29.59 -26.92 -78.36
C LEU N 146 29.56 -26.55 -76.89
N GLY N 147 28.72 -27.21 -76.11
CA GLY N 147 28.71 -26.90 -74.69
C GLY N 147 27.65 -27.65 -73.93
N CYS N 148 27.45 -27.19 -72.70
CA CYS N 148 26.45 -27.73 -71.80
C CYS N 148 25.70 -26.59 -71.12
N LEU N 149 24.46 -26.86 -70.74
CA LEU N 149 23.62 -25.95 -69.97
C LEU N 149 23.22 -26.66 -68.69
N VAL N 150 23.64 -26.10 -67.55
CA VAL N 150 23.34 -26.66 -66.24
C VAL N 150 22.21 -25.84 -65.64
N LYS N 151 21.07 -26.49 -65.42
CA LYS N 151 19.82 -25.84 -65.07
C LYS N 151 19.18 -26.53 -63.88
N ASP N 152 18.51 -25.73 -63.05
CA ASP N 152 17.69 -26.23 -61.94
C ASP N 152 18.52 -27.04 -60.93
N TYR N 153 19.48 -26.36 -60.32
CA TYR N 153 20.24 -26.90 -59.20
C TYR N 153 20.30 -25.86 -58.09
N PHE N 154 20.36 -26.35 -56.86
CA PHE N 154 20.34 -25.49 -55.69
C PHE N 154 20.79 -26.27 -54.46
N PRO N 155 21.68 -25.71 -53.64
CA PRO N 155 22.38 -24.45 -53.90
C PRO N 155 23.75 -24.64 -54.54
N GLU N 156 24.55 -23.58 -54.55
CA GLU N 156 25.89 -23.64 -55.12
C GLU N 156 26.80 -24.50 -54.25
N PRO N 157 27.97 -24.93 -54.78
CA PRO N 157 28.59 -24.70 -56.10
C PRO N 157 28.51 -25.88 -57.06
N VAL N 158 28.88 -25.62 -58.33
CA VAL N 158 28.88 -26.64 -59.37
C VAL N 158 30.15 -26.47 -60.19
N THR N 159 30.81 -27.60 -60.49
CA THR N 159 32.05 -27.61 -61.25
C THR N 159 31.83 -28.34 -62.57
N VAL N 160 32.14 -27.67 -63.68
CA VAL N 160 31.89 -28.19 -65.02
C VAL N 160 33.22 -28.32 -65.74
N SER N 161 33.45 -29.49 -66.35
CA SER N 161 34.73 -29.78 -66.99
C SER N 161 34.50 -30.48 -68.32
N TRP N 162 35.48 -30.32 -69.21
CA TRP N 162 35.53 -31.00 -70.50
C TRP N 162 36.64 -32.03 -70.46
N ASN N 163 36.30 -33.30 -70.66
CA ASN N 163 37.28 -34.39 -70.73
C ASN N 163 38.18 -34.38 -69.49
N SER N 164 37.57 -34.18 -68.32
CA SER N 164 38.29 -34.07 -67.06
C SER N 164 39.29 -32.91 -67.07
N GLY N 165 38.95 -31.85 -67.79
CA GLY N 165 39.71 -30.61 -67.75
C GLY N 165 40.95 -30.56 -68.60
N ALA N 166 41.25 -31.60 -69.39
CA ALA N 166 42.42 -31.57 -70.25
C ALA N 166 42.26 -30.62 -71.43
N LEU N 167 41.04 -30.18 -71.73
CA LEU N 167 40.78 -29.31 -72.87
C LEU N 167 40.31 -27.95 -72.36
N THR N 168 40.96 -26.88 -72.82
CA THR N 168 40.63 -25.52 -72.44
C THR N 168 40.60 -24.56 -73.62
N SER N 169 40.63 -25.07 -74.85
CA SER N 169 40.66 -24.21 -76.03
C SER N 169 39.29 -23.58 -76.23
N GLY N 170 39.21 -22.26 -75.98
CA GLY N 170 37.95 -21.55 -76.15
C GLY N 170 36.89 -21.91 -75.14
N VAL N 171 37.28 -22.44 -73.98
CA VAL N 171 36.31 -22.79 -72.95
C VAL N 171 35.86 -21.52 -72.26
N HIS N 172 34.56 -21.23 -72.33
CA HIS N 172 33.98 -20.06 -71.69
C HIS N 172 32.84 -20.52 -70.78
N THR N 173 32.98 -20.24 -69.48
CA THR N 173 32.00 -20.62 -68.48
C THR N 173 31.18 -19.40 -68.10
N PHE N 174 29.88 -19.60 -67.95
CA PHE N 174 29.02 -18.46 -67.68
C PHE N 174 28.50 -18.50 -66.25
N PRO N 175 28.23 -17.33 -65.65
CA PRO N 175 27.72 -17.31 -64.28
C PRO N 175 26.31 -17.85 -64.19
N ALA N 176 25.99 -18.42 -63.03
CA ALA N 176 24.65 -18.92 -62.77
C ALA N 176 23.69 -17.76 -62.49
N VAL N 177 22.47 -17.90 -63.01
CA VAL N 177 21.43 -16.89 -62.86
C VAL N 177 20.23 -17.52 -62.18
N LEU N 178 19.67 -16.80 -61.19
CA LEU N 178 18.54 -17.31 -60.43
C LEU N 178 17.23 -16.93 -61.12
N GLN N 179 16.48 -17.94 -61.53
CA GLN N 179 15.24 -17.76 -62.25
C GLN N 179 14.12 -17.43 -61.27
N SER N 180 12.87 -17.44 -61.75
CA SER N 180 11.75 -17.05 -60.90
C SER N 180 11.54 -18.04 -59.76
N SER N 181 11.80 -19.33 -59.99
CA SER N 181 11.61 -20.33 -58.97
C SER N 181 12.75 -20.37 -57.95
N GLY N 182 13.82 -19.62 -58.18
CA GLY N 182 14.96 -19.64 -57.29
C GLY N 182 16.01 -20.67 -57.63
N LEU N 183 15.99 -21.24 -58.84
CA LEU N 183 16.95 -22.24 -59.25
C LEU N 183 18.04 -21.60 -60.11
N TYR N 184 19.17 -22.28 -60.19
CA TYR N 184 20.37 -21.74 -60.82
C TYR N 184 20.51 -22.25 -62.24
N SER N 185 21.08 -21.40 -63.11
CA SER N 185 21.26 -21.74 -64.51
C SER N 185 22.54 -21.11 -65.03
N LEU N 186 23.47 -21.94 -65.51
CA LEU N 186 24.67 -21.43 -66.15
C LEU N 186 25.00 -22.29 -67.36
N SER N 187 26.01 -21.86 -68.11
CA SER N 187 26.41 -22.53 -69.33
C SER N 187 27.92 -22.69 -69.36
N SER N 188 28.38 -23.67 -70.12
CA SER N 188 29.82 -23.88 -70.34
C SER N 188 30.00 -24.24 -71.80
N VAL N 189 30.63 -23.36 -72.58
CA VAL N 189 30.85 -23.59 -73.99
C VAL N 189 32.34 -23.73 -74.27
N VAL N 190 32.65 -24.51 -75.30
CA VAL N 190 34.01 -24.73 -75.78
C VAL N 190 34.02 -24.57 -77.29
N THR N 191 35.03 -23.88 -77.79
CA THR N 191 35.19 -23.60 -79.21
C THR N 191 36.28 -24.50 -79.77
N VAL N 192 35.92 -25.27 -80.80
CA VAL N 192 36.85 -26.19 -81.46
C VAL N 192 36.74 -25.94 -82.96
N PRO N 193 37.77 -26.32 -83.72
CA PRO N 193 37.68 -26.25 -85.18
C PRO N 193 36.70 -27.30 -85.70
N SER N 194 36.20 -27.04 -86.92
CA SER N 194 35.20 -27.93 -87.50
C SER N 194 35.74 -29.34 -87.68
N SER N 195 37.01 -29.46 -88.10
CA SER N 195 37.61 -30.78 -88.24
C SER N 195 37.69 -31.52 -86.91
N SER N 196 37.63 -30.81 -85.79
CA SER N 196 37.60 -31.43 -84.47
C SER N 196 36.19 -31.60 -83.92
N LEU N 197 35.16 -31.29 -84.71
CA LEU N 197 33.79 -31.47 -84.25
C LEU N 197 33.46 -32.94 -84.00
N GLY N 198 33.89 -33.82 -84.89
CA GLY N 198 33.62 -35.23 -84.73
C GLY N 198 34.84 -36.07 -84.42
N THR N 199 36.00 -35.67 -84.97
CA THR N 199 37.21 -36.45 -84.83
C THR N 199 37.71 -36.50 -83.40
N GLN N 200 37.26 -35.58 -82.55
CA GLN N 200 37.60 -35.58 -81.13
C GLN N 200 36.35 -35.92 -80.33
N THR N 201 36.48 -36.90 -79.43
CA THR N 201 35.39 -37.27 -78.54
C THR N 201 35.49 -36.46 -77.26
N TYR N 202 34.36 -35.87 -76.85
CA TYR N 202 34.30 -35.04 -75.67
C TYR N 202 33.29 -35.60 -74.68
N ILE N 203 33.51 -35.31 -73.40
CA ILE N 203 32.56 -35.61 -72.34
C ILE N 203 32.36 -34.36 -71.51
N CYS N 204 31.17 -34.25 -70.91
CA CYS N 204 30.77 -33.07 -70.14
C CYS N 204 30.53 -33.52 -68.71
N ASN N 205 31.45 -33.15 -67.80
CA ASN N 205 31.38 -33.61 -66.42
C ASN N 205 30.90 -32.47 -65.55
N VAL N 206 29.68 -32.58 -65.03
CA VAL N 206 29.08 -31.57 -64.16
C VAL N 206 28.93 -32.19 -62.77
N ASN N 207 29.48 -31.51 -61.77
CA ASN N 207 29.47 -32.01 -60.40
C ASN N 207 28.79 -30.98 -59.50
N HIS N 208 27.76 -31.41 -58.77
CA HIS N 208 27.07 -30.59 -57.78
C HIS N 208 27.22 -31.24 -56.42
N LYS N 209 27.81 -30.50 -55.48
CA LYS N 209 28.22 -31.07 -54.20
C LYS N 209 27.08 -31.18 -53.19
N PRO N 210 26.25 -30.14 -52.97
CA PRO N 210 25.12 -30.33 -52.05
C PRO N 210 24.18 -31.44 -52.48
N SER N 211 23.98 -31.63 -53.78
CA SER N 211 23.19 -32.75 -54.28
C SER N 211 24.01 -34.00 -54.52
N ASN N 212 25.34 -33.90 -54.47
CA ASN N 212 26.23 -35.05 -54.66
C ASN N 212 25.93 -35.76 -55.98
N THR N 213 25.78 -34.98 -57.04
CA THR N 213 25.41 -35.47 -58.36
C THR N 213 26.54 -35.25 -59.34
N LYS N 214 26.94 -36.30 -60.04
CA LYS N 214 27.94 -36.23 -61.10
C LYS N 214 27.30 -36.70 -62.39
N VAL N 215 27.29 -35.84 -63.40
CA VAL N 215 26.66 -36.13 -64.69
C VAL N 215 27.72 -36.05 -65.77
N ASP N 216 27.91 -37.17 -66.48
CA ASP N 216 28.79 -37.24 -67.65
C ASP N 216 27.90 -37.31 -68.88
N LYS N 217 27.84 -36.22 -69.63
CA LYS N 217 27.01 -36.12 -70.82
C LYS N 217 27.87 -36.24 -72.08
N ARG N 218 27.39 -37.00 -73.04
CA ARG N 218 28.10 -37.19 -74.31
C ARG N 218 27.79 -36.05 -75.27
N VAL N 219 28.75 -35.75 -76.13
CA VAL N 219 28.61 -34.73 -77.15
C VAL N 219 28.83 -35.38 -78.51
N GLU N 220 27.87 -35.19 -79.42
CA GLU N 220 27.99 -35.70 -80.77
C GLU N 220 27.23 -34.79 -81.72
N PRO N 221 27.87 -34.31 -82.80
CA PRO N 221 27.15 -33.50 -83.78
C PRO N 221 26.04 -34.29 -84.46
N LYS N 222 24.93 -33.61 -84.71
CA LYS N 222 23.80 -34.18 -85.44
C LYS N 222 23.56 -33.38 -86.70
N SER N 223 23.05 -34.05 -87.73
CA SER N 223 22.70 -33.39 -88.98
C SER N 223 21.25 -32.95 -88.96
N CYS N 224 20.99 -31.80 -89.57
CA CYS N 224 19.63 -31.26 -89.66
C CYS N 224 18.71 -32.15 -90.49
N ASP O 1 21.36 12.15 -44.51
CA ASP O 1 21.20 11.35 -45.72
C ASP O 1 22.11 11.81 -46.85
N ILE O 2 23.22 11.10 -47.05
CA ILE O 2 24.12 11.31 -48.17
C ILE O 2 24.20 10.02 -48.97
N GLN O 3 24.03 10.14 -50.28
CA GLN O 3 24.29 9.05 -51.21
C GLN O 3 25.46 9.46 -52.10
N MET O 4 26.42 8.55 -52.26
CA MET O 4 27.67 8.86 -52.93
C MET O 4 27.68 8.21 -54.31
N THR O 5 28.19 8.94 -55.30
CA THR O 5 28.22 8.50 -56.68
C THR O 5 29.65 8.56 -57.22
N GLN O 6 29.95 7.67 -58.16
CA GLN O 6 31.28 7.58 -58.76
C GLN O 6 31.22 7.89 -60.26
N SER O 7 32.23 8.58 -60.76
CA SER O 7 32.33 8.94 -62.17
C SER O 7 33.71 8.55 -62.65
N PRO O 8 33.84 7.70 -63.69
CA PRO O 8 32.73 6.97 -64.30
C PRO O 8 32.54 5.59 -63.67
N SER O 9 31.44 4.91 -63.99
CA SER O 9 31.21 3.57 -63.45
C SER O 9 32.23 2.58 -63.97
N SER O 10 32.58 2.67 -65.25
CA SER O 10 33.56 1.79 -65.86
C SER O 10 34.56 2.61 -66.65
N LEU O 11 35.82 2.19 -66.62
CA LEU O 11 36.89 2.93 -67.28
C LEU O 11 37.96 1.93 -67.72
N SER O 12 38.22 1.89 -69.02
CA SER O 12 39.19 0.96 -69.60
C SER O 12 40.47 1.70 -69.96
N ALA O 13 41.61 1.19 -69.48
CA ALA O 13 42.89 1.82 -69.73
C ALA O 13 43.97 0.76 -69.91
N SER O 14 44.97 1.08 -70.70
CA SER O 14 46.09 0.19 -70.98
C SER O 14 47.19 0.38 -69.95
N VAL O 15 48.33 -0.26 -70.19
CA VAL O 15 49.47 -0.13 -69.31
C VAL O 15 50.03 1.29 -69.43
N GLY O 16 50.29 1.91 -68.29
CA GLY O 16 50.86 3.24 -68.27
C GLY O 16 49.88 4.38 -68.43
N ASP O 17 48.58 4.08 -68.46
CA ASP O 17 47.55 5.12 -68.58
C ASP O 17 47.13 5.58 -67.20
N ARG O 18 47.29 6.87 -66.93
CA ARG O 18 46.80 7.45 -65.68
C ARG O 18 45.29 7.59 -65.74
N VAL O 19 44.62 7.16 -64.66
CA VAL O 19 43.17 7.14 -64.59
C VAL O 19 42.71 8.01 -63.43
N SER O 20 41.46 8.46 -63.52
CA SER O 20 40.87 9.32 -62.50
C SER O 20 39.46 8.81 -62.17
N ILE O 21 39.11 8.87 -60.90
CA ILE O 21 37.80 8.47 -60.41
C ILE O 21 37.28 9.59 -59.50
N THR O 22 36.18 10.21 -59.90
CA THR O 22 35.67 11.38 -59.20
C THR O 22 34.42 11.00 -58.43
N CYS O 23 34.46 11.17 -57.11
CA CYS O 23 33.34 10.86 -56.25
C CYS O 23 32.58 12.15 -55.96
N ARG O 24 31.26 12.08 -56.11
CA ARG O 24 30.36 13.22 -55.92
C ARG O 24 29.32 12.85 -54.87
N ALA O 25 28.87 13.85 -54.12
CA ALA O 25 27.87 13.67 -53.09
C ALA O 25 26.63 14.49 -53.41
N SER O 26 25.62 14.35 -52.58
CA SER O 26 24.44 15.21 -52.64
C SER O 26 24.60 16.47 -51.79
N GLN O 27 25.67 16.57 -51.01
CA GLN O 27 25.94 17.73 -50.16
C GLN O 27 27.43 17.77 -49.84
N SER O 28 27.89 18.91 -49.34
CA SER O 28 29.29 19.05 -48.99
C SER O 28 29.62 18.18 -47.78
N ILE O 29 30.70 17.41 -47.89
CA ILE O 29 31.05 16.43 -46.87
C ILE O 29 32.48 16.63 -46.37
N SER O 30 33.00 17.85 -46.45
CA SER O 30 34.31 18.19 -45.88
C SER O 30 35.42 17.34 -46.47
N THR O 31 36.00 16.46 -45.64
CA THR O 31 37.04 15.54 -46.06
C THR O 31 36.82 14.16 -45.47
N HIS O 32 35.56 13.78 -45.26
CA HIS O 32 35.23 12.52 -44.60
C HIS O 32 34.91 11.46 -45.66
N LEU O 33 35.96 11.04 -46.36
CA LEU O 33 35.80 10.02 -47.39
C LEU O 33 37.03 9.11 -47.39
N HIS O 34 36.80 7.87 -47.81
CA HIS O 34 37.83 6.84 -47.88
C HIS O 34 37.69 6.09 -49.19
N TRP O 35 38.80 5.91 -49.89
CA TRP O 35 38.83 5.20 -51.16
C TRP O 35 39.36 3.80 -50.94
N TYR O 36 38.56 2.80 -51.33
CA TYR O 36 38.90 1.40 -51.23
C TYR O 36 38.92 0.77 -52.61
N GLN O 37 39.70 -0.30 -52.73
CA GLN O 37 39.67 -1.17 -53.90
C GLN O 37 39.41 -2.60 -53.42
N GLN O 38 38.49 -3.28 -54.08
CA GLN O 38 38.10 -4.64 -53.72
C GLN O 38 38.37 -5.56 -54.91
N LYS O 39 39.11 -6.63 -54.64
CA LYS O 39 39.45 -7.61 -55.65
C LYS O 39 38.25 -8.52 -55.92
N PRO O 40 38.18 -9.11 -57.11
CA PRO O 40 37.07 -10.03 -57.43
C PRO O 40 37.04 -11.22 -56.48
N GLY O 41 35.94 -11.36 -55.75
CA GLY O 41 35.79 -12.47 -54.83
C GLY O 41 36.64 -12.38 -53.59
N LYS O 42 37.23 -11.22 -53.31
CA LYS O 42 38.14 -11.03 -52.20
C LYS O 42 37.70 -9.83 -51.39
N ALA O 43 38.36 -9.63 -50.24
CA ALA O 43 38.01 -8.54 -49.36
C ALA O 43 38.39 -7.19 -49.97
N PRO O 44 37.64 -6.14 -49.65
CA PRO O 44 38.08 -4.79 -50.03
C PRO O 44 39.34 -4.40 -49.27
N LYS O 45 40.10 -3.50 -49.86
CA LYS O 45 41.31 -2.98 -49.22
C LYS O 45 41.27 -1.46 -49.22
N LEU O 46 41.50 -0.87 -48.04
CA LEU O 46 41.61 0.58 -47.95
C LEU O 46 42.85 1.05 -48.68
N LEU O 47 42.72 2.08 -49.50
CA LEU O 47 43.86 2.58 -50.25
C LEU O 47 44.12 4.06 -50.03
N ILE O 48 43.07 4.88 -49.90
CA ILE O 48 43.23 6.29 -49.60
C ILE O 48 42.37 6.64 -48.39
N SER O 49 42.94 7.37 -47.44
CA SER O 49 42.22 7.88 -46.29
C SER O 49 42.06 9.38 -46.40
N ALA O 50 40.91 9.88 -45.94
CA ALA O 50 40.53 11.29 -46.01
C ALA O 50 40.47 11.79 -47.45
N ALA O 51 40.51 10.88 -48.41
CA ALA O 51 40.44 11.19 -49.84
C ALA O 51 41.61 12.06 -50.29
N SER O 52 42.60 12.26 -49.43
CA SER O 52 43.79 13.01 -49.79
C SER O 52 45.08 12.42 -49.27
N THR O 53 45.02 11.49 -48.31
CA THR O 53 46.20 11.03 -47.58
C THR O 53 46.53 9.59 -47.96
N LEU O 54 47.79 9.34 -48.27
CA LEU O 54 48.23 7.98 -48.58
C LEU O 54 48.24 7.11 -47.33
N GLN O 55 48.20 5.81 -47.54
CA GLN O 55 48.19 4.84 -46.46
C GLN O 55 49.53 4.12 -46.36
N SER O 56 49.65 3.28 -45.34
CA SER O 56 50.83 2.45 -45.20
C SER O 56 50.86 1.39 -46.30
N GLY O 57 52.00 1.28 -46.98
CA GLY O 57 52.18 0.31 -48.04
C GLY O 57 51.57 0.67 -49.37
N VAL O 58 50.95 1.84 -49.49
CA VAL O 58 50.33 2.27 -50.74
C VAL O 58 51.36 3.07 -51.53
N PRO O 59 51.68 2.66 -52.76
CA PRO O 59 52.72 3.36 -53.53
C PRO O 59 52.30 4.77 -53.91
N SER O 60 53.31 5.57 -54.30
CA SER O 60 53.13 6.99 -54.55
C SER O 60 52.33 7.27 -55.82
N ARG O 61 52.04 6.26 -56.64
CA ARG O 61 51.21 6.48 -57.81
C ARG O 61 49.82 6.97 -57.45
N PHE O 62 49.21 6.33 -56.44
CA PHE O 62 47.86 6.70 -56.04
C PHE O 62 47.87 8.03 -55.28
N SER O 63 46.87 8.86 -55.56
CA SER O 63 46.79 10.19 -54.96
C SER O 63 45.33 10.59 -54.81
N GLY O 64 45.08 11.49 -53.88
CA GLY O 64 43.73 11.98 -53.64
C GLY O 64 43.70 13.49 -53.51
N SER O 65 42.68 14.10 -54.13
CA SER O 65 42.56 15.55 -54.15
C SER O 65 41.08 15.91 -54.16
N GLY O 66 40.79 17.21 -54.19
CA GLY O 66 39.45 17.71 -54.10
C GLY O 66 39.03 18.07 -52.69
N SER O 67 37.83 18.62 -52.57
CA SER O 67 37.30 19.04 -51.27
C SER O 67 35.81 19.36 -51.45
N GLY O 68 35.22 19.95 -50.42
CA GLY O 68 33.83 20.34 -50.46
C GLY O 68 32.90 19.15 -50.57
N THR O 69 32.31 18.99 -51.75
CA THR O 69 31.48 17.82 -52.04
C THR O 69 32.03 17.01 -53.20
N ASP O 70 33.20 17.36 -53.74
CA ASP O 70 33.75 16.71 -54.93
C ASP O 70 35.17 16.26 -54.64
N PHE O 71 35.42 14.94 -54.79
CA PHE O 71 36.74 14.37 -54.57
C PHE O 71 37.22 13.65 -55.82
N THR O 72 38.53 13.54 -55.96
CA THR O 72 39.14 12.82 -57.07
C THR O 72 40.23 11.90 -56.54
N LEU O 73 40.23 10.66 -57.03
CA LEU O 73 41.30 9.70 -56.77
C LEU O 73 41.99 9.41 -58.10
N THR O 74 43.30 9.64 -58.14
CA THR O 74 44.07 9.56 -59.38
C THR O 74 45.14 8.49 -59.25
N ILE O 75 45.27 7.68 -60.30
CA ILE O 75 46.33 6.67 -60.39
C ILE O 75 47.21 7.05 -61.57
N THR O 76 48.48 7.36 -61.29
CA THR O 76 49.38 7.90 -62.29
C THR O 76 50.12 6.80 -63.06
N SER O 77 50.86 5.96 -62.34
CA SER O 77 51.62 4.88 -62.96
C SER O 77 50.79 3.60 -62.87
N LEU O 78 50.07 3.31 -63.95
CA LEU O 78 49.16 2.17 -63.95
C LEU O 78 49.95 0.87 -63.83
N GLN O 79 49.47 -0.02 -62.97
CA GLN O 79 50.04 -1.33 -62.75
C GLN O 79 49.02 -2.41 -63.10
N PRO O 80 49.40 -3.43 -63.88
CA PRO O 80 48.43 -4.46 -64.27
C PRO O 80 47.83 -5.22 -63.10
N GLU O 81 48.52 -5.26 -61.96
CA GLU O 81 48.04 -5.96 -60.78
C GLU O 81 47.13 -5.12 -59.91
N ASP O 82 46.91 -3.86 -60.28
CA ASP O 82 46.09 -2.93 -59.50
C ASP O 82 44.73 -2.70 -60.15
N PHE O 83 44.12 -3.74 -60.70
CA PHE O 83 42.82 -3.64 -61.35
C PHE O 83 41.78 -4.34 -60.48
N ALA O 84 40.84 -3.56 -59.95
CA ALA O 84 39.83 -4.07 -59.03
C ALA O 84 38.57 -3.23 -59.18
N THR O 85 37.69 -3.31 -58.18
CA THR O 85 36.49 -2.48 -58.12
C THR O 85 36.70 -1.38 -57.09
N TYR O 86 36.54 -0.13 -57.51
CA TYR O 86 36.77 1.01 -56.64
C TYR O 86 35.51 1.47 -55.93
N TYR O 87 35.66 1.92 -54.69
CA TYR O 87 34.57 2.43 -53.89
C TYR O 87 35.03 3.68 -53.15
N CYS O 88 34.14 4.67 -53.04
CA CYS O 88 34.34 5.80 -52.15
C CYS O 88 33.25 5.77 -51.08
N GLN O 89 33.67 5.76 -49.82
CA GLN O 89 32.76 5.75 -48.68
C GLN O 89 32.88 7.07 -47.94
N GLN O 90 31.75 7.56 -47.42
CA GLN O 90 31.73 8.80 -46.66
C GLN O 90 31.46 8.50 -45.19
N SER O 91 32.25 9.11 -44.30
CA SER O 91 32.01 9.07 -42.87
C SER O 91 31.51 10.41 -42.33
N TYR O 92 30.97 11.25 -43.21
CA TYR O 92 30.39 12.51 -42.77
C TYR O 92 29.11 12.31 -41.97
N SER O 93 28.49 11.13 -42.06
CA SER O 93 27.34 10.79 -41.24
C SER O 93 27.55 9.41 -40.63
N THR O 94 28.72 9.20 -40.03
CA THR O 94 29.12 7.92 -39.46
C THR O 94 28.23 7.36 -38.34
N PRO O 95 27.40 8.17 -37.63
CA PRO O 95 26.46 7.52 -36.69
C PRO O 95 25.54 6.51 -37.37
N ARG O 96 24.74 6.98 -38.32
CA ARG O 96 23.76 6.10 -38.94
C ARG O 96 23.63 6.34 -40.45
N GLY O 97 24.52 7.11 -41.06
CA GLY O 97 24.39 7.42 -42.47
C GLY O 97 25.62 7.11 -43.30
N LEU O 98 26.28 5.99 -43.02
CA LEU O 98 27.41 5.59 -43.84
C LEU O 98 26.92 5.12 -45.21
N SER O 99 27.59 5.58 -46.26
CA SER O 99 27.19 5.26 -47.62
C SER O 99 28.42 5.17 -48.51
N PHE O 100 28.37 4.26 -49.48
CA PHE O 100 29.51 3.96 -50.34
C PHE O 100 29.32 4.55 -51.73
N GLY O 101 30.37 4.47 -52.53
CA GLY O 101 30.29 4.83 -53.93
C GLY O 101 29.65 3.74 -54.77
N GLY O 102 29.32 4.11 -56.01
CA GLY O 102 28.62 3.18 -56.89
C GLY O 102 29.45 1.97 -57.28
N GLY O 103 30.75 2.14 -57.45
CA GLY O 103 31.61 1.06 -57.90
C GLY O 103 32.23 1.34 -59.25
N THR O 104 33.52 1.69 -59.24
CA THR O 104 34.25 2.00 -60.47
C THR O 104 35.07 0.78 -60.88
N LYS O 105 34.90 0.35 -62.13
CA LYS O 105 35.57 -0.83 -62.65
C LYS O 105 36.72 -0.40 -63.56
N VAL O 106 37.89 -1.00 -63.34
CA VAL O 106 39.09 -0.72 -64.13
C VAL O 106 39.46 -1.99 -64.87
N GLU O 107 39.60 -1.89 -66.19
CA GLU O 107 39.92 -3.02 -67.04
C GLU O 107 40.95 -2.61 -68.08
N ILE O 108 41.73 -3.58 -68.54
CA ILE O 108 42.72 -3.33 -69.57
C ILE O 108 42.03 -3.04 -70.90
N LYS O 109 42.70 -2.25 -71.73
CA LYS O 109 42.17 -1.84 -73.02
C LYS O 109 42.96 -2.50 -74.14
N ARG O 110 42.27 -3.06 -75.12
CA ARG O 110 42.89 -3.71 -76.26
C ARG O 110 42.10 -3.38 -77.52
N THR O 111 42.45 -4.03 -78.61
CA THR O 111 41.82 -3.76 -79.90
C THR O 111 40.38 -4.28 -79.92
N VAL O 112 39.57 -3.66 -80.76
CA VAL O 112 38.16 -4.05 -80.91
C VAL O 112 38.08 -5.31 -81.75
N ALA O 113 37.45 -6.35 -81.21
CA ALA O 113 37.34 -7.65 -81.87
C ALA O 113 35.87 -7.96 -82.10
N ALA O 114 35.57 -8.47 -83.29
CA ALA O 114 34.20 -8.81 -83.65
C ALA O 114 33.80 -10.13 -83.00
N PRO O 115 32.69 -10.19 -82.27
CA PRO O 115 32.26 -11.46 -81.68
C PRO O 115 31.84 -12.46 -82.76
N SER O 116 32.08 -13.74 -82.45
CA SER O 116 31.58 -14.83 -83.26
C SER O 116 30.27 -15.31 -82.65
N VAL O 117 29.23 -15.42 -83.48
CA VAL O 117 27.87 -15.65 -83.01
C VAL O 117 27.47 -17.06 -83.38
N PHE O 118 27.06 -17.84 -82.39
CA PHE O 118 26.65 -19.22 -82.57
C PHE O 118 25.30 -19.44 -81.89
N ILE O 119 24.54 -20.41 -82.40
CA ILE O 119 23.21 -20.70 -81.90
C ILE O 119 23.13 -22.18 -81.52
N PHE O 120 22.50 -22.45 -80.38
CA PHE O 120 22.31 -23.81 -79.89
C PHE O 120 20.81 -24.05 -79.68
N PRO O 121 20.20 -24.95 -80.45
CA PRO O 121 18.78 -25.26 -80.26
C PRO O 121 18.59 -26.24 -79.12
N PRO O 122 17.37 -26.37 -78.60
CA PRO O 122 17.14 -27.32 -77.51
C PRO O 122 17.34 -28.76 -77.97
N SER O 123 17.82 -29.58 -77.05
CA SER O 123 18.06 -30.99 -77.32
C SER O 123 16.79 -31.80 -77.08
N ASP O 124 16.85 -33.08 -77.46
CA ASP O 124 15.72 -33.97 -77.20
C ASP O 124 15.60 -34.31 -75.72
N GLU O 125 16.73 -34.40 -75.01
CA GLU O 125 16.69 -34.70 -73.58
C GLU O 125 15.97 -33.60 -72.82
N GLN O 126 16.25 -32.34 -73.15
CA GLN O 126 15.54 -31.23 -72.51
C GLN O 126 14.09 -31.16 -72.97
N LEU O 127 13.84 -31.40 -74.26
CA LEU O 127 12.47 -31.33 -74.78
C LEU O 127 11.57 -32.39 -74.16
N LYS O 128 12.14 -33.55 -73.79
CA LYS O 128 11.34 -34.60 -73.15
C LYS O 128 10.77 -34.16 -71.82
N SER O 129 11.38 -33.17 -71.18
CA SER O 129 10.90 -32.66 -69.89
C SER O 129 9.89 -31.53 -70.06
N GLY O 130 9.48 -31.21 -71.28
CA GLY O 130 8.56 -30.13 -71.53
C GLY O 130 9.19 -28.76 -71.63
N THR O 131 10.52 -28.69 -71.67
CA THR O 131 11.25 -27.42 -71.71
C THR O 131 12.15 -27.37 -72.93
N ALA O 132 12.22 -26.20 -73.56
CA ALA O 132 13.09 -25.97 -74.70
C ALA O 132 13.92 -24.72 -74.43
N SER O 133 15.23 -24.81 -74.67
CA SER O 133 16.13 -23.69 -74.46
C SER O 133 16.88 -23.42 -75.75
N VAL O 134 16.86 -22.17 -76.21
CA VAL O 134 17.66 -21.75 -77.34
C VAL O 134 18.68 -20.72 -76.85
N VAL O 135 19.94 -20.93 -77.23
CA VAL O 135 21.05 -20.15 -76.72
C VAL O 135 21.74 -19.43 -77.86
N CYS O 136 22.01 -18.13 -77.68
CA CYS O 136 22.82 -17.34 -78.59
C CYS O 136 24.10 -16.92 -77.88
N LEU O 137 25.23 -17.16 -78.53
CA LEU O 137 26.55 -16.97 -77.92
C LEU O 137 27.40 -16.05 -78.78
N LEU O 138 28.00 -15.05 -78.14
CA LEU O 138 28.99 -14.18 -78.77
C LEU O 138 30.32 -14.44 -78.10
N ASN O 139 31.33 -14.76 -78.90
CA ASN O 139 32.65 -15.12 -78.38
C ASN O 139 33.70 -14.15 -78.88
N ASN O 140 34.65 -13.81 -78.00
CA ASN O 140 35.84 -13.07 -78.37
C ASN O 140 35.49 -11.70 -78.96
N PHE O 141 34.90 -10.87 -78.11
CA PHE O 141 34.59 -9.49 -78.47
C PHE O 141 35.11 -8.54 -77.41
N TYR O 142 35.68 -7.42 -77.87
CA TYR O 142 36.10 -6.32 -77.02
C TYR O 142 35.70 -5.03 -77.74
N PRO O 143 35.25 -4.01 -77.00
CA PRO O 143 34.99 -3.99 -75.56
C PRO O 143 33.71 -4.71 -75.14
N ARG O 144 33.21 -4.37 -73.95
CA ARG O 144 32.12 -5.12 -73.35
C ARG O 144 30.78 -4.84 -74.03
N GLU O 145 30.52 -3.58 -74.39
CA GLU O 145 29.17 -3.18 -74.77
C GLU O 145 28.68 -3.94 -76.01
N ALA O 146 27.44 -4.40 -75.94
CA ALA O 146 26.78 -5.13 -77.02
C ALA O 146 25.31 -5.29 -76.67
N LYS O 147 24.49 -5.55 -77.69
CA LYS O 147 23.06 -5.75 -77.53
C LYS O 147 22.66 -7.03 -78.23
N VAL O 148 21.70 -7.75 -77.67
CA VAL O 148 21.15 -8.95 -78.29
C VAL O 148 19.65 -8.97 -78.08
N GLN O 149 18.92 -9.43 -79.10
CA GLN O 149 17.48 -9.64 -78.96
C GLN O 149 17.10 -10.92 -79.69
N TRP O 150 15.84 -11.33 -79.54
CA TRP O 150 15.39 -12.64 -80.02
C TRP O 150 14.19 -12.48 -80.93
N LYS O 151 14.06 -13.39 -81.90
CA LYS O 151 13.02 -13.33 -82.93
C LYS O 151 12.45 -14.72 -83.13
N VAL O 152 11.21 -14.94 -82.68
CA VAL O 152 10.56 -16.24 -82.78
C VAL O 152 9.50 -16.15 -83.86
N ASP O 153 9.77 -16.77 -85.01
CA ASP O 153 8.92 -16.66 -86.20
C ASP O 153 8.70 -15.20 -86.59
N ASN O 154 9.81 -14.46 -86.66
CA ASN O 154 9.80 -13.04 -87.02
C ASN O 154 8.96 -12.23 -86.05
N ALA O 155 9.07 -12.54 -84.76
CA ALA O 155 8.38 -11.82 -83.69
C ALA O 155 9.38 -11.43 -82.61
N LEU O 156 9.39 -10.16 -82.24
CA LEU O 156 10.27 -9.69 -81.18
C LEU O 156 9.83 -10.25 -79.84
N GLN O 157 10.79 -10.72 -79.05
CA GLN O 157 10.53 -11.27 -77.73
C GLN O 157 11.33 -10.50 -76.69
N SER O 158 10.65 -10.05 -75.63
CA SER O 158 11.29 -9.31 -74.56
C SER O 158 10.65 -9.67 -73.23
N GLY O 159 11.44 -9.59 -72.17
CA GLY O 159 10.98 -9.91 -70.83
C GLY O 159 11.06 -11.38 -70.47
N ASN O 160 11.43 -12.25 -71.40
CA ASN O 160 11.54 -13.67 -71.14
C ASN O 160 12.89 -14.25 -71.54
N SER O 161 13.85 -13.39 -71.89
CA SER O 161 15.21 -13.82 -72.22
C SER O 161 16.16 -13.38 -71.12
N GLN O 162 17.12 -14.25 -70.79
CA GLN O 162 18.10 -13.97 -69.74
C GLN O 162 19.48 -13.77 -70.35
N GLU O 163 20.22 -12.81 -69.80
CA GLU O 163 21.52 -12.41 -70.34
C GLU O 163 22.61 -12.58 -69.29
N SER O 164 23.78 -13.03 -69.74
CA SER O 164 24.93 -13.25 -68.88
C SER O 164 26.21 -12.98 -69.66
N VAL O 165 27.30 -12.74 -68.93
CA VAL O 165 28.59 -12.48 -69.54
C VAL O 165 29.69 -13.16 -68.74
N THR O 166 30.75 -13.55 -69.43
CA THR O 166 31.96 -14.13 -68.85
C THR O 166 33.06 -13.08 -68.78
N GLU O 167 33.94 -13.24 -67.80
CA GLU O 167 35.07 -12.34 -67.62
C GLU O 167 36.12 -12.57 -68.73
N GLN O 168 37.05 -11.63 -68.83
CA GLN O 168 38.09 -11.70 -69.86
C GLN O 168 39.05 -12.85 -69.59
N ASP O 169 39.55 -13.45 -70.67
CA ASP O 169 40.51 -14.54 -70.60
C ASP O 169 41.92 -14.01 -70.77
N SER O 170 42.88 -14.79 -70.27
CA SER O 170 44.29 -14.42 -70.34
C SER O 170 44.92 -14.75 -71.69
N LYS O 171 44.15 -15.32 -72.61
CA LYS O 171 44.62 -15.60 -73.96
C LYS O 171 44.20 -14.54 -74.97
N ASP O 172 43.06 -13.88 -74.73
CA ASP O 172 42.55 -12.88 -75.67
C ASP O 172 42.05 -11.60 -75.03
N SER O 173 41.76 -11.58 -73.73
CA SER O 173 41.15 -10.43 -73.06
C SER O 173 39.87 -10.00 -73.78
N THR O 174 39.06 -10.98 -74.17
CA THR O 174 37.81 -10.74 -74.87
C THR O 174 36.69 -11.54 -74.22
N TYR O 175 35.48 -11.01 -74.32
CA TYR O 175 34.36 -11.47 -73.51
C TYR O 175 33.55 -12.56 -74.23
N SER O 176 32.65 -13.18 -73.45
CA SER O 176 31.71 -14.17 -73.96
C SER O 176 30.32 -13.82 -73.42
N LEU O 177 29.39 -13.59 -74.34
CA LEU O 177 28.05 -13.12 -74.02
C LEU O 177 27.04 -14.23 -74.33
N SER O 178 26.22 -14.56 -73.33
CA SER O 178 25.23 -15.62 -73.46
C SER O 178 23.83 -15.04 -73.30
N SER O 179 22.96 -15.36 -74.25
CA SER O 179 21.54 -15.01 -74.16
C SER O 179 20.73 -16.30 -74.28
N THR O 180 19.75 -16.46 -73.40
CA THR O 180 18.99 -17.70 -73.30
C THR O 180 17.51 -17.41 -73.36
N LEU O 181 16.79 -18.17 -74.18
CA LEU O 181 15.33 -18.18 -74.17
C LEU O 181 14.84 -19.56 -73.76
N THR O 182 13.99 -19.59 -72.75
CA THR O 182 13.39 -20.81 -72.23
C THR O 182 11.89 -20.77 -72.51
N LEU O 183 11.37 -21.85 -73.07
CA LEU O 183 9.96 -21.94 -73.44
C LEU O 183 9.45 -23.34 -73.12
N SER O 184 8.12 -23.48 -73.11
CA SER O 184 7.54 -24.81 -72.92
C SER O 184 7.53 -25.56 -74.25
N LYS O 185 7.05 -26.81 -74.19
CA LYS O 185 6.86 -27.58 -75.41
C LYS O 185 5.80 -26.95 -76.30
N ALA O 186 4.69 -26.50 -75.69
CA ALA O 186 3.63 -25.85 -76.46
C ALA O 186 4.12 -24.54 -77.07
N ASP O 187 4.86 -23.74 -76.29
CA ASP O 187 5.38 -22.48 -76.80
C ASP O 187 6.41 -22.71 -77.90
N TYR O 188 7.15 -23.81 -77.83
CA TYR O 188 8.13 -24.12 -78.88
C TYR O 188 7.43 -24.61 -80.14
N GLU O 189 6.39 -25.44 -80.00
CA GLU O 189 5.66 -25.93 -81.16
C GLU O 189 4.70 -24.89 -81.74
N LYS O 190 4.49 -23.78 -81.04
CA LYS O 190 3.62 -22.72 -81.57
C LYS O 190 4.18 -22.12 -82.85
N HIS O 191 5.48 -21.87 -82.89
CA HIS O 191 6.15 -21.25 -84.03
C HIS O 191 7.27 -22.16 -84.53
N LYS O 192 7.97 -21.70 -85.56
CA LYS O 192 8.90 -22.54 -86.31
C LYS O 192 10.30 -21.97 -86.42
N VAL O 193 10.45 -20.65 -86.56
CA VAL O 193 11.75 -20.02 -86.74
C VAL O 193 12.18 -19.39 -85.42
N TYR O 194 13.44 -19.63 -85.03
CA TYR O 194 14.01 -19.04 -83.83
C TYR O 194 15.34 -18.39 -84.19
N ALA O 195 15.50 -17.13 -83.80
CA ALA O 195 16.65 -16.35 -84.25
C ALA O 195 17.15 -15.47 -83.12
N CYS O 196 18.43 -15.12 -83.19
CA CYS O 196 19.03 -14.14 -82.29
C CYS O 196 19.73 -13.07 -83.12
N GLU O 197 19.57 -11.82 -82.73
CA GLU O 197 20.19 -10.68 -83.38
C GLU O 197 21.19 -10.05 -82.42
N VAL O 198 22.37 -9.70 -82.95
CA VAL O 198 23.46 -9.14 -82.16
C VAL O 198 23.88 -7.81 -82.79
N THR O 199 24.09 -6.80 -81.94
CA THR O 199 24.58 -5.50 -82.34
C THR O 199 25.83 -5.18 -81.52
N HIS O 200 26.95 -4.96 -82.20
CA HIS O 200 28.23 -4.73 -81.56
C HIS O 200 28.99 -3.67 -82.31
N GLN O 201 29.84 -2.93 -81.59
CA GLN O 201 30.59 -1.84 -82.19
C GLN O 201 31.56 -2.34 -83.26
N GLY O 202 32.15 -3.50 -83.05
CA GLY O 202 33.06 -4.07 -84.02
C GLY O 202 32.40 -4.70 -85.21
N LEU O 203 31.08 -4.57 -85.32
CA LEU O 203 30.30 -5.10 -86.43
C LEU O 203 29.84 -3.95 -87.32
N SER O 204 30.04 -4.10 -88.63
CA SER O 204 29.52 -3.10 -89.56
C SER O 204 28.00 -3.06 -89.51
N SER O 205 27.36 -4.22 -89.44
CA SER O 205 25.91 -4.32 -89.34
C SER O 205 25.57 -5.38 -88.30
N PRO O 206 24.40 -5.27 -87.67
CA PRO O 206 23.99 -6.32 -86.73
C PRO O 206 23.87 -7.66 -87.43
N VAL O 207 24.26 -8.73 -86.74
CA VAL O 207 24.33 -10.07 -87.31
C VAL O 207 23.16 -10.89 -86.76
N THR O 208 22.46 -11.58 -87.65
CA THR O 208 21.35 -12.44 -87.29
C THR O 208 21.74 -13.90 -87.49
N LYS O 209 21.37 -14.74 -86.52
CA LYS O 209 21.56 -16.18 -86.61
C LYS O 209 20.22 -16.84 -86.33
N SER O 210 19.69 -17.53 -87.35
CA SER O 210 18.33 -18.08 -87.30
C SER O 210 18.37 -19.56 -87.63
N PHE O 211 17.38 -20.28 -87.11
CA PHE O 211 17.24 -21.69 -87.43
C PHE O 211 15.76 -22.06 -87.43
N ASN O 212 15.38 -22.93 -88.37
CA ASN O 212 14.01 -23.39 -88.54
C ASN O 212 13.90 -24.82 -88.04
N ARG O 213 12.89 -25.08 -87.20
CA ARG O 213 12.70 -26.44 -86.69
C ARG O 213 12.33 -27.41 -87.81
N GLY O 214 11.54 -26.94 -88.79
CA GLY O 214 11.22 -27.80 -89.92
C GLY O 214 12.42 -28.12 -90.78
N GLU O 215 13.27 -27.13 -91.03
CA GLU O 215 14.51 -27.36 -91.76
C GLU O 215 15.50 -28.17 -90.93
N CYS O 216 15.69 -27.76 -89.67
CA CYS O 216 16.63 -28.44 -88.79
C CYS O 216 15.93 -28.94 -87.53
C1 NAG P . -48.96 -9.51 -18.49
C2 NAG P . -49.77 -10.81 -18.59
C3 NAG P . -50.19 -11.25 -17.19
C4 NAG P . -48.99 -11.34 -16.26
C5 NAG P . -48.19 -10.03 -16.30
C6 NAG P . -46.91 -10.10 -15.50
C7 NAG P . -51.04 -11.23 -20.64
C8 NAG P . -52.30 -10.96 -21.40
N2 NAG P . -50.93 -10.64 -19.44
O3 NAG P . -50.84 -12.53 -17.28
O4 NAG P . -49.42 -11.57 -14.93
O5 NAG P . -47.83 -9.71 -17.65
O6 NAG P . -47.15 -10.43 -14.14
O7 NAG P . -50.15 -11.96 -21.09
C1 NAG Q . -40.17 -20.47 40.21
C2 NAG Q . -41.44 -20.11 40.98
C3 NAG Q . -42.52 -21.15 40.71
C4 NAG Q . -42.76 -21.27 39.21
C5 NAG Q . -41.46 -21.59 38.50
C6 NAG Q . -41.59 -21.60 36.99
C7 NAG Q . -41.45 -18.89 43.10
C8 NAG Q . -41.12 -18.95 44.56
N2 NAG Q . -41.18 -19.99 42.39
O3 NAG Q . -43.72 -20.77 41.38
O4 NAG Q . -43.71 -22.29 38.96
O5 NAG Q . -40.47 -20.60 38.81
O6 NAG Q . -40.46 -21.02 36.37
O7 NAG Q . -41.94 -17.90 42.58
C1 NAG R . -55.07 6.56 -1.27
C2 NAG R . -55.86 7.86 -1.25
C3 NAG R . -57.03 7.73 -0.28
C4 NAG R . -57.88 6.54 -0.65
C5 NAG R . -57.03 5.28 -0.75
C6 NAG R . -57.80 4.09 -1.28
C7 NAG R . -54.51 9.82 -1.81
C8 NAG R . -53.65 10.93 -1.29
N2 NAG R . -55.02 8.99 -0.89
O3 NAG R . -57.81 8.92 -0.33
O4 NAG R . -58.89 6.33 0.34
O5 NAG R . -55.93 5.49 -1.66
O6 NAG R . -58.85 3.72 -0.39
O7 NAG R . -54.73 9.68 -3.01
C1 NAG S . -53.51 12.82 33.64
C2 NAG S . -54.86 12.96 32.99
C3 NAG S . -55.18 14.42 32.72
C4 NAG S . -55.09 15.22 34.01
C5 NAG S . -53.70 15.01 34.63
C6 NAG S . -53.57 15.69 35.98
C7 NAG S . -55.86 11.22 31.58
C8 NAG S . -55.82 10.52 30.27
N2 NAG S . -54.95 12.18 31.76
O3 NAG S . -56.50 14.53 32.18
O4 NAG S . -55.31 16.60 33.76
O5 NAG S . -53.46 13.62 34.83
O6 NAG S . -52.24 16.16 36.19
O7 NAG S . -56.69 10.95 32.45
C1 NAG T . -63.89 51.65 67.39
C2 NAG T . -64.95 50.63 66.96
C3 NAG T . -65.45 50.96 65.56
C4 NAG T . -65.96 52.39 65.51
C5 NAG T . -64.85 53.33 65.95
C6 NAG T . -65.27 54.78 65.98
C7 NAG T . -64.90 48.34 67.86
C8 NAG T . -64.27 47.00 67.76
N2 NAG T . -64.45 49.27 67.01
O3 NAG T . -66.49 50.06 65.21
O4 NAG T . -66.37 52.71 64.18
O5 NAG T . -64.42 52.98 67.28
O6 NAG T . -65.52 55.25 64.66
O7 NAG T . -65.80 48.59 68.66
C1 NAG U . -41.61 35.57 86.03
C2 NAG U . -42.36 35.35 87.34
C3 NAG U . -41.56 34.46 88.28
C4 NAG U . -41.19 33.16 87.59
C5 NAG U . -40.43 33.49 86.32
C6 NAG U . -40.08 32.27 85.50
C7 NAG U . -43.86 37.19 87.97
C8 NAG U . -43.98 38.51 88.66
N2 NAG U . -42.65 36.63 87.97
O3 NAG U . -42.33 34.18 89.44
O4 NAG U . -40.38 32.36 88.44
O5 NAG U . -41.25 34.31 85.48
O6 NAG U . -39.77 32.64 84.17
O7 NAG U . -44.82 36.66 87.42
C1 NAG V . -21.16 27.48 86.76
C2 NAG V . -20.92 27.19 88.24
C3 NAG V . -20.23 25.85 88.40
C4 NAG V . -21.03 24.75 87.71
C5 NAG V . -21.23 25.13 86.25
C6 NAG V . -22.09 24.15 85.50
C7 NAG V . -20.40 28.73 90.07
C8 NAG V . -19.48 29.81 90.56
N2 NAG V . -20.13 28.25 88.85
O3 NAG V . -20.11 25.55 89.79
O4 NAG V . -20.33 23.52 87.80
O5 NAG V . -21.88 26.39 86.17
O6 NAG V . -21.82 24.19 84.11
O7 NAG V . -21.35 28.33 90.73
C1 NAG W . -57.85 40.11 75.90
C2 NAG W . -57.08 38.80 76.06
C3 NAG W . -57.44 37.81 74.97
C4 NAG W . -58.95 37.64 74.86
C5 NAG W . -59.61 39.01 74.71
C6 NAG W . -61.13 38.94 74.72
C7 NAG W . -54.81 38.71 77.03
C8 NAG W . -53.38 39.08 76.82
N2 NAG W . -55.65 39.07 76.05
O3 NAG W . -56.85 36.55 75.27
O4 NAG W . -59.27 36.85 73.73
O5 NAG W . -59.23 39.83 75.83
O6 NAG W . -61.64 39.03 76.04
O7 NAG W . -55.20 38.13 78.03
C1 NAG X . -56.77 49.18 90.05
C2 NAG X . -57.61 48.21 90.86
C3 NAG X . -58.00 48.85 92.19
C4 NAG X . -56.77 49.35 92.92
C5 NAG X . -55.99 50.29 92.02
C6 NAG X . -54.68 50.75 92.64
C7 NAG X . -58.93 46.60 89.57
C8 NAG X . -60.22 46.36 88.84
N2 NAG X . -58.80 47.81 90.12
O3 NAG X . -58.67 47.86 92.98
O4 NAG X . -57.14 50.01 94.12
O5 NAG X . -55.65 49.60 90.82
O6 NAG X . -54.61 52.17 92.68
O7 NAG X . -58.07 45.74 89.66
C1 NAG Y . -64.84 65.42 80.47
C2 NAG Y . -66.12 64.98 79.75
C3 NAG Y . -66.67 66.14 78.92
C4 NAG Y . -66.82 67.39 79.77
C5 NAG Y . -65.51 67.71 80.48
C6 NAG Y . -65.63 68.87 81.43
C7 NAG Y . -66.46 62.64 79.10
C8 NAG Y . -66.09 61.56 78.13
N2 NAG Y . -65.87 63.83 78.91
O3 NAG Y . -67.93 65.77 78.39
O4 NAG Y . -67.18 68.50 78.96
O5 NAG Y . -65.10 66.58 81.26
O6 NAG Y . -64.96 68.60 82.66
O7 NAG Y . -67.26 62.46 80.01
C1 NAG Z . -17.60 40.79 94.49
C2 NAG Z . -16.26 40.39 95.06
C3 NAG Z . -16.16 38.87 95.16
C4 NAG Z . -17.35 38.33 95.96
C5 NAG Z . -18.67 38.89 95.42
C6 NAG Z . -19.86 38.52 96.27
C7 NAG Z . -14.20 41.67 94.76
C8 NAG Z . -13.15 42.14 93.80
N2 NAG Z . -15.17 40.92 94.26
O3 NAG Z . -14.95 38.53 95.80
O4 NAG Z . -17.38 36.92 95.89
O5 NAG Z . -18.62 40.32 95.34
O6 NAG Z . -20.20 37.15 96.12
O7 NAG Z . -14.14 41.95 95.96
C1 NAG AA . 22.14 -33.78 33.42
C2 NAG AA . 23.44 -34.58 33.35
C3 NAG AA . 24.63 -33.69 33.70
C4 NAG AA . 24.63 -32.44 32.83
C5 NAG AA . 23.30 -31.73 32.97
C6 NAG AA . 23.18 -30.50 32.08
C7 NAG AA . 22.98 -36.94 33.83
C8 NAG AA . 22.99 -38.02 34.87
N2 NAG AA . 23.39 -35.73 34.23
O3 NAG AA . 25.84 -34.43 33.49
O4 NAG AA . 25.69 -31.57 33.24
O5 NAG AA . 22.24 -32.61 32.59
O6 NAG AA . 24.01 -29.45 32.53
O7 NAG AA . 22.60 -37.16 32.68
C1 NAG BA . 45.04 39.60 3.21
C2 NAG BA . 44.71 39.46 1.72
C3 NAG BA . 45.96 39.59 0.86
C4 NAG BA . 46.72 40.86 1.20
C5 NAG BA . 47.02 40.89 2.68
C6 NAG BA . 47.69 42.19 3.12
C7 NAG BA . 42.81 38.07 1.02
C8 NAG BA . 42.32 36.68 0.79
N2 NAG BA . 44.06 38.18 1.47
O3 NAG BA . 45.59 39.59 -0.51
O4 NAG BA . 47.93 40.91 0.46
O5 NAG BA . 45.81 40.80 3.41
O6 NAG BA . 46.98 42.78 4.20
O7 NAG BA . 42.11 39.05 0.80
C1 NAG CA . 19.63 55.58 24.24
C2 NAG CA . 19.06 56.91 23.73
C3 NAG CA . 19.72 58.08 24.46
C4 NAG CA . 19.62 57.90 25.97
C5 NAG CA . 20.16 56.53 26.36
C6 NAG CA . 19.99 56.22 27.83
C7 NAG CA . 18.59 57.93 21.55
C8 NAG CA . 18.89 57.92 20.08
N2 NAG CA . 19.24 57.03 22.30
O3 NAG CA . 19.09 59.31 24.08
O4 NAG CA . 20.37 58.91 26.64
O5 NAG CA . 19.44 55.51 25.65
O6 NAG CA . 20.46 54.91 28.14
O7 NAG CA . 17.81 58.74 22.04
C1 NAG DA . 10.41 -18.80 47.63
C2 NAG DA . 9.81 -19.52 48.85
C3 NAG DA . 10.60 -19.19 50.11
C4 NAG DA . 12.08 -19.48 49.90
C5 NAG DA . 12.57 -18.72 48.68
C6 NAG DA . 14.02 -18.98 48.35
C7 NAG DA . 7.43 -19.66 48.27
C8 NAG DA . 6.04 -19.19 48.61
N2 NAG DA . 8.41 -19.16 49.03
O3 NAG DA . 10.10 -19.96 51.19
O4 NAG DA . 12.83 -19.10 51.04
O5 NAG DA . 11.81 -19.11 47.53
O6 NAG DA . 14.55 -17.99 47.49
O7 NAG DA . 7.65 -20.45 47.37
C1 NAG EA . 10.41 13.22 59.33
C2 NAG EA . 9.41 13.46 60.45
C3 NAG EA . 9.99 12.97 61.78
C4 NAG EA . 10.42 11.51 61.66
C5 NAG EA . 11.37 11.34 60.48
C6 NAG EA . 11.72 9.90 60.22
C7 NAG EA . 7.79 15.26 60.81
C8 NAG EA . 7.57 16.74 60.85
N2 NAG EA . 9.04 14.86 60.53
O3 NAG EA . 9.00 13.09 62.80
O4 NAG EA . 11.08 11.11 62.86
O5 NAG EA . 10.76 11.84 59.28
O6 NAG EA . 12.56 9.76 59.08
O7 NAG EA . 6.89 14.46 61.01
C1 NAG FA . -7.81 66.91 75.75
C2 NAG FA . -7.12 67.77 76.80
C3 NAG FA . -6.40 68.94 76.15
C4 NAG FA . -5.44 68.42 75.08
C5 NAG FA . -6.23 67.60 74.07
C6 NAG FA . -5.36 66.99 73.01
C7 NAG FA . -8.11 67.77 79.04
C8 NAG FA . -9.15 68.37 79.93
N2 NAG FA . -8.07 68.24 77.79
O3 NAG FA . -5.67 69.65 77.13
O4 NAG FA . -4.79 69.51 74.43
O5 NAG FA . -6.87 66.52 74.75
O6 NAG FA . -6.09 66.77 71.81
O7 NAG FA . -7.35 66.90 79.43
C1 NAG GA . -7.30 74.97 55.28
C2 NAG GA . -6.92 76.43 55.55
C3 NAG GA . -5.85 76.90 54.59
C4 NAG GA . -4.66 75.95 54.61
C5 NAG GA . -5.15 74.55 54.30
C6 NAG GA . -4.05 73.51 54.38
C7 NAG GA . -8.38 78.26 56.30
C8 NAG GA . -9.61 79.06 56.02
N2 NAG GA . -8.09 77.29 55.44
O3 NAG GA . -5.42 78.21 54.97
O4 NAG GA . -3.70 76.36 53.64
O5 NAG GA . -6.13 74.17 55.27
O6 NAG GA . -4.53 72.22 54.04
O7 NAG GA . -7.67 78.48 57.29
C1 NAG HA . -7.74 51.31 87.61
C2 NAG HA . -6.63 51.79 86.69
C3 NAG HA . -5.70 50.63 86.29
C4 NAG HA . -5.22 49.88 87.53
C5 NAG HA . -6.43 49.42 88.33
C6 NAG HA . -6.06 48.69 89.60
C7 NAG HA . -6.96 53.66 85.13
C8 NAG HA . -7.63 54.10 83.86
N2 NAG HA . -7.19 52.40 85.49
O3 NAG HA . -4.58 51.13 85.59
O4 NAG HA . -4.45 48.74 87.15
O5 NAG HA . -7.19 50.58 88.71
O6 NAG HA . -6.00 49.58 90.71
O7 NAG HA . -6.26 54.42 85.78
C1 NAG IA . -14.12 64.69 95.43
C2 NAG IA . -12.84 65.13 96.14
C3 NAG IA . -13.13 66.25 97.12
C4 NAG IA . -13.84 67.39 96.42
C5 NAG IA . -15.10 66.87 95.74
C6 NAG IA . -15.80 67.93 94.92
C7 NAG IA . -11.13 63.39 96.35
C8 NAG IA . -10.61 62.25 97.17
N2 NAG IA . -12.21 64.01 96.82
O3 NAG IA . -11.91 66.72 97.68
O4 NAG IA . -14.17 68.41 97.36
O5 NAG IA . -14.75 65.82 94.82
O6 NAG IA . -17.06 68.26 95.49
O7 NAG IA . -10.57 63.74 95.31
C1 NAG JA . -27.60 53.11 105.08
C2 NAG JA . -26.76 52.01 105.72
C3 NAG JA . -27.67 51.02 106.43
C4 NAG JA . -28.53 51.76 107.44
C5 NAG JA . -29.29 52.90 106.78
C6 NAG JA . -30.03 53.77 107.75
C7 NAG JA . -24.61 51.49 104.68
C8 NAG JA . -23.90 50.73 103.61
N2 NAG JA . -25.93 51.34 104.74
O3 NAG JA . -26.88 50.03 107.07
O4 NAG JA . -29.47 50.86 108.04
O5 NAG JA . -28.37 53.76 106.09
O6 NAG JA . -29.83 55.15 107.49
O7 NAG JA . -24.00 52.22 105.47
C1 NAG KA . 28.20 39.65 -23.63
C2 NAG KA . 28.15 39.51 -25.17
C3 NAG KA . 26.86 40.11 -25.72
C4 NAG KA . 25.64 39.56 -24.98
C5 NAG KA . 25.81 39.76 -23.48
C6 NAG KA . 24.68 39.18 -22.66
C7 NAG KA . 30.49 39.56 -25.94
C8 NAG KA . 31.57 40.38 -26.59
N2 NAG KA . 29.31 40.15 -25.78
O3 NAG KA . 26.76 39.80 -27.10
O4 NAG KA . 24.46 40.23 -25.42
O5 NAG KA . 27.01 39.11 -23.06
O6 NAG KA . 23.59 40.08 -22.55
O7 NAG KA . 30.69 38.40 -25.57
C1 NAG LA . -53.33 21.87 -25.01
C2 NAG LA . -54.16 21.47 -26.21
C3 NAG LA . -54.47 19.99 -26.16
C4 NAG LA . -53.18 19.19 -26.08
C5 NAG LA . -52.35 19.67 -24.90
C6 NAG LA . -50.97 19.04 -24.84
C7 NAG LA . -55.50 23.34 -27.06
C8 NAG LA . -56.83 24.03 -27.04
N2 NAG LA . -55.38 22.25 -26.30
O3 NAG LA . -55.20 19.61 -27.33
O4 NAG LA . -53.45 17.81 -25.95
O5 NAG LA . -52.14 21.09 -24.96
O6 NAG LA . -51.05 17.66 -24.48
O7 NAG LA . -54.57 23.76 -27.75
C1 NAG MA . -32.27 50.80 -12.28
C2 NAG MA . -32.02 52.23 -11.77
C3 NAG MA . -31.80 53.17 -12.95
C4 NAG MA . -30.67 52.66 -13.84
C5 NAG MA . -30.93 51.21 -14.25
C6 NAG MA . -29.74 50.59 -14.97
C7 NAG MA . -33.03 52.97 -9.66
C8 NAG MA . -34.26 53.46 -8.98
N2 NAG MA . -33.13 52.70 -10.96
O3 NAG MA . -31.46 54.47 -12.46
O4 NAG MA . -30.58 53.45 -15.02
O5 NAG MA . -31.17 50.40 -13.10
O6 NAG MA . -28.74 50.21 -14.04
O7 NAG MA . -31.96 52.83 -9.05
C1 NAG NA . 18.62 50.51 -2.78
C2 NAG NA . 19.53 51.24 -1.78
C3 NAG NA . 19.21 52.73 -1.75
C4 NAG NA . 19.24 53.31 -3.17
C5 NAG NA . 18.31 52.50 -4.07
C6 NAG NA . 18.36 52.96 -5.50
C7 NAG NA . 20.03 49.57 -0.06
C8 NAG NA . 19.77 49.12 1.35
N2 NAG NA . 19.39 50.67 -0.45
O3 NAG NA . 20.17 53.39 -0.95
O4 NAG NA . 18.82 54.67 -3.15
O5 NAG NA . 18.72 51.12 -4.05
O6 NAG NA . 17.29 53.85 -5.79
O7 NAG NA . 20.79 48.96 -0.79
C1 NAG OA . -9.27 61.49 12.84
C2 NAG OA . -8.53 61.89 14.12
C3 NAG OA . -7.80 63.22 13.92
C4 NAG OA . -6.88 63.12 12.72
C5 NAG OA . -7.67 62.70 11.48
C6 NAG OA . -6.81 62.45 10.28
C7 NAG OA . -9.57 60.98 16.13
C8 NAG OA . -10.56 61.21 17.24
N2 NAG OA . -9.45 61.97 15.24
O3 NAG OA . -7.05 63.53 15.09
O4 NAG OA . -6.25 64.38 12.46
O5 NAG OA . -8.34 61.46 11.75
O6 NAG OA . -7.13 61.21 9.67
O7 NAG OA . -8.93 59.94 16.05
C1 NAG PA . -20.21 83.84 60.82
C2 NAG PA . -19.72 84.62 59.62
C3 NAG PA . -18.23 84.40 59.43
C4 NAG PA . -17.49 84.80 60.70
C5 NAG PA . -18.04 84.04 61.89
C6 NAG PA . -17.43 84.47 63.20
C7 NAG PA . -21.29 85.13 57.81
C8 NAG PA . -21.97 84.61 56.57
N2 NAG PA . -20.45 84.28 58.41
O3 NAG PA . -17.79 85.19 58.34
O4 NAG PA . -16.11 84.48 60.54
O5 NAG PA . -19.46 84.24 62.00
O6 NAG PA . -17.23 83.39 64.08
O7 NAG PA . -21.51 86.25 58.24
C1 NAG QA . -50.11 70.34 55.13
C2 NAG QA . -51.00 71.56 55.40
C3 NAG QA . -52.45 71.25 55.07
C4 NAG QA . -52.57 70.69 53.66
C5 NAG QA . -51.67 69.47 53.54
C6 NAG QA . -51.67 68.86 52.16
C7 NAG QA . -50.55 73.23 57.14
C8 NAG QA . -50.46 73.48 58.60
N2 NAG QA . -50.87 71.98 56.79
O3 NAG QA . -53.22 72.44 55.17
O4 NAG QA . -53.92 70.32 53.40
O5 NAG QA . -50.32 69.88 53.81
O6 NAG QA . -51.09 67.57 52.18
O7 NAG QA . -50.35 74.10 56.32
C1 NAG RA . -60.87 51.67 50.94
C2 NAG RA . -62.22 52.25 51.34
C3 NAG RA . -63.29 51.80 50.37
C4 NAG RA . -62.88 52.11 48.93
C5 NAG RA . -61.52 51.50 48.65
C6 NAG RA . -60.99 51.82 47.28
C7 NAG RA . -63.39 52.63 53.46
C8 NAG RA . -63.69 52.08 54.82
N2 NAG RA . -62.59 51.89 52.69
O3 NAG RA . -64.52 52.44 50.66
O4 NAG RA . -63.84 51.59 48.02
O5 NAG RA . -60.57 52.01 49.60
O6 NAG RA . -60.02 50.87 46.88
O7 NAG RA . -63.84 53.70 53.07
C1 NAG SA . -34.38 81.15 53.15
C2 NAG SA . -35.40 80.64 52.14
C3 NAG SA . -34.73 80.40 50.79
C4 NAG SA . -33.96 81.63 50.33
C5 NAG SA . -33.01 82.10 51.41
C6 NAG SA . -32.32 83.40 51.07
C7 NAG SA . -37.37 79.26 52.69
C8 NAG SA . -37.83 77.94 53.19
N2 NAG SA . -36.04 79.43 52.60
O3 NAG SA . -35.70 80.06 49.81
O4 NAG SA . -33.23 81.34 49.15
O5 NAG SA . -33.73 82.32 52.64
O6 NAG SA . -31.32 83.72 52.03
O7 NAG SA . -38.14 80.16 52.39
C1 NAG TA . -42.88 86.26 66.68
C2 NAG TA . -43.61 87.42 65.99
C3 NAG TA . -44.45 88.21 67.00
C4 NAG TA . -45.35 87.28 67.79
C5 NAG TA . -44.50 86.19 68.44
C6 NAG TA . -45.30 85.19 69.22
C7 NAG TA . -42.52 88.37 64.01
C8 NAG TA . -41.47 89.33 63.52
N2 NAG TA . -42.65 88.30 65.34
O3 NAG TA . -45.25 89.16 66.30
O4 NAG TA . -46.04 88.01 68.80
O5 NAG TA . -43.81 85.47 67.41
O6 NAG TA . -45.01 85.26 70.60
O7 NAG TA . -43.18 87.70 63.25
C1 NAG UA . -26.04 90.01 77.54
C2 NAG UA . -25.12 90.88 76.72
C3 NAG UA . -23.82 91.11 77.46
C4 NAG UA . -24.10 91.67 78.86
C5 NAG UA . -25.08 90.78 79.60
C6 NAG UA . -25.51 91.35 80.92
C7 NAG UA . -25.25 90.85 74.27
C8 NAG UA . -24.90 90.11 73.02
N2 NAG UA . -24.86 90.29 75.41
O3 NAG UA . -23.01 92.01 76.72
O4 NAG UA . -22.88 91.75 79.58
O5 NAG UA . -26.26 90.60 78.81
O6 NAG UA . -26.85 91.79 80.88
O7 NAG UA . -25.89 91.90 74.24
#